data_2XWJ
#
_entry.id   2XWJ
#
_cell.length_a   262.160
_cell.length_b   297.870
_cell.length_c   341.440
_cell.angle_alpha   90.00
_cell.angle_beta   90.00
_cell.angle_gamma   90.00
#
_symmetry.space_group_name_H-M   'C 2 2 21'
#
loop_
_entity.id
_entity.type
_entity.pdbx_description
1 polymer 'COMPLEMENT C3 BETA CHAIN'
2 polymer 'COMPLEMENT C3 ALPHA CHAIN'
3 polymer 'COMPLEMENT FACTOR B'
4 non-polymer 2-acetamido-2-deoxy-beta-D-glucopyranose
5 non-polymer 'NICKEL (II) ION'
6 water water
#
loop_
_entity_poly.entity_id
_entity_poly.type
_entity_poly.pdbx_seq_one_letter_code
_entity_poly.pdbx_strand_id
1 'polypeptide(L)'
;SPMYSIITPNILRLESEETMVLEAHDAQGDVPVTVTVHDFPGKKLVLSSEKTVLTPATNHMGNVTFTIPANREFKSEKGR
NKFVTVQATFGTQVVEKVVLVSLQSGYLFIQTDKTIYTPGSTVLYRIFTVNHKLLPVGRTVMVNIENPEGIPVKQDSLSS
QNQLGVLPLSWDIPELVNMGQWKIRAYYENSPQQVFSTEFEVKEYVLPSFEVIVEPTEKFYYIYNEKGLEVTITARFLYG
KKVEGTAFVIFGIQDGEQRISLPESLKRIPIEDGSGEVVLSRKVLLDGVQNPRAEDLVGKSLYVSATVILHSGSDMVQAE
RSGIPIVTSPYQIHFTKTPKYFKPGMPFDLMVFVTNPDGSPAYRVPVAVQGEDTVQSLTQGDGVAKLSINTHPSQKPLSI
TVRTKKQELSEAEQATRTMQALPYSTVGNSNNYLHLSVLRTELRPGETLNVNFLLRMDRAHEAKIRYYTYLIMNKGRLLK
AGRQVREPGQDLVVLPLSITTDFIPSFRLVAYYTLIGASGQREVVADSVWVDVKDSCVGSLVVKSGQSEDRQPVPGQQMT
LKIEGDHGARVVLVAVDKGVFVLNKKNKLTQSKIWDVVEKADIGCTPGSGKDYAGVFSDAGLTFTSSSGQQTAQRAELQC
PQPAA
;
A,C,E,G
2 'polypeptide(L)'
;SNLDEDIIAEENIVSRSEFPESWLWNVEDLKEPPKNGISTKLMNIFLKDSITTWEILAVSMSDKKGICVADPFEVTVMQD
FFIDLRLPYSVVRNEQVEIRAVLYNYRQNQELKVRVELLHNPAFCSLATTKRRHQQTVTIPPKSSLSVPYVIVPLKTGLQ
EVEVKAAVYHHFISDGVRKSLKVVPEGIRMNKTVAVRTLDPERLGREGVQKEDIPPADLSDQVPDTESETRILLQGTPVA
QMTEDAVDAERLKHLIVTPSGCGEENMIGMTPTVIAVHYLDETEQWEKFGLEKRQGALELIKKGYTQQLAFRQPSSAFAA
FVKRAPSTWLTAYVVKVFSLAVNLIAIDSQVLCGAVKWLILEKQKPDGVFQEDAPVIHQEMIGGLRNNNEKDMALTAFVL
ISLQEAKDICEEQVNSLPGSITKAGDFLEANYMNLQRSYTVAIAGYALAQMGRLKGPLLNKFLTTAKDKNRWEDPGKQLY
NVEATSYALLALLQLKDFDFVPPVVRWLNEQRYYGGGYGSTQATFMVFQALAQYQKDAPDHQELNLDVSLQLPSRSSKIT
HRIHWESASLLRSEETKENEGFTVTAEGKGQGTLSVVTMYHAKAKDQLTCNKFDLKVTIKPAPETEKRPQDAKNTMILEI
CTRYRGDQDATMSILDISMMTGFAPDTDDLKQLANGVDRYISKYELDKAFSDRNTLIIYLDKVSHSEDDCLAFKVHQYFN
VELIQPGAVKVYAYYNLEESCTRFYHPEKEDGKLNKLCRDELCRCAEENCFIQKSDDKVTLEERLDKACEPGVDYVYKTR
LVKVQLSNDFDEYIMAIEQTIKSGSDEVQVGQQRTFISPIKCREALKLEEKKHYLMWGLSSDFWGEKPNLSYIIGKDTWV
EHWPEEDECQDEENQKQCQDLGAFTESMVVFGCPN
;
B,D,F,H
3 'polypeptide(L)'
;TPWSLARPQGSCSLEGVEIKGGSFRLLQEGQALEYVCPSGFYPYPVQTRTCRSTGSWSTLKTQDQKTVRKAECRAIHCPR
PHDFENGEYWPRSPYYNVSDEISFHCYDGYTLRGSANRTCQVNGRWSGQTAICDNGAGYCSNPGIPIGTRKVGSQYRLED
SVTYHCSRGLTLRGSQRRTCQEGGSWSGTEPSCQDSFMYDTPQEVAEAFLSSLTETIEGVDAEDGHGPGEQQKRKIVLDP
SGSMNIYLVLDGSGSIGASDFTGAKKCLVNLIEKVASYGVKPRYGLVTYATYPKIWVKVSEADSSNADWVTKQLNEINYE
DHKLKSGTNTKKALQAVYSMMSWPDDVPPEGWNRTRHVIILMTDGLHNMGGDPITVIDEIRDLLYIGKDRKNPREDYLDV
YVFGVGPLVNQVNINALASKKDNEQHVFKVKDMENLEDVFYQMIDESQSLSLCGMVWEHRKGTDYHKQPWQAKISVIRPS
KGHESCMGAVVSEYFVLTAAHCFTVDDKEHSIKVSVGGEKRDLEIEVVLFHPNYNINGKKEAGIPEFYDYDVALIKLKNK
LKYGQTIRPICLPCTEGTTRALRLPPTTTCQQQKEELLPAQDIKALFVSEEEKKLTRKEVYIKNGDKKGSCERDAQYAPG
YDKVKDISEVVTPRFLCTGGVSPYADPNTCRGDSGGPLIVHKRSRFIQVGVISWGVVDVCKNQKRQKQVPAHARDFHINL
FQVLPWLKEKLQDEDLGFLAA
;
I,J,K,L
#
# COMPACT_ATOMS: atom_id res chain seq x y z
N SER A 1 -19.63 0.91 4.63
CA SER A 1 -19.49 -0.51 4.91
C SER A 1 -18.02 -0.89 5.05
N PRO A 2 -17.71 -1.70 6.07
CA PRO A 2 -16.35 -2.16 6.36
C PRO A 2 -15.69 -2.86 5.17
N MET A 3 -14.37 -3.04 5.25
CA MET A 3 -13.62 -3.68 4.17
C MET A 3 -12.40 -4.43 4.73
N TYR A 4 -12.46 -5.75 4.72
CA TYR A 4 -11.41 -6.57 5.29
C TYR A 4 -10.51 -7.16 4.20
N SER A 5 -9.30 -6.62 4.06
CA SER A 5 -8.38 -7.06 3.02
C SER A 5 -7.36 -8.08 3.52
N ILE A 6 -6.70 -8.74 2.58
CA ILE A 6 -5.68 -9.74 2.89
C ILE A 6 -4.64 -9.80 1.79
N ILE A 7 -3.36 -9.86 2.18
CA ILE A 7 -2.27 -9.90 1.21
C ILE A 7 -1.29 -11.03 1.49
N THR A 8 -1.14 -11.93 0.52
CA THR A 8 -0.19 -13.04 0.62
C THR A 8 0.53 -13.25 -0.70
N PRO A 9 1.78 -13.74 -0.64
CA PRO A 9 2.57 -14.00 -1.85
C PRO A 9 1.79 -14.81 -2.87
N ASN A 10 2.05 -14.56 -4.16
CA ASN A 10 1.35 -15.27 -5.23
C ASN A 10 1.53 -16.78 -5.13
N ILE A 11 2.69 -17.21 -4.65
CA ILE A 11 2.96 -18.64 -4.49
C ILE A 11 3.51 -18.94 -3.11
N LEU A 12 2.79 -19.76 -2.35
CA LEU A 12 3.21 -20.16 -1.02
C LEU A 12 4.18 -21.33 -1.11
N ARG A 13 5.17 -21.35 -0.23
CA ARG A 13 6.18 -22.40 -0.22
C ARG A 13 5.99 -23.34 0.96
N LEU A 14 6.36 -24.60 0.78
CA LEU A 14 6.23 -25.60 1.85
C LEU A 14 7.42 -25.53 2.80
N GLU A 15 7.22 -26.05 4.01
CA GLU A 15 8.27 -26.10 5.01
C GLU A 15 8.91 -24.73 5.23
N SER A 16 8.09 -23.69 5.22
CA SER A 16 8.56 -22.33 5.43
C SER A 16 7.46 -21.47 6.04
N GLU A 17 7.82 -20.25 6.44
CA GLU A 17 6.87 -19.34 7.05
C GLU A 17 6.51 -18.19 6.11
N GLU A 18 5.27 -18.20 5.61
CA GLU A 18 4.80 -17.15 4.73
C GLU A 18 4.03 -16.09 5.51
N THR A 19 4.41 -14.83 5.32
CA THR A 19 3.76 -13.72 6.01
C THR A 19 2.37 -13.47 5.45
N MET A 20 1.47 -13.03 6.31
CA MET A 20 0.08 -12.80 5.92
C MET A 20 -0.42 -11.46 6.47
N VAL A 21 -0.55 -10.48 5.58
CA VAL A 21 -0.93 -9.13 5.98
C VAL A 21 -2.44 -8.94 6.09
N LEU A 22 -2.91 -8.68 7.30
CA LEU A 22 -4.33 -8.45 7.55
C LEU A 22 -4.63 -6.95 7.71
N GLU A 23 -5.76 -6.52 7.19
CA GLU A 23 -6.14 -5.10 7.26
C GLU A 23 -7.66 -4.93 7.33
N ALA A 24 -8.09 -3.72 7.68
CA ALA A 24 -9.50 -3.40 7.76
C ALA A 24 -9.75 -1.93 7.47
N HIS A 25 -10.74 -1.65 6.63
CA HIS A 25 -11.05 -0.28 6.23
C HIS A 25 -12.56 -0.04 6.16
N ASP A 26 -13.09 0.64 7.17
CA ASP A 26 -12.29 1.13 8.29
C ASP A 26 -12.69 0.43 9.57
N ALA A 27 -13.99 0.49 9.89
CA ALA A 27 -14.52 -0.14 11.10
C ALA A 27 -13.91 0.43 12.36
N GLN A 28 -14.48 0.07 13.51
CA GLN A 28 -13.99 0.55 14.80
C GLN A 28 -13.97 -0.57 15.83
N GLY A 29 -13.29 -0.33 16.94
CA GLY A 29 -13.18 -1.31 18.01
C GLY A 29 -12.28 -2.48 17.65
N ASP A 30 -12.33 -3.53 18.46
CA ASP A 30 -11.52 -4.72 18.23
C ASP A 30 -12.25 -5.71 17.33
N VAL A 31 -11.53 -6.25 16.35
CA VAL A 31 -12.09 -7.23 15.44
C VAL A 31 -11.23 -8.49 15.36
N PRO A 32 -11.67 -9.55 16.04
CA PRO A 32 -10.95 -10.84 16.06
C PRO A 32 -10.82 -11.43 14.66
N VAL A 33 -9.68 -12.07 14.40
CA VAL A 33 -9.43 -12.69 13.10
C VAL A 33 -8.89 -14.11 13.26
N THR A 34 -9.57 -15.07 12.65
CA THR A 34 -9.16 -16.46 12.71
C THR A 34 -8.76 -16.98 11.33
N VAL A 35 -7.46 -17.03 11.07
CA VAL A 35 -6.94 -17.50 9.79
C VAL A 35 -6.84 -19.02 9.76
N THR A 36 -7.47 -19.63 8.77
CA THR A 36 -7.43 -21.08 8.60
C THR A 36 -7.06 -21.45 7.18
N VAL A 37 -6.04 -22.28 7.03
CA VAL A 37 -5.56 -22.71 5.72
C VAL A 37 -5.90 -24.18 5.45
N HIS A 38 -6.67 -24.42 4.40
CA HIS A 38 -7.03 -25.78 4.00
C HIS A 38 -6.28 -26.17 2.73
N ASP A 39 -6.44 -27.42 2.32
CA ASP A 39 -5.84 -27.89 1.07
C ASP A 39 -6.78 -27.63 -0.09
N PHE A 40 -6.51 -28.27 -1.22
CA PHE A 40 -7.33 -28.08 -2.42
C PHE A 40 -7.00 -29.12 -3.48
N PRO A 41 -8.04 -29.69 -4.12
CA PRO A 41 -9.45 -29.39 -3.83
C PRO A 41 -9.90 -30.02 -2.52
N GLY A 42 -11.15 -29.75 -2.13
CA GLY A 42 -11.70 -30.29 -0.91
C GLY A 42 -11.27 -29.51 0.32
N LYS A 43 -12.18 -29.39 1.28
CA LYS A 43 -11.88 -28.66 2.51
C LYS A 43 -11.33 -29.61 3.57
N LYS A 44 -10.26 -30.31 3.24
CA LYS A 44 -9.63 -31.25 4.16
C LYS A 44 -8.79 -30.52 5.21
N LEU A 45 -9.43 -30.14 6.31
CA LEU A 45 -8.76 -29.42 7.38
C LEU A 45 -7.97 -30.38 8.27
N VAL A 46 -6.88 -29.88 8.86
CA VAL A 46 -6.45 -28.51 8.68
C VAL A 46 -4.92 -28.42 8.56
N LEU A 47 -4.45 -27.52 7.71
CA LEU A 47 -3.02 -27.33 7.51
C LEU A 47 -2.42 -26.49 8.63
N SER A 48 -2.79 -25.21 8.68
CA SER A 48 -2.29 -24.30 9.70
C SER A 48 -3.35 -23.27 10.09
N SER A 49 -3.53 -23.09 11.40
CA SER A 49 -4.51 -22.13 11.90
C SER A 49 -3.86 -21.13 12.86
N GLU A 50 -4.11 -19.85 12.62
CA GLU A 50 -3.56 -18.79 13.46
C GLU A 50 -4.66 -17.83 13.93
N LYS A 51 -4.37 -17.07 14.97
CA LYS A 51 -5.33 -16.12 15.51
C LYS A 51 -4.67 -14.80 15.87
N THR A 52 -5.42 -13.70 15.75
CA THR A 52 -4.93 -12.37 16.07
C THR A 52 -6.08 -11.38 16.15
N VAL A 53 -5.82 -10.24 16.79
CA VAL A 53 -6.84 -9.20 16.93
C VAL A 53 -6.35 -7.86 16.38
N LEU A 54 -7.19 -7.20 15.60
CA LEU A 54 -6.84 -5.91 15.00
C LEU A 54 -7.23 -4.75 15.91
N THR A 55 -6.24 -4.20 16.60
CA THR A 55 -6.47 -3.07 17.50
C THR A 55 -6.19 -1.74 16.78
N PRO A 56 -7.11 -0.78 16.92
CA PRO A 56 -6.97 0.54 16.31
C PRO A 56 -5.64 1.22 16.66
N ALA A 57 -5.03 0.79 17.76
CA ALA A 57 -3.75 1.33 18.19
C ALA A 57 -2.65 1.02 17.19
N THR A 58 -2.84 -0.06 16.43
CA THR A 58 -1.88 -0.46 15.41
C THR A 58 -2.38 -0.12 14.01
N ASN A 59 -3.33 0.81 13.95
CA ASN A 59 -3.91 1.24 12.68
C ASN A 59 -4.54 0.08 11.92
N HIS A 60 -5.01 -0.91 12.66
CA HIS A 60 -5.69 -2.06 12.08
C HIS A 60 -4.82 -2.85 11.10
N MET A 61 -3.70 -3.36 11.59
CA MET A 61 -2.83 -4.22 10.79
C MET A 61 -2.48 -5.51 11.53
N GLY A 62 -2.65 -6.63 10.84
CA GLY A 62 -2.33 -7.93 11.42
C GLY A 62 -0.98 -8.44 10.93
N ASN A 63 -0.39 -9.35 11.69
CA ASN A 63 0.90 -9.91 11.34
C ASN A 63 1.02 -11.38 11.75
N VAL A 64 0.40 -12.25 10.97
CA VAL A 64 0.42 -13.69 11.26
C VAL A 64 1.28 -14.45 10.26
N THR A 65 2.02 -15.43 10.75
CA THR A 65 2.87 -16.26 9.90
C THR A 65 2.63 -17.74 10.14
N PHE A 66 2.16 -18.43 9.10
CA PHE A 66 1.85 -19.85 9.20
C PHE A 66 2.90 -20.70 8.49
N THR A 67 3.01 -21.96 8.89
CA THR A 67 3.97 -22.89 8.30
C THR A 67 3.24 -24.06 7.66
N ILE A 68 3.31 -24.14 6.34
CA ILE A 68 2.61 -25.19 5.59
C ILE A 68 3.43 -26.46 5.44
N PRO A 69 2.89 -27.59 5.92
CA PRO A 69 3.45 -28.94 5.77
C PRO A 69 3.38 -29.39 4.31
N ALA A 70 4.01 -30.49 3.91
CA ALA A 70 4.93 -31.31 4.71
C ALA A 70 4.37 -32.04 5.94
N ASN A 71 3.34 -32.90 5.86
CA ASN A 71 2.60 -33.38 4.70
C ASN A 71 3.30 -34.24 3.64
N ARG A 72 2.77 -35.45 3.47
CA ARG A 72 3.17 -36.36 2.40
C ARG A 72 1.99 -36.50 1.44
N GLU A 73 0.92 -35.76 1.73
CA GLU A 73 -0.28 -35.79 0.91
C GLU A 73 -0.08 -34.99 -0.38
N PHE A 74 1.00 -34.21 -0.43
CA PHE A 74 1.32 -33.43 -1.61
C PHE A 74 2.32 -34.15 -2.51
N LYS A 75 1.81 -35.11 -3.28
CA LYS A 75 2.65 -35.87 -4.20
C LYS A 75 2.06 -35.89 -5.60
N LYS A 78 1.86 -36.78 -9.86
CA LYS A 78 2.78 -36.07 -10.74
C LYS A 78 2.02 -35.12 -11.67
N GLY A 79 2.75 -34.21 -12.30
CA GLY A 79 2.16 -33.26 -13.22
C GLY A 79 1.20 -32.31 -12.55
N ARG A 80 0.62 -31.40 -13.33
CA ARG A 80 -0.34 -30.42 -12.82
C ARG A 80 0.26 -29.61 -11.68
N ASN A 81 -0.60 -28.91 -10.94
CA ASN A 81 -0.17 -28.09 -9.81
C ASN A 81 -0.98 -28.37 -8.55
N LYS A 82 -0.56 -27.77 -7.45
CA LYS A 82 -1.23 -27.96 -6.16
C LYS A 82 -1.53 -26.61 -5.52
N PHE A 83 -2.73 -26.47 -4.99
CA PHE A 83 -3.16 -25.21 -4.38
C PHE A 83 -3.67 -25.40 -2.95
N VAL A 84 -3.76 -24.29 -2.23
CA VAL A 84 -4.30 -24.31 -0.87
C VAL A 84 -5.32 -23.19 -0.69
N THR A 85 -6.40 -23.48 0.00
CA THR A 85 -7.46 -22.50 0.23
C THR A 85 -7.16 -21.65 1.45
N VAL A 86 -6.54 -20.49 1.23
CA VAL A 86 -6.23 -19.58 2.32
C VAL A 86 -7.47 -18.81 2.75
N GLN A 87 -7.95 -19.08 3.94
CA GLN A 87 -9.17 -18.46 4.45
C GLN A 87 -8.88 -17.58 5.67
N ALA A 88 -9.57 -16.44 5.74
CA ALA A 88 -9.40 -15.51 6.85
C ALA A 88 -10.74 -14.93 7.28
N THR A 89 -11.15 -15.25 8.51
CA THR A 89 -12.42 -14.77 9.03
C THR A 89 -12.24 -13.54 9.90
N PHE A 90 -13.02 -12.50 9.61
CA PHE A 90 -12.95 -11.26 10.36
C PHE A 90 -14.21 -11.09 11.23
N GLY A 91 -14.35 -11.96 12.22
CA GLY A 91 -15.52 -11.94 13.09
C GLY A 91 -16.66 -12.74 12.49
N THR A 92 -17.33 -12.16 11.50
CA THR A 92 -18.43 -12.81 10.82
C THR A 92 -18.16 -12.87 9.31
N GLN A 93 -17.74 -11.73 8.76
CA GLN A 93 -17.42 -11.65 7.34
C GLN A 93 -16.20 -12.51 7.01
N VAL A 94 -16.40 -13.49 6.14
CA VAL A 94 -15.32 -14.40 5.77
C VAL A 94 -14.70 -14.03 4.42
N VAL A 95 -13.38 -13.85 4.41
CA VAL A 95 -12.66 -13.53 3.19
C VAL A 95 -11.66 -14.64 2.85
N GLU A 96 -11.92 -15.36 1.76
CA GLU A 96 -11.08 -16.48 1.38
C GLU A 96 -10.52 -16.32 -0.04
N LYS A 97 -9.32 -16.83 -0.26
CA LYS A 97 -8.67 -16.77 -1.57
C LYS A 97 -7.66 -17.89 -1.71
N VAL A 98 -7.79 -18.66 -2.79
CA VAL A 98 -6.90 -19.79 -3.05
C VAL A 98 -5.58 -19.33 -3.66
N VAL A 99 -4.47 -19.82 -3.10
CA VAL A 99 -3.14 -19.43 -3.56
C VAL A 99 -2.37 -20.64 -4.09
N LEU A 100 -1.55 -20.41 -5.10
CA LEU A 100 -0.72 -21.45 -5.68
C LEU A 100 0.37 -21.90 -4.71
N VAL A 101 0.75 -23.17 -4.79
CA VAL A 101 1.75 -23.73 -3.89
C VAL A 101 2.98 -24.24 -4.65
N SER A 102 4.16 -23.92 -4.15
CA SER A 102 5.40 -24.42 -4.72
C SER A 102 6.04 -25.43 -3.77
N LEU A 103 5.90 -26.70 -4.10
CA LEU A 103 6.43 -27.81 -3.28
C LEU A 103 7.90 -27.64 -2.91
N GLN A 104 8.56 -26.68 -3.55
CA GLN A 104 9.98 -26.42 -3.32
C GLN A 104 10.31 -26.29 -1.84
N SER A 105 11.43 -26.89 -1.43
CA SER A 105 11.87 -26.83 -0.05
C SER A 105 12.96 -25.80 0.15
N GLY A 106 13.76 -25.57 -0.89
CA GLY A 106 14.84 -24.60 -0.83
C GLY A 106 15.81 -24.70 -1.99
N TYR A 107 17.08 -24.42 -1.72
CA TYR A 107 18.11 -24.48 -2.73
C TYR A 107 19.15 -25.55 -2.41
N LEU A 108 19.83 -26.03 -3.45
CA LEU A 108 20.91 -27.00 -3.27
C LEU A 108 22.10 -26.64 -4.15
N PHE A 109 23.27 -26.49 -3.51
CA PHE A 109 24.48 -26.14 -4.23
C PHE A 109 25.52 -27.25 -4.08
N ILE A 110 25.99 -27.77 -5.21
CA ILE A 110 26.97 -28.85 -5.23
C ILE A 110 28.37 -28.34 -5.57
N GLN A 111 29.32 -28.64 -4.69
CA GLN A 111 30.70 -28.22 -4.89
C GLN A 111 31.62 -29.40 -5.12
N THR A 112 32.33 -29.39 -6.25
CA THR A 112 33.31 -30.42 -6.55
C THR A 112 34.73 -29.87 -6.41
N ASP A 113 35.62 -30.65 -5.82
CA ASP A 113 36.99 -30.22 -5.61
C ASP A 113 37.66 -29.77 -6.91
N LYS A 114 37.49 -30.57 -7.96
CA LYS A 114 38.06 -30.24 -9.27
C LYS A 114 36.98 -30.14 -10.33
N THR A 115 37.34 -29.59 -11.49
CA THR A 115 36.41 -29.46 -12.60
C THR A 115 36.60 -30.59 -13.59
N ILE A 116 37.74 -31.27 -13.51
CA ILE A 116 38.04 -32.39 -14.40
C ILE A 116 38.82 -33.47 -13.64
N TYR A 117 38.49 -34.72 -13.91
CA TYR A 117 39.10 -35.84 -13.20
C TYR A 117 39.69 -36.87 -14.17
N THR A 118 40.66 -37.64 -13.68
CA THR A 118 41.27 -38.70 -14.46
C THR A 118 40.73 -40.06 -14.02
N PRO A 119 40.48 -40.95 -14.99
CA PRO A 119 39.96 -42.30 -14.70
C PRO A 119 40.80 -43.02 -13.65
N GLY A 120 40.28 -43.14 -12.44
CA GLY A 120 40.99 -43.79 -11.35
C GLY A 120 40.94 -43.00 -10.07
N SER A 121 40.79 -41.67 -10.20
CA SER A 121 40.75 -40.79 -9.03
C SER A 121 39.36 -40.76 -8.41
N THR A 122 39.23 -40.06 -7.29
CA THR A 122 37.97 -39.95 -6.57
C THR A 122 37.42 -38.53 -6.63
N VAL A 123 36.11 -38.42 -6.87
CA VAL A 123 35.46 -37.11 -6.94
C VAL A 123 34.93 -36.68 -5.58
N LEU A 124 35.59 -35.69 -4.98
CA LEU A 124 35.17 -35.15 -3.69
C LEU A 124 34.18 -34.01 -3.90
N TYR A 125 32.93 -34.23 -3.48
CA TYR A 125 31.90 -33.22 -3.64
C TYR A 125 31.00 -33.10 -2.41
N ARG A 126 30.57 -31.88 -2.11
CA ARG A 126 29.71 -31.62 -0.97
C ARG A 126 28.39 -30.99 -1.42
N ILE A 127 27.33 -31.23 -0.66
CA ILE A 127 26.02 -30.65 -0.94
C ILE A 127 25.57 -29.72 0.16
N PHE A 128 25.11 -28.53 -0.21
CA PHE A 128 24.62 -27.56 0.76
C PHE A 128 23.11 -27.49 0.75
N THR A 129 22.50 -27.75 1.90
CA THR A 129 21.05 -27.73 2.03
C THR A 129 20.56 -26.47 2.74
N VAL A 130 20.07 -25.51 1.97
CA VAL A 130 19.57 -24.26 2.53
C VAL A 130 18.15 -23.97 2.05
N ASN A 131 17.38 -23.29 2.88
CA ASN A 131 16.01 -22.93 2.53
C ASN A 131 15.96 -21.76 1.54
N HIS A 132 14.77 -21.20 1.37
CA HIS A 132 14.58 -20.08 0.45
C HIS A 132 15.21 -18.79 0.99
N LYS A 133 15.76 -18.88 2.20
CA LYS A 133 16.41 -17.74 2.83
C LYS A 133 17.92 -17.95 2.95
N LEU A 134 18.41 -19.00 2.29
CA LEU A 134 19.84 -19.33 2.32
C LEU A 134 20.36 -19.55 3.73
N LEU A 135 19.70 -20.45 4.46
CA LEU A 135 20.11 -20.77 5.83
C LEU A 135 20.21 -22.28 6.02
N PRO A 136 21.16 -22.71 6.85
CA PRO A 136 21.35 -24.14 7.15
C PRO A 136 20.06 -24.79 7.60
N VAL A 137 19.71 -25.92 7.00
CA VAL A 137 18.47 -26.63 7.34
C VAL A 137 18.60 -28.12 7.11
N GLY A 138 18.12 -28.91 8.07
CA GLY A 138 18.17 -30.35 7.98
C GLY A 138 17.05 -30.93 7.14
N ARG A 139 17.41 -31.46 5.97
CA ARG A 139 16.43 -32.03 5.06
C ARG A 139 16.94 -33.33 4.45
N THR A 140 16.05 -34.07 3.79
CA THR A 140 16.42 -35.30 3.11
C THR A 140 16.62 -35.04 1.63
N VAL A 141 17.79 -35.40 1.11
CA VAL A 141 18.14 -35.13 -0.28
C VAL A 141 18.49 -36.39 -1.06
N MET A 142 17.93 -36.51 -2.26
CA MET A 142 18.25 -37.62 -3.15
C MET A 142 19.36 -37.22 -4.11
N VAL A 143 20.46 -37.97 -4.09
CA VAL A 143 21.61 -37.66 -4.94
C VAL A 143 21.88 -38.74 -5.97
N ASN A 144 21.88 -38.36 -7.24
CA ASN A 144 22.18 -39.29 -8.33
C ASN A 144 23.40 -38.83 -9.13
N ILE A 145 24.13 -39.79 -9.67
CA ILE A 145 25.30 -39.49 -10.50
C ILE A 145 25.15 -40.14 -11.87
N GLU A 146 24.87 -39.33 -12.88
CA GLU A 146 24.64 -39.83 -14.23
C GLU A 146 25.89 -39.78 -15.10
N ASN A 147 26.09 -40.83 -15.89
CA ASN A 147 27.22 -40.91 -16.81
C ASN A 147 27.02 -39.94 -17.99
N PRO A 148 28.04 -39.82 -18.85
CA PRO A 148 27.91 -38.95 -20.03
C PRO A 148 26.69 -39.29 -20.89
N GLU A 149 26.12 -40.47 -20.67
CA GLU A 149 24.93 -40.87 -21.42
C GLU A 149 23.66 -40.62 -20.62
N GLY A 150 23.79 -39.83 -19.55
CA GLY A 150 22.66 -39.42 -18.74
C GLY A 150 21.90 -40.57 -18.10
N ILE A 151 22.63 -41.57 -17.62
CA ILE A 151 22.01 -42.71 -16.94
C ILE A 151 22.62 -42.90 -15.55
N PRO A 152 21.78 -42.73 -14.51
CA PRO A 152 22.22 -42.83 -13.11
C PRO A 152 22.97 -44.12 -12.81
N VAL A 153 24.16 -43.99 -12.24
CA VAL A 153 24.97 -45.15 -11.89
C VAL A 153 25.06 -45.31 -10.37
N LYS A 154 24.69 -44.26 -9.67
CA LYS A 154 24.72 -44.26 -8.20
C LYS A 154 23.63 -43.34 -7.64
N GLN A 155 22.83 -43.87 -6.71
CA GLN A 155 21.78 -43.08 -6.09
C GLN A 155 21.78 -43.28 -4.57
N ASP A 156 21.69 -42.17 -3.84
CA ASP A 156 21.67 -42.21 -2.38
C ASP A 156 20.53 -41.36 -1.83
N SER A 157 20.47 -41.26 -0.51
CA SER A 157 19.44 -40.48 0.16
C SER A 157 19.91 -40.02 1.53
N LEU A 158 20.80 -39.04 1.54
CA LEU A 158 21.36 -38.54 2.79
C LEU A 158 20.41 -37.56 3.49
N SER A 159 20.79 -37.15 4.70
CA SER A 159 20.00 -36.20 5.47
C SER A 159 20.93 -35.22 6.19
N SER A 160 20.78 -33.94 5.90
CA SER A 160 21.61 -32.91 6.48
C SER A 160 21.25 -32.63 7.93
N GLN A 161 20.37 -33.47 8.49
CA GLN A 161 19.95 -33.33 9.88
C GLN A 161 21.15 -33.43 10.82
N ASN A 162 21.27 -32.45 11.72
CA ASN A 162 22.37 -32.41 12.67
C ASN A 162 23.74 -32.42 11.99
N GLN A 163 23.80 -31.88 10.79
CA GLN A 163 25.05 -31.83 10.03
C GLN A 163 25.35 -30.41 9.56
N LEU A 164 24.53 -29.46 10.01
CA LEU A 164 24.71 -28.05 9.69
C LEU A 164 24.62 -27.78 8.19
N GLY A 165 23.74 -28.49 7.51
CA GLY A 165 23.50 -28.28 6.10
C GLY A 165 24.71 -28.48 5.22
N VAL A 166 25.55 -29.45 5.58
CA VAL A 166 26.74 -29.77 4.79
C VAL A 166 26.91 -31.28 4.67
N LEU A 167 26.74 -31.81 3.47
CA LEU A 167 26.83 -33.25 3.24
C LEU A 167 28.07 -33.62 2.44
N PRO A 168 29.17 -33.94 3.14
CA PRO A 168 30.42 -34.39 2.50
C PRO A 168 30.23 -35.72 1.81
N LEU A 169 30.58 -35.80 0.52
CA LEU A 169 30.45 -37.02 -0.25
C LEU A 169 31.63 -37.26 -1.18
N SER A 170 31.67 -38.45 -1.76
CA SER A 170 32.74 -38.83 -2.68
C SER A 170 32.30 -39.97 -3.58
N TRP A 171 32.87 -40.03 -4.78
CA TRP A 171 32.56 -41.09 -5.74
C TRP A 171 33.81 -41.56 -6.47
N ASP A 172 34.13 -42.84 -6.31
CA ASP A 172 35.31 -43.41 -6.93
C ASP A 172 35.10 -43.65 -8.43
N ILE A 173 36.01 -43.13 -9.25
CA ILE A 173 35.95 -43.32 -10.69
C ILE A 173 36.75 -44.55 -11.09
N PRO A 174 36.06 -45.58 -11.62
CA PRO A 174 36.71 -46.82 -12.05
C PRO A 174 37.76 -46.57 -13.14
N GLU A 175 38.78 -47.42 -13.18
CA GLU A 175 39.81 -47.30 -14.20
C GLU A 175 39.20 -47.36 -15.59
N LEU A 176 38.35 -48.35 -15.81
CA LEU A 176 37.64 -48.49 -17.08
C LEU A 176 36.31 -47.74 -17.03
N VAL A 177 36.34 -46.46 -17.37
CA VAL A 177 35.16 -45.62 -17.30
C VAL A 177 34.95 -44.87 -18.61
N ASN A 178 33.70 -44.49 -18.88
CA ASN A 178 33.36 -43.76 -20.10
C ASN A 178 33.69 -42.29 -19.99
N MET A 179 34.66 -41.83 -20.79
CA MET A 179 35.05 -40.42 -20.79
C MET A 179 33.92 -39.54 -21.32
N GLY A 180 33.83 -38.32 -20.80
CA GLY A 180 32.79 -37.40 -21.22
C GLY A 180 32.40 -36.43 -20.11
N GLN A 181 31.25 -35.79 -20.29
CA GLN A 181 30.76 -34.83 -19.30
C GLN A 181 29.78 -35.49 -18.32
N TRP A 182 30.29 -35.98 -17.20
CA TRP A 182 29.45 -36.57 -16.17
C TRP A 182 28.57 -35.51 -15.51
N LYS A 183 27.67 -35.95 -14.64
CA LYS A 183 26.73 -35.05 -14.00
C LYS A 183 26.35 -35.52 -12.59
N ILE A 184 26.21 -34.56 -11.67
CA ILE A 184 25.79 -34.87 -10.32
C ILE A 184 24.47 -34.16 -10.01
N ARG A 185 23.37 -34.91 -10.05
CA ARG A 185 22.04 -34.34 -9.83
C ARG A 185 21.57 -34.59 -8.40
N ALA A 186 20.87 -33.62 -7.84
CA ALA A 186 20.36 -33.72 -6.48
C ALA A 186 19.06 -32.95 -6.31
N TYR A 187 18.23 -33.37 -5.36
CA TYR A 187 16.96 -32.71 -5.10
C TYR A 187 16.38 -33.15 -3.76
N TYR A 188 15.50 -32.32 -3.19
CA TYR A 188 14.85 -32.65 -1.93
C TYR A 188 13.83 -33.77 -2.11
N GLU A 189 13.71 -34.62 -1.10
CA GLU A 189 12.77 -35.74 -1.15
C GLU A 189 11.34 -35.26 -1.28
N ASN A 190 11.07 -34.06 -0.77
CA ASN A 190 9.73 -33.48 -0.81
C ASN A 190 9.46 -32.70 -2.08
N SER A 191 10.47 -32.61 -2.94
CA SER A 191 10.34 -31.88 -4.21
C SER A 191 11.15 -32.55 -5.32
N PRO A 192 10.65 -33.69 -5.83
CA PRO A 192 11.33 -34.45 -6.88
C PRO A 192 11.35 -33.71 -8.22
N GLN A 193 10.58 -32.63 -8.34
CA GLN A 193 10.52 -31.86 -9.57
C GLN A 193 11.62 -30.81 -9.63
N GLN A 194 12.00 -30.27 -8.48
CA GLN A 194 13.06 -29.26 -8.41
C GLN A 194 14.42 -29.94 -8.24
N VAL A 195 15.11 -30.16 -9.35
CA VAL A 195 16.39 -30.86 -9.31
C VAL A 195 17.56 -29.98 -9.73
N PHE A 196 18.58 -29.92 -8.88
CA PHE A 196 19.79 -29.17 -9.18
C PHE A 196 20.85 -30.10 -9.78
N SER A 197 21.77 -29.54 -10.55
CA SER A 197 22.78 -30.35 -11.23
C SER A 197 24.13 -29.64 -11.35
N THR A 198 25.20 -30.42 -11.27
CA THR A 198 26.55 -29.90 -11.45
C THR A 198 27.40 -30.90 -12.25
N GLU A 199 28.00 -30.43 -13.33
CA GLU A 199 28.74 -31.31 -14.23
C GLU A 199 30.25 -31.32 -13.95
N PHE A 200 30.88 -32.45 -14.25
CA PHE A 200 32.33 -32.58 -14.14
C PHE A 200 32.85 -33.50 -15.23
N GLU A 201 33.94 -33.10 -15.88
CA GLU A 201 34.48 -33.84 -17.02
C GLU A 201 35.46 -34.93 -16.59
N VAL A 202 35.32 -36.11 -17.20
CA VAL A 202 36.24 -37.21 -16.96
C VAL A 202 37.03 -37.50 -18.24
N LYS A 203 38.35 -37.37 -18.16
CA LYS A 203 39.20 -37.50 -19.33
C LYS A 203 40.65 -37.77 -18.95
N GLU A 204 41.38 -38.44 -19.84
CA GLU A 204 42.81 -38.69 -19.63
C GLU A 204 43.62 -37.46 -20.05
N TYR A 205 44.26 -36.82 -19.08
CA TYR A 205 45.00 -35.60 -19.35
C TYR A 205 46.25 -35.47 -18.48
N VAL A 206 47.00 -34.39 -18.71
CA VAL A 206 48.18 -34.08 -17.91
C VAL A 206 48.27 -32.59 -17.65
N LEU A 207 48.54 -32.21 -16.42
CA LEU A 207 48.63 -30.80 -16.03
C LEU A 207 49.83 -30.12 -16.70
N PRO A 208 49.55 -29.11 -17.53
CA PRO A 208 50.59 -28.33 -18.22
C PRO A 208 51.48 -27.60 -17.23
N SER A 209 52.52 -26.94 -17.74
CA SER A 209 53.44 -26.21 -16.89
C SER A 209 53.15 -24.70 -16.92
N PHE A 210 52.41 -24.27 -17.94
CA PHE A 210 52.07 -22.86 -18.08
C PHE A 210 50.67 -22.67 -18.65
N GLU A 211 50.17 -21.45 -18.57
CA GLU A 211 48.84 -21.12 -19.09
C GLU A 211 48.95 -20.23 -20.31
N VAL A 212 47.89 -20.24 -21.14
CA VAL A 212 47.86 -19.41 -22.33
C VAL A 212 46.58 -18.58 -22.39
N ILE A 213 46.73 -17.26 -22.40
CA ILE A 213 45.59 -16.36 -22.42
C ILE A 213 45.51 -15.62 -23.75
N VAL A 214 44.30 -15.48 -24.28
CA VAL A 214 44.08 -14.78 -25.53
C VAL A 214 43.03 -13.68 -25.40
N GLU A 215 43.49 -12.44 -25.30
CA GLU A 215 42.60 -11.30 -25.13
C GLU A 215 42.76 -10.29 -26.26
N PRO A 216 41.72 -10.17 -27.12
CA PRO A 216 41.72 -9.20 -28.21
C PRO A 216 41.75 -7.77 -27.67
N THR A 217 42.23 -6.83 -28.49
CA THR A 217 42.29 -5.43 -28.09
C THR A 217 40.91 -4.91 -27.70
N GLU A 218 39.89 -5.40 -28.39
CA GLU A 218 38.51 -5.03 -28.09
C GLU A 218 37.66 -6.27 -27.84
N LYS A 219 36.65 -6.14 -26.98
CA LYS A 219 35.77 -7.24 -26.65
C LYS A 219 34.74 -7.47 -27.76
N PHE A 220 35.03 -6.95 -28.94
CA PHE A 220 34.15 -7.09 -30.10
C PHE A 220 34.93 -6.81 -31.39
N TYR A 221 34.20 -6.64 -32.48
CA TYR A 221 34.82 -6.33 -33.76
C TYR A 221 33.91 -5.48 -34.64
N TYR A 222 34.40 -4.31 -35.05
CA TYR A 222 33.66 -3.43 -35.93
C TYR A 222 33.85 -3.88 -37.39
N ILE A 223 32.74 -3.96 -38.11
CA ILE A 223 32.75 -4.46 -39.49
C ILE A 223 33.64 -3.62 -40.40
N TYR A 224 33.42 -2.31 -40.41
CA TYR A 224 34.15 -1.41 -41.30
C TYR A 224 35.54 -1.06 -40.75
N ASN A 225 35.97 -1.80 -39.73
CA ASN A 225 37.28 -1.57 -39.13
C ASN A 225 38.40 -2.15 -40.00
N GLU A 226 39.05 -1.28 -40.77
CA GLU A 226 40.11 -1.72 -41.68
C GLU A 226 41.31 -2.28 -40.93
N LYS A 227 41.51 -1.80 -39.70
CA LYS A 227 42.64 -2.25 -38.88
C LYS A 227 42.61 -3.76 -38.65
N GLY A 228 41.40 -4.32 -38.61
CA GLY A 228 41.23 -5.74 -38.41
C GLY A 228 41.07 -6.10 -36.94
N LEU A 229 41.29 -7.38 -36.63
CA LEU A 229 41.16 -7.87 -35.26
C LEU A 229 42.52 -8.21 -34.65
N GLU A 230 43.00 -7.35 -33.76
CA GLU A 230 44.27 -7.57 -33.09
C GLU A 230 44.07 -8.39 -31.81
N VAL A 231 44.80 -9.49 -31.70
CA VAL A 231 44.68 -10.36 -30.53
C VAL A 231 46.02 -10.48 -29.79
N THR A 232 45.97 -10.34 -28.47
CA THR A 232 47.16 -10.44 -27.63
C THR A 232 47.35 -11.87 -27.13
N ILE A 233 48.58 -12.34 -27.17
CA ILE A 233 48.90 -13.69 -26.71
C ILE A 233 49.80 -13.65 -25.48
N THR A 234 49.19 -13.70 -24.30
CA THR A 234 49.95 -13.68 -23.05
C THR A 234 50.08 -15.08 -22.49
N ALA A 235 51.32 -15.52 -22.28
CA ALA A 235 51.59 -16.86 -21.76
C ALA A 235 52.67 -16.86 -20.70
N ARG A 236 52.30 -17.31 -19.50
CA ARG A 236 53.26 -17.38 -18.39
C ARG A 236 53.08 -18.68 -17.60
N PHE A 237 54.15 -19.12 -16.96
CA PHE A 237 54.10 -20.35 -16.15
C PHE A 237 53.10 -20.23 -15.02
N LEU A 238 52.77 -21.37 -14.41
CA LEU A 238 51.78 -21.41 -13.34
C LEU A 238 52.32 -20.77 -12.05
N TYR A 239 53.62 -20.48 -12.03
CA TYR A 239 54.24 -19.89 -10.85
C TYR A 239 54.62 -18.43 -11.05
N GLY A 240 54.06 -17.81 -12.10
CA GLY A 240 54.26 -16.39 -12.33
C GLY A 240 55.23 -16.06 -13.44
N LYS A 241 56.35 -16.78 -13.48
CA LYS A 241 57.38 -16.53 -14.48
C LYS A 241 56.82 -16.54 -15.90
N LYS A 242 57.50 -15.85 -16.80
CA LYS A 242 57.03 -15.72 -18.18
C LYS A 242 57.48 -16.88 -19.05
N VAL A 243 56.84 -17.03 -20.21
CA VAL A 243 57.12 -18.15 -21.11
C VAL A 243 57.89 -17.73 -22.36
N GLU A 244 58.93 -18.50 -22.67
CA GLU A 244 59.71 -18.28 -23.89
C GLU A 244 59.48 -19.41 -24.88
N GLY A 245 58.83 -19.10 -26.00
CA GLY A 245 58.54 -20.10 -27.01
C GLY A 245 57.94 -19.53 -28.27
N THR A 246 57.21 -20.36 -29.00
CA THR A 246 56.55 -19.96 -30.24
C THR A 246 55.06 -20.25 -30.18
N ALA A 247 54.26 -19.46 -30.89
CA ALA A 247 52.82 -19.62 -30.86
C ALA A 247 52.25 -19.94 -32.25
N PHE A 248 51.15 -20.69 -32.26
CA PHE A 248 50.45 -21.04 -33.49
C PHE A 248 48.99 -20.61 -33.39
N VAL A 249 48.66 -19.47 -33.98
CA VAL A 249 47.32 -18.91 -33.88
C VAL A 249 46.54 -19.02 -35.20
N ILE A 250 45.26 -19.33 -35.09
CA ILE A 250 44.39 -19.41 -36.26
C ILE A 250 42.98 -18.91 -35.91
N PHE A 251 42.35 -18.23 -36.86
CA PHE A 251 41.02 -17.65 -36.65
C PHE A 251 39.92 -18.47 -37.33
N GLY A 252 38.69 -17.99 -37.21
CA GLY A 252 37.55 -18.68 -37.81
C GLY A 252 36.24 -18.01 -37.46
N ILE A 253 35.25 -18.16 -38.35
CA ILE A 253 33.94 -17.56 -38.12
C ILE A 253 32.94 -18.60 -37.59
N GLN A 254 32.17 -18.21 -36.59
CA GLN A 254 31.22 -19.11 -35.96
C GLN A 254 29.77 -18.72 -36.25
N ASP A 255 29.12 -19.47 -37.13
CA ASP A 255 27.71 -19.25 -37.43
C ASP A 255 26.85 -19.86 -36.34
N GLY A 256 25.55 -19.95 -36.58
CA GLY A 256 24.63 -20.53 -35.63
C GLY A 256 24.97 -21.99 -35.34
N GLU A 257 25.68 -22.22 -34.24
CA GLU A 257 26.11 -23.56 -33.87
C GLU A 257 26.88 -24.23 -35.00
N GLN A 258 27.71 -23.45 -35.69
CA GLN A 258 28.53 -23.95 -36.78
C GLN A 258 29.86 -23.18 -36.82
N ARG A 259 30.93 -23.89 -37.18
CA ARG A 259 32.24 -23.26 -37.26
C ARG A 259 32.89 -23.44 -38.62
N ILE A 260 33.25 -22.34 -39.26
CA ILE A 260 33.93 -22.37 -40.55
C ILE A 260 35.36 -21.85 -40.40
N SER A 261 36.30 -22.78 -40.24
CA SER A 261 37.70 -22.44 -40.02
C SER A 261 38.25 -21.60 -41.19
N LEU A 262 39.23 -20.76 -40.88
CA LEU A 262 39.87 -19.92 -41.89
C LEU A 262 41.34 -20.28 -42.03
N PRO A 263 41.64 -21.23 -42.93
CA PRO A 263 43.00 -21.73 -43.16
C PRO A 263 43.96 -20.61 -43.58
N GLU A 264 43.42 -19.56 -44.20
CA GLU A 264 44.24 -18.45 -44.68
C GLU A 264 44.75 -17.59 -43.54
N SER A 265 44.01 -17.58 -42.43
CA SER A 265 44.38 -16.76 -41.28
C SER A 265 45.24 -17.53 -40.28
N LEU A 266 46.32 -18.12 -40.77
CA LEU A 266 47.23 -18.87 -39.92
C LEU A 266 48.56 -18.13 -39.79
N LYS A 267 49.01 -17.92 -38.56
CA LYS A 267 50.24 -17.18 -38.30
C LYS A 267 51.15 -17.91 -37.33
N ARG A 268 52.43 -17.53 -37.32
CA ARG A 268 53.39 -18.12 -36.40
C ARG A 268 54.22 -17.02 -35.74
N ILE A 269 53.68 -16.44 -34.67
CA ILE A 269 54.34 -15.35 -33.98
C ILE A 269 55.20 -15.85 -32.81
N PRO A 270 56.47 -15.43 -32.77
CA PRO A 270 57.39 -15.79 -31.70
C PRO A 270 56.95 -15.18 -30.37
N ILE A 271 56.99 -15.98 -29.30
CA ILE A 271 56.61 -15.50 -27.98
C ILE A 271 57.83 -15.13 -27.15
N GLU A 272 58.21 -13.86 -27.21
CA GLU A 272 59.36 -13.38 -26.45
C GLU A 272 58.93 -12.60 -25.22
N ASP A 273 59.65 -12.78 -24.13
CA ASP A 273 59.38 -12.08 -22.88
C ASP A 273 57.98 -12.39 -22.36
N GLY A 274 57.50 -13.60 -22.65
CA GLY A 274 56.21 -14.06 -22.16
C GLY A 274 55.03 -13.32 -22.75
N SER A 275 55.09 -13.02 -24.04
CA SER A 275 54.00 -12.34 -24.72
C SER A 275 54.19 -12.31 -26.23
N GLY A 276 53.08 -12.15 -26.96
CA GLY A 276 53.11 -12.10 -28.41
C GLY A 276 52.07 -11.15 -28.96
N GLU A 277 52.02 -11.04 -30.28
CA GLU A 277 51.06 -10.14 -30.93
C GLU A 277 50.71 -10.62 -32.34
N VAL A 278 49.42 -10.83 -32.58
CA VAL A 278 48.95 -11.27 -33.89
C VAL A 278 47.78 -10.40 -34.36
N VAL A 279 47.73 -10.14 -35.66
CA VAL A 279 46.67 -9.31 -36.22
C VAL A 279 45.96 -10.03 -37.37
N LEU A 280 44.63 -10.04 -37.31
CA LEU A 280 43.82 -10.64 -38.38
C LEU A 280 43.41 -9.58 -39.38
N SER A 281 44.05 -9.59 -40.54
CA SER A 281 43.76 -8.62 -41.60
C SER A 281 42.30 -8.70 -42.03
N ARG A 282 41.70 -7.55 -42.26
CA ARG A 282 40.30 -7.48 -42.68
C ARG A 282 40.11 -8.16 -44.04
N LYS A 283 41.19 -8.22 -44.82
CA LYS A 283 41.16 -8.83 -46.14
C LYS A 283 40.83 -10.32 -46.04
N VAL A 284 41.59 -11.04 -45.22
CA VAL A 284 41.40 -12.48 -45.06
C VAL A 284 40.01 -12.81 -44.51
N LEU A 285 39.53 -11.97 -43.59
CA LEU A 285 38.23 -12.18 -42.98
C LEU A 285 37.12 -12.24 -44.02
N LEU A 286 37.15 -11.31 -44.97
CA LEU A 286 36.15 -11.26 -46.02
C LEU A 286 36.36 -12.38 -47.05
N ASP A 287 37.61 -12.79 -47.22
CA ASP A 287 37.95 -13.85 -48.15
C ASP A 287 37.45 -15.20 -47.65
N GLY A 288 37.31 -15.33 -46.34
CA GLY A 288 36.83 -16.55 -45.74
C GLY A 288 35.46 -16.95 -46.26
N VAL A 289 34.47 -16.10 -45.98
CA VAL A 289 33.11 -16.35 -46.47
C VAL A 289 33.01 -16.07 -47.95
N GLN A 290 32.04 -16.70 -48.61
CA GLN A 290 31.83 -16.52 -50.03
C GLN A 290 30.77 -15.44 -50.29
N ASN A 291 30.60 -14.54 -49.33
CA ASN A 291 29.62 -13.47 -49.45
C ASN A 291 30.31 -12.11 -49.56
N PRO A 292 30.16 -11.46 -50.73
CA PRO A 292 30.78 -10.16 -51.03
C PRO A 292 30.43 -9.09 -49.99
N ARG A 293 29.15 -8.95 -49.68
CA ARG A 293 28.71 -7.93 -48.74
C ARG A 293 29.18 -8.23 -47.32
N ALA A 294 29.73 -7.22 -46.66
CA ALA A 294 30.27 -7.37 -45.31
C ALA A 294 29.21 -7.20 -44.24
N GLU A 295 28.08 -6.61 -44.63
CA GLU A 295 26.98 -6.38 -43.69
C GLU A 295 26.25 -7.68 -43.35
N ASP A 296 26.64 -8.76 -44.02
CA ASP A 296 26.05 -10.07 -43.79
C ASP A 296 26.71 -10.79 -42.62
N LEU A 297 27.91 -10.34 -42.28
CA LEU A 297 28.66 -10.93 -41.17
C LEU A 297 28.19 -10.35 -39.83
N VAL A 298 27.36 -9.32 -39.90
CA VAL A 298 26.82 -8.69 -38.70
C VAL A 298 25.90 -9.65 -37.95
N GLY A 299 26.31 -10.04 -36.75
CA GLY A 299 25.54 -10.97 -35.95
C GLY A 299 26.35 -12.21 -35.60
N LYS A 300 27.22 -12.61 -36.50
CA LYS A 300 28.08 -13.77 -36.28
C LYS A 300 29.18 -13.45 -35.27
N SER A 301 30.10 -14.38 -35.08
CA SER A 301 31.19 -14.20 -34.13
C SER A 301 32.49 -14.81 -34.64
N LEU A 302 33.59 -14.51 -33.95
CA LEU A 302 34.89 -15.03 -34.32
C LEU A 302 35.51 -15.79 -33.14
N TYR A 303 36.38 -16.75 -33.45
CA TYR A 303 37.07 -17.51 -32.41
C TYR A 303 38.55 -17.65 -32.71
N VAL A 304 39.38 -17.48 -31.69
CA VAL A 304 40.82 -17.57 -31.84
C VAL A 304 41.36 -18.87 -31.24
N SER A 305 42.27 -19.51 -31.95
CA SER A 305 42.86 -20.77 -31.49
C SER A 305 44.37 -20.69 -31.48
N ALA A 306 44.94 -20.35 -30.32
CA ALA A 306 46.38 -20.23 -30.19
C ALA A 306 47.00 -21.49 -29.58
N THR A 307 48.32 -21.64 -29.73
CA THR A 307 49.03 -22.79 -29.20
C THR A 307 50.49 -22.45 -28.94
N VAL A 308 50.87 -22.39 -27.67
CA VAL A 308 52.23 -22.04 -27.28
C VAL A 308 53.09 -23.29 -27.06
N ILE A 309 54.31 -23.26 -27.59
CA ILE A 309 55.25 -24.36 -27.43
C ILE A 309 56.62 -23.85 -27.01
N LEU A 310 57.13 -24.38 -25.90
CA LEU A 310 58.43 -23.97 -25.38
C LEU A 310 59.55 -24.27 -26.36
N HIS A 311 60.74 -23.72 -26.09
CA HIS A 311 61.90 -23.96 -26.93
C HIS A 311 62.51 -25.33 -26.65
N SER A 312 62.10 -25.93 -25.54
CA SER A 312 62.60 -27.26 -25.16
C SER A 312 61.71 -28.35 -25.74
N GLY A 313 60.51 -27.96 -26.17
CA GLY A 313 59.57 -28.91 -26.73
C GLY A 313 59.13 -29.95 -25.73
N SER A 314 58.90 -29.51 -24.49
CA SER A 314 58.50 -30.41 -23.42
C SER A 314 57.03 -30.22 -23.06
N ASP A 315 56.47 -29.07 -23.40
CA ASP A 315 55.08 -28.77 -23.11
C ASP A 315 54.41 -28.07 -24.29
N MET A 316 53.08 -28.16 -24.35
CA MET A 316 52.31 -27.56 -25.43
C MET A 316 50.88 -27.31 -24.98
N VAL A 317 50.52 -26.03 -24.83
CA VAL A 317 49.20 -25.66 -24.35
C VAL A 317 48.33 -25.09 -25.48
N GLN A 318 47.05 -25.43 -25.47
CA GLN A 318 46.12 -24.96 -26.48
C GLN A 318 45.01 -24.11 -25.84
N ALA A 319 44.91 -22.86 -26.27
CA ALA A 319 43.89 -21.95 -25.74
C ALA A 319 42.87 -21.59 -26.81
N GLU A 320 41.83 -20.87 -26.41
CA GLU A 320 40.78 -20.47 -27.35
C GLU A 320 39.90 -19.36 -26.79
N ARG A 321 39.58 -18.39 -27.64
CA ARG A 321 38.67 -17.31 -27.28
C ARG A 321 37.52 -17.22 -28.28
N SER A 322 36.43 -17.91 -27.98
CA SER A 322 35.26 -17.92 -28.86
C SER A 322 34.21 -16.92 -28.38
N GLY A 323 33.34 -16.51 -29.29
CA GLY A 323 32.27 -15.58 -28.96
C GLY A 323 32.71 -14.13 -29.07
N ILE A 324 33.16 -13.73 -30.24
CA ILE A 324 33.55 -12.34 -30.49
C ILE A 324 32.51 -11.66 -31.36
N PRO A 325 31.59 -10.92 -30.73
CA PRO A 325 30.48 -10.24 -31.42
C PRO A 325 30.96 -9.29 -32.50
N ILE A 326 30.41 -9.43 -33.71
CA ILE A 326 30.74 -8.53 -34.81
C ILE A 326 29.57 -7.57 -35.05
N VAL A 327 29.34 -6.69 -34.10
CA VAL A 327 28.23 -5.74 -34.18
C VAL A 327 28.66 -4.41 -34.77
N THR A 328 27.69 -3.60 -35.16
CA THR A 328 27.97 -2.28 -35.73
C THR A 328 28.05 -1.21 -34.65
N SER A 329 27.45 -1.50 -33.50
CA SER A 329 27.46 -0.58 -32.37
C SER A 329 28.13 -1.21 -31.15
N PRO A 330 29.18 -0.54 -30.62
CA PRO A 330 29.94 -1.03 -29.47
C PRO A 330 29.10 -1.10 -28.19
N TYR A 331 27.80 -0.84 -28.30
CA TYR A 331 26.93 -0.86 -27.14
C TYR A 331 25.58 -1.51 -27.45
N GLN A 332 24.80 -1.79 -26.40
CA GLN A 332 23.47 -2.36 -26.55
C GLN A 332 22.51 -1.73 -25.54
N ILE A 333 21.21 -1.77 -25.85
CA ILE A 333 20.21 -1.18 -24.98
C ILE A 333 19.10 -2.18 -24.66
N HIS A 334 18.76 -2.30 -23.38
CA HIS A 334 17.71 -3.22 -22.94
C HIS A 334 16.80 -2.57 -21.90
N PHE A 335 15.50 -2.62 -22.14
CA PHE A 335 14.53 -2.08 -21.21
C PHE A 335 13.94 -3.18 -20.33
N THR A 336 14.74 -4.22 -20.08
CA THR A 336 14.31 -5.34 -19.27
C THR A 336 14.08 -4.92 -17.82
N LYS A 337 14.74 -3.85 -17.40
CA LYS A 337 14.61 -3.34 -16.04
C LYS A 337 13.60 -2.20 -15.98
N THR A 338 13.02 -1.86 -17.13
CA THR A 338 12.05 -0.78 -17.22
C THR A 338 10.62 -1.32 -17.24
N PRO A 339 9.76 -0.81 -16.35
CA PRO A 339 8.35 -1.22 -16.28
C PRO A 339 7.65 -1.06 -17.62
N LYS A 340 6.62 -1.87 -17.84
CA LYS A 340 5.87 -1.83 -19.11
C LYS A 340 4.53 -1.15 -18.94
N TYR A 341 4.39 -0.33 -17.91
CA TYR A 341 3.15 0.40 -17.65
C TYR A 341 3.43 1.80 -17.14
N PHE A 342 2.62 2.76 -17.58
CA PHE A 342 2.81 4.16 -17.20
C PHE A 342 1.53 4.76 -16.63
N LYS A 343 1.64 5.99 -16.12
CA LYS A 343 0.49 6.70 -15.58
C LYS A 343 0.25 7.98 -16.38
N PRO A 344 -0.94 8.09 -17.00
CA PRO A 344 -1.31 9.24 -17.83
C PRO A 344 -1.14 10.56 -17.08
N GLY A 345 -0.19 11.38 -17.54
CA GLY A 345 0.05 12.67 -16.93
C GLY A 345 1.25 12.68 -16.00
N MET A 346 1.45 11.58 -15.28
CA MET A 346 2.54 11.48 -14.31
C MET A 346 3.85 11.12 -15.01
N PRO A 347 4.98 11.58 -14.43
CA PRO A 347 6.31 11.30 -14.98
C PRO A 347 6.58 9.80 -15.10
N PHE A 348 7.27 9.40 -16.16
CA PHE A 348 7.59 8.00 -16.39
C PHE A 348 9.10 7.79 -16.39
N ASP A 349 9.58 7.07 -15.37
CA ASP A 349 11.01 6.80 -15.24
C ASP A 349 11.43 5.59 -16.07
N LEU A 350 12.64 5.66 -16.61
CA LEU A 350 13.17 4.56 -17.42
C LEU A 350 14.43 3.97 -16.79
N MET A 351 14.54 2.65 -16.83
CA MET A 351 15.72 1.96 -16.30
C MET A 351 16.58 1.43 -17.43
N VAL A 352 17.20 2.34 -18.19
CA VAL A 352 18.04 1.97 -19.31
C VAL A 352 19.19 1.06 -18.86
N PHE A 353 19.40 -0.03 -19.59
CA PHE A 353 20.43 -0.99 -19.25
C PHE A 353 21.44 -1.14 -20.39
N VAL A 354 22.40 -0.24 -20.44
CA VAL A 354 23.43 -0.26 -21.49
C VAL A 354 24.53 -1.25 -21.18
N THR A 355 24.84 -2.11 -22.15
CA THR A 355 25.89 -3.11 -21.97
C THR A 355 26.81 -3.18 -23.19
N ASN A 356 27.85 -4.02 -23.09
CA ASN A 356 28.78 -4.21 -24.18
C ASN A 356 28.39 -5.44 -25.02
N PRO A 357 28.95 -5.54 -26.24
CA PRO A 357 28.64 -6.65 -27.15
C PRO A 357 28.79 -8.02 -26.48
N ASP A 358 29.70 -8.13 -25.51
CA ASP A 358 29.92 -9.40 -24.82
C ASP A 358 28.89 -9.65 -23.74
N GLY A 359 28.44 -8.59 -23.08
CA GLY A 359 27.44 -8.70 -22.04
C GLY A 359 27.81 -7.98 -20.77
N SER A 360 29.03 -7.43 -20.73
CA SER A 360 29.52 -6.70 -19.57
C SER A 360 28.97 -5.28 -19.54
N PRO A 361 28.61 -4.79 -18.33
CA PRO A 361 28.05 -3.46 -18.15
C PRO A 361 28.97 -2.37 -18.69
N ALA A 362 28.37 -1.28 -19.18
CA ALA A 362 29.14 -0.16 -19.72
C ALA A 362 29.22 0.97 -18.70
N TYR A 363 30.41 1.56 -18.56
CA TYR A 363 30.63 2.63 -17.60
C TYR A 363 30.63 4.00 -18.28
N ARG A 364 29.78 4.89 -17.77
CA ARG A 364 29.65 6.24 -18.33
C ARG A 364 29.30 6.23 -19.82
N VAL A 365 28.00 6.14 -20.11
CA VAL A 365 27.53 6.16 -21.49
C VAL A 365 26.31 7.07 -21.62
N PRO A 366 26.51 8.27 -22.19
CA PRO A 366 25.44 9.26 -22.37
C PRO A 366 24.25 8.68 -23.14
N VAL A 367 23.06 8.81 -22.56
CA VAL A 367 21.84 8.30 -23.19
C VAL A 367 20.76 9.38 -23.20
N ALA A 368 19.91 9.33 -24.21
CA ALA A 368 18.83 10.31 -24.34
C ALA A 368 17.67 9.73 -25.16
N VAL A 369 16.53 10.41 -25.11
CA VAL A 369 15.34 9.96 -25.84
C VAL A 369 15.11 10.83 -27.07
N GLN A 370 14.59 10.22 -28.13
CA GLN A 370 14.30 10.94 -29.37
C GLN A 370 13.44 12.17 -29.12
N GLY A 371 12.57 12.07 -28.13
CA GLY A 371 11.65 13.16 -27.81
C GLY A 371 12.33 14.45 -27.44
N GLU A 372 12.81 14.54 -26.21
CA GLU A 372 13.43 15.77 -25.71
C GLU A 372 14.95 15.65 -25.61
N ASP A 373 15.63 16.74 -25.94
CA ASP A 373 17.09 16.77 -25.84
C ASP A 373 17.52 17.33 -24.47
N THR A 374 18.83 17.41 -24.26
CA THR A 374 19.39 17.91 -23.01
C THR A 374 19.16 16.93 -21.85
N VAL A 375 18.01 16.28 -21.84
CA VAL A 375 17.68 15.31 -20.81
C VAL A 375 18.52 14.05 -20.98
N GLN A 376 19.72 14.06 -20.39
CA GLN A 376 20.64 12.94 -20.50
C GLN A 376 21.08 12.45 -19.12
N SER A 377 21.71 11.29 -19.08
CA SER A 377 22.20 10.72 -17.83
C SER A 377 23.30 9.70 -18.09
N LEU A 378 24.51 10.01 -17.62
CA LEU A 378 25.65 9.12 -17.80
C LEU A 378 25.42 7.79 -17.10
N THR A 379 25.65 6.69 -17.80
CA THR A 379 25.47 5.36 -17.24
C THR A 379 26.38 5.14 -16.05
N GLN A 380 25.85 4.56 -14.99
CA GLN A 380 26.61 4.31 -13.77
C GLN A 380 27.57 3.13 -13.93
N GLY A 381 27.99 2.56 -12.81
CA GLY A 381 28.94 1.47 -12.82
C GLY A 381 28.31 0.14 -13.18
N ASP A 382 27.14 -0.14 -12.62
CA ASP A 382 26.44 -1.39 -12.86
C ASP A 382 25.91 -1.49 -14.29
N GLY A 383 25.95 -0.37 -15.01
CA GLY A 383 25.48 -0.33 -16.38
C GLY A 383 24.01 0.04 -16.48
N VAL A 384 23.56 0.92 -15.58
CA VAL A 384 22.18 1.35 -15.57
C VAL A 384 22.06 2.87 -15.54
N ALA A 385 21.27 3.42 -16.45
CA ALA A 385 21.06 4.87 -16.51
C ALA A 385 19.72 5.25 -15.89
N LYS A 386 19.53 6.54 -15.66
CA LYS A 386 18.29 7.04 -15.07
C LYS A 386 17.67 8.15 -15.90
N LEU A 387 16.62 7.81 -16.63
CA LEU A 387 15.89 8.78 -17.43
C LEU A 387 14.49 9.02 -16.86
N SER A 388 13.86 10.10 -17.30
CA SER A 388 12.52 10.43 -16.82
C SER A 388 11.80 11.39 -17.78
N ILE A 389 10.99 10.82 -18.68
CA ILE A 389 10.22 11.61 -19.63
C ILE A 389 8.83 11.89 -19.09
N ASN A 390 8.12 12.83 -19.73
CA ASN A 390 6.78 13.19 -19.30
C ASN A 390 5.70 12.45 -20.08
N THR A 391 4.53 12.33 -19.47
CA THR A 391 3.42 11.59 -20.08
C THR A 391 2.16 12.44 -20.20
N HIS A 392 1.36 12.16 -21.22
CA HIS A 392 0.11 12.87 -21.44
C HIS A 392 -1.05 12.13 -20.79
N PRO A 393 -2.08 12.88 -20.34
CA PRO A 393 -3.27 12.30 -19.72
C PRO A 393 -4.02 11.38 -20.67
N SER A 394 -3.62 11.37 -21.95
CA SER A 394 -4.26 10.53 -22.95
C SER A 394 -4.07 9.05 -22.64
N GLN A 395 -4.98 8.23 -23.17
CA GLN A 395 -4.91 6.78 -22.95
C GLN A 395 -4.19 6.09 -24.11
N LYS A 396 -3.46 6.87 -24.89
CA LYS A 396 -2.73 6.34 -26.03
C LYS A 396 -1.44 5.65 -25.58
N PRO A 397 -1.21 4.42 -26.08
CA PRO A 397 -0.01 3.65 -25.75
C PRO A 397 1.26 4.49 -25.90
N LEU A 398 2.17 4.35 -24.93
CA LEU A 398 3.41 5.14 -24.93
C LEU A 398 4.53 4.40 -25.63
N SER A 399 5.22 5.09 -26.54
CA SER A 399 6.35 4.52 -27.26
C SER A 399 7.62 5.33 -27.03
N ILE A 400 8.67 4.67 -26.55
CA ILE A 400 9.93 5.33 -26.26
C ILE A 400 11.07 4.76 -27.09
N THR A 401 11.92 5.64 -27.61
CA THR A 401 13.08 5.23 -28.38
C THR A 401 14.34 5.87 -27.83
N VAL A 402 15.09 5.12 -27.04
CA VAL A 402 16.30 5.63 -26.41
C VAL A 402 17.54 5.26 -27.22
N ARG A 403 18.39 6.25 -27.48
CA ARG A 403 19.63 6.03 -28.22
C ARG A 403 20.84 6.41 -27.35
N THR A 404 22.03 6.31 -27.93
CA THR A 404 23.25 6.64 -27.22
C THR A 404 23.99 7.80 -27.89
N LYS A 405 24.05 8.93 -27.19
CA LYS A 405 24.72 10.13 -27.70
C LYS A 405 26.21 10.11 -27.42
N LYS A 406 26.79 8.90 -27.44
CA LYS A 406 28.22 8.75 -27.20
C LYS A 406 29.06 9.48 -28.25
N GLN A 407 29.86 10.44 -27.78
CA GLN A 407 30.74 11.18 -28.67
C GLN A 407 31.83 10.28 -29.24
N GLU A 408 32.66 10.83 -30.11
CA GLU A 408 33.74 10.06 -30.73
C GLU A 408 33.18 8.88 -31.52
N LEU A 409 31.92 8.99 -31.93
CA LEU A 409 31.25 7.91 -32.64
C LEU A 409 30.07 8.46 -33.43
N SER A 410 30.02 8.14 -34.72
CA SER A 410 28.95 8.62 -35.59
C SER A 410 27.61 8.01 -35.21
N GLU A 411 26.53 8.66 -35.65
CA GLU A 411 25.18 8.20 -35.35
C GLU A 411 24.90 6.83 -35.98
N ALA A 412 25.56 6.56 -37.10
CA ALA A 412 25.37 5.31 -37.82
C ALA A 412 26.00 4.13 -37.11
N GLU A 413 26.78 4.42 -36.07
CA GLU A 413 27.48 3.37 -35.32
C GLU A 413 26.97 3.31 -33.88
N GLN A 414 25.80 3.87 -33.64
CA GLN A 414 25.21 3.87 -32.30
C GLN A 414 24.15 2.78 -32.16
N ALA A 415 23.70 2.55 -30.94
CA ALA A 415 22.69 1.52 -30.68
C ALA A 415 21.35 2.15 -30.34
N THR A 416 20.26 1.46 -30.71
CA THR A 416 18.92 1.96 -30.44
C THR A 416 17.96 0.82 -30.09
N ARG A 417 16.99 1.12 -29.24
CA ARG A 417 15.99 0.15 -28.84
C ARG A 417 14.67 0.83 -28.51
N THR A 418 13.58 0.27 -29.00
CA THR A 418 12.26 0.85 -28.78
C THR A 418 11.34 -0.09 -28.02
N MET A 419 10.66 0.44 -26.99
CA MET A 419 9.73 -0.34 -26.21
C MET A 419 8.32 0.22 -26.31
N GLN A 420 7.42 -0.25 -25.44
CA GLN A 420 6.05 0.21 -25.43
C GLN A 420 5.39 -0.05 -24.09
N ALA A 421 4.76 0.99 -23.53
CA ALA A 421 4.09 0.87 -22.24
C ALA A 421 2.58 1.07 -22.39
N LEU A 422 1.82 0.41 -21.52
CA LEU A 422 0.37 0.51 -21.56
C LEU A 422 -0.16 1.33 -20.39
N PRO A 423 -1.23 2.10 -20.63
CA PRO A 423 -1.85 2.96 -19.62
C PRO A 423 -2.30 2.17 -18.40
N TYR A 424 -2.36 2.84 -17.24
CA TYR A 424 -2.81 2.20 -16.02
C TYR A 424 -4.31 2.38 -15.83
N SER A 425 -5.07 1.29 -15.99
CA SER A 425 -6.51 1.33 -15.86
C SER A 425 -6.93 1.76 -14.46
N THR A 426 -7.89 2.68 -14.40
CA THR A 426 -8.37 3.19 -13.12
C THR A 426 -9.78 2.70 -12.84
N VAL A 427 -10.04 2.33 -11.59
CA VAL A 427 -11.36 1.84 -11.19
C VAL A 427 -12.41 2.94 -11.28
N GLY A 428 -13.21 2.91 -12.34
CA GLY A 428 -14.25 3.89 -12.54
C GLY A 428 -13.77 5.14 -13.27
N ASN A 429 -12.57 5.04 -13.83
CA ASN A 429 -11.97 6.16 -14.57
C ASN A 429 -11.91 7.43 -13.75
N SER A 430 -11.62 7.28 -12.46
CA SER A 430 -11.53 8.43 -11.55
C SER A 430 -10.18 9.12 -11.68
N ASN A 431 -9.32 8.57 -12.54
CA ASN A 431 -7.99 9.13 -12.78
C ASN A 431 -7.16 9.25 -11.50
N ASN A 432 -7.31 8.27 -10.61
CA ASN A 432 -6.52 8.23 -9.38
C ASN A 432 -5.32 7.30 -9.54
N TYR A 433 -4.13 7.89 -9.64
CA TYR A 433 -2.92 7.10 -9.85
C TYR A 433 -1.95 7.22 -8.67
N LEU A 434 -0.79 6.59 -8.80
CA LEU A 434 0.22 6.61 -7.76
C LEU A 434 1.57 6.20 -8.33
N HIS A 435 2.56 7.08 -8.22
CA HIS A 435 3.90 6.79 -8.73
C HIS A 435 4.91 6.71 -7.60
N LEU A 436 5.91 5.85 -7.76
CA LEU A 436 6.94 5.67 -6.75
C LEU A 436 8.33 5.91 -7.32
N SER A 437 8.76 7.17 -7.31
CA SER A 437 10.07 7.54 -7.82
C SER A 437 11.15 7.32 -6.78
N VAL A 438 12.25 6.70 -7.18
CA VAL A 438 13.36 6.42 -6.28
C VAL A 438 14.69 6.83 -6.89
N LEU A 439 15.46 7.62 -6.15
CA LEU A 439 16.77 8.07 -6.62
C LEU A 439 17.65 6.88 -6.96
N ARG A 440 17.87 6.67 -8.25
CA ARG A 440 18.66 5.52 -8.70
C ARG A 440 20.14 5.65 -8.36
N THR A 441 20.56 4.96 -7.32
CA THR A 441 21.96 4.91 -6.92
C THR A 441 22.29 3.50 -6.44
N GLU A 442 23.54 3.09 -6.63
CA GLU A 442 23.98 1.77 -6.20
C GLU A 442 23.83 1.60 -4.69
N LEU A 443 22.72 1.03 -4.28
CA LEU A 443 22.42 0.85 -2.85
C LEU A 443 23.37 -0.14 -2.20
N ARG A 444 23.75 0.15 -0.96
CA ARG A 444 24.65 -0.71 -0.21
C ARG A 444 24.12 -0.95 1.20
N PRO A 445 24.16 -2.20 1.67
CA PRO A 445 23.68 -2.57 3.01
C PRO A 445 24.29 -1.70 4.10
N GLY A 446 23.45 -0.92 4.77
CA GLY A 446 23.91 -0.04 5.83
C GLY A 446 23.58 1.42 5.56
N GLU A 447 23.27 1.72 4.30
CA GLU A 447 22.92 3.07 3.90
C GLU A 447 21.45 3.35 4.11
N THR A 448 20.95 4.40 3.47
CA THR A 448 19.54 4.78 3.57
C THR A 448 18.97 5.13 2.19
N LEU A 449 17.70 4.81 1.98
CA LEU A 449 17.04 5.07 0.71
C LEU A 449 15.82 5.97 0.88
N ASN A 450 15.61 6.85 -0.09
CA ASN A 450 14.46 7.75 -0.07
C ASN A 450 13.39 7.35 -1.08
N VAL A 451 12.28 6.82 -0.57
CA VAL A 451 11.17 6.42 -1.43
C VAL A 451 10.12 7.52 -1.52
N ASN A 452 9.83 7.96 -2.73
CA ASN A 452 8.87 9.03 -2.95
C ASN A 452 7.47 8.51 -3.27
N PHE A 453 6.45 9.20 -2.77
CA PHE A 453 5.07 8.83 -3.02
C PHE A 453 4.31 9.95 -3.71
N LEU A 454 4.27 9.92 -5.03
CA LEU A 454 3.59 10.94 -5.80
C LEU A 454 2.13 10.56 -6.06
N LEU A 455 1.22 11.44 -5.65
CA LEU A 455 -0.21 11.17 -5.78
C LEU A 455 -0.85 12.04 -6.86
N ARG A 456 -1.90 11.52 -7.51
CA ARG A 456 -2.60 12.25 -8.55
C ARG A 456 -4.11 12.04 -8.46
N MET A 457 -4.82 13.08 -8.05
CA MET A 457 -6.27 13.03 -7.95
C MET A 457 -6.85 14.40 -7.64
N ASP A 458 -8.13 14.58 -7.93
CA ASP A 458 -8.82 15.83 -7.63
C ASP A 458 -8.93 16.04 -6.12
N ARG A 459 -9.23 17.26 -5.72
CA ARG A 459 -9.36 17.58 -4.30
C ARG A 459 -10.72 17.19 -3.75
N ALA A 460 -11.51 16.51 -4.57
CA ALA A 460 -12.84 16.07 -4.16
C ALA A 460 -12.74 14.97 -3.11
N HIS A 461 -11.62 14.26 -3.10
CA HIS A 461 -11.41 13.16 -2.16
C HIS A 461 -9.94 12.99 -1.80
N GLU A 462 -9.17 14.06 -1.94
CA GLU A 462 -7.74 14.00 -1.65
C GLU A 462 -7.48 14.10 -0.15
N ALA A 463 -8.46 14.62 0.58
CA ALA A 463 -8.34 14.80 2.02
C ALA A 463 -8.55 13.48 2.77
N LYS A 464 -9.17 12.52 2.10
CA LYS A 464 -9.43 11.21 2.69
C LYS A 464 -8.17 10.35 2.73
N ILE A 465 -7.22 10.68 1.87
CA ILE A 465 -5.94 9.97 1.83
C ILE A 465 -5.04 10.46 2.96
N ARG A 466 -4.98 9.68 4.05
CA ARG A 466 -4.23 10.08 5.23
C ARG A 466 -3.01 9.20 5.47
N TYR A 467 -2.86 8.15 4.66
CA TYR A 467 -1.75 7.22 4.82
C TYR A 467 -1.62 6.25 3.65
N TYR A 468 -0.40 5.78 3.42
CA TYR A 468 -0.13 4.77 2.40
C TYR A 468 0.27 3.46 3.07
N THR A 469 0.31 2.39 2.27
CA THR A 469 0.69 1.08 2.78
C THR A 469 1.78 0.44 1.92
N TYR A 470 3.01 0.51 2.40
CA TYR A 470 4.15 -0.03 1.67
C TYR A 470 4.54 -1.41 2.19
N LEU A 471 4.91 -2.31 1.28
CA LEU A 471 5.36 -3.65 1.64
C LEU A 471 6.69 -3.96 0.98
N ILE A 472 7.55 -4.69 1.70
CA ILE A 472 8.86 -5.04 1.18
C ILE A 472 8.93 -6.49 0.74
N MET A 473 9.09 -6.70 -0.57
CA MET A 473 9.25 -8.04 -1.12
C MET A 473 10.72 -8.39 -1.22
N ASN A 474 11.10 -9.53 -0.63
CA ASN A 474 12.49 -9.95 -0.61
C ASN A 474 12.65 -11.46 -0.71
N LYS A 475 13.23 -11.92 -1.82
CA LYS A 475 13.44 -13.34 -2.05
C LYS A 475 12.17 -14.15 -1.91
N GLY A 476 11.05 -13.58 -2.33
CA GLY A 476 9.77 -14.26 -2.32
C GLY A 476 9.11 -14.33 -0.95
N ARG A 477 9.16 -13.22 -0.21
CA ARG A 477 8.52 -13.15 1.09
C ARG A 477 8.30 -11.70 1.50
N LEU A 478 7.64 -11.50 2.64
CA LEU A 478 7.40 -10.17 3.16
C LEU A 478 8.41 -9.80 4.24
N LEU A 479 9.35 -8.92 3.89
CA LEU A 479 10.40 -8.51 4.83
C LEU A 479 9.86 -7.53 5.87
N LYS A 480 9.12 -6.53 5.42
CA LYS A 480 8.56 -5.53 6.31
C LYS A 480 7.36 -4.83 5.68
N ALA A 481 6.42 -4.41 6.52
CA ALA A 481 5.23 -3.69 6.06
C ALA A 481 4.79 -2.65 7.09
N GLY A 482 4.60 -1.42 6.62
CA GLY A 482 4.19 -0.34 7.50
C GLY A 482 3.28 0.68 6.83
N ARG A 483 3.19 1.85 7.42
CA ARG A 483 2.34 2.92 6.88
C ARG A 483 3.15 4.17 6.57
N GLN A 484 2.54 5.09 5.81
CA GLN A 484 3.17 6.35 5.48
C GLN A 484 2.18 7.50 5.64
N VAL A 485 2.23 8.17 6.80
CA VAL A 485 1.31 9.25 7.11
C VAL A 485 1.30 10.33 6.03
N ARG A 486 0.16 10.99 5.88
CA ARG A 486 0.01 12.03 4.88
C ARG A 486 -1.14 12.98 5.25
N GLU A 487 -0.82 14.27 5.31
CA GLU A 487 -1.84 15.29 5.58
C GLU A 487 -2.33 15.93 4.29
N PRO A 488 -3.63 16.23 4.21
CA PRO A 488 -4.24 16.83 3.02
C PRO A 488 -3.45 18.05 2.53
N GLY A 489 -2.97 17.98 1.30
CA GLY A 489 -2.20 19.06 0.72
C GLY A 489 -0.80 18.62 0.29
N GLN A 490 -0.37 17.48 0.81
CA GLN A 490 0.95 16.94 0.48
C GLN A 490 0.89 16.07 -0.76
N ASP A 491 1.45 16.56 -1.86
CA ASP A 491 1.45 15.82 -3.12
C ASP A 491 2.62 14.85 -3.20
N LEU A 492 3.63 15.08 -2.37
CA LEU A 492 4.82 14.23 -2.38
C LEU A 492 5.41 14.08 -0.98
N VAL A 493 5.52 12.85 -0.52
CA VAL A 493 6.12 12.55 0.78
C VAL A 493 7.34 11.66 0.63
N VAL A 494 8.16 11.59 1.67
CA VAL A 494 9.38 10.80 1.63
C VAL A 494 9.40 9.73 2.73
N LEU A 495 9.86 8.54 2.37
CA LEU A 495 9.92 7.43 3.32
C LEU A 495 11.36 7.04 3.64
N PRO A 496 11.80 7.35 4.87
CA PRO A 496 13.15 7.01 5.35
C PRO A 496 13.34 5.50 5.47
N LEU A 497 13.72 4.85 4.36
CA LEU A 497 13.91 3.40 4.37
C LEU A 497 15.35 3.05 4.70
N SER A 498 15.52 2.12 5.64
CA SER A 498 16.85 1.69 6.07
C SER A 498 17.23 0.37 5.41
N ILE A 499 18.16 0.44 4.46
CA ILE A 499 18.64 -0.75 3.76
C ILE A 499 19.59 -1.56 4.63
N THR A 500 19.25 -2.83 4.86
CA THR A 500 20.07 -3.71 5.67
C THR A 500 20.78 -4.76 4.81
N THR A 501 21.05 -5.90 5.41
CA THR A 501 21.72 -6.99 4.70
C THR A 501 20.73 -8.02 4.19
N ASP A 502 19.45 -7.79 4.49
CA ASP A 502 18.39 -8.71 4.08
C ASP A 502 17.94 -8.45 2.65
N PHE A 503 17.81 -7.17 2.30
CA PHE A 503 17.34 -6.76 0.98
C PHE A 503 18.12 -7.45 -0.15
N ILE A 504 19.36 -7.84 0.14
CA ILE A 504 20.19 -8.54 -0.84
C ILE A 504 19.51 -9.81 -1.32
N PRO A 505 19.48 -10.03 -2.65
CA PRO A 505 20.04 -9.14 -3.67
C PRO A 505 19.12 -7.94 -3.93
N SER A 506 17.94 -8.20 -4.47
CA SER A 506 17.00 -7.15 -4.81
C SER A 506 15.75 -7.20 -3.94
N PHE A 507 14.93 -6.16 -4.03
CA PHE A 507 13.70 -6.09 -3.27
C PHE A 507 12.66 -5.23 -3.99
N ARG A 508 11.39 -5.57 -3.83
CA ARG A 508 10.31 -4.81 -4.44
C ARG A 508 9.54 -4.01 -3.40
N LEU A 509 8.96 -2.89 -3.82
CA LEU A 509 8.20 -2.03 -2.92
C LEU A 509 6.82 -1.73 -3.51
N VAL A 510 5.78 -2.18 -2.82
CA VAL A 510 4.41 -1.96 -3.26
C VAL A 510 3.66 -1.07 -2.28
N ALA A 511 3.13 0.05 -2.78
CA ALA A 511 2.39 0.99 -1.96
C ALA A 511 1.01 1.26 -2.54
N TYR A 512 -0.01 1.20 -1.70
CA TYR A 512 -1.38 1.44 -2.15
C TYR A 512 -2.17 2.27 -1.15
N TYR A 513 -3.24 2.89 -1.62
CA TYR A 513 -4.12 3.69 -0.78
C TYR A 513 -5.58 3.41 -1.11
N THR A 514 -6.43 3.45 -0.09
CA THR A 514 -7.86 3.19 -0.29
C THR A 514 -8.71 4.35 0.19
N LEU A 515 -9.83 4.58 -0.48
CA LEU A 515 -10.73 5.66 -0.13
C LEU A 515 -12.12 5.44 -0.73
N ILE A 516 -13.05 6.35 -0.43
CA ILE A 516 -14.40 6.25 -0.96
C ILE A 516 -14.68 7.38 -1.93
N GLY A 517 -14.46 7.12 -3.21
CA GLY A 517 -14.68 8.12 -4.25
C GLY A 517 -15.95 7.87 -5.03
N ALA A 518 -16.14 8.67 -6.09
CA ALA A 518 -17.31 8.54 -6.94
C ALA A 518 -18.60 8.65 -6.13
N SER A 519 -19.30 7.53 -5.98
CA SER A 519 -20.55 7.49 -5.23
C SER A 519 -20.61 6.25 -4.34
N GLY A 520 -19.95 6.33 -3.18
CA GLY A 520 -19.92 5.22 -2.25
C GLY A 520 -19.17 4.03 -2.80
N GLN A 521 -18.35 4.27 -3.83
CA GLN A 521 -17.58 3.20 -4.47
C GLN A 521 -16.20 3.09 -3.85
N ARG A 522 -15.84 1.87 -3.44
CA ARG A 522 -14.52 1.61 -2.86
C ARG A 522 -13.47 1.41 -3.95
N GLU A 523 -12.50 2.31 -3.99
CA GLU A 523 -11.44 2.24 -5.00
C GLU A 523 -10.09 1.88 -4.39
N VAL A 524 -9.31 1.10 -5.13
CA VAL A 524 -7.98 0.70 -4.69
C VAL A 524 -6.94 1.04 -5.76
N VAL A 525 -5.92 1.78 -5.39
CA VAL A 525 -4.86 2.16 -6.31
C VAL A 525 -3.49 1.85 -5.72
N ALA A 526 -2.69 1.08 -6.47
CA ALA A 526 -1.38 0.65 -6.00
C ALA A 526 -0.27 0.97 -7.00
N ASP A 527 0.95 0.61 -6.64
CA ASP A 527 2.12 0.82 -7.49
C ASP A 527 3.32 0.06 -6.95
N SER A 528 4.10 -0.53 -7.85
CA SER A 528 5.28 -1.31 -7.44
C SER A 528 6.55 -0.79 -8.12
N VAL A 529 7.69 -1.11 -7.53
CA VAL A 529 8.98 -0.71 -8.08
C VAL A 529 10.09 -1.67 -7.66
N TRP A 530 10.84 -2.14 -8.65
CA TRP A 530 11.93 -3.09 -8.39
C TRP A 530 13.27 -2.37 -8.25
N VAL A 531 13.95 -2.62 -7.13
CA VAL A 531 15.24 -1.99 -6.88
C VAL A 531 16.30 -3.03 -6.54
N ASP A 532 17.46 -2.92 -7.17
CA ASP A 532 18.55 -3.87 -6.95
C ASP A 532 19.58 -3.31 -5.97
N VAL A 533 20.09 -4.18 -5.11
CA VAL A 533 21.11 -3.80 -4.14
C VAL A 533 22.43 -4.49 -4.46
N LYS A 534 23.54 -3.87 -4.06
CA LYS A 534 24.87 -4.43 -4.30
C LYS A 534 24.94 -5.88 -3.83
N ASP A 535 24.93 -6.80 -4.79
CA ASP A 535 24.98 -8.23 -4.48
C ASP A 535 26.29 -8.60 -3.80
N SER A 536 26.20 -9.05 -2.55
CA SER A 536 27.37 -9.43 -1.79
C SER A 536 27.02 -10.47 -0.73
N CYS A 537 28.03 -10.94 -0.01
CA CYS A 537 27.83 -11.93 1.04
C CYS A 537 26.95 -11.38 2.15
N VAL A 538 26.09 -12.24 2.70
CA VAL A 538 25.21 -11.85 3.80
C VAL A 538 26.04 -11.33 4.97
N GLY A 539 27.10 -12.06 5.30
CA GLY A 539 28.01 -11.65 6.36
C GLY A 539 29.35 -11.24 5.78
N SER A 540 30.35 -12.11 5.95
CA SER A 540 31.69 -11.85 5.45
C SER A 540 32.59 -13.08 5.58
N LEU A 541 33.55 -13.20 4.68
CA LEU A 541 34.50 -14.32 4.72
C LEU A 541 35.72 -14.02 3.87
N VAL A 542 36.85 -13.74 4.53
CA VAL A 542 38.09 -13.44 3.85
C VAL A 542 39.19 -14.40 4.28
N VAL A 543 40.01 -14.82 3.32
CA VAL A 543 41.12 -15.72 3.61
C VAL A 543 42.42 -15.16 3.05
N LYS A 544 43.25 -14.60 3.93
CA LYS A 544 44.53 -14.04 3.52
C LYS A 544 45.70 -14.83 4.10
N SER A 545 46.92 -14.37 3.83
CA SER A 545 48.11 -15.04 4.33
C SER A 545 48.42 -14.62 5.76
N GLY A 546 48.89 -15.57 6.56
CA GLY A 546 49.24 -15.31 7.94
C GLY A 546 50.67 -14.87 8.10
N GLN A 547 51.48 -15.10 7.08
CA GLN A 547 52.89 -14.71 7.09
C GLN A 547 53.03 -13.20 7.00
N SER A 548 54.18 -12.69 7.41
CA SER A 548 54.46 -11.27 7.35
C SER A 548 54.99 -10.86 5.98
N GLU A 549 54.20 -11.14 4.95
CA GLU A 549 54.58 -10.85 3.57
C GLU A 549 55.81 -11.63 3.15
N ASP A 550 56.99 -11.08 3.44
CA ASP A 550 58.25 -11.74 3.12
C ASP A 550 58.35 -12.10 1.65
N ARG A 551 58.80 -13.32 1.36
CA ARG A 551 58.95 -13.79 -0.01
C ARG A 551 57.96 -14.90 -0.31
N GLN A 552 58.22 -15.65 -1.37
CA GLN A 552 57.35 -16.75 -1.77
C GLN A 552 57.75 -18.04 -1.04
N PRO A 553 56.75 -18.83 -0.63
CA PRO A 553 56.96 -20.09 0.10
C PRO A 553 57.81 -21.09 -0.70
N VAL A 554 58.29 -22.11 -0.01
CA VAL A 554 59.12 -23.14 -0.64
C VAL A 554 58.42 -24.50 -0.55
N PRO A 555 58.44 -25.27 -1.64
CA PRO A 555 57.81 -26.58 -1.69
C PRO A 555 58.15 -27.43 -0.46
N GLY A 556 57.19 -27.58 0.43
CA GLY A 556 57.40 -28.34 1.66
C GLY A 556 57.64 -27.45 2.85
N GLN A 557 56.90 -26.35 2.92
CA GLN A 557 57.05 -25.38 4.00
C GLN A 557 55.72 -25.10 4.69
N GLN A 558 55.78 -24.79 5.98
CA GLN A 558 54.58 -24.46 6.74
C GLN A 558 54.22 -22.99 6.55
N MET A 559 52.92 -22.71 6.47
CA MET A 559 52.45 -21.33 6.33
C MET A 559 51.16 -21.11 7.10
N THR A 560 51.04 -19.97 7.76
CA THR A 560 49.85 -19.62 8.51
C THR A 560 48.72 -19.18 7.58
N LEU A 561 47.55 -19.78 7.74
CA LEU A 561 46.40 -19.46 6.90
C LEU A 561 45.32 -18.75 7.71
N LYS A 562 45.31 -17.42 7.63
CA LYS A 562 44.34 -16.62 8.37
C LYS A 562 42.96 -16.71 7.75
N ILE A 563 41.94 -16.89 8.59
CA ILE A 563 40.56 -16.98 8.13
C ILE A 563 39.64 -16.04 8.91
N GLU A 564 39.20 -14.98 8.24
CA GLU A 564 38.30 -14.01 8.86
C GLU A 564 36.86 -14.27 8.42
N GLY A 565 36.16 -15.11 9.16
CA GLY A 565 34.78 -15.44 8.84
C GLY A 565 33.82 -15.08 9.95
N ASP A 566 32.57 -15.52 9.80
CA ASP A 566 31.53 -15.24 10.79
C ASP A 566 31.61 -16.20 11.97
N HIS A 567 31.15 -15.76 13.13
CA HIS A 567 31.18 -16.58 14.33
C HIS A 567 30.14 -17.70 14.26
N GLY A 568 30.48 -18.85 14.85
CA GLY A 568 29.60 -19.99 14.86
C GLY A 568 29.36 -20.56 13.47
N ALA A 569 30.20 -20.15 12.53
CA ALA A 569 30.08 -20.60 11.15
C ALA A 569 31.09 -21.68 10.82
N ARG A 570 30.64 -22.71 10.10
CA ARG A 570 31.52 -23.79 9.68
C ARG A 570 32.13 -23.51 8.31
N VAL A 571 33.46 -23.47 8.25
CA VAL A 571 34.16 -23.18 7.00
C VAL A 571 34.78 -24.45 6.41
N VAL A 572 34.44 -24.72 5.16
CA VAL A 572 35.00 -25.86 4.44
C VAL A 572 36.01 -25.39 3.40
N LEU A 573 37.22 -25.93 3.46
CA LEU A 573 38.31 -25.49 2.59
C LEU A 573 38.54 -26.45 1.43
N VAL A 574 39.35 -26.01 0.46
CA VAL A 574 39.71 -26.82 -0.69
C VAL A 574 40.76 -26.12 -1.55
N ALA A 575 41.96 -26.70 -1.58
CA ALA A 575 43.06 -26.14 -2.36
C ALA A 575 43.18 -26.86 -3.71
N VAL A 576 43.26 -26.08 -4.78
CA VAL A 576 43.34 -26.64 -6.12
C VAL A 576 44.42 -25.96 -6.96
N ASP A 577 45.22 -26.76 -7.66
CA ASP A 577 46.26 -26.23 -8.53
C ASP A 577 45.63 -25.49 -9.70
N LYS A 578 46.13 -24.28 -9.97
CA LYS A 578 45.60 -23.45 -11.04
C LYS A 578 45.73 -24.13 -12.41
N GLY A 579 46.63 -25.10 -12.49
CA GLY A 579 46.83 -25.85 -13.71
C GLY A 579 45.57 -26.62 -14.10
N VAL A 580 44.70 -26.86 -13.12
CA VAL A 580 43.46 -27.57 -13.36
C VAL A 580 42.47 -26.70 -14.12
N PHE A 581 42.48 -25.40 -13.83
CA PHE A 581 41.57 -24.45 -14.47
C PHE A 581 42.03 -24.12 -15.89
N VAL A 582 43.17 -24.65 -16.29
CA VAL A 582 43.70 -24.42 -17.63
C VAL A 582 42.94 -25.24 -18.66
N LEU A 583 42.57 -26.47 -18.28
CA LEU A 583 41.84 -27.35 -19.17
C LEU A 583 40.34 -27.19 -19.01
N ASN A 584 39.92 -26.68 -17.85
CA ASN A 584 38.50 -26.47 -17.58
C ASN A 584 38.28 -25.52 -16.40
N LYS A 585 37.60 -24.41 -16.67
CA LYS A 585 37.31 -23.43 -15.62
C LYS A 585 35.82 -23.16 -15.52
N LYS A 586 35.02 -24.17 -15.87
CA LYS A 586 33.57 -24.04 -15.84
C LYS A 586 32.99 -24.67 -14.57
N ASN A 587 31.71 -24.43 -14.32
CA ASN A 587 31.02 -24.98 -13.17
C ASN A 587 31.71 -24.64 -11.85
N LYS A 588 32.25 -23.43 -11.77
CA LYS A 588 32.92 -22.97 -10.56
C LYS A 588 31.93 -22.28 -9.61
N LEU A 589 31.86 -22.77 -8.38
CA LEU A 589 30.96 -22.21 -7.38
C LEU A 589 31.35 -20.78 -7.03
N THR A 590 30.47 -19.83 -7.36
CA THR A 590 30.73 -18.42 -7.09
C THR A 590 29.53 -17.78 -6.41
N GLN A 591 29.79 -16.80 -5.54
CA GLN A 591 28.73 -16.09 -4.84
C GLN A 591 27.79 -15.43 -5.84
N SER A 592 28.33 -15.07 -7.00
CA SER A 592 27.54 -14.45 -8.04
C SER A 592 26.50 -15.42 -8.58
N LYS A 593 26.87 -16.69 -8.68
CA LYS A 593 25.96 -17.71 -9.18
C LYS A 593 24.90 -18.08 -8.13
N ILE A 594 25.25 -17.90 -6.86
CA ILE A 594 24.33 -18.20 -5.78
C ILE A 594 23.13 -17.26 -5.80
N TRP A 595 23.41 -15.96 -5.84
CA TRP A 595 22.35 -14.96 -5.91
C TRP A 595 21.64 -15.02 -7.26
N ASP A 596 22.34 -15.53 -8.26
CA ASP A 596 21.78 -15.66 -9.61
C ASP A 596 20.59 -16.63 -9.59
N VAL A 597 20.73 -17.72 -8.85
CA VAL A 597 19.67 -18.71 -8.73
C VAL A 597 18.52 -18.18 -7.89
N VAL A 598 18.85 -17.45 -6.82
CA VAL A 598 17.85 -16.89 -5.93
C VAL A 598 17.02 -15.82 -6.63
N GLU A 599 17.70 -14.99 -7.43
CA GLU A 599 17.03 -13.89 -8.13
C GLU A 599 16.10 -14.43 -9.22
N LYS A 600 16.56 -15.45 -9.93
CA LYS A 600 15.75 -16.07 -10.99
C LYS A 600 14.74 -17.04 -10.40
N ALA A 601 14.22 -16.71 -9.23
CA ALA A 601 13.23 -17.55 -8.56
C ALA A 601 12.16 -16.71 -7.86
N ASP A 602 12.24 -15.40 -8.04
CA ASP A 602 11.27 -14.49 -7.43
C ASP A 602 9.87 -14.75 -7.98
N ILE A 603 8.87 -14.57 -7.12
CA ILE A 603 7.48 -14.77 -7.51
C ILE A 603 6.97 -13.61 -8.36
N GLY A 604 7.83 -12.62 -8.59
CA GLY A 604 7.48 -11.48 -9.39
C GLY A 604 8.07 -11.55 -10.79
N CYS A 605 7.42 -10.91 -11.75
CA CYS A 605 7.88 -10.91 -13.14
C CYS A 605 8.06 -9.49 -13.66
N THR A 606 6.99 -8.71 -13.60
CA THR A 606 7.01 -7.34 -14.09
C THR A 606 7.94 -6.46 -13.23
N PRO A 607 8.84 -5.71 -13.90
CA PRO A 607 9.77 -4.81 -13.22
C PRO A 607 9.06 -3.78 -12.35
N GLY A 608 7.78 -3.55 -12.62
CA GLY A 608 7.00 -2.59 -11.85
C GLY A 608 5.69 -2.22 -12.51
N SER A 609 4.69 -1.90 -11.70
CA SER A 609 3.39 -1.48 -12.18
C SER A 609 2.66 -2.59 -12.94
N GLY A 610 1.37 -2.37 -13.20
CA GLY A 610 0.58 -3.33 -13.94
C GLY A 610 -0.52 -2.66 -14.74
N LYS A 611 -1.43 -3.45 -15.30
CA LYS A 611 -2.53 -2.91 -16.08
C LYS A 611 -3.60 -2.30 -15.19
N ASP A 612 -3.63 -2.76 -13.93
CA ASP A 612 -4.59 -2.25 -12.96
C ASP A 612 -4.11 -2.50 -11.53
N TYR A 613 -4.96 -2.22 -10.56
CA TYR A 613 -4.60 -2.37 -9.15
C TYR A 613 -4.36 -3.85 -8.80
N ALA A 614 -5.22 -4.72 -9.32
CA ALA A 614 -5.10 -6.15 -9.05
C ALA A 614 -3.92 -6.74 -9.82
N GLY A 615 -3.40 -5.99 -10.76
CA GLY A 615 -2.27 -6.44 -11.56
C GLY A 615 -0.93 -6.08 -10.94
N VAL A 616 -0.90 -4.96 -10.22
CA VAL A 616 0.32 -4.51 -9.56
C VAL A 616 0.77 -5.50 -8.50
N PHE A 617 -0.19 -6.04 -7.74
CA PHE A 617 0.11 -7.02 -6.71
C PHE A 617 0.58 -8.34 -7.31
N SER A 618 -0.15 -8.83 -8.30
CA SER A 618 0.18 -10.09 -8.95
C SER A 618 1.53 -10.04 -9.66
N ASP A 619 1.86 -8.89 -10.22
CA ASP A 619 3.12 -8.72 -10.93
C ASP A 619 4.28 -8.50 -9.97
N ALA A 620 3.97 -8.20 -8.71
CA ALA A 620 4.98 -7.97 -7.71
C ALA A 620 5.18 -9.20 -6.82
N GLY A 621 4.10 -9.95 -6.61
CA GLY A 621 4.16 -11.16 -5.81
C GLY A 621 3.30 -11.08 -4.56
N LEU A 622 2.11 -10.52 -4.69
CA LEU A 622 1.18 -10.41 -3.56
C LEU A 622 -0.26 -10.59 -4.00
N THR A 623 -1.10 -11.07 -3.10
CA THR A 623 -2.51 -11.28 -3.39
C THR A 623 -3.39 -10.46 -2.45
N PHE A 624 -3.91 -9.35 -2.96
CA PHE A 624 -4.78 -8.47 -2.19
C PHE A 624 -6.24 -8.87 -2.36
N THR A 625 -6.89 -9.17 -1.24
CA THR A 625 -8.30 -9.58 -1.26
C THR A 625 -9.07 -8.98 -0.09
N SER A 626 -10.09 -8.18 -0.40
CA SER A 626 -10.87 -7.52 0.63
C SER A 626 -12.28 -8.11 0.76
N SER A 627 -13.05 -7.58 1.71
CA SER A 627 -14.42 -8.04 1.93
C SER A 627 -15.39 -7.26 1.04
N SER A 628 -14.90 -6.19 0.43
CA SER A 628 -15.73 -5.37 -0.45
C SER A 628 -15.91 -6.05 -1.81
N GLY A 629 -14.90 -6.79 -2.23
CA GLY A 629 -14.97 -7.53 -3.48
C GLY A 629 -13.73 -7.41 -4.34
N GLN A 630 -12.82 -6.53 -3.96
CA GLN A 630 -11.59 -6.31 -4.74
C GLN A 630 -10.52 -7.35 -4.40
N GLN A 631 -10.38 -8.35 -5.27
CA GLN A 631 -9.35 -9.36 -5.11
C GLN A 631 -8.42 -9.40 -6.31
N THR A 632 -7.19 -9.85 -6.10
CA THR A 632 -6.21 -9.91 -7.18
C THR A 632 -6.46 -11.11 -8.09
N ALA A 633 -5.74 -11.14 -9.21
CA ALA A 633 -5.90 -12.20 -10.19
C ALA A 633 -5.42 -13.55 -9.66
N GLN A 634 -6.01 -14.62 -10.17
CA GLN A 634 -5.63 -15.98 -9.80
C GLN A 634 -4.31 -16.37 -10.44
N ARG A 635 -3.46 -17.06 -9.69
CA ARG A 635 -2.19 -17.55 -10.21
C ARG A 635 -2.12 -19.06 -10.18
N ALA A 636 -2.05 -19.68 -11.37
CA ALA A 636 -2.01 -21.13 -11.46
C ALA A 636 -0.60 -21.63 -11.74
N GLU A 637 0.06 -21.05 -12.72
CA GLU A 637 1.40 -21.46 -13.10
C GLU A 637 2.43 -21.09 -12.04
N LEU A 638 3.35 -22.01 -11.75
CA LEU A 638 4.39 -21.78 -10.76
C LEU A 638 5.35 -20.70 -11.24
N GLN A 639 5.97 -20.93 -12.40
CA GLN A 639 6.91 -19.97 -12.96
C GLN A 639 6.18 -18.78 -13.58
N CYS A 640 6.95 -17.80 -14.05
CA CYS A 640 6.38 -16.62 -14.67
C CYS A 640 5.99 -16.90 -16.13
N PRO A 641 4.96 -16.22 -16.62
CA PRO A 641 4.47 -16.38 -18.00
C PRO A 641 5.59 -16.20 -19.02
N GLN A 642 5.39 -16.73 -20.22
CA GLN A 642 6.38 -16.64 -21.28
C GLN A 642 7.70 -17.28 -20.86
N ASP B 4 88.90 -33.99 -6.97
CA ASP B 4 88.11 -33.37 -8.04
C ASP B 4 86.65 -33.78 -7.96
N GLU B 5 85.98 -33.34 -6.90
CA GLU B 5 84.57 -33.66 -6.70
C GLU B 5 83.98 -32.80 -5.59
N ASP B 6 82.66 -32.59 -5.64
CA ASP B 6 81.99 -31.78 -4.63
C ASP B 6 80.50 -32.12 -4.57
N ILE B 7 79.65 -31.10 -4.73
CA ILE B 7 78.21 -31.25 -4.69
C ILE B 7 77.71 -32.10 -3.53
N ILE B 8 76.45 -32.51 -3.60
CA ILE B 8 75.85 -33.38 -2.60
C ILE B 8 75.68 -34.79 -3.16
N ALA B 9 75.95 -35.79 -2.32
CA ALA B 9 75.81 -37.19 -2.73
C ALA B 9 74.40 -37.45 -3.26
N GLU B 10 74.32 -38.18 -4.37
CA GLU B 10 73.04 -38.50 -4.98
C GLU B 10 72.22 -39.44 -4.10
N GLU B 11 72.81 -39.82 -2.96
CA GLU B 11 72.14 -40.69 -2.01
C GLU B 11 71.41 -39.89 -0.94
N ASN B 12 71.92 -38.70 -0.66
CA ASN B 12 71.31 -37.82 0.34
C ASN B 12 70.48 -36.70 -0.29
N ILE B 13 69.60 -37.08 -1.21
CA ILE B 13 68.74 -36.12 -1.88
C ILE B 13 67.28 -36.58 -1.86
N VAL B 14 66.52 -36.07 -0.90
CA VAL B 14 65.11 -36.44 -0.78
C VAL B 14 64.28 -35.83 -1.90
N SER B 15 64.01 -36.63 -2.93
CA SER B 15 63.24 -36.17 -4.08
C SER B 15 61.78 -35.96 -3.70
N ARG B 16 61.14 -34.98 -4.35
CA ARG B 16 59.73 -34.70 -4.13
C ARG B 16 58.88 -35.81 -4.72
N SER B 17 57.61 -35.86 -4.31
CA SER B 17 56.71 -36.91 -4.77
C SER B 17 55.24 -36.50 -4.70
N GLU B 18 54.91 -35.72 -3.68
CA GLU B 18 53.53 -35.29 -3.47
C GLU B 18 53.15 -34.17 -4.44
N PHE B 19 52.48 -34.52 -5.52
CA PHE B 19 52.01 -33.54 -6.49
C PHE B 19 50.51 -33.67 -6.76
N PRO B 20 49.68 -33.52 -5.72
CA PRO B 20 48.24 -33.67 -5.86
C PRO B 20 47.64 -32.56 -6.72
N GLU B 21 46.52 -32.84 -7.38
CA GLU B 21 45.82 -31.83 -8.16
C GLU B 21 44.87 -31.06 -7.26
N SER B 22 44.58 -31.63 -6.10
CA SER B 22 43.69 -30.99 -5.12
C SER B 22 43.90 -31.57 -3.72
N TRP B 23 43.84 -30.71 -2.72
CA TRP B 23 44.01 -31.14 -1.33
C TRP B 23 43.35 -30.17 -0.37
N LEU B 24 43.72 -30.26 0.90
CA LEU B 24 43.13 -29.41 1.93
C LEU B 24 41.60 -29.49 1.90
N TRP B 25 41.09 -30.71 1.94
CA TRP B 25 39.65 -30.94 1.92
C TRP B 25 39.16 -31.27 3.32
N ASN B 26 39.23 -30.30 4.21
CA ASN B 26 38.84 -30.50 5.60
C ASN B 26 37.77 -29.53 6.08
N VAL B 27 37.54 -29.50 7.39
CA VAL B 27 36.53 -28.63 7.98
C VAL B 27 37.05 -27.91 9.22
N GLU B 28 36.70 -26.64 9.36
CA GLU B 28 37.12 -25.85 10.51
C GLU B 28 35.95 -25.07 11.10
N ASP B 29 35.98 -24.87 12.42
CA ASP B 29 34.92 -24.14 13.10
C ASP B 29 35.48 -22.92 13.83
N LEU B 30 34.85 -21.77 13.62
CA LEU B 30 35.29 -20.53 14.24
C LEU B 30 34.65 -20.33 15.61
N LYS B 31 35.39 -20.67 16.66
CA LYS B 31 34.88 -20.53 18.02
C LYS B 31 35.73 -19.56 18.83
N GLU B 32 36.72 -18.96 18.19
CA GLU B 32 37.60 -18.01 18.85
C GLU B 32 36.82 -16.80 19.36
N PRO B 33 37.33 -16.14 20.41
CA PRO B 33 36.69 -14.95 20.98
C PRO B 33 36.40 -13.90 19.91
N PRO B 34 35.11 -13.72 19.58
CA PRO B 34 34.66 -12.80 18.53
C PRO B 34 34.92 -11.34 18.88
N LYS B 35 35.54 -10.61 17.96
CA LYS B 35 35.75 -9.18 18.13
C LYS B 35 35.19 -8.41 16.94
N ASN B 36 34.31 -7.45 17.21
CA ASN B 36 33.66 -6.68 16.16
C ASN B 36 32.81 -7.57 15.25
N GLY B 37 32.40 -8.72 15.78
CA GLY B 37 31.59 -9.66 15.03
C GLY B 37 32.37 -10.42 13.98
N ILE B 38 33.70 -10.45 14.14
CA ILE B 38 34.56 -11.14 13.21
C ILE B 38 35.51 -12.11 13.91
N SER B 39 35.30 -13.40 13.69
CA SER B 39 36.17 -14.43 14.28
C SER B 39 37.33 -14.75 13.35
N THR B 40 38.48 -15.07 13.94
CA THR B 40 39.68 -15.35 13.15
C THR B 40 40.33 -16.66 13.60
N LYS B 41 40.75 -17.47 12.63
CA LYS B 41 41.45 -18.72 12.91
C LYS B 41 42.78 -18.79 12.17
N LEU B 42 43.83 -19.15 12.89
CA LEU B 42 45.16 -19.28 12.31
C LEU B 42 45.52 -20.74 12.12
N MET B 43 45.46 -21.21 10.88
CA MET B 43 45.78 -22.60 10.55
C MET B 43 47.24 -22.75 10.14
N ASN B 44 47.80 -23.91 10.43
CA ASN B 44 49.18 -24.20 10.05
C ASN B 44 49.24 -25.41 9.12
N ILE B 45 49.12 -25.16 7.81
CA ILE B 45 49.09 -26.22 6.82
C ILE B 45 50.46 -26.50 6.23
N PHE B 46 50.61 -27.66 5.60
CA PHE B 46 51.87 -28.04 4.97
C PHE B 46 51.72 -28.08 3.46
N LEU B 47 52.34 -27.12 2.78
CA LEU B 47 52.29 -27.03 1.33
C LEU B 47 52.86 -28.28 0.68
N LYS B 48 52.29 -28.66 -0.46
CA LYS B 48 52.75 -29.84 -1.19
C LYS B 48 54.13 -29.60 -1.83
N ASP B 49 54.56 -30.54 -2.65
CA ASP B 49 55.88 -30.45 -3.28
C ASP B 49 55.79 -29.82 -4.66
N SER B 50 54.58 -29.57 -5.13
CA SER B 50 54.36 -29.00 -6.46
C SER B 50 54.76 -27.53 -6.52
N ILE B 51 55.49 -27.17 -7.57
CA ILE B 51 55.86 -25.78 -7.80
C ILE B 51 54.85 -25.10 -8.70
N THR B 52 53.90 -24.40 -8.08
CA THR B 52 52.83 -23.73 -8.81
C THR B 52 52.06 -22.82 -7.86
N THR B 53 50.88 -22.36 -8.29
CA THR B 53 50.06 -21.50 -7.46
C THR B 53 48.80 -22.23 -6.99
N TRP B 54 48.71 -22.46 -5.68
CA TRP B 54 47.55 -23.12 -5.10
C TRP B 54 46.41 -22.14 -4.88
N GLU B 55 45.26 -22.42 -5.48
CA GLU B 55 44.09 -21.56 -5.34
C GLU B 55 43.13 -22.11 -4.30
N ILE B 56 43.25 -21.61 -3.07
CA ILE B 56 42.42 -22.07 -1.96
C ILE B 56 41.03 -21.43 -2.00
N LEU B 57 40.00 -22.24 -1.84
CA LEU B 57 38.62 -21.75 -1.82
C LEU B 57 37.94 -22.09 -0.50
N ALA B 58 37.31 -21.09 0.11
CA ALA B 58 36.63 -21.28 1.39
C ALA B 58 35.13 -21.05 1.26
N VAL B 59 34.36 -21.79 2.06
CA VAL B 59 32.91 -21.66 2.07
C VAL B 59 32.37 -21.71 3.49
N SER B 60 31.79 -20.60 3.94
CA SER B 60 31.26 -20.52 5.30
C SER B 60 29.78 -20.91 5.35
N MET B 61 29.36 -21.46 6.48
CA MET B 61 27.98 -21.86 6.67
C MET B 61 27.49 -21.48 8.07
N SER B 62 27.05 -20.24 8.22
CA SER B 62 26.59 -19.73 9.50
C SER B 62 25.10 -19.97 9.70
N ASP B 63 24.72 -20.44 10.87
CA ASP B 63 23.33 -20.68 11.20
C ASP B 63 22.57 -19.36 11.33
N LYS B 64 23.30 -18.28 11.56
CA LYS B 64 22.71 -16.96 11.67
C LYS B 64 22.74 -16.21 10.35
N LYS B 65 23.96 -15.88 9.90
CA LYS B 65 24.16 -15.16 8.64
C LYS B 65 23.64 -15.97 7.46
N GLY B 66 24.33 -17.07 7.16
CA GLY B 66 23.94 -17.93 6.05
C GLY B 66 25.13 -18.47 5.28
N ILE B 67 24.92 -18.75 4.00
CA ILE B 67 25.97 -19.27 3.15
C ILE B 67 26.70 -18.17 2.40
N CYS B 68 28.01 -18.31 2.25
CA CYS B 68 28.82 -17.32 1.54
C CYS B 68 30.19 -17.89 1.19
N VAL B 69 30.50 -17.89 -0.11
CA VAL B 69 31.79 -18.39 -0.58
C VAL B 69 32.80 -17.27 -0.68
N ALA B 70 34.00 -17.50 -0.15
CA ALA B 70 35.04 -16.49 -0.13
C ALA B 70 35.74 -16.36 -1.48
N ASP B 71 36.51 -15.29 -1.64
CA ASP B 71 37.26 -15.06 -2.87
C ASP B 71 38.49 -15.94 -2.91
N PRO B 72 38.82 -16.47 -4.11
CA PRO B 72 39.98 -17.34 -4.29
C PRO B 72 41.28 -16.70 -3.81
N PHE B 73 41.97 -17.35 -2.89
CA PHE B 73 43.24 -16.86 -2.38
C PHE B 73 44.40 -17.67 -2.94
N GLU B 74 45.14 -17.06 -3.87
CA GLU B 74 46.24 -17.75 -4.54
C GLU B 74 47.51 -17.75 -3.70
N VAL B 75 48.28 -18.82 -3.82
CA VAL B 75 49.55 -18.95 -3.10
C VAL B 75 50.64 -19.47 -4.03
N THR B 76 51.54 -18.58 -4.44
CA THR B 76 52.62 -18.95 -5.34
C THR B 76 53.75 -19.68 -4.62
N VAL B 77 54.10 -20.86 -5.12
CA VAL B 77 55.18 -21.66 -4.53
C VAL B 77 56.25 -21.95 -5.58
N MET B 78 57.38 -21.26 -5.48
CA MET B 78 58.46 -21.41 -6.45
C MET B 78 59.80 -21.71 -5.78
N GLN B 79 60.76 -22.16 -6.57
CA GLN B 79 62.11 -22.43 -6.08
C GLN B 79 63.13 -21.98 -7.12
N ASP B 80 64.27 -21.48 -6.65
CA ASP B 80 65.32 -21.00 -7.53
C ASP B 80 65.72 -22.06 -8.56
N PHE B 81 66.12 -23.23 -8.07
CA PHE B 81 66.52 -24.33 -8.94
C PHE B 81 65.65 -25.55 -8.70
N PHE B 82 65.08 -26.09 -9.77
CA PHE B 82 64.20 -27.26 -9.66
C PHE B 82 64.13 -28.05 -10.95
N ILE B 83 63.60 -29.27 -10.87
CA ILE B 83 63.44 -30.13 -12.03
C ILE B 83 61.97 -30.30 -12.38
N ASP B 84 61.64 -30.16 -13.65
CA ASP B 84 60.27 -30.35 -14.11
C ASP B 84 60.14 -31.62 -14.95
N LEU B 85 59.92 -32.74 -14.27
CA LEU B 85 59.81 -34.03 -14.95
C LEU B 85 58.40 -34.25 -15.48
N ARG B 86 58.27 -34.31 -16.80
CA ARG B 86 56.97 -34.50 -17.44
C ARG B 86 56.85 -35.85 -18.13
N LEU B 87 55.92 -36.67 -17.66
CA LEU B 87 55.68 -37.98 -18.24
C LEU B 87 54.28 -38.07 -18.83
N PRO B 88 54.13 -38.81 -19.95
CA PRO B 88 52.82 -39.02 -20.59
C PRO B 88 51.85 -39.70 -19.65
N TYR B 89 50.56 -39.67 -19.99
CA TYR B 89 49.55 -40.31 -19.17
C TYR B 89 49.77 -41.81 -19.07
N SER B 90 50.15 -42.42 -20.19
CA SER B 90 50.40 -43.86 -20.25
C SER B 90 51.33 -44.22 -21.40
N VAL B 91 52.21 -45.18 -21.15
CA VAL B 91 53.16 -45.64 -22.17
C VAL B 91 53.00 -47.14 -22.41
N VAL B 92 53.07 -47.54 -23.67
CA VAL B 92 52.93 -48.94 -24.04
C VAL B 92 54.15 -49.75 -23.60
N ARG B 93 53.89 -50.94 -23.06
CA ARG B 93 54.95 -51.82 -22.60
C ARG B 93 55.80 -52.33 -23.76
N ASN B 94 57.10 -52.52 -23.49
CA ASN B 94 58.04 -53.03 -24.48
C ASN B 94 58.35 -52.03 -25.60
N GLU B 95 57.77 -50.84 -25.52
CA GLU B 95 58.03 -49.79 -26.50
C GLU B 95 58.99 -48.74 -25.95
N GLN B 96 60.06 -48.48 -26.69
CA GLN B 96 61.06 -47.50 -26.29
C GLN B 96 60.55 -46.08 -26.50
N VAL B 97 60.38 -45.35 -25.40
CA VAL B 97 59.92 -43.96 -25.47
C VAL B 97 61.00 -43.01 -24.95
N GLU B 98 60.65 -41.73 -24.85
CA GLU B 98 61.60 -40.73 -24.38
C GLU B 98 60.93 -39.70 -23.47
N ILE B 99 61.30 -39.71 -22.19
CA ILE B 99 60.79 -38.72 -21.25
C ILE B 99 61.73 -37.52 -21.18
N ARG B 100 61.16 -36.34 -20.95
CA ARG B 100 61.94 -35.11 -20.93
C ARG B 100 61.97 -34.48 -19.55
N ALA B 101 63.18 -34.39 -18.98
CA ALA B 101 63.36 -33.78 -17.67
C ALA B 101 63.99 -32.39 -17.82
N VAL B 102 63.18 -31.36 -17.67
CA VAL B 102 63.65 -29.98 -17.83
C VAL B 102 64.11 -29.38 -16.51
N LEU B 103 65.37 -28.94 -16.48
CA LEU B 103 65.93 -28.31 -15.30
C LEU B 103 65.91 -26.79 -15.41
N TYR B 104 65.12 -26.14 -14.57
CA TYR B 104 64.99 -24.69 -14.60
C TYR B 104 65.98 -24.00 -13.68
N ASN B 105 66.50 -22.86 -14.14
CA ASN B 105 67.43 -22.06 -13.34
C ASN B 105 67.02 -20.59 -13.34
N TYR B 106 66.23 -20.19 -12.36
CA TYR B 106 65.71 -18.83 -12.30
C TYR B 106 66.58 -17.88 -11.48
N ARG B 107 67.85 -18.26 -11.29
CA ARG B 107 68.79 -17.36 -10.64
C ARG B 107 69.10 -16.18 -11.55
N GLN B 108 68.94 -14.97 -11.01
CA GLN B 108 69.09 -13.75 -11.80
C GLN B 108 70.34 -13.76 -12.67
N ASN B 109 71.51 -13.80 -12.03
CA ASN B 109 72.77 -13.82 -12.75
C ASN B 109 73.79 -14.77 -12.12
N GLN B 110 73.60 -16.06 -12.35
CA GLN B 110 74.48 -17.08 -11.79
C GLN B 110 74.30 -18.42 -12.49
N GLU B 111 75.27 -18.79 -13.32
CA GLU B 111 75.22 -20.08 -14.00
C GLU B 111 75.43 -21.22 -13.01
N LEU B 112 74.86 -22.38 -13.32
CA LEU B 112 74.94 -23.52 -12.41
C LEU B 112 75.52 -24.76 -13.09
N LYS B 113 76.44 -25.42 -12.42
CA LYS B 113 77.01 -26.67 -12.91
C LYS B 113 76.27 -27.84 -12.27
N VAL B 114 75.29 -28.38 -13.00
CA VAL B 114 74.43 -29.43 -12.46
C VAL B 114 74.84 -30.81 -12.95
N ARG B 115 74.62 -31.82 -12.12
CA ARG B 115 74.90 -33.20 -12.48
C ARG B 115 73.66 -34.07 -12.27
N VAL B 116 72.75 -34.03 -13.23
CA VAL B 116 71.49 -34.77 -13.15
C VAL B 116 71.70 -36.26 -13.36
N GLU B 117 70.92 -37.08 -12.67
CA GLU B 117 71.03 -38.52 -12.78
C GLU B 117 69.65 -39.20 -12.78
N LEU B 118 69.54 -40.31 -13.50
CA LEU B 118 68.32 -41.10 -13.51
C LEU B 118 68.52 -42.40 -12.74
N LEU B 119 67.77 -42.55 -11.65
CA LEU B 119 67.89 -43.74 -10.80
C LEU B 119 67.50 -45.01 -11.54
N HIS B 120 68.11 -46.13 -11.16
CA HIS B 120 67.83 -47.41 -11.78
C HIS B 120 66.47 -47.95 -11.36
N ASN B 121 65.85 -48.74 -12.23
CA ASN B 121 64.55 -49.35 -11.95
C ASN B 121 64.32 -50.58 -12.81
N PRO B 122 64.23 -51.76 -12.19
CA PRO B 122 64.02 -53.02 -12.89
C PRO B 122 62.80 -52.98 -13.79
N ALA B 123 61.86 -52.08 -13.50
CA ALA B 123 60.64 -51.95 -14.28
C ALA B 123 60.91 -51.27 -15.62
N PHE B 124 62.06 -50.62 -15.73
CA PHE B 124 62.45 -49.94 -16.96
C PHE B 124 63.80 -50.44 -17.45
N CYS B 125 64.14 -50.11 -18.69
CA CYS B 125 65.43 -50.49 -19.25
C CYS B 125 66.14 -49.29 -19.86
N SER B 126 66.98 -48.64 -19.06
CA SER B 126 67.77 -47.50 -19.52
C SER B 126 69.24 -47.86 -19.50
N LEU B 127 70.10 -46.85 -19.65
CA LEU B 127 71.54 -47.06 -19.62
C LEU B 127 72.06 -47.11 -18.20
N ALA B 128 71.14 -47.06 -17.23
CA ALA B 128 71.49 -47.12 -15.82
C ALA B 128 71.15 -48.47 -15.23
N THR B 129 72.16 -49.18 -14.74
CA THR B 129 71.96 -50.49 -14.14
C THR B 129 72.09 -50.43 -12.62
N THR B 130 72.25 -51.59 -11.99
CA THR B 130 72.37 -51.66 -10.54
C THR B 130 73.80 -51.39 -10.09
N LYS B 131 74.70 -51.23 -11.06
CA LYS B 131 76.10 -50.95 -10.75
C LYS B 131 76.62 -49.74 -11.52
N ARG B 132 75.85 -49.30 -12.51
CA ARG B 132 76.22 -48.14 -13.32
C ARG B 132 75.24 -46.99 -13.10
N ARG B 133 75.74 -45.76 -13.20
CA ARG B 133 74.90 -44.58 -13.02
C ARG B 133 74.87 -43.72 -14.28
N HIS B 134 73.77 -43.81 -15.01
CA HIS B 134 73.58 -42.99 -16.21
C HIS B 134 73.31 -41.54 -15.83
N GLN B 135 74.37 -40.73 -15.85
CA GLN B 135 74.26 -39.33 -15.43
C GLN B 135 75.10 -38.41 -16.30
N GLN B 136 74.62 -37.19 -16.51
CA GLN B 136 75.33 -36.20 -17.30
C GLN B 136 75.74 -35.00 -16.46
N THR B 137 76.70 -34.22 -16.96
CA THR B 137 77.15 -33.02 -16.28
C THR B 137 77.08 -31.82 -17.21
N VAL B 138 76.05 -31.00 -17.01
CA VAL B 138 75.83 -29.83 -17.86
C VAL B 138 75.86 -28.53 -17.06
N THR B 139 75.96 -27.41 -17.78
CA THR B 139 75.98 -26.09 -17.15
C THR B 139 74.81 -25.24 -17.64
N ILE B 140 73.86 -24.99 -16.76
CA ILE B 140 72.67 -24.21 -17.12
C ILE B 140 72.90 -22.71 -16.93
N PRO B 141 72.77 -21.94 -18.03
CA PRO B 141 72.94 -20.49 -18.02
C PRO B 141 71.94 -19.82 -17.08
N PRO B 142 72.26 -18.58 -16.65
CA PRO B 142 71.38 -17.80 -15.77
C PRO B 142 70.04 -17.48 -16.43
N LYS B 143 68.96 -17.57 -15.67
CA LYS B 143 67.62 -17.26 -16.17
C LYS B 143 67.28 -18.04 -17.43
N SER B 144 67.42 -19.35 -17.37
CA SER B 144 67.08 -20.21 -18.49
C SER B 144 66.83 -21.65 -18.03
N SER B 145 66.56 -22.53 -18.99
CA SER B 145 66.29 -23.93 -18.67
C SER B 145 66.95 -24.86 -19.69
N LEU B 146 67.11 -26.13 -19.31
CA LEU B 146 67.71 -27.12 -20.19
C LEU B 146 66.96 -28.45 -20.12
N SER B 147 66.66 -29.01 -21.28
CA SER B 147 65.94 -30.29 -21.35
C SER B 147 66.91 -31.46 -21.42
N VAL B 148 66.75 -32.41 -20.52
CA VAL B 148 67.61 -33.59 -20.50
C VAL B 148 66.86 -34.84 -20.95
N PRO B 149 67.12 -35.30 -22.17
CA PRO B 149 66.47 -36.47 -22.76
C PRO B 149 66.77 -37.75 -21.99
N TYR B 150 65.79 -38.65 -21.92
CA TYR B 150 65.96 -39.95 -21.29
C TYR B 150 65.18 -41.04 -22.02
N VAL B 151 65.89 -41.98 -22.61
CA VAL B 151 65.26 -43.09 -23.33
C VAL B 151 65.14 -44.32 -22.44
N ILE B 152 63.92 -44.79 -22.26
CA ILE B 152 63.67 -45.95 -21.41
C ILE B 152 62.71 -46.93 -22.08
N VAL B 153 62.58 -48.12 -21.48
CA VAL B 153 61.69 -49.14 -22.00
C VAL B 153 60.93 -49.85 -20.88
N PRO B 154 59.65 -49.50 -20.70
CA PRO B 154 58.79 -50.14 -19.70
C PRO B 154 58.77 -51.64 -19.88
N LEU B 155 59.32 -52.37 -18.91
CA LEU B 155 59.45 -53.82 -19.01
C LEU B 155 58.21 -54.55 -18.49
N LYS B 156 57.55 -53.96 -17.50
CA LYS B 156 56.36 -54.57 -16.91
C LYS B 156 55.21 -53.57 -16.80
N THR B 157 53.99 -54.09 -16.89
CA THR B 157 52.79 -53.25 -16.83
C THR B 157 52.59 -52.68 -15.44
N GLY B 158 51.43 -52.05 -15.23
CA GLY B 158 51.10 -51.47 -13.94
C GLY B 158 51.63 -50.06 -13.79
N LEU B 159 51.33 -49.44 -12.64
CA LEU B 159 51.80 -48.09 -12.36
C LEU B 159 53.22 -48.11 -11.81
N GLN B 160 54.18 -47.74 -12.66
CA GLN B 160 55.59 -47.75 -12.27
C GLN B 160 56.03 -46.40 -11.72
N GLU B 161 57.32 -46.30 -11.39
CA GLU B 161 57.86 -45.11 -10.76
C GLU B 161 59.14 -44.62 -11.43
N VAL B 162 59.17 -43.34 -11.76
CA VAL B 162 60.35 -42.71 -12.36
C VAL B 162 60.86 -41.59 -11.46
N GLU B 163 62.16 -41.62 -11.17
CA GLU B 163 62.76 -40.62 -10.28
C GLU B 163 64.08 -40.08 -10.82
N VAL B 164 64.24 -38.76 -10.79
CA VAL B 164 65.46 -38.12 -11.24
C VAL B 164 65.95 -37.07 -10.24
N LYS B 165 67.23 -37.14 -9.91
CA LYS B 165 67.83 -36.20 -8.97
C LYS B 165 68.91 -35.37 -9.66
N ALA B 166 69.22 -34.22 -9.09
CA ALA B 166 70.24 -33.34 -9.65
C ALA B 166 70.81 -32.39 -8.60
N ALA B 167 72.13 -32.24 -8.60
CA ALA B 167 72.80 -31.36 -7.66
C ALA B 167 73.74 -30.40 -8.39
N VAL B 168 74.00 -29.25 -7.77
CA VAL B 168 74.88 -28.25 -8.37
C VAL B 168 76.26 -28.27 -7.72
N TYR B 169 77.26 -27.84 -8.47
CA TYR B 169 78.64 -27.82 -7.99
C TYR B 169 78.95 -26.55 -7.20
N HIS B 170 79.73 -26.71 -6.14
CA HIS B 170 80.17 -25.58 -5.33
C HIS B 170 79.01 -24.81 -4.69
N HIS B 171 77.91 -25.51 -4.45
CA HIS B 171 76.74 -24.91 -3.82
C HIS B 171 75.95 -25.95 -3.03
N PHE B 172 75.11 -25.47 -2.11
CA PHE B 172 74.29 -26.35 -1.29
C PHE B 172 72.85 -26.36 -1.83
N ILE B 173 72.70 -26.72 -3.10
CA ILE B 173 71.40 -26.77 -3.74
C ILE B 173 71.17 -28.09 -4.45
N SER B 174 69.97 -28.66 -4.28
CA SER B 174 69.63 -29.93 -4.93
C SER B 174 68.11 -30.09 -5.04
N ASP B 175 67.69 -30.97 -5.93
CA ASP B 175 66.27 -31.24 -6.14
C ASP B 175 66.05 -32.58 -6.82
N GLY B 176 64.86 -33.16 -6.60
CA GLY B 176 64.51 -34.43 -7.21
C GLY B 176 63.02 -34.56 -7.42
N VAL B 177 62.64 -35.37 -8.41
CA VAL B 177 61.22 -35.58 -8.73
C VAL B 177 60.91 -37.07 -8.85
N ARG B 178 59.89 -37.52 -8.14
CA ARG B 178 59.49 -38.92 -8.19
C ARG B 178 58.01 -39.07 -8.53
N LYS B 179 57.70 -39.05 -9.82
CA LYS B 179 56.33 -39.21 -10.28
C LYS B 179 56.11 -40.60 -10.86
N SER B 180 54.85 -40.93 -11.14
CA SER B 180 54.51 -42.26 -11.65
C SER B 180 53.74 -42.16 -12.97
N LEU B 181 53.86 -43.21 -13.79
CA LEU B 181 53.16 -43.27 -15.07
C LEU B 181 52.63 -44.67 -15.32
N LYS B 182 51.47 -44.76 -15.95
CA LYS B 182 50.85 -46.06 -16.24
C LYS B 182 51.52 -46.73 -17.42
N VAL B 183 51.51 -48.07 -17.41
CA VAL B 183 52.09 -48.85 -18.50
C VAL B 183 51.04 -49.74 -19.14
N VAL B 184 50.38 -49.23 -20.16
CA VAL B 184 49.33 -49.96 -20.85
C VAL B 184 49.91 -51.13 -21.65
N PRO B 185 49.38 -52.34 -21.41
CA PRO B 185 49.81 -53.55 -22.11
C PRO B 185 49.68 -53.42 -23.63
N GLU B 186 50.70 -53.87 -24.35
CA GLU B 186 50.70 -53.80 -25.81
C GLU B 186 49.45 -54.45 -26.39
N GLY B 187 48.76 -53.72 -27.26
CA GLY B 187 47.54 -54.21 -27.89
C GLY B 187 46.53 -53.10 -28.09
N ILE B 188 45.25 -53.47 -28.12
CA ILE B 188 44.17 -52.51 -28.30
C ILE B 188 43.03 -52.78 -27.33
N ARG B 189 42.35 -51.72 -26.91
CA ARG B 189 41.22 -51.84 -25.99
C ARG B 189 39.96 -52.24 -26.73
N MET B 190 39.55 -53.50 -26.57
CA MET B 190 38.32 -53.98 -27.19
C MET B 190 37.23 -54.22 -26.15
N ASN B 191 35.99 -54.34 -26.59
CA ASN B 191 34.88 -54.64 -25.68
C ASN B 191 33.79 -55.52 -26.31
N LYS B 192 34.10 -56.81 -26.47
CA LYS B 192 33.16 -57.78 -27.03
C LYS B 192 31.87 -57.86 -26.22
N THR B 193 30.75 -57.53 -26.86
CA THR B 193 29.44 -57.62 -26.22
C THR B 193 28.94 -59.06 -26.25
N VAL B 194 29.03 -59.74 -25.11
CA VAL B 194 28.61 -61.13 -25.01
C VAL B 194 27.17 -61.32 -25.47
N ALA B 195 26.24 -60.68 -24.77
CA ALA B 195 24.83 -60.79 -25.09
C ALA B 195 24.01 -59.67 -24.47
N VAL B 196 22.84 -59.41 -25.04
CA VAL B 196 21.94 -58.38 -24.53
C VAL B 196 20.54 -58.94 -24.34
N ARG B 197 20.35 -59.67 -23.24
CA ARG B 197 19.08 -60.34 -22.96
C ARG B 197 18.05 -59.39 -22.37
N THR B 198 16.78 -59.78 -22.46
CA THR B 198 15.70 -58.99 -21.89
C THR B 198 15.01 -59.75 -20.75
N LEU B 199 14.85 -59.08 -19.62
CA LEU B 199 14.27 -59.71 -18.44
C LEU B 199 12.82 -59.31 -18.23
N ASP B 200 11.93 -60.30 -18.25
CA ASP B 200 10.51 -60.07 -18.04
C ASP B 200 9.73 -61.38 -17.85
N PRO B 201 9.68 -61.87 -16.61
CA PRO B 201 8.96 -63.10 -16.28
C PRO B 201 7.49 -63.02 -16.68
N GLU B 202 6.79 -64.15 -16.61
CA GLU B 202 5.38 -64.22 -16.98
C GLU B 202 5.18 -64.14 -18.50
N ARG B 203 6.11 -63.47 -19.18
CA ARG B 203 6.04 -63.32 -20.62
C ARG B 203 6.97 -64.32 -21.31
N LEU B 204 8.19 -64.44 -20.78
CA LEU B 204 9.16 -65.38 -21.32
C LEU B 204 9.69 -66.30 -20.23
N GLY B 205 8.95 -66.37 -19.12
CA GLY B 205 9.35 -67.19 -17.99
C GLY B 205 8.50 -68.44 -17.84
N ARG B 206 8.36 -68.89 -16.60
CA ARG B 206 7.61 -70.10 -16.30
C ARG B 206 7.46 -70.27 -14.79
N GLU B 207 6.22 -70.42 -14.32
CA GLU B 207 5.92 -70.52 -12.90
C GLU B 207 6.35 -69.27 -12.14
N GLY B 208 6.68 -68.22 -12.88
CA GLY B 208 7.08 -66.96 -12.28
C GLY B 208 8.58 -66.71 -12.34
N VAL B 209 9.33 -67.71 -12.77
CA VAL B 209 10.79 -67.57 -12.85
C VAL B 209 11.28 -67.67 -14.28
N GLN B 210 12.45 -67.08 -14.53
CA GLN B 210 13.05 -67.08 -15.86
C GLN B 210 14.55 -67.36 -15.78
N LYS B 211 15.00 -68.36 -16.54
CA LYS B 211 16.41 -68.71 -16.57
C LYS B 211 17.05 -68.24 -17.87
N GLU B 212 18.23 -67.64 -17.76
CA GLU B 212 18.94 -67.12 -18.93
C GLU B 212 20.43 -67.38 -18.82
N ASP B 213 20.92 -68.35 -19.59
CA ASP B 213 22.34 -68.70 -19.57
C ASP B 213 23.15 -67.73 -20.42
N ILE B 214 24.39 -67.51 -20.02
CA ILE B 214 25.28 -66.60 -20.74
C ILE B 214 26.66 -67.22 -20.95
N PRO B 215 26.95 -67.64 -22.18
CA PRO B 215 28.23 -68.27 -22.54
C PRO B 215 29.40 -67.31 -22.31
N PRO B 216 30.56 -67.85 -21.90
CA PRO B 216 31.77 -67.07 -21.67
C PRO B 216 32.22 -66.32 -22.93
N ALA B 217 32.95 -65.23 -22.75
CA ALA B 217 33.42 -64.44 -23.87
C ALA B 217 34.44 -65.21 -24.70
N ASP B 218 34.61 -64.79 -25.96
CA ASP B 218 35.55 -65.44 -26.86
C ASP B 218 36.99 -65.28 -26.36
N LEU B 219 37.54 -64.08 -26.55
CA LEU B 219 38.89 -63.77 -26.10
C LEU B 219 39.92 -64.69 -26.74
N SER B 220 39.65 -65.13 -27.97
CA SER B 220 40.55 -66.03 -28.68
C SER B 220 41.85 -65.32 -29.05
N ASP B 221 41.73 -64.05 -29.45
CA ASP B 221 42.90 -63.26 -29.85
C ASP B 221 43.39 -62.37 -28.72
N GLN B 222 43.23 -62.85 -27.48
CA GLN B 222 43.65 -62.09 -26.31
C GLN B 222 45.17 -62.05 -26.20
N VAL B 223 45.70 -60.86 -25.87
CA VAL B 223 47.14 -60.70 -25.71
C VAL B 223 47.67 -61.58 -24.59
N PRO B 224 48.78 -62.30 -24.85
CA PRO B 224 49.39 -63.18 -23.86
C PRO B 224 49.73 -62.46 -22.57
N ASP B 225 49.42 -63.07 -21.44
CA ASP B 225 49.74 -62.51 -20.13
C ASP B 225 49.07 -61.16 -19.90
N THR B 226 47.74 -61.15 -20.01
CA THR B 226 46.96 -59.93 -19.74
C THR B 226 45.66 -60.26 -19.03
N GLU B 227 45.25 -59.39 -18.12
CA GLU B 227 44.01 -59.59 -17.37
C GLU B 227 42.81 -58.98 -18.10
N SER B 228 41.61 -59.34 -17.65
CA SER B 228 40.39 -58.86 -18.26
C SER B 228 39.18 -59.11 -17.36
N GLU B 229 38.26 -58.16 -17.32
CA GLU B 229 37.07 -58.29 -16.48
C GLU B 229 35.79 -58.33 -17.30
N THR B 230 34.73 -58.86 -16.70
CA THR B 230 33.43 -58.93 -17.35
C THR B 230 32.43 -58.08 -16.59
N ARG B 231 31.89 -57.05 -17.25
CA ARG B 231 30.96 -56.14 -16.62
C ARG B 231 29.50 -56.54 -16.86
N ILE B 232 28.93 -57.29 -15.92
CA ILE B 232 27.51 -57.62 -15.97
C ILE B 232 26.72 -56.39 -15.57
N LEU B 233 25.60 -56.14 -16.25
CA LEU B 233 24.85 -54.91 -16.02
C LEU B 233 23.33 -55.13 -16.04
N LEU B 234 22.65 -54.62 -15.02
CA LEU B 234 21.20 -54.70 -14.92
C LEU B 234 20.59 -53.29 -14.94
N GLN B 235 19.34 -53.20 -15.35
CA GLN B 235 18.65 -51.91 -15.42
C GLN B 235 17.15 -52.07 -15.70
N GLY B 236 16.34 -51.39 -14.90
CA GLY B 236 14.89 -51.40 -15.11
C GLY B 236 14.52 -50.50 -16.27
N THR B 237 13.23 -50.49 -16.62
CA THR B 237 12.76 -49.68 -17.75
C THR B 237 11.24 -49.58 -17.84
N PRO B 238 10.69 -48.39 -17.51
CA PRO B 238 9.26 -48.10 -17.68
C PRO B 238 8.87 -48.18 -19.15
N VAL B 239 7.77 -48.86 -19.50
CA VAL B 239 6.83 -49.51 -18.58
C VAL B 239 5.80 -48.52 -18.00
N ALA B 240 6.13 -47.23 -18.05
CA ALA B 240 5.22 -46.19 -17.60
C ALA B 240 4.19 -45.89 -18.68
N GLN B 241 3.01 -46.47 -18.56
CA GLN B 241 1.95 -46.27 -19.54
C GLN B 241 0.59 -46.03 -18.88
N MET B 242 -0.47 -46.44 -19.57
CA MET B 242 -1.84 -46.24 -19.09
C MET B 242 -2.13 -44.77 -18.83
N THR B 243 -3.05 -44.50 -17.90
CA THR B 243 -3.50 -43.14 -17.64
C THR B 243 -4.17 -42.56 -18.90
N GLU B 244 -5.48 -42.38 -18.83
CA GLU B 244 -6.24 -41.85 -19.96
C GLU B 244 -6.39 -40.33 -19.86
N ASP B 245 -6.69 -39.70 -20.99
CA ASP B 245 -6.88 -38.25 -21.03
C ASP B 245 -8.24 -37.85 -20.48
N ALA B 246 -8.33 -36.64 -19.96
CA ALA B 246 -9.59 -36.13 -19.41
C ALA B 246 -10.34 -35.29 -20.41
N VAL B 247 -11.66 -35.25 -20.28
CA VAL B 247 -12.51 -34.47 -21.19
C VAL B 247 -12.17 -32.98 -21.10
N ASP B 248 -11.94 -32.36 -22.25
CA ASP B 248 -11.62 -30.94 -22.31
C ASP B 248 -12.74 -30.10 -21.70
N ALA B 249 -12.35 -29.10 -20.92
CA ALA B 249 -13.32 -28.23 -20.26
C ALA B 249 -14.08 -27.39 -21.28
N GLU B 250 -13.50 -27.24 -22.47
CA GLU B 250 -14.14 -26.47 -23.53
C GLU B 250 -15.40 -27.16 -24.01
N ARG B 251 -15.54 -28.45 -23.66
CA ARG B 251 -16.71 -29.23 -24.03
C ARG B 251 -17.78 -29.16 -22.95
N LEU B 252 -17.48 -28.45 -21.86
CA LEU B 252 -18.40 -28.36 -20.73
C LEU B 252 -18.86 -26.92 -20.49
N LYS B 253 -18.84 -26.11 -21.54
CA LYS B 253 -19.27 -24.72 -21.43
C LYS B 253 -20.78 -24.60 -21.49
N HIS B 254 -21.48 -25.68 -21.14
CA HIS B 254 -22.94 -25.70 -21.18
C HIS B 254 -23.51 -26.29 -19.91
N LEU B 255 -22.65 -26.83 -19.05
CA LEU B 255 -23.08 -27.44 -17.80
C LEU B 255 -23.30 -26.40 -16.71
N ILE B 256 -23.12 -25.14 -17.06
CA ILE B 256 -23.33 -24.05 -16.11
C ILE B 256 -24.75 -23.52 -16.21
N VAL B 257 -25.70 -24.25 -15.63
CA VAL B 257 -27.11 -23.87 -15.67
C VAL B 257 -27.54 -23.30 -14.32
N THR B 258 -28.29 -22.19 -14.36
CA THR B 258 -28.78 -21.56 -13.15
C THR B 258 -29.92 -22.36 -12.53
N PRO B 259 -29.69 -22.89 -11.32
CA PRO B 259 -30.67 -23.70 -10.60
C PRO B 259 -32.01 -22.97 -10.47
N SER B 260 -33.10 -23.67 -10.76
CA SER B 260 -34.42 -23.07 -10.72
C SER B 260 -35.53 -24.11 -10.80
N GLY B 261 -36.72 -23.73 -10.34
CA GLY B 261 -37.86 -24.62 -10.37
C GLY B 261 -38.38 -24.97 -8.98
N CYS B 262 -39.23 -25.98 -8.92
CA CYS B 262 -39.80 -26.44 -7.66
C CYS B 262 -38.80 -27.26 -6.86
N GLY B 263 -39.29 -28.17 -6.03
CA GLY B 263 -38.45 -28.99 -5.19
C GLY B 263 -37.65 -30.03 -5.97
N GLU B 264 -38.09 -30.30 -7.19
CA GLU B 264 -37.43 -31.30 -8.03
C GLU B 264 -36.67 -30.62 -9.18
N GLU B 265 -37.29 -29.66 -9.81
CA GLU B 265 -36.66 -28.94 -10.92
C GLU B 265 -35.42 -28.19 -10.49
N ASN B 266 -35.41 -27.76 -9.24
CA ASN B 266 -34.24 -27.05 -8.71
C ASN B 266 -33.00 -27.93 -8.72
N MET B 267 -33.14 -29.16 -8.26
CA MET B 267 -32.03 -30.11 -8.24
C MET B 267 -31.59 -30.48 -9.65
N ILE B 268 -32.55 -30.60 -10.55
CA ILE B 268 -32.26 -30.94 -11.94
C ILE B 268 -31.39 -29.87 -12.61
N GLY B 269 -31.61 -28.62 -12.21
CA GLY B 269 -30.84 -27.51 -12.77
C GLY B 269 -29.58 -27.22 -11.97
N MET B 270 -29.50 -27.80 -10.77
CA MET B 270 -28.33 -27.60 -9.91
C MET B 270 -27.28 -28.67 -10.17
N THR B 271 -27.72 -29.85 -10.61
CA THR B 271 -26.83 -30.98 -10.85
C THR B 271 -25.74 -30.69 -11.89
N PRO B 272 -26.14 -30.21 -13.08
CA PRO B 272 -25.15 -29.96 -14.14
C PRO B 272 -24.05 -29.01 -13.72
N THR B 273 -24.36 -28.09 -12.82
CA THR B 273 -23.38 -27.09 -12.37
C THR B 273 -22.45 -27.64 -11.29
N VAL B 274 -23.03 -28.34 -10.31
CA VAL B 274 -22.26 -28.89 -9.20
C VAL B 274 -21.20 -29.88 -9.68
N ILE B 275 -21.63 -30.88 -10.43
CA ILE B 275 -20.73 -31.93 -10.90
C ILE B 275 -19.70 -31.37 -11.89
N ALA B 276 -20.07 -30.30 -12.59
CA ALA B 276 -19.18 -29.66 -13.55
C ALA B 276 -17.96 -29.06 -12.85
N VAL B 277 -18.23 -28.23 -11.85
CA VAL B 277 -17.16 -27.61 -11.09
C VAL B 277 -16.30 -28.67 -10.40
N HIS B 278 -16.95 -29.73 -9.93
CA HIS B 278 -16.25 -30.82 -9.27
C HIS B 278 -15.24 -31.49 -10.20
N TYR B 279 -15.64 -31.70 -11.44
CA TYR B 279 -14.77 -32.34 -12.43
C TYR B 279 -13.64 -31.41 -12.86
N LEU B 280 -13.91 -30.11 -12.86
CA LEU B 280 -12.92 -29.12 -13.27
C LEU B 280 -11.90 -28.87 -12.17
N ASP B 281 -12.28 -29.14 -10.93
CA ASP B 281 -11.38 -28.97 -9.79
C ASP B 281 -10.35 -30.09 -9.74
N GLU B 282 -10.74 -31.28 -10.22
CA GLU B 282 -9.86 -32.44 -10.20
C GLU B 282 -8.97 -32.47 -11.44
N THR B 283 -9.52 -32.07 -12.58
CA THR B 283 -8.76 -32.04 -13.82
C THR B 283 -7.98 -30.75 -13.95
N GLU B 284 -8.29 -29.78 -13.10
CA GLU B 284 -7.59 -28.49 -13.09
C GLU B 284 -7.66 -27.83 -14.46
N GLN B 285 -8.80 -27.93 -15.12
CA GLN B 285 -8.95 -27.40 -16.47
C GLN B 285 -9.72 -26.08 -16.51
N TRP B 286 -9.61 -25.30 -15.43
CA TRP B 286 -10.21 -23.97 -15.40
C TRP B 286 -9.43 -23.01 -16.28
N GLU B 287 -8.34 -23.51 -16.86
CA GLU B 287 -7.49 -22.71 -17.72
C GLU B 287 -8.11 -22.53 -19.10
N LYS B 288 -8.39 -23.65 -19.76
CA LYS B 288 -8.93 -23.63 -21.12
C LYS B 288 -10.42 -23.33 -21.12
N PHE B 289 -11.05 -23.51 -19.96
CA PHE B 289 -12.49 -23.27 -19.84
C PHE B 289 -12.83 -21.79 -19.97
N GLY B 290 -11.89 -20.94 -19.56
CA GLY B 290 -12.09 -19.51 -19.62
C GLY B 290 -11.57 -18.81 -18.37
N LEU B 291 -11.76 -19.46 -17.23
CA LEU B 291 -11.29 -18.94 -15.95
C LEU B 291 -12.01 -17.66 -15.53
N GLU B 292 -11.98 -17.37 -14.23
CA GLU B 292 -12.64 -16.21 -13.67
C GLU B 292 -14.16 -16.36 -13.69
N LYS B 293 -14.63 -17.33 -14.48
CA LYS B 293 -16.06 -17.61 -14.58
C LYS B 293 -16.48 -18.61 -13.51
N ARG B 294 -15.50 -19.10 -12.75
CA ARG B 294 -15.78 -20.06 -11.68
C ARG B 294 -16.51 -19.39 -10.52
N GLN B 295 -16.10 -18.17 -10.19
CA GLN B 295 -16.73 -17.42 -9.11
C GLN B 295 -18.23 -17.29 -9.35
N GLY B 296 -18.61 -17.06 -10.60
CA GLY B 296 -20.01 -16.95 -10.97
C GLY B 296 -20.73 -18.28 -10.87
N ALA B 297 -19.98 -19.36 -10.98
CA ALA B 297 -20.55 -20.70 -10.88
C ALA B 297 -20.83 -21.06 -9.43
N LEU B 298 -19.95 -20.62 -8.53
CA LEU B 298 -20.11 -20.87 -7.10
C LEU B 298 -21.37 -20.18 -6.56
N GLU B 299 -21.64 -18.98 -7.08
CA GLU B 299 -22.83 -18.23 -6.66
C GLU B 299 -24.10 -18.97 -7.08
N LEU B 300 -24.02 -19.71 -8.19
CA LEU B 300 -25.15 -20.48 -8.67
C LEU B 300 -25.39 -21.70 -7.78
N ILE B 301 -24.31 -22.27 -7.27
CA ILE B 301 -24.40 -23.42 -6.37
C ILE B 301 -24.98 -23.01 -5.02
N LYS B 302 -24.53 -21.85 -4.52
CA LYS B 302 -25.03 -21.32 -3.26
C LYS B 302 -26.50 -20.94 -3.39
N LYS B 303 -26.85 -20.36 -4.54
CA LYS B 303 -28.22 -19.94 -4.80
C LYS B 303 -29.14 -21.15 -4.90
N GLY B 304 -28.70 -22.18 -5.62
CA GLY B 304 -29.46 -23.41 -5.75
C GLY B 304 -29.61 -24.11 -4.42
N TYR B 305 -28.59 -24.00 -3.57
CA TYR B 305 -28.61 -24.58 -2.24
C TYR B 305 -29.68 -23.92 -1.37
N THR B 306 -29.74 -22.59 -1.44
CA THR B 306 -30.70 -21.83 -0.66
C THR B 306 -32.13 -22.13 -1.08
N GLN B 307 -32.35 -22.20 -2.38
CA GLN B 307 -33.68 -22.46 -2.92
C GLN B 307 -34.19 -23.83 -2.51
N GLN B 308 -33.32 -24.82 -2.52
CA GLN B 308 -33.69 -26.18 -2.15
C GLN B 308 -34.13 -26.25 -0.69
N LEU B 309 -33.56 -25.36 0.13
CA LEU B 309 -33.89 -25.31 1.55
C LEU B 309 -35.33 -24.83 1.75
N ALA B 310 -35.85 -24.10 0.78
CA ALA B 310 -37.22 -23.59 0.85
C ALA B 310 -38.23 -24.73 0.72
N PHE B 311 -37.78 -25.84 0.15
CA PHE B 311 -38.65 -27.01 -0.05
C PHE B 311 -38.36 -28.07 1.02
N ARG B 312 -37.66 -27.67 2.07
CA ARG B 312 -37.33 -28.58 3.17
C ARG B 312 -38.48 -28.62 4.18
N GLN B 313 -39.06 -29.80 4.36
CA GLN B 313 -40.15 -29.98 5.32
C GLN B 313 -39.61 -30.10 6.74
N PRO B 314 -40.46 -29.85 7.74
CA PRO B 314 -40.08 -29.93 9.15
C PRO B 314 -39.49 -31.29 9.51
N SER B 315 -39.80 -32.31 8.71
CA SER B 315 -39.29 -33.66 8.95
C SER B 315 -37.88 -33.84 8.39
N SER B 316 -37.25 -32.72 8.04
CA SER B 316 -35.89 -32.73 7.50
C SER B 316 -35.81 -33.43 6.15
N ALA B 317 -36.96 -33.74 5.58
CA ALA B 317 -37.03 -34.42 4.29
C ALA B 317 -37.28 -33.43 3.15
N PHE B 318 -37.28 -33.93 1.92
CA PHE B 318 -37.51 -33.09 0.75
C PHE B 318 -38.60 -33.66 -0.14
N ALA B 319 -39.19 -32.78 -0.96
CA ALA B 319 -40.26 -33.18 -1.87
C ALA B 319 -40.46 -32.13 -2.95
N ALA B 320 -41.30 -32.44 -3.94
CA ALA B 320 -41.59 -31.51 -5.02
C ALA B 320 -42.15 -30.20 -4.47
N PHE B 321 -42.95 -30.31 -3.41
CA PHE B 321 -43.54 -29.14 -2.78
C PHE B 321 -43.64 -29.33 -1.26
N VAL B 322 -43.87 -28.25 -0.55
CA VAL B 322 -43.99 -28.30 0.90
C VAL B 322 -45.30 -28.95 1.33
N LYS B 323 -46.11 -29.33 0.35
CA LYS B 323 -47.41 -29.93 0.62
C LYS B 323 -47.41 -31.41 0.24
N ARG B 324 -46.71 -31.73 -0.85
CA ARG B 324 -46.62 -33.10 -1.32
C ARG B 324 -45.90 -33.99 -0.32
N ALA B 325 -46.28 -35.27 -0.28
CA ALA B 325 -45.66 -36.23 0.63
C ALA B 325 -44.16 -36.33 0.37
N PRO B 326 -43.38 -36.51 1.46
CA PRO B 326 -41.92 -36.62 1.37
C PRO B 326 -41.48 -37.73 0.43
N SER B 327 -40.51 -37.43 -0.43
CA SER B 327 -39.99 -38.42 -1.37
C SER B 327 -38.69 -39.04 -0.86
N THR B 328 -38.70 -40.35 -0.65
CA THR B 328 -37.54 -41.06 -0.14
C THR B 328 -36.34 -40.90 -1.06
N TRP B 329 -36.58 -41.00 -2.37
CA TRP B 329 -35.51 -40.90 -3.35
C TRP B 329 -34.94 -39.49 -3.42
N LEU B 330 -35.81 -38.50 -3.56
CA LEU B 330 -35.39 -37.10 -3.66
C LEU B 330 -34.58 -36.70 -2.44
N THR B 331 -35.05 -37.09 -1.26
CA THR B 331 -34.37 -36.79 0.00
C THR B 331 -32.97 -37.40 0.00
N ALA B 332 -32.86 -38.62 -0.51
CA ALA B 332 -31.59 -39.32 -0.57
C ALA B 332 -30.68 -38.70 -1.63
N TYR B 333 -31.28 -38.22 -2.72
CA TYR B 333 -30.53 -37.60 -3.80
C TYR B 333 -29.93 -36.27 -3.37
N VAL B 334 -30.71 -35.49 -2.63
CA VAL B 334 -30.25 -34.21 -2.11
C VAL B 334 -28.96 -34.39 -1.31
N VAL B 335 -28.92 -35.45 -0.51
CA VAL B 335 -27.73 -35.75 0.29
C VAL B 335 -26.54 -36.06 -0.60
N LYS B 336 -26.79 -36.77 -1.70
CA LYS B 336 -25.74 -37.15 -2.63
C LYS B 336 -25.04 -35.93 -3.22
N VAL B 337 -25.84 -34.93 -3.60
CA VAL B 337 -25.30 -33.71 -4.22
C VAL B 337 -24.70 -32.77 -3.18
N PHE B 338 -25.39 -32.63 -2.06
CA PHE B 338 -24.94 -31.75 -0.98
C PHE B 338 -23.62 -32.23 -0.37
N SER B 339 -23.49 -33.53 -0.17
CA SER B 339 -22.29 -34.10 0.42
C SER B 339 -21.08 -33.96 -0.50
N LEU B 340 -21.35 -33.62 -1.76
CA LEU B 340 -20.28 -33.41 -2.73
C LEU B 340 -19.97 -31.93 -2.86
N ALA B 341 -20.96 -31.10 -2.59
CA ALA B 341 -20.81 -29.65 -2.68
C ALA B 341 -20.26 -29.04 -1.39
N VAL B 342 -19.95 -29.90 -0.42
CA VAL B 342 -19.41 -29.45 0.85
C VAL B 342 -18.01 -28.87 0.67
N ASN B 343 -17.33 -29.32 -0.38
CA ASN B 343 -15.98 -28.84 -0.68
C ASN B 343 -16.00 -27.61 -1.58
N LEU B 344 -17.20 -27.17 -1.94
CA LEU B 344 -17.36 -26.02 -2.83
C LEU B 344 -17.99 -24.84 -2.08
N ILE B 345 -19.07 -25.12 -1.36
CA ILE B 345 -19.78 -24.08 -0.62
C ILE B 345 -19.99 -24.50 0.84
N ALA B 346 -20.78 -23.72 1.56
CA ALA B 346 -21.06 -24.00 2.96
C ALA B 346 -22.37 -24.77 3.12
N ILE B 347 -22.26 -26.00 3.61
CA ILE B 347 -23.44 -26.84 3.80
C ILE B 347 -23.76 -27.00 5.28
N ASP B 348 -24.99 -26.64 5.66
CA ASP B 348 -25.43 -26.75 7.04
C ASP B 348 -25.53 -28.22 7.45
N SER B 349 -24.81 -28.58 8.51
CA SER B 349 -24.80 -29.96 8.99
C SER B 349 -26.18 -30.40 9.46
N GLN B 350 -26.96 -29.43 9.95
CA GLN B 350 -28.31 -29.72 10.43
C GLN B 350 -29.21 -30.19 9.29
N VAL B 351 -28.96 -29.67 8.09
CA VAL B 351 -29.76 -30.03 6.92
C VAL B 351 -29.28 -31.35 6.31
N LEU B 352 -27.99 -31.44 6.06
CA LEU B 352 -27.41 -32.63 5.45
C LEU B 352 -27.66 -33.87 6.31
N CYS B 353 -27.25 -33.81 7.57
CA CYS B 353 -27.43 -34.93 8.49
C CYS B 353 -28.90 -35.11 8.86
N GLY B 354 -29.68 -34.04 8.73
CA GLY B 354 -31.10 -34.09 9.03
C GLY B 354 -31.83 -35.01 8.07
N ALA B 355 -31.49 -34.91 6.78
CA ALA B 355 -32.11 -35.74 5.76
C ALA B 355 -31.65 -37.19 5.88
N VAL B 356 -30.43 -37.38 6.38
CA VAL B 356 -29.88 -38.71 6.57
C VAL B 356 -30.59 -39.45 7.70
N LYS B 357 -30.80 -38.76 8.81
CA LYS B 357 -31.46 -39.34 9.97
C LYS B 357 -32.90 -39.73 9.64
N TRP B 358 -33.52 -38.96 8.74
CA TRP B 358 -34.90 -39.23 8.33
C TRP B 358 -35.00 -40.53 7.54
N LEU B 359 -34.10 -40.70 6.57
CA LEU B 359 -34.08 -41.90 5.75
C LEU B 359 -33.87 -43.15 6.59
N ILE B 360 -33.05 -43.02 7.64
CA ILE B 360 -32.71 -44.14 8.50
C ILE B 360 -33.86 -44.53 9.43
N LEU B 361 -34.25 -43.59 10.29
CA LEU B 361 -35.27 -43.87 11.30
C LEU B 361 -36.66 -44.07 10.70
N GLU B 362 -37.01 -43.22 9.73
CA GLU B 362 -38.35 -43.24 9.17
C GLU B 362 -38.50 -44.24 8.01
N LYS B 363 -37.82 -43.95 6.90
CA LYS B 363 -37.99 -44.75 5.69
C LYS B 363 -36.95 -45.87 5.57
N GLN B 364 -36.98 -46.80 6.52
CA GLN B 364 -36.11 -47.97 6.46
C GLN B 364 -36.65 -49.10 7.33
N LYS B 365 -37.01 -50.21 6.69
CA LYS B 365 -37.55 -51.36 7.40
C LYS B 365 -36.43 -52.17 8.05
N PRO B 366 -36.79 -53.05 9.00
CA PRO B 366 -35.81 -53.89 9.70
C PRO B 366 -34.91 -54.67 8.75
N ASP B 367 -35.33 -54.81 7.50
CA ASP B 367 -34.57 -55.55 6.50
C ASP B 367 -33.39 -54.72 6.00
N GLY B 368 -33.45 -53.41 6.24
CA GLY B 368 -32.44 -52.50 5.75
C GLY B 368 -32.78 -51.98 4.37
N VAL B 369 -34.03 -52.20 3.97
CA VAL B 369 -34.50 -51.80 2.65
C VAL B 369 -35.18 -50.43 2.69
N PHE B 370 -34.89 -49.60 1.69
CA PHE B 370 -35.52 -48.29 1.57
C PHE B 370 -36.66 -48.35 0.56
N GLN B 371 -37.82 -47.83 0.95
CA GLN B 371 -38.99 -47.85 0.08
C GLN B 371 -39.44 -46.44 -0.29
N GLU B 372 -39.93 -46.28 -1.52
CA GLU B 372 -40.43 -45.00 -1.99
C GLU B 372 -41.93 -44.88 -1.76
N ASP B 373 -42.35 -43.81 -1.09
CA ASP B 373 -43.75 -43.60 -0.79
C ASP B 373 -44.36 -42.55 -1.72
N ALA B 374 -43.61 -41.50 -2.00
CA ALA B 374 -44.08 -40.44 -2.89
C ALA B 374 -43.10 -40.21 -4.04
N PRO B 375 -43.21 -41.06 -5.08
CA PRO B 375 -42.34 -40.97 -6.26
C PRO B 375 -42.33 -39.56 -6.86
N VAL B 376 -41.16 -39.09 -7.26
CA VAL B 376 -41.03 -37.76 -7.84
C VAL B 376 -41.80 -37.65 -9.16
N ILE B 377 -42.33 -36.46 -9.43
CA ILE B 377 -43.07 -36.20 -10.65
C ILE B 377 -42.19 -36.46 -11.87
N HIS B 378 -40.96 -35.96 -11.82
CA HIS B 378 -40.02 -36.16 -12.90
C HIS B 378 -39.36 -37.54 -12.82
N GLN B 379 -39.87 -38.48 -13.62
CA GLN B 379 -39.34 -39.84 -13.62
C GLN B 379 -38.08 -39.96 -14.47
N GLU B 380 -37.63 -38.84 -15.02
CA GLU B 380 -36.45 -38.85 -15.88
C GLU B 380 -35.17 -38.44 -15.13
N MET B 381 -35.36 -37.84 -13.96
CA MET B 381 -34.22 -37.40 -13.16
C MET B 381 -33.67 -38.53 -12.29
N ILE B 382 -34.44 -39.61 -12.19
CA ILE B 382 -34.02 -40.75 -11.39
C ILE B 382 -33.11 -41.70 -12.17
N GLY B 383 -32.99 -41.45 -13.46
CA GLY B 383 -32.09 -42.21 -14.31
C GLY B 383 -32.52 -43.66 -14.53
N GLY B 384 -31.73 -44.58 -13.99
CA GLY B 384 -31.96 -45.99 -14.21
C GLY B 384 -32.92 -46.65 -13.22
N LEU B 385 -33.64 -45.82 -12.47
CA LEU B 385 -34.61 -46.32 -11.51
C LEU B 385 -36.04 -46.19 -12.04
N ARG B 386 -36.17 -45.58 -13.22
CA ARG B 386 -37.48 -45.41 -13.84
C ARG B 386 -38.11 -46.76 -14.10
N ASN B 387 -37.42 -47.60 -14.87
CA ASN B 387 -37.86 -48.98 -15.08
C ASN B 387 -37.45 -49.81 -13.87
N ASN B 388 -38.44 -50.32 -13.14
CA ASN B 388 -38.17 -51.04 -11.89
C ASN B 388 -38.43 -52.54 -11.97
N ASN B 389 -37.48 -53.28 -12.50
CA ASN B 389 -37.54 -54.73 -12.50
C ASN B 389 -37.05 -55.26 -11.16
N GLU B 390 -36.21 -54.47 -10.50
CA GLU B 390 -35.67 -54.81 -9.19
C GLU B 390 -35.63 -53.57 -8.31
N LYS B 391 -36.80 -52.99 -8.07
CA LYS B 391 -36.92 -51.73 -7.33
C LYS B 391 -36.22 -51.79 -5.96
N ASP B 392 -36.40 -52.89 -5.26
CA ASP B 392 -35.83 -53.05 -3.92
C ASP B 392 -34.31 -52.93 -3.92
N MET B 393 -33.66 -53.74 -4.74
CA MET B 393 -32.20 -53.75 -4.81
C MET B 393 -31.63 -52.41 -5.27
N ALA B 394 -32.30 -51.81 -6.26
CA ALA B 394 -31.84 -50.56 -6.84
C ALA B 394 -31.95 -49.39 -5.86
N LEU B 395 -33.17 -49.13 -5.38
CA LEU B 395 -33.42 -48.01 -4.47
C LEU B 395 -32.59 -48.12 -3.20
N THR B 396 -32.52 -49.31 -2.64
CA THR B 396 -31.76 -49.54 -1.41
C THR B 396 -30.28 -49.24 -1.62
N ALA B 397 -29.79 -49.52 -2.83
CA ALA B 397 -28.39 -49.27 -3.17
C ALA B 397 -28.14 -47.79 -3.41
N PHE B 398 -29.11 -47.12 -4.02
CA PHE B 398 -28.99 -45.69 -4.31
C PHE B 398 -28.93 -44.87 -3.02
N VAL B 399 -29.89 -45.09 -2.14
CA VAL B 399 -29.93 -44.38 -0.86
C VAL B 399 -28.71 -44.72 -0.01
N LEU B 400 -28.28 -45.97 -0.07
CA LEU B 400 -27.14 -46.44 0.70
C LEU B 400 -25.87 -45.69 0.34
N ILE B 401 -25.61 -45.55 -0.97
CA ILE B 401 -24.43 -44.84 -1.45
C ILE B 401 -24.42 -43.40 -0.97
N SER B 402 -25.59 -42.76 -0.96
CA SER B 402 -25.72 -41.38 -0.52
C SER B 402 -25.32 -41.24 0.95
N LEU B 403 -25.68 -42.24 1.76
CA LEU B 403 -25.37 -42.22 3.18
C LEU B 403 -23.88 -42.36 3.44
N GLN B 404 -23.22 -43.21 2.64
CA GLN B 404 -21.79 -43.47 2.81
C GLN B 404 -20.94 -42.29 2.34
N GLU B 405 -21.53 -41.42 1.52
CA GLU B 405 -20.83 -40.25 1.04
C GLU B 405 -20.94 -39.10 2.05
N ALA B 406 -21.84 -39.26 3.01
CA ALA B 406 -22.04 -38.26 4.05
C ALA B 406 -21.71 -38.86 5.42
N LYS B 407 -21.11 -40.04 5.41
CA LYS B 407 -20.75 -40.73 6.64
C LYS B 407 -19.67 -39.98 7.42
N ASP B 408 -18.69 -39.47 6.69
CA ASP B 408 -17.58 -38.74 7.30
C ASP B 408 -18.04 -37.43 7.93
N ILE B 409 -19.20 -36.94 7.49
CA ILE B 409 -19.73 -35.67 7.98
C ILE B 409 -20.73 -35.88 9.12
N CYS B 410 -21.72 -36.74 8.88
CA CYS B 410 -22.77 -36.98 9.87
C CYS B 410 -22.40 -38.09 10.84
N GLU B 411 -21.10 -38.29 11.04
CA GLU B 411 -20.62 -39.30 11.98
C GLU B 411 -20.68 -38.77 13.41
N GLU B 412 -20.77 -37.45 13.54
CA GLU B 412 -20.84 -36.81 14.84
C GLU B 412 -22.27 -36.71 15.35
N GLN B 413 -23.18 -36.30 14.47
CA GLN B 413 -24.58 -36.13 14.84
C GLN B 413 -25.34 -37.46 14.80
N VAL B 414 -25.53 -37.99 13.60
CA VAL B 414 -26.23 -39.26 13.43
C VAL B 414 -25.44 -40.40 14.03
N ASN B 415 -25.97 -41.01 15.10
CA ASN B 415 -25.30 -42.10 15.78
C ASN B 415 -25.76 -43.48 15.29
N SER B 416 -26.92 -43.51 14.64
CA SER B 416 -27.46 -44.76 14.14
C SER B 416 -27.09 -44.97 12.67
N LEU B 417 -26.14 -44.18 12.18
CA LEU B 417 -25.71 -44.27 10.79
C LEU B 417 -24.94 -45.57 10.51
N PRO B 418 -23.91 -45.86 11.33
CA PRO B 418 -23.14 -47.09 11.11
C PRO B 418 -24.03 -48.33 11.11
N GLY B 419 -25.01 -48.34 12.01
CA GLY B 419 -25.94 -49.47 12.10
C GLY B 419 -26.79 -49.59 10.86
N SER B 420 -27.27 -48.47 10.35
CA SER B 420 -28.09 -48.45 9.14
C SER B 420 -27.29 -48.92 7.92
N ILE B 421 -26.06 -48.46 7.83
CA ILE B 421 -25.19 -48.82 6.72
C ILE B 421 -24.98 -50.33 6.66
N THR B 422 -24.86 -50.96 7.82
CA THR B 422 -24.66 -52.40 7.88
C THR B 422 -25.93 -53.15 7.48
N LYS B 423 -27.08 -52.65 7.94
CA LYS B 423 -28.37 -53.27 7.62
C LYS B 423 -28.57 -53.38 6.11
N ALA B 424 -28.43 -52.25 5.42
CA ALA B 424 -28.59 -52.21 3.97
C ALA B 424 -27.57 -53.12 3.29
N GLY B 425 -26.37 -53.19 3.85
CA GLY B 425 -25.31 -54.01 3.30
C GLY B 425 -25.67 -55.50 3.34
N ASP B 426 -26.17 -55.95 4.48
CA ASP B 426 -26.56 -57.34 4.64
C ASP B 426 -27.63 -57.73 3.62
N PHE B 427 -28.49 -56.77 3.30
CA PHE B 427 -29.57 -57.00 2.34
C PHE B 427 -29.06 -57.19 0.92
N LEU B 428 -28.26 -56.23 0.45
CA LEU B 428 -27.74 -56.27 -0.91
C LEU B 428 -26.88 -57.51 -1.17
N GLU B 429 -26.10 -57.89 -0.16
CA GLU B 429 -25.18 -59.02 -0.28
C GLU B 429 -25.91 -60.35 -0.36
N ALA B 430 -27.15 -60.37 0.12
CA ALA B 430 -27.94 -61.60 0.15
C ALA B 430 -28.74 -61.81 -1.13
N ASN B 431 -28.78 -60.79 -1.99
CA ASN B 431 -29.56 -60.87 -3.21
C ASN B 431 -28.76 -60.45 -4.45
N TYR B 432 -27.47 -60.16 -4.25
CA TYR B 432 -26.61 -59.71 -5.33
C TYR B 432 -26.36 -60.82 -6.34
N MET B 433 -26.48 -62.06 -5.90
CA MET B 433 -26.24 -63.21 -6.77
C MET B 433 -27.50 -63.60 -7.55
N ASN B 434 -28.56 -62.80 -7.41
CA ASN B 434 -29.82 -63.06 -8.07
C ASN B 434 -30.25 -61.97 -9.03
N LEU B 435 -29.41 -60.94 -9.16
CA LEU B 435 -29.71 -59.82 -10.03
C LEU B 435 -29.69 -60.25 -11.50
N GLN B 436 -30.42 -59.52 -12.34
CA GLN B 436 -30.50 -59.84 -13.76
C GLN B 436 -30.02 -58.67 -14.62
N ARG B 437 -30.42 -57.46 -14.25
CA ARG B 437 -30.05 -56.27 -15.00
C ARG B 437 -28.62 -55.84 -14.71
N SER B 438 -27.88 -55.50 -15.75
CA SER B 438 -26.50 -55.05 -15.61
C SER B 438 -26.43 -53.74 -14.82
N TYR B 439 -27.49 -52.95 -14.91
CA TYR B 439 -27.57 -51.68 -14.20
C TYR B 439 -27.58 -51.90 -12.69
N THR B 440 -28.53 -52.71 -12.22
CA THR B 440 -28.67 -52.99 -10.80
C THR B 440 -27.38 -53.60 -10.24
N VAL B 441 -26.73 -54.43 -11.03
CA VAL B 441 -25.49 -55.08 -10.63
C VAL B 441 -24.39 -54.05 -10.39
N ALA B 442 -24.39 -52.99 -11.19
CA ALA B 442 -23.38 -51.95 -11.09
C ALA B 442 -23.62 -51.02 -9.90
N ILE B 443 -24.86 -50.56 -9.75
CA ILE B 443 -25.21 -49.64 -8.67
C ILE B 443 -25.13 -50.31 -7.29
N ALA B 444 -25.45 -51.60 -7.25
CA ALA B 444 -25.38 -52.36 -6.01
C ALA B 444 -23.96 -52.82 -5.73
N GLY B 445 -23.19 -53.04 -6.80
CA GLY B 445 -21.80 -53.46 -6.68
C GLY B 445 -20.93 -52.38 -6.07
N TYR B 446 -21.18 -51.13 -6.47
CA TYR B 446 -20.44 -50.00 -5.94
C TYR B 446 -20.80 -49.73 -4.50
N ALA B 447 -22.04 -50.06 -4.13
CA ALA B 447 -22.50 -49.89 -2.76
C ALA B 447 -21.82 -50.89 -1.83
N LEU B 448 -21.58 -52.09 -2.34
CA LEU B 448 -20.91 -53.13 -1.58
C LEU B 448 -19.39 -52.96 -1.64
N ALA B 449 -18.92 -52.28 -2.68
CA ALA B 449 -17.50 -52.04 -2.84
C ALA B 449 -16.98 -51.07 -1.78
N GLN B 450 -17.81 -50.09 -1.43
CA GLN B 450 -17.44 -49.11 -0.42
C GLN B 450 -17.30 -49.77 0.96
N MET B 451 -17.88 -50.95 1.10
CA MET B 451 -17.80 -51.69 2.35
C MET B 451 -16.75 -52.79 2.28
N GLY B 452 -16.23 -53.01 1.07
CA GLY B 452 -15.26 -54.06 0.85
C GLY B 452 -15.90 -55.43 0.99
N ARG B 453 -17.24 -55.46 0.89
CA ARG B 453 -17.99 -56.69 1.03
C ARG B 453 -18.35 -57.28 -0.34
N LEU B 454 -17.60 -56.89 -1.35
CA LEU B 454 -17.80 -57.40 -2.71
C LEU B 454 -16.68 -58.36 -3.07
N LYS B 455 -16.76 -59.58 -2.55
CA LYS B 455 -15.74 -60.59 -2.79
C LYS B 455 -16.35 -61.91 -3.24
N GLY B 456 -15.50 -62.86 -3.61
CA GLY B 456 -15.94 -64.18 -4.02
C GLY B 456 -16.89 -64.16 -5.19
N PRO B 457 -17.98 -64.94 -5.11
CA PRO B 457 -18.99 -65.06 -6.17
C PRO B 457 -19.57 -63.70 -6.56
N LEU B 458 -19.80 -62.83 -5.58
CA LEU B 458 -20.36 -61.51 -5.83
C LEU B 458 -19.43 -60.69 -6.72
N LEU B 459 -18.14 -60.69 -6.38
CA LEU B 459 -17.14 -59.96 -7.15
C LEU B 459 -17.01 -60.56 -8.55
N ASN B 460 -17.14 -61.88 -8.64
CA ASN B 460 -17.04 -62.57 -9.92
C ASN B 460 -18.20 -62.21 -10.85
N LYS B 461 -19.40 -62.10 -10.30
CA LYS B 461 -20.59 -61.75 -11.07
C LYS B 461 -20.51 -60.32 -11.58
N PHE B 462 -20.04 -59.41 -10.72
CA PHE B 462 -19.92 -58.00 -11.09
C PHE B 462 -19.04 -57.78 -12.30
N LEU B 463 -17.96 -58.57 -12.40
CA LEU B 463 -17.00 -58.42 -13.49
C LEU B 463 -17.47 -59.09 -14.77
N THR B 464 -18.07 -60.28 -14.63
CA THR B 464 -18.54 -61.04 -15.79
C THR B 464 -19.75 -60.39 -16.44
N THR B 465 -20.52 -59.66 -15.66
CA THR B 465 -21.72 -58.99 -16.17
C THR B 465 -21.37 -58.03 -17.32
N ALA B 466 -20.26 -57.33 -17.18
CA ALA B 466 -19.81 -56.39 -18.20
C ALA B 466 -19.51 -57.11 -19.52
N LYS B 467 -20.21 -56.73 -20.57
CA LYS B 467 -19.99 -57.31 -21.90
C LYS B 467 -18.73 -56.73 -22.53
N ASP B 468 -17.92 -57.60 -23.12
CA ASP B 468 -16.66 -57.19 -23.73
C ASP B 468 -15.70 -56.59 -22.72
N LYS B 469 -16.02 -56.76 -21.44
CA LYS B 469 -15.18 -56.27 -20.35
C LYS B 469 -14.88 -54.78 -20.47
N ASN B 470 -15.92 -53.98 -20.67
CA ASN B 470 -15.74 -52.54 -20.80
C ASN B 470 -17.03 -51.73 -20.63
N ARG B 471 -18.15 -52.43 -20.45
CA ARG B 471 -19.43 -51.74 -20.31
C ARG B 471 -20.51 -52.63 -19.67
N TRP B 472 -21.32 -52.02 -18.80
CA TRP B 472 -22.46 -52.70 -18.21
C TRP B 472 -23.74 -52.22 -18.88
N GLU B 473 -23.95 -52.62 -20.12
CA GLU B 473 -25.08 -52.13 -20.91
C GLU B 473 -26.32 -52.99 -20.79
N ASP B 474 -27.47 -52.35 -20.96
CA ASP B 474 -28.76 -53.05 -20.97
C ASP B 474 -29.56 -52.64 -22.21
N PRO B 475 -30.19 -53.63 -22.87
CA PRO B 475 -30.97 -53.39 -24.10
C PRO B 475 -32.01 -52.29 -23.94
N GLY B 476 -31.72 -51.09 -24.43
CA GLY B 476 -32.66 -50.00 -24.37
C GLY B 476 -32.10 -48.72 -23.77
N LYS B 477 -32.36 -47.60 -24.44
CA LYS B 477 -31.97 -46.28 -23.94
C LYS B 477 -30.45 -46.11 -23.82
N GLN B 478 -30.03 -44.88 -23.53
CA GLN B 478 -28.62 -44.55 -23.37
C GLN B 478 -28.34 -44.13 -21.94
N LEU B 479 -29.31 -43.42 -21.34
CA LEU B 479 -29.20 -42.96 -19.96
C LEU B 479 -28.91 -44.11 -19.00
N TYR B 480 -29.53 -45.25 -19.25
CA TYR B 480 -29.39 -46.41 -18.38
C TYR B 480 -28.06 -47.13 -18.59
N ASN B 481 -27.42 -46.87 -19.72
CA ASN B 481 -26.15 -47.50 -20.04
C ASN B 481 -24.95 -46.74 -19.45
N VAL B 482 -24.83 -45.48 -19.82
CA VAL B 482 -23.72 -44.65 -19.35
C VAL B 482 -23.69 -44.57 -17.82
N GLU B 483 -24.87 -44.41 -17.23
CA GLU B 483 -24.98 -44.31 -15.77
C GLU B 483 -24.52 -45.60 -15.09
N ALA B 484 -24.96 -46.73 -15.61
CA ALA B 484 -24.59 -48.03 -15.05
C ALA B 484 -23.09 -48.23 -15.06
N THR B 485 -22.48 -48.00 -16.21
CA THR B 485 -21.04 -48.16 -16.37
C THR B 485 -20.27 -47.23 -15.42
N SER B 486 -20.85 -46.07 -15.14
CA SER B 486 -20.24 -45.10 -14.23
C SER B 486 -20.14 -45.67 -12.81
N TYR B 487 -21.25 -46.22 -12.32
CA TYR B 487 -21.26 -46.84 -11.00
C TYR B 487 -20.26 -47.98 -10.92
N ALA B 488 -20.13 -48.72 -12.02
CA ALA B 488 -19.19 -49.84 -12.08
C ALA B 488 -17.75 -49.34 -12.06
N LEU B 489 -17.50 -48.22 -12.73
CA LEU B 489 -16.17 -47.63 -12.76
C LEU B 489 -15.73 -47.19 -11.36
N LEU B 490 -16.63 -46.52 -10.66
CA LEU B 490 -16.37 -46.09 -9.29
C LEU B 490 -16.13 -47.29 -8.38
N ALA B 491 -16.73 -48.42 -8.74
CA ALA B 491 -16.56 -49.66 -7.98
C ALA B 491 -15.18 -50.26 -8.21
N LEU B 492 -14.73 -50.24 -9.46
CA LEU B 492 -13.41 -50.75 -9.81
C LEU B 492 -12.32 -49.93 -9.14
N LEU B 493 -12.49 -48.62 -9.14
CA LEU B 493 -11.54 -47.71 -8.50
C LEU B 493 -11.56 -47.90 -6.98
N GLN B 494 -12.72 -48.28 -6.46
CA GLN B 494 -12.88 -48.52 -5.03
C GLN B 494 -12.20 -49.83 -4.63
N LEU B 495 -12.19 -50.78 -5.56
CA LEU B 495 -11.57 -52.08 -5.32
C LEU B 495 -10.10 -52.06 -5.71
N LYS B 496 -9.64 -50.91 -6.20
CA LYS B 496 -8.25 -50.73 -6.59
C LYS B 496 -7.84 -51.73 -7.68
N ASP B 497 -8.80 -52.18 -8.46
CA ASP B 497 -8.52 -53.10 -9.57
C ASP B 497 -8.27 -52.32 -10.85
N PHE B 498 -7.13 -51.65 -10.92
CA PHE B 498 -6.81 -50.79 -12.05
C PHE B 498 -6.36 -51.60 -13.27
N ASP B 499 -6.57 -52.90 -13.22
CA ASP B 499 -6.24 -53.77 -14.34
C ASP B 499 -7.46 -53.99 -15.24
N PHE B 500 -8.63 -53.66 -14.70
CA PHE B 500 -9.88 -53.81 -15.43
C PHE B 500 -10.50 -52.44 -15.69
N VAL B 501 -9.88 -51.40 -15.12
CA VAL B 501 -10.38 -50.04 -15.24
C VAL B 501 -10.17 -49.43 -16.64
N PRO B 502 -8.94 -49.53 -17.18
CA PRO B 502 -8.64 -48.93 -18.48
C PRO B 502 -9.67 -49.21 -19.57
N PRO B 503 -10.08 -50.48 -19.75
CA PRO B 503 -11.07 -50.80 -20.79
C PRO B 503 -12.39 -50.04 -20.57
N VAL B 504 -12.78 -49.89 -19.31
CA VAL B 504 -14.03 -49.21 -18.97
C VAL B 504 -13.95 -47.71 -19.24
N VAL B 505 -12.97 -47.05 -18.62
CA VAL B 505 -12.79 -45.62 -18.80
C VAL B 505 -12.66 -45.27 -20.28
N ARG B 506 -11.99 -46.13 -21.03
CA ARG B 506 -11.78 -45.92 -22.45
C ARG B 506 -13.12 -45.92 -23.20
N TRP B 507 -14.04 -46.76 -22.76
CA TRP B 507 -15.35 -46.88 -23.40
C TRP B 507 -16.19 -45.62 -23.20
N LEU B 508 -16.07 -45.01 -22.03
CA LEU B 508 -16.83 -43.80 -21.72
C LEU B 508 -16.33 -42.62 -22.56
N ASN B 509 -15.02 -42.42 -22.58
CA ASN B 509 -14.42 -41.33 -23.35
C ASN B 509 -14.63 -41.50 -24.85
N GLU B 510 -14.66 -42.75 -25.31
CA GLU B 510 -14.84 -43.04 -26.72
C GLU B 510 -16.32 -43.06 -27.10
N GLN B 511 -17.16 -42.58 -26.20
CA GLN B 511 -18.60 -42.50 -26.47
C GLN B 511 -19.04 -41.05 -26.51
N ARG B 512 -18.19 -40.17 -25.96
CA ARG B 512 -18.43 -38.72 -25.99
C ARG B 512 -19.83 -38.33 -25.50
N TYR B 513 -20.00 -38.30 -24.19
CA TYR B 513 -21.25 -37.87 -23.57
C TYR B 513 -20.97 -36.74 -22.59
N TYR B 514 -21.17 -35.51 -23.04
CA TYR B 514 -20.88 -34.33 -22.22
C TYR B 514 -22.07 -33.93 -21.36
N GLY B 515 -22.96 -34.89 -21.11
CA GLY B 515 -24.14 -34.64 -20.28
C GLY B 515 -25.06 -33.60 -20.88
N GLY B 516 -25.97 -33.09 -20.05
CA GLY B 516 -26.93 -32.09 -20.50
C GLY B 516 -28.06 -32.69 -21.32
N GLY B 517 -29.21 -32.04 -21.30
CA GLY B 517 -30.36 -32.51 -22.04
C GLY B 517 -31.52 -32.90 -21.14
N TYR B 518 -32.49 -33.60 -21.71
CA TYR B 518 -33.67 -34.04 -20.97
C TYR B 518 -33.42 -35.36 -20.25
N GLY B 519 -33.68 -35.37 -18.95
CA GLY B 519 -33.51 -36.56 -18.15
C GLY B 519 -32.07 -37.02 -18.04
N SER B 520 -31.14 -36.08 -18.14
CA SER B 520 -29.72 -36.39 -18.06
C SER B 520 -29.17 -36.06 -16.68
N THR B 521 -30.06 -36.01 -15.69
CA THR B 521 -29.66 -35.67 -14.32
C THR B 521 -28.71 -36.69 -13.73
N GLN B 522 -29.06 -37.97 -13.87
CA GLN B 522 -28.26 -39.05 -13.31
C GLN B 522 -26.99 -39.31 -14.11
N ALA B 523 -27.14 -39.43 -15.43
CA ALA B 523 -26.00 -39.71 -16.30
C ALA B 523 -24.89 -38.68 -16.11
N THR B 524 -25.26 -37.40 -16.13
CA THR B 524 -24.30 -36.31 -16.02
C THR B 524 -23.55 -36.34 -14.69
N PHE B 525 -24.30 -36.45 -13.59
CA PHE B 525 -23.71 -36.40 -12.26
C PHE B 525 -22.82 -37.61 -11.98
N MET B 526 -23.06 -38.71 -12.69
CA MET B 526 -22.30 -39.94 -12.46
C MET B 526 -21.12 -40.10 -13.41
N VAL B 527 -21.32 -39.81 -14.68
CA VAL B 527 -20.27 -39.98 -15.68
C VAL B 527 -19.08 -39.07 -15.41
N PHE B 528 -19.35 -37.91 -14.81
CA PHE B 528 -18.29 -36.97 -14.47
C PHE B 528 -17.73 -37.23 -13.07
N GLN B 529 -18.54 -37.87 -12.23
CA GLN B 529 -18.09 -38.24 -10.89
C GLN B 529 -17.11 -39.39 -10.96
N ALA B 530 -17.30 -40.26 -11.96
CA ALA B 530 -16.44 -41.42 -12.15
C ALA B 530 -15.13 -41.04 -12.82
N LEU B 531 -15.21 -40.18 -13.83
CA LEU B 531 -14.02 -39.73 -14.55
C LEU B 531 -13.15 -38.80 -13.70
N ALA B 532 -13.80 -38.04 -12.82
CA ALA B 532 -13.08 -37.15 -11.92
C ALA B 532 -12.36 -37.96 -10.84
N GLN B 533 -13.05 -38.96 -10.31
CA GLN B 533 -12.46 -39.84 -9.30
C GLN B 533 -11.36 -40.69 -9.93
N TYR B 534 -11.46 -40.88 -11.24
CA TYR B 534 -10.46 -41.65 -11.98
C TYR B 534 -9.16 -40.88 -12.15
N GLN B 535 -9.26 -39.57 -12.24
CA GLN B 535 -8.09 -38.72 -12.42
C GLN B 535 -7.22 -38.65 -11.17
N LYS B 536 -7.79 -39.04 -10.03
CA LYS B 536 -7.06 -39.03 -8.77
C LYS B 536 -6.49 -40.41 -8.44
N ASP B 537 -7.23 -41.45 -8.80
CA ASP B 537 -6.83 -42.82 -8.49
C ASP B 537 -6.08 -43.47 -9.64
N ALA B 538 -5.89 -42.73 -10.73
CA ALA B 538 -5.21 -43.25 -11.91
C ALA B 538 -3.72 -43.49 -11.66
N PRO B 539 -3.28 -44.75 -11.82
CA PRO B 539 -1.87 -45.14 -11.68
C PRO B 539 -0.99 -44.43 -12.71
N ASP B 540 0.23 -44.91 -12.89
CA ASP B 540 1.16 -44.29 -13.82
C ASP B 540 1.91 -45.32 -14.65
N HIS B 541 1.90 -46.57 -14.20
CA HIS B 541 2.68 -47.62 -14.83
C HIS B 541 2.20 -49.01 -14.40
N GLN B 542 3.09 -49.99 -14.47
CA GLN B 542 2.78 -51.35 -14.03
C GLN B 542 3.78 -51.81 -12.98
N GLU B 543 3.38 -52.81 -12.19
CA GLU B 543 4.23 -53.32 -11.12
C GLU B 543 5.65 -53.63 -11.59
N LEU B 544 6.59 -52.81 -11.15
CA LEU B 544 7.99 -53.01 -11.50
C LEU B 544 8.78 -53.49 -10.28
N ASN B 545 8.84 -54.81 -10.11
CA ASN B 545 9.56 -55.40 -8.99
C ASN B 545 10.27 -56.69 -9.40
N LEU B 546 11.40 -56.55 -10.08
CA LEU B 546 12.18 -57.69 -10.54
C LEU B 546 13.20 -58.15 -9.50
N ASP B 547 13.17 -59.43 -9.18
CA ASP B 547 14.11 -60.01 -8.24
C ASP B 547 15.19 -60.79 -9.00
N VAL B 548 16.01 -60.08 -9.75
CA VAL B 548 17.06 -60.71 -10.57
C VAL B 548 18.25 -61.13 -9.72
N SER B 549 18.48 -62.43 -9.65
CA SER B 549 19.62 -62.97 -8.91
C SER B 549 20.52 -63.81 -9.81
N LEU B 550 21.76 -63.38 -9.95
CA LEU B 550 22.71 -64.08 -10.81
C LEU B 550 23.83 -64.72 -9.98
N GLN B 551 24.14 -65.98 -10.29
CA GLN B 551 25.20 -66.70 -9.59
C GLN B 551 26.33 -67.06 -10.54
N LEU B 552 27.57 -66.85 -10.10
CA LEU B 552 28.74 -67.16 -10.91
C LEU B 552 29.44 -68.42 -10.40
N PRO B 553 29.96 -69.23 -11.33
CA PRO B 553 30.68 -70.47 -11.00
C PRO B 553 31.84 -70.19 -10.05
N SER B 554 32.52 -69.07 -10.24
CA SER B 554 33.66 -68.71 -9.40
C SER B 554 33.22 -67.84 -8.22
N ARG B 555 32.13 -68.25 -7.58
CA ARG B 555 31.61 -67.52 -6.43
C ARG B 555 30.58 -68.35 -5.67
N SER B 556 30.71 -68.35 -4.35
CA SER B 556 29.82 -69.14 -3.49
C SER B 556 28.40 -68.58 -3.49
N SER B 557 28.19 -67.51 -2.74
CA SER B 557 26.87 -66.90 -2.61
C SER B 557 26.37 -66.31 -3.93
N LYS B 558 25.08 -66.01 -3.99
CA LYS B 558 24.48 -65.42 -5.17
C LYS B 558 24.52 -63.90 -5.11
N ILE B 559 24.17 -63.27 -6.23
CA ILE B 559 24.10 -61.81 -6.30
C ILE B 559 22.66 -61.38 -6.57
N THR B 560 21.94 -61.02 -5.51
CA THR B 560 20.53 -60.69 -5.63
C THR B 560 20.30 -59.18 -5.73
N HIS B 561 19.48 -58.78 -6.69
CA HIS B 561 19.14 -57.38 -6.88
C HIS B 561 17.65 -57.21 -7.16
N ARG B 562 17.05 -56.18 -6.56
CA ARG B 562 15.65 -55.87 -6.81
C ARG B 562 15.50 -54.51 -7.47
N ILE B 563 14.69 -54.46 -8.53
CA ILE B 563 14.48 -53.23 -9.27
C ILE B 563 13.05 -52.71 -9.10
N HIS B 564 12.91 -51.57 -8.43
CA HIS B 564 11.60 -50.96 -8.22
C HIS B 564 11.38 -49.78 -9.15
N TRP B 565 10.16 -49.25 -9.15
CA TRP B 565 9.80 -48.11 -9.98
C TRP B 565 10.65 -46.89 -9.66
N GLU B 566 10.91 -46.68 -8.37
CA GLU B 566 11.69 -45.53 -7.93
C GLU B 566 13.17 -45.69 -8.28
N SER B 567 13.69 -46.89 -8.10
CA SER B 567 15.10 -47.16 -8.37
C SER B 567 15.32 -47.78 -9.74
N ALA B 568 14.47 -47.41 -10.68
CA ALA B 568 14.60 -47.91 -12.06
C ALA B 568 15.70 -47.18 -12.80
N SER B 569 15.94 -47.57 -14.05
CA SER B 569 16.97 -46.97 -14.88
C SER B 569 18.29 -46.81 -14.12
N LEU B 570 18.63 -47.80 -13.30
CA LEU B 570 19.85 -47.77 -12.53
C LEU B 570 20.85 -48.81 -13.04
N LEU B 571 22.08 -48.37 -13.31
CA LEU B 571 23.12 -49.26 -13.80
C LEU B 571 23.80 -50.03 -12.67
N ARG B 572 23.26 -51.21 -12.36
CA ARG B 572 23.84 -52.06 -11.33
C ARG B 572 24.81 -53.04 -11.96
N SER B 573 26.10 -52.72 -11.89
CA SER B 573 27.12 -53.54 -12.54
C SER B 573 27.90 -54.41 -11.56
N GLU B 574 28.42 -55.53 -12.05
CA GLU B 574 29.23 -56.43 -11.25
C GLU B 574 30.40 -56.93 -12.08
N GLU B 575 31.62 -56.63 -11.66
CA GLU B 575 32.79 -57.03 -12.42
C GLU B 575 33.44 -58.32 -11.93
N THR B 576 34.02 -59.07 -12.87
CA THR B 576 34.62 -60.37 -12.58
C THR B 576 35.83 -60.61 -13.47
N LYS B 577 37.01 -60.57 -12.88
CA LYS B 577 38.26 -60.72 -13.63
C LYS B 577 38.38 -62.10 -14.27
N GLU B 578 37.49 -63.01 -13.90
CA GLU B 578 37.53 -64.38 -14.42
C GLU B 578 36.43 -64.60 -15.46
N ASN B 579 36.81 -65.19 -16.58
CA ASN B 579 35.87 -65.45 -17.67
C ASN B 579 35.19 -66.82 -17.52
N GLU B 580 34.03 -66.82 -16.90
CA GLU B 580 33.27 -68.06 -16.68
C GLU B 580 31.88 -67.95 -17.29
N GLY B 581 31.20 -69.10 -17.40
CA GLY B 581 29.85 -69.14 -17.92
C GLY B 581 28.82 -69.11 -16.81
N PHE B 582 28.38 -67.89 -16.46
CA PHE B 582 27.41 -67.72 -15.38
C PHE B 582 25.98 -67.80 -15.89
N THR B 583 25.03 -67.82 -14.96
CA THR B 583 23.62 -67.88 -15.31
C THR B 583 22.81 -66.85 -14.52
N VAL B 584 21.95 -66.13 -15.22
CA VAL B 584 21.12 -65.10 -14.61
C VAL B 584 19.67 -65.57 -14.49
N THR B 585 19.07 -65.38 -13.32
CA THR B 585 17.69 -65.79 -13.09
C THR B 585 16.83 -64.64 -12.59
N ALA B 586 15.86 -64.24 -13.40
CA ALA B 586 14.94 -63.18 -13.02
C ALA B 586 13.63 -63.76 -12.47
N GLU B 587 12.95 -62.99 -11.64
CA GLU B 587 11.70 -63.45 -11.02
C GLU B 587 10.88 -62.28 -10.51
N GLY B 588 9.57 -62.34 -10.72
CA GLY B 588 8.67 -61.30 -10.27
C GLY B 588 7.95 -60.60 -11.41
N LYS B 589 7.22 -59.54 -11.08
CA LYS B 589 6.49 -58.78 -12.08
C LYS B 589 7.28 -57.55 -12.51
N GLY B 590 7.25 -57.25 -13.81
CA GLY B 590 7.94 -56.09 -14.33
C GLY B 590 8.71 -56.38 -15.61
N GLN B 591 9.64 -55.49 -15.95
CA GLN B 591 10.46 -55.64 -17.15
C GLN B 591 11.75 -54.85 -17.04
N GLY B 592 12.86 -55.50 -17.40
CA GLY B 592 14.17 -54.87 -17.34
C GLY B 592 15.03 -55.18 -18.54
N THR B 593 16.35 -55.05 -18.37
CA THR B 593 17.29 -55.30 -19.45
C THR B 593 18.63 -55.78 -18.92
N LEU B 594 19.16 -56.85 -19.51
CA LEU B 594 20.45 -57.40 -19.12
C LEU B 594 21.49 -57.19 -20.21
N SER B 595 22.69 -56.77 -19.81
CA SER B 595 23.77 -56.53 -20.76
C SER B 595 25.12 -56.96 -20.18
N VAL B 596 25.84 -57.78 -20.93
CA VAL B 596 27.14 -58.28 -20.48
C VAL B 596 28.23 -57.98 -21.51
N VAL B 597 29.23 -57.20 -21.09
CA VAL B 597 30.34 -56.84 -21.97
C VAL B 597 31.68 -57.05 -21.27
N THR B 598 32.60 -57.72 -21.95
CA THR B 598 33.93 -57.97 -21.40
C THR B 598 34.96 -57.04 -22.03
N MET B 599 35.86 -56.52 -21.19
CA MET B 599 36.91 -55.63 -21.65
C MET B 599 38.28 -56.29 -21.49
N TYR B 600 39.13 -56.14 -22.50
CA TYR B 600 40.44 -56.77 -22.47
C TYR B 600 41.39 -56.14 -23.48
N HIS B 601 42.61 -56.67 -23.54
CA HIS B 601 43.59 -56.22 -24.52
C HIS B 601 43.71 -57.23 -25.66
N ALA B 602 43.31 -56.82 -26.86
CA ALA B 602 43.32 -57.70 -28.01
C ALA B 602 44.64 -57.63 -28.77
N LYS B 603 45.07 -58.77 -29.30
CA LYS B 603 46.30 -58.84 -30.08
C LYS B 603 46.04 -58.36 -31.50
N ALA B 604 45.63 -57.10 -31.63
CA ALA B 604 45.31 -56.52 -32.93
C ALA B 604 46.55 -56.48 -33.83
N LYS B 605 47.54 -55.70 -33.40
CA LYS B 605 48.78 -55.49 -34.16
C LYS B 605 49.05 -56.62 -35.16
N ASP B 606 48.93 -56.33 -36.46
CA ASP B 606 48.58 -55.01 -37.01
C ASP B 606 49.54 -53.86 -36.67
N GLN B 607 49.01 -52.64 -36.65
CA GLN B 607 49.80 -51.44 -36.39
C GLN B 607 50.80 -51.67 -35.25
N LEU B 608 52.07 -51.36 -35.46
CA LEU B 608 52.59 -50.74 -36.68
C LEU B 608 51.91 -49.39 -36.96
N THR B 609 51.81 -48.58 -35.92
CA THR B 609 51.13 -47.29 -36.01
C THR B 609 51.94 -46.26 -36.80
N CYS B 610 52.52 -45.30 -36.09
CA CYS B 610 53.26 -44.20 -36.70
C CYS B 610 52.31 -43.25 -37.44
N ASN B 611 51.11 -43.74 -37.74
CA ASN B 611 50.05 -42.94 -38.32
C ASN B 611 50.40 -42.26 -39.64
N LYS B 612 50.03 -40.99 -39.75
CA LYS B 612 50.17 -40.25 -41.01
C LYS B 612 51.58 -39.68 -41.20
N PHE B 613 52.59 -40.46 -40.85
CA PHE B 613 53.98 -40.05 -41.02
C PHE B 613 54.90 -41.23 -41.27
N ASP B 614 55.85 -41.04 -42.18
CA ASP B 614 56.86 -42.05 -42.46
C ASP B 614 58.25 -41.49 -42.19
N LEU B 615 58.70 -41.60 -40.94
CA LEU B 615 59.98 -41.03 -40.53
C LEU B 615 61.12 -42.02 -40.64
N LYS B 616 62.12 -41.67 -41.44
CA LYS B 616 63.32 -42.50 -41.59
C LYS B 616 64.57 -41.70 -41.20
N VAL B 617 65.24 -42.14 -40.14
CA VAL B 617 66.43 -41.45 -39.65
C VAL B 617 67.66 -42.33 -39.77
N THR B 618 68.75 -41.74 -40.26
CA THR B 618 70.00 -42.47 -40.45
C THR B 618 71.21 -41.62 -40.06
N ILE B 619 72.19 -42.25 -39.42
CA ILE B 619 73.41 -41.57 -39.01
C ILE B 619 74.62 -42.19 -39.71
N LYS B 620 75.49 -41.35 -40.25
CA LYS B 620 76.66 -41.83 -40.98
C LYS B 620 77.89 -40.97 -40.71
N PRO B 621 79.08 -41.58 -40.73
CA PRO B 621 80.35 -40.88 -40.50
C PRO B 621 80.62 -39.79 -41.53
N ALA B 622 81.73 -39.08 -41.36
CA ALA B 622 82.09 -38.01 -42.28
C ALA B 622 83.39 -38.33 -43.02
N PRO B 623 83.55 -37.80 -44.23
CA PRO B 623 84.76 -38.03 -45.04
C PRO B 623 86.03 -37.65 -44.28
N LYS B 633 84.47 -33.61 -32.81
CA LYS B 633 85.55 -34.58 -32.94
C LYS B 633 85.31 -35.51 -34.13
N ASN B 634 84.47 -36.53 -33.91
CA ASN B 634 84.17 -37.49 -34.96
C ASN B 634 83.29 -36.90 -36.06
N THR B 635 82.29 -36.12 -35.65
CA THR B 635 81.33 -35.48 -36.56
C THR B 635 80.67 -36.46 -37.54
N MET B 636 79.34 -36.37 -37.64
CA MET B 636 78.58 -37.27 -38.50
C MET B 636 77.46 -36.53 -39.23
N ILE B 637 76.79 -37.24 -40.13
CA ILE B 637 75.70 -36.65 -40.89
C ILE B 637 74.36 -37.25 -40.50
N LEU B 638 73.38 -36.39 -40.19
CA LEU B 638 72.06 -36.83 -39.77
C LEU B 638 71.01 -36.49 -40.81
N GLU B 639 70.64 -37.47 -41.63
CA GLU B 639 69.62 -37.27 -42.66
C GLU B 639 68.25 -37.71 -42.15
N ILE B 640 67.28 -36.81 -42.25
CA ILE B 640 65.93 -37.07 -41.75
C ILE B 640 64.89 -36.92 -42.86
N CYS B 641 64.34 -38.04 -43.29
CA CYS B 641 63.29 -38.03 -44.32
C CYS B 641 61.91 -38.20 -43.68
N THR B 642 60.91 -37.57 -44.28
CA THR B 642 59.55 -37.65 -43.75
C THR B 642 58.50 -37.54 -44.84
N ARG B 643 57.35 -38.19 -44.62
CA ARG B 643 56.24 -38.14 -45.55
C ARG B 643 54.92 -38.13 -44.79
N TYR B 644 53.85 -37.71 -45.45
CA TYR B 644 52.55 -37.63 -44.81
C TYR B 644 51.53 -38.55 -45.51
N ARG B 645 50.81 -39.33 -44.72
CA ARG B 645 49.78 -40.21 -45.25
C ARG B 645 48.44 -39.50 -45.34
N GLY B 646 48.17 -38.91 -46.49
CA GLY B 646 46.92 -38.20 -46.72
C GLY B 646 46.79 -37.71 -48.15
N ASP B 647 45.65 -37.09 -48.44
CA ASP B 647 45.39 -36.57 -49.78
C ASP B 647 45.73 -35.09 -49.87
N GLN B 648 46.20 -34.53 -48.76
CA GLN B 648 46.53 -33.11 -48.69
C GLN B 648 47.90 -32.90 -48.08
N ASP B 649 48.71 -32.04 -48.72
CA ASP B 649 50.02 -31.69 -48.18
C ASP B 649 49.88 -31.18 -46.75
N ALA B 650 50.32 -31.98 -45.79
CA ALA B 650 50.20 -31.63 -44.38
C ALA B 650 50.64 -30.19 -44.12
N THR B 651 49.92 -29.51 -43.23
CA THR B 651 50.19 -28.12 -42.92
C THR B 651 51.49 -27.96 -42.13
N MET B 652 51.45 -27.10 -41.11
CA MET B 652 52.64 -26.83 -40.30
C MET B 652 52.95 -28.00 -39.36
N SER B 653 54.17 -28.51 -39.45
CA SER B 653 54.59 -29.63 -38.61
C SER B 653 55.77 -29.24 -37.72
N ILE B 654 56.10 -30.11 -36.78
CA ILE B 654 57.19 -29.84 -35.83
C ILE B 654 58.25 -30.94 -35.86
N LEU B 655 59.51 -30.54 -35.76
CA LEU B 655 60.62 -31.49 -35.72
C LEU B 655 61.34 -31.45 -34.38
N ASP B 656 60.90 -32.29 -33.45
CA ASP B 656 61.52 -32.36 -32.13
C ASP B 656 62.68 -33.36 -32.14
N ILE B 657 63.90 -32.84 -32.29
CA ILE B 657 65.08 -33.69 -32.36
C ILE B 657 65.87 -33.66 -31.06
N SER B 658 66.39 -34.82 -30.67
CA SER B 658 67.20 -34.93 -29.47
C SER B 658 68.58 -35.51 -29.79
N MET B 659 69.61 -34.70 -29.63
CA MET B 659 70.98 -35.11 -29.94
C MET B 659 71.46 -36.23 -29.01
N MET B 660 72.46 -36.98 -29.46
CA MET B 660 73.08 -38.02 -28.65
C MET B 660 74.02 -37.37 -27.64
N THR B 661 74.10 -37.94 -26.45
CA THR B 661 74.94 -37.39 -25.40
C THR B 661 76.39 -37.21 -25.87
N GLY B 662 76.82 -35.95 -25.95
CA GLY B 662 78.16 -35.63 -26.40
C GLY B 662 78.19 -35.14 -27.84
N PHE B 663 77.01 -34.89 -28.40
CA PHE B 663 76.91 -34.41 -29.78
C PHE B 663 76.08 -33.13 -29.88
N ALA B 664 76.45 -32.27 -30.82
CA ALA B 664 75.73 -31.01 -31.03
C ALA B 664 75.69 -30.67 -32.51
N PRO B 665 74.54 -30.17 -32.99
CA PRO B 665 74.35 -29.81 -34.39
C PRO B 665 75.34 -28.77 -34.86
N ASP B 666 75.73 -28.82 -36.13
CA ASP B 666 76.65 -27.85 -36.70
C ASP B 666 75.93 -26.53 -36.95
N THR B 667 76.38 -25.48 -36.26
CA THR B 667 75.76 -24.17 -36.36
C THR B 667 75.63 -23.70 -37.80
N ASP B 668 76.70 -23.85 -38.57
CA ASP B 668 76.72 -23.40 -39.96
C ASP B 668 75.59 -24.02 -40.78
N ASP B 669 75.36 -25.31 -40.60
CA ASP B 669 74.32 -26.02 -41.33
C ASP B 669 72.93 -25.58 -40.89
N LEU B 670 72.81 -25.18 -39.63
CA LEU B 670 71.53 -24.72 -39.10
C LEU B 670 71.08 -23.42 -39.75
N LYS B 671 72.05 -22.54 -40.00
CA LYS B 671 71.77 -21.27 -40.66
C LYS B 671 71.26 -21.49 -42.08
N GLN B 672 71.79 -22.53 -42.74
CA GLN B 672 71.39 -22.84 -44.10
C GLN B 672 69.94 -23.31 -44.16
N LEU B 673 69.55 -24.12 -43.19
CA LEU B 673 68.20 -24.66 -43.14
C LEU B 673 67.20 -23.61 -42.64
N ALA B 674 67.69 -22.68 -41.83
CA ALA B 674 66.84 -21.63 -41.27
C ALA B 674 66.38 -20.65 -42.35
N ASN B 675 67.31 -20.23 -43.20
CA ASN B 675 67.01 -19.28 -44.28
C ASN B 675 66.25 -19.94 -45.42
N GLY B 676 66.22 -21.27 -45.42
CA GLY B 676 65.54 -22.02 -46.46
C GLY B 676 64.04 -21.76 -46.47
N VAL B 677 63.40 -22.09 -47.59
CA VAL B 677 61.96 -21.90 -47.72
C VAL B 677 61.20 -23.02 -47.00
N ASP B 678 60.05 -22.66 -46.42
CA ASP B 678 59.22 -23.62 -45.71
C ASP B 678 59.92 -24.20 -44.49
N ARG B 679 60.94 -23.51 -44.01
CA ARG B 679 61.68 -23.92 -42.82
C ARG B 679 62.01 -22.74 -41.93
N TYR B 680 61.91 -22.94 -40.62
CA TYR B 680 62.15 -21.87 -39.66
C TYR B 680 62.65 -22.42 -38.33
N ILE B 681 63.67 -21.76 -37.77
CA ILE B 681 64.20 -22.14 -36.47
C ILE B 681 64.26 -20.94 -35.54
N SER B 682 63.67 -21.06 -34.37
CA SER B 682 63.59 -19.97 -33.41
C SER B 682 64.96 -19.34 -33.14
N LYS B 683 65.00 -18.00 -33.18
CA LYS B 683 66.23 -17.26 -32.93
C LYS B 683 66.84 -17.64 -31.58
N TYR B 684 65.97 -17.93 -30.61
CA TYR B 684 66.41 -18.32 -29.28
C TYR B 684 67.20 -19.62 -29.29
N GLU B 685 67.05 -20.38 -30.37
CA GLU B 685 67.71 -21.69 -30.49
C GLU B 685 69.05 -21.58 -31.21
N LEU B 686 69.15 -20.64 -32.15
CA LEU B 686 70.37 -20.45 -32.91
C LEU B 686 71.55 -20.06 -32.02
N ASP B 687 71.32 -19.08 -31.15
CA ASP B 687 72.38 -18.57 -30.28
C ASP B 687 72.49 -19.37 -28.98
N LYS B 688 73.09 -20.56 -29.06
CA LYS B 688 73.31 -21.40 -27.89
C LYS B 688 74.71 -22.00 -27.90
N ALA B 689 75.37 -21.91 -29.06
CA ALA B 689 76.71 -22.47 -29.22
C ALA B 689 76.72 -23.95 -28.85
N PHE B 690 77.92 -24.48 -28.65
CA PHE B 690 78.07 -25.89 -28.27
C PHE B 690 77.89 -26.06 -26.76
N SER B 691 77.32 -25.04 -26.12
CA SER B 691 77.05 -25.09 -24.69
C SER B 691 76.06 -26.20 -24.37
N ASP B 692 74.79 -25.94 -24.66
CA ASP B 692 73.74 -26.92 -24.40
C ASP B 692 72.66 -26.90 -25.48
N ARG B 693 72.99 -27.43 -26.65
CA ARG B 693 72.02 -27.55 -27.74
C ARG B 693 71.73 -29.02 -28.02
N ASN B 694 71.45 -29.78 -26.97
CA ASN B 694 71.13 -31.20 -27.10
C ASN B 694 69.70 -31.43 -27.53
N THR B 695 68.95 -30.33 -27.67
CA THR B 695 67.55 -30.39 -28.10
C THR B 695 67.27 -29.34 -29.16
N LEU B 696 66.85 -29.79 -30.34
CA LEU B 696 66.59 -28.89 -31.46
C LEU B 696 65.15 -29.04 -31.96
N ILE B 697 64.54 -27.91 -32.31
CA ILE B 697 63.18 -27.90 -32.86
C ILE B 697 63.13 -27.13 -34.17
N ILE B 698 62.87 -27.85 -35.26
CA ILE B 698 62.79 -27.23 -36.58
C ILE B 698 61.36 -27.18 -37.07
N TYR B 699 60.77 -25.99 -37.05
CA TYR B 699 59.39 -25.81 -37.48
C TYR B 699 59.27 -25.92 -39.01
N LEU B 700 58.34 -26.74 -39.47
CA LEU B 700 58.10 -26.91 -40.89
C LEU B 700 56.78 -26.28 -41.31
N ASP B 701 56.74 -25.73 -42.52
CA ASP B 701 55.53 -25.09 -43.02
C ASP B 701 54.61 -26.10 -43.69
N LYS B 702 55.20 -27.09 -44.35
CA LYS B 702 54.42 -28.12 -45.03
C LYS B 702 55.27 -29.33 -45.40
N VAL B 703 54.63 -30.49 -45.50
CA VAL B 703 55.30 -31.71 -45.92
C VAL B 703 54.45 -32.49 -46.91
N SER B 704 54.94 -32.59 -48.15
CA SER B 704 54.19 -33.25 -49.22
C SER B 704 53.79 -34.68 -48.84
N HIS B 705 52.66 -35.12 -49.39
CA HIS B 705 52.19 -36.47 -49.12
C HIS B 705 52.60 -37.42 -50.24
N SER B 706 53.28 -36.88 -51.24
CA SER B 706 53.74 -37.68 -52.38
C SER B 706 55.10 -38.30 -52.09
N GLU B 707 56.16 -37.50 -52.24
CA GLU B 707 57.51 -37.96 -51.97
C GLU B 707 57.93 -37.66 -50.54
N ASP B 708 59.22 -37.77 -50.26
CA ASP B 708 59.73 -37.53 -48.91
C ASP B 708 60.56 -36.26 -48.84
N ASP B 709 60.15 -35.34 -47.97
CA ASP B 709 60.88 -34.10 -47.75
C ASP B 709 62.05 -34.36 -46.80
N CYS B 710 63.20 -34.74 -47.37
CA CYS B 710 64.37 -35.09 -46.56
C CYS B 710 65.34 -33.93 -46.39
N LEU B 711 65.82 -33.76 -45.17
CA LEU B 711 66.83 -32.76 -44.87
C LEU B 711 67.97 -33.39 -44.08
N ALA B 712 69.04 -32.63 -43.86
CA ALA B 712 70.20 -33.15 -43.14
C ALA B 712 71.10 -32.04 -42.61
N PHE B 713 71.87 -32.37 -41.58
CA PHE B 713 72.83 -31.44 -40.99
C PHE B 713 73.90 -32.16 -40.19
N LYS B 714 75.11 -31.62 -40.21
CA LYS B 714 76.23 -32.23 -39.51
C LYS B 714 76.05 -32.18 -37.99
N VAL B 715 76.69 -33.12 -37.30
CA VAL B 715 76.62 -33.17 -35.84
C VAL B 715 77.98 -33.53 -35.24
N HIS B 716 78.66 -32.53 -34.69
CA HIS B 716 79.99 -32.73 -34.13
C HIS B 716 79.93 -33.30 -32.71
N GLN B 717 81.03 -33.89 -32.27
CA GLN B 717 81.12 -34.45 -30.93
C GLN B 717 82.00 -33.57 -30.04
N TYR B 718 81.36 -32.73 -29.23
CA TYR B 718 82.09 -31.81 -28.36
C TYR B 718 82.57 -32.51 -27.09
N PHE B 719 81.83 -33.52 -26.65
CA PHE B 719 82.19 -34.26 -25.45
C PHE B 719 82.23 -35.77 -25.72
N ASN B 720 83.32 -36.41 -25.30
CA ASN B 720 83.50 -37.83 -25.51
C ASN B 720 83.24 -38.64 -24.24
N VAL B 721 82.41 -39.67 -24.37
CA VAL B 721 82.08 -40.54 -23.25
C VAL B 721 81.58 -41.90 -23.73
N GLU B 722 82.02 -42.96 -23.06
CA GLU B 722 81.62 -44.31 -23.43
C GLU B 722 80.14 -44.52 -23.18
N LEU B 723 79.54 -45.45 -23.94
CA LEU B 723 78.13 -45.76 -23.81
C LEU B 723 77.26 -44.52 -23.98
N ILE B 724 77.10 -44.08 -25.22
CA ILE B 724 76.30 -42.89 -25.51
C ILE B 724 74.81 -43.23 -25.64
N GLN B 725 73.97 -42.24 -25.40
CA GLN B 725 72.52 -42.44 -25.43
C GLN B 725 71.95 -42.13 -26.81
N PRO B 726 71.13 -43.04 -27.33
CA PRO B 726 70.50 -42.90 -28.65
C PRO B 726 69.66 -41.63 -28.76
N GLY B 727 69.63 -41.03 -29.94
CA GLY B 727 68.83 -39.85 -30.18
C GLY B 727 67.43 -40.21 -30.64
N ALA B 728 66.60 -39.20 -30.87
CA ALA B 728 65.22 -39.42 -31.30
C ALA B 728 64.65 -38.23 -32.05
N VAL B 729 63.82 -38.52 -33.05
CA VAL B 729 63.16 -37.48 -33.84
C VAL B 729 61.65 -37.70 -33.84
N LYS B 730 60.90 -36.64 -33.62
CA LYS B 730 59.44 -36.74 -33.56
C LYS B 730 58.79 -35.74 -34.51
N VAL B 731 57.75 -36.19 -35.21
CA VAL B 731 57.02 -35.35 -36.14
C VAL B 731 55.53 -35.36 -35.86
N TYR B 732 54.90 -34.19 -35.97
CA TYR B 732 53.46 -34.07 -35.73
C TYR B 732 52.93 -32.70 -36.15
N ALA B 733 51.61 -32.59 -36.25
CA ALA B 733 50.98 -31.33 -36.63
C ALA B 733 50.81 -30.41 -35.43
N TYR B 734 50.51 -29.14 -35.69
CA TYR B 734 50.36 -28.16 -34.64
C TYR B 734 49.01 -28.28 -33.93
N TYR B 735 48.08 -29.01 -34.56
CA TYR B 735 46.75 -29.18 -34.01
C TYR B 735 46.57 -30.54 -33.35
N ASN B 736 47.24 -31.55 -33.90
CA ASN B 736 47.14 -32.91 -33.37
C ASN B 736 48.49 -33.44 -32.90
N LEU B 737 48.61 -33.65 -31.59
CA LEU B 737 49.85 -34.13 -31.00
C LEU B 737 49.84 -35.65 -30.82
N GLU B 738 48.69 -36.19 -30.45
CA GLU B 738 48.55 -37.64 -30.26
C GLU B 738 49.04 -38.41 -31.48
N GLU B 739 48.55 -38.05 -32.66
CA GLU B 739 48.95 -38.71 -33.90
C GLU B 739 50.32 -38.25 -34.35
N SER B 740 51.35 -39.02 -34.00
CA SER B 740 52.72 -38.68 -34.36
C SER B 740 53.57 -39.93 -34.52
N CYS B 741 54.84 -39.74 -34.89
CA CYS B 741 55.77 -40.84 -35.07
C CYS B 741 57.16 -40.47 -34.56
N THR B 742 57.74 -41.35 -33.76
CA THR B 742 59.06 -41.09 -33.18
C THR B 742 60.05 -42.22 -33.51
N ARG B 743 61.18 -41.85 -34.09
CA ARG B 743 62.21 -42.82 -34.43
C ARG B 743 63.50 -42.52 -33.68
N PHE B 744 64.31 -43.55 -33.47
CA PHE B 744 65.57 -43.40 -32.75
C PHE B 744 66.75 -43.71 -33.68
N TYR B 745 67.86 -43.02 -33.44
CA TYR B 745 69.07 -43.24 -34.24
C TYR B 745 70.29 -43.48 -33.36
N HIS B 746 71.15 -44.41 -33.76
CA HIS B 746 72.34 -44.74 -33.01
C HIS B 746 73.45 -45.20 -33.95
N PRO B 747 74.69 -44.77 -33.67
CA PRO B 747 75.85 -45.11 -34.51
C PRO B 747 76.01 -46.62 -34.70
N GLU B 748 75.84 -47.38 -33.63
CA GLU B 748 75.98 -48.83 -33.69
C GLU B 748 74.63 -49.53 -33.67
N LYS B 749 73.93 -49.43 -32.55
CA LYS B 749 72.64 -50.07 -32.37
C LYS B 749 71.68 -49.74 -33.51
N GLU B 750 71.11 -50.78 -34.12
CA GLU B 750 70.19 -50.61 -35.24
C GLU B 750 68.94 -49.83 -34.82
N ASP B 751 68.47 -48.97 -35.72
CA ASP B 751 67.28 -48.16 -35.49
C ASP B 751 67.19 -47.58 -34.07
N GLY B 752 68.34 -47.27 -33.49
CA GLY B 752 68.40 -46.61 -32.19
C GLY B 752 67.70 -47.34 -31.06
N LYS B 753 67.53 -48.64 -31.20
CA LYS B 753 66.90 -49.44 -30.15
C LYS B 753 67.93 -49.93 -29.13
N LEU B 754 67.47 -50.20 -27.91
CA LEU B 754 68.35 -50.64 -26.84
C LEU B 754 68.38 -52.16 -26.70
N ASN B 755 69.51 -52.68 -26.20
CA ASN B 755 69.67 -54.11 -26.00
C ASN B 755 68.76 -54.64 -24.89
N LYS B 756 67.88 -55.57 -25.27
CA LYS B 756 66.94 -56.16 -24.33
C LYS B 756 66.50 -57.55 -24.77
N LEU B 757 66.83 -58.55 -23.97
CA LEU B 757 66.45 -59.92 -24.27
C LEU B 757 64.93 -60.08 -24.23
N CYS B 758 64.31 -60.09 -25.40
CA CYS B 758 62.86 -60.16 -25.49
C CYS B 758 62.37 -61.56 -25.88
N ARG B 759 61.31 -61.99 -25.22
CA ARG B 759 60.69 -63.28 -25.51
C ARG B 759 59.18 -63.18 -25.28
N ASP B 760 58.41 -63.32 -26.35
CA ASP B 760 56.96 -63.14 -26.29
C ASP B 760 56.62 -61.70 -25.91
N GLU B 761 56.41 -61.47 -24.62
CA GLU B 761 56.16 -60.13 -24.12
C GLU B 761 56.82 -59.90 -22.77
N LEU B 762 58.03 -60.43 -22.62
CA LEU B 762 58.81 -60.25 -21.40
C LEU B 762 60.26 -59.91 -21.74
N CYS B 763 60.66 -58.68 -21.48
CA CYS B 763 62.02 -58.23 -21.79
C CYS B 763 62.76 -57.78 -20.54
N ARG B 764 64.02 -58.19 -20.44
CA ARG B 764 64.88 -57.76 -19.34
C ARG B 764 66.04 -56.95 -19.88
N CYS B 765 66.32 -55.81 -19.25
CA CYS B 765 67.36 -54.91 -19.72
C CYS B 765 68.73 -55.59 -19.75
N ALA B 766 69.38 -55.55 -20.91
CA ALA B 766 70.68 -56.18 -21.07
C ALA B 766 71.78 -55.14 -21.30
N GLU B 767 71.52 -53.92 -20.86
CA GLU B 767 72.50 -52.84 -20.98
C GLU B 767 73.51 -52.88 -19.85
N GLU B 768 74.23 -53.98 -19.73
CA GLU B 768 75.21 -54.16 -18.67
C GLU B 768 76.45 -54.89 -19.18
N ASN B 769 77.34 -55.26 -18.26
CA ASN B 769 78.58 -55.96 -18.63
C ASN B 769 78.31 -57.38 -19.11
N CYS B 770 79.29 -57.96 -19.79
CA CYS B 770 79.16 -59.31 -20.33
C CYS B 770 79.07 -60.34 -19.21
N PHE B 771 80.11 -60.38 -18.37
CA PHE B 771 80.13 -61.28 -17.22
C PHE B 771 80.78 -60.63 -16.01
N ILE B 772 81.22 -61.44 -15.05
CA ILE B 772 81.79 -60.93 -13.82
C ILE B 772 83.03 -60.07 -14.06
N GLN B 773 84.18 -60.72 -14.18
CA GLN B 773 85.44 -60.01 -14.34
C GLN B 773 86.46 -60.82 -15.16
N LYS B 774 87.73 -60.66 -14.82
CA LYS B 774 88.80 -61.36 -15.53
C LYS B 774 89.53 -62.34 -14.62
N ASP B 777 93.86 -60.50 -9.58
CA ASP B 777 94.40 -60.71 -10.92
C ASP B 777 95.02 -62.10 -11.06
N LYS B 778 94.86 -62.91 -10.03
CA LYS B 778 95.41 -64.27 -10.03
C LYS B 778 94.34 -65.30 -9.68
N VAL B 779 93.22 -64.84 -9.14
CA VAL B 779 92.13 -65.70 -8.71
C VAL B 779 92.60 -67.05 -8.20
N THR B 780 93.12 -67.07 -6.98
CA THR B 780 93.62 -68.29 -6.37
C THR B 780 92.49 -69.27 -6.06
N LEU B 781 92.83 -70.39 -5.43
CA LEU B 781 91.86 -71.41 -5.08
C LEU B 781 90.80 -70.85 -4.14
N GLU B 782 91.24 -70.20 -3.07
CA GLU B 782 90.34 -69.62 -2.09
C GLU B 782 89.41 -68.59 -2.72
N GLU B 783 89.90 -67.92 -3.76
CA GLU B 783 89.11 -66.90 -4.46
C GLU B 783 87.84 -67.50 -5.04
N ARG B 784 87.98 -68.67 -5.67
CA ARG B 784 86.84 -69.34 -6.30
C ARG B 784 85.90 -69.94 -5.26
N LEU B 785 86.45 -70.40 -4.15
CA LEU B 785 85.65 -71.00 -3.08
C LEU B 785 84.60 -70.02 -2.56
N ASP B 786 85.05 -68.83 -2.19
CA ASP B 786 84.17 -67.81 -1.63
C ASP B 786 83.20 -67.26 -2.68
N LYS B 787 83.70 -67.06 -3.89
CA LYS B 787 82.88 -66.50 -4.97
C LYS B 787 81.86 -67.52 -5.48
N ALA B 788 82.05 -68.79 -5.14
CA ALA B 788 81.14 -69.84 -5.57
C ALA B 788 80.14 -70.18 -4.48
N CYS B 789 80.44 -69.80 -3.24
CA CYS B 789 79.56 -70.08 -2.12
C CYS B 789 78.78 -68.85 -1.67
N GLU B 790 78.74 -67.83 -2.53
CA GLU B 790 77.97 -66.62 -2.25
C GLU B 790 76.48 -66.94 -2.25
N PRO B 791 75.71 -66.21 -1.42
CA PRO B 791 74.26 -66.42 -1.32
C PRO B 791 73.57 -66.34 -2.68
N GLY B 792 74.15 -65.55 -3.58
CA GLY B 792 73.58 -65.39 -4.91
C GLY B 792 73.82 -66.58 -5.82
N VAL B 793 75.04 -67.12 -5.76
CA VAL B 793 75.40 -68.25 -6.60
C VAL B 793 74.49 -69.45 -6.35
N ASP B 794 73.80 -69.89 -7.40
CA ASP B 794 72.85 -70.98 -7.30
C ASP B 794 73.40 -72.26 -7.93
N TYR B 795 73.86 -72.14 -9.18
CA TYR B 795 74.34 -73.30 -9.92
C TYR B 795 75.82 -73.21 -10.24
N VAL B 796 76.52 -74.34 -10.11
CA VAL B 796 77.94 -74.41 -10.44
C VAL B 796 78.22 -75.66 -11.25
N TYR B 797 78.36 -75.51 -12.57
CA TYR B 797 78.55 -76.65 -13.46
C TYR B 797 79.87 -76.57 -14.21
N LYS B 798 80.35 -77.73 -14.65
CA LYS B 798 81.48 -77.81 -15.56
C LYS B 798 80.96 -78.34 -16.90
N THR B 799 80.63 -77.42 -17.80
CA THR B 799 79.97 -77.79 -19.06
C THR B 799 80.93 -77.85 -20.25
N ARG B 800 80.44 -78.42 -21.35
CA ARG B 800 81.21 -78.49 -22.59
C ARG B 800 80.41 -77.91 -23.74
N LEU B 801 80.95 -76.86 -24.36
CA LEU B 801 80.27 -76.21 -25.48
C LEU B 801 80.06 -77.17 -26.65
N VAL B 802 78.84 -77.63 -26.81
CA VAL B 802 78.50 -78.57 -27.87
C VAL B 802 78.25 -77.85 -29.19
N LYS B 803 77.20 -77.03 -29.22
CA LYS B 803 76.83 -76.30 -30.43
C LYS B 803 76.61 -74.81 -30.14
N VAL B 804 76.95 -73.98 -31.12
CA VAL B 804 76.77 -72.54 -30.99
C VAL B 804 75.78 -72.01 -32.01
N GLN B 805 74.56 -71.74 -31.56
CA GLN B 805 73.53 -71.17 -32.42
C GLN B 805 73.38 -69.69 -32.11
N LEU B 806 74.13 -68.86 -32.83
CA LEU B 806 74.14 -67.43 -32.57
C LEU B 806 73.28 -66.66 -33.57
N SER B 807 72.62 -65.61 -33.10
CA SER B 807 71.70 -64.85 -33.93
C SER B 807 72.06 -63.36 -33.98
N ASN B 808 71.05 -62.51 -33.98
CA ASN B 808 71.24 -61.06 -34.10
C ASN B 808 70.99 -60.33 -32.79
N ASP B 809 69.96 -60.74 -32.06
CA ASP B 809 69.61 -60.09 -30.80
C ASP B 809 70.17 -60.83 -29.58
N PHE B 810 70.27 -62.15 -29.69
CA PHE B 810 70.85 -62.97 -28.63
C PHE B 810 71.49 -64.22 -29.19
N ASP B 811 72.53 -64.71 -28.53
CA ASP B 811 73.25 -65.89 -28.98
C ASP B 811 73.02 -67.09 -28.07
N GLU B 812 72.45 -68.16 -28.63
CA GLU B 812 72.26 -69.40 -27.90
C GLU B 812 73.61 -70.10 -27.73
N TYR B 813 73.85 -70.63 -26.52
CA TYR B 813 75.06 -71.39 -26.25
C TYR B 813 74.70 -72.74 -25.63
N ILE B 814 74.64 -73.77 -26.47
CA ILE B 814 74.28 -75.10 -26.00
C ILE B 814 75.44 -75.76 -25.25
N MET B 815 75.31 -75.84 -23.93
CA MET B 815 76.35 -76.42 -23.10
C MET B 815 75.91 -77.78 -22.56
N ALA B 816 76.88 -78.65 -22.32
CA ALA B 816 76.60 -79.98 -21.78
C ALA B 816 77.26 -80.16 -20.42
N ILE B 817 76.43 -80.33 -19.40
CA ILE B 817 76.93 -80.45 -18.02
C ILE B 817 77.72 -81.73 -17.80
N GLU B 818 79.04 -81.61 -17.77
CA GLU B 818 79.92 -82.75 -17.52
C GLU B 818 79.73 -83.26 -16.10
N GLN B 819 79.47 -82.35 -15.17
CA GLN B 819 79.24 -82.70 -13.78
C GLN B 819 78.63 -81.53 -13.01
N THR B 820 77.75 -81.85 -12.05
CA THR B 820 77.11 -80.82 -11.25
C THR B 820 77.84 -80.62 -9.93
N ILE B 821 78.75 -79.65 -9.90
CA ILE B 821 79.50 -79.34 -8.70
C ILE B 821 78.56 -78.90 -7.58
N LYS B 822 77.64 -77.99 -7.90
CA LYS B 822 76.62 -77.56 -6.96
C LYS B 822 75.24 -77.66 -7.59
N SER B 823 74.43 -78.58 -7.08
CA SER B 823 73.07 -78.76 -7.58
C SER B 823 72.21 -77.54 -7.26
N GLY B 824 71.95 -76.73 -8.28
CA GLY B 824 71.16 -75.53 -8.11
C GLY B 824 69.68 -75.81 -7.99
N SER B 825 68.86 -74.81 -8.28
CA SER B 825 67.41 -74.96 -8.23
C SER B 825 66.88 -75.67 -9.46
N ASP B 826 67.77 -75.92 -10.42
CA ASP B 826 67.41 -76.61 -11.65
C ASP B 826 67.77 -78.10 -11.56
N GLU B 827 66.76 -78.95 -11.45
CA GLU B 827 66.96 -80.39 -11.36
C GLU B 827 67.47 -80.94 -12.69
N VAL B 828 68.78 -80.91 -12.87
CA VAL B 828 69.40 -81.39 -14.11
C VAL B 828 70.47 -82.43 -13.83
N GLN B 829 70.33 -83.60 -14.46
CA GLN B 829 71.30 -84.67 -14.31
C GLN B 829 72.40 -84.55 -15.36
N VAL B 830 73.59 -85.03 -15.01
CA VAL B 830 74.73 -84.98 -15.91
C VAL B 830 74.41 -85.66 -17.24
N GLY B 831 74.73 -84.97 -18.34
CA GLY B 831 74.46 -85.49 -19.66
C GLY B 831 73.43 -84.67 -20.40
N GLN B 832 72.58 -83.98 -19.64
CA GLN B 832 71.56 -83.12 -20.22
C GLN B 832 72.17 -81.83 -20.74
N GLN B 833 71.46 -81.16 -21.64
CA GLN B 833 71.96 -79.93 -22.24
C GLN B 833 71.12 -78.73 -21.85
N ARG B 834 71.79 -77.65 -21.44
CA ARG B 834 71.13 -76.40 -21.10
C ARG B 834 71.50 -75.32 -22.10
N THR B 835 70.55 -74.44 -22.41
CA THR B 835 70.79 -73.37 -23.37
C THR B 835 71.09 -72.03 -22.70
N PHE B 836 72.29 -71.53 -22.92
CA PHE B 836 72.71 -70.25 -22.35
C PHE B 836 72.47 -69.10 -23.34
N ILE B 837 72.31 -67.90 -22.82
CA ILE B 837 72.07 -66.73 -23.66
C ILE B 837 72.94 -65.56 -23.23
N SER B 838 73.56 -64.89 -24.21
CA SER B 838 74.42 -63.75 -23.93
C SER B 838 74.34 -62.71 -25.04
N PRO B 839 74.38 -61.42 -24.67
CA PRO B 839 74.33 -60.32 -25.64
C PRO B 839 75.43 -60.41 -26.68
N ILE B 840 75.27 -59.71 -27.81
CA ILE B 840 76.23 -59.75 -28.89
C ILE B 840 77.52 -59.03 -28.52
N LYS B 841 77.39 -57.99 -27.70
CA LYS B 841 78.55 -57.19 -27.29
C LYS B 841 79.60 -58.03 -26.57
N CYS B 842 79.15 -59.10 -25.91
CA CYS B 842 80.02 -59.94 -25.11
C CYS B 842 80.57 -61.12 -25.89
N ARG B 843 80.08 -61.31 -27.11
CA ARG B 843 80.48 -62.44 -27.95
C ARG B 843 81.98 -62.39 -28.24
N GLU B 844 82.53 -61.18 -28.32
CA GLU B 844 83.96 -61.01 -28.60
C GLU B 844 84.80 -61.29 -27.37
N ALA B 845 84.25 -61.01 -26.20
CA ALA B 845 84.96 -61.21 -24.94
C ALA B 845 84.90 -62.66 -24.48
N LEU B 846 83.82 -63.34 -24.84
CA LEU B 846 83.63 -64.74 -24.46
C LEU B 846 84.49 -65.67 -25.29
N LYS B 847 84.62 -65.35 -26.58
CA LYS B 847 85.38 -66.18 -27.53
C LYS B 847 85.30 -67.67 -27.22
N LEU B 848 84.09 -68.16 -26.98
CA LEU B 848 83.87 -69.57 -26.67
C LEU B 848 83.96 -70.43 -27.91
N GLU B 849 84.82 -71.45 -27.86
CA GLU B 849 84.97 -72.38 -28.98
C GLU B 849 84.32 -73.72 -28.65
N GLU B 850 83.71 -74.34 -29.66
CA GLU B 850 83.02 -75.61 -29.47
C GLU B 850 83.96 -76.72 -29.04
N LYS B 851 83.39 -77.80 -28.51
CA LYS B 851 84.16 -78.95 -28.06
C LYS B 851 85.18 -78.60 -26.98
N LYS B 852 84.91 -77.53 -26.25
CA LYS B 852 85.78 -77.11 -25.15
C LYS B 852 85.02 -77.11 -23.82
N HIS B 853 85.74 -77.35 -22.74
CA HIS B 853 85.14 -77.39 -21.41
C HIS B 853 85.24 -76.04 -20.71
N TYR B 854 84.24 -75.72 -19.90
CA TYR B 854 84.21 -74.45 -19.18
C TYR B 854 83.64 -74.62 -17.77
N LEU B 855 84.22 -73.89 -16.82
CA LEU B 855 83.69 -73.85 -15.47
C LEU B 855 82.90 -72.56 -15.28
N MET B 856 81.59 -72.68 -15.10
CA MET B 856 80.73 -71.51 -15.01
C MET B 856 79.68 -71.62 -13.91
N TRP B 857 79.48 -70.53 -13.18
CA TRP B 857 78.43 -70.46 -12.18
C TRP B 857 77.73 -69.10 -12.23
N GLY B 858 76.41 -69.10 -12.06
CA GLY B 858 75.64 -67.87 -12.13
C GLY B 858 74.68 -67.71 -10.97
N LEU B 859 73.87 -66.65 -11.01
CA LEU B 859 72.90 -66.39 -9.96
C LEU B 859 71.58 -67.09 -10.24
N SER B 860 70.74 -67.18 -9.21
CA SER B 860 69.42 -67.81 -9.36
C SER B 860 68.45 -66.87 -10.07
N SER B 861 68.88 -65.63 -10.28
CA SER B 861 68.06 -64.65 -10.98
C SER B 861 68.48 -64.53 -12.44
N ASP B 862 69.21 -65.53 -12.92
CA ASP B 862 69.68 -65.53 -14.30
C ASP B 862 68.97 -66.60 -15.14
N PHE B 863 67.83 -67.07 -14.63
CA PHE B 863 67.03 -68.04 -15.37
C PHE B 863 66.09 -67.34 -16.35
N TRP B 864 65.71 -68.05 -17.40
CA TRP B 864 64.88 -67.46 -18.46
C TRP B 864 63.99 -68.50 -19.11
N GLY B 865 62.69 -68.44 -18.80
CA GLY B 865 61.73 -69.36 -19.37
C GLY B 865 61.02 -70.21 -18.33
N GLU B 866 59.99 -70.91 -18.75
CA GLU B 866 59.23 -71.78 -17.86
C GLU B 866 59.74 -73.22 -17.92
N LYS B 867 59.83 -73.85 -16.76
CA LYS B 867 60.31 -75.23 -16.67
C LYS B 867 59.38 -76.18 -17.44
N PRO B 868 59.91 -77.30 -17.92
CA PRO B 868 61.34 -77.68 -17.80
C PRO B 868 62.19 -76.98 -18.87
N ASN B 869 61.61 -76.04 -19.58
CA ASN B 869 62.32 -75.33 -20.65
C ASN B 869 63.08 -74.10 -20.13
N LEU B 870 64.03 -74.34 -19.23
CA LEU B 870 64.82 -73.25 -18.67
C LEU B 870 66.00 -72.90 -19.58
N SER B 871 66.44 -71.64 -19.50
CA SER B 871 67.56 -71.16 -20.28
C SER B 871 68.42 -70.21 -19.46
N TYR B 872 69.63 -70.65 -19.12
CA TYR B 872 70.54 -69.84 -18.31
C TYR B 872 70.98 -68.58 -19.06
N ILE B 873 71.19 -67.50 -18.31
CA ILE B 873 71.61 -66.24 -18.89
C ILE B 873 72.99 -65.84 -18.40
N ILE B 874 73.87 -65.51 -19.34
CA ILE B 874 75.22 -65.08 -19.00
C ILE B 874 75.25 -63.58 -18.70
N GLY B 875 74.85 -63.23 -17.49
CA GLY B 875 74.79 -61.83 -17.08
C GLY B 875 76.13 -61.33 -16.57
N LYS B 876 76.14 -60.09 -16.08
CA LYS B 876 77.36 -59.47 -15.57
C LYS B 876 77.82 -60.14 -14.28
N ASP B 877 77.02 -61.06 -13.77
CA ASP B 877 77.34 -61.77 -12.53
C ASP B 877 77.48 -63.27 -12.77
N THR B 878 77.84 -63.64 -13.99
CA THR B 878 78.04 -65.04 -14.34
C THR B 878 79.50 -65.36 -14.58
N TRP B 879 80.04 -66.27 -13.78
CA TRP B 879 81.44 -66.67 -13.90
C TRP B 879 81.66 -67.57 -15.11
N VAL B 880 82.72 -67.31 -15.86
CA VAL B 880 83.07 -68.13 -17.01
C VAL B 880 84.59 -68.32 -17.09
N GLU B 881 85.02 -69.57 -17.07
CA GLU B 881 86.45 -69.88 -17.10
C GLU B 881 86.74 -71.07 -18.01
N HIS B 882 87.79 -70.95 -18.82
CA HIS B 882 88.20 -72.02 -19.71
C HIS B 882 88.83 -73.17 -18.91
N TRP B 883 88.33 -74.38 -19.15
CA TRP B 883 88.83 -75.56 -18.45
C TRP B 883 89.73 -76.37 -19.36
N PRO B 884 91.05 -76.29 -19.13
CA PRO B 884 92.04 -77.04 -19.91
C PRO B 884 91.72 -78.54 -19.93
N GLU B 885 91.67 -79.12 -21.12
CA GLU B 885 91.32 -80.53 -21.27
C GLU B 885 92.39 -81.43 -20.62
N GLU B 886 92.10 -82.72 -20.54
CA GLU B 886 92.97 -83.67 -19.87
C GLU B 886 94.43 -83.58 -20.34
N ASP B 887 94.66 -83.91 -21.60
CA ASP B 887 96.02 -83.93 -22.15
C ASP B 887 96.67 -82.56 -22.19
N GLU B 888 95.87 -81.51 -22.01
CA GLU B 888 96.37 -80.14 -22.01
C GLU B 888 96.86 -79.72 -20.64
N CYS B 889 96.41 -80.42 -19.61
CA CYS B 889 96.81 -80.13 -18.24
C CYS B 889 98.18 -80.75 -17.92
N GLN B 890 99.00 -80.90 -18.95
CA GLN B 890 100.34 -81.46 -18.79
C GLN B 890 101.40 -80.45 -19.20
N ASP B 891 100.95 -79.32 -19.75
CA ASP B 891 101.85 -78.26 -20.16
C ASP B 891 102.33 -77.48 -18.93
N GLU B 892 103.55 -76.97 -18.99
CA GLU B 892 104.12 -76.21 -17.88
C GLU B 892 103.52 -74.82 -17.78
N GLU B 893 102.29 -74.67 -18.27
CA GLU B 893 101.60 -73.39 -18.23
C GLU B 893 100.19 -73.55 -17.67
N ASN B 894 99.65 -74.77 -17.77
CA ASN B 894 98.30 -75.06 -17.30
C ASN B 894 98.29 -75.87 -16.02
N GLN B 895 99.44 -76.42 -15.65
CA GLN B 895 99.56 -77.22 -14.44
C GLN B 895 99.13 -76.42 -13.21
N LYS B 896 99.43 -75.12 -13.21
CA LYS B 896 99.09 -74.26 -12.09
C LYS B 896 97.59 -74.01 -12.02
N GLN B 897 96.93 -74.09 -13.17
CA GLN B 897 95.49 -73.83 -13.24
C GLN B 897 94.67 -75.08 -12.97
N CYS B 898 95.07 -76.19 -13.58
CA CYS B 898 94.35 -77.45 -13.43
C CYS B 898 94.36 -77.94 -11.98
N GLN B 899 95.48 -77.71 -11.28
CA GLN B 899 95.60 -78.10 -9.89
C GLN B 899 94.59 -77.37 -9.01
N ASP B 900 94.38 -76.08 -9.31
CA ASP B 900 93.42 -75.28 -8.57
C ASP B 900 92.00 -75.77 -8.81
N LEU B 901 91.65 -75.92 -10.09
CA LEU B 901 90.32 -76.39 -10.46
C LEU B 901 90.04 -77.78 -9.90
N GLY B 902 91.04 -78.65 -9.98
CA GLY B 902 90.91 -80.00 -9.48
C GLY B 902 90.55 -80.02 -8.01
N ALA B 903 91.35 -79.35 -7.18
CA ALA B 903 91.10 -79.28 -5.76
C ALA B 903 89.78 -78.57 -5.47
N PHE B 904 89.45 -77.60 -6.31
CA PHE B 904 88.20 -76.85 -6.18
C PHE B 904 87.00 -77.78 -6.27
N THR B 905 86.98 -78.60 -7.32
CA THR B 905 85.88 -79.52 -7.54
C THR B 905 85.69 -80.48 -6.36
N GLU B 906 86.78 -81.11 -5.94
CA GLU B 906 86.72 -82.06 -4.83
C GLU B 906 86.24 -81.41 -3.55
N SER B 907 86.75 -80.22 -3.25
CA SER B 907 86.37 -79.50 -2.04
C SER B 907 84.89 -79.09 -2.06
N MET B 908 84.36 -78.85 -3.26
CA MET B 908 82.98 -78.41 -3.41
C MET B 908 82.00 -79.58 -3.44
N VAL B 909 82.49 -80.76 -3.78
CA VAL B 909 81.64 -81.94 -3.87
C VAL B 909 81.64 -82.74 -2.58
N VAL B 910 82.82 -82.95 -2.00
CA VAL B 910 82.95 -83.73 -0.77
C VAL B 910 82.43 -82.98 0.44
N PHE B 911 82.93 -81.78 0.65
CA PHE B 911 82.57 -80.98 1.82
C PHE B 911 81.45 -79.99 1.52
N GLY B 912 81.42 -79.48 0.31
CA GLY B 912 80.46 -78.47 -0.07
C GLY B 912 80.78 -77.13 0.55
N CYS B 913 80.08 -76.08 0.13
CA CYS B 913 80.31 -74.74 0.63
C CYS B 913 80.30 -74.69 2.16
N PRO B 914 81.38 -74.18 2.76
CA PRO B 914 81.50 -74.02 4.21
C PRO B 914 80.54 -72.95 4.73
N ASN B 915 80.00 -73.17 5.93
CA ASN B 915 79.05 -72.24 6.53
C ASN B 915 77.74 -72.17 5.75
N SER C 1 43.43 0.13 -90.14
CA SER C 1 43.75 1.55 -90.12
C SER C 1 43.61 2.12 -88.71
N PRO C 2 44.59 2.93 -88.28
CA PRO C 2 44.59 3.55 -86.95
C PRO C 2 43.38 4.44 -86.74
N MET C 3 42.99 4.64 -85.48
CA MET C 3 41.85 5.49 -85.15
C MET C 3 42.17 6.38 -83.95
N TYR C 4 42.09 7.68 -84.16
CA TYR C 4 42.37 8.64 -83.09
C TYR C 4 41.08 9.28 -82.59
N SER C 5 40.82 9.13 -81.30
CA SER C 5 39.61 9.67 -80.69
C SER C 5 39.91 10.79 -79.71
N ILE C 6 38.89 11.57 -79.38
CA ILE C 6 39.04 12.69 -78.45
C ILE C 6 37.75 12.95 -77.67
N ILE C 7 37.87 13.15 -76.37
CA ILE C 7 36.70 13.39 -75.53
C ILE C 7 36.86 14.62 -74.64
N THR C 8 35.92 15.55 -74.77
CA THR C 8 35.90 16.74 -73.93
C THR C 8 34.46 17.07 -73.52
N PRO C 9 34.29 17.73 -72.37
CA PRO C 9 32.97 18.07 -71.84
C PRO C 9 32.11 18.81 -72.87
N ASN C 10 30.79 18.63 -72.77
CA ASN C 10 29.86 19.32 -73.66
C ASN C 10 30.12 20.82 -73.71
N ILE C 11 30.40 21.39 -72.55
CA ILE C 11 30.62 22.84 -72.45
C ILE C 11 31.91 23.16 -71.71
N LEU C 12 32.80 23.88 -72.36
CA LEU C 12 34.05 24.31 -71.74
C LEU C 12 33.85 25.62 -70.98
N ARG C 13 34.51 25.73 -69.84
CA ARG C 13 34.39 26.93 -69.01
C ARG C 13 35.62 27.81 -69.11
N LEU C 14 35.43 29.11 -68.91
CA LEU C 14 36.52 30.08 -69.00
C LEU C 14 37.25 30.20 -67.67
N GLU C 15 38.52 30.60 -67.72
CA GLU C 15 39.32 30.80 -66.53
C GLU C 15 39.36 29.56 -65.65
N SER C 16 39.54 28.40 -66.27
CA SER C 16 39.62 27.14 -65.56
C SER C 16 40.37 26.09 -66.37
N GLU C 17 40.58 24.92 -65.78
CA GLU C 17 41.29 23.83 -66.44
C GLU C 17 40.35 22.68 -66.81
N GLU C 18 40.15 22.48 -68.11
CA GLU C 18 39.33 21.38 -68.60
C GLU C 18 40.20 20.20 -69.02
N THR C 19 39.79 19.00 -68.64
CA THR C 19 40.55 17.79 -68.97
C THR C 19 40.29 17.35 -70.41
N MET C 20 41.34 16.87 -71.06
CA MET C 20 41.23 16.43 -72.45
C MET C 20 41.81 15.02 -72.61
N VAL C 21 40.93 14.06 -72.89
CA VAL C 21 41.33 12.66 -73.00
C VAL C 21 41.76 12.29 -74.41
N LEU C 22 43.04 11.95 -74.57
CA LEU C 22 43.58 11.56 -75.87
C LEU C 22 43.71 10.03 -75.96
N GLU C 23 43.37 9.48 -77.12
CA GLU C 23 43.41 8.05 -77.32
C GLU C 23 43.87 7.66 -78.72
N ALA C 24 44.20 6.38 -78.89
CA ALA C 24 44.63 5.86 -80.18
C ALA C 24 44.31 4.37 -80.28
N HIS C 25 43.61 3.99 -81.34
CA HIS C 25 43.18 2.61 -81.53
C HIS C 25 43.43 2.13 -82.96
N ASP C 26 44.50 1.37 -83.16
CA ASP C 26 45.40 1.00 -82.09
C ASP C 26 46.78 1.60 -82.32
N ALA C 27 47.36 1.33 -83.48
CA ALA C 27 48.67 1.84 -83.85
C ALA C 27 49.76 1.34 -82.91
N GLN C 28 51.02 1.57 -83.27
CA GLN C 28 52.15 1.14 -82.48
C GLN C 28 53.21 2.23 -82.38
N GLY C 29 54.16 2.06 -81.46
CA GLY C 29 55.23 3.01 -81.28
C GLY C 29 54.77 4.29 -80.61
N ASP C 30 55.61 5.32 -80.69
CA ASP C 30 55.29 6.62 -80.10
C ASP C 30 54.61 7.54 -81.10
N VAL C 31 53.54 8.20 -80.66
CA VAL C 31 52.81 9.12 -81.53
C VAL C 31 52.63 10.48 -80.85
N PRO C 32 53.44 11.47 -81.26
CA PRO C 32 53.39 12.83 -80.72
C PRO C 32 52.03 13.47 -80.94
N VAL C 33 51.58 14.27 -79.97
CA VAL C 33 50.28 14.93 -80.08
C VAL C 33 50.40 16.41 -79.68
N THR C 34 49.96 17.29 -80.58
CA THR C 34 49.98 18.71 -80.31
C THR C 34 48.57 19.30 -80.28
N VAL C 35 48.04 19.51 -79.09
CA VAL C 35 46.70 20.06 -78.92
C VAL C 35 46.71 21.58 -79.07
N THR C 36 45.89 22.08 -79.97
CA THR C 36 45.79 23.52 -80.19
C THR C 36 44.33 23.97 -80.18
N VAL C 37 44.02 24.94 -79.31
CA VAL C 37 42.66 25.46 -79.19
C VAL C 37 42.55 26.87 -79.76
N HIS C 38 41.70 27.02 -80.77
CA HIS C 38 41.48 28.33 -81.39
C HIS C 38 40.10 28.85 -81.00
N ASP C 39 39.83 30.10 -81.37
CA ASP C 39 38.53 30.70 -81.10
C ASP C 39 37.54 30.38 -82.22
N PHE C 40 36.43 31.09 -82.25
CA PHE C 40 35.41 30.88 -83.27
C PHE C 40 34.37 32.01 -83.26
N PRO C 41 33.96 32.47 -84.44
CA PRO C 41 34.44 31.99 -85.75
C PRO C 41 35.87 32.43 -86.06
N GLY C 42 36.43 31.92 -87.16
CA GLY C 42 37.76 32.27 -87.58
C GLY C 42 38.84 31.54 -86.79
N LYS C 43 39.97 31.29 -87.43
CA LYS C 43 41.08 30.61 -86.78
C LYS C 43 42.04 31.61 -86.16
N LYS C 44 41.52 32.44 -85.25
CA LYS C 44 42.33 33.43 -84.57
C LYS C 44 43.14 32.80 -83.45
N LEU C 45 44.34 32.33 -83.79
CA LEU C 45 45.22 31.67 -82.83
C LEU C 45 45.95 32.70 -81.98
N VAL C 46 46.26 32.34 -80.74
CA VAL C 46 45.92 31.03 -80.20
C VAL C 46 45.51 31.15 -78.74
N LEU C 47 44.55 30.32 -78.33
CA LEU C 47 44.08 30.32 -76.94
C LEU C 47 45.03 29.55 -76.03
N SER C 48 45.10 28.24 -76.21
CA SER C 48 45.97 27.40 -75.40
C SER C 48 46.54 26.25 -76.21
N SER C 49 47.85 26.03 -76.08
CA SER C 49 48.52 24.96 -76.80
C SER C 49 49.26 24.03 -75.85
N GLU C 50 49.02 22.73 -75.99
CA GLU C 50 49.67 21.73 -75.15
C GLU C 50 50.28 20.62 -75.99
N LYS C 51 51.24 19.91 -75.41
CA LYS C 51 51.90 18.81 -76.11
C LYS C 51 52.06 17.58 -75.22
N THR C 52 52.06 16.40 -75.84
CA THR C 52 52.22 15.15 -75.12
C THR C 52 52.51 14.00 -76.08
N VAL C 53 52.99 12.88 -75.55
CA VAL C 53 53.31 11.72 -76.36
C VAL C 53 52.59 10.47 -75.84
N LEU C 54 51.97 9.74 -76.74
CA LEU C 54 51.25 8.51 -76.37
C LEU C 54 52.17 7.30 -76.41
N THR C 55 52.60 6.85 -75.23
CA THR C 55 53.47 5.68 -75.11
C THR C 55 52.65 4.42 -74.84
N PRO C 56 52.94 3.35 -75.58
CA PRO C 56 52.24 2.07 -75.43
C PRO C 56 52.29 1.55 -73.99
N ALA C 57 53.24 2.06 -73.20
CA ALA C 57 53.38 1.66 -71.81
C ALA C 57 52.17 2.11 -70.99
N THR C 58 51.50 3.16 -71.46
CA THR C 58 50.32 3.69 -70.78
C THR C 58 49.04 3.34 -71.53
N ASN C 59 49.11 2.28 -72.35
CA ASN C 59 47.97 1.83 -73.13
C ASN C 59 47.44 2.93 -74.06
N HIS C 60 48.34 3.82 -74.48
CA HIS C 60 47.99 4.89 -75.40
C HIS C 60 46.91 5.81 -74.85
N MET C 61 47.23 6.54 -73.78
CA MET C 61 46.32 7.52 -73.21
C MET C 61 47.01 8.84 -72.91
N GLY C 62 46.37 9.94 -73.31
CA GLY C 62 46.89 11.26 -73.05
C GLY C 62 46.15 11.94 -71.92
N ASN C 63 46.83 12.87 -71.25
CA ASN C 63 46.24 13.58 -70.13
C ASN C 63 46.67 15.05 -70.11
N VAL C 64 46.15 15.83 -71.06
CA VAL C 64 46.49 17.23 -71.17
C VAL C 64 45.37 18.13 -70.63
N THR C 65 45.76 19.16 -69.88
CA THR C 65 44.80 20.10 -69.32
C THR C 65 45.16 21.52 -69.72
N PHE C 66 44.25 22.17 -70.45
CA PHE C 66 44.46 23.53 -70.94
C PHE C 66 43.61 24.53 -70.18
N THR C 67 44.08 25.77 -70.11
CA THR C 67 43.36 26.83 -69.43
C THR C 67 42.91 27.91 -70.40
N ILE C 68 41.63 27.87 -70.76
CA ILE C 68 41.07 28.84 -71.69
C ILE C 68 40.87 30.20 -71.03
N PRO C 69 41.34 31.26 -71.68
CA PRO C 69 41.16 32.65 -71.22
C PRO C 69 39.70 32.91 -70.84
N ALA C 70 39.40 33.92 -70.04
CA ALA C 70 40.34 34.94 -69.53
C ALA C 70 40.78 35.93 -70.60
N ASN C 71 39.86 36.23 -71.52
CA ASN C 71 40.05 37.26 -72.53
C ASN C 71 38.94 38.29 -72.49
N ARG C 72 39.15 39.43 -73.13
CA ARG C 72 38.13 40.45 -73.24
C ARG C 72 37.50 40.40 -74.63
N GLU C 73 37.95 39.42 -75.43
CA GLU C 73 37.42 39.22 -76.77
C GLU C 73 36.08 38.49 -76.70
N PHE C 74 35.81 37.87 -75.56
CA PHE C 74 34.56 37.13 -75.37
C PHE C 74 33.51 37.99 -74.67
N LYS C 75 32.89 38.90 -75.42
CA LYS C 75 31.86 39.76 -74.88
C LYS C 75 30.58 39.68 -75.69
N LYS C 78 26.47 40.67 -77.00
CA LYS C 78 25.35 40.15 -76.22
C LYS C 78 24.52 39.17 -77.03
N GLY C 79 23.76 38.33 -76.35
CA GLY C 79 22.95 37.32 -77.01
C GLY C 79 23.78 36.25 -77.68
N ARG C 80 23.11 35.26 -78.26
CA ARG C 80 23.78 34.17 -78.94
C ARG C 80 24.76 33.43 -78.01
N ASN C 81 25.62 32.62 -78.60
CA ASN C 81 26.61 31.86 -77.83
C ASN C 81 28.02 32.01 -78.39
N LYS C 82 28.99 31.45 -77.68
CA LYS C 82 30.39 31.54 -78.08
C LYS C 82 31.04 30.15 -78.05
N PHE C 83 31.74 29.82 -79.14
CA PHE C 83 32.35 28.50 -79.26
C PHE C 83 33.86 28.59 -79.47
N VAL C 84 34.54 27.47 -79.24
CA VAL C 84 35.99 27.39 -79.45
C VAL C 84 36.35 26.13 -80.24
N THR C 85 37.24 26.27 -81.20
CA THR C 85 37.64 25.14 -82.03
C THR C 85 38.75 24.33 -81.36
N VAL C 86 38.38 23.21 -80.76
CA VAL C 86 39.34 22.32 -80.12
C VAL C 86 39.97 21.39 -81.15
N GLN C 87 41.27 21.56 -81.37
CA GLN C 87 41.99 20.77 -82.38
C GLN C 87 43.10 19.95 -81.74
N ALA C 88 43.26 18.72 -82.21
CA ALA C 88 44.29 17.81 -81.71
C ALA C 88 44.93 17.04 -82.86
N THR C 89 46.22 17.26 -83.06
CA THR C 89 46.95 16.59 -84.13
C THR C 89 47.74 15.39 -83.61
N PHE C 90 47.55 14.25 -84.28
CA PHE C 90 48.25 13.03 -83.89
C PHE C 90 49.34 12.69 -84.91
N GLY C 91 50.38 13.50 -84.95
CA GLY C 91 51.46 13.31 -85.91
C GLY C 91 51.14 13.96 -87.24
N THR C 92 50.24 13.34 -87.98
CA THR C 92 49.81 13.87 -89.28
C THR C 92 48.30 14.00 -89.33
N GLN C 93 47.60 12.94 -88.95
CA GLN C 93 46.15 12.95 -88.92
C GLN C 93 45.63 13.95 -87.91
N VAL C 94 44.85 14.92 -88.39
CA VAL C 94 44.32 15.97 -87.52
C VAL C 94 42.85 15.73 -87.17
N VAL C 95 42.55 15.69 -85.87
CA VAL C 95 41.19 15.51 -85.40
C VAL C 95 40.72 16.75 -84.65
N GLU C 96 39.73 17.44 -85.22
CA GLU C 96 39.24 18.69 -84.62
C GLU C 96 37.74 18.66 -84.38
N LYS C 97 37.31 19.40 -83.36
CA LYS C 97 35.89 19.48 -82.99
C LYS C 97 35.62 20.77 -82.22
N VAL C 98 34.48 21.40 -82.52
CA VAL C 98 34.11 22.64 -81.88
C VAL C 98 33.22 22.40 -80.66
N VAL C 99 33.59 23.04 -79.55
CA VAL C 99 32.86 22.85 -78.28
C VAL C 99 32.27 24.17 -77.78
N LEU C 100 31.10 24.08 -77.15
CA LEU C 100 30.42 25.25 -76.62
C LEU C 100 31.15 25.83 -75.40
N VAL C 101 30.97 27.13 -75.17
CA VAL C 101 31.57 27.80 -74.02
C VAL C 101 30.49 28.51 -73.21
N SER C 102 30.63 28.49 -71.89
CA SER C 102 29.64 29.08 -71.00
C SER C 102 30.06 30.46 -70.51
N LEU C 103 29.08 31.34 -70.32
CA LEU C 103 29.35 32.68 -69.80
C LEU C 103 29.43 32.67 -68.28
N GLN C 104 28.74 31.70 -67.67
CA GLN C 104 28.74 31.57 -66.21
C GLN C 104 30.15 31.55 -65.65
N SER C 105 30.37 32.29 -64.56
CA SER C 105 31.68 32.35 -63.94
C SER C 105 31.77 31.42 -62.73
N GLY C 106 30.64 31.21 -62.06
CA GLY C 106 30.61 30.35 -60.90
C GLY C 106 29.32 30.48 -60.11
N TYR C 107 29.42 30.34 -58.79
CA TYR C 107 28.26 30.42 -57.91
C TYR C 107 28.38 31.59 -56.94
N LEU C 108 27.24 32.07 -56.46
CA LEU C 108 27.21 33.15 -55.48
C LEU C 108 26.19 32.85 -54.38
N PHE C 109 26.66 32.85 -53.13
CA PHE C 109 25.80 32.58 -51.99
C PHE C 109 25.74 33.78 -51.06
N ILE C 110 24.53 34.26 -50.80
CA ILE C 110 24.34 35.43 -49.94
C ILE C 110 23.83 35.04 -48.56
N GLN C 111 24.55 35.47 -47.53
CA GLN C 111 24.18 35.15 -46.15
C GLN C 111 23.77 36.40 -45.38
N THR C 112 22.56 36.39 -44.84
CA THR C 112 22.07 37.49 -44.02
C THR C 112 22.02 37.07 -42.55
N ASP C 113 22.45 37.97 -41.67
CA ASP C 113 22.49 37.69 -40.25
C ASP C 113 21.13 37.22 -39.72
N LYS C 114 20.07 37.93 -40.11
CA LYS C 114 18.72 37.58 -39.70
C LYS C 114 17.82 37.32 -40.90
N THR C 115 16.66 36.73 -40.64
CA THR C 115 15.70 36.44 -41.70
C THR C 115 14.63 37.52 -41.76
N ILE C 116 14.52 38.30 -40.68
CA ILE C 116 13.55 39.38 -40.61
C ILE C 116 14.14 40.57 -39.85
N TYR C 117 13.85 41.78 -40.33
CA TYR C 117 14.41 42.99 -39.75
C TYR C 117 13.33 44.01 -39.40
N THR C 118 13.64 44.89 -38.45
CA THR C 118 12.73 45.95 -38.06
C THR C 118 13.17 47.27 -38.67
N PRO C 119 12.20 48.08 -39.15
CA PRO C 119 12.50 49.38 -39.75
C PRO C 119 13.38 50.24 -38.85
N GLY C 120 14.65 50.37 -39.22
CA GLY C 120 15.59 51.16 -38.44
C GLY C 120 16.91 50.45 -38.23
N SER C 121 16.87 49.13 -38.27
CA SER C 121 18.07 48.32 -38.06
C SER C 121 18.88 48.20 -39.34
N THR C 122 20.04 47.55 -39.24
CA THR C 122 20.92 47.39 -40.38
C THR C 122 21.02 45.92 -40.79
N VAL C 123 20.97 45.66 -42.10
CA VAL C 123 21.06 44.31 -42.62
C VAL C 123 22.50 43.91 -42.92
N LEU C 124 23.05 43.03 -42.09
CA LEU C 124 24.40 42.54 -42.28
C LEU C 124 24.39 41.31 -43.18
N TYR C 125 24.98 41.43 -44.37
CA TYR C 125 25.01 40.32 -45.31
C TYR C 125 26.36 40.19 -46.01
N ARG C 126 26.78 38.96 -46.27
CA ARG C 126 28.04 38.70 -46.96
C ARG C 126 27.81 37.92 -48.24
N ILE C 127 28.70 38.11 -49.21
CA ILE C 127 28.62 37.40 -50.49
C ILE C 127 29.83 36.50 -50.69
N PHE C 128 29.59 35.26 -51.07
CA PHE C 128 30.66 34.31 -51.32
C PHE C 128 30.86 34.09 -52.82
N THR C 129 32.07 34.37 -53.29
CA THR C 129 32.40 34.22 -54.70
C THR C 129 33.23 32.97 -54.95
N VAL C 130 32.58 31.92 -55.45
CA VAL C 130 33.27 30.66 -55.74
C VAL C 130 33.00 30.22 -57.18
N ASN C 131 33.97 29.52 -57.76
CA ASN C 131 33.83 29.03 -59.13
C ASN C 131 32.91 27.80 -59.20
N HIS C 132 32.94 27.12 -60.34
CA HIS C 132 32.11 25.93 -60.53
C HIS C 132 32.63 24.75 -59.71
N LYS C 133 33.73 24.96 -59.01
CA LYS C 133 34.33 23.91 -58.17
C LYS C 133 34.22 24.27 -56.69
N LEU C 134 33.45 25.31 -56.40
CA LEU C 134 33.25 25.77 -55.02
C LEU C 134 34.57 26.13 -54.34
N LEU C 135 35.34 27.01 -54.96
CA LEU C 135 36.62 27.45 -54.41
C LEU C 135 36.73 28.97 -54.44
N PRO C 136 37.41 29.54 -53.44
CA PRO C 136 37.60 30.99 -53.35
C PRO C 136 38.20 31.55 -54.64
N VAL C 137 37.59 32.60 -55.18
CA VAL C 137 38.06 33.20 -56.41
C VAL C 137 37.75 34.71 -56.47
N GLY C 138 38.73 35.49 -56.90
CA GLY C 138 38.56 36.93 -56.99
C GLY C 138 37.85 37.34 -58.27
N ARG C 139 36.62 37.84 -58.13
CA ARG C 139 35.82 38.26 -59.27
C ARG C 139 35.09 39.57 -58.97
N THR C 140 34.52 40.17 -60.02
CA THR C 140 33.74 41.39 -59.87
C THR C 140 32.26 41.06 -59.85
N VAL C 141 31.56 41.48 -58.79
CA VAL C 141 30.15 41.15 -58.62
C VAL C 141 29.27 42.38 -58.51
N MET C 142 28.15 42.38 -59.22
CA MET C 142 27.17 43.45 -59.14
C MET C 142 26.08 43.11 -58.13
N VAL C 143 25.91 43.96 -57.13
CA VAL C 143 24.94 43.69 -56.07
C VAL C 143 23.83 44.74 -56.05
N ASN C 144 22.60 44.28 -56.19
CA ASN C 144 21.43 45.16 -56.12
C ASN C 144 20.49 44.77 -54.99
N ILE C 145 19.80 45.75 -54.42
CA ILE C 145 18.84 45.51 -53.36
C ILE C 145 17.48 46.06 -53.75
N GLU C 146 16.55 45.16 -54.08
CA GLU C 146 15.22 45.56 -54.54
C GLU C 146 14.20 45.58 -53.41
N ASN C 147 13.33 46.58 -53.43
CA ASN C 147 12.26 46.70 -52.45
C ASN C 147 11.17 45.66 -52.71
N PRO C 148 10.18 45.58 -51.81
CA PRO C 148 9.07 44.63 -52.01
C PRO C 148 8.39 44.81 -53.36
N GLU C 149 8.62 45.94 -54.01
CA GLU C 149 8.03 46.19 -55.32
C GLU C 149 9.01 45.87 -56.44
N GLY C 150 10.08 45.17 -56.09
CA GLY C 150 11.07 44.71 -57.06
C GLY C 150 11.75 45.82 -57.83
N ILE C 151 12.07 46.91 -57.15
CA ILE C 151 12.77 48.03 -57.77
C ILE C 151 14.05 48.35 -57.02
N PRO C 152 15.21 48.17 -57.68
CA PRO C 152 16.53 48.39 -57.07
C PRO C 152 16.65 49.76 -56.41
N VAL C 153 17.05 49.78 -55.15
CA VAL C 153 17.23 51.03 -54.42
C VAL C 153 18.71 51.28 -54.14
N LYS C 154 19.52 50.25 -54.31
CA LYS C 154 20.96 50.35 -54.09
C LYS C 154 21.72 49.38 -54.99
N GLN C 155 22.71 49.88 -55.71
CA GLN C 155 23.52 49.05 -56.58
C GLN C 155 25.01 49.34 -56.40
N ASP C 156 25.80 48.28 -56.28
CA ASP C 156 27.24 48.41 -56.10
C ASP C 156 27.99 47.50 -57.08
N SER C 157 29.31 47.46 -56.94
CA SER C 157 30.14 46.63 -57.79
C SER C 157 31.46 46.30 -57.11
N LEU C 158 31.41 45.41 -56.13
CA LEU C 158 32.59 45.04 -55.35
C LEU C 158 33.46 44.04 -56.11
N SER C 159 34.61 43.73 -55.53
CA SER C 159 35.53 42.75 -56.10
C SER C 159 36.16 41.91 -55.00
N SER C 160 35.96 40.60 -55.08
CA SER C 160 36.47 39.69 -54.06
C SER C 160 37.98 39.48 -54.20
N GLN C 161 38.60 40.26 -55.07
CA GLN C 161 40.04 40.17 -55.28
C GLN C 161 40.80 40.43 -53.98
N ASN C 162 41.71 39.53 -53.65
CA ASN C 162 42.51 39.65 -52.43
C ASN C 162 41.65 39.75 -51.18
N GLN C 163 40.47 39.13 -51.22
CA GLN C 163 39.55 39.16 -50.09
C GLN C 163 39.12 37.74 -49.72
N LEU C 164 39.72 36.75 -50.37
CA LEU C 164 39.45 35.35 -50.10
C LEU C 164 37.99 34.97 -50.35
N GLY C 165 37.41 35.57 -51.39
CA GLY C 165 36.05 35.25 -51.79
C GLY C 165 35.00 35.50 -50.73
N VAL C 166 35.20 36.56 -49.95
CA VAL C 166 34.24 36.95 -48.92
C VAL C 166 34.03 38.46 -48.91
N LEU C 167 32.82 38.89 -49.30
CA LEU C 167 32.51 40.31 -49.38
C LEU C 167 31.53 40.75 -48.30
N PRO C 168 32.06 41.22 -47.16
CA PRO C 168 31.23 41.73 -46.07
C PRO C 168 30.50 42.99 -46.47
N LEU C 169 29.19 43.02 -46.30
CA LEU C 169 28.38 44.18 -46.67
C LEU C 169 27.27 44.46 -45.65
N SER C 170 26.64 45.62 -45.79
CA SER C 170 25.56 46.03 -44.91
C SER C 170 24.68 47.06 -45.58
N TRP C 171 23.40 47.11 -45.18
CA TRP C 171 22.46 48.07 -45.72
C TRP C 171 21.53 48.61 -44.64
N ASP C 172 21.58 49.91 -44.42
CA ASP C 172 20.77 50.56 -43.40
C ASP C 172 19.31 50.68 -43.83
N ILE C 173 18.41 50.19 -42.99
CA ILE C 173 16.99 50.30 -43.26
C ILE C 173 16.40 51.56 -42.64
N PRO C 174 15.93 52.48 -43.49
CA PRO C 174 15.34 53.75 -43.04
C PRO C 174 14.14 53.53 -42.12
N GLU C 175 13.91 54.45 -41.20
CA GLU C 175 12.76 54.37 -40.30
C GLU C 175 11.46 54.29 -41.10
N LEU C 176 11.32 55.18 -42.06
CA LEU C 176 10.16 55.18 -42.95
C LEU C 176 10.45 54.31 -44.17
N VAL C 177 10.15 53.03 -44.07
CA VAL C 177 10.43 52.09 -45.14
C VAL C 177 9.20 51.25 -45.46
N ASN C 178 9.13 50.74 -46.69
CA ASN C 178 8.02 49.91 -47.11
C ASN C 178 8.15 48.47 -46.62
N MET C 179 7.24 48.06 -45.74
CA MET C 179 7.25 46.70 -45.22
C MET C 179 6.92 45.70 -46.32
N GLY C 180 7.52 44.51 -46.22
CA GLY C 180 7.29 43.46 -47.19
C GLY C 180 8.49 42.54 -47.35
N GLN C 181 8.51 41.78 -48.43
CA GLN C 181 9.61 40.85 -48.69
C GLN C 181 10.67 41.47 -49.60
N TRP C 182 11.68 42.07 -48.98
CA TRP C 182 12.79 42.65 -49.74
C TRP C 182 13.62 41.56 -50.41
N LYS C 183 14.58 41.97 -51.23
CA LYS C 183 15.40 41.02 -51.97
C LYS C 183 16.81 41.54 -52.19
N ILE C 184 17.79 40.64 -52.12
CA ILE C 184 19.18 40.98 -52.39
C ILE C 184 19.69 40.17 -53.58
N ARG C 185 19.78 40.82 -54.74
CA ARG C 185 20.22 40.15 -55.96
C ARG C 185 21.68 40.44 -56.26
N ALA C 186 22.39 39.44 -56.77
CA ALA C 186 23.80 39.58 -57.11
C ALA C 186 24.18 38.70 -58.30
N TYR C 187 25.21 39.11 -59.02
CA TYR C 187 25.68 38.35 -60.18
C TYR C 187 27.07 38.82 -60.61
N TYR C 188 27.77 37.95 -61.33
CA TYR C 188 29.11 38.29 -61.84
C TYR C 188 29.02 39.31 -62.98
N GLU C 189 29.99 40.21 -63.04
CA GLU C 189 30.01 41.23 -64.07
C GLU C 189 30.12 40.61 -65.46
N ASN C 190 30.71 39.43 -65.54
CA ASN C 190 30.89 38.73 -66.80
C ASN C 190 29.70 37.84 -67.17
N SER C 191 28.71 37.79 -66.29
CA SER C 191 27.52 36.98 -66.52
C SER C 191 26.28 37.64 -65.93
N PRO C 192 25.78 38.70 -66.60
CA PRO C 192 24.61 39.45 -66.15
C PRO C 192 23.33 38.63 -66.23
N GLN C 193 23.37 37.49 -66.89
CA GLN C 193 22.20 36.64 -67.05
C GLN C 193 22.03 35.69 -65.87
N GLN C 194 23.15 35.27 -65.28
CA GLN C 194 23.11 34.38 -64.12
C GLN C 194 23.07 35.18 -62.83
N VAL C 195 21.86 35.40 -62.31
CA VAL C 195 21.68 36.22 -61.12
C VAL C 195 21.14 35.41 -59.94
N PHE C 196 21.84 35.49 -58.81
CA PHE C 196 21.42 34.85 -57.58
C PHE C 196 20.63 35.82 -56.72
N SER C 197 19.77 35.30 -55.85
CA SER C 197 18.92 36.16 -55.03
C SER C 197 18.64 35.57 -53.65
N THR C 198 18.52 36.45 -52.65
CA THR C 198 18.19 36.05 -51.29
C THR C 198 17.23 37.07 -50.68
N GLU C 199 16.10 36.59 -50.17
CA GLU C 199 15.07 37.48 -49.65
C GLU C 199 15.13 37.64 -48.14
N PHE C 200 14.69 38.81 -47.65
CA PHE C 200 14.59 39.07 -46.23
C PHE C 200 13.39 39.97 -45.94
N GLU C 201 12.62 39.63 -44.92
CA GLU C 201 11.39 40.34 -44.62
C GLU C 201 11.62 41.54 -43.71
N VAL C 202 10.98 42.66 -44.03
CA VAL C 202 11.02 43.86 -43.21
C VAL C 202 9.64 44.14 -42.63
N LYS C 203 9.54 44.14 -41.31
CA LYS C 203 8.25 44.28 -40.64
C LYS C 203 8.42 44.70 -39.18
N GLU C 204 7.41 45.37 -38.64
CA GLU C 204 7.40 45.76 -37.23
C GLU C 204 6.93 44.59 -36.38
N TYR C 205 7.82 44.07 -35.54
CA TYR C 205 7.52 42.90 -34.73
C TYR C 205 8.21 42.93 -33.37
N VAL C 206 7.93 41.92 -32.56
CA VAL C 206 8.57 41.78 -31.26
C VAL C 206 8.89 40.30 -30.98
N LEU C 207 10.09 40.04 -30.51
CA LEU C 207 10.53 38.68 -30.23
C LEU C 207 9.74 38.07 -29.08
N PRO C 208 9.00 36.99 -29.36
CA PRO C 208 8.21 36.27 -28.35
C PRO C 208 9.10 35.68 -27.27
N SER C 209 8.49 35.08 -26.25
CA SER C 209 9.24 34.48 -25.15
C SER C 209 9.31 32.97 -25.29
N PHE C 210 8.43 32.40 -26.11
CA PHE C 210 8.41 30.96 -26.33
C PHE C 210 8.05 30.61 -27.77
N GLU C 211 8.27 29.36 -28.14
CA GLU C 211 7.95 28.89 -29.49
C GLU C 211 6.77 27.93 -29.46
N VAL C 212 6.10 27.80 -30.60
CA VAL C 212 4.96 26.89 -30.72
C VAL C 212 5.13 25.95 -31.91
N ILE C 213 5.16 24.66 -31.62
CA ILE C 213 5.34 23.65 -32.66
C ILE C 213 4.07 22.83 -32.84
N VAL C 214 3.73 22.54 -34.10
CA VAL C 214 2.55 21.75 -34.41
C VAL C 214 2.89 20.57 -35.32
N GLU C 215 2.97 19.38 -34.73
CA GLU C 215 3.32 18.17 -35.48
C GLU C 215 2.23 17.12 -35.38
N PRO C 216 1.54 16.86 -36.51
CA PRO C 216 0.51 15.82 -36.57
C PRO C 216 1.10 14.44 -36.31
N THR C 217 0.27 13.50 -35.86
CA THR C 217 0.72 12.14 -35.60
C THR C 217 1.33 11.51 -36.85
N GLU C 218 0.77 11.87 -38.00
CA GLU C 218 1.27 11.39 -39.29
C GLU C 218 1.57 12.56 -40.22
N LYS C 219 2.58 12.38 -41.06
CA LYS C 219 2.97 13.42 -42.01
C LYS C 219 2.01 13.48 -43.20
N PHE C 220 0.82 12.91 -43.02
CA PHE C 220 -0.20 12.91 -44.05
C PHE C 220 -1.56 12.63 -43.44
N TYR C 221 -2.54 12.31 -44.29
CA TYR C 221 -3.87 11.98 -43.81
C TYR C 221 -4.58 11.02 -44.74
N TYR C 222 -5.00 9.87 -44.19
CA TYR C 222 -5.73 8.88 -44.96
C TYR C 222 -7.21 9.24 -45.02
N ILE C 223 -7.79 9.18 -46.21
CA ILE C 223 -9.17 9.59 -46.43
C ILE C 223 -10.16 8.78 -45.60
N TYR C 224 -10.07 7.45 -45.68
CA TYR C 224 -11.01 6.58 -45.00
C TYR C 224 -10.64 6.40 -43.52
N ASN C 225 -9.72 7.23 -43.03
CA ASN C 225 -9.31 7.15 -41.64
C ASN C 225 -10.35 7.78 -40.71
N GLU C 226 -11.16 6.93 -40.09
CA GLU C 226 -12.22 7.39 -39.20
C GLU C 226 -11.67 8.11 -37.97
N LYS C 227 -10.47 7.74 -37.56
CA LYS C 227 -9.84 8.33 -36.39
C LYS C 227 -9.67 9.84 -36.53
N GLY C 228 -9.50 10.29 -37.78
CA GLY C 228 -9.33 11.71 -38.05
C GLY C 228 -7.88 12.14 -38.05
N LEU C 229 -7.67 13.45 -37.93
CA LEU C 229 -6.32 14.00 -37.92
C LEU C 229 -5.93 14.51 -36.54
N GLU C 230 -5.07 13.75 -35.85
CA GLU C 230 -4.60 14.13 -34.53
C GLU C 230 -3.34 15.00 -34.64
N VAL C 231 -3.38 16.17 -34.01
CA VAL C 231 -2.27 17.11 -34.04
C VAL C 231 -1.72 17.39 -32.65
N THR C 232 -0.40 17.31 -32.51
CA THR C 232 0.26 17.58 -31.23
C THR C 232 0.66 19.05 -31.12
N ILE C 233 0.42 19.63 -29.95
CA ILE C 233 0.77 21.03 -29.72
C ILE C 233 1.86 21.15 -28.66
N THR C 234 3.11 21.21 -29.10
CA THR C 234 4.24 21.34 -28.19
C THR C 234 4.72 22.78 -28.12
N ALA C 235 4.71 23.35 -26.91
CA ALA C 235 5.13 24.73 -26.71
C ALA C 235 6.04 24.88 -25.50
N ARG C 236 7.24 25.39 -25.74
CA ARG C 236 8.21 25.61 -24.66
C ARG C 236 8.95 26.93 -24.87
N PHE C 237 9.42 27.52 -23.76
CA PHE C 237 10.15 28.77 -23.82
C PHE C 237 11.42 28.64 -24.65
N LEU C 238 12.02 29.77 -25.01
CA LEU C 238 13.21 29.79 -25.83
C LEU C 238 14.44 29.28 -25.08
N TYR C 239 14.30 29.13 -23.76
CA TYR C 239 15.41 28.67 -22.94
C TYR C 239 15.23 27.23 -22.44
N GLY C 240 14.31 26.50 -23.06
CA GLY C 240 14.12 25.09 -22.76
C GLY C 240 12.90 24.79 -21.91
N LYS C 241 12.66 25.60 -20.90
CA LYS C 241 11.54 25.38 -19.98
C LYS C 241 10.22 25.25 -20.74
N LYS C 242 9.26 24.58 -20.13
CA LYS C 242 7.97 24.32 -20.76
C LYS C 242 6.98 25.46 -20.54
N VAL C 243 5.91 25.47 -21.34
CA VAL C 243 4.94 26.56 -21.30
C VAL C 243 3.60 26.14 -20.67
N GLU C 244 3.12 26.97 -19.75
CA GLU C 244 1.82 26.74 -19.13
C GLU C 244 0.82 27.79 -19.60
N GLY C 245 -0.18 27.35 -20.37
CA GLY C 245 -1.19 28.27 -20.88
C GLY C 245 -2.33 27.57 -21.58
N THR C 246 -2.98 28.28 -22.50
CA THR C 246 -4.10 27.74 -23.26
C THR C 246 -3.85 27.90 -24.74
N ALA C 247 -4.40 26.99 -25.55
CA ALA C 247 -4.17 27.03 -26.99
C ALA C 247 -5.48 27.20 -27.78
N PHE C 248 -5.37 27.85 -28.93
CA PHE C 248 -6.51 28.05 -29.82
C PHE C 248 -6.18 27.51 -31.20
N VAL C 249 -6.67 26.30 -31.49
CA VAL C 249 -6.36 25.63 -32.74
C VAL C 249 -7.55 25.58 -33.70
N ILE C 250 -7.29 25.78 -34.98
CA ILE C 250 -8.32 25.72 -36.01
C ILE C 250 -7.76 25.11 -37.30
N PHE C 251 -8.58 24.32 -37.99
CA PHE C 251 -8.15 23.64 -39.20
C PHE C 251 -8.72 24.31 -40.45
N GLY C 252 -8.39 23.74 -41.61
CA GLY C 252 -8.87 24.26 -42.88
C GLY C 252 -8.31 23.50 -44.07
N ILE C 253 -9.05 23.51 -45.17
CA ILE C 253 -8.63 22.82 -46.38
C ILE C 253 -8.01 23.78 -47.39
N GLN C 254 -6.89 23.38 -47.98
CA GLN C 254 -6.17 24.23 -48.91
C GLN C 254 -6.24 23.69 -50.34
N ASP C 255 -7.06 24.32 -51.18
CA ASP C 255 -7.15 23.96 -52.58
C ASP C 255 -5.97 24.56 -53.35
N GLY C 256 -6.04 24.51 -54.68
CA GLY C 256 -4.99 25.07 -55.51
C GLY C 256 -4.82 26.56 -55.28
N GLU C 257 -3.84 26.92 -54.46
CA GLU C 257 -3.60 28.32 -54.11
C GLU C 257 -4.86 28.99 -53.57
N GLN C 258 -5.62 28.23 -52.77
CA GLN C 258 -6.83 28.75 -52.16
C GLN C 258 -7.03 28.11 -50.79
N ARG C 259 -7.58 28.87 -49.85
CA ARG C 259 -7.80 28.36 -48.49
C ARG C 259 -9.26 28.52 -48.06
N ILE C 260 -9.88 27.41 -47.67
CA ILE C 260 -11.24 27.43 -47.19
C ILE C 260 -11.28 27.06 -45.70
N SER C 261 -11.29 28.08 -44.85
CA SER C 261 -11.27 27.87 -43.40
C SER C 261 -12.44 27.02 -42.93
N LEU C 262 -12.24 26.29 -41.85
CA LEU C 262 -13.28 25.46 -41.28
C LEU C 262 -13.66 25.93 -39.88
N PRO C 263 -14.63 26.86 -39.80
CA PRO C 263 -15.07 27.46 -38.53
C PRO C 263 -15.57 26.41 -37.53
N GLU C 264 -16.06 25.29 -38.04
CA GLU C 264 -16.59 24.24 -37.19
C GLU C 264 -15.49 23.50 -36.44
N SER C 265 -14.29 23.48 -37.02
CA SER C 265 -13.17 22.78 -36.43
C SER C 265 -12.33 23.68 -35.52
N LEU C 266 -13.00 24.33 -34.58
CA LEU C 266 -12.32 25.21 -33.63
C LEU C 266 -12.35 24.61 -32.23
N LYS C 267 -11.18 24.51 -31.60
CA LYS C 267 -11.07 23.90 -30.29
C LYS C 267 -10.26 24.77 -29.33
N ARG C 268 -10.42 24.51 -28.04
CA ARG C 268 -9.67 25.23 -27.00
C ARG C 268 -9.08 24.24 -26.00
N ILE C 269 -7.92 23.69 -26.33
CA ILE C 269 -7.25 22.71 -25.48
C ILE C 269 -6.25 23.37 -24.53
N PRO C 270 -6.38 23.08 -23.23
CA PRO C 270 -5.45 23.59 -22.21
C PRO C 270 -4.05 23.03 -22.42
N ILE C 271 -3.04 23.89 -22.32
CA ILE C 271 -1.65 23.46 -22.47
C ILE C 271 -0.99 23.25 -21.12
N GLU C 272 -1.04 22.03 -20.61
CA GLU C 272 -0.44 21.69 -19.33
C GLU C 272 0.88 20.97 -19.52
N ASP C 273 1.86 21.29 -18.68
CA ASP C 273 3.16 20.64 -18.72
C ASP C 273 3.86 20.85 -20.05
N GLY C 274 3.59 21.99 -20.68
CA GLY C 274 4.24 22.35 -21.92
C GLY C 274 3.86 21.47 -23.10
N SER C 275 2.57 21.11 -23.18
CA SER C 275 2.09 20.30 -24.28
C SER C 275 0.57 20.20 -24.31
N GLY C 276 0.01 19.87 -25.46
CA GLY C 276 -1.43 19.73 -25.62
C GLY C 276 -1.77 18.66 -26.64
N GLU C 277 -3.07 18.46 -26.86
CA GLU C 277 -3.53 17.45 -27.80
C GLU C 277 -4.91 17.80 -28.37
N VAL C 278 -4.98 17.88 -29.70
CA VAL C 278 -6.23 18.19 -30.38
C VAL C 278 -6.49 17.19 -31.51
N VAL C 279 -7.75 16.84 -31.71
CA VAL C 279 -8.13 15.89 -32.75
C VAL C 279 -9.19 16.47 -33.68
N LEU C 280 -8.95 16.36 -34.98
CA LEU C 280 -9.91 16.81 -35.98
C LEU C 280 -10.81 15.66 -36.42
N SER C 281 -12.04 15.66 -35.93
CA SER C 281 -12.99 14.60 -36.27
C SER C 281 -13.22 14.53 -37.77
N ARG C 282 -13.31 13.31 -38.30
CA ARG C 282 -13.53 13.09 -39.72
C ARG C 282 -14.88 13.65 -40.15
N LYS C 283 -15.79 13.77 -39.20
CA LYS C 283 -17.12 14.29 -39.48
C LYS C 283 -17.07 15.75 -39.93
N VAL C 284 -16.39 16.58 -39.15
CA VAL C 284 -16.27 18.00 -39.45
C VAL C 284 -15.55 18.24 -40.78
N LEU C 285 -14.53 17.43 -41.04
CA LEU C 285 -13.75 17.56 -42.27
C LEU C 285 -14.63 17.45 -43.51
N LEU C 286 -15.54 16.47 -43.51
CA LEU C 286 -16.43 16.26 -44.64
C LEU C 286 -17.53 17.33 -44.68
N ASP C 287 -17.89 17.84 -43.50
CA ASP C 287 -18.92 18.86 -43.40
C ASP C 287 -18.41 20.19 -43.97
N GLY C 288 -17.11 20.38 -43.93
CA GLY C 288 -16.50 21.60 -44.45
C GLY C 288 -16.85 21.83 -45.91
N VAL C 289 -16.39 20.93 -46.77
CA VAL C 289 -16.69 21.02 -48.19
C VAL C 289 -18.14 20.63 -48.48
N GLN C 290 -18.67 21.13 -49.58
CA GLN C 290 -20.05 20.84 -49.96
C GLN C 290 -20.11 19.66 -50.92
N ASN C 291 -19.09 18.81 -50.88
CA ASN C 291 -19.03 17.64 -51.74
C ASN C 291 -19.17 16.35 -50.95
N PRO C 292 -20.27 15.61 -51.19
CA PRO C 292 -20.58 14.37 -50.49
C PRO C 292 -19.46 13.34 -50.58
N ARG C 293 -18.96 13.09 -51.80
CA ARG C 293 -17.93 12.10 -52.00
C ARG C 293 -16.60 12.52 -51.38
N ALA C 294 -15.98 11.61 -50.65
CA ALA C 294 -14.73 11.91 -49.94
C ALA C 294 -13.51 11.70 -50.84
N GLU C 295 -13.70 10.99 -51.94
CA GLU C 295 -12.61 10.72 -52.88
C GLU C 295 -12.24 11.96 -53.68
N ASP C 296 -13.01 13.04 -53.49
CA ASP C 296 -12.76 14.29 -54.18
C ASP C 296 -11.74 15.14 -53.43
N LEU C 297 -11.53 14.83 -52.15
CA LEU C 297 -10.57 15.54 -51.34
C LEU C 297 -9.16 15.02 -51.56
N VAL C 298 -9.06 13.91 -52.29
CA VAL C 298 -7.76 13.31 -52.59
C VAL C 298 -6.94 14.22 -53.50
N GLY C 299 -5.83 14.73 -52.97
CA GLY C 299 -4.98 15.63 -53.71
C GLY C 299 -4.80 16.95 -53.00
N LYS C 300 -5.84 17.38 -52.29
CA LYS C 300 -5.80 18.62 -51.53
C LYS C 300 -4.93 18.46 -50.28
N SER C 301 -4.92 19.49 -49.45
CA SER C 301 -4.12 19.46 -48.22
C SER C 301 -4.84 20.16 -47.07
N LEU C 302 -4.30 20.00 -45.87
CA LEU C 302 -4.86 20.62 -44.67
C LEU C 302 -3.84 21.50 -43.98
N TYR C 303 -4.30 22.51 -43.27
CA TYR C 303 -3.41 23.40 -42.53
C TYR C 303 -3.93 23.65 -41.11
N VAL C 304 -3.01 23.63 -40.14
CA VAL C 304 -3.37 23.84 -38.75
C VAL C 304 -2.92 25.21 -38.27
N SER C 305 -3.79 25.90 -37.54
CA SER C 305 -3.46 27.22 -37.01
C SER C 305 -3.67 27.29 -35.50
N ALA C 306 -2.58 27.08 -34.75
CA ALA C 306 -2.64 27.09 -33.30
C ALA C 306 -2.19 28.43 -32.74
N THR C 307 -2.54 28.69 -31.47
CA THR C 307 -2.17 29.93 -30.82
C THR C 307 -2.09 29.74 -29.30
N VAL C 308 -0.88 29.80 -28.75
CA VAL C 308 -0.67 29.60 -27.33
C VAL C 308 -0.62 30.92 -26.57
N ILE C 309 -1.33 30.97 -25.44
CA ILE C 309 -1.35 32.17 -24.60
C ILE C 309 -1.09 31.81 -23.14
N LEU C 310 -0.10 32.46 -22.55
CA LEU C 310 0.27 32.20 -21.15
C LEU C 310 -0.88 32.54 -20.20
N HIS C 311 -0.76 32.11 -18.95
CA HIS C 311 -1.76 32.41 -17.93
C HIS C 311 -1.62 33.84 -17.43
N SER C 312 -0.51 34.48 -17.74
CA SER C 312 -0.27 35.85 -17.33
C SER C 312 -0.77 36.83 -18.40
N GLY C 313 -1.02 36.31 -19.59
CA GLY C 313 -1.49 37.12 -20.70
C GLY C 313 -0.47 38.18 -21.10
N SER C 314 0.79 37.80 -21.11
CA SER C 314 1.87 38.72 -21.45
C SER C 314 2.44 38.43 -22.83
N ASP C 315 2.23 37.20 -23.31
CA ASP C 315 2.72 36.80 -24.62
C ASP C 315 1.69 35.97 -25.37
N MET C 316 1.81 35.94 -26.70
CA MET C 316 0.88 35.20 -27.54
C MET C 316 1.53 34.85 -28.87
N VAL C 317 1.80 33.56 -29.07
CA VAL C 317 2.48 33.09 -30.29
C VAL C 317 1.52 32.38 -31.23
N GLN C 318 1.69 32.61 -32.53
CA GLN C 318 0.84 32.00 -33.54
C GLN C 318 1.66 31.09 -34.46
N ALA C 319 1.31 29.81 -34.49
CA ALA C 319 2.02 28.84 -35.32
C ALA C 319 1.12 28.33 -36.44
N GLU C 320 1.70 27.54 -37.35
CA GLU C 320 0.94 26.99 -38.47
C GLU C 320 1.66 25.84 -39.16
N ARG C 321 0.92 24.79 -39.50
CA ARG C 321 1.46 23.67 -40.24
C ARG C 321 0.63 23.41 -41.49
N SER C 322 1.05 24.00 -42.60
CA SER C 322 0.34 23.85 -43.86
C SER C 322 1.01 22.80 -44.75
N GLY C 323 0.25 22.25 -45.68
CA GLY C 323 0.77 21.26 -46.59
C GLY C 323 0.68 19.85 -46.05
N ILE C 324 -0.53 19.42 -45.71
CA ILE C 324 -0.76 18.07 -45.22
C ILE C 324 -1.45 17.23 -46.30
N PRO C 325 -0.66 16.45 -47.05
CA PRO C 325 -1.15 15.63 -48.18
C PRO C 325 -2.24 14.66 -47.74
N ILE C 326 -3.36 14.68 -48.46
CA ILE C 326 -4.45 13.74 -48.19
C ILE C 326 -4.49 12.67 -49.28
N VAL C 327 -3.46 11.83 -49.30
CA VAL C 327 -3.34 10.78 -50.31
C VAL C 327 -3.92 9.46 -49.83
N THR C 328 -4.13 8.54 -50.76
CA THR C 328 -4.67 7.23 -50.43
C THR C 328 -3.56 6.23 -50.11
N SER C 329 -2.35 6.55 -50.57
CA SER C 329 -1.20 5.70 -50.31
C SER C 329 -0.11 6.46 -49.55
N PRO C 330 0.29 5.93 -48.38
CA PRO C 330 1.31 6.55 -47.52
C PRO C 330 2.68 6.61 -48.18
N TYR C 331 2.77 6.24 -49.45
CA TYR C 331 4.04 6.25 -50.16
C TYR C 331 3.88 6.75 -51.60
N GLN C 332 5.02 7.02 -52.25
CA GLN C 332 5.03 7.45 -53.64
C GLN C 332 6.19 6.81 -54.39
N ILE C 333 6.07 6.72 -55.71
CA ILE C 333 7.10 6.09 -56.52
C ILE C 333 7.51 7.00 -57.68
N HIS C 334 8.82 7.17 -57.85
CA HIS C 334 9.36 8.01 -58.92
C HIS C 334 10.56 7.36 -59.61
N PHE C 335 10.49 7.27 -60.93
CA PHE C 335 11.58 6.69 -61.71
C PHE C 335 12.48 7.79 -62.27
N THR C 336 12.56 8.91 -61.56
CA THR C 336 13.37 10.04 -61.99
C THR C 336 14.85 9.68 -61.98
N LYS C 337 15.22 8.70 -61.16
CA LYS C 337 16.61 8.28 -61.07
C LYS C 337 16.87 7.05 -61.94
N THR C 338 15.83 6.60 -62.63
CA THR C 338 15.94 5.43 -63.49
C THR C 338 16.08 5.83 -64.96
N PRO C 339 17.11 5.29 -65.64
CA PRO C 339 17.36 5.58 -67.05
C PRO C 339 16.14 5.29 -67.91
N LYS C 340 16.02 5.97 -69.05
CA LYS C 340 14.89 5.79 -69.93
C LYS C 340 15.26 4.99 -71.18
N TYR C 341 16.35 4.24 -71.09
CA TYR C 341 16.80 3.42 -72.21
C TYR C 341 17.35 2.07 -71.72
N PHE C 342 17.07 1.03 -72.49
CA PHE C 342 17.49 -0.33 -72.11
C PHE C 342 18.26 -1.01 -73.24
N LYS C 343 18.80 -2.18 -72.94
CA LYS C 343 19.53 -2.97 -73.93
C LYS C 343 18.83 -4.31 -74.15
N PRO C 344 18.38 -4.56 -75.39
CA PRO C 344 17.67 -5.79 -75.75
C PRO C 344 18.46 -7.05 -75.35
N GLY C 345 17.93 -7.79 -74.39
CA GLY C 345 18.55 -9.03 -73.94
C GLY C 345 19.30 -8.86 -72.64
N MET C 346 19.94 -7.71 -72.46
CA MET C 346 20.72 -7.45 -71.26
C MET C 346 19.85 -7.02 -70.09
N PRO C 347 20.27 -7.34 -68.86
CA PRO C 347 19.53 -6.97 -67.64
C PRO C 347 19.30 -5.47 -67.55
N PHE C 348 18.13 -5.08 -67.05
CA PHE C 348 17.79 -3.67 -66.91
C PHE C 348 17.59 -3.30 -65.44
N ASP C 349 18.48 -2.49 -64.90
CA ASP C 349 18.40 -2.08 -63.50
C ASP C 349 17.47 -0.90 -63.31
N LEU C 350 16.77 -0.88 -62.19
CA LEU C 350 15.84 0.21 -61.88
C LEU C 350 16.25 0.94 -60.61
N MET C 351 16.14 2.26 -60.64
CA MET C 351 16.47 3.09 -59.48
C MET C 351 15.19 3.63 -58.83
N VAL C 352 14.41 2.74 -58.24
CA VAL C 352 13.16 3.11 -57.59
C VAL C 352 13.40 4.15 -56.49
N PHE C 353 12.59 5.20 -56.48
CA PHE C 353 12.74 6.27 -55.51
C PHE C 353 11.47 6.45 -54.70
N VAL C 354 11.32 5.63 -53.65
CA VAL C 354 10.14 5.68 -52.79
C VAL C 354 10.25 6.79 -51.77
N THR C 355 9.20 7.61 -51.66
CA THR C 355 9.18 8.72 -50.71
C THR C 355 7.85 8.79 -49.98
N ASN C 356 7.77 9.72 -49.02
CA ASN C 356 6.54 9.94 -48.26
C ASN C 356 5.71 11.06 -48.88
N PRO C 357 4.41 11.14 -48.51
CA PRO C 357 3.51 12.16 -49.04
C PRO C 357 4.08 13.57 -48.94
N ASP C 358 4.91 13.82 -47.93
CA ASP C 358 5.50 15.15 -47.74
C ASP C 358 6.70 15.38 -48.65
N GLY C 359 7.46 14.32 -48.89
CA GLY C 359 8.63 14.40 -49.75
C GLY C 359 9.88 13.80 -49.13
N SER C 360 9.76 13.36 -47.88
CA SER C 360 10.88 12.76 -47.17
C SER C 360 11.06 11.30 -47.57
N PRO C 361 12.32 10.86 -47.71
CA PRO C 361 12.65 9.49 -48.10
C PRO C 361 12.03 8.46 -47.16
N ALA C 362 11.69 7.29 -47.70
CA ALA C 362 11.10 6.22 -46.91
C ALA C 362 12.15 5.15 -46.58
N TYR C 363 12.15 4.70 -45.33
CA TYR C 363 13.12 3.71 -44.88
C TYR C 363 12.52 2.31 -44.85
N ARG C 364 13.17 1.37 -45.51
CA ARG C 364 12.71 -0.01 -45.58
C ARG C 364 11.28 -0.12 -46.14
N VAL C 365 11.18 -0.17 -47.46
CA VAL C 365 9.89 -0.32 -48.12
C VAL C 365 9.97 -1.35 -49.25
N PRO C 366 9.43 -2.55 -49.00
CA PRO C 366 9.44 -3.64 -49.98
C PRO C 366 8.84 -3.22 -51.32
N VAL C 367 9.58 -3.42 -52.40
CA VAL C 367 9.11 -3.08 -53.74
C VAL C 367 9.30 -4.25 -54.70
N ALA C 368 8.41 -4.34 -55.68
CA ALA C 368 8.48 -5.41 -56.68
C ALA C 368 7.81 -5.00 -57.97
N VAL C 369 8.04 -5.78 -59.03
CA VAL C 369 7.47 -5.48 -60.34
C VAL C 369 6.32 -6.45 -60.65
N GLN C 370 5.31 -5.95 -61.36
CA GLN C 370 4.17 -6.77 -61.74
C GLN C 370 4.59 -8.05 -62.44
N GLY C 371 5.71 -7.98 -63.17
CA GLY C 371 6.20 -9.12 -63.92
C GLY C 371 6.52 -10.32 -63.07
N GLU C 372 7.68 -10.29 -62.42
CA GLU C 372 8.14 -11.43 -61.63
C GLU C 372 8.03 -11.16 -60.13
N ASP C 373 7.65 -12.19 -59.39
CA ASP C 373 7.56 -12.09 -57.93
C ASP C 373 8.86 -12.52 -57.27
N THR C 374 8.91 -12.46 -55.95
CA THR C 374 10.09 -12.84 -55.18
C THR C 374 11.22 -11.81 -55.34
N VAL C 375 11.36 -11.28 -56.55
CA VAL C 375 12.38 -10.27 -56.82
C VAL C 375 12.03 -8.95 -56.14
N GLN C 376 12.45 -8.83 -54.88
CA GLN C 376 12.16 -7.63 -54.11
C GLN C 376 13.43 -7.03 -53.53
N SER C 377 13.32 -5.80 -53.02
CA SER C 377 14.47 -5.12 -52.43
C SER C 377 14.01 -4.02 -51.47
N LEU C 378 14.31 -4.19 -50.20
CA LEU C 378 13.94 -3.21 -49.18
C LEU C 378 14.61 -1.87 -49.44
N THR C 379 13.81 -0.80 -49.43
CA THR C 379 14.33 0.54 -49.66
C THR C 379 15.38 0.91 -48.61
N GLN C 380 16.47 1.52 -49.07
CA GLN C 380 17.55 1.91 -48.16
C GLN C 380 17.20 3.16 -47.36
N GLY C 381 18.23 3.83 -46.85
CA GLY C 381 18.03 5.01 -46.03
C GLY C 381 17.70 6.25 -46.83
N ASP C 382 18.41 6.45 -47.94
CA ASP C 382 18.21 7.62 -48.77
C ASP C 382 16.86 7.57 -49.50
N GLY C 383 16.20 6.42 -49.44
CA GLY C 383 14.90 6.26 -50.08
C GLY C 383 15.02 5.75 -51.50
N VAL C 384 16.02 4.90 -51.75
CA VAL C 384 16.25 4.33 -53.07
C VAL C 384 16.36 2.82 -53.02
N ALA C 385 15.61 2.13 -53.88
CA ALA C 385 15.64 0.68 -53.95
C ALA C 385 16.46 0.22 -55.15
N LYS C 386 16.78 -1.07 -55.18
CA LYS C 386 17.57 -1.64 -56.27
C LYS C 386 16.88 -2.85 -56.89
N LEU C 387 16.29 -2.66 -58.06
CA LEU C 387 15.64 -3.74 -58.79
C LEU C 387 16.42 -4.07 -60.06
N SER C 388 16.13 -5.23 -60.64
CA SER C 388 16.80 -5.65 -61.87
C SER C 388 16.00 -6.72 -62.60
N ILE C 389 15.21 -6.29 -63.59
CA ILE C 389 14.42 -7.21 -64.39
C ILE C 389 15.15 -7.59 -65.67
N ASN C 390 14.67 -8.63 -66.35
CA ASN C 390 15.30 -9.08 -67.57
C ASN C 390 14.65 -8.50 -68.81
N THR C 391 15.40 -8.44 -69.91
CA THR C 391 14.92 -7.84 -71.14
C THR C 391 15.00 -8.81 -72.32
N HIS C 392 14.09 -8.66 -73.28
CA HIS C 392 14.09 -9.49 -74.47
C HIS C 392 14.86 -8.83 -75.61
N PRO C 393 15.48 -9.63 -76.47
CA PRO C 393 16.23 -9.13 -77.63
C PRO C 393 15.35 -8.35 -78.60
N SER C 394 14.04 -8.38 -78.37
CA SER C 394 13.10 -7.66 -79.22
C SER C 394 13.31 -6.15 -79.14
N GLN C 395 12.87 -5.45 -80.18
CA GLN C 395 13.01 -4.00 -80.23
C GLN C 395 11.73 -3.31 -79.75
N LYS C 396 10.89 -4.07 -79.06
CA LYS C 396 9.63 -3.55 -78.54
C LYS C 396 9.86 -2.71 -77.28
N PRO C 397 9.27 -1.51 -77.23
CA PRO C 397 9.40 -0.61 -76.09
C PRO C 397 9.12 -1.34 -74.77
N LEU C 398 9.94 -1.05 -73.75
CA LEU C 398 9.81 -1.72 -72.46
C LEU C 398 8.91 -0.93 -71.52
N SER C 399 7.96 -1.61 -70.90
CA SER C 399 7.06 -0.98 -69.94
C SER C 399 7.16 -1.65 -68.58
N ILE C 400 7.44 -0.86 -67.54
CA ILE C 400 7.59 -1.40 -66.19
C ILE C 400 6.57 -0.78 -65.24
N THR C 401 5.99 -1.61 -64.39
CA THR C 401 5.04 -1.16 -63.38
C THR C 401 5.44 -1.65 -62.00
N VAL C 402 6.09 -0.78 -61.23
CA VAL C 402 6.56 -1.12 -59.89
C VAL C 402 5.56 -0.69 -58.82
N ARG C 403 5.24 -1.62 -57.91
CA ARG C 403 4.33 -1.33 -56.82
C ARG C 403 5.03 -1.54 -55.48
N THR C 404 4.28 -1.38 -54.39
CA THR C 404 4.83 -1.56 -53.05
C THR C 404 4.12 -2.68 -52.30
N LYS C 405 4.86 -3.75 -52.04
CA LYS C 405 4.31 -4.91 -51.33
C LYS C 405 4.39 -4.73 -49.82
N LYS C 406 4.23 -3.49 -49.37
CA LYS C 406 4.26 -3.19 -47.94
C LYS C 406 3.15 -3.91 -47.19
N GLN C 407 3.53 -4.75 -46.24
CA GLN C 407 2.57 -5.47 -45.42
C GLN C 407 1.82 -4.50 -44.51
N GLU C 408 0.87 -5.03 -43.75
CA GLU C 408 0.06 -4.21 -42.84
C GLU C 408 -0.68 -3.13 -43.62
N LEU C 409 -0.91 -3.38 -44.90
CA LEU C 409 -1.58 -2.43 -45.77
C LEU C 409 -2.17 -3.12 -46.99
N SER C 410 -3.46 -2.88 -47.24
CA SER C 410 -4.15 -3.51 -48.36
C SER C 410 -3.62 -3.01 -49.69
N GLU C 411 -3.86 -3.77 -50.75
CA GLU C 411 -3.39 -3.41 -52.09
C GLU C 411 -4.05 -2.13 -52.59
N ALA C 412 -5.27 -1.87 -52.11
CA ALA C 412 -6.02 -0.69 -52.53
C ALA C 412 -5.45 0.59 -51.93
N GLU C 413 -4.52 0.43 -50.98
CA GLU C 413 -3.92 1.58 -50.31
C GLU C 413 -2.43 1.69 -50.62
N GLN C 414 -2.00 1.04 -51.68
CA GLN C 414 -0.60 1.07 -52.08
C GLN C 414 -0.37 2.06 -53.22
N ALA C 415 0.89 2.33 -53.52
CA ALA C 415 1.24 3.27 -54.58
C ALA C 415 1.80 2.55 -55.80
N THR C 416 1.56 3.11 -56.98
CA THR C 416 2.02 2.52 -58.22
C THR C 416 2.45 3.58 -59.24
N ARG C 417 3.44 3.24 -60.05
CA ARG C 417 3.93 4.15 -61.08
C ARG C 417 4.48 3.36 -62.27
N THR C 418 4.12 3.80 -63.47
CA THR C 418 4.54 3.11 -64.68
C THR C 418 5.39 4.01 -65.58
N MET C 419 6.52 3.49 -66.04
CA MET C 419 7.39 4.22 -66.94
C MET C 419 7.52 3.52 -68.29
N GLN C 420 8.47 3.98 -69.09
CA GLN C 420 8.70 3.39 -70.41
C GLN C 420 10.11 3.66 -70.90
N ALA C 421 10.79 2.62 -71.36
CA ALA C 421 12.15 2.75 -71.85
C ALA C 421 12.23 2.41 -73.33
N LEU C 422 13.16 3.04 -74.03
CA LEU C 422 13.33 2.81 -75.46
C LEU C 422 14.61 2.02 -75.75
N PRO C 423 14.55 1.14 -76.75
CA PRO C 423 15.68 0.29 -77.14
C PRO C 423 16.92 1.11 -77.51
N TYR C 424 18.10 0.53 -77.33
CA TYR C 424 19.34 1.20 -77.68
C TYR C 424 19.75 0.89 -79.12
N SER C 425 19.64 1.89 -79.98
CA SER C 425 19.98 1.73 -81.39
C SER C 425 21.44 1.34 -81.58
N THR C 426 21.68 0.34 -82.41
CA THR C 426 23.03 -0.14 -82.68
C THR C 426 23.48 0.23 -84.09
N VAL C 427 24.74 0.66 -84.21
CA VAL C 427 25.29 1.06 -85.50
C VAL C 427 25.40 -0.15 -86.44
N GLY C 428 24.47 -0.25 -87.38
CA GLY C 428 24.47 -1.34 -88.33
C GLY C 428 23.73 -2.57 -87.82
N ASN C 429 23.00 -2.41 -86.73
CA ASN C 429 22.24 -3.50 -86.13
C ASN C 429 23.12 -4.71 -85.82
N SER C 430 24.35 -4.45 -85.39
CA SER C 430 25.29 -5.53 -85.06
C SER C 430 25.00 -6.10 -83.67
N ASN C 431 24.01 -5.53 -83.00
CA ASN C 431 23.61 -5.98 -81.67
C ASN C 431 24.75 -5.94 -80.66
N ASN C 432 25.62 -4.94 -80.79
CA ASN C 432 26.72 -4.75 -79.85
C ASN C 432 26.35 -3.72 -78.78
N TYR C 433 26.11 -4.20 -77.57
CA TYR C 433 25.70 -3.33 -76.47
C TYR C 433 26.74 -3.29 -75.36
N LEU C 434 26.41 -2.57 -74.29
CA LEU C 434 27.29 -2.42 -73.15
C LEU C 434 26.53 -1.91 -71.93
N HIS C 435 26.54 -2.69 -70.85
CA HIS C 435 25.84 -2.32 -69.64
C HIS C 435 26.80 -2.08 -68.48
N LEU C 436 26.47 -1.13 -67.62
CA LEU C 436 27.32 -0.80 -66.48
C LEU C 436 26.55 -0.95 -65.16
N SER C 437 26.58 -2.16 -64.62
CA SER C 437 25.90 -2.44 -63.35
C SER C 437 26.78 -2.06 -62.17
N VAL C 438 26.19 -1.36 -61.19
CA VAL C 438 26.91 -0.93 -60.01
C VAL C 438 26.14 -1.26 -58.75
N LEU C 439 26.80 -1.94 -57.81
CA LEU C 439 26.18 -2.29 -56.54
C LEU C 439 25.66 -1.04 -55.83
N ARG C 440 24.34 -0.89 -55.80
CA ARG C 440 23.73 0.29 -55.20
C ARG C 440 23.87 0.31 -53.68
N THR C 441 24.82 1.11 -53.20
CA THR C 441 25.01 1.31 -51.77
C THR C 441 25.36 2.78 -51.51
N GLU C 442 24.98 3.29 -50.34
CA GLU C 442 25.28 4.67 -49.98
C GLU C 442 26.78 4.91 -49.95
N LEU C 443 27.33 5.40 -51.05
CA LEU C 443 28.77 5.64 -51.16
C LEU C 443 29.23 6.75 -50.23
N ARG C 444 30.42 6.58 -49.67
CA ARG C 444 30.99 7.57 -48.76
C ARG C 444 32.45 7.84 -49.12
N PRO C 445 32.84 9.11 -49.14
CA PRO C 445 34.22 9.52 -49.48
C PRO C 445 35.25 8.77 -48.63
N GLY C 446 36.07 7.96 -49.30
CA GLY C 446 37.09 7.20 -48.60
C GLY C 446 36.94 5.70 -48.83
N GLU C 447 35.77 5.30 -49.30
CA GLU C 447 35.48 3.89 -49.54
C GLU C 447 35.91 3.49 -50.96
N THR C 448 35.40 2.36 -51.43
CA THR C 448 35.71 1.86 -52.76
C THR C 448 34.45 1.38 -53.47
N LEU C 449 34.40 1.57 -54.78
CA LEU C 449 33.24 1.17 -55.57
C LEU C 449 33.63 0.18 -56.66
N ASN C 450 32.73 -0.77 -56.92
CA ASN C 450 32.97 -1.78 -57.95
C ASN C 450 32.10 -1.54 -59.19
N VAL C 451 32.73 -1.09 -60.27
CA VAL C 451 32.02 -0.84 -61.51
C VAL C 451 32.14 -2.03 -62.45
N ASN C 452 31.00 -2.58 -62.86
CA ASN C 452 30.97 -3.75 -63.74
C ASN C 452 30.82 -3.37 -65.20
N PHE C 453 31.49 -4.12 -66.08
CA PHE C 453 31.42 -3.88 -67.51
C PHE C 453 30.90 -5.12 -68.24
N LEU C 454 29.59 -5.18 -68.46
CA LEU C 454 28.98 -6.30 -69.13
C LEU C 454 28.91 -6.07 -70.64
N LEU C 455 29.49 -6.99 -71.40
CA LEU C 455 29.54 -6.87 -72.85
C LEU C 455 28.59 -7.86 -73.54
N ARG C 456 28.08 -7.47 -74.71
CA ARG C 456 27.18 -8.33 -75.47
C ARG C 456 27.47 -8.25 -76.97
N MET C 457 28.04 -9.33 -77.52
CA MET C 457 28.33 -9.39 -78.94
C MET C 457 28.78 -10.80 -79.34
N ASP C 458 28.69 -11.11 -80.62
CA ASP C 458 29.14 -12.40 -81.13
C ASP C 458 30.65 -12.52 -81.01
N ARG C 459 31.16 -13.75 -81.14
CA ARG C 459 32.59 -13.99 -81.03
C ARG C 459 33.30 -13.70 -82.35
N ALA C 460 32.58 -13.14 -83.30
CA ALA C 460 33.14 -12.79 -84.60
C ALA C 460 34.12 -11.63 -84.47
N HIS C 461 33.94 -10.82 -83.43
CA HIS C 461 34.79 -9.65 -83.22
C HIS C 461 34.94 -9.32 -81.73
N GLU C 462 34.72 -10.32 -80.88
CA GLU C 462 34.82 -10.12 -79.44
C GLU C 462 36.27 -10.10 -78.98
N ALA C 463 37.16 -10.66 -79.79
CA ALA C 463 38.57 -10.73 -79.46
C ALA C 463 39.26 -9.39 -79.69
N LYS C 464 38.65 -8.54 -80.49
CA LYS C 464 39.20 -7.23 -80.80
C LYS C 464 39.02 -6.26 -79.65
N ILE C 465 38.06 -6.55 -78.77
CA ILE C 465 37.81 -5.74 -77.60
C ILE C 465 38.83 -6.06 -76.50
N ARG C 466 39.85 -5.23 -76.39
CA ARG C 466 40.93 -5.48 -75.45
C ARG C 466 40.96 -4.48 -74.29
N TYR C 467 40.08 -3.47 -74.36
CA TYR C 467 40.05 -2.43 -73.33
C TYR C 467 38.82 -1.53 -73.45
N TYR C 468 38.40 -0.96 -72.32
CA TYR C 468 37.31 0.00 -72.30
C TYR C 468 37.84 1.39 -71.96
N THR C 469 37.00 2.40 -72.12
CA THR C 469 37.38 3.77 -71.81
C THR C 469 36.35 4.44 -70.91
N TYR C 470 36.66 4.52 -69.62
CA TYR C 470 35.75 5.11 -68.65
C TYR C 470 36.15 6.55 -68.33
N LEU C 471 35.15 7.42 -68.18
CA LEU C 471 35.39 8.81 -67.82
C LEU C 471 34.52 9.22 -66.64
N ILE C 472 35.08 10.06 -65.76
CA ILE C 472 34.37 10.49 -64.57
C ILE C 472 33.85 11.92 -64.72
N MET C 473 32.52 12.05 -64.75
CA MET C 473 31.89 13.37 -64.81
C MET C 473 31.57 13.85 -63.40
N ASN C 474 32.04 15.05 -63.06
CA ASN C 474 31.85 15.60 -61.73
C ASN C 474 31.66 17.11 -61.74
N LYS C 475 30.46 17.55 -61.36
CA LYS C 475 30.14 18.98 -61.31
C LYS C 475 30.43 19.67 -62.64
N GLY C 476 30.18 18.97 -63.74
CA GLY C 476 30.34 19.54 -65.07
C GLY C 476 31.77 19.62 -65.54
N ARG C 477 32.55 18.57 -65.28
CA ARG C 477 33.93 18.52 -65.72
C ARG C 477 34.44 17.08 -65.75
N LEU C 478 35.68 16.89 -66.22
CA LEU C 478 36.28 15.57 -66.26
C LEU C 478 37.22 15.38 -65.08
N LEU C 479 36.79 14.57 -64.12
CA LEU C 479 37.59 14.31 -62.92
C LEU C 479 38.75 13.36 -63.21
N LYS C 480 38.44 12.26 -63.89
CA LYS C 480 39.46 11.27 -64.22
C LYS C 480 39.04 10.41 -65.41
N ALA C 481 40.02 9.96 -66.18
CA ALA C 481 39.76 9.10 -67.34
C ALA C 481 40.89 8.10 -67.54
N GLY C 482 40.52 6.83 -67.67
CA GLY C 482 41.49 5.77 -67.85
C GLY C 482 41.01 4.65 -68.73
N ARG C 483 41.68 3.51 -68.66
CA ARG C 483 41.31 2.34 -69.46
C ARG C 483 40.94 1.14 -68.57
N GLN C 484 40.33 0.14 -69.18
CA GLN C 484 39.97 -1.08 -68.48
C GLN C 484 40.32 -2.30 -69.31
N VAL C 485 41.49 -2.88 -69.03
CA VAL C 485 41.98 -4.02 -69.80
C VAL C 485 40.97 -5.16 -69.85
N ARG C 486 41.00 -5.94 -70.93
CA ARG C 486 40.10 -7.06 -71.11
C ARG C 486 40.66 -8.08 -72.10
N GLU C 487 40.75 -9.33 -71.66
CA GLU C 487 41.21 -10.41 -72.52
C GLU C 487 40.02 -11.17 -73.11
N PRO C 488 40.15 -11.58 -74.37
CA PRO C 488 39.07 -12.31 -75.07
C PRO C 488 38.55 -13.47 -74.24
N GLY C 489 37.25 -13.45 -73.95
CA GLY C 489 36.63 -14.50 -73.16
C GLY C 489 35.99 -13.96 -71.89
N GLN C 490 36.39 -12.75 -71.50
CA GLN C 490 35.85 -12.12 -70.30
C GLN C 490 34.58 -11.33 -70.61
N ASP C 491 33.45 -11.84 -70.16
CA ASP C 491 32.17 -11.18 -70.40
C ASP C 491 31.87 -10.11 -69.35
N LEU C 492 32.56 -10.20 -68.22
CA LEU C 492 32.35 -9.25 -67.13
C LEU C 492 33.64 -8.96 -66.37
N VAL C 493 34.02 -7.68 -66.33
CA VAL C 493 35.21 -7.26 -65.60
C VAL C 493 34.84 -6.27 -64.49
N VAL C 494 35.76 -6.06 -63.56
CA VAL C 494 35.51 -5.17 -62.43
C VAL C 494 36.54 -4.03 -62.38
N LEU C 495 36.07 -2.82 -62.09
CA LEU C 495 36.93 -1.66 -62.01
C LEU C 495 37.03 -1.13 -60.58
N PRO C 496 38.20 -1.32 -59.95
CA PRO C 496 38.47 -0.83 -58.59
C PRO C 496 38.49 0.69 -58.54
N LEU C 497 37.32 1.31 -58.38
CA LEU C 497 37.21 2.76 -58.33
C LEU C 497 37.32 3.28 -56.90
N SER C 498 38.20 4.26 -56.69
CA SER C 498 38.41 4.84 -55.38
C SER C 498 37.63 6.15 -55.21
N ILE C 499 36.57 6.10 -54.41
CA ILE C 499 35.75 7.29 -54.16
C ILE C 499 36.44 8.23 -53.18
N THR C 500 36.66 9.47 -53.62
CA THR C 500 37.31 10.48 -52.78
C THR C 500 36.31 11.52 -52.31
N THR C 501 36.80 12.74 -52.07
CA THR C 501 35.95 13.83 -51.61
C THR C 501 35.54 14.73 -52.78
N ASP C 502 36.03 14.41 -53.97
CA ASP C 502 35.72 15.21 -55.15
C ASP C 502 34.38 14.81 -55.77
N PHE C 503 34.12 13.51 -55.82
CA PHE C 503 32.90 12.98 -56.41
C PHE C 503 31.64 13.65 -55.87
N ILE C 504 31.73 14.17 -54.65
CA ILE C 504 30.61 14.88 -54.03
C ILE C 504 30.18 16.07 -54.89
N PRO C 505 28.86 16.20 -55.11
CA PRO C 505 27.82 15.29 -54.62
C PRO C 505 27.74 14.01 -55.43
N SER C 506 27.36 14.13 -56.70
CA SER C 506 27.19 12.98 -57.57
C SER C 506 28.23 12.96 -58.69
N PHE C 507 28.30 11.85 -59.41
CA PHE C 507 29.23 11.70 -60.52
C PHE C 507 28.70 10.71 -61.55
N ARG C 508 29.03 10.95 -62.81
CA ARG C 508 28.61 10.05 -63.89
C ARG C 508 29.80 9.26 -64.44
N LEU C 509 29.51 8.06 -64.95
CA LEU C 509 30.55 7.20 -65.49
C LEU C 509 30.18 6.73 -66.90
N VAL C 510 30.97 7.13 -67.87
CA VAL C 510 30.75 6.75 -69.26
C VAL C 510 31.86 5.85 -69.78
N ALA C 511 31.48 4.67 -70.25
CA ALA C 511 32.46 3.70 -70.78
C ALA C 511 32.08 3.28 -72.20
N TYR C 512 33.06 3.29 -73.10
CA TYR C 512 32.82 2.92 -74.47
C TYR C 512 33.97 2.08 -75.04
N TYR C 513 33.67 1.34 -76.11
CA TYR C 513 34.68 0.52 -76.77
C TYR C 513 34.53 0.63 -78.28
N THR C 514 35.66 0.58 -78.99
CA THR C 514 35.66 0.70 -80.44
C THR C 514 36.31 -0.51 -81.11
N LEU C 515 35.81 -0.88 -82.27
CA LEU C 515 36.34 -2.01 -83.01
C LEU C 515 35.93 -1.95 -84.49
N ILE C 516 36.39 -2.92 -85.27
CA ILE C 516 36.06 -2.98 -86.68
C ILE C 516 35.18 -4.19 -86.98
N GLY C 517 33.87 -3.98 -86.96
CA GLY C 517 32.92 -5.07 -87.21
C GLY C 517 32.31 -4.99 -88.59
N ALA C 518 31.34 -5.86 -88.85
CA ALA C 518 30.66 -5.89 -90.14
C ALA C 518 31.64 -6.06 -91.29
N SER C 519 31.84 -5.00 -92.06
CA SER C 519 32.75 -5.03 -93.20
C SER C 519 33.58 -3.76 -93.26
N GLY C 520 34.64 -3.70 -92.44
CA GLY C 520 35.50 -2.54 -92.40
C GLY C 520 34.79 -1.31 -91.85
N GLN C 521 33.67 -1.54 -91.16
CA GLN C 521 32.89 -0.46 -90.59
C GLN C 521 33.29 -0.18 -89.15
N ARG C 522 33.58 1.09 -88.87
CA ARG C 522 33.96 1.50 -87.52
C ARG C 522 32.73 1.72 -86.65
N GLU C 523 32.60 0.92 -85.60
CA GLU C 523 31.45 1.02 -84.70
C GLU C 523 31.84 1.54 -83.32
N VAL C 524 30.98 2.35 -82.74
CA VAL C 524 31.19 2.89 -81.40
C VAL C 524 30.01 2.60 -80.49
N VAL C 525 30.29 1.96 -79.35
CA VAL C 525 29.23 1.62 -78.40
C VAL C 525 29.60 2.10 -77.00
N ALA C 526 28.72 2.88 -76.39
CA ALA C 526 28.97 3.46 -75.07
C ALA C 526 27.85 3.19 -74.09
N ASP C 527 28.02 3.67 -72.86
CA ASP C 527 27.02 3.53 -71.81
C ASP C 527 27.35 4.42 -70.63
N SER C 528 26.33 5.03 -70.03
CA SER C 528 26.53 5.93 -68.90
C SER C 528 25.70 5.49 -67.69
N VAL C 529 26.10 5.95 -66.51
CA VAL C 529 25.40 5.62 -65.28
C VAL C 529 25.61 6.72 -64.23
N TRP C 530 24.51 7.19 -63.66
CA TRP C 530 24.57 8.25 -62.64
C TRP C 530 24.55 7.66 -61.24
N VAL C 531 25.54 8.04 -60.44
CA VAL C 531 25.64 7.55 -59.07
C VAL C 531 25.78 8.71 -58.08
N ASP C 532 25.00 8.67 -57.01
CA ASP C 532 25.03 9.72 -56.01
C ASP C 532 25.88 9.32 -54.80
N VAL C 533 26.62 10.29 -54.27
CA VAL C 533 27.45 10.06 -53.09
C VAL C 533 26.91 10.84 -51.91
N LYS C 534 27.18 10.36 -50.70
CA LYS C 534 26.73 11.02 -49.48
C LYS C 534 27.11 12.49 -49.47
N ASP C 535 26.12 13.35 -49.72
CA ASP C 535 26.35 14.80 -49.77
C ASP C 535 26.82 15.33 -48.42
N SER C 536 28.04 15.84 -48.38
CA SER C 536 28.62 16.39 -47.15
C SER C 536 29.67 17.46 -47.46
N CYS C 537 30.22 18.06 -46.42
CA CYS C 537 31.23 19.09 -46.58
C CYS C 537 32.48 18.52 -47.25
N VAL C 538 33.10 19.33 -48.10
CA VAL C 538 34.34 18.94 -48.78
C VAL C 538 35.40 18.56 -47.76
N GLY C 539 35.55 19.40 -46.73
CA GLY C 539 36.47 19.14 -45.66
C GLY C 539 35.74 18.83 -44.36
N SER C 540 35.73 19.79 -43.46
CA SER C 540 35.06 19.62 -42.17
C SER C 540 35.01 20.93 -41.40
N LEU C 541 33.98 21.09 -40.57
CA LEU C 541 33.83 22.28 -39.75
C LEU C 541 32.83 22.05 -38.62
N VAL C 542 33.35 21.92 -37.40
CA VAL C 542 32.51 21.69 -36.23
C VAL C 542 32.73 22.78 -35.19
N VAL C 543 31.65 23.21 -34.55
CA VAL C 543 31.74 24.22 -33.50
C VAL C 543 31.02 23.75 -32.24
N LYS C 544 31.81 23.33 -31.25
CA LYS C 544 31.25 22.85 -29.99
C LYS C 544 31.63 23.78 -28.84
N SER C 545 31.22 23.41 -27.63
CA SER C 545 31.51 24.22 -26.45
C SER C 545 32.91 23.93 -25.91
N GLY C 546 33.58 24.96 -25.43
CA GLY C 546 34.91 24.82 -24.88
C GLY C 546 34.90 24.52 -23.40
N GLN C 547 33.76 24.77 -22.76
CA GLN C 547 33.59 24.50 -21.34
C GLN C 547 33.56 23.01 -21.06
N SER C 548 33.82 22.64 -19.81
CA SER C 548 33.79 21.24 -19.41
C SER C 548 32.38 20.80 -19.03
N GLU C 549 31.46 20.94 -19.98
CA GLU C 549 30.06 20.60 -19.76
C GLU C 549 29.43 21.47 -18.67
N ASP C 550 29.58 21.05 -17.42
CA ASP C 550 29.06 21.81 -16.28
C ASP C 550 27.56 22.07 -16.42
N ARG C 551 27.16 23.31 -16.13
CA ARG C 551 25.76 23.69 -16.22
C ARG C 551 25.55 24.70 -17.35
N GLN C 552 24.42 25.40 -17.30
CA GLN C 552 24.10 26.40 -18.32
C GLN C 552 24.70 27.76 -17.96
N PRO C 553 25.22 28.47 -18.98
CA PRO C 553 25.83 29.78 -18.79
C PRO C 553 24.89 30.80 -18.16
N VAL C 554 25.45 31.92 -17.69
CA VAL C 554 24.66 32.97 -17.07
C VAL C 554 24.78 34.25 -17.88
N PRO C 555 23.65 34.95 -18.09
CA PRO C 555 23.63 36.21 -18.85
C PRO C 555 24.76 37.16 -18.43
N GLY C 556 25.78 37.28 -19.27
CA GLY C 556 26.92 38.13 -18.97
C GLY C 556 28.11 37.33 -18.48
N GLN C 557 28.34 36.17 -19.09
CA GLN C 557 29.44 35.30 -18.69
C GLN C 557 30.31 34.94 -19.90
N GLN C 558 31.59 34.72 -19.63
CA GLN C 558 32.53 34.33 -20.68
C GLN C 558 32.46 32.82 -20.92
N MET C 559 32.58 32.41 -22.17
CA MET C 559 32.58 31.00 -22.51
C MET C 559 33.53 30.71 -23.67
N THR C 560 34.25 29.59 -23.57
CA THR C 560 35.17 29.19 -24.62
C THR C 560 34.42 28.60 -25.81
N LEU C 561 34.73 29.10 -27.01
CA LEU C 561 34.08 28.62 -28.22
C LEU C 561 35.07 27.87 -29.10
N LYS C 562 35.05 26.55 -29.00
CA LYS C 562 35.96 25.71 -29.77
C LYS C 562 35.53 25.64 -31.24
N ILE C 563 36.50 25.77 -32.14
CA ILE C 563 36.22 25.71 -33.58
C ILE C 563 37.17 24.73 -34.27
N GLU C 564 36.62 23.59 -34.70
CA GLU C 564 37.40 22.58 -35.41
C GLU C 564 37.17 22.68 -36.90
N GLY C 565 37.96 23.51 -37.58
CA GLY C 565 37.82 23.70 -39.01
C GLY C 565 39.07 23.32 -39.78
N ASP C 566 39.07 23.62 -41.07
CA ASP C 566 40.21 23.31 -41.94
C ASP C 566 41.31 24.35 -41.80
N HIS C 567 42.55 23.93 -42.07
CA HIS C 567 43.69 24.83 -41.96
C HIS C 567 43.72 25.85 -43.10
N GLY C 568 44.19 27.05 -42.79
CA GLY C 568 44.27 28.11 -43.77
C GLY C 568 42.91 28.56 -44.25
N ALA C 569 41.87 28.17 -43.51
CA ALA C 569 40.49 28.52 -43.87
C ALA C 569 39.98 29.68 -43.02
N ARG C 570 39.28 30.60 -43.65
CA ARG C 570 38.69 31.74 -42.94
C ARG C 570 37.27 31.42 -42.50
N VAL C 571 37.02 31.50 -41.20
CA VAL C 571 35.70 31.21 -40.66
C VAL C 571 34.97 32.48 -40.25
N VAL C 572 33.76 32.64 -40.78
CA VAL C 572 32.92 33.78 -40.44
C VAL C 572 31.77 33.35 -39.53
N LEU C 573 31.64 34.00 -38.39
CA LEU C 573 30.65 33.61 -37.39
C LEU C 573 29.42 34.50 -37.41
N VAL C 574 28.38 34.08 -36.70
CA VAL C 574 27.14 34.85 -36.58
C VAL C 574 26.19 34.20 -35.58
N ALA C 575 25.95 34.88 -34.47
CA ALA C 575 25.05 34.37 -33.44
C ALA C 575 23.67 35.02 -33.57
N VAL C 576 22.63 34.18 -33.55
CA VAL C 576 21.26 34.67 -33.70
C VAL C 576 20.33 34.04 -32.68
N ASP C 577 19.49 34.86 -32.08
CA ASP C 577 18.50 34.37 -31.11
C ASP C 577 17.47 33.50 -31.82
N LYS C 578 17.20 32.33 -31.24
CA LYS C 578 16.25 31.39 -31.83
C LYS C 578 14.85 32.00 -31.95
N GLY C 579 14.60 33.04 -31.17
CA GLY C 579 13.32 33.73 -31.22
C GLY C 579 13.08 34.35 -32.58
N VAL C 580 14.15 34.57 -33.33
CA VAL C 580 14.06 35.15 -34.65
C VAL C 580 13.48 34.15 -35.65
N PHE C 581 13.83 32.89 -35.47
CA PHE C 581 13.37 31.83 -36.36
C PHE C 581 11.92 31.44 -36.08
N VAL C 582 11.35 32.05 -35.04
CA VAL C 582 9.96 31.78 -34.68
C VAL C 582 9.00 32.47 -35.65
N LEU C 583 9.37 33.67 -36.08
CA LEU C 583 8.54 34.43 -37.01
C LEU C 583 8.92 34.14 -38.46
N ASN C 584 10.13 33.66 -38.66
CA ASN C 584 10.62 33.35 -40.01
C ASN C 584 11.87 32.46 -39.97
N LYS C 585 11.75 31.27 -40.56
CA LYS C 585 12.87 30.34 -40.60
C LYS C 585 13.20 29.95 -42.04
N LYS C 586 12.92 30.86 -42.97
CA LYS C 586 13.16 30.60 -44.39
C LYS C 586 14.46 31.24 -44.85
N ASN C 587 14.89 30.89 -46.06
CA ASN C 587 16.11 31.45 -46.64
C ASN C 587 17.34 31.25 -45.75
N LYS C 588 17.40 30.11 -45.08
CA LYS C 588 18.52 29.79 -44.22
C LYS C 588 19.63 29.08 -44.99
N LEU C 589 20.83 29.64 -44.95
CA LEU C 589 21.98 29.06 -45.65
C LEU C 589 22.34 27.70 -45.08
N THR C 590 22.18 26.65 -45.88
CA THR C 590 22.47 25.28 -45.46
C THR C 590 23.35 24.59 -46.49
N GLN C 591 24.23 23.70 -46.01
CA GLN C 591 25.10 22.94 -46.90
C GLN C 591 24.29 22.12 -47.89
N SER C 592 23.08 21.75 -47.48
CA SER C 592 22.18 20.99 -48.34
C SER C 592 21.73 21.83 -49.53
N LYS C 593 21.54 23.12 -49.30
CA LYS C 593 21.11 24.03 -50.37
C LYS C 593 22.28 24.36 -51.30
N ILE C 594 23.50 24.29 -50.77
CA ILE C 594 24.69 24.58 -51.56
C ILE C 594 24.87 23.52 -52.65
N TRP C 595 24.85 22.25 -52.27
CA TRP C 595 24.98 21.15 -53.21
C TRP C 595 23.75 21.07 -54.10
N ASP C 596 22.63 21.58 -53.59
CA ASP C 596 21.38 21.58 -54.35
C ASP C 596 21.51 22.42 -55.61
N VAL C 597 22.18 23.57 -55.49
CA VAL C 597 22.39 24.46 -56.61
C VAL C 597 23.42 23.89 -57.59
N VAL C 598 24.45 23.26 -57.04
CA VAL C 598 25.51 22.67 -57.85
C VAL C 598 24.98 21.48 -58.66
N GLU C 599 24.13 20.67 -58.02
CA GLU C 599 23.59 19.48 -58.66
C GLU C 599 22.62 19.85 -59.77
N LYS C 600 21.80 20.87 -59.52
CA LYS C 600 20.84 21.34 -60.52
C LYS C 600 21.51 22.25 -61.53
N ALA C 601 22.76 21.95 -61.86
CA ALA C 601 23.51 22.73 -62.83
C ALA C 601 24.41 21.86 -63.69
N ASP C 602 24.28 20.54 -63.51
CA ASP C 602 25.06 19.59 -64.29
C ASP C 602 24.71 19.68 -65.77
N ILE C 603 25.70 19.45 -66.63
CA ILE C 603 25.50 19.50 -68.07
C ILE C 603 24.78 18.26 -68.58
N GLY C 604 24.48 17.34 -67.65
CA GLY C 604 23.78 16.11 -68.00
C GLY C 604 22.32 16.16 -67.62
N CYS C 605 21.49 15.39 -68.33
CA CYS C 605 20.06 15.36 -68.05
C CYS C 605 19.58 13.93 -67.81
N THR C 606 19.84 13.05 -68.78
CA THR C 606 19.42 11.67 -68.69
C THR C 606 20.17 10.94 -67.58
N PRO C 607 19.44 10.24 -66.70
CA PRO C 607 20.01 9.48 -65.59
C PRO C 607 21.02 8.44 -66.08
N GLY C 608 20.94 8.07 -67.36
CA GLY C 608 21.86 7.10 -67.93
C GLY C 608 21.40 6.57 -69.27
N SER C 609 22.37 6.21 -70.11
CA SER C 609 22.09 5.64 -71.43
C SER C 609 21.38 6.62 -72.35
N GLY C 610 21.33 6.29 -73.64
CA GLY C 610 20.66 7.12 -74.61
C GLY C 610 20.06 6.30 -75.74
N LYS C 611 19.59 6.97 -76.79
CA LYS C 611 19.00 6.28 -77.92
C LYS C 611 20.07 5.64 -78.79
N ASP C 612 21.28 6.16 -78.71
CA ASP C 612 22.41 5.63 -79.47
C ASP C 612 23.73 6.01 -78.82
N TYR C 613 24.84 5.70 -79.49
CA TYR C 613 26.17 5.99 -78.96
C TYR C 613 26.40 7.49 -78.83
N ALA C 614 25.98 8.24 -79.83
CA ALA C 614 26.15 9.69 -79.84
C ALA C 614 25.21 10.35 -78.84
N GLY C 615 24.23 9.58 -78.36
CA GLY C 615 23.26 10.09 -77.41
C GLY C 615 23.70 9.88 -75.97
N VAL C 616 24.47 8.82 -75.74
CA VAL C 616 24.97 8.53 -74.39
C VAL C 616 25.91 9.63 -73.90
N PHE C 617 26.76 10.11 -74.80
CA PHE C 617 27.69 11.17 -74.46
C PHE C 617 26.97 12.49 -74.20
N SER C 618 26.08 12.86 -75.11
CA SER C 618 25.34 14.12 -75.00
C SER C 618 24.46 14.15 -73.76
N ASP C 619 23.89 13.00 -73.40
CA ASP C 619 23.01 12.91 -72.24
C ASP C 619 23.82 12.84 -70.94
N ALA C 620 25.11 12.59 -71.06
CA ALA C 620 25.99 12.51 -69.89
C ALA C 620 26.78 13.79 -69.70
N GLY C 621 27.11 14.46 -70.80
CA GLY C 621 27.84 15.71 -70.75
C GLY C 621 29.20 15.64 -71.41
N LEU C 622 29.26 14.96 -72.55
CA LEU C 622 30.51 14.82 -73.30
C LEU C 622 30.27 14.86 -74.81
N THR C 623 31.26 15.33 -75.55
CA THR C 623 31.19 15.40 -77.00
C THR C 623 32.27 14.54 -77.65
N PHE C 624 31.87 13.37 -78.14
CA PHE C 624 32.80 12.46 -78.80
C PHE C 624 32.83 12.71 -80.30
N THR C 625 34.01 13.02 -80.83
CA THR C 625 34.17 13.28 -82.26
C THR C 625 35.47 12.68 -82.79
N SER C 626 35.34 11.79 -83.77
CA SER C 626 36.50 11.11 -84.34
C SER C 626 36.79 11.57 -85.76
N SER C 627 37.85 11.03 -86.34
CA SER C 627 38.24 11.37 -87.71
C SER C 627 37.54 10.47 -88.71
N SER C 628 36.90 9.42 -88.21
CA SER C 628 36.18 8.48 -89.07
C SER C 628 34.83 9.04 -89.49
N GLY C 629 34.23 9.86 -88.63
CA GLY C 629 32.97 10.49 -88.94
C GLY C 629 31.95 10.45 -87.83
N GLN C 630 32.24 9.68 -86.79
CA GLN C 630 31.32 9.53 -85.67
C GLN C 630 31.45 10.67 -84.66
N GLN C 631 30.53 11.63 -84.74
CA GLN C 631 30.50 12.75 -83.81
C GLN C 631 29.17 12.80 -83.07
N THR C 632 29.18 13.36 -81.86
CA THR C 632 27.98 13.46 -81.05
C THR C 632 27.05 14.56 -81.53
N ALA C 633 25.84 14.59 -80.98
CA ALA C 633 24.84 15.57 -81.37
C ALA C 633 25.23 16.98 -80.96
N GLN C 634 24.76 17.97 -81.72
CA GLN C 634 25.00 19.37 -81.43
C GLN C 634 24.17 19.85 -80.25
N ARG C 635 24.78 20.65 -79.39
CA ARG C 635 24.07 21.22 -78.24
C ARG C 635 24.01 22.74 -78.33
N ALA C 636 22.80 23.28 -78.46
CA ALA C 636 22.60 24.71 -78.59
C ALA C 636 22.13 25.33 -77.27
N GLU C 637 21.07 24.77 -76.71
CA GLU C 637 20.50 25.27 -75.47
C GLU C 637 21.44 25.06 -74.30
N LEU C 638 21.55 26.06 -73.43
CA LEU C 638 22.39 25.99 -72.25
C LEU C 638 21.85 24.97 -71.26
N GLN C 639 20.61 25.18 -70.83
CA GLN C 639 19.96 24.27 -69.88
C GLN C 639 19.51 22.99 -70.57
N CYS C 640 18.97 22.06 -69.78
CA CYS C 640 18.48 20.80 -70.31
C CYS C 640 17.09 20.96 -70.92
N PRO C 641 16.78 20.16 -71.94
CA PRO C 641 15.47 20.21 -72.62
C PRO C 641 14.31 20.05 -71.63
N GLN C 642 13.12 20.48 -72.05
CA GLN C 642 11.94 20.41 -71.19
C GLN C 642 12.14 21.20 -69.90
N ASP D 4 14.13 46.62 2.55
CA ASP D 4 13.95 47.21 3.88
C ASP D 4 15.24 47.12 4.71
N GLU D 5 15.26 46.18 5.65
CA GLU D 5 16.41 46.02 6.54
C GLU D 5 17.45 45.10 5.95
N ASP D 6 17.05 44.27 4.99
CA ASP D 6 17.97 43.32 4.37
C ASP D 6 18.04 43.52 2.86
N ILE D 7 17.99 42.41 2.11
CA ILE D 7 18.08 42.41 0.66
C ILE D 7 19.20 43.28 0.12
N ILE D 8 19.20 43.52 -1.19
CA ILE D 8 20.20 44.35 -1.83
C ILE D 8 19.60 45.67 -2.30
N ALA D 9 20.37 46.75 -2.18
CA ALA D 9 19.91 48.08 -2.56
C ALA D 9 19.30 48.09 -3.96
N GLU D 10 18.20 48.82 -4.11
CA GLU D 10 17.51 48.91 -5.39
C GLU D 10 18.27 49.81 -6.36
N GLU D 11 19.45 50.23 -5.97
CA GLU D 11 20.29 51.08 -6.82
C GLU D 11 21.64 50.43 -7.07
N ASN D 12 22.00 49.48 -6.21
CA ASN D 12 23.26 48.75 -6.34
C ASN D 12 23.12 47.56 -7.28
N ILE D 13 21.99 47.50 -7.98
CA ILE D 13 21.72 46.41 -8.91
C ILE D 13 22.00 46.82 -10.35
N VAL D 14 22.95 46.15 -10.98
CA VAL D 14 23.29 46.43 -12.37
C VAL D 14 22.34 45.71 -13.31
N SER D 15 21.32 46.43 -13.77
CA SER D 15 20.30 45.86 -14.64
C SER D 15 20.87 45.50 -16.01
N ARG D 16 20.14 44.66 -16.74
CA ARG D 16 20.53 44.26 -18.09
C ARG D 16 20.05 45.29 -19.10
N SER D 17 20.58 45.22 -20.32
CA SER D 17 20.22 46.17 -21.36
C SER D 17 20.53 45.65 -22.76
N GLU D 18 21.63 44.90 -22.87
CA GLU D 18 22.06 44.36 -24.16
C GLU D 18 21.22 43.15 -24.56
N PHE D 19 20.21 43.37 -25.40
CA PHE D 19 19.36 42.30 -25.89
C PHE D 19 19.29 42.28 -27.41
N PRO D 20 20.45 42.13 -28.08
CA PRO D 20 20.50 42.14 -29.54
C PRO D 20 19.80 40.91 -30.14
N GLU D 21 19.27 41.07 -31.35
CA GLU D 21 18.66 39.95 -32.05
C GLU D 21 19.72 39.14 -32.78
N SER D 22 20.88 39.75 -32.97
CA SER D 22 22.00 39.09 -33.65
C SER D 22 23.32 39.78 -33.31
N TRP D 23 24.37 38.98 -33.17
CA TRP D 23 25.69 39.51 -32.85
C TRP D 23 26.79 38.54 -33.27
N LEU D 24 27.99 38.74 -32.75
CA LEU D 24 29.14 37.90 -33.10
C LEU D 24 29.31 37.84 -34.62
N TRP D 25 29.37 39.01 -35.25
CA TRP D 25 29.53 39.11 -36.69
C TRP D 25 30.97 39.47 -37.03
N ASN D 26 31.89 38.57 -36.72
CA ASN D 26 33.31 38.82 -36.94
C ASN D 26 33.97 37.78 -37.84
N VAL D 27 35.30 37.81 -37.89
CA VAL D 27 36.07 36.89 -38.72
C VAL D 27 37.25 36.31 -37.96
N GLU D 28 37.51 35.02 -38.17
CA GLU D 28 38.63 34.35 -37.52
C GLU D 28 39.42 33.50 -38.52
N ASP D 29 40.73 33.40 -38.30
CA ASP D 29 41.59 32.60 -39.17
C ASP D 29 42.29 31.49 -38.40
N LEU D 30 42.22 30.27 -38.93
CA LEU D 30 42.83 29.12 -38.29
C LEU D 30 44.28 28.95 -38.73
N LYS D 31 45.21 29.42 -37.88
CA LYS D 31 46.63 29.32 -38.18
C LYS D 31 47.37 28.48 -37.15
N GLU D 32 46.62 27.94 -36.20
CA GLU D 32 47.20 27.11 -35.14
C GLU D 32 47.86 25.87 -35.73
N PRO D 33 48.86 25.33 -35.02
CA PRO D 33 49.57 24.12 -35.45
C PRO D 33 48.61 22.98 -35.79
N PRO D 34 48.47 22.67 -37.09
CA PRO D 34 47.54 21.65 -37.58
C PRO D 34 47.92 20.24 -37.12
N LYS D 35 46.96 19.51 -36.58
CA LYS D 35 47.18 18.11 -36.20
C LYS D 35 46.11 17.23 -36.83
N ASN D 36 46.54 16.21 -37.57
CA ASN D 36 45.64 15.32 -38.28
C ASN D 36 44.80 16.07 -39.32
N GLY D 37 45.33 17.22 -39.77
CA GLY D 37 44.65 18.02 -40.76
C GLY D 37 43.48 18.80 -40.21
N ILE D 38 43.45 18.95 -38.88
CA ILE D 38 42.37 19.66 -38.23
C ILE D 38 42.89 20.75 -37.30
N SER D 39 42.64 22.01 -37.65
CA SER D 39 43.05 23.14 -36.83
C SER D 39 41.95 23.51 -35.84
N THR D 40 42.34 23.96 -34.65
CA THR D 40 41.39 24.31 -33.61
C THR D 40 41.68 25.69 -33.02
N LYS D 41 40.62 26.48 -32.83
CA LYS D 41 40.75 27.80 -32.24
C LYS D 41 39.82 27.95 -31.03
N LEU D 42 40.38 28.44 -29.92
CA LEU D 42 39.61 28.65 -28.71
C LEU D 42 39.29 30.13 -28.51
N MET D 43 38.05 30.51 -28.80
CA MET D 43 37.62 31.90 -28.67
C MET D 43 37.01 32.16 -27.30
N ASN D 44 37.15 33.38 -26.81
CA ASN D 44 36.56 33.78 -25.53
C ASN D 44 35.58 34.92 -25.72
N ILE D 45 34.32 34.58 -25.99
CA ILE D 45 33.30 35.58 -26.26
C ILE D 45 32.51 35.94 -25.00
N PHE D 46 31.80 37.07 -25.06
CA PHE D 46 30.99 37.53 -23.95
C PHE D 46 29.50 37.46 -24.30
N LEU D 47 28.80 36.52 -23.68
CA LEU D 47 27.37 36.35 -23.92
C LEU D 47 26.59 37.60 -23.57
N LYS D 48 25.52 37.85 -24.31
CA LYS D 48 24.68 39.03 -24.07
C LYS D 48 23.88 38.87 -22.78
N ASP D 49 22.94 39.78 -22.55
CA ASP D 49 22.15 39.78 -21.33
C ASP D 49 20.81 39.05 -21.54
N SER D 50 20.54 38.67 -22.79
CA SER D 50 19.29 38.01 -23.11
C SER D 50 19.24 36.58 -22.58
N ILE D 51 18.11 36.22 -21.97
CA ILE D 51 17.91 34.86 -21.51
C ILE D 51 17.18 34.03 -22.56
N THR D 52 17.96 33.29 -23.35
CA THR D 52 17.43 32.49 -24.43
C THR D 52 18.52 31.57 -24.97
N THR D 53 18.28 30.98 -26.13
CA THR D 53 19.27 30.10 -26.75
C THR D 53 19.88 30.74 -27.99
N TRP D 54 21.16 31.03 -27.94
CA TRP D 54 21.86 31.62 -29.07
C TRP D 54 22.30 30.56 -30.07
N GLU D 55 21.86 30.70 -31.31
CA GLU D 55 22.19 29.75 -32.36
C GLU D 55 23.33 30.27 -33.23
N ILE D 56 24.55 29.87 -32.89
CA ILE D 56 25.73 30.32 -33.61
C ILE D 56 25.93 29.54 -34.91
N LEU D 57 26.19 30.27 -35.99
CA LEU D 57 26.43 29.65 -37.29
C LEU D 57 27.81 30.01 -37.82
N ALA D 58 28.55 28.99 -38.26
CA ALA D 58 29.90 29.19 -38.77
C ALA D 58 30.00 28.83 -40.24
N VAL D 59 30.86 29.54 -40.97
CA VAL D 59 31.07 29.28 -42.39
C VAL D 59 32.56 29.37 -42.73
N SER D 60 33.14 28.24 -43.14
CA SER D 60 34.55 28.19 -43.49
C SER D 60 34.78 28.44 -44.97
N MET D 61 35.94 29.02 -45.29
CA MET D 61 36.31 29.30 -46.67
C MET D 61 37.77 28.97 -46.92
N SER D 62 38.04 27.70 -47.20
CA SER D 62 39.40 27.23 -47.43
C SER D 62 39.79 27.35 -48.90
N ASP D 63 40.98 27.87 -49.16
CA ASP D 63 41.49 27.99 -50.52
C ASP D 63 41.79 26.62 -51.12
N LYS D 64 41.96 25.63 -50.25
CA LYS D 64 42.23 24.26 -50.69
C LYS D 64 40.95 23.44 -50.76
N LYS D 65 40.35 23.19 -49.59
CA LYS D 65 39.12 22.42 -49.50
C LYS D 65 37.98 23.11 -50.25
N GLY D 66 37.53 24.24 -49.72
CA GLY D 66 36.45 24.99 -50.33
C GLY D 66 35.50 25.59 -49.31
N ILE D 67 34.25 25.77 -49.72
CA ILE D 67 33.24 26.34 -48.84
C ILE D 67 32.44 25.26 -48.12
N CYS D 68 32.10 25.51 -46.86
CA CYS D 68 31.35 24.55 -46.07
C CYS D 68 30.76 25.22 -44.82
N VAL D 69 29.44 25.17 -44.69
CA VAL D 69 28.77 25.76 -43.54
C VAL D 69 28.59 24.71 -42.43
N ALA D 70 28.94 25.10 -41.21
CA ALA D 70 28.86 24.19 -40.07
C ALA D 70 27.43 24.04 -39.56
N ASP D 71 27.22 23.03 -38.72
CA ASP D 71 25.91 22.81 -38.12
C ASP D 71 25.65 23.80 -36.99
N PRO D 72 24.40 24.28 -36.88
CA PRO D 72 24.01 25.24 -35.85
C PRO D 72 24.33 24.74 -34.45
N PHE D 73 25.11 25.52 -33.71
CA PHE D 73 25.47 25.18 -32.34
C PHE D 73 24.70 26.05 -31.34
N GLU D 74 23.71 25.47 -30.69
CA GLU D 74 22.86 26.20 -29.75
C GLU D 74 23.52 26.37 -28.38
N VAL D 75 23.24 27.49 -27.74
CA VAL D 75 23.77 27.78 -26.41
C VAL D 75 22.67 28.34 -25.51
N THR D 76 22.18 27.51 -24.60
CA THR D 76 21.12 27.93 -23.69
C THR D 76 21.65 28.80 -22.56
N VAL D 77 21.04 29.97 -22.38
CA VAL D 77 21.43 30.90 -21.33
C VAL D 77 20.24 31.22 -20.44
N MET D 78 20.22 30.64 -19.24
CA MET D 78 19.11 30.83 -18.31
C MET D 78 19.61 31.27 -16.94
N GLN D 79 18.69 31.77 -16.12
CA GLN D 79 19.02 32.18 -14.76
C GLN D 79 17.91 31.74 -13.80
N ASP D 80 18.28 31.36 -12.59
CA ASP D 80 17.31 30.90 -11.59
C ASP D 80 16.18 31.90 -11.42
N PHE D 81 16.53 33.14 -11.09
CA PHE D 81 15.55 34.20 -10.90
C PHE D 81 15.83 35.36 -11.85
N PHE D 82 14.80 35.77 -12.58
CA PHE D 82 14.94 36.86 -13.54
C PHE D 82 13.61 37.54 -13.85
N ILE D 83 13.68 38.71 -14.46
CA ILE D 83 12.48 39.47 -14.83
C ILE D 83 12.32 39.49 -16.34
N ASP D 84 11.10 39.23 -16.81
CA ASP D 84 10.80 39.25 -18.22
C ASP D 84 9.90 40.44 -18.56
N LEU D 85 10.52 41.59 -18.81
CA LEU D 85 9.78 42.81 -19.12
C LEU D 85 9.42 42.88 -20.60
N ARG D 86 8.12 42.82 -20.89
CA ARG D 86 7.64 42.84 -22.27
C ARG D 86 6.88 44.13 -22.59
N LEU D 87 7.41 44.91 -23.52
CA LEU D 87 6.77 46.15 -23.95
C LEU D 87 6.35 46.07 -25.42
N PRO D 88 5.21 46.70 -25.75
CA PRO D 88 4.71 46.74 -27.13
C PRO D 88 5.72 47.42 -28.06
N TYR D 89 5.54 47.26 -29.36
CA TYR D 89 6.43 47.86 -30.34
C TYR D 89 6.39 49.38 -30.24
N SER D 90 5.20 49.93 -30.06
CA SER D 90 5.03 51.37 -29.95
C SER D 90 3.74 51.72 -29.19
N VAL D 91 3.82 52.77 -28.37
CA VAL D 91 2.67 53.23 -27.61
C VAL D 91 2.34 54.68 -27.93
N VAL D 92 1.06 54.99 -28.04
CA VAL D 92 0.62 56.34 -28.35
C VAL D 92 0.85 57.28 -27.17
N ARG D 93 1.35 58.49 -27.48
CA ARG D 93 1.60 59.49 -26.45
C ARG D 93 0.32 59.98 -25.78
N ASN D 94 0.42 60.29 -24.49
CA ASN D 94 -0.71 60.80 -23.72
C ASN D 94 -1.80 59.75 -23.44
N GLU D 95 -1.57 58.52 -23.90
CA GLU D 95 -2.50 57.43 -23.66
C GLU D 95 -2.01 56.51 -22.55
N GLN D 96 -2.86 56.29 -21.56
CA GLN D 96 -2.51 55.43 -20.43
C GLN D 96 -2.56 53.95 -20.82
N VAL D 97 -1.40 53.30 -20.79
CA VAL D 97 -1.31 51.88 -21.12
C VAL D 97 -0.88 51.06 -19.91
N GLU D 98 -0.64 49.77 -20.12
CA GLU D 98 -0.21 48.89 -19.03
C GLU D 98 0.83 47.89 -19.50
N ILE D 99 2.04 48.02 -18.98
CA ILE D 99 3.12 47.08 -19.29
C ILE D 99 3.15 45.97 -18.24
N ARG D 100 3.52 44.77 -18.67
CA ARG D 100 3.52 43.61 -17.79
C ARG D 100 4.93 43.10 -17.53
N ALA D 101 5.34 43.14 -16.27
CA ALA D 101 6.66 42.65 -15.88
C ALA D 101 6.53 41.32 -15.15
N VAL D 102 6.85 40.24 -15.84
CA VAL D 102 6.73 38.89 -15.27
C VAL D 102 8.02 38.43 -14.60
N LEU D 103 7.93 38.10 -13.33
CA LEU D 103 9.08 37.61 -12.57
C LEU D 103 9.06 36.09 -12.47
N TYR D 104 10.04 35.45 -13.09
CA TYR D 104 10.12 33.99 -13.09
C TYR D 104 10.96 33.46 -11.94
N ASN D 105 10.52 32.34 -11.37
CA ASN D 105 11.25 31.69 -10.29
C ASN D 105 11.39 30.20 -10.56
N TYR D 106 12.49 29.81 -11.19
CA TYR D 106 12.70 28.42 -11.57
C TYR D 106 13.46 27.61 -10.52
N ARG D 107 13.48 28.10 -9.29
CA ARG D 107 14.05 27.34 -8.19
C ARG D 107 13.20 26.12 -7.89
N GLN D 108 13.83 24.95 -7.87
CA GLN D 108 13.12 23.68 -7.70
C GLN D 108 12.10 23.73 -6.57
N ASN D 109 12.60 23.91 -5.34
CA ASN D 109 11.73 23.99 -4.17
C ASN D 109 12.18 25.06 -3.18
N GLN D 110 11.87 26.32 -3.52
CA GLN D 110 12.25 27.44 -2.67
C GLN D 110 11.49 28.71 -3.06
N GLU D 111 10.54 29.10 -2.23
CA GLU D 111 9.78 30.31 -2.47
C GLU D 111 10.66 31.54 -2.25
N LEU D 112 10.35 32.62 -2.96
CA LEU D 112 11.15 33.84 -2.89
C LEU D 112 10.32 35.05 -2.51
N LYS D 113 10.83 35.85 -1.57
CA LYS D 113 10.19 37.10 -1.19
C LYS D 113 10.84 38.24 -1.95
N VAL D 114 10.21 38.64 -3.05
CA VAL D 114 10.79 39.66 -3.93
C VAL D 114 10.14 41.03 -3.73
N ARG D 115 10.94 42.08 -3.93
CA ARG D 115 10.45 43.44 -3.82
C ARG D 115 10.75 44.22 -5.10
N VAL D 116 9.92 44.02 -6.12
CA VAL D 116 10.10 44.66 -7.41
C VAL D 116 9.75 46.14 -7.37
N GLU D 117 10.48 46.94 -8.15
CA GLU D 117 10.26 48.38 -8.18
C GLU D 117 10.39 48.94 -9.61
N LEU D 118 9.62 49.97 -9.90
CA LEU D 118 9.69 50.65 -11.19
C LEU D 118 10.35 52.03 -11.02
N LEU D 119 11.51 52.20 -11.64
CA LEU D 119 12.26 53.44 -11.53
C LEU D 119 11.49 54.62 -12.13
N HIS D 120 11.73 55.82 -11.58
CA HIS D 120 11.06 57.02 -12.06
C HIS D 120 11.60 57.48 -13.41
N ASN D 121 10.75 58.13 -14.19
CA ASN D 121 11.13 58.65 -15.49
C ASN D 121 10.23 59.79 -15.93
N PRO D 122 10.78 61.00 -16.05
CA PRO D 122 10.02 62.20 -16.46
C PRO D 122 9.29 61.98 -17.78
N ALA D 123 9.75 61.03 -18.58
CA ALA D 123 9.13 60.74 -19.87
C ALA D 123 7.83 59.98 -19.69
N PHE D 124 7.63 59.42 -18.51
CA PHE D 124 6.42 58.68 -18.20
C PHE D 124 5.72 59.24 -16.96
N CYS D 125 4.48 58.83 -16.75
CA CYS D 125 3.71 59.30 -15.60
C CYS D 125 3.10 58.13 -14.83
N SER D 126 3.84 57.62 -13.86
CA SER D 126 3.37 56.53 -13.01
C SER D 126 3.18 57.01 -11.58
N LEU D 127 2.99 56.07 -10.67
CA LEU D 127 2.83 56.40 -9.25
C LEU D 127 4.19 56.60 -8.57
N ALA D 128 5.25 56.54 -9.37
CA ALA D 128 6.60 56.72 -8.86
C ALA D 128 7.15 58.09 -9.27
N THR D 129 7.47 58.91 -8.27
CA THR D 129 8.00 60.24 -8.52
C THR D 129 9.50 60.31 -8.22
N THR D 130 10.01 61.53 -8.10
CA THR D 130 11.43 61.72 -7.81
C THR D 130 11.73 61.60 -6.32
N LYS D 131 10.67 61.44 -5.52
CA LYS D 131 10.82 61.31 -4.08
C LYS D 131 10.08 60.09 -3.55
N ARG D 132 9.21 59.51 -4.38
CA ARG D 132 8.46 58.33 -3.99
C ARG D 132 8.87 57.12 -4.83
N ARG D 133 8.78 55.93 -4.24
CA ARG D 133 9.15 54.71 -4.94
C ARG D 133 7.97 53.75 -5.04
N HIS D 134 7.37 53.68 -6.22
CA HIS D 134 6.26 52.76 -6.47
C HIS D 134 6.77 51.33 -6.55
N GLN D 135 6.68 50.61 -5.44
CA GLN D 135 7.20 49.25 -5.36
C GLN D 135 6.29 48.34 -4.55
N GLN D 136 6.23 47.07 -4.94
CA GLN D 136 5.42 46.09 -4.23
C GLN D 136 6.28 44.99 -3.62
N THR D 137 5.72 44.27 -2.67
CA THR D 137 6.42 43.16 -2.02
C THR D 137 5.59 41.88 -2.10
N VAL D 138 5.97 40.99 -3.00
CA VAL D 138 5.22 39.75 -3.21
C VAL D 138 6.10 38.52 -2.97
N THR D 139 5.46 37.36 -2.85
CA THR D 139 6.17 36.11 -2.64
C THR D 139 5.87 35.12 -3.77
N ILE D 140 6.88 34.86 -4.59
CA ILE D 140 6.73 33.97 -5.73
C ILE D 140 6.98 32.51 -5.35
N PRO D 141 5.96 31.65 -5.54
CA PRO D 141 6.04 30.22 -5.23
C PRO D 141 7.14 29.53 -6.04
N PRO D 142 7.61 28.38 -5.58
CA PRO D 142 8.64 27.59 -6.27
C PRO D 142 8.17 27.11 -7.65
N LYS D 143 9.06 27.16 -8.63
CA LYS D 143 8.75 26.70 -9.98
C LYS D 143 7.48 27.35 -10.53
N SER D 144 7.45 28.68 -10.52
CA SER D 144 6.30 29.43 -11.05
C SER D 144 6.69 30.86 -11.38
N SER D 145 5.73 31.64 -11.84
CA SER D 145 5.98 33.03 -12.20
C SER D 145 4.83 33.93 -11.76
N LEU D 146 5.11 35.23 -11.67
CA LEU D 146 4.11 36.20 -11.26
C LEU D 146 4.17 37.46 -12.12
N SER D 147 3.02 37.91 -12.61
CA SER D 147 2.95 39.10 -13.43
C SER D 147 2.67 40.34 -12.59
N VAL D 148 3.52 41.36 -12.73
CA VAL D 148 3.36 42.60 -11.98
C VAL D 148 2.94 43.73 -12.91
N PRO D 149 1.65 44.12 -12.82
CA PRO D 149 1.07 45.19 -13.65
C PRO D 149 1.71 46.55 -13.38
N TYR D 150 1.83 47.36 -14.43
CA TYR D 150 2.35 48.71 -14.30
C TYR D 150 1.65 49.67 -15.26
N VAL D 151 0.91 50.63 -14.71
CA VAL D 151 0.21 51.62 -15.53
C VAL D 151 1.03 52.90 -15.65
N ILE D 152 1.31 53.29 -16.89
CA ILE D 152 2.12 54.49 -17.14
C ILE D 152 1.50 55.33 -18.25
N VAL D 153 2.03 56.54 -18.42
CA VAL D 153 1.54 57.45 -19.46
C VAL D 153 2.70 58.16 -20.15
N PRO D 154 3.05 57.72 -21.36
CA PRO D 154 4.10 58.36 -22.16
C PRO D 154 3.83 59.85 -22.34
N LEU D 155 4.68 60.68 -21.76
CA LEU D 155 4.47 62.13 -21.78
C LEU D 155 5.08 62.79 -23.01
N LYS D 156 6.20 62.23 -23.48
CA LYS D 156 6.89 62.78 -24.64
C LYS D 156 7.20 61.71 -25.68
N THR D 157 7.23 62.11 -26.95
CA THR D 157 7.49 61.18 -28.04
C THR D 157 8.94 60.70 -28.04
N GLY D 158 9.32 59.99 -29.08
CA GLY D 158 10.67 59.48 -29.21
C GLY D 158 10.85 58.13 -28.55
N LEU D 159 12.06 57.59 -28.65
CA LEU D 159 12.37 56.29 -28.04
C LEU D 159 12.74 56.47 -26.57
N GLN D 160 11.81 56.13 -25.69
CA GLN D 160 12.03 56.29 -24.25
C GLN D 160 12.61 55.04 -23.62
N GLU D 161 12.79 55.07 -22.30
CA GLU D 161 13.43 53.97 -21.58
C GLU D 161 12.65 53.54 -20.35
N VAL D 162 12.40 52.24 -20.24
CA VAL D 162 11.71 51.68 -19.08
C VAL D 162 12.60 50.67 -18.36
N GLU D 163 12.74 50.82 -17.06
CA GLU D 163 13.62 49.95 -16.27
C GLU D 163 12.95 49.50 -14.98
N VAL D 164 13.06 48.20 -14.70
CA VAL D 164 12.50 47.64 -13.48
C VAL D 164 13.50 46.72 -12.78
N LYS D 165 13.67 46.92 -11.48
CA LYS D 165 14.58 46.10 -10.69
C LYS D 165 13.83 45.31 -9.63
N ALA D 166 14.43 44.23 -9.15
CA ALA D 166 13.81 43.41 -8.13
C ALA D 166 14.85 42.59 -7.35
N ALA D 167 14.70 42.55 -6.04
CA ALA D 167 15.60 41.80 -5.18
C ALA D 167 14.83 40.88 -4.24
N VAL D 168 15.47 39.80 -3.82
CA VAL D 168 14.86 38.83 -2.92
C VAL D 168 15.32 39.03 -1.48
N TYR D 169 14.48 38.61 -0.54
CA TYR D 169 14.81 38.76 0.88
C TYR D 169 15.62 37.58 1.39
N HIS D 170 16.58 37.88 2.27
CA HIS D 170 17.39 36.86 2.92
C HIS D 170 18.22 36.05 1.91
N HIS D 171 18.54 36.67 0.78
CA HIS D 171 19.35 36.03 -0.24
C HIS D 171 20.16 37.05 -1.04
N PHE D 172 21.21 36.58 -1.70
CA PHE D 172 22.05 37.45 -2.51
C PHE D 172 21.70 37.30 -3.99
N ILE D 173 20.44 37.55 -4.32
CA ILE D 173 19.96 37.43 -5.69
C ILE D 173 19.19 38.67 -6.13
N SER D 174 19.46 39.15 -7.34
CA SER D 174 18.79 40.31 -7.87
C SER D 174 18.86 40.33 -9.40
N ASP D 175 17.99 41.12 -10.02
CA ASP D 175 17.97 41.24 -11.47
C ASP D 175 17.24 42.51 -11.90
N GLY D 176 17.58 43.00 -13.09
CA GLY D 176 16.94 44.19 -13.63
C GLY D 176 16.94 44.18 -15.15
N VAL D 177 15.98 44.88 -15.74
CA VAL D 177 15.87 44.95 -17.19
C VAL D 177 15.66 46.39 -17.65
N ARG D 178 16.49 46.84 -18.57
CA ARG D 178 16.38 48.20 -19.09
C ARG D 178 16.13 48.21 -20.60
N LYS D 179 14.88 47.99 -20.98
CA LYS D 179 14.51 48.00 -22.39
C LYS D 179 13.98 49.36 -22.81
N SER D 180 13.68 49.51 -24.10
CA SER D 180 13.20 50.77 -24.63
C SER D 180 11.97 50.57 -25.51
N LEU D 181 11.01 51.48 -25.41
CA LEU D 181 9.80 51.42 -26.22
C LEU D 181 9.54 52.74 -26.93
N LYS D 182 9.20 52.66 -28.22
CA LYS D 182 8.92 53.84 -29.02
C LYS D 182 7.61 54.50 -28.57
N VAL D 183 7.55 55.82 -28.70
CA VAL D 183 6.34 56.55 -28.34
C VAL D 183 5.82 57.34 -29.53
N VAL D 184 4.99 56.69 -30.34
CA VAL D 184 4.44 57.32 -31.53
C VAL D 184 3.43 58.40 -31.18
N PRO D 185 3.55 59.57 -31.83
CA PRO D 185 2.60 60.68 -31.64
C PRO D 185 1.17 60.24 -31.93
N GLU D 186 0.21 60.93 -31.33
CA GLU D 186 -1.20 60.60 -31.51
C GLU D 186 -1.68 60.95 -32.92
N GLY D 187 -2.07 59.92 -33.68
CA GLY D 187 -2.58 60.14 -35.02
C GLY D 187 -2.50 58.92 -35.91
N ILE D 188 -2.37 59.15 -37.22
CA ILE D 188 -2.30 58.07 -38.19
C ILE D 188 -1.22 58.35 -39.23
N ARG D 189 -0.59 57.30 -39.74
CA ARG D 189 0.46 57.43 -40.75
C ARG D 189 -0.13 57.61 -42.14
N MET D 190 -0.05 58.83 -42.67
CA MET D 190 -0.54 59.12 -44.01
C MET D 190 0.63 59.41 -44.96
N ASN D 191 0.38 59.40 -46.25
CA ASN D 191 1.41 59.75 -47.21
C ASN D 191 0.79 60.36 -48.45
N LYS D 192 0.46 61.62 -48.37
CA LYS D 192 -0.09 62.40 -49.47
C LYS D 192 0.87 62.47 -50.64
N THR D 193 0.44 61.97 -51.80
CA THR D 193 1.24 62.01 -53.01
C THR D 193 1.12 63.38 -53.67
N VAL D 194 2.16 64.20 -53.51
CA VAL D 194 2.15 65.56 -54.06
C VAL D 194 1.88 65.55 -55.56
N ALA D 195 2.78 64.92 -56.32
CA ALA D 195 2.64 64.86 -57.77
C ALA D 195 3.50 63.76 -58.37
N VAL D 196 3.13 63.31 -59.56
CA VAL D 196 3.87 62.28 -60.27
C VAL D 196 4.20 62.74 -61.69
N ARG D 197 5.23 63.56 -61.82
CA ARG D 197 5.60 64.15 -63.10
C ARG D 197 6.44 63.20 -63.94
N THR D 198 6.48 63.45 -65.24
CA THR D 198 7.28 62.64 -66.16
C THR D 198 8.40 63.46 -66.76
N LEU D 199 9.62 62.93 -66.70
CA LEU D 199 10.79 63.65 -67.20
C LEU D 199 11.24 63.15 -68.56
N ASP D 200 11.24 64.05 -69.54
CA ASP D 200 11.68 63.71 -70.89
C ASP D 200 11.82 64.95 -71.77
N PRO D 201 12.99 65.59 -71.72
CA PRO D 201 13.28 66.78 -72.53
C PRO D 201 13.10 66.51 -74.02
N GLU D 202 13.15 67.57 -74.82
CA GLU D 202 12.97 67.46 -76.28
C GLU D 202 11.52 67.17 -76.66
N ARG D 203 10.80 66.50 -75.76
CA ARG D 203 9.40 66.17 -75.99
C ARG D 203 8.48 67.16 -75.26
N LEU D 204 8.82 67.45 -74.02
CA LEU D 204 8.05 68.41 -73.22
C LEU D 204 8.94 69.51 -72.67
N GLY D 205 10.12 69.65 -73.25
CA GLY D 205 11.08 70.64 -72.80
C GLY D 205 11.21 71.82 -73.75
N ARG D 206 12.40 72.41 -73.79
CA ARG D 206 12.67 73.58 -74.62
C ARG D 206 14.15 73.92 -74.60
N GLU D 207 14.76 74.01 -75.77
CA GLU D 207 16.19 74.26 -75.89
C GLU D 207 17.02 73.16 -75.23
N GLY D 208 16.36 72.06 -74.89
CA GLY D 208 17.04 70.92 -74.29
C GLY D 208 16.81 70.80 -72.80
N VAL D 209 16.16 71.80 -72.20
CA VAL D 209 15.90 71.81 -70.77
C VAL D 209 14.40 71.76 -70.48
N GLN D 210 14.06 71.25 -69.30
CA GLN D 210 12.67 71.15 -68.87
C GLN D 210 12.50 71.57 -67.42
N LYS D 211 11.58 72.50 -67.18
CA LYS D 211 11.32 72.98 -65.83
C LYS D 211 9.99 72.41 -65.31
N GLU D 212 10.01 71.94 -64.07
CA GLU D 212 8.82 71.35 -63.47
C GLU D 212 8.68 71.75 -62.01
N ASP D 213 7.75 72.66 -61.73
CA ASP D 213 7.52 73.14 -60.38
C ASP D 213 6.68 72.14 -59.57
N ILE D 214 6.93 72.09 -58.27
CA ILE D 214 6.20 71.18 -57.39
C ILE D 214 5.73 71.90 -56.12
N PRO D 215 4.43 72.19 -56.05
CA PRO D 215 3.82 72.87 -54.89
C PRO D 215 3.99 72.07 -53.61
N PRO D 216 4.18 72.76 -52.48
CA PRO D 216 4.33 72.13 -51.17
C PRO D 216 3.11 71.28 -50.81
N ALA D 217 3.31 70.30 -49.93
CA ALA D 217 2.23 69.41 -49.52
C ALA D 217 1.17 70.16 -48.72
N ASP D 218 -0.03 69.61 -48.67
CA ASP D 218 -1.13 70.23 -47.93
C ASP D 218 -0.83 70.25 -46.43
N LEU D 219 -0.96 69.10 -45.78
CA LEU D 219 -0.66 68.98 -44.36
C LEU D 219 -1.55 69.90 -43.52
N SER D 220 -2.76 70.15 -44.00
CA SER D 220 -3.69 71.03 -43.30
C SER D 220 -4.16 70.40 -41.99
N ASP D 221 -4.40 69.09 -42.01
CA ASP D 221 -4.86 68.38 -40.83
C ASP D 221 -3.72 67.68 -40.11
N GLN D 222 -2.53 68.29 -40.15
CA GLN D 222 -1.36 67.72 -39.51
C GLN D 222 -1.45 67.84 -37.99
N VAL D 223 -1.07 66.78 -37.30
CA VAL D 223 -1.09 66.76 -35.83
C VAL D 223 -0.16 67.82 -35.26
N PRO D 224 -0.67 68.60 -34.29
CA PRO D 224 0.12 69.66 -33.66
C PRO D 224 1.43 69.13 -33.07
N ASP D 225 2.51 69.86 -33.30
CA ASP D 225 3.82 69.50 -32.75
C ASP D 225 4.29 68.14 -33.24
N THR D 226 4.38 67.98 -34.55
CA THR D 226 4.88 66.75 -35.16
C THR D 226 5.73 67.05 -36.38
N GLU D 227 6.78 66.26 -36.59
CA GLU D 227 7.66 66.42 -37.73
C GLU D 227 7.19 65.63 -38.94
N SER D 228 7.76 65.92 -40.10
CA SER D 228 7.38 65.25 -41.34
C SER D 228 8.42 65.51 -42.43
N GLU D 229 8.69 64.49 -43.23
CA GLU D 229 9.67 64.62 -44.31
C GLU D 229 9.03 64.43 -45.68
N THR D 230 9.71 64.94 -46.71
CA THR D 230 9.25 64.80 -48.08
C THR D 230 10.25 63.96 -48.89
N ARG D 231 9.78 62.82 -49.39
CA ARG D 231 10.65 61.92 -50.13
C ARG D 231 10.56 62.14 -51.64
N ILE D 232 11.47 62.94 -52.16
CA ILE D 232 11.59 63.13 -53.60
C ILE D 232 12.23 61.89 -54.20
N LEU D 233 11.75 61.46 -55.36
CA LEU D 233 12.22 60.21 -55.94
C LEU D 233 12.39 60.27 -57.46
N LEU D 234 13.55 59.85 -57.94
CA LEU D 234 13.85 59.80 -59.38
C LEU D 234 14.08 58.35 -59.82
N GLN D 235 13.85 58.09 -61.10
CA GLN D 235 14.04 56.74 -61.64
C GLN D 235 13.95 56.72 -63.16
N GLY D 236 14.93 56.08 -63.80
CA GLY D 236 14.93 55.92 -65.24
C GLY D 236 13.94 54.85 -65.67
N THR D 237 13.78 54.67 -66.98
CA THR D 237 12.83 53.70 -67.50
C THR D 237 12.97 53.44 -69.00
N PRO D 238 13.49 52.26 -69.37
CA PRO D 238 13.56 51.82 -70.77
C PRO D 238 12.16 51.67 -71.36
N VAL D 239 11.88 52.19 -72.56
CA VAL D 239 12.85 52.84 -73.45
C VAL D 239 13.65 51.85 -74.31
N ALA D 240 13.61 50.58 -73.94
CA ALA D 240 14.25 49.53 -74.73
C ALA D 240 13.24 48.92 -75.71
N GLN D 241 13.54 49.03 -77.00
CA GLN D 241 12.62 48.56 -78.03
C GLN D 241 13.33 48.00 -79.26
N MET D 242 12.55 47.78 -80.32
CA MET D 242 13.08 47.39 -81.63
C MET D 242 13.68 45.98 -81.66
N THR D 243 14.94 45.91 -82.08
CA THR D 243 15.68 44.66 -82.27
C THR D 243 14.85 43.52 -82.88
N GLU D 244 15.02 43.31 -84.17
CA GLU D 244 14.36 42.22 -84.88
C GLU D 244 15.26 41.00 -84.98
N ASP D 245 14.66 39.84 -85.25
CA ASP D 245 15.42 38.61 -85.39
C ASP D 245 16.13 38.53 -86.74
N ALA D 246 17.23 37.78 -86.78
CA ALA D 246 17.99 37.63 -88.01
C ALA D 246 17.61 36.34 -88.75
N VAL D 247 17.77 36.33 -90.06
CA VAL D 247 17.45 35.17 -90.87
C VAL D 247 18.32 33.98 -90.49
N ASP D 248 17.68 32.84 -90.23
CA ASP D 248 18.40 31.63 -89.85
C ASP D 248 19.39 31.22 -90.94
N ALA D 249 20.58 30.81 -90.52
CA ALA D 249 21.62 30.40 -91.46
C ALA D 249 21.24 29.12 -92.19
N GLU D 250 20.32 28.37 -91.59
CA GLU D 250 19.84 27.12 -92.19
C GLU D 250 19.08 27.41 -93.49
N ARG D 251 18.68 28.66 -93.67
CA ARG D 251 17.97 29.07 -94.86
C ARG D 251 18.94 29.58 -95.93
N LEU D 252 20.22 29.58 -95.62
CA LEU D 252 21.24 30.09 -96.52
C LEU D 252 22.22 29.00 -96.94
N LYS D 253 21.78 27.75 -96.89
CA LYS D 253 22.63 26.63 -97.26
C LYS D 253 22.67 26.43 -98.77
N HIS D 254 22.39 27.51 -99.51
CA HIS D 254 22.38 27.45 -100.96
C HIS D 254 23.13 28.63 -101.57
N LEU D 255 23.55 29.57 -100.73
CA LEU D 255 24.27 30.75 -101.19
C LEU D 255 25.76 30.47 -101.37
N ILE D 256 26.15 29.22 -101.16
CA ILE D 256 27.55 28.83 -101.33
C ILE D 256 27.77 28.27 -102.73
N VAL D 257 27.87 29.17 -103.71
CA VAL D 257 28.07 28.77 -105.10
C VAL D 257 29.52 29.01 -105.52
N THR D 258 30.08 28.03 -106.22
CA THR D 258 31.46 28.13 -106.69
C THR D 258 31.57 29.11 -107.87
N PRO D 259 32.29 30.21 -107.66
CA PRO D 259 32.48 31.25 -108.68
C PRO D 259 33.01 30.66 -109.99
N SER D 260 32.39 31.02 -111.10
CA SER D 260 32.78 30.50 -112.41
C SER D 260 32.17 31.31 -113.55
N GLY D 261 32.79 31.22 -114.72
CA GLY D 261 32.29 31.92 -115.90
C GLY D 261 33.26 32.95 -116.44
N CYS D 262 32.79 33.79 -117.33
CA CYS D 262 33.62 34.84 -117.92
C CYS D 262 33.82 36.00 -116.95
N GLY D 263 34.02 37.19 -117.49
CA GLY D 263 34.27 38.38 -116.67
C GLY D 263 33.04 38.83 -115.90
N GLU D 264 31.86 38.41 -116.36
CA GLU D 264 30.62 38.80 -115.72
C GLU D 264 30.02 37.65 -114.92
N GLU D 265 30.04 36.50 -115.48
CA GLU D 265 29.47 35.32 -114.83
C GLU D 265 30.22 34.95 -113.56
N ASN D 266 31.49 35.25 -113.55
CA ASN D 266 32.31 34.99 -112.38
C ASN D 266 31.79 35.75 -111.16
N MET D 267 31.51 37.03 -111.35
CA MET D 267 31.00 37.88 -110.28
C MET D 267 29.61 37.44 -109.85
N ILE D 268 28.79 37.02 -110.81
CA ILE D 268 27.44 36.57 -110.53
C ILE D 268 27.45 35.34 -109.61
N GLY D 269 28.46 34.49 -109.78
CA GLY D 269 28.59 33.29 -108.98
C GLY D 269 29.40 33.52 -107.72
N MET D 270 30.07 34.66 -107.65
CA MET D 270 30.89 35.00 -106.49
C MET D 270 30.08 35.79 -105.46
N THR D 271 29.08 36.52 -105.95
CA THR D 271 28.25 37.36 -105.10
C THR D 271 27.52 36.59 -104.00
N PRO D 272 26.78 35.53 -104.37
CA PRO D 272 26.00 34.78 -103.37
C PRO D 272 26.85 34.25 -102.24
N THR D 273 28.12 33.96 -102.51
CA THR D 273 29.02 33.40 -101.50
C THR D 273 29.61 34.48 -100.60
N VAL D 274 30.07 35.57 -101.22
CA VAL D 274 30.70 36.65 -100.47
C VAL D 274 29.74 37.26 -99.45
N ILE D 275 28.57 37.68 -99.91
CA ILE D 275 27.60 38.33 -99.04
C ILE D 275 27.04 37.36 -98.00
N ALA D 276 27.05 36.07 -98.32
CA ALA D 276 26.57 35.05 -97.41
C ALA D 276 27.46 34.96 -96.17
N VAL D 277 28.76 34.80 -96.40
CA VAL D 277 29.72 34.73 -95.31
C VAL D 277 29.72 36.03 -94.51
N HIS D 278 29.53 37.15 -95.19
CA HIS D 278 29.49 38.45 -94.54
C HIS D 278 28.34 38.54 -93.55
N TYR D 279 27.17 38.03 -93.95
CA TYR D 279 25.99 38.07 -93.10
C TYR D 279 26.11 37.09 -91.94
N LEU D 280 26.82 35.99 -92.16
CA LEU D 280 27.00 34.97 -91.13
C LEU D 280 28.04 35.39 -90.10
N ASP D 281 28.94 36.28 -90.50
CA ASP D 281 29.97 36.78 -89.60
C ASP D 281 29.39 37.79 -88.62
N GLU D 282 28.36 38.50 -89.04
CA GLU D 282 27.73 39.51 -88.20
C GLU D 282 26.66 38.90 -87.31
N THR D 283 25.93 37.92 -87.84
CA THR D 283 24.88 37.25 -87.08
C THR D 283 25.47 36.12 -86.24
N GLU D 284 26.72 35.76 -86.52
CA GLU D 284 27.41 34.71 -85.79
C GLU D 284 26.62 33.41 -85.81
N GLN D 285 26.04 33.09 -86.96
CA GLN D 285 25.19 31.91 -87.10
C GLN D 285 25.89 30.76 -87.81
N TRP D 286 27.21 30.69 -87.67
CA TRP D 286 27.97 29.57 -88.22
C TRP D 286 27.74 28.31 -87.39
N GLU D 287 26.96 28.45 -86.33
CA GLU D 287 26.67 27.34 -85.44
C GLU D 287 25.61 26.42 -86.05
N LYS D 288 24.45 26.99 -86.35
CA LYS D 288 23.33 26.23 -86.88
C LYS D 288 23.52 25.91 -88.37
N PHE D 289 24.40 26.68 -89.01
CA PHE D 289 24.66 26.50 -90.44
C PHE D 289 25.36 25.17 -90.72
N GLY D 290 26.15 24.71 -89.76
CA GLY D 290 26.87 23.46 -89.92
C GLY D 290 28.29 23.58 -89.38
N LEU D 291 28.90 24.74 -89.60
CA LEU D 291 30.25 25.02 -89.11
C LEU D 291 31.30 24.13 -89.79
N GLU D 292 32.55 24.60 -89.75
CA GLU D 292 33.67 23.90 -90.37
C GLU D 292 33.59 23.99 -91.90
N LYS D 293 32.42 24.35 -92.40
CA LYS D 293 32.21 24.49 -93.84
C LYS D 293 32.57 25.89 -94.30
N ARG D 294 32.93 26.75 -93.34
CA ARG D 294 33.31 28.12 -93.66
C ARG D 294 34.65 28.17 -94.37
N GLN D 295 35.59 27.35 -93.91
CA GLN D 295 36.91 27.28 -94.52
C GLN D 295 36.80 26.99 -96.01
N GLY D 296 35.88 26.11 -96.38
CA GLY D 296 35.66 25.76 -97.77
C GLY D 296 35.04 26.90 -98.54
N ALA D 297 34.34 27.78 -97.83
CA ALA D 297 33.71 28.94 -98.45
C ALA D 297 34.74 30.03 -98.74
N LEU D 298 35.72 30.17 -97.85
CA LEU D 298 36.78 31.15 -98.04
C LEU D 298 37.63 30.82 -99.26
N GLU D 299 37.86 29.53 -99.49
CA GLU D 299 38.63 29.10 -100.65
C GLU D 299 37.90 29.44 -101.95
N LEU D 300 36.57 29.45 -101.89
CA LEU D 300 35.76 29.80 -103.03
C LEU D 300 35.86 31.29 -103.33
N ILE D 301 35.94 32.10 -102.27
CA ILE D 301 36.07 33.54 -102.42
C ILE D 301 37.44 33.89 -102.99
N LYS D 302 38.47 33.22 -102.50
CA LYS D 302 39.84 33.42 -102.99
C LYS D 302 39.95 32.99 -104.44
N LYS D 303 39.31 31.87 -104.77
CA LYS D 303 39.33 31.34 -106.13
C LYS D 303 38.61 32.26 -107.09
N GLY D 304 37.45 32.76 -106.67
CA GLY D 304 36.69 33.70 -107.48
C GLY D 304 37.43 35.01 -107.67
N TYR D 305 38.18 35.40 -106.64
CA TYR D 305 38.98 36.62 -106.69
C TYR D 305 40.09 36.50 -107.73
N THR D 306 40.75 35.34 -107.75
CA THR D 306 41.84 35.09 -108.68
C THR D 306 41.35 35.07 -110.12
N GLN D 307 40.21 34.41 -110.34
CA GLN D 307 39.65 34.29 -111.68
C GLN D 307 39.26 35.66 -112.24
N GLN D 308 38.69 36.51 -111.41
CA GLN D 308 38.27 37.83 -111.83
C GLN D 308 39.48 38.67 -112.27
N LEU D 309 40.63 38.38 -111.68
CA LEU D 309 41.86 39.09 -112.02
C LEU D 309 42.31 38.76 -113.43
N ALA D 310 41.90 37.60 -113.92
CA ALA D 310 42.25 37.17 -115.27
C ALA D 310 41.54 38.02 -116.32
N PHE D 311 40.46 38.65 -115.92
CA PHE D 311 39.68 39.50 -116.82
C PHE D 311 39.99 40.97 -116.59
N ARG D 312 41.07 41.24 -115.86
CA ARG D 312 41.49 42.61 -115.59
C ARG D 312 42.34 43.16 -116.73
N GLN D 313 41.87 44.23 -117.36
CA GLN D 313 42.59 44.86 -118.46
C GLN D 313 43.71 45.74 -117.93
N PRO D 314 44.70 46.05 -118.78
CA PRO D 314 45.83 46.91 -118.40
C PRO D 314 45.38 48.26 -117.87
N SER D 315 44.16 48.67 -118.21
CA SER D 315 43.62 49.94 -117.75
C SER D 315 43.02 49.83 -116.35
N SER D 316 43.34 48.73 -115.67
CA SER D 316 42.86 48.49 -114.31
C SER D 316 41.34 48.35 -114.26
N ALA D 317 40.71 48.25 -115.42
CA ALA D 317 39.26 48.13 -115.50
C ALA D 317 38.84 46.67 -115.72
N PHE D 318 37.54 46.43 -115.73
CA PHE D 318 37.02 45.08 -115.91
C PHE D 318 35.99 45.03 -117.03
N ALA D 319 35.78 43.84 -117.58
CA ALA D 319 34.82 43.64 -118.65
C ALA D 319 34.49 42.15 -118.81
N ALA D 320 33.50 41.85 -119.65
CA ALA D 320 33.11 40.47 -119.90
C ALA D 320 34.28 39.66 -120.42
N PHE D 321 35.13 40.30 -121.22
CA PHE D 321 36.30 39.64 -121.78
C PHE D 321 37.47 40.62 -121.88
N VAL D 322 38.67 40.09 -122.08
CA VAL D 322 39.86 40.91 -122.21
C VAL D 322 39.88 41.65 -123.55
N LYS D 323 38.87 41.40 -124.37
CA LYS D 323 38.78 42.00 -125.70
C LYS D 323 37.67 43.04 -125.74
N ARG D 324 36.56 42.75 -125.05
CA ARG D 324 35.42 43.65 -125.02
C ARG D 324 35.76 44.97 -124.33
N ALA D 325 35.11 46.04 -124.76
CA ALA D 325 35.34 47.36 -124.17
C ALA D 325 35.05 47.37 -122.68
N PRO D 326 35.85 48.13 -121.91
CA PRO D 326 35.69 48.22 -120.46
C PRO D 326 34.29 48.66 -120.05
N SER D 327 33.71 47.97 -119.07
CA SER D 327 32.38 48.31 -118.59
C SER D 327 32.46 49.15 -117.31
N THR D 328 31.93 50.36 -117.38
CA THR D 328 31.95 51.28 -116.24
C THR D 328 31.23 50.68 -115.03
N TRP D 329 30.09 50.04 -115.27
CA TRP D 329 29.30 49.46 -114.20
C TRP D 329 30.00 48.26 -113.56
N LEU D 330 30.44 47.32 -114.40
CA LEU D 330 31.10 46.12 -113.91
C LEU D 330 32.34 46.47 -113.10
N THR D 331 33.12 47.41 -113.60
CA THR D 331 34.33 47.86 -112.91
C THR D 331 33.97 48.43 -111.53
N ALA D 332 32.89 49.20 -111.48
CA ALA D 332 32.43 49.78 -110.22
C ALA D 332 31.86 48.72 -109.29
N TYR D 333 31.23 47.71 -109.87
CA TYR D 333 30.63 46.63 -109.09
C TYR D 333 31.71 45.77 -108.43
N VAL D 334 32.76 45.48 -109.19
CA VAL D 334 33.89 44.71 -108.68
C VAL D 334 34.44 45.33 -107.40
N VAL D 335 34.54 46.66 -107.41
CA VAL D 335 35.03 47.39 -106.24
C VAL D 335 34.10 47.20 -105.05
N LYS D 336 32.79 47.19 -105.32
CA LYS D 336 31.79 47.04 -104.28
C LYS D 336 31.94 45.72 -103.53
N VAL D 337 32.17 44.64 -104.28
CA VAL D 337 32.30 43.32 -103.70
C VAL D 337 33.68 43.12 -103.07
N PHE D 338 34.72 43.58 -103.77
CA PHE D 338 36.09 43.44 -103.30
C PHE D 338 36.31 44.22 -102.00
N SER D 339 35.78 45.42 -101.93
CA SER D 339 35.93 46.27 -100.74
C SER D 339 35.23 45.68 -99.53
N LEU D 340 34.36 44.70 -99.77
CA LEU D 340 33.64 44.04 -98.70
C LEU D 340 34.33 42.73 -98.33
N ALA D 341 35.05 42.15 -99.29
CA ALA D 341 35.75 40.89 -99.08
C ALA D 341 37.14 41.10 -98.51
N VAL D 342 37.49 42.36 -98.25
CA VAL D 342 38.80 42.68 -97.69
C VAL D 342 38.93 42.15 -96.27
N ASN D 343 37.80 41.98 -95.60
CA ASN D 343 37.78 41.46 -94.24
C ASN D 343 37.69 39.94 -94.20
N LEU D 344 37.64 39.34 -95.38
CA LEU D 344 37.53 37.88 -95.49
C LEU D 344 38.81 37.28 -96.08
N ILE D 345 39.28 37.87 -97.18
CA ILE D 345 40.48 37.39 -97.85
C ILE D 345 41.48 38.51 -98.08
N ALA D 346 42.52 38.22 -98.84
CA ALA D 346 43.56 39.21 -99.14
C ALA D 346 43.28 39.89 -100.48
N ILE D 347 43.02 41.20 -100.42
CA ILE D 347 42.74 41.97 -101.63
C ILE D 347 43.91 42.91 -101.97
N ASP D 348 44.44 42.75 -103.18
CA ASP D 348 45.55 43.59 -103.63
C ASP D 348 45.11 45.04 -103.80
N SER D 349 45.77 45.94 -103.09
CA SER D 349 45.43 47.35 -103.14
C SER D 349 45.61 47.93 -104.53
N GLN D 350 46.56 47.37 -105.28
CA GLN D 350 46.83 47.82 -106.65
C GLN D 350 45.63 47.56 -107.56
N VAL D 351 44.90 46.50 -107.28
CA VAL D 351 43.74 46.13 -108.09
C VAL D 351 42.50 46.91 -107.66
N LEU D 352 42.22 46.90 -106.37
CA LEU D 352 41.05 47.58 -105.82
C LEU D 352 41.09 49.08 -106.12
N CYS D 353 42.19 49.72 -105.74
CA CYS D 353 42.35 51.16 -105.95
C CYS D 353 42.58 51.47 -107.43
N GLY D 354 43.08 50.48 -108.16
CA GLY D 354 43.32 50.63 -109.59
C GLY D 354 42.03 50.85 -110.35
N ALA D 355 41.00 50.09 -110.00
CA ALA D 355 39.69 50.21 -110.64
C ALA D 355 39.01 51.51 -110.24
N VAL D 356 39.29 51.97 -109.03
CA VAL D 356 38.72 53.21 -108.53
C VAL D 356 39.29 54.41 -109.27
N LYS D 357 40.60 54.43 -109.45
CA LYS D 357 41.27 55.53 -110.14
C LYS D 357 40.80 55.62 -111.59
N TRP D 358 40.47 54.47 -112.18
CA TRP D 358 40.00 54.43 -113.56
C TRP D 358 38.63 55.08 -113.71
N LEU D 359 37.73 54.74 -112.81
CA LEU D 359 36.37 55.30 -112.82
C LEU D 359 36.40 56.81 -112.67
N ILE D 360 37.34 57.30 -111.86
CA ILE D 360 37.44 58.73 -111.57
C ILE D 360 38.03 59.52 -112.74
N LEU D 361 39.27 59.19 -113.10
CA LEU D 361 39.99 59.93 -114.13
C LEU D 361 39.40 59.72 -115.52
N GLU D 362 39.05 58.48 -115.85
CA GLU D 362 38.58 58.14 -117.18
C GLU D 362 37.07 58.34 -117.36
N LYS D 363 36.29 57.51 -116.67
CA LYS D 363 34.84 57.53 -116.85
C LYS D 363 34.12 58.43 -115.86
N GLN D 364 34.41 59.72 -115.93
CA GLN D 364 33.71 60.70 -115.10
C GLN D 364 33.83 62.11 -115.69
N LYS D 365 32.70 62.68 -116.08
CA LYS D 365 32.68 64.02 -116.67
C LYS D 365 32.77 65.08 -115.58
N PRO D 366 33.09 66.33 -115.97
CA PRO D 366 33.21 67.44 -115.02
C PRO D 366 31.98 67.60 -114.15
N ASP D 367 30.85 67.05 -114.58
CA ASP D 367 29.60 67.15 -113.83
C ASP D 367 29.63 66.23 -112.62
N GLY D 368 30.52 65.23 -112.64
CA GLY D 368 30.60 64.25 -111.58
C GLY D 368 29.71 63.04 -111.90
N VAL D 369 29.27 62.97 -113.16
CA VAL D 369 28.39 61.90 -113.60
C VAL D 369 29.18 60.76 -114.23
N PHE D 370 28.79 59.52 -113.91
CA PHE D 370 29.41 58.34 -114.50
C PHE D 370 28.55 57.80 -115.63
N GLN D 371 29.18 57.52 -116.77
CA GLN D 371 28.46 57.03 -117.94
C GLN D 371 28.93 55.63 -118.33
N GLU D 372 27.98 54.82 -118.81
CA GLU D 372 28.29 53.48 -119.27
C GLU D 372 28.57 53.45 -120.77
N ASP D 373 29.73 52.90 -121.13
CA ASP D 373 30.13 52.84 -122.54
C ASP D 373 29.92 51.44 -123.11
N ALA D 374 30.24 50.43 -122.31
CA ALA D 374 30.09 49.03 -122.74
C ALA D 374 29.22 48.25 -121.75
N PRO D 375 27.90 48.38 -121.88
CA PRO D 375 26.94 47.70 -121.00
C PRO D 375 27.20 46.20 -120.95
N VAL D 376 27.09 45.62 -119.75
CA VAL D 376 27.33 44.20 -119.57
C VAL D 376 26.31 43.36 -120.33
N ILE D 377 26.73 42.19 -120.81
CA ILE D 377 25.84 41.29 -121.52
C ILE D 377 24.70 40.83 -120.62
N HIS D 378 25.04 40.45 -119.40
CA HIS D 378 24.04 40.01 -118.42
C HIS D 378 23.33 41.21 -117.82
N GLN D 379 22.22 41.61 -118.43
CA GLN D 379 21.46 42.77 -117.98
C GLN D 379 20.61 42.46 -116.75
N GLU D 380 20.76 41.25 -116.22
CA GLU D 380 19.98 40.84 -115.06
C GLU D 380 20.80 40.95 -113.77
N MET D 381 22.10 41.15 -113.91
CA MET D 381 22.97 41.26 -112.75
C MET D 381 23.04 42.70 -112.25
N ILE D 382 22.56 43.63 -113.07
CA ILE D 382 22.59 45.05 -112.71
C ILE D 382 21.41 45.43 -111.83
N GLY D 383 20.46 44.51 -111.69
CA GLY D 383 19.32 44.71 -110.81
C GLY D 383 18.36 45.77 -111.28
N GLY D 384 18.29 46.88 -110.55
CA GLY D 384 17.32 47.93 -110.83
C GLY D 384 17.80 48.97 -111.82
N LEU D 385 18.88 48.68 -112.53
CA LEU D 385 19.41 49.60 -113.52
C LEU D 385 19.06 49.13 -114.94
N ARG D 386 18.43 47.97 -115.03
CA ARG D 386 18.02 47.43 -116.32
C ARG D 386 17.06 48.39 -117.02
N ASN D 387 15.96 48.69 -116.35
CA ASN D 387 15.03 49.71 -116.82
C ASN D 387 15.57 51.09 -116.46
N ASN D 388 15.91 51.88 -117.48
CA ASN D 388 16.54 53.17 -117.25
C ASN D 388 15.66 54.37 -117.58
N ASN D 389 14.80 54.73 -116.63
CA ASN D 389 14.00 55.94 -116.76
C ASN D 389 14.81 57.14 -116.31
N GLU D 390 15.79 56.88 -115.46
CA GLU D 390 16.68 57.91 -114.94
C GLU D 390 18.10 57.38 -114.85
N LYS D 391 18.65 56.97 -116.00
CA LYS D 391 19.96 56.34 -116.07
C LYS D 391 21.06 57.16 -115.40
N ASP D 392 21.02 58.47 -115.61
CA ASP D 392 22.04 59.36 -115.06
C ASP D 392 22.10 59.31 -113.54
N MET D 393 20.96 59.54 -112.91
CA MET D 393 20.87 59.57 -111.45
C MET D 393 21.21 58.20 -110.83
N ALA D 394 20.74 57.14 -111.48
CA ALA D 394 20.94 55.78 -110.96
C ALA D 394 22.41 55.36 -111.04
N LEU D 395 22.96 55.36 -112.24
CA LEU D 395 24.33 54.91 -112.46
C LEU D 395 25.33 55.74 -111.65
N THR D 396 25.14 57.05 -111.63
CA THR D 396 26.03 57.94 -110.90
C THR D 396 26.00 57.63 -109.40
N ALA D 397 24.84 57.23 -108.91
CA ALA D 397 24.67 56.89 -107.51
C ALA D 397 25.30 55.53 -107.20
N PHE D 398 25.16 54.59 -108.12
CA PHE D 398 25.70 53.25 -107.95
C PHE D 398 27.23 53.28 -107.87
N VAL D 399 27.86 53.91 -108.85
CA VAL D 399 29.30 54.03 -108.88
C VAL D 399 29.81 54.82 -107.68
N LEU D 400 29.06 55.85 -107.31
CA LEU D 400 29.44 56.70 -106.18
C LEU D 400 29.53 55.92 -104.88
N ILE D 401 28.52 55.09 -104.61
CA ILE D 401 28.49 54.28 -103.40
C ILE D 401 29.69 53.35 -103.33
N SER D 402 30.06 52.78 -104.48
CA SER D 402 31.19 51.87 -104.55
C SER D 402 32.49 52.58 -104.17
N LEU D 403 32.61 53.84 -104.56
CA LEU D 403 33.81 54.63 -104.27
C LEU D 403 33.91 54.93 -102.78
N GLN D 404 32.78 55.22 -102.16
CA GLN D 404 32.76 55.59 -100.75
C GLN D 404 33.00 54.38 -99.84
N GLU D 405 32.81 53.19 -100.39
CA GLU D 405 33.05 51.96 -99.64
C GLU D 405 34.52 51.56 -99.72
N ALA D 406 35.25 52.20 -100.63
CA ALA D 406 36.68 51.94 -100.79
C ALA D 406 37.49 53.20 -100.50
N LYS D 407 36.81 54.21 -99.96
CA LYS D 407 37.47 55.48 -99.64
C LYS D 407 38.50 55.30 -98.54
N ASP D 408 38.17 54.52 -97.52
CA ASP D 408 39.07 54.30 -96.40
C ASP D 408 40.32 53.53 -96.81
N ILE D 409 40.24 52.84 -97.94
CA ILE D 409 41.35 52.04 -98.42
C ILE D 409 42.21 52.79 -99.44
N CYS D 410 41.54 53.35 -100.46
CA CYS D 410 42.25 54.05 -101.53
C CYS D 410 42.44 55.53 -101.20
N GLU D 411 42.49 55.85 -99.92
CA GLU D 411 42.70 57.23 -99.48
C GLU D 411 44.18 57.58 -99.55
N GLU D 412 45.02 56.54 -99.60
CA GLU D 412 46.46 56.72 -99.65
C GLU D 412 46.95 56.87 -101.08
N GLN D 413 46.47 56.00 -101.96
CA GLN D 413 46.88 56.01 -103.36
C GLN D 413 46.12 57.08 -104.16
N VAL D 414 44.84 56.85 -104.36
CA VAL D 414 44.01 57.78 -105.11
C VAL D 414 43.86 59.11 -104.37
N ASN D 415 44.42 60.17 -104.94
CA ASN D 415 44.38 61.48 -104.32
C ASN D 415 43.22 62.34 -104.82
N SER D 416 42.67 61.96 -105.97
CA SER D 416 41.56 62.70 -106.57
C SER D 416 40.22 62.08 -106.20
N LEU D 417 40.24 61.19 -105.21
CA LEU D 417 39.03 60.52 -104.75
C LEU D 417 38.06 61.47 -104.04
N PRO D 418 38.56 62.20 -103.02
CA PRO D 418 37.69 63.13 -102.30
C PRO D 418 37.03 64.14 -103.23
N GLY D 419 37.77 64.62 -104.22
CA GLY D 419 37.24 65.56 -105.19
C GLY D 419 36.15 64.95 -106.03
N SER D 420 36.36 63.71 -106.47
CA SER D 420 35.38 63.00 -107.28
C SER D 420 34.10 62.74 -106.50
N ILE D 421 34.25 62.36 -105.24
CA ILE D 421 33.11 62.08 -104.37
C ILE D 421 32.22 63.31 -104.22
N THR D 422 32.84 64.48 -104.13
CA THR D 422 32.11 65.73 -104.00
C THR D 422 31.37 66.08 -105.29
N LYS D 423 32.03 65.88 -106.42
CA LYS D 423 31.45 66.17 -107.72
C LYS D 423 30.14 65.42 -107.91
N ALA D 424 30.19 64.10 -107.73
CA ALA D 424 28.99 63.27 -107.87
C ALA D 424 27.91 63.69 -106.89
N GLY D 425 28.32 64.10 -105.70
CA GLY D 425 27.40 64.52 -104.67
C GLY D 425 26.61 65.75 -105.09
N ASP D 426 27.33 66.75 -105.62
CA ASP D 426 26.70 67.98 -106.07
C ASP D 426 25.65 67.70 -107.14
N PHE D 427 25.91 66.69 -107.95
CA PHE D 427 25.00 66.31 -109.03
C PHE D 427 23.71 65.71 -108.51
N LEU D 428 23.83 64.69 -107.67
CA LEU D 428 22.66 63.98 -107.13
C LEU D 428 21.77 64.90 -106.31
N GLU D 429 22.38 65.80 -105.55
CA GLU D 429 21.64 66.70 -104.69
C GLU D 429 20.85 67.74 -105.48
N ALA D 430 21.25 67.97 -106.71
CA ALA D 430 20.62 68.99 -107.55
C ALA D 430 19.44 68.44 -108.35
N ASN D 431 19.29 67.12 -108.34
CA ASN D 431 18.24 66.47 -109.11
C ASN D 431 17.43 65.48 -108.28
N TYR D 432 17.74 65.39 -106.99
CA TYR D 432 17.08 64.45 -106.10
C TYR D 432 15.61 64.81 -105.88
N MET D 433 15.30 66.09 -106.06
CA MET D 433 13.94 66.58 -105.85
C MET D 433 13.10 66.41 -107.12
N ASN D 434 13.67 65.80 -108.13
CA ASN D 434 12.98 65.62 -109.41
C ASN D 434 12.79 64.15 -109.78
N LEU D 435 13.24 63.26 -108.91
CA LEU D 435 13.14 61.82 -109.15
C LEU D 435 11.67 61.37 -109.13
N GLN D 436 11.39 60.28 -109.83
CA GLN D 436 10.03 59.76 -109.91
C GLN D 436 9.94 58.32 -109.38
N ARG D 437 10.93 57.51 -109.73
CA ARG D 437 10.96 56.11 -109.31
C ARG D 437 11.43 55.97 -107.86
N SER D 438 10.73 55.14 -107.10
CA SER D 438 11.08 54.89 -105.71
C SER D 438 12.45 54.24 -105.61
N TYR D 439 12.83 53.49 -106.63
CA TYR D 439 14.12 52.83 -106.66
C TYR D 439 15.26 53.84 -106.70
N THR D 440 15.22 54.74 -107.69
CA THR D 440 16.26 55.76 -107.84
C THR D 440 16.37 56.61 -106.59
N VAL D 441 15.23 56.90 -105.96
CA VAL D 441 15.20 57.70 -104.75
C VAL D 441 15.96 57.02 -103.62
N ALA D 442 15.86 55.69 -103.57
CA ALA D 442 16.51 54.91 -102.52
C ALA D 442 18.02 54.80 -102.74
N ILE D 443 18.42 54.46 -103.97
CA ILE D 443 19.83 54.27 -104.29
C ILE D 443 20.59 55.60 -104.24
N ALA D 444 19.93 56.69 -104.60
CA ALA D 444 20.54 58.01 -104.58
C ALA D 444 20.51 58.59 -103.17
N GLY D 445 19.49 58.21 -102.41
CA GLY D 445 19.34 58.68 -101.04
C GLY D 445 20.44 58.15 -100.13
N TYR D 446 20.79 56.87 -100.33
CA TYR D 446 21.84 56.25 -99.54
C TYR D 446 23.21 56.81 -99.92
N ALA D 447 23.34 57.24 -101.17
CA ALA D 447 24.58 57.84 -101.65
C ALA D 447 24.79 59.21 -101.01
N LEU D 448 23.70 59.94 -100.81
CA LEU D 448 23.75 61.25 -100.19
C LEU D 448 23.79 61.14 -98.67
N ALA D 449 23.29 60.02 -98.15
CA ALA D 449 23.27 59.78 -96.72
C ALA D 449 24.67 59.57 -96.17
N GLN D 450 25.51 58.92 -96.96
CA GLN D 450 26.90 58.67 -96.57
C GLN D 450 27.68 59.98 -96.46
N MET D 451 27.16 61.03 -97.09
CA MET D 451 27.79 62.34 -97.07
C MET D 451 27.10 63.25 -96.06
N GLY D 452 25.98 62.78 -95.52
CA GLY D 452 25.19 63.58 -94.59
C GLY D 452 24.57 64.77 -95.30
N ARG D 453 24.48 64.68 -96.62
CA ARG D 453 23.93 65.77 -97.43
C ARG D 453 22.48 65.49 -97.79
N LEU D 454 21.83 64.63 -97.02
CA LEU D 454 20.42 64.30 -97.23
C LEU D 454 19.57 64.94 -96.14
N LYS D 455 19.34 66.25 -96.28
CA LYS D 455 18.57 66.99 -95.29
C LYS D 455 17.46 67.82 -95.95
N GLY D 456 16.63 68.45 -95.13
CA GLY D 456 15.56 69.30 -95.62
C GLY D 456 14.60 68.59 -96.55
N PRO D 457 14.26 69.25 -97.67
CA PRO D 457 13.33 68.72 -98.68
C PRO D 457 13.76 67.35 -99.21
N LEU D 458 15.05 67.17 -99.41
CA LEU D 458 15.58 65.90 -99.91
C LEU D 458 15.28 64.77 -98.94
N LEU D 459 15.55 64.99 -97.66
CA LEU D 459 15.30 64.00 -96.63
C LEU D 459 13.80 63.73 -96.51
N ASN D 460 13.00 64.77 -96.70
CA ASN D 460 11.54 64.64 -96.61
C ASN D 460 10.99 63.79 -97.74
N LYS D 461 11.52 63.97 -98.94
CA LYS D 461 11.08 63.21 -100.10
C LYS D 461 11.44 61.73 -99.96
N PHE D 462 12.65 61.47 -99.46
CA PHE D 462 13.13 60.10 -99.30
C PHE D 462 12.22 59.28 -98.39
N LEU D 463 11.71 59.92 -97.34
CA LEU D 463 10.87 59.24 -96.36
C LEU D 463 9.43 59.07 -96.86
N THR D 464 8.90 60.11 -97.50
CA THR D 464 7.53 60.09 -97.99
C THR D 464 7.34 59.13 -99.17
N THR D 465 8.42 58.93 -99.92
CA THR D 465 8.37 58.05 -101.08
C THR D 465 7.93 56.64 -100.69
N ALA D 466 8.42 56.16 -99.55
CA ALA D 466 8.08 54.83 -99.06
C ALA D 466 6.59 54.71 -98.75
N LYS D 467 5.93 53.78 -99.44
CA LYS D 467 4.50 53.55 -99.22
C LYS D 467 4.28 52.76 -97.94
N ASP D 468 3.29 53.19 -97.16
CA ASP D 468 2.98 52.56 -95.88
C ASP D 468 4.16 52.66 -94.91
N LYS D 469 5.13 53.49 -95.25
CA LYS D 469 6.29 53.72 -94.40
C LYS D 469 7.00 52.42 -94.05
N ASN D 470 7.31 51.61 -95.05
CA ASN D 470 7.99 50.33 -94.82
C ASN D 470 8.59 49.72 -96.07
N ARG D 471 8.38 50.35 -97.23
CA ARG D 471 8.89 49.82 -98.48
C ARG D 471 8.95 50.85 -99.60
N TRP D 472 10.01 50.80 -100.39
CA TRP D 472 10.15 51.65 -101.56
C TRP D 472 9.88 50.84 -102.82
N GLU D 473 8.61 50.48 -103.02
CA GLU D 473 8.24 49.59 -104.12
C GLU D 473 7.89 50.33 -105.40
N ASP D 474 8.11 49.67 -106.53
CA ASP D 474 7.74 50.19 -107.83
C ASP D 474 6.94 49.14 -108.61
N PRO D 475 5.86 49.56 -109.28
CA PRO D 475 4.97 48.66 -110.02
C PRO D 475 5.74 47.80 -111.03
N GLY D 476 5.97 46.54 -110.68
CA GLY D 476 6.64 45.62 -111.59
C GLY D 476 7.84 44.92 -110.99
N LYS D 477 7.91 43.60 -111.19
CA LYS D 477 9.03 42.79 -110.75
C LYS D 477 9.21 42.76 -109.24
N GLN D 478 10.13 41.93 -108.78
CA GLN D 478 10.43 41.80 -107.35
C GLN D 478 11.86 42.25 -107.08
N LEU D 479 12.75 41.95 -108.01
CA LEU D 479 14.15 42.32 -107.91
C LEU D 479 14.32 43.81 -107.66
N TYR D 480 13.48 44.61 -108.33
CA TYR D 480 13.57 46.06 -108.25
C TYR D 480 12.99 46.59 -106.94
N ASN D 481 12.18 45.77 -106.28
CA ASN D 481 11.55 46.17 -105.03
C ASN D 481 12.44 45.91 -103.81
N VAL D 482 12.84 44.66 -103.63
CA VAL D 482 13.68 44.27 -102.49
C VAL D 482 14.98 45.05 -102.50
N GLU D 483 15.58 45.21 -103.67
CA GLU D 483 16.85 45.92 -103.79
C GLU D 483 16.71 47.38 -103.38
N ALA D 484 15.65 48.03 -103.86
CA ALA D 484 15.39 49.43 -103.55
C ALA D 484 15.26 49.65 -102.05
N THR D 485 14.41 48.84 -101.41
CA THR D 485 14.19 48.94 -99.97
C THR D 485 15.47 48.71 -99.19
N SER D 486 16.35 47.88 -99.73
CA SER D 486 17.63 47.61 -99.09
C SER D 486 18.50 48.85 -99.03
N TYR D 487 18.62 49.55 -100.15
CA TYR D 487 19.39 50.79 -100.21
C TYR D 487 18.80 51.83 -99.24
N ALA D 488 17.49 51.84 -99.14
CA ALA D 488 16.81 52.77 -98.24
C ALA D 488 17.09 52.42 -96.78
N LEU D 489 17.13 51.14 -96.48
CA LEU D 489 17.41 50.67 -95.13
C LEU D 489 18.81 51.10 -94.70
N LEU D 490 19.78 50.90 -95.57
CA LEU D 490 21.16 51.31 -95.30
C LEU D 490 21.24 52.82 -95.12
N ALA D 491 20.33 53.53 -95.77
CA ALA D 491 20.28 54.99 -95.65
C ALA D 491 19.74 55.40 -94.30
N LEU D 492 18.70 54.71 -93.83
CA LEU D 492 18.11 54.98 -92.54
C LEU D 492 19.11 54.73 -91.43
N LEU D 493 19.84 53.62 -91.55
CA LEU D 493 20.86 53.26 -90.57
C LEU D 493 22.02 54.25 -90.61
N GLN D 494 22.25 54.83 -91.78
CA GLN D 494 23.32 55.81 -91.95
C GLN D 494 22.92 57.15 -91.35
N LEU D 495 21.62 57.43 -91.35
CA LEU D 495 21.10 58.66 -90.78
C LEU D 495 20.76 58.49 -89.31
N LYS D 496 20.98 57.27 -88.80
CA LYS D 496 20.73 56.96 -87.40
C LYS D 496 19.28 57.21 -87.01
N ASP D 497 18.38 57.12 -87.98
CA ASP D 497 16.96 57.29 -87.73
C ASP D 497 16.31 55.93 -87.44
N PHE D 498 16.61 55.38 -86.27
CA PHE D 498 16.13 54.06 -85.90
C PHE D 498 14.66 54.06 -85.48
N ASP D 499 13.99 55.18 -85.74
CA ASP D 499 12.57 55.29 -85.43
C ASP D 499 11.72 54.93 -86.65
N PHE D 500 12.36 54.90 -87.81
CA PHE D 500 11.69 54.57 -89.06
C PHE D 500 12.24 53.27 -89.62
N VAL D 501 13.27 52.75 -88.98
CA VAL D 501 13.94 51.52 -89.42
C VAL D 501 13.12 50.25 -89.17
N PRO D 502 12.58 50.09 -87.95
CA PRO D 502 11.84 48.87 -87.61
C PRO D 502 10.77 48.48 -88.64
N PRO D 503 9.94 49.43 -89.10
CA PRO D 503 8.92 49.08 -90.08
C PRO D 503 9.53 48.52 -91.37
N VAL D 504 10.67 49.06 -91.77
CA VAL D 504 11.34 48.64 -93.00
C VAL D 504 11.94 47.25 -92.85
N VAL D 505 12.80 47.08 -91.86
CA VAL D 505 13.44 45.79 -91.61
C VAL D 505 12.40 44.68 -91.46
N ARG D 506 11.29 45.01 -90.81
CA ARG D 506 10.21 44.06 -90.59
C ARG D 506 9.61 43.60 -91.91
N TRP D 507 9.53 44.52 -92.87
CA TRP D 507 8.96 44.21 -94.18
C TRP D 507 9.82 43.23 -94.98
N LEU D 508 11.13 43.38 -94.84
CA LEU D 508 12.07 42.52 -95.55
C LEU D 508 12.01 41.09 -95.00
N ASN D 509 12.09 40.96 -93.68
CA ASN D 509 12.05 39.65 -93.04
C ASN D 509 10.71 38.95 -93.24
N GLU D 510 9.65 39.74 -93.32
CA GLU D 510 8.30 39.19 -93.50
C GLU D 510 7.99 38.95 -94.97
N GLN D 511 9.01 39.01 -95.81
CA GLN D 511 8.85 38.73 -97.23
C GLN D 511 9.64 37.49 -97.62
N ARG D 512 10.56 37.09 -96.74
CA ARG D 512 11.33 35.87 -96.92
C ARG D 512 11.97 35.76 -98.31
N TYR D 513 13.09 36.45 -98.49
CA TYR D 513 13.85 36.38 -99.73
C TYR D 513 15.29 35.99 -99.43
N TYR D 514 15.59 34.70 -99.56
CA TYR D 514 16.92 34.19 -99.24
C TYR D 514 17.87 34.28 -100.44
N GLY D 515 17.57 35.19 -101.35
CA GLY D 515 18.41 35.40 -102.53
C GLY D 515 18.50 34.17 -103.41
N GLY D 516 19.48 34.17 -104.30
CA GLY D 516 19.68 33.05 -105.21
C GLY D 516 18.69 33.06 -106.35
N GLY D 517 19.08 32.48 -107.48
CA GLY D 517 18.21 32.42 -108.65
C GLY D 517 18.76 33.20 -109.82
N TYR D 518 17.90 33.43 -110.82
CA TYR D 518 18.30 34.16 -112.02
C TYR D 518 18.18 35.67 -111.81
N GLY D 519 19.25 36.38 -112.09
CA GLY D 519 19.26 37.84 -111.98
C GLY D 519 19.08 38.32 -110.56
N SER D 520 19.50 37.51 -109.59
CA SER D 520 19.39 37.88 -108.19
C SER D 520 20.72 38.38 -107.63
N THR D 521 21.58 38.85 -108.53
CA THR D 521 22.90 39.33 -108.14
C THR D 521 22.81 40.57 -107.24
N GLN D 522 21.99 41.53 -107.63
CA GLN D 522 21.85 42.77 -106.87
C GLN D 522 21.02 42.59 -105.61
N ALA D 523 19.86 41.96 -105.75
CA ALA D 523 18.97 41.75 -104.61
C ALA D 523 19.67 41.03 -103.46
N THR D 524 20.36 39.95 -103.79
CA THR D 524 21.04 39.15 -102.77
C THR D 524 22.12 39.94 -102.05
N PHE D 525 22.99 40.59 -102.82
CA PHE D 525 24.13 41.31 -102.23
C PHE D 525 23.69 42.50 -101.39
N MET D 526 22.49 43.01 -101.66
CA MET D 526 22.01 44.20 -100.96
C MET D 526 21.11 43.86 -99.77
N VAL D 527 20.19 42.91 -99.96
CA VAL D 527 19.26 42.55 -98.91
C VAL D 527 19.99 41.98 -97.69
N PHE D 528 21.12 41.33 -97.92
CA PHE D 528 21.90 40.77 -96.83
C PHE D 528 22.92 41.77 -96.30
N GLN D 529 23.29 42.74 -97.13
CA GLN D 529 24.20 43.80 -96.72
C GLN D 529 23.48 44.76 -95.77
N ALA D 530 22.18 44.92 -95.98
CA ALA D 530 21.37 45.83 -95.17
C ALA D 530 21.00 45.19 -93.83
N LEU D 531 20.63 43.91 -93.87
CA LEU D 531 20.25 43.18 -92.66
C LEU D 531 21.46 42.91 -91.78
N ALA D 532 22.63 42.74 -92.40
CA ALA D 532 23.86 42.53 -91.66
C ALA D 532 24.31 43.82 -90.98
N GLN D 533 24.19 44.92 -91.71
CA GLN D 533 24.54 46.24 -91.16
C GLN D 533 23.54 46.63 -90.09
N TYR D 534 22.34 46.07 -90.18
CA TYR D 534 21.28 46.35 -89.21
C TYR D 534 21.56 45.66 -87.87
N GLN D 535 22.21 44.51 -87.92
CA GLN D 535 22.50 43.73 -86.71
C GLN D 535 23.59 44.39 -85.86
N LYS D 536 24.32 45.34 -86.46
CA LYS D 536 25.37 46.05 -85.75
C LYS D 536 24.87 47.39 -85.23
N ASP D 537 24.01 48.04 -86.01
CA ASP D 537 23.52 49.37 -85.67
C ASP D 537 22.19 49.32 -84.92
N ALA D 538 21.68 48.11 -84.70
CA ALA D 538 20.41 47.92 -84.01
C ALA D 538 20.51 48.32 -82.55
N PRO D 539 19.84 49.42 -82.17
CA PRO D 539 19.82 49.90 -80.79
C PRO D 539 18.80 49.14 -79.96
N ASP D 540 19.24 48.52 -78.87
CA ASP D 540 18.34 47.81 -77.98
C ASP D 540 17.41 48.80 -77.27
N HIS D 541 17.74 50.08 -77.39
CA HIS D 541 16.97 51.14 -76.76
C HIS D 541 17.30 52.49 -77.39
N GLN D 542 17.33 53.53 -76.55
CA GLN D 542 17.68 54.87 -77.01
C GLN D 542 18.54 55.56 -75.95
N GLU D 543 19.25 56.61 -76.36
CA GLU D 543 20.13 57.34 -75.45
C GLU D 543 19.43 57.71 -74.16
N LEU D 544 19.83 57.06 -73.07
CA LEU D 544 19.26 57.33 -71.75
C LEU D 544 20.29 58.04 -70.87
N ASN D 545 20.31 59.36 -70.94
CA ASN D 545 21.23 60.16 -70.14
C ASN D 545 20.58 61.45 -69.65
N LEU D 546 19.78 61.33 -68.60
CA LEU D 546 19.08 62.47 -68.03
C LEU D 546 19.91 63.15 -66.94
N ASP D 547 20.08 64.46 -67.07
CA ASP D 547 20.81 65.24 -66.08
C ASP D 547 19.83 66.01 -65.20
N VAL D 548 19.05 65.29 -64.41
CA VAL D 548 18.03 65.89 -63.55
C VAL D 548 18.65 66.53 -62.30
N SER D 549 18.55 67.85 -62.21
CA SER D 549 19.05 68.58 -61.05
C SER D 549 17.94 69.37 -60.38
N LEU D 550 17.67 69.05 -59.12
CA LEU D 550 16.61 69.73 -58.37
C LEU D 550 17.20 70.57 -57.23
N GLN D 551 16.71 71.79 -57.10
CA GLN D 551 17.16 72.69 -56.05
C GLN D 551 16.04 73.04 -55.09
N LEU D 552 16.33 73.00 -53.80
CA LEU D 552 15.33 73.31 -52.78
C LEU D 552 15.58 74.68 -52.16
N PRO D 553 14.50 75.41 -51.85
CA PRO D 553 14.59 76.74 -51.24
C PRO D 553 15.39 76.70 -49.95
N SER D 554 15.22 75.63 -49.17
CA SER D 554 15.93 75.48 -47.90
C SER D 554 17.25 74.75 -48.10
N ARG D 555 18.00 75.13 -49.13
CA ARG D 555 19.28 74.49 -49.41
C ARG D 555 20.08 75.32 -50.42
N SER D 556 21.36 75.50 -50.13
CA SER D 556 22.24 76.30 -50.98
C SER D 556 22.50 75.62 -52.32
N SER D 557 23.38 74.63 -52.31
CA SER D 557 23.78 73.94 -53.52
C SER D 557 22.61 73.13 -54.12
N LYS D 558 22.78 72.71 -55.37
CA LYS D 558 21.76 71.93 -56.05
C LYS D 558 21.97 70.44 -55.83
N ILE D 559 20.99 69.64 -56.26
CA ILE D 559 21.11 68.19 -56.18
C ILE D 559 21.09 67.59 -57.59
N THR D 560 22.28 67.31 -58.12
CA THR D 560 22.41 66.83 -59.49
C THR D 560 22.51 65.31 -59.57
N HIS D 561 21.71 64.72 -60.45
CA HIS D 561 21.74 63.27 -60.66
C HIS D 561 21.70 62.93 -62.15
N ARG D 562 22.48 61.94 -62.54
CA ARG D 562 22.48 61.46 -63.92
C ARG D 562 22.00 60.02 -64.01
N ILE D 563 21.09 59.76 -64.94
CA ILE D 563 20.53 58.43 -65.11
C ILE D 563 20.95 57.81 -66.44
N HIS D 564 21.75 56.76 -66.36
CA HIS D 564 22.22 56.07 -67.56
C HIS D 564 21.46 54.75 -67.77
N TRP D 565 21.70 54.13 -68.91
CA TRP D 565 21.06 52.85 -69.24
C TRP D 565 21.40 51.77 -68.24
N GLU D 566 22.66 51.75 -67.79
CA GLU D 566 23.11 50.74 -66.84
C GLU D 566 22.54 50.99 -65.44
N SER D 567 22.50 52.25 -65.05
CA SER D 567 22.02 52.62 -63.72
C SER D 567 20.55 53.07 -63.75
N ALA D 568 19.78 52.51 -64.67
CA ALA D 568 18.36 52.84 -64.77
C ALA D 568 17.56 52.12 -63.69
N SER D 569 16.25 52.38 -63.66
CA SER D 569 15.36 51.77 -62.68
C SER D 569 15.94 51.82 -61.27
N LEU D 570 16.58 52.93 -60.94
CA LEU D 570 17.18 53.13 -59.62
C LEU D 570 16.43 54.17 -58.81
N LEU D 571 16.04 53.82 -57.59
CA LEU D 571 15.30 54.74 -56.73
C LEU D 571 16.23 55.70 -56.01
N ARG D 572 16.47 56.86 -56.62
CA ARG D 572 17.30 57.89 -56.01
C ARG D 572 16.43 58.87 -55.23
N SER D 573 16.36 58.70 -53.92
CA SER D 573 15.48 59.51 -53.09
C SER D 573 16.24 60.57 -52.29
N GLU D 574 15.54 61.65 -51.95
CA GLU D 574 16.11 62.73 -51.15
C GLU D 574 15.09 63.21 -50.12
N GLU D 575 15.46 63.13 -48.84
CA GLU D 575 14.57 63.50 -47.74
C GLU D 575 14.70 64.98 -47.37
N THR D 576 13.60 65.57 -46.94
CA THR D 576 13.60 66.95 -46.47
C THR D 576 12.52 67.18 -45.41
N LYS D 577 12.95 67.31 -44.16
CA LYS D 577 12.02 67.49 -43.05
C LYS D 577 11.23 68.78 -43.15
N GLU D 578 11.61 69.64 -44.09
CA GLU D 578 10.94 70.92 -44.26
C GLU D 578 10.05 70.92 -45.50
N ASN D 579 8.82 71.39 -45.33
CA ASN D 579 7.86 71.43 -46.43
C ASN D 579 7.94 72.73 -47.23
N GLU D 580 8.72 72.71 -48.30
CA GLU D 580 8.89 73.88 -49.15
C GLU D 580 8.49 73.58 -50.59
N GLY D 581 8.37 74.63 -51.40
CA GLY D 581 8.04 74.48 -52.80
C GLY D 581 9.28 74.49 -53.68
N PHE D 582 9.83 73.31 -53.92
CA PHE D 582 11.05 73.18 -54.72
C PHE D 582 10.74 73.06 -56.21
N THR D 583 11.79 73.10 -57.03
CA THR D 583 11.64 72.99 -58.47
C THR D 583 12.64 72.00 -59.06
N VAL D 584 12.15 71.12 -59.92
CA VAL D 584 13.00 70.11 -60.54
C VAL D 584 13.26 70.45 -62.01
N THR D 585 14.51 70.34 -62.43
CA THR D 585 14.89 70.66 -63.80
C THR D 585 15.63 69.50 -64.47
N ALA D 586 15.01 68.91 -65.48
CA ALA D 586 15.63 67.82 -66.23
C ALA D 586 16.29 68.35 -67.49
N GLU D 587 17.30 67.62 -67.99
CA GLU D 587 18.03 68.05 -69.17
C GLU D 587 18.79 66.88 -69.80
N GLY D 588 18.75 66.79 -71.13
CA GLY D 588 19.44 65.74 -71.84
C GLY D 588 18.50 64.84 -72.62
N LYS D 589 19.04 63.77 -73.17
CA LYS D 589 18.25 62.82 -73.95
C LYS D 589 17.85 61.62 -73.09
N GLY D 590 16.62 61.16 -73.26
CA GLY D 590 16.13 60.01 -72.51
C GLY D 590 14.74 60.20 -71.94
N GLN D 591 14.38 59.37 -70.97
CA GLN D 591 13.07 59.44 -70.35
C GLN D 591 13.08 58.80 -68.96
N GLY D 592 12.49 59.49 -67.99
CA GLY D 592 12.44 59.01 -66.63
C GLY D 592 11.09 59.24 -65.96
N THR D 593 11.09 59.26 -64.64
CA THR D 593 9.87 59.45 -63.87
C THR D 593 10.14 60.11 -62.52
N LEU D 594 9.37 61.15 -62.20
CA LEU D 594 9.51 61.85 -60.94
C LEU D 594 8.32 61.61 -60.02
N SER D 595 8.59 61.35 -58.76
CA SER D 595 7.54 61.10 -57.78
C SER D 595 7.87 61.73 -56.43
N VAL D 596 6.93 62.50 -55.90
CA VAL D 596 7.13 63.18 -54.62
C VAL D 596 6.01 62.86 -53.64
N VAL D 597 6.36 62.23 -52.52
CA VAL D 597 5.39 61.86 -51.50
C VAL D 597 5.86 62.27 -50.11
N THR D 598 4.98 62.94 -49.36
CA THR D 598 5.30 63.38 -48.01
C THR D 598 4.66 62.49 -46.96
N MET D 599 5.42 62.17 -45.92
CA MET D 599 4.91 61.33 -44.83
C MET D 599 4.81 62.13 -43.54
N TYR D 600 3.71 61.93 -42.82
CA TYR D 600 3.47 62.68 -41.60
C TYR D 600 2.42 62.01 -40.73
N HIS D 601 2.12 62.64 -39.60
CA HIS D 601 1.08 62.16 -38.70
C HIS D 601 -0.17 63.02 -38.85
N ALA D 602 -1.24 62.43 -39.34
CA ALA D 602 -2.48 63.15 -39.58
C ALA D 602 -3.41 63.11 -38.37
N LYS D 603 -4.11 64.21 -38.15
CA LYS D 603 -5.06 64.30 -37.04
C LYS D 603 -6.37 63.61 -37.42
N ALA D 604 -6.29 62.31 -37.69
CA ALA D 604 -7.47 61.54 -38.09
C ALA D 604 -8.53 61.57 -36.99
N LYS D 605 -8.21 60.99 -35.84
CA LYS D 605 -9.10 60.96 -34.69
C LYS D 605 -10.00 62.21 -34.62
N ASP D 606 -11.32 62.07 -34.72
CA ASP D 606 -12.00 60.78 -34.91
C ASP D 606 -11.72 59.79 -33.80
N GLN D 607 -11.51 58.53 -34.19
CA GLN D 607 -11.25 57.45 -33.24
C GLN D 607 -10.27 57.87 -32.14
N LEU D 608 -10.64 57.68 -30.88
CA LEU D 608 -11.88 57.01 -30.46
C LEU D 608 -11.96 55.60 -31.04
N THR D 609 -10.85 54.88 -30.95
CA THR D 609 -10.76 53.54 -31.52
C THR D 609 -11.58 52.52 -30.72
N CYS D 610 -10.88 51.67 -29.98
CA CYS D 610 -11.51 50.59 -29.23
C CYS D 610 -12.04 49.51 -30.17
N ASN D 611 -12.21 49.88 -31.44
CA ASN D 611 -12.59 48.95 -32.49
C ASN D 611 -13.89 48.18 -32.25
N LYS D 612 -13.86 46.89 -32.51
CA LYS D 612 -15.06 46.06 -32.47
C LYS D 612 -15.41 45.60 -31.05
N PHE D 613 -15.26 46.49 -30.08
CA PHE D 613 -15.58 46.17 -28.70
C PHE D 613 -16.05 47.40 -27.92
N ASP D 614 -17.04 47.21 -27.08
CA ASP D 614 -17.53 48.28 -26.21
C ASP D 614 -17.41 47.86 -24.75
N LEU D 615 -16.24 48.10 -24.15
CA LEU D 615 -15.97 47.67 -22.80
C LEU D 615 -16.30 48.74 -21.78
N LYS D 616 -17.21 48.41 -20.85
CA LYS D 616 -17.56 49.31 -19.76
C LYS D 616 -17.28 48.66 -18.42
N VAL D 617 -16.37 49.23 -17.65
CA VAL D 617 -15.99 48.69 -16.35
C VAL D 617 -16.34 49.64 -15.22
N THR D 618 -16.93 49.11 -14.15
CA THR D 618 -17.33 49.93 -13.02
C THR D 618 -17.05 49.21 -11.70
N ILE D 619 -16.58 49.97 -10.71
CA ILE D 619 -16.30 49.42 -9.38
C ILE D 619 -17.19 50.08 -8.33
N LYS D 620 -17.79 49.27 -7.46
CA LYS D 620 -18.71 49.78 -6.45
C LYS D 620 -18.55 49.04 -5.12
N PRO D 621 -18.76 49.75 -4.00
CA PRO D 621 -18.65 49.17 -2.65
C PRO D 621 -19.62 48.03 -2.42
N ALA D 622 -19.57 47.43 -1.24
CA ALA D 622 -20.45 46.32 -0.90
C ALA D 622 -21.38 46.69 0.26
N PRO D 623 -22.56 46.07 0.31
CA PRO D 623 -23.54 46.32 1.38
C PRO D 623 -22.93 46.12 2.76
N LYS D 633 -11.09 42.91 3.06
CA LYS D 633 -11.45 43.96 4.02
C LYS D 633 -12.65 44.76 3.55
N ASN D 634 -12.40 45.72 2.66
CA ASN D 634 -13.46 46.57 2.13
C ASN D 634 -14.38 45.83 1.19
N THR D 635 -13.79 45.00 0.32
CA THR D 635 -14.52 44.22 -0.68
C THR D 635 -15.46 45.05 -1.56
N MET D 636 -15.37 44.84 -2.87
CA MET D 636 -16.18 45.61 -3.82
C MET D 636 -16.70 44.72 -4.94
N ILE D 637 -17.55 45.28 -5.80
CA ILE D 637 -18.13 44.56 -6.92
C ILE D 637 -17.59 45.08 -8.25
N LEU D 638 -17.10 44.17 -9.08
CA LEU D 638 -16.54 44.54 -10.37
C LEU D 638 -17.40 44.03 -11.52
N GLU D 639 -18.24 44.91 -12.07
CA GLU D 639 -19.10 44.55 -13.19
C GLU D 639 -18.44 44.91 -14.52
N ILE D 640 -18.35 43.92 -15.41
CA ILE D 640 -17.70 44.11 -16.71
C ILE D 640 -18.64 43.79 -17.86
N CYS D 641 -19.07 44.82 -18.57
CA CYS D 641 -19.95 44.65 -19.72
C CYS D 641 -19.15 44.75 -21.02
N THR D 642 -19.56 44.01 -22.03
CA THR D 642 -18.86 44.00 -23.31
C THR D 642 -19.80 43.73 -24.49
N ARG D 643 -19.46 44.30 -25.64
CA ARG D 643 -20.24 44.08 -26.86
C ARG D 643 -19.30 44.03 -28.06
N TYR D 644 -19.79 43.48 -29.17
CA TYR D 644 -18.97 43.35 -30.37
C TYR D 644 -19.58 44.12 -31.54
N ARG D 645 -18.76 44.90 -32.22
CA ARG D 645 -19.20 45.66 -33.39
C ARG D 645 -19.07 44.84 -34.67
N GLY D 646 -20.14 44.13 -35.02
CA GLY D 646 -20.14 43.30 -36.22
C GLY D 646 -21.50 42.69 -36.49
N ASP D 647 -21.59 41.96 -37.60
CA ASP D 647 -22.85 41.31 -37.97
C ASP D 647 -22.87 39.86 -37.52
N GLN D 648 -21.79 39.43 -36.86
CA GLN D 648 -21.68 38.06 -36.40
C GLN D 648 -21.25 38.01 -34.94
N ASP D 649 -21.92 37.17 -34.14
CA ASP D 649 -21.54 36.97 -32.75
C ASP D 649 -20.08 36.56 -32.66
N ALA D 650 -19.25 37.47 -32.18
CA ALA D 650 -17.81 37.23 -32.08
C ALA D 650 -17.51 35.86 -31.49
N THR D 651 -16.49 35.19 -32.04
CA THR D 651 -16.12 33.86 -31.59
C THR D 651 -15.50 33.88 -30.20
N MET D 652 -14.44 33.10 -30.02
CA MET D 652 -13.78 32.99 -28.72
C MET D 652 -12.96 34.25 -28.40
N SER D 653 -13.24 34.84 -27.26
CA SER D 653 -12.55 36.06 -26.83
C SER D 653 -11.79 35.84 -25.52
N ILE D 654 -10.98 36.82 -25.15
CA ILE D 654 -10.16 36.72 -23.94
C ILE D 654 -10.42 37.89 -22.99
N LEU D 655 -10.46 37.61 -21.70
CA LEU D 655 -10.63 38.64 -20.68
C LEU D 655 -9.40 38.75 -19.80
N ASP D 656 -8.48 39.64 -20.18
CA ASP D 656 -7.26 39.87 -19.41
C ASP D 656 -7.50 40.95 -18.36
N ILE D 657 -7.78 40.53 -17.13
CA ILE D 657 -8.06 41.45 -16.03
C ILE D 657 -6.88 41.60 -15.09
N SER D 658 -6.64 42.82 -14.63
CA SER D 658 -5.56 43.09 -13.69
C SER D 658 -6.11 43.76 -12.43
N MET D 659 -6.03 43.05 -11.31
CA MET D 659 -6.54 43.54 -10.04
C MET D 659 -5.77 44.77 -9.55
N MET D 660 -6.41 45.55 -8.70
CA MET D 660 -5.76 46.70 -8.07
C MET D 660 -4.85 46.22 -6.95
N THR D 661 -3.72 46.89 -6.77
CA THR D 661 -2.76 46.49 -5.75
C THR D 661 -3.40 46.39 -4.37
N GLY D 662 -3.46 45.17 -3.84
CA GLY D 662 -4.06 44.93 -2.55
C GLY D 662 -5.45 44.32 -2.65
N PHE D 663 -5.83 43.93 -3.86
CA PHE D 663 -7.14 43.34 -4.09
C PHE D 663 -7.03 42.00 -4.81
N ALA D 664 -7.96 41.10 -4.49
CA ALA D 664 -7.99 39.77 -5.10
C ALA D 664 -9.42 39.30 -5.30
N PRO D 665 -9.70 38.68 -6.46
CA PRO D 665 -11.04 38.20 -6.80
C PRO D 665 -11.56 37.19 -5.77
N ASP D 666 -12.87 37.18 -5.56
CA ASP D 666 -13.49 36.24 -4.64
C ASP D 666 -13.55 34.85 -5.26
N THR D 667 -12.86 33.90 -4.63
CA THR D 667 -12.78 32.54 -5.14
C THR D 667 -14.16 31.94 -5.41
N ASP D 668 -15.08 32.12 -4.45
CA ASP D 668 -16.42 31.56 -4.58
C ASP D 668 -17.12 32.02 -5.86
N ASP D 669 -16.99 33.30 -6.17
CA ASP D 669 -17.63 33.85 -7.36
C ASP D 669 -16.97 33.34 -8.64
N LEU D 670 -15.69 33.04 -8.57
CA LEU D 670 -14.96 32.53 -9.73
C LEU D 670 -15.45 31.14 -10.12
N LYS D 671 -15.77 30.33 -9.12
CA LYS D 671 -16.29 28.99 -9.36
C LYS D 671 -17.65 29.05 -10.07
N GLN D 672 -18.44 30.06 -9.72
CA GLN D 672 -19.76 30.24 -10.32
C GLN D 672 -19.65 30.58 -11.80
N LEU D 673 -18.69 31.43 -12.14
CA LEU D 673 -18.50 31.87 -13.52
C LEU D 673 -17.79 30.78 -14.34
N ALA D 674 -17.01 29.96 -13.67
CA ALA D 674 -16.26 28.89 -14.34
C ALA D 674 -17.20 27.79 -14.84
N ASN D 675 -18.14 27.38 -13.98
CA ASN D 675 -19.09 26.34 -14.34
C ASN D 675 -20.17 26.84 -15.29
N GLY D 676 -20.26 28.15 -15.45
CA GLY D 676 -21.25 28.75 -16.33
C GLY D 676 -21.03 28.38 -17.78
N VAL D 677 -22.07 28.56 -18.59
CA VAL D 677 -22.01 28.25 -20.01
C VAL D 677 -21.27 29.36 -20.78
N ASP D 678 -20.52 28.96 -21.79
CA ASP D 678 -19.77 29.89 -22.62
C ASP D 678 -18.69 30.63 -21.83
N ARG D 679 -18.31 30.06 -20.68
CA ARG D 679 -17.27 30.64 -19.85
C ARG D 679 -16.35 29.55 -19.31
N TYR D 680 -15.05 29.85 -19.25
CA TYR D 680 -14.05 28.89 -18.79
C TYR D 680 -12.84 29.58 -18.18
N ILE D 681 -12.38 29.06 -17.05
CA ILE D 681 -11.20 29.58 -16.39
C ILE D 681 -10.20 28.46 -16.10
N SER D 682 -8.97 28.64 -16.55
CA SER D 682 -7.94 27.62 -16.39
C SER D 682 -7.81 27.13 -14.96
N LYS D 683 -7.76 25.81 -14.80
CA LYS D 683 -7.62 25.18 -13.49
C LYS D 683 -6.40 25.73 -12.75
N TYR D 684 -5.35 26.03 -13.50
CA TYR D 684 -4.11 26.54 -12.94
C TYR D 684 -4.33 27.91 -12.28
N GLU D 685 -5.43 28.56 -12.64
CA GLU D 685 -5.72 29.89 -12.12
C GLU D 685 -6.61 29.84 -10.88
N LEU D 686 -7.47 28.83 -10.82
CA LEU D 686 -8.38 28.69 -9.68
C LEU D 686 -7.63 28.47 -8.38
N ASP D 687 -6.67 27.55 -8.40
CA ASP D 687 -5.92 27.21 -7.20
C ASP D 687 -4.70 28.11 -6.99
N LYS D 688 -4.96 29.32 -6.52
CA LYS D 688 -3.88 30.27 -6.23
C LYS D 688 -4.13 30.98 -4.91
N ALA D 689 -5.35 30.85 -4.39
CA ALA D 689 -5.73 31.51 -3.14
C ALA D 689 -5.47 33.01 -3.20
N PHE D 690 -5.48 33.66 -2.05
CA PHE D 690 -5.21 35.10 -1.98
C PHE D 690 -3.71 35.37 -1.98
N SER D 691 -2.93 34.37 -2.38
CA SER D 691 -1.48 34.51 -2.46
C SER D 691 -1.10 35.56 -3.51
N ASP D 692 -1.21 35.18 -4.78
CA ASP D 692 -0.88 36.08 -5.86
C ASP D 692 -1.80 35.90 -7.06
N ARG D 693 -3.04 36.35 -6.94
CA ARG D 693 -3.99 36.30 -8.04
C ARG D 693 -4.34 37.71 -8.50
N ASN D 694 -3.31 38.53 -8.71
CA ASN D 694 -3.51 39.90 -9.17
C ASN D 694 -3.75 39.97 -10.67
N THR D 695 -3.71 38.82 -11.32
CA THR D 695 -3.95 38.73 -12.76
C THR D 695 -4.89 37.58 -13.08
N LEU D 696 -6.03 37.90 -13.68
CA LEU D 696 -7.03 36.88 -14.01
C LEU D 696 -7.35 36.87 -15.49
N ILE D 697 -7.53 35.67 -16.05
CA ILE D 697 -7.89 35.52 -17.45
C ILE D 697 -9.12 34.63 -17.61
N ILE D 698 -10.22 35.24 -18.06
CA ILE D 698 -11.47 34.51 -18.25
C ILE D 698 -11.77 34.31 -19.73
N TYR D 699 -11.58 33.08 -20.20
CA TYR D 699 -11.82 32.75 -21.60
C TYR D 699 -13.31 32.72 -21.92
N LEU D 700 -13.70 33.42 -22.97
CA LEU D 700 -15.09 33.46 -23.40
C LEU D 700 -15.27 32.70 -24.70
N ASP D 701 -16.43 32.05 -24.84
CA ASP D 701 -16.72 31.28 -26.05
C ASP D 701 -17.33 32.15 -27.14
N LYS D 702 -18.13 33.14 -26.73
CA LYS D 702 -18.77 34.03 -27.69
C LYS D 702 -19.33 35.27 -26.99
N VAL D 703 -19.43 36.37 -27.75
CA VAL D 703 -20.02 37.60 -27.25
C VAL D 703 -20.94 38.22 -28.29
N SER D 704 -22.24 38.26 -27.98
CA SER D 704 -23.24 38.77 -28.90
C SER D 704 -22.91 40.19 -29.37
N HIS D 705 -23.33 40.49 -30.60
CA HIS D 705 -23.11 41.82 -31.18
C HIS D 705 -24.33 42.70 -31.00
N SER D 706 -25.38 42.13 -30.40
CA SER D 706 -26.61 42.87 -30.15
C SER D 706 -26.55 43.62 -28.83
N GLU D 707 -26.78 42.90 -27.74
CA GLU D 707 -26.73 43.49 -26.41
C GLU D 707 -25.35 43.33 -25.79
N ASP D 708 -25.25 43.58 -24.49
CA ASP D 708 -23.98 43.49 -23.79
C ASP D 708 -23.92 42.30 -22.84
N ASP D 709 -22.94 41.43 -23.05
CA ASP D 709 -22.74 40.28 -22.18
C ASP D 709 -21.98 40.70 -20.93
N CYS D 710 -22.71 41.12 -19.91
CA CYS D 710 -22.11 41.64 -18.69
C CYS D 710 -21.98 40.59 -17.60
N LEU D 711 -20.83 40.55 -16.95
CA LEU D 711 -20.59 39.66 -15.82
C LEU D 711 -20.00 40.43 -14.65
N ALA D 712 -19.89 39.79 -13.50
CA ALA D 712 -19.36 40.46 -12.31
C ALA D 712 -18.89 39.47 -11.25
N PHE D 713 -17.99 39.94 -10.39
CA PHE D 713 -17.48 39.13 -9.29
C PHE D 713 -16.88 40.01 -8.19
N LYS D 714 -17.01 39.57 -6.95
CA LYS D 714 -16.52 40.32 -5.80
C LYS D 714 -14.99 40.38 -5.79
N VAL D 715 -14.45 41.43 -5.17
CA VAL D 715 -13.01 41.60 -5.05
C VAL D 715 -12.63 42.11 -3.66
N HIS D 716 -12.11 41.22 -2.82
CA HIS D 716 -11.73 41.57 -1.46
C HIS D 716 -10.37 42.24 -1.39
N GLN D 717 -10.13 42.96 -0.29
CA GLN D 717 -8.84 43.63 -0.08
C GLN D 717 -8.02 42.91 0.97
N TYR D 718 -7.08 42.07 0.52
CA TYR D 718 -6.25 41.30 1.43
C TYR D 718 -5.11 42.12 2.01
N PHE D 719 -4.66 43.12 1.26
CA PHE D 719 -3.57 43.98 1.69
C PHE D 719 -3.93 45.45 1.56
N ASN D 720 -3.71 46.20 2.63
CA ASN D 720 -4.04 47.62 2.66
C ASN D 720 -2.81 48.51 2.48
N VAL D 721 -2.90 49.46 1.55
CA VAL D 721 -1.80 50.38 1.30
C VAL D 721 -2.31 51.66 0.61
N GLU D 722 -1.79 52.80 1.04
CA GLU D 722 -2.20 54.08 0.46
C GLU D 722 -1.77 54.20 -1.00
N LEU D 723 -2.50 55.00 -1.75
CA LEU D 723 -2.21 55.21 -3.17
C LEU D 723 -2.17 53.88 -3.93
N ILE D 724 -3.35 53.33 -4.20
CA ILE D 724 -3.44 52.06 -4.93
C ILE D 724 -3.38 52.27 -6.44
N GLN D 725 -2.97 51.24 -7.16
CA GLN D 725 -2.82 51.31 -8.61
C GLN D 725 -4.09 50.84 -9.32
N PRO D 726 -4.55 51.65 -10.28
CA PRO D 726 -5.76 51.35 -11.05
C PRO D 726 -5.67 50.00 -11.78
N GLY D 727 -6.80 49.32 -11.91
CA GLY D 727 -6.84 48.05 -12.62
C GLY D 727 -7.14 48.27 -14.09
N ALA D 728 -7.17 47.17 -14.85
CA ALA D 728 -7.43 47.25 -16.28
C ALA D 728 -8.02 45.95 -16.85
N VAL D 729 -8.92 46.10 -17.81
CA VAL D 729 -9.54 44.95 -18.47
C VAL D 729 -9.35 45.06 -19.98
N LYS D 730 -8.96 43.95 -20.60
CA LYS D 730 -8.71 43.93 -22.04
C LYS D 730 -9.49 42.80 -22.73
N VAL D 731 -10.08 43.12 -23.87
CA VAL D 731 -10.84 42.13 -24.64
C VAL D 731 -10.37 42.05 -26.07
N TYR D 732 -10.31 40.83 -26.60
CA TYR D 732 -9.86 40.62 -27.98
C TYR D 732 -10.12 39.18 -28.43
N ALA D 733 -10.03 38.95 -29.73
CA ALA D 733 -10.24 37.62 -30.30
C ALA D 733 -8.96 36.79 -30.23
N TYR D 734 -9.09 35.49 -30.44
CA TYR D 734 -7.95 34.59 -30.37
C TYR D 734 -7.09 34.67 -31.62
N TYR D 735 -7.64 35.26 -32.68
CA TYR D 735 -6.92 35.36 -33.94
C TYR D 735 -6.34 36.76 -34.16
N ASN D 736 -7.04 37.77 -33.67
CA ASN D 736 -6.59 39.15 -33.82
C ASN D 736 -6.33 39.82 -32.48
N LEU D 737 -5.06 40.14 -32.23
CA LEU D 737 -4.66 40.76 -30.97
C LEU D 737 -4.67 42.28 -31.10
N GLU D 738 -4.16 42.78 -32.23
CA GLU D 738 -4.07 44.22 -32.46
C GLU D 738 -5.39 44.93 -32.20
N GLU D 739 -6.46 44.43 -32.82
CA GLU D 739 -7.79 45.02 -32.64
C GLU D 739 -8.38 44.63 -31.28
N SER D 740 -8.23 45.51 -30.30
CA SER D 740 -8.74 45.25 -28.96
C SER D 740 -9.11 46.55 -28.25
N CYS D 741 -9.62 46.42 -27.02
CA CYS D 741 -10.00 47.58 -26.24
C CYS D 741 -9.65 47.37 -24.76
N THR D 742 -9.00 48.36 -24.16
CA THR D 742 -8.59 48.26 -22.76
C THR D 742 -9.13 49.43 -21.94
N ARG D 743 -9.82 49.11 -20.86
CA ARG D 743 -10.37 50.12 -19.97
C ARG D 743 -9.78 49.99 -18.56
N PHE D 744 -9.74 51.11 -17.84
CA PHE D 744 -9.21 51.12 -16.49
C PHE D 744 -10.30 51.45 -15.47
N TYR D 745 -10.16 50.88 -14.28
CA TYR D 745 -11.13 51.12 -13.21
C TYR D 745 -10.44 51.52 -11.91
N HIS D 746 -11.02 52.49 -11.21
CA HIS D 746 -10.45 52.98 -9.96
C HIS D 746 -11.57 53.44 -9.02
N PRO D 747 -11.43 53.14 -7.72
CA PRO D 747 -12.42 53.51 -6.71
C PRO D 747 -12.75 55.00 -6.72
N GLU D 748 -11.72 55.83 -6.83
CA GLU D 748 -11.90 57.28 -6.82
C GLU D 748 -11.76 57.87 -8.22
N LYS D 749 -10.54 57.81 -8.75
CA LYS D 749 -10.24 58.35 -10.06
C LYS D 749 -11.21 57.85 -11.13
N GLU D 750 -11.80 58.78 -11.86
CA GLU D 750 -12.78 58.45 -12.90
C GLU D 750 -12.15 57.60 -14.00
N ASP D 751 -12.91 56.64 -14.51
CA ASP D 751 -12.48 55.75 -15.58
C ASP D 751 -11.03 55.28 -15.45
N GLY D 752 -10.58 55.11 -14.20
CA GLY D 752 -9.26 54.57 -13.92
C GLY D 752 -8.09 55.32 -14.52
N LYS D 753 -8.31 56.60 -14.84
CA LYS D 753 -7.24 57.43 -15.39
C LYS D 753 -6.41 58.08 -14.29
N LEU D 754 -5.16 58.39 -14.60
CA LEU D 754 -4.26 59.01 -13.64
C LEU D 754 -4.33 60.54 -13.73
N ASN D 755 -4.34 61.20 -12.57
CA ASN D 755 -4.45 62.65 -12.52
C ASN D 755 -3.29 63.34 -13.25
N LYS D 756 -3.62 64.03 -14.33
CA LYS D 756 -2.62 64.71 -15.14
C LYS D 756 -3.16 66.00 -15.74
N LEU D 757 -2.42 67.10 -15.55
CA LEU D 757 -2.78 68.39 -16.11
C LEU D 757 -2.55 68.39 -17.61
N CYS D 758 -3.64 68.32 -18.38
CA CYS D 758 -3.55 68.24 -19.83
C CYS D 758 -3.95 69.55 -20.51
N ARG D 759 -3.16 69.96 -21.49
CA ARG D 759 -3.43 71.16 -22.26
C ARG D 759 -3.01 70.96 -23.71
N ASP D 760 -3.97 70.97 -24.62
CA ASP D 760 -3.72 70.69 -26.02
C ASP D 760 -3.23 69.25 -26.19
N GLU D 761 -1.90 69.08 -26.24
CA GLU D 761 -1.31 67.75 -26.31
C GLU D 761 -0.04 67.66 -25.46
N LEU D 762 -0.07 68.29 -24.29
CA LEU D 762 1.04 68.26 -23.36
C LEU D 762 0.54 68.02 -21.94
N CYS D 763 0.82 66.83 -21.41
CA CYS D 763 0.37 66.48 -20.07
C CYS D 763 1.54 66.17 -19.15
N ARG D 764 1.47 66.68 -17.92
CA ARG D 764 2.48 66.39 -16.90
C ARG D 764 1.83 65.64 -15.73
N CYS D 765 2.49 64.57 -15.29
CA CYS D 765 1.94 63.73 -14.23
C CYS D 765 1.70 64.52 -12.95
N ALA D 766 0.47 64.45 -12.45
CA ALA D 766 0.10 65.17 -11.23
C ALA D 766 -0.20 64.20 -10.09
N GLU D 767 0.34 63.00 -10.18
CA GLU D 767 0.15 62.00 -9.13
C GLU D 767 1.17 62.19 -8.01
N GLU D 768 1.11 63.35 -7.36
CA GLU D 768 2.04 63.67 -6.28
C GLU D 768 1.34 64.46 -5.19
N ASN D 769 2.12 64.95 -4.23
CA ASN D 769 1.58 65.72 -3.11
C ASN D 769 1.04 67.08 -3.56
N CYS D 770 0.22 67.70 -2.72
CA CYS D 770 -0.36 68.99 -3.03
C CYS D 770 0.71 70.08 -3.06
N PHE D 771 1.41 70.26 -1.95
CA PHE D 771 2.49 71.23 -1.86
C PHE D 771 3.66 70.70 -1.02
N ILE D 772 4.50 71.60 -0.55
CA ILE D 772 5.70 71.22 0.19
C ILE D 772 5.37 70.43 1.46
N GLN D 773 5.10 71.14 2.55
CA GLN D 773 4.82 70.50 3.83
C GLN D 773 3.87 71.33 4.67
N LYS D 774 4.05 71.28 5.98
CA LYS D 774 3.20 72.01 6.91
C LYS D 774 3.98 73.08 7.66
N ASP D 777 8.55 71.84 12.64
CA ASP D 777 7.16 72.02 13.01
C ASP D 777 6.88 73.44 13.49
N LYS D 778 7.90 74.30 13.39
CA LYS D 778 7.77 75.68 13.81
C LYS D 778 8.19 76.65 12.71
N VAL D 779 8.88 76.12 11.70
CA VAL D 779 9.40 76.92 10.59
C VAL D 779 9.79 78.33 11.00
N THR D 780 10.95 78.45 11.66
CA THR D 780 11.44 79.74 12.12
C THR D 780 11.84 80.64 10.96
N LEU D 781 12.38 81.80 11.28
CA LEU D 781 12.79 82.77 10.27
C LEU D 781 13.88 82.18 9.37
N GLU D 782 14.92 81.62 9.98
CA GLU D 782 16.02 81.02 9.25
C GLU D 782 15.55 79.89 8.34
N GLU D 783 14.50 79.21 8.77
CA GLU D 783 13.92 78.11 8.00
C GLU D 783 13.47 78.58 6.62
N ARG D 784 12.78 79.72 6.59
CA ARG D 784 12.27 80.27 5.34
C ARG D 784 13.38 80.84 4.47
N LEU D 785 14.39 81.40 5.10
CA LEU D 785 15.52 81.99 4.38
C LEU D 785 16.21 80.96 3.49
N ASP D 786 16.58 79.83 4.07
CA ASP D 786 17.28 78.77 3.34
C ASP D 786 16.38 78.10 2.31
N LYS D 787 15.13 77.86 2.69
CA LYS D 787 14.17 77.20 1.81
C LYS D 787 13.73 78.11 0.65
N ALA D 788 14.01 79.41 0.77
CA ALA D 788 13.63 80.36 -0.26
C ALA D 788 14.82 80.69 -1.17
N CYS D 789 16.02 80.37 -0.69
CA CYS D 789 17.23 80.65 -1.46
C CYS D 789 17.81 79.38 -2.07
N GLU D 790 17.01 78.33 -2.13
CA GLU D 790 17.43 77.07 -2.75
C GLU D 790 17.60 77.27 -4.26
N PRO D 791 18.54 76.54 -4.86
CA PRO D 791 18.80 76.63 -6.31
C PRO D 791 17.53 76.43 -7.13
N GLY D 792 16.60 75.64 -6.61
CA GLY D 792 15.36 75.36 -7.31
C GLY D 792 14.39 76.53 -7.28
N VAL D 793 14.26 77.15 -6.10
CA VAL D 793 13.35 78.28 -5.93
C VAL D 793 13.66 79.41 -6.91
N ASP D 794 12.68 79.74 -7.74
CA ASP D 794 12.85 80.78 -8.76
C ASP D 794 12.10 82.05 -8.40
N TYR D 795 10.81 81.91 -8.08
CA TYR D 795 9.97 83.06 -7.79
C TYR D 795 9.49 83.07 -6.34
N VAL D 796 9.49 84.25 -5.73
CA VAL D 796 8.99 84.41 -4.37
C VAL D 796 8.10 85.64 -4.28
N TYR D 797 6.78 85.42 -4.30
CA TYR D 797 5.83 86.52 -4.29
C TYR D 797 4.93 86.51 -3.05
N LYS D 798 4.40 87.69 -2.73
CA LYS D 798 3.35 87.81 -1.71
C LYS D 798 2.07 88.22 -2.42
N THR D 799 1.25 87.24 -2.77
CA THR D 799 0.06 87.49 -3.59
C THR D 799 -1.22 87.56 -2.79
N ARG D 800 -2.28 88.01 -3.46
CA ARG D 800 -3.61 88.12 -2.83
C ARG D 800 -4.64 87.42 -3.72
N LEU D 801 -5.28 86.39 -3.16
CA LEU D 801 -6.27 85.63 -3.91
C LEU D 801 -7.45 86.50 -4.32
N VAL D 802 -7.49 86.85 -5.60
CA VAL D 802 -8.56 87.70 -6.13
C VAL D 802 -9.80 86.89 -6.48
N LYS D 803 -9.66 85.99 -7.44
CA LYS D 803 -10.79 85.17 -7.90
C LYS D 803 -10.42 83.69 -7.97
N VAL D 804 -11.39 82.84 -7.70
CA VAL D 804 -11.18 81.39 -7.73
C VAL D 804 -12.06 80.74 -8.79
N GLN D 805 -11.45 80.34 -9.91
CA GLN D 805 -12.19 79.75 -11.02
C GLN D 805 -11.97 78.25 -11.16
N LEU D 806 -13.06 77.51 -11.22
CA LEU D 806 -13.02 76.06 -11.42
C LEU D 806 -13.57 75.72 -12.80
N SER D 807 -12.70 75.71 -13.80
CA SER D 807 -13.13 75.50 -15.18
C SER D 807 -12.69 74.14 -15.74
N ASN D 808 -13.60 73.17 -15.70
CA ASN D 808 -13.35 71.86 -16.28
C ASN D 808 -12.02 71.22 -15.89
N ASP D 809 -11.11 71.13 -16.85
CA ASP D 809 -9.83 70.47 -16.63
C ASP D 809 -8.97 71.11 -15.53
N PHE D 810 -8.35 72.24 -15.85
CA PHE D 810 -7.42 72.89 -14.91
C PHE D 810 -8.14 73.86 -13.97
N ASP D 811 -7.80 73.78 -12.69
CA ASP D 811 -8.33 74.69 -11.68
C ASP D 811 -7.54 75.98 -11.67
N GLU D 812 -8.22 77.10 -11.45
CA GLU D 812 -7.58 78.41 -11.53
C GLU D 812 -7.59 79.18 -10.21
N TYR D 813 -6.45 79.77 -9.88
CA TYR D 813 -6.33 80.61 -8.70
C TYR D 813 -5.72 81.95 -9.08
N ILE D 814 -6.57 82.95 -9.31
CA ILE D 814 -6.11 84.27 -9.70
C ILE D 814 -5.52 85.03 -8.52
N MET D 815 -4.20 85.16 -8.51
CA MET D 815 -3.50 85.84 -7.43
C MET D 815 -2.96 87.19 -7.89
N ALA D 816 -2.86 88.14 -6.96
CA ALA D 816 -2.34 89.46 -7.27
C ALA D 816 -1.05 89.73 -6.49
N ILE D 817 0.05 89.88 -7.21
CA ILE D 817 1.35 90.08 -6.58
C ILE D 817 1.44 91.43 -5.86
N GLU D 818 1.34 91.38 -4.53
CA GLU D 818 1.45 92.59 -3.70
C GLU D 818 2.87 93.15 -3.78
N GLN D 819 3.84 92.26 -3.87
CA GLN D 819 5.24 92.66 -3.98
C GLN D 819 6.11 91.48 -4.43
N THR D 820 7.14 91.78 -5.21
CA THR D 820 8.06 90.76 -5.70
C THR D 820 9.30 90.65 -4.82
N ILE D 821 9.24 89.75 -3.84
CA ILE D 821 10.36 89.53 -2.94
C ILE D 821 11.60 89.07 -3.73
N LYS D 822 11.40 88.09 -4.60
CA LYS D 822 12.47 87.63 -5.48
C LYS D 822 11.99 87.62 -6.94
N SER D 823 12.56 88.51 -7.75
CA SER D 823 12.20 88.57 -9.17
C SER D 823 12.66 87.32 -9.90
N GLY D 824 11.71 86.44 -10.21
CA GLY D 824 12.01 85.20 -10.90
C GLY D 824 12.27 85.40 -12.37
N SER D 825 12.09 84.34 -13.15
CA SER D 825 12.30 84.41 -14.59
C SER D 825 11.11 85.05 -15.29
N ASP D 826 10.06 85.30 -14.53
CA ASP D 826 8.86 85.92 -15.07
C ASP D 826 8.86 87.43 -14.80
N GLU D 827 9.05 88.21 -15.86
CA GLU D 827 9.07 89.66 -15.74
C GLU D 827 7.67 90.19 -15.41
N VAL D 828 7.35 90.24 -14.13
CA VAL D 828 6.05 90.71 -13.68
C VAL D 828 6.16 91.83 -12.66
N GLN D 829 5.51 92.96 -12.96
CA GLN D 829 5.52 94.10 -12.05
C GLN D 829 4.36 94.01 -11.06
N VAL D 830 4.56 94.57 -9.87
CA VAL D 830 3.54 94.56 -8.83
C VAL D 830 2.23 95.15 -9.35
N GLY D 831 1.14 94.45 -9.10
CA GLY D 831 -0.17 94.91 -9.55
C GLY D 831 -0.77 93.98 -10.59
N GLN D 832 0.10 93.28 -11.30
CA GLN D 832 -0.33 92.34 -12.32
C GLN D 832 -0.86 91.06 -11.69
N GLN D 833 -1.66 90.32 -12.43
CA GLN D 833 -2.28 89.09 -11.92
C GLN D 833 -1.74 87.84 -12.63
N ARG D 834 -1.38 86.84 -11.84
CA ARG D 834 -0.93 85.57 -12.39
C ARG D 834 -1.94 84.46 -12.04
N THR D 835 -2.11 83.52 -12.97
CA THR D 835 -3.07 82.43 -12.77
C THR D 835 -2.38 81.15 -12.30
N PHE D 836 -2.72 80.71 -11.10
CA PHE D 836 -2.15 79.48 -10.54
C PHE D 836 -3.08 78.29 -10.80
N ILE D 837 -2.49 77.10 -10.83
CA ILE D 837 -3.26 75.88 -11.08
C ILE D 837 -2.90 74.78 -10.08
N SER D 838 -3.92 74.12 -9.53
CA SER D 838 -3.71 73.05 -8.57
C SER D 838 -4.77 71.96 -8.70
N PRO D 839 -4.37 70.70 -8.54
CA PRO D 839 -5.27 69.55 -8.61
C PRO D 839 -6.43 69.68 -7.63
N ILE D 840 -7.50 68.93 -7.88
CA ILE D 840 -8.69 68.99 -7.04
C ILE D 840 -8.45 68.36 -5.67
N LYS D 841 -7.59 67.34 -5.64
CA LYS D 841 -7.29 66.64 -4.39
C LYS D 841 -6.72 67.58 -3.34
N CYS D 842 -6.04 68.63 -3.79
CA CYS D 842 -5.36 69.55 -2.88
C CYS D 842 -6.24 70.75 -2.52
N ARG D 843 -7.40 70.85 -3.15
CA ARG D 843 -8.31 71.96 -2.90
C ARG D 843 -8.76 72.00 -1.44
N GLU D 844 -8.87 70.83 -0.82
CA GLU D 844 -9.30 70.73 0.56
C GLU D 844 -8.18 71.12 1.53
N ALA D 845 -6.94 70.85 1.12
CA ALA D 845 -5.78 71.15 1.96
C ALA D 845 -5.37 72.61 1.84
N LEU D 846 -5.63 73.20 0.68
CA LEU D 846 -5.27 74.60 0.44
C LEU D 846 -6.23 75.55 1.14
N LYS D 847 -7.51 75.19 1.15
CA LYS D 847 -8.56 76.02 1.75
C LYS D 847 -8.31 77.52 1.60
N LEU D 848 -7.93 77.94 0.40
CA LEU D 848 -7.64 79.33 0.12
C LEU D 848 -8.92 80.16 0.01
N GLU D 849 -9.00 81.23 0.79
CA GLU D 849 -10.15 82.12 0.77
C GLU D 849 -9.79 83.43 0.06
N GLU D 850 -10.75 83.97 -0.69
CA GLU D 850 -10.53 85.20 -1.45
C GLU D 850 -10.24 86.39 -0.53
N LYS D 851 -9.69 87.45 -1.12
CA LYS D 851 -9.37 88.67 -0.39
C LYS D 851 -8.40 88.43 0.77
N LYS D 852 -7.61 87.36 0.65
CA LYS D 852 -6.59 87.05 1.66
C LYS D 852 -5.20 87.04 1.05
N HIS D 853 -4.20 87.38 1.86
CA HIS D 853 -2.82 87.43 1.39
C HIS D 853 -2.09 86.12 1.66
N TYR D 854 -1.16 85.77 0.77
CA TYR D 854 -0.40 84.54 0.92
C TYR D 854 1.05 84.72 0.50
N LEU D 855 1.96 84.07 1.23
CA LEU D 855 3.37 84.04 0.85
C LEU D 855 3.67 82.72 0.17
N MET D 856 3.98 82.77 -1.12
CA MET D 856 4.22 81.54 -1.88
C MET D 856 5.42 81.64 -2.80
N TRP D 857 6.20 80.56 -2.86
CA TRP D 857 7.32 80.46 -3.79
C TRP D 857 7.40 79.06 -4.37
N GLY D 858 7.72 78.98 -5.67
CA GLY D 858 7.79 77.70 -6.35
C GLY D 858 9.04 77.53 -7.18
N LEU D 859 9.11 76.43 -7.92
CA LEU D 859 10.27 76.14 -8.75
C LEU D 859 10.11 76.74 -10.15
N SER D 860 11.23 76.81 -10.87
CA SER D 860 11.21 77.35 -12.23
C SER D 860 10.63 76.32 -13.21
N SER D 861 10.41 75.10 -12.72
CA SER D 861 9.84 74.05 -13.54
C SER D 861 8.35 73.89 -13.27
N ASP D 862 7.75 74.92 -12.67
CA ASP D 862 6.34 74.91 -12.36
C ASP D 862 5.55 75.89 -13.23
N PHE D 863 6.15 76.31 -14.33
CA PHE D 863 5.49 77.20 -15.27
C PHE D 863 4.65 76.40 -16.26
N TRP D 864 3.61 77.04 -16.80
CA TRP D 864 2.68 76.36 -17.69
C TRP D 864 2.10 77.31 -18.72
N GLY D 865 2.54 77.18 -19.97
CA GLY D 865 2.05 78.01 -21.05
C GLY D 865 3.14 78.85 -21.69
N GLU D 866 2.80 79.47 -22.82
CA GLU D 866 3.75 80.32 -23.53
C GLU D 866 3.58 81.78 -23.13
N LYS D 867 4.70 82.47 -22.95
CA LYS D 867 4.69 83.88 -22.56
C LYS D 867 4.01 84.73 -23.62
N PRO D 868 3.43 85.87 -23.22
CA PRO D 868 3.37 86.34 -21.83
C PRO D 868 2.25 85.67 -21.05
N ASN D 869 1.63 84.65 -21.64
CA ASN D 869 0.52 83.95 -21.00
C ASN D 869 0.98 82.80 -20.11
N LEU D 870 1.77 83.12 -19.10
CA LEU D 870 2.27 82.12 -18.17
C LEU D 870 1.26 81.79 -17.08
N SER D 871 1.34 80.57 -16.55
CA SER D 871 0.46 80.14 -15.48
C SER D 871 1.21 79.28 -14.48
N TYR D 872 1.39 79.81 -13.27
CA TYR D 872 2.11 79.10 -12.23
C TYR D 872 1.37 77.85 -11.78
N ILE D 873 2.12 76.80 -11.43
CA ILE D 873 1.54 75.55 -10.99
C ILE D 873 1.88 75.26 -9.54
N ILE D 874 0.86 74.95 -8.74
CA ILE D 874 1.06 74.63 -7.34
C ILE D 874 1.41 73.14 -7.18
N GLY D 875 2.67 72.81 -7.40
CA GLY D 875 3.13 71.44 -7.32
C GLY D 875 3.52 71.04 -5.91
N LYS D 876 4.05 69.83 -5.77
CA LYS D 876 4.44 69.30 -4.46
C LYS D 876 5.64 70.05 -3.91
N ASP D 877 6.21 70.93 -4.72
CA ASP D 877 7.37 71.71 -4.31
C ASP D 877 7.08 73.20 -4.30
N THR D 878 5.81 73.55 -4.09
CA THR D 878 5.39 74.94 -4.05
C THR D 878 4.98 75.34 -2.62
N TRP D 879 5.68 76.33 -2.07
CA TRP D 879 5.40 76.81 -0.72
C TRP D 879 4.14 77.67 -0.70
N VAL D 880 3.30 77.44 0.29
CA VAL D 880 2.08 78.23 0.47
C VAL D 880 1.84 78.51 1.95
N GLU D 881 1.76 79.79 2.30
CA GLU D 881 1.56 80.19 3.69
C GLU D 881 0.58 81.36 3.80
N HIS D 882 -0.33 81.27 4.76
CA HIS D 882 -1.29 82.34 4.99
C HIS D 882 -0.61 83.56 5.62
N TRP D 883 -0.83 84.72 5.02
CA TRP D 883 -0.23 85.96 5.52
C TRP D 883 -1.27 86.79 6.27
N PRO D 884 -1.18 86.80 7.60
CA PRO D 884 -2.09 87.59 8.44
C PRO D 884 -2.12 89.04 8.02
N GLU D 885 -3.31 89.59 7.80
CA GLU D 885 -3.46 90.96 7.35
C GLU D 885 -2.96 91.94 8.41
N GLU D 886 -2.89 93.22 8.05
CA GLU D 886 -2.35 94.26 8.92
C GLU D 886 -2.97 94.23 10.32
N ASP D 887 -4.27 94.52 10.39
CA ASP D 887 -4.96 94.62 11.67
C ASP D 887 -5.03 93.28 12.41
N GLU D 888 -4.73 92.19 11.70
CA GLU D 888 -4.75 90.86 12.30
C GLU D 888 -3.42 90.53 12.97
N CYS D 889 -2.38 91.25 12.58
CA CYS D 889 -1.04 91.04 13.15
C CYS D 889 -0.91 91.75 14.49
N GLN D 890 -2.03 91.92 15.18
CA GLN D 890 -2.03 92.57 16.49
C GLN D 890 -2.51 91.60 17.56
N ASP D 891 -2.97 90.43 17.14
CA ASP D 891 -3.43 89.41 18.06
C ASP D 891 -2.25 88.71 18.71
N GLU D 892 -2.42 88.28 19.96
CA GLU D 892 -1.36 87.62 20.70
C GLU D 892 -1.14 86.18 20.20
N GLU D 893 -1.50 85.94 18.95
CA GLU D 893 -1.34 84.62 18.35
C GLU D 893 -0.64 84.72 17.00
N ASN D 894 -0.72 85.90 16.38
CA ASN D 894 -0.11 86.11 15.07
C ASN D 894 1.14 86.97 15.14
N GLN D 895 1.36 87.60 16.28
CA GLN D 895 2.53 88.46 16.47
C GLN D 895 3.83 87.69 16.23
N LYS D 896 3.83 86.42 16.62
CA LYS D 896 5.02 85.58 16.46
C LYS D 896 5.26 85.23 15.00
N GLN D 897 4.19 85.22 14.21
CA GLN D 897 4.28 84.86 12.80
C GLN D 897 4.60 86.08 11.93
N CYS D 898 3.90 87.18 12.17
CA CYS D 898 4.09 88.39 11.39
C CYS D 898 5.52 88.94 11.53
N GLN D 899 6.08 88.80 12.73
CA GLN D 899 7.45 89.27 12.98
C GLN D 899 8.46 88.50 12.12
N ASP D 900 8.24 87.21 11.98
CA ASP D 900 9.11 86.38 11.16
C ASP D 900 8.99 86.76 9.68
N LEU D 901 7.75 86.84 9.19
CA LEU D 901 7.51 87.20 7.79
C LEU D 901 8.05 88.60 7.49
N GLY D 902 7.84 89.52 8.41
CA GLY D 902 8.32 90.88 8.25
C GLY D 902 9.82 90.95 8.04
N ALA D 903 10.56 90.35 8.96
CA ALA D 903 12.02 90.32 8.87
C ALA D 903 12.47 89.54 7.65
N PHE D 904 11.70 88.52 7.29
CA PHE D 904 12.00 87.70 6.12
C PHE D 904 12.00 88.54 4.84
N THR D 905 10.94 89.32 4.66
CA THR D 905 10.80 90.16 3.49
C THR D 905 11.96 91.14 3.35
N GLU D 906 12.25 91.87 4.44
CA GLU D 906 13.32 92.85 4.45
C GLU D 906 14.67 92.22 4.13
N SER D 907 14.95 91.08 4.76
CA SER D 907 16.22 90.38 4.57
C SER D 907 16.38 89.89 3.14
N MET D 908 15.25 89.58 2.50
CA MET D 908 15.27 89.04 1.15
C MET D 908 15.31 90.14 0.09
N VAL D 909 14.89 91.34 0.47
CA VAL D 909 14.84 92.46 -0.47
C VAL D 909 16.11 93.30 -0.40
N VAL D 910 16.54 93.61 0.83
CA VAL D 910 17.71 94.45 1.03
C VAL D 910 19.01 93.71 0.69
N PHE D 911 19.20 92.55 1.30
CA PHE D 911 20.43 91.79 1.11
C PHE D 911 20.28 90.71 0.04
N GLY D 912 19.09 90.16 -0.08
CA GLY D 912 18.84 89.08 -1.02
C GLY D 912 19.47 87.79 -0.55
N CYS D 913 19.15 86.70 -1.25
CA CYS D 913 19.70 85.39 -0.89
C CYS D 913 21.21 85.42 -0.78
N PRO D 914 21.72 85.15 0.43
CA PRO D 914 23.17 85.10 0.67
C PRO D 914 23.82 83.99 -0.15
N ASN D 915 25.10 84.15 -0.47
CA ASN D 915 25.83 83.18 -1.26
C ASN D 915 25.36 83.13 -2.71
N SER E 1 -57.26 -63.90 -52.47
CA SER E 1 -57.97 -64.08 -51.22
C SER E 1 -58.46 -62.75 -50.66
N PRO E 2 -59.72 -62.71 -50.22
CA PRO E 2 -60.33 -61.50 -49.66
C PRO E 2 -59.57 -61.00 -48.43
N MET E 3 -59.68 -59.70 -48.15
CA MET E 3 -59.01 -59.10 -47.00
C MET E 3 -59.94 -58.13 -46.28
N TYR E 4 -60.19 -58.41 -45.00
CA TYR E 4 -61.07 -57.57 -44.20
C TYR E 4 -60.26 -56.74 -43.21
N SER E 5 -60.39 -55.42 -43.28
CA SER E 5 -59.66 -54.52 -42.41
C SER E 5 -60.59 -53.78 -41.46
N ILE E 6 -60.01 -53.20 -40.41
CA ILE E 6 -60.78 -52.46 -39.41
C ILE E 6 -59.93 -51.35 -38.79
N ILE E 7 -60.52 -50.16 -38.65
CA ILE E 7 -59.81 -49.02 -38.10
C ILE E 7 -60.61 -48.33 -36.99
N THR E 8 -59.99 -48.23 -35.82
CA THR E 8 -60.59 -47.53 -34.69
C THR E 8 -59.53 -46.72 -33.95
N PRO E 9 -59.94 -45.63 -33.29
CA PRO E 9 -59.01 -44.75 -32.56
C PRO E 9 -58.13 -45.51 -31.57
N ASN E 10 -56.93 -45.01 -31.34
CA ASN E 10 -56.01 -45.62 -30.38
C ASN E 10 -56.68 -45.87 -29.03
N ILE E 11 -57.47 -44.90 -28.59
CA ILE E 11 -58.12 -44.99 -27.29
C ILE E 11 -59.62 -44.69 -27.40
N LEU E 12 -60.44 -45.65 -26.97
CA LEU E 12 -61.88 -45.49 -26.97
C LEU E 12 -62.34 -44.82 -25.68
N ARG E 13 -63.33 -43.94 -25.78
CA ARG E 13 -63.83 -43.21 -24.63
C ARG E 13 -65.18 -43.76 -24.17
N LEU E 14 -65.46 -43.61 -22.88
CA LEU E 14 -66.70 -44.11 -22.30
C LEU E 14 -67.82 -43.08 -22.44
N GLU E 15 -69.07 -43.56 -22.44
CA GLU E 15 -70.23 -42.69 -22.52
C GLU E 15 -70.17 -41.77 -23.74
N SER E 16 -69.79 -42.33 -24.88
CA SER E 16 -69.71 -41.57 -26.12
C SER E 16 -69.81 -42.48 -27.33
N GLU E 17 -69.83 -41.89 -28.52
CA GLU E 17 -69.94 -42.67 -29.76
C GLU E 17 -68.65 -42.64 -30.56
N GLU E 18 -67.99 -43.78 -30.66
CA GLU E 18 -66.76 -43.90 -31.45
C GLU E 18 -67.06 -44.48 -32.83
N THR E 19 -66.45 -43.89 -33.85
CA THR E 19 -66.66 -44.34 -35.22
C THR E 19 -65.84 -45.59 -35.54
N MET E 20 -66.43 -46.49 -36.31
CA MET E 20 -65.77 -47.74 -36.66
C MET E 20 -65.81 -47.96 -38.17
N VAL E 21 -64.64 -47.89 -38.81
CA VAL E 21 -64.55 -47.99 -40.26
C VAL E 21 -64.38 -49.44 -40.71
N LEU E 22 -65.38 -49.95 -41.43
CA LEU E 22 -65.33 -51.31 -41.94
C LEU E 22 -64.97 -51.33 -43.43
N GLU E 23 -64.13 -52.27 -43.83
CA GLU E 23 -63.66 -52.36 -45.21
C GLU E 23 -63.51 -53.80 -45.68
N ALA E 24 -63.39 -53.98 -46.99
CA ALA E 24 -63.20 -55.29 -47.59
C ALA E 24 -62.44 -55.17 -48.92
N HIS E 25 -61.35 -55.93 -49.04
CA HIS E 25 -60.50 -55.85 -50.22
C HIS E 25 -60.13 -57.25 -50.71
N ASP E 26 -60.79 -57.71 -51.77
CA ASP E 26 -61.84 -56.94 -52.43
C ASP E 26 -63.19 -57.63 -52.27
N ALA E 27 -63.25 -58.89 -52.68
CA ALA E 27 -64.48 -59.69 -52.60
C ALA E 27 -65.61 -59.09 -53.43
N GLN E 28 -66.68 -59.85 -53.58
CA GLN E 28 -67.84 -59.39 -54.36
C GLN E 28 -69.15 -59.72 -53.65
N GLY E 29 -70.23 -59.13 -54.13
CA GLY E 29 -71.55 -59.37 -53.57
C GLY E 29 -71.72 -58.70 -52.21
N ASP E 30 -72.77 -59.10 -51.49
CA ASP E 30 -73.05 -58.55 -50.17
C ASP E 30 -72.39 -59.37 -49.07
N VAL E 31 -71.77 -58.68 -48.12
CA VAL E 31 -71.12 -59.33 -46.99
C VAL E 31 -71.57 -58.75 -45.66
N PRO E 32 -72.47 -59.47 -44.97
CA PRO E 32 -73.00 -59.06 -43.66
C PRO E 32 -71.89 -58.90 -42.63
N VAL E 33 -72.03 -57.90 -41.75
CA VAL E 33 -71.04 -57.65 -40.72
C VAL E 33 -71.70 -57.42 -39.36
N THR E 34 -71.29 -58.21 -38.37
CA THR E 34 -71.82 -58.07 -37.02
C THR E 34 -70.73 -57.67 -36.03
N VAL E 35 -70.71 -56.38 -35.70
CA VAL E 35 -69.72 -55.86 -34.76
C VAL E 35 -70.13 -56.12 -33.32
N THR E 36 -69.25 -56.76 -32.56
CA THR E 36 -69.52 -57.06 -31.15
C THR E 36 -68.35 -56.63 -30.28
N VAL E 37 -68.63 -55.79 -29.29
CA VAL E 37 -67.61 -55.30 -28.38
C VAL E 37 -67.75 -55.92 -26.99
N HIS E 38 -66.71 -56.63 -26.55
CA HIS E 38 -66.69 -57.24 -25.23
C HIS E 38 -65.74 -56.48 -24.32
N ASP E 39 -65.75 -56.85 -23.04
CA ASP E 39 -64.84 -56.25 -22.08
C ASP E 39 -63.51 -56.99 -22.05
N PHE E 40 -62.70 -56.73 -21.03
CA PHE E 40 -61.39 -57.36 -20.90
C PHE E 40 -60.81 -57.12 -19.51
N PRO E 41 -60.20 -58.16 -18.92
CA PRO E 41 -60.07 -59.51 -19.49
C PRO E 41 -61.39 -60.27 -19.51
N GLY E 42 -61.39 -61.44 -20.14
CA GLY E 42 -62.57 -62.28 -20.21
C GLY E 42 -63.57 -61.80 -21.25
N LYS E 43 -64.31 -62.74 -21.83
CA LYS E 43 -65.31 -62.42 -22.84
C LYS E 43 -66.67 -62.20 -22.19
N LYS E 44 -66.73 -61.25 -21.26
CA LYS E 44 -67.98 -60.94 -20.58
C LYS E 44 -68.88 -60.07 -21.46
N LEU E 45 -69.70 -60.72 -22.27
CA LEU E 45 -70.60 -60.04 -23.18
C LEU E 45 -71.84 -59.53 -22.45
N VAL E 46 -72.40 -58.42 -22.91
CA VAL E 46 -71.88 -57.70 -24.06
C VAL E 46 -72.00 -56.19 -23.86
N LEU E 47 -71.02 -55.45 -24.36
CA LEU E 47 -71.05 -53.99 -24.24
C LEU E 47 -71.96 -53.35 -25.28
N SER E 48 -71.58 -53.45 -26.54
CA SER E 48 -72.37 -52.87 -27.62
C SER E 48 -72.28 -53.73 -28.89
N SER E 49 -73.44 -53.99 -29.49
CA SER E 49 -73.49 -54.81 -30.70
C SER E 49 -74.18 -54.06 -31.84
N GLU E 50 -73.53 -54.00 -32.99
CA GLU E 50 -74.08 -53.33 -34.16
C GLU E 50 -74.04 -54.24 -35.39
N LYS E 51 -74.87 -53.92 -36.38
CA LYS E 51 -74.92 -54.71 -37.62
C LYS E 51 -74.98 -53.81 -38.84
N THR E 52 -74.43 -54.31 -39.95
CA THR E 52 -74.42 -53.57 -41.21
C THR E 52 -74.05 -54.47 -42.37
N VAL E 53 -74.31 -54.02 -43.59
CA VAL E 53 -73.99 -54.80 -44.78
C VAL E 53 -73.14 -53.99 -45.76
N LEU E 54 -72.06 -54.59 -46.25
CA LEU E 54 -71.18 -53.93 -47.19
C LEU E 54 -71.63 -54.14 -48.63
N THR E 55 -72.24 -53.12 -49.21
CA THR E 55 -72.72 -53.19 -50.59
C THR E 55 -71.70 -52.58 -51.55
N PRO E 56 -71.39 -53.29 -52.65
CA PRO E 56 -70.44 -52.82 -53.66
C PRO E 56 -70.79 -51.43 -54.19
N ALA E 57 -72.04 -51.02 -54.02
CA ALA E 57 -72.48 -49.71 -54.47
C ALA E 57 -71.79 -48.60 -53.68
N THR E 58 -71.36 -48.92 -52.47
CA THR E 58 -70.67 -47.95 -51.61
C THR E 58 -69.18 -48.24 -51.54
N ASN E 59 -68.66 -48.95 -52.55
CA ASN E 59 -67.25 -49.31 -52.61
C ASN E 59 -66.81 -50.11 -51.38
N HIS E 60 -67.75 -50.85 -50.81
CA HIS E 60 -67.47 -51.70 -49.66
C HIS E 60 -66.95 -50.93 -48.46
N MET E 61 -67.78 -50.07 -47.90
CA MET E 61 -67.44 -49.32 -46.69
C MET E 61 -68.55 -49.35 -45.66
N GLY E 62 -68.18 -49.62 -44.41
CA GLY E 62 -69.12 -49.64 -43.31
C GLY E 62 -69.02 -48.40 -42.46
N ASN E 63 -70.13 -48.04 -41.79
CA ASN E 63 -70.16 -46.86 -40.95
C ASN E 63 -70.98 -47.09 -39.69
N VAL E 64 -70.45 -47.89 -38.78
CA VAL E 64 -71.14 -48.22 -37.54
C VAL E 64 -70.58 -47.43 -36.36
N THR E 65 -71.47 -46.92 -35.51
CA THR E 65 -71.06 -46.17 -34.32
C THR E 65 -71.68 -46.78 -33.07
N PHE E 66 -70.82 -47.24 -32.17
CA PHE E 66 -71.27 -47.88 -30.94
C PHE E 66 -71.05 -46.97 -29.73
N THR E 67 -71.86 -47.16 -28.70
CA THR E 67 -71.75 -46.36 -27.48
C THR E 67 -71.35 -47.23 -26.30
N ILE E 68 -70.08 -47.18 -25.93
CA ILE E 68 -69.57 -47.96 -24.81
C ILE E 68 -70.01 -47.38 -23.48
N PRO E 69 -70.55 -48.24 -22.60
CA PRO E 69 -70.94 -47.85 -21.24
C PRO E 69 -69.83 -47.07 -20.55
N ALA E 70 -70.12 -46.29 -19.50
CA ALA E 70 -71.43 -46.19 -18.85
C ALA E 70 -71.77 -47.41 -18.00
N ASN E 71 -70.73 -48.01 -17.42
CA ASN E 71 -70.90 -49.12 -16.48
C ASN E 71 -70.22 -48.81 -15.16
N ARG E 72 -70.55 -49.58 -14.13
CA ARG E 72 -69.89 -49.45 -12.83
C ARG E 72 -68.86 -50.56 -12.67
N GLU E 73 -68.74 -51.38 -13.71
CA GLU E 73 -67.77 -52.48 -13.72
C GLU E 73 -66.37 -51.95 -14.01
N PHE E 74 -66.30 -50.73 -14.54
CA PHE E 74 -65.01 -50.11 -14.85
C PHE E 74 -64.56 -49.19 -13.73
N LYS E 75 -64.02 -49.78 -12.66
CA LYS E 75 -63.53 -49.01 -11.52
C LYS E 75 -62.09 -49.38 -11.20
N LYS E 78 -58.28 -49.43 -8.96
CA LYS E 78 -57.37 -48.31 -9.12
C LYS E 78 -56.07 -48.75 -9.78
N GLY E 79 -55.36 -47.80 -10.37
CA GLY E 79 -54.10 -48.10 -11.05
C GLY E 79 -54.33 -48.90 -12.32
N ARG E 80 -53.23 -49.16 -13.04
CA ARG E 80 -53.30 -49.93 -14.27
C ARG E 80 -54.26 -49.29 -15.29
N ASN E 81 -54.59 -50.06 -16.33
CA ASN E 81 -55.50 -49.57 -17.36
C ASN E 81 -56.64 -50.55 -17.65
N LYS E 82 -57.58 -50.12 -18.49
CA LYS E 82 -58.74 -50.95 -18.83
C LYS E 82 -58.91 -51.01 -20.34
N PHE E 83 -59.10 -52.23 -20.86
CA PHE E 83 -59.21 -52.43 -22.30
C PHE E 83 -60.53 -53.09 -22.68
N VAL E 84 -60.89 -53.00 -23.96
CA VAL E 84 -62.09 -53.63 -24.47
C VAL E 84 -61.79 -54.39 -25.77
N THR E 85 -62.33 -55.60 -25.89
CA THR E 85 -62.08 -56.42 -27.08
C THR E 85 -63.05 -56.06 -28.20
N VAL E 86 -62.57 -55.28 -29.17
CA VAL E 86 -63.37 -54.91 -30.32
C VAL E 86 -63.34 -56.01 -31.37
N GLN E 87 -64.49 -56.62 -31.61
CA GLN E 87 -64.59 -57.74 -32.55
C GLN E 87 -65.54 -57.42 -33.70
N ALA E 88 -65.15 -57.81 -34.91
CA ALA E 88 -65.98 -57.59 -36.09
C ALA E 88 -65.96 -58.80 -37.01
N THR E 89 -67.14 -59.41 -37.18
CA THR E 89 -67.25 -60.60 -38.03
C THR E 89 -67.76 -60.25 -39.43
N PHE E 90 -67.05 -60.73 -40.44
CA PHE E 90 -67.44 -60.48 -41.82
C PHE E 90 -67.98 -61.76 -42.46
N GLY E 91 -69.15 -62.19 -42.01
CA GLY E 91 -69.76 -63.41 -42.50
C GLY E 91 -69.24 -64.62 -41.77
N THR E 92 -68.00 -65.00 -42.06
CA THR E 92 -67.37 -66.14 -41.40
C THR E 92 -66.04 -65.73 -40.81
N GLN E 93 -65.20 -65.08 -41.61
CA GLN E 93 -63.90 -64.60 -41.15
C GLN E 93 -64.06 -63.56 -40.06
N VAL E 94 -63.51 -63.84 -38.88
CA VAL E 94 -63.61 -62.95 -37.75
C VAL E 94 -62.33 -62.14 -37.53
N VAL E 95 -62.47 -60.82 -37.50
CA VAL E 95 -61.33 -59.94 -37.25
C VAL E 95 -61.53 -59.19 -35.94
N GLU E 96 -60.66 -59.46 -34.97
CA GLU E 96 -60.78 -58.86 -33.64
C GLU E 96 -59.49 -58.15 -33.20
N LYS E 97 -59.65 -57.11 -32.40
CA LYS E 97 -58.53 -56.33 -31.89
C LYS E 97 -58.90 -55.62 -30.60
N VAL E 98 -57.97 -55.61 -29.65
CA VAL E 98 -58.21 -54.98 -28.35
C VAL E 98 -57.74 -53.53 -28.33
N VAL E 99 -58.60 -52.63 -27.87
CA VAL E 99 -58.30 -51.21 -27.85
C VAL E 99 -58.33 -50.65 -26.44
N LEU E 100 -57.44 -49.69 -26.16
CA LEU E 100 -57.35 -49.06 -24.84
C LEU E 100 -58.57 -48.19 -24.55
N VAL E 101 -58.86 -48.02 -23.27
CA VAL E 101 -59.96 -47.17 -22.83
C VAL E 101 -59.47 -46.12 -21.84
N SER E 102 -60.00 -44.91 -21.94
CA SER E 102 -59.57 -43.81 -21.10
C SER E 102 -60.52 -43.58 -19.92
N LEU E 103 -59.94 -43.19 -18.78
CA LEU E 103 -60.75 -42.88 -17.59
C LEU E 103 -61.30 -41.47 -17.67
N GLN E 104 -60.59 -40.59 -18.38
CA GLN E 104 -61.01 -39.21 -18.54
C GLN E 104 -62.45 -39.11 -19.02
N SER E 105 -63.22 -38.21 -18.40
CA SER E 105 -64.62 -38.04 -18.76
C SER E 105 -64.82 -36.85 -19.70
N GLY E 106 -63.96 -35.84 -19.55
CA GLY E 106 -64.03 -34.65 -20.39
C GLY E 106 -63.17 -33.51 -19.88
N TYR E 107 -63.65 -32.29 -20.06
CA TYR E 107 -62.91 -31.10 -19.62
C TYR E 107 -63.69 -30.32 -18.57
N LEU E 108 -62.97 -29.55 -17.76
CA LEU E 108 -63.58 -28.71 -16.74
C LEU E 108 -62.94 -27.33 -16.73
N PHE E 109 -63.77 -26.30 -16.90
CA PHE E 109 -63.28 -24.92 -16.91
C PHE E 109 -63.90 -24.12 -15.77
N ILE E 110 -63.05 -23.54 -14.93
CA ILE E 110 -63.51 -22.77 -13.77
C ILE E 110 -63.38 -21.28 -14.02
N GLN E 111 -64.49 -20.56 -13.85
CA GLN E 111 -64.50 -19.12 -14.06
C GLN E 111 -64.77 -18.37 -12.76
N THR E 112 -63.85 -17.48 -12.40
CA THR E 112 -64.01 -16.64 -11.22
C THR E 112 -64.32 -15.21 -11.62
N ASP E 113 -65.25 -14.58 -10.91
CA ASP E 113 -65.67 -13.21 -11.22
C ASP E 113 -64.48 -12.25 -11.24
N LYS E 114 -63.62 -12.36 -10.23
CA LYS E 114 -62.44 -11.51 -10.15
C LYS E 114 -61.17 -12.35 -10.09
N THR E 115 -60.02 -11.69 -10.29
CA THR E 115 -58.74 -12.36 -10.24
C THR E 115 -58.09 -12.18 -8.87
N ILE E 116 -58.57 -11.20 -8.12
CA ILE E 116 -58.06 -10.92 -6.78
C ILE E 116 -59.19 -10.49 -5.85
N TYR E 117 -59.14 -10.96 -4.61
CA TYR E 117 -60.21 -10.69 -3.65
C TYR E 117 -59.66 -10.10 -2.36
N THR E 118 -60.51 -9.37 -1.63
CA THR E 118 -60.14 -8.82 -0.34
C THR E 118 -60.74 -9.65 0.79
N PRO E 119 -59.98 -9.86 1.86
CA PRO E 119 -60.43 -10.64 3.02
C PRO E 119 -61.77 -10.14 3.55
N GLY E 120 -62.84 -10.90 3.28
CA GLY E 120 -64.17 -10.53 3.71
C GLY E 120 -65.20 -10.68 2.61
N SER E 121 -64.75 -10.58 1.36
CA SER E 121 -65.64 -10.69 0.22
C SER E 121 -65.92 -12.14 -0.13
N THR E 122 -66.79 -12.35 -1.10
CA THR E 122 -67.16 -13.69 -1.52
C THR E 122 -66.67 -13.99 -2.95
N VAL E 123 -66.13 -15.19 -3.14
CA VAL E 123 -65.62 -15.59 -4.44
C VAL E 123 -66.70 -16.28 -5.27
N LEU E 124 -67.20 -15.59 -6.30
CA LEU E 124 -68.19 -16.16 -7.19
C LEU E 124 -67.53 -16.90 -8.34
N TYR E 125 -67.70 -18.22 -8.39
CA TYR E 125 -67.08 -19.02 -9.43
C TYR E 125 -68.03 -20.09 -9.96
N ARG E 126 -67.93 -20.37 -11.27
CA ARG E 126 -68.76 -21.37 -11.90
C ARG E 126 -67.91 -22.46 -12.55
N ILE E 127 -68.46 -23.67 -12.63
CA ILE E 127 -67.75 -24.79 -13.25
C ILE E 127 -68.50 -25.29 -14.48
N PHE E 128 -67.78 -25.46 -15.58
CA PHE E 128 -68.37 -25.96 -16.82
C PHE E 128 -68.01 -27.42 -17.05
N THR E 129 -69.02 -28.26 -17.17
CA THR E 129 -68.81 -29.69 -17.38
C THR E 129 -69.10 -30.09 -18.83
N VAL E 130 -68.05 -30.25 -19.61
CA VAL E 130 -68.18 -30.64 -21.01
C VAL E 130 -67.35 -31.87 -21.33
N ASN E 131 -67.81 -32.67 -22.28
CA ASN E 131 -67.09 -33.88 -22.69
C ASN E 131 -65.88 -33.55 -23.56
N HIS E 132 -65.32 -34.56 -24.19
CA HIS E 132 -64.15 -34.39 -25.06
C HIS E 132 -64.53 -33.67 -26.35
N LYS E 133 -65.80 -33.37 -26.52
CA LYS E 133 -66.29 -32.68 -27.71
C LYS E 133 -66.78 -31.28 -27.37
N LEU E 134 -66.51 -30.85 -26.14
CA LEU E 134 -66.91 -29.52 -25.67
C LEU E 134 -68.42 -29.33 -25.77
N LEU E 135 -69.18 -30.24 -25.15
CA LEU E 135 -70.64 -30.15 -25.15
C LEU E 135 -71.19 -30.35 -23.75
N PRO E 136 -72.29 -29.66 -23.43
CA PRO E 136 -72.93 -29.76 -22.11
C PRO E 136 -73.22 -31.20 -21.75
N VAL E 137 -72.82 -31.61 -20.54
CA VAL E 137 -73.03 -32.98 -20.10
C VAL E 137 -73.19 -33.06 -18.58
N GLY E 138 -74.17 -33.85 -18.14
CA GLY E 138 -74.42 -34.02 -16.71
C GLY E 138 -73.50 -35.03 -16.07
N ARG E 139 -72.60 -34.56 -15.22
CA ARG E 139 -71.64 -35.42 -14.55
C ARG E 139 -71.47 -35.04 -13.09
N THR E 140 -70.81 -35.89 -12.32
CA THR E 140 -70.53 -35.62 -10.92
C THR E 140 -69.10 -35.11 -10.76
N VAL E 141 -68.94 -33.93 -10.16
CA VAL E 141 -67.64 -33.31 -10.04
C VAL E 141 -67.26 -33.01 -8.59
N MET E 142 -66.03 -33.35 -8.23
CA MET E 142 -65.50 -33.06 -6.90
C MET E 142 -64.75 -31.74 -6.91
N VAL E 143 -65.18 -30.81 -6.06
CA VAL E 143 -64.57 -29.48 -6.02
C VAL E 143 -63.90 -29.20 -4.68
N ASN E 144 -62.61 -28.90 -4.72
CA ASN E 144 -61.85 -28.56 -3.52
C ASN E 144 -61.25 -27.15 -3.61
N ILE E 145 -61.13 -26.50 -2.47
CA ILE E 145 -60.53 -25.16 -2.41
C ILE E 145 -59.34 -25.15 -1.46
N GLU E 146 -58.13 -25.10 -2.01
CA GLU E 146 -56.92 -25.17 -1.21
C GLU E 146 -56.37 -23.78 -0.89
N ASN E 147 -55.90 -23.61 0.34
CA ASN E 147 -55.28 -22.36 0.77
C ASN E 147 -53.92 -22.17 0.12
N PRO E 148 -53.29 -21.00 0.35
CA PRO E 148 -51.94 -20.76 -0.19
C PRO E 148 -50.94 -21.84 0.22
N GLU E 149 -51.28 -22.61 1.24
CA GLU E 149 -50.42 -23.71 1.69
C GLU E 149 -50.87 -25.02 1.08
N GLY E 150 -51.74 -24.93 0.08
CA GLY E 150 -52.22 -26.09 -0.66
C GLY E 150 -52.86 -27.17 0.19
N ILE E 151 -53.69 -26.74 1.14
CA ILE E 151 -54.44 -27.69 1.96
C ILE E 151 -55.94 -27.39 1.86
N PRO E 152 -56.70 -28.36 1.33
CA PRO E 152 -58.14 -28.21 1.11
C PRO E 152 -58.86 -27.73 2.38
N VAL E 153 -59.66 -26.67 2.24
CA VAL E 153 -60.43 -26.14 3.35
C VAL E 153 -61.92 -26.36 3.13
N LYS E 154 -62.28 -26.70 1.89
CA LYS E 154 -63.67 -26.94 1.52
C LYS E 154 -63.75 -27.94 0.38
N GLN E 155 -64.57 -28.97 0.56
CA GLN E 155 -64.76 -29.98 -0.48
C GLN E 155 -66.23 -30.30 -0.68
N ASP E 156 -66.66 -30.33 -1.93
CA ASP E 156 -68.05 -30.64 -2.27
C ASP E 156 -68.12 -31.72 -3.35
N SER E 157 -69.34 -31.98 -3.81
CA SER E 157 -69.57 -32.99 -4.85
C SER E 157 -70.87 -32.72 -5.58
N LEU E 158 -70.87 -31.69 -6.43
CA LEU E 158 -72.06 -31.30 -7.17
C LEU E 158 -72.30 -32.20 -8.37
N SER E 159 -73.43 -31.98 -9.04
CA SER E 159 -73.77 -32.72 -10.25
C SER E 159 -74.43 -31.81 -11.27
N SER E 160 -73.83 -31.70 -12.45
CA SER E 160 -74.34 -30.82 -13.49
C SER E 160 -75.57 -31.40 -14.17
N GLN E 161 -76.10 -32.49 -13.61
CA GLN E 161 -77.29 -33.13 -14.14
C GLN E 161 -78.47 -32.17 -14.15
N ASN E 162 -79.12 -32.06 -15.30
CA ASN E 162 -80.26 -31.16 -15.46
C ASN E 162 -79.92 -29.72 -15.12
N GLN E 163 -78.67 -29.34 -15.33
CA GLN E 163 -78.22 -27.98 -15.04
C GLN E 163 -77.51 -27.37 -16.25
N LEU E 164 -77.56 -28.10 -17.36
CA LEU E 164 -76.97 -27.62 -18.62
C LEU E 164 -75.47 -27.38 -18.50
N GLY E 165 -74.80 -28.24 -17.76
CA GLY E 165 -73.35 -28.17 -17.61
C GLY E 165 -72.84 -26.85 -17.07
N VAL E 166 -73.58 -26.27 -16.13
CA VAL E 166 -73.16 -25.03 -15.48
C VAL E 166 -73.43 -25.09 -13.98
N LEU E 167 -72.37 -25.11 -13.18
CA LEU E 167 -72.50 -25.21 -11.74
C LEU E 167 -72.11 -23.93 -11.03
N PRO E 168 -73.08 -23.05 -10.77
CA PRO E 168 -72.85 -21.80 -10.05
C PRO E 168 -72.44 -22.07 -8.60
N LEU E 169 -71.33 -21.50 -8.17
CA LEU E 169 -70.85 -21.69 -6.80
C LEU E 169 -70.27 -20.42 -6.21
N SER E 170 -70.00 -20.45 -4.91
CA SER E 170 -69.44 -19.32 -4.20
C SER E 170 -68.75 -19.76 -2.92
N TRP E 171 -67.76 -18.98 -2.49
CA TRP E 171 -67.02 -19.29 -1.27
C TRP E 171 -66.70 -18.03 -0.48
N ASP E 172 -67.23 -17.94 0.74
CA ASP E 172 -67.02 -16.77 1.59
C ASP E 172 -65.61 -16.74 2.18
N ILE E 173 -64.92 -15.62 1.99
CA ILE E 173 -63.58 -15.44 2.53
C ILE E 173 -63.65 -14.79 3.90
N PRO E 174 -63.22 -15.53 4.95
CA PRO E 174 -63.23 -15.02 6.32
C PRO E 174 -62.37 -13.77 6.47
N GLU E 175 -62.76 -12.90 7.41
CA GLU E 175 -61.99 -11.68 7.68
C GLU E 175 -60.55 -12.03 8.02
N LEU E 176 -60.38 -12.98 8.93
CA LEU E 176 -59.05 -13.45 9.32
C LEU E 176 -58.64 -14.62 8.44
N VAL E 177 -58.04 -14.32 7.29
CA VAL E 177 -57.66 -15.35 6.34
C VAL E 177 -56.20 -15.18 5.93
N ASN E 178 -55.58 -16.28 5.49
CA ASN E 178 -54.19 -16.26 5.06
C ASN E 178 -54.03 -15.70 3.65
N MET E 179 -53.39 -14.56 3.54
CA MET E 179 -53.15 -13.95 2.23
C MET E 179 -52.19 -14.80 1.39
N GLY E 180 -52.39 -14.78 0.08
CA GLY E 180 -51.56 -15.55 -0.83
C GLY E 180 -52.31 -15.98 -2.07
N GLN E 181 -51.74 -16.95 -2.79
CA GLN E 181 -52.35 -17.46 -4.01
C GLN E 181 -53.20 -18.70 -3.74
N TRP E 182 -54.48 -18.49 -3.49
CA TRP E 182 -55.41 -19.60 -3.28
C TRP E 182 -55.62 -20.40 -4.57
N LYS E 183 -56.33 -21.51 -4.47
CA LYS E 183 -56.53 -22.39 -5.61
C LYS E 183 -57.88 -23.10 -5.56
N ILE E 184 -58.51 -23.24 -6.73
CA ILE E 184 -59.77 -23.96 -6.84
C ILE E 184 -59.61 -25.18 -7.75
N ARG E 185 -59.50 -26.36 -7.14
CA ARG E 185 -59.29 -27.58 -7.90
C ARG E 185 -60.59 -28.36 -8.07
N ALA E 186 -60.75 -28.99 -9.23
CA ALA E 186 -61.95 -29.76 -9.53
C ALA E 186 -61.64 -30.92 -10.47
N TYR E 187 -62.45 -31.96 -10.40
CA TYR E 187 -62.27 -33.13 -11.25
C TYR E 187 -63.52 -34.02 -11.24
N TYR E 188 -63.67 -34.84 -12.28
CA TYR E 188 -64.80 -35.76 -12.35
C TYR E 188 -64.65 -36.90 -11.35
N GLU E 189 -65.78 -37.34 -10.80
CA GLU E 189 -65.78 -38.42 -9.82
C GLU E 189 -65.23 -39.71 -10.41
N ASN E 190 -65.39 -39.86 -11.72
CA ASN E 190 -64.93 -41.06 -12.42
C ASN E 190 -63.47 -40.96 -12.88
N SER E 191 -62.86 -39.80 -12.63
CA SER E 191 -61.48 -39.58 -13.02
C SER E 191 -60.75 -38.69 -12.01
N PRO E 192 -60.41 -39.26 -10.85
CA PRO E 192 -59.74 -38.53 -9.77
C PRO E 192 -58.30 -38.13 -10.13
N GLN E 193 -57.78 -38.69 -11.23
CA GLN E 193 -56.42 -38.39 -11.66
C GLN E 193 -56.37 -37.13 -12.53
N GLN E 194 -57.42 -36.89 -13.29
CA GLN E 194 -57.50 -35.72 -14.15
C GLN E 194 -58.11 -34.54 -13.40
N VAL E 195 -57.26 -33.70 -12.82
CA VAL E 195 -57.74 -32.59 -12.00
C VAL E 195 -57.39 -31.23 -12.62
N PHE E 196 -58.42 -30.39 -12.77
CA PHE E 196 -58.24 -29.03 -13.28
C PHE E 196 -58.11 -28.06 -12.12
N SER E 197 -57.45 -26.92 -12.35
CA SER E 197 -57.22 -25.96 -11.28
C SER E 197 -57.24 -24.51 -11.78
N THR E 198 -57.72 -23.61 -10.93
CA THR E 198 -57.74 -22.19 -11.22
C THR E 198 -57.40 -21.39 -9.97
N GLU E 199 -56.40 -20.52 -10.07
CA GLU E 199 -55.91 -19.78 -8.91
C GLU E 199 -56.51 -18.38 -8.81
N PHE E 200 -56.62 -17.89 -7.57
CA PHE E 200 -57.08 -16.53 -7.31
C PHE E 200 -56.37 -15.97 -6.08
N GLU E 201 -55.90 -14.73 -6.18
CA GLU E 201 -55.11 -14.12 -5.12
C GLU E 201 -55.97 -13.43 -4.07
N VAL E 202 -55.63 -13.64 -2.80
CA VAL E 202 -56.31 -12.98 -1.70
C VAL E 202 -55.34 -12.02 -1.00
N LYS E 203 -55.67 -10.74 -1.00
CA LYS E 203 -54.77 -9.71 -0.47
C LYS E 203 -55.53 -8.42 -0.15
N GLU E 204 -55.00 -7.67 0.80
CA GLU E 204 -55.57 -6.36 1.15
C GLU E 204 -55.07 -5.31 0.18
N TYR E 205 -55.98 -4.76 -0.62
CA TYR E 205 -55.61 -3.78 -1.65
C TYR E 205 -56.69 -2.71 -1.85
N VAL E 206 -56.40 -1.77 -2.74
CA VAL E 206 -57.34 -0.73 -3.10
C VAL E 206 -57.27 -0.44 -4.60
N LEU E 207 -58.43 -0.35 -5.24
CA LEU E 207 -58.48 -0.10 -6.67
C LEU E 207 -57.97 1.30 -7.03
N PRO E 208 -56.88 1.35 -7.81
CA PRO E 208 -56.29 2.62 -8.25
C PRO E 208 -57.26 3.42 -9.11
N SER E 209 -56.86 4.63 -9.51
CA SER E 209 -57.70 5.48 -10.34
C SER E 209 -57.27 5.44 -11.79
N PHE E 210 -56.04 5.01 -12.03
CA PHE E 210 -55.50 4.93 -13.39
C PHE E 210 -54.62 3.70 -13.58
N GLU E 211 -54.31 3.40 -14.83
CA GLU E 211 -53.45 2.27 -15.16
C GLU E 211 -52.10 2.74 -15.69
N VAL E 212 -51.09 1.88 -15.59
CA VAL E 212 -49.75 2.21 -16.09
C VAL E 212 -49.24 1.12 -17.01
N ILE E 213 -48.97 1.48 -18.26
CA ILE E 213 -48.48 0.53 -19.26
C ILE E 213 -47.04 0.83 -19.63
N VAL E 214 -46.24 -0.23 -19.77
CA VAL E 214 -44.83 -0.09 -20.14
C VAL E 214 -44.49 -0.96 -21.35
N GLU E 215 -44.40 -0.32 -22.52
CA GLU E 215 -44.11 -1.04 -23.76
C GLU E 215 -42.84 -0.51 -24.42
N PRO E 216 -41.78 -1.32 -24.43
CA PRO E 216 -40.52 -0.97 -25.08
C PRO E 216 -40.71 -0.81 -26.59
N THR E 217 -39.82 -0.04 -27.22
CA THR E 217 -39.89 0.18 -28.67
C THR E 217 -39.85 -1.14 -29.42
N GLU E 218 -39.08 -2.08 -28.89
CA GLU E 218 -38.97 -3.41 -29.48
C GLU E 218 -39.30 -4.48 -28.46
N LYS E 219 -39.87 -5.59 -28.91
CA LYS E 219 -40.23 -6.70 -28.04
C LYS E 219 -39.01 -7.52 -27.65
N PHE E 220 -37.83 -6.93 -27.83
CA PHE E 220 -36.58 -7.59 -27.49
C PHE E 220 -35.47 -6.56 -27.34
N TYR E 221 -34.23 -7.03 -27.31
CA TYR E 221 -33.07 -6.13 -27.20
C TYR E 221 -31.84 -6.71 -27.90
N TYR E 222 -31.30 -5.97 -28.85
CA TYR E 222 -30.10 -6.38 -29.55
C TYR E 222 -28.86 -6.01 -28.75
N ILE E 223 -27.94 -6.95 -28.60
CA ILE E 223 -26.75 -6.76 -27.77
C ILE E 223 -25.89 -5.59 -28.23
N TYR E 224 -25.54 -5.58 -29.52
CA TYR E 224 -24.66 -4.56 -30.07
C TYR E 224 -25.41 -3.27 -30.39
N ASN E 225 -26.63 -3.16 -29.89
CA ASN E 225 -27.44 -1.96 -30.11
C ASN E 225 -27.00 -0.81 -29.21
N GLU E 226 -26.22 0.10 -29.77
CA GLU E 226 -25.69 1.22 -29.01
C GLU E 226 -26.80 2.16 -28.53
N LYS E 227 -27.90 2.20 -29.27
CA LYS E 227 -29.01 3.07 -28.93
C LYS E 227 -29.58 2.74 -27.55
N GLY E 228 -29.48 1.48 -27.15
CA GLY E 228 -29.96 1.04 -25.86
C GLY E 228 -31.40 0.55 -25.90
N LEU E 229 -32.03 0.48 -24.73
CA LEU E 229 -33.40 0.02 -24.62
C LEU E 229 -34.35 1.17 -24.29
N GLU E 230 -35.10 1.61 -25.30
CA GLU E 230 -36.08 2.68 -25.11
C GLU E 230 -37.42 2.12 -24.67
N VAL E 231 -37.95 2.64 -23.57
CA VAL E 231 -39.23 2.17 -23.03
C VAL E 231 -40.26 3.29 -22.96
N THR E 232 -41.46 3.01 -23.44
CA THR E 232 -42.54 3.99 -23.42
C THR E 232 -43.39 3.84 -22.17
N ILE E 233 -43.73 4.97 -21.55
CA ILE E 233 -44.54 4.97 -20.35
C ILE E 233 -45.90 5.62 -20.59
N THR E 234 -46.89 4.81 -20.93
CA THR E 234 -48.25 5.30 -21.18
C THR E 234 -49.13 5.10 -19.96
N ALA E 235 -49.68 6.19 -19.44
CA ALA E 235 -50.54 6.12 -18.26
C ALA E 235 -51.80 6.98 -18.43
N ARG E 236 -52.96 6.33 -18.33
CA ARG E 236 -54.23 7.03 -18.43
C ARG E 236 -55.24 6.49 -17.41
N PHE E 237 -56.18 7.34 -17.02
CA PHE E 237 -57.22 6.94 -16.06
C PHE E 237 -58.04 5.77 -16.58
N LEU E 238 -58.81 5.16 -15.69
CA LEU E 238 -59.62 4.00 -16.03
C LEU E 238 -60.80 4.38 -16.91
N TYR E 239 -61.06 5.68 -17.04
CA TYR E 239 -62.18 6.15 -17.84
C TYR E 239 -61.74 6.80 -19.15
N GLY E 240 -60.50 6.56 -19.54
CA GLY E 240 -60.00 7.04 -20.82
C GLY E 240 -59.09 8.24 -20.74
N LYS E 241 -59.45 9.20 -19.91
CA LYS E 241 -58.67 10.44 -19.78
C LYS E 241 -57.20 10.15 -19.46
N LYS E 242 -56.34 11.10 -19.81
CA LYS E 242 -54.89 10.92 -19.65
C LYS E 242 -54.43 11.34 -18.25
N VAL E 243 -53.22 10.91 -17.89
CA VAL E 243 -52.69 11.15 -16.56
C VAL E 243 -51.57 12.20 -16.54
N GLU E 244 -51.67 13.15 -15.63
CA GLU E 244 -50.65 14.16 -15.44
C GLU E 244 -49.91 13.94 -14.12
N GLY E 245 -48.64 13.57 -14.21
CA GLY E 245 -47.85 13.32 -13.02
C GLY E 245 -46.38 13.07 -13.31
N THR E 246 -45.73 12.35 -12.40
CA THR E 246 -44.31 12.02 -12.55
C THR E 246 -44.11 10.52 -12.45
N ALA E 247 -43.08 10.01 -13.14
CA ALA E 247 -42.82 8.57 -13.14
C ALA E 247 -41.46 8.23 -12.54
N PHE E 248 -41.37 7.04 -11.95
CA PHE E 248 -40.12 6.54 -11.39
C PHE E 248 -39.80 5.18 -11.98
N VAL E 249 -38.90 5.16 -12.96
CA VAL E 249 -38.57 3.93 -13.68
C VAL E 249 -37.18 3.40 -13.33
N ILE E 250 -37.07 2.09 -13.20
CA ILE E 250 -35.79 1.44 -12.92
C ILE E 250 -35.69 0.11 -13.66
N PHE E 251 -34.49 -0.22 -14.13
CA PHE E 251 -34.28 -1.45 -14.88
C PHE E 251 -33.57 -2.52 -14.06
N GLY E 252 -33.30 -3.66 -14.68
CA GLY E 252 -32.64 -4.77 -14.01
C GLY E 252 -32.52 -5.99 -14.89
N ILE E 253 -31.50 -6.81 -14.63
CA ILE E 253 -31.27 -8.02 -15.40
C ILE E 253 -31.81 -9.25 -14.66
N GLN E 254 -32.49 -10.13 -15.39
CA GLN E 254 -33.08 -11.31 -14.78
C GLN E 254 -32.41 -12.59 -15.25
N ASP E 255 -31.60 -13.19 -14.38
CA ASP E 255 -30.94 -14.45 -14.67
C ASP E 255 -31.93 -15.59 -14.46
N GLY E 256 -31.44 -16.83 -14.47
CA GLY E 256 -32.28 -17.98 -14.25
C GLY E 256 -32.96 -17.95 -12.89
N GLU E 257 -34.21 -17.48 -12.88
CA GLU E 257 -34.96 -17.36 -11.64
C GLU E 257 -34.21 -16.52 -10.61
N GLN E 258 -33.55 -15.47 -11.10
CA GLN E 258 -32.82 -14.54 -10.24
C GLN E 258 -32.91 -13.13 -10.81
N ARG E 259 -32.94 -12.14 -9.92
CA ARG E 259 -33.02 -10.75 -10.35
C ARG E 259 -31.91 -9.90 -9.74
N ILE E 260 -31.14 -9.25 -10.61
CA ILE E 260 -30.07 -8.36 -10.17
C ILE E 260 -30.42 -6.92 -10.53
N SER E 261 -30.98 -6.19 -9.58
CA SER E 261 -31.41 -4.82 -9.81
C SER E 261 -30.25 -3.93 -10.25
N LEU E 262 -30.57 -2.91 -11.04
CA LEU E 262 -29.56 -1.97 -11.51
C LEU E 262 -29.84 -0.57 -10.96
N PRO E 263 -29.27 -0.26 -9.78
CA PRO E 263 -29.46 1.02 -9.10
C PRO E 263 -29.03 2.20 -9.95
N GLU E 264 -28.07 1.97 -10.85
CA GLU E 264 -27.55 3.03 -11.70
C GLU E 264 -28.56 3.46 -12.75
N SER E 265 -29.44 2.54 -13.14
CA SER E 265 -30.42 2.81 -14.18
C SER E 265 -31.73 3.33 -13.60
N LEU E 266 -31.64 4.37 -12.78
CA LEU E 266 -32.82 4.98 -12.18
C LEU E 266 -33.06 6.37 -12.76
N LYS E 267 -34.29 6.60 -13.24
CA LYS E 267 -34.63 7.87 -13.87
C LYS E 267 -35.93 8.46 -13.32
N ARG E 268 -36.13 9.75 -13.53
CA ARG E 268 -37.34 10.43 -13.11
C ARG E 268 -37.90 11.27 -14.25
N ILE E 269 -38.67 10.64 -15.13
CA ILE E 269 -39.23 11.33 -16.29
C ILE E 269 -40.63 11.85 -16.00
N PRO E 270 -40.86 13.15 -16.27
CA PRO E 270 -42.18 13.78 -16.10
C PRO E 270 -43.20 13.20 -17.07
N ILE E 271 -44.39 12.90 -16.57
CA ILE E 271 -45.46 12.36 -17.41
C ILE E 271 -46.42 13.46 -17.84
N GLU E 272 -46.17 14.05 -18.99
CA GLU E 272 -47.02 15.11 -19.52
C GLU E 272 -47.93 14.58 -20.64
N ASP E 273 -49.17 15.05 -20.66
CA ASP E 273 -50.13 14.67 -21.69
C ASP E 273 -50.39 13.16 -21.67
N GLY E 274 -50.28 12.56 -20.49
CA GLY E 274 -50.57 11.14 -20.32
C GLY E 274 -49.58 10.24 -21.01
N SER E 275 -48.30 10.58 -20.95
CA SER E 275 -47.26 9.77 -21.58
C SER E 275 -45.86 10.24 -21.19
N GLY E 276 -44.89 9.34 -21.29
CA GLY E 276 -43.51 9.64 -20.97
C GLY E 276 -42.54 8.89 -21.85
N GLU E 277 -41.24 9.09 -21.63
CA GLU E 277 -40.21 8.44 -22.42
C GLU E 277 -38.91 8.29 -21.64
N VAL E 278 -38.44 7.05 -21.53
CA VAL E 278 -37.19 6.77 -20.83
C VAL E 278 -36.30 5.86 -21.66
N VAL E 279 -34.99 6.10 -21.60
CA VAL E 279 -34.03 5.31 -22.36
C VAL E 279 -32.95 4.71 -21.47
N LEU E 280 -32.72 3.41 -21.61
CA LEU E 280 -31.67 2.73 -20.87
C LEU E 280 -30.37 2.69 -21.67
N SER E 281 -29.42 3.54 -21.30
CA SER E 281 -28.14 3.61 -21.98
C SER E 281 -27.42 2.27 -21.96
N ARG E 282 -26.81 1.91 -23.08
CA ARG E 282 -26.08 0.65 -23.19
C ARG E 282 -24.90 0.61 -22.22
N LYS E 283 -24.43 1.80 -21.84
CA LYS E 283 -23.30 1.90 -20.92
C LYS E 283 -23.65 1.33 -19.55
N VAL E 284 -24.76 1.78 -18.98
CA VAL E 284 -25.20 1.33 -17.67
C VAL E 284 -25.49 -0.18 -17.65
N LEU E 285 -26.08 -0.67 -18.73
CA LEU E 285 -26.42 -2.08 -18.84
C LEU E 285 -25.20 -2.98 -18.65
N LEU E 286 -24.10 -2.61 -19.29
CA LEU E 286 -22.85 -3.37 -19.19
C LEU E 286 -22.19 -3.15 -17.83
N ASP E 287 -22.40 -1.98 -17.24
CA ASP E 287 -21.82 -1.65 -15.95
C ASP E 287 -22.49 -2.46 -14.84
N GLY E 288 -23.74 -2.85 -15.07
CA GLY E 288 -24.48 -3.64 -14.09
C GLY E 288 -23.77 -4.92 -13.74
N VAL E 289 -23.62 -5.80 -14.72
CA VAL E 289 -22.92 -7.07 -14.53
C VAL E 289 -21.42 -6.84 -14.43
N GLN E 290 -20.73 -7.77 -13.78
CA GLN E 290 -19.28 -7.67 -13.61
C GLN E 290 -18.56 -8.47 -14.69
N ASN E 291 -19.24 -8.67 -15.82
CA ASN E 291 -18.65 -9.41 -16.93
C ASN E 291 -18.39 -8.50 -18.13
N PRO E 292 -17.10 -8.32 -18.47
CA PRO E 292 -16.68 -7.45 -19.57
C PRO E 292 -17.34 -7.80 -20.91
N ARG E 293 -17.32 -9.08 -21.27
CA ARG E 293 -17.88 -9.52 -22.53
C ARG E 293 -19.40 -9.38 -22.56
N ALA E 294 -19.92 -8.79 -23.63
CA ALA E 294 -21.35 -8.55 -23.76
C ALA E 294 -22.08 -9.75 -24.32
N GLU E 295 -21.34 -10.68 -24.91
CA GLU E 295 -21.93 -11.88 -25.50
C GLU E 295 -22.38 -12.85 -24.42
N ASP E 296 -22.07 -12.53 -23.16
CA ASP E 296 -22.46 -13.37 -22.04
C ASP E 296 -23.88 -13.05 -21.57
N LEU E 297 -24.38 -11.89 -21.97
CA LEU E 297 -25.72 -11.48 -21.59
C LEU E 297 -26.76 -12.09 -22.53
N VAL E 298 -26.28 -12.70 -23.61
CA VAL E 298 -27.15 -13.35 -24.58
C VAL E 298 -27.87 -14.54 -23.96
N GLY E 299 -29.19 -14.44 -23.84
CA GLY E 299 -29.99 -15.48 -23.24
C GLY E 299 -30.78 -14.97 -22.05
N LYS E 300 -30.21 -14.01 -21.33
CA LYS E 300 -30.88 -13.42 -20.18
C LYS E 300 -32.01 -12.49 -20.63
N SER E 301 -32.61 -11.80 -19.67
CA SER E 301 -33.71 -10.88 -19.96
C SER E 301 -33.65 -9.63 -19.10
N LEU E 302 -34.48 -8.64 -19.45
CA LEU E 302 -34.53 -7.40 -18.69
C LEU E 302 -35.96 -7.14 -18.20
N TYR E 303 -36.08 -6.39 -17.11
CA TYR E 303 -37.39 -6.05 -16.56
C TYR E 303 -37.46 -4.57 -16.18
N VAL E 304 -38.57 -3.94 -16.51
CA VAL E 304 -38.77 -2.52 -16.22
C VAL E 304 -39.75 -2.34 -15.07
N SER E 305 -39.41 -1.43 -14.16
CA SER E 305 -40.28 -1.15 -13.01
C SER E 305 -40.60 0.33 -12.92
N ALA E 306 -41.75 0.72 -13.46
CA ALA E 306 -42.17 2.12 -13.46
C ALA E 306 -43.17 2.40 -12.33
N THR E 307 -43.34 3.67 -12.00
CA THR E 307 -44.27 4.08 -10.95
C THR E 307 -44.77 5.51 -11.18
N VAL E 308 -46.04 5.63 -11.52
CA VAL E 308 -46.64 6.93 -11.80
C VAL E 308 -47.32 7.52 -10.58
N ILE E 309 -47.08 8.81 -10.32
CA ILE E 309 -47.68 9.50 -9.19
C ILE E 309 -48.28 10.84 -9.64
N LEU E 310 -49.57 11.04 -9.36
CA LEU E 310 -50.26 12.26 -9.75
C LEU E 310 -49.63 13.49 -9.08
N HIS E 311 -50.03 14.68 -9.54
CA HIS E 311 -49.54 15.92 -8.95
C HIS E 311 -50.26 16.23 -7.65
N SER E 312 -51.36 15.53 -7.39
CA SER E 312 -52.13 15.72 -6.17
C SER E 312 -51.63 14.78 -5.07
N GLY E 313 -50.86 13.78 -5.47
CA GLY E 313 -50.32 12.81 -4.53
C GLY E 313 -51.43 12.03 -3.83
N SER E 314 -52.44 11.65 -4.59
CA SER E 314 -53.58 10.91 -4.05
C SER E 314 -53.55 9.45 -4.49
N ASP E 315 -52.84 9.17 -5.58
CA ASP E 315 -52.74 7.81 -6.09
C ASP E 315 -51.32 7.50 -6.54
N MET E 316 -50.99 6.21 -6.59
CA MET E 316 -49.65 5.76 -6.97
C MET E 316 -49.70 4.33 -7.49
N VAL E 317 -49.49 4.17 -8.79
CA VAL E 317 -49.56 2.85 -9.43
C VAL E 317 -48.18 2.31 -9.78
N GLN E 318 -47.99 1.02 -9.60
CA GLN E 318 -46.71 0.38 -9.91
C GLN E 318 -46.87 -0.67 -11.00
N ALA E 319 -46.16 -0.48 -12.12
CA ALA E 319 -46.23 -1.41 -13.23
C ALA E 319 -44.90 -2.14 -13.42
N GLU E 320 -44.89 -3.11 -14.33
CA GLU E 320 -43.68 -3.88 -14.60
C GLU E 320 -43.76 -4.66 -15.91
N ARG E 321 -42.66 -4.67 -16.65
CA ARG E 321 -42.56 -5.43 -17.89
C ARG E 321 -41.34 -6.34 -17.85
N SER E 322 -41.54 -7.57 -17.39
CA SER E 322 -40.45 -8.54 -17.29
C SER E 322 -40.44 -9.48 -18.49
N GLY E 323 -39.29 -10.09 -18.74
CA GLY E 323 -39.16 -11.03 -19.83
C GLY E 323 -38.82 -10.35 -21.15
N ILE E 324 -37.72 -9.63 -21.18
CA ILE E 324 -37.26 -8.97 -22.41
C ILE E 324 -36.04 -9.71 -22.96
N PRO E 325 -36.27 -10.61 -23.93
CA PRO E 325 -35.22 -11.43 -24.53
C PRO E 325 -34.08 -10.61 -25.12
N ILE E 326 -32.85 -10.93 -24.74
CA ILE E 326 -31.67 -10.26 -25.29
C ILE E 326 -30.97 -11.18 -26.28
N VAL E 327 -31.62 -11.45 -27.40
CA VAL E 327 -31.09 -12.35 -28.41
C VAL E 327 -30.32 -11.60 -29.49
N THR E 328 -29.56 -12.33 -30.29
CA THR E 328 -28.78 -11.74 -31.36
C THR E 328 -29.58 -11.70 -32.66
N SER E 329 -30.61 -12.53 -32.74
CA SER E 329 -31.47 -12.58 -33.91
C SER E 329 -32.91 -12.27 -33.54
N PRO E 330 -33.50 -11.25 -34.19
CA PRO E 330 -34.87 -10.80 -33.94
C PRO E 330 -35.91 -11.85 -34.30
N TYR E 331 -35.46 -13.06 -34.66
CA TYR E 331 -36.37 -14.12 -35.04
C TYR E 331 -35.93 -15.48 -34.49
N GLN E 332 -36.81 -16.47 -34.58
CA GLN E 332 -36.50 -17.82 -34.15
C GLN E 332 -37.10 -18.84 -35.12
N ILE E 333 -36.54 -20.04 -35.15
CA ILE E 333 -37.01 -21.09 -36.05
C ILE E 333 -37.28 -22.39 -35.30
N HIS E 334 -38.45 -22.97 -35.55
CA HIS E 334 -38.84 -24.22 -34.89
C HIS E 334 -39.48 -25.18 -35.88
N PHE E 335 -38.97 -26.42 -35.92
CA PHE E 335 -39.53 -27.44 -36.80
C PHE E 335 -40.49 -28.35 -36.04
N THR E 336 -41.12 -27.80 -35.01
CA THR E 336 -42.06 -28.56 -34.20
C THR E 336 -43.29 -28.98 -34.99
N LYS E 337 -43.58 -28.24 -36.06
CA LYS E 337 -44.73 -28.54 -36.91
C LYS E 337 -44.31 -29.34 -38.13
N THR E 338 -43.02 -29.63 -38.23
CA THR E 338 -42.48 -30.38 -39.35
C THR E 338 -42.26 -31.84 -38.98
N PRO E 339 -42.80 -32.75 -39.80
CA PRO E 339 -42.65 -34.20 -39.59
C PRO E 339 -41.18 -34.61 -39.47
N LYS E 340 -40.92 -35.70 -38.76
CA LYS E 340 -39.56 -36.17 -38.56
C LYS E 340 -39.25 -37.40 -39.41
N TYR E 341 -40.03 -37.59 -40.48
CA TYR E 341 -39.83 -38.71 -41.38
C TYR E 341 -40.04 -38.31 -42.83
N PHE E 342 -39.24 -38.85 -43.74
CA PHE E 342 -39.33 -38.52 -45.15
C PHE E 342 -39.45 -39.76 -46.02
N LYS E 343 -39.67 -39.55 -47.32
CA LYS E 343 -39.76 -40.65 -48.27
C LYS E 343 -38.66 -40.52 -49.33
N PRO E 344 -37.78 -41.53 -49.40
CA PRO E 344 -36.66 -41.55 -50.34
C PRO E 344 -37.11 -41.30 -51.78
N GLY E 345 -36.71 -40.16 -52.34
CA GLY E 345 -37.04 -39.83 -53.71
C GLY E 345 -38.19 -38.84 -53.82
N MET E 346 -39.16 -38.97 -52.93
CA MET E 346 -40.34 -38.11 -52.95
C MET E 346 -40.06 -36.77 -52.27
N PRO E 347 -40.74 -35.70 -52.73
CA PRO E 347 -40.58 -34.36 -52.18
C PRO E 347 -40.86 -34.32 -50.68
N PHE E 348 -40.10 -33.52 -49.95
CA PHE E 348 -40.27 -33.40 -48.51
C PHE E 348 -40.66 -31.97 -48.12
N ASP E 349 -41.89 -31.81 -47.64
CA ASP E 349 -42.40 -30.50 -47.26
C ASP E 349 -41.98 -30.13 -45.84
N LEU E 350 -41.72 -28.85 -45.62
CA LEU E 350 -41.32 -28.36 -44.30
C LEU E 350 -42.33 -27.35 -43.76
N MET E 351 -42.62 -27.46 -42.47
CA MET E 351 -43.52 -26.54 -41.81
C MET E 351 -42.76 -25.57 -40.91
N VAL E 352 -41.98 -24.70 -41.51
CA VAL E 352 -41.18 -23.73 -40.77
C VAL E 352 -42.07 -22.85 -39.89
N PHE E 353 -41.67 -22.68 -38.63
CA PHE E 353 -42.44 -21.90 -37.68
C PHE E 353 -41.63 -20.74 -37.12
N VAL E 354 -41.58 -19.65 -37.87
CA VAL E 354 -40.81 -18.46 -37.47
C VAL E 354 -41.58 -17.63 -36.46
N THR E 355 -40.92 -17.27 -35.37
CA THR E 355 -41.54 -16.46 -34.32
C THR E 355 -40.60 -15.35 -33.84
N ASN E 356 -41.12 -14.51 -32.96
CA ASN E 356 -40.34 -13.43 -32.37
C ASN E 356 -39.74 -13.85 -31.03
N PRO E 357 -38.73 -13.10 -30.56
CA PRO E 357 -38.06 -13.41 -29.30
C PRO E 357 -39.03 -13.62 -28.14
N ASP E 358 -40.17 -12.94 -28.17
CA ASP E 358 -41.16 -13.05 -27.11
C ASP E 358 -42.02 -14.31 -27.26
N GLY E 359 -42.30 -14.69 -28.50
CA GLY E 359 -43.11 -15.88 -28.76
C GLY E 359 -44.23 -15.62 -29.75
N SER E 360 -44.40 -14.36 -30.14
CA SER E 360 -45.45 -13.99 -31.08
C SER E 360 -45.03 -14.28 -32.52
N PRO E 361 -45.98 -14.79 -33.33
CA PRO E 361 -45.73 -15.15 -34.73
C PRO E 361 -45.17 -13.97 -35.53
N ALA E 362 -44.34 -14.28 -36.52
CA ALA E 362 -43.74 -13.24 -37.37
C ALA E 362 -44.47 -13.17 -38.71
N TYR E 363 -44.73 -11.95 -39.17
CA TYR E 363 -45.45 -11.75 -40.42
C TYR E 363 -44.49 -11.40 -41.56
N ARG E 364 -44.58 -12.16 -42.64
CA ARG E 364 -43.71 -11.96 -43.80
C ARG E 364 -42.23 -12.03 -43.45
N VAL E 365 -41.69 -13.24 -43.44
CA VAL E 365 -40.28 -13.45 -43.16
C VAL E 365 -39.66 -14.45 -44.13
N PRO E 366 -38.90 -13.95 -45.11
CA PRO E 366 -38.26 -14.79 -46.14
C PRO E 366 -37.41 -15.89 -45.52
N VAL E 367 -37.67 -17.13 -45.93
CA VAL E 367 -36.92 -18.27 -45.43
C VAL E 367 -36.42 -19.14 -46.59
N ALA E 368 -35.28 -19.79 -46.38
CA ALA E 368 -34.70 -20.65 -47.40
C ALA E 368 -33.80 -21.72 -46.77
N VAL E 369 -33.43 -22.72 -47.56
CA VAL E 369 -32.59 -23.80 -47.09
C VAL E 369 -31.17 -23.67 -47.64
N GLN E 370 -30.18 -24.06 -46.83
CA GLN E 370 -28.79 -23.99 -47.23
C GLN E 370 -28.55 -24.67 -48.58
N GLY E 371 -29.33 -25.72 -48.84
CA GLY E 371 -29.18 -26.49 -50.07
C GLY E 371 -29.38 -25.68 -51.33
N GLU E 372 -30.64 -25.43 -51.68
CA GLU E 372 -30.97 -24.72 -52.91
C GLU E 372 -31.43 -23.29 -52.65
N ASP E 373 -31.02 -22.38 -53.53
CA ASP E 373 -31.44 -20.98 -53.43
C ASP E 373 -32.69 -20.73 -54.26
N THR E 374 -33.17 -19.49 -54.24
CA THR E 374 -34.37 -19.11 -54.98
C THR E 374 -35.64 -19.70 -54.36
N VAL E 375 -35.54 -20.94 -53.88
CA VAL E 375 -36.67 -21.60 -53.24
C VAL E 375 -36.97 -20.96 -51.89
N GLN E 376 -37.79 -19.92 -51.92
CA GLN E 376 -38.15 -19.18 -50.70
C GLN E 376 -39.66 -19.10 -50.54
N SER E 377 -40.10 -18.68 -49.36
CA SER E 377 -41.53 -18.54 -49.08
C SER E 377 -41.75 -17.58 -47.91
N LEU E 378 -42.40 -16.45 -48.19
CA LEU E 378 -42.68 -15.46 -47.17
C LEU E 378 -43.61 -16.04 -46.10
N THR E 379 -43.23 -15.87 -44.83
CA THR E 379 -44.02 -16.35 -43.72
C THR E 379 -45.41 -15.73 -43.71
N GLN E 380 -46.42 -16.55 -43.48
CA GLN E 380 -47.80 -16.08 -43.47
C GLN E 380 -48.13 -15.31 -42.19
N GLY E 381 -49.42 -15.20 -41.88
CA GLY E 381 -49.87 -14.46 -40.71
C GLY E 381 -49.69 -15.23 -39.41
N ASP E 382 -50.03 -16.51 -39.43
CA ASP E 382 -49.93 -17.35 -38.24
C ASP E 382 -48.48 -17.61 -37.84
N GLY E 383 -47.55 -17.25 -38.73
CA GLY E 383 -46.13 -17.45 -38.47
C GLY E 383 -45.63 -18.79 -38.97
N VAL E 384 -46.18 -19.24 -40.09
CA VAL E 384 -45.79 -20.53 -40.67
C VAL E 384 -45.46 -20.39 -42.15
N ALA E 385 -44.28 -20.89 -42.53
CA ALA E 385 -43.86 -20.84 -43.92
C ALA E 385 -44.06 -22.19 -44.61
N LYS E 386 -43.93 -22.21 -45.93
CA LYS E 386 -44.12 -23.43 -46.69
C LYS E 386 -42.94 -23.71 -47.62
N LEU E 387 -42.09 -24.65 -47.22
CA LEU E 387 -40.94 -25.05 -48.04
C LEU E 387 -41.13 -26.46 -48.57
N SER E 388 -40.33 -26.82 -49.57
CA SER E 388 -40.40 -28.15 -50.17
C SER E 388 -39.12 -28.50 -50.92
N ILE E 389 -38.23 -29.22 -50.24
CA ILE E 389 -36.98 -29.65 -50.85
C ILE E 389 -37.11 -31.06 -51.41
N ASN E 390 -36.14 -31.46 -52.23
CA ASN E 390 -36.17 -32.79 -52.85
C ASN E 390 -35.36 -33.81 -52.07
N THR E 391 -35.69 -35.08 -52.23
CA THR E 391 -35.04 -36.14 -51.48
C THR E 391 -34.45 -37.21 -52.41
N HIS E 392 -33.37 -37.84 -51.97
CA HIS E 392 -32.72 -38.90 -52.74
C HIS E 392 -33.25 -40.27 -52.33
N PRO E 393 -33.29 -41.21 -53.27
CA PRO E 393 -33.74 -42.58 -53.01
C PRO E 393 -32.87 -43.29 -51.98
N SER E 394 -31.77 -42.66 -51.59
CA SER E 394 -30.85 -43.23 -50.60
C SER E 394 -31.53 -43.35 -49.24
N GLN E 395 -31.02 -44.26 -48.42
CA GLN E 395 -31.57 -44.48 -47.08
C GLN E 395 -30.79 -43.69 -46.04
N LYS E 396 -30.02 -42.70 -46.51
CA LYS E 396 -29.23 -41.87 -45.62
C LYS E 396 -30.09 -40.82 -44.92
N PRO E 397 -29.96 -40.70 -43.60
CA PRO E 397 -30.71 -39.72 -42.80
C PRO E 397 -30.67 -38.33 -43.42
N LEU E 398 -31.80 -37.65 -43.44
CA LEU E 398 -31.91 -36.34 -44.05
C LEU E 398 -31.65 -35.23 -43.02
N SER E 399 -30.79 -34.28 -43.38
CA SER E 399 -30.49 -33.15 -42.51
C SER E 399 -30.80 -31.83 -43.20
N ILE E 400 -31.63 -31.02 -42.57
CA ILE E 400 -32.04 -29.74 -43.14
C ILE E 400 -31.63 -28.57 -42.25
N THR E 401 -31.14 -27.50 -42.88
CA THR E 401 -30.74 -26.30 -42.16
C THR E 401 -31.40 -25.07 -42.77
N VAL E 402 -32.50 -24.62 -42.15
CA VAL E 402 -33.24 -23.48 -42.66
C VAL E 402 -32.82 -22.19 -41.96
N ARG E 403 -32.55 -21.16 -42.75
CA ARG E 403 -32.18 -19.85 -42.21
C ARG E 403 -33.17 -18.79 -42.66
N THR E 404 -32.90 -17.54 -42.29
CA THR E 404 -33.77 -16.43 -42.66
C THR E 404 -33.04 -15.40 -43.52
N LYS E 405 -33.46 -15.28 -44.77
CA LYS E 405 -32.85 -14.35 -45.71
C LYS E 405 -33.46 -12.96 -45.57
N LYS E 406 -33.84 -12.58 -44.36
CA LYS E 406 -34.42 -11.27 -44.10
C LYS E 406 -33.45 -10.15 -44.45
N GLN E 407 -33.84 -9.30 -45.40
CA GLN E 407 -33.02 -8.16 -45.78
C GLN E 407 -32.95 -7.15 -44.65
N GLU E 408 -32.18 -6.09 -44.85
CA GLU E 408 -31.99 -5.05 -43.84
C GLU E 408 -31.40 -5.65 -42.57
N LEU E 409 -30.70 -6.77 -42.71
CA LEU E 409 -30.12 -7.46 -41.58
C LEU E 409 -28.98 -8.38 -42.03
N SER E 410 -27.82 -8.22 -41.40
CA SER E 410 -26.65 -9.02 -41.75
C SER E 410 -26.85 -10.49 -41.42
N GLU E 411 -26.05 -11.35 -42.05
CA GLU E 411 -26.14 -12.79 -41.83
C GLU E 411 -25.78 -13.17 -40.40
N ALA E 412 -24.94 -12.35 -39.77
CA ALA E 412 -24.48 -12.62 -38.42
C ALA E 412 -25.58 -12.33 -37.39
N GLU E 413 -26.67 -11.72 -37.85
CA GLU E 413 -27.76 -11.37 -36.97
C GLU E 413 -29.04 -12.13 -37.32
N GLN E 414 -28.89 -13.22 -38.06
CA GLN E 414 -30.02 -14.04 -38.46
C GLN E 414 -30.16 -15.26 -37.57
N ALA E 415 -31.28 -15.97 -37.71
CA ALA E 415 -31.53 -17.17 -36.91
C ALA E 415 -31.41 -18.43 -37.75
N THR E 416 -30.98 -19.52 -37.12
CA THR E 416 -30.82 -20.79 -37.81
C THR E 416 -31.19 -21.97 -36.92
N ARG E 417 -31.73 -23.03 -37.55
CA ARG E 417 -32.12 -24.23 -36.83
C ARG E 417 -31.97 -25.46 -37.72
N THR E 418 -31.40 -26.52 -37.18
CA THR E 418 -31.17 -27.75 -37.94
C THR E 418 -31.91 -28.93 -37.34
N MET E 419 -32.62 -29.68 -38.18
CA MET E 419 -33.34 -30.86 -37.74
C MET E 419 -32.81 -32.12 -38.41
N GLN E 420 -33.52 -33.22 -38.27
CA GLN E 420 -33.12 -34.49 -38.87
C GLN E 420 -34.32 -35.41 -39.05
N ALA E 421 -34.47 -35.96 -40.26
CA ALA E 421 -35.57 -36.88 -40.55
C ALA E 421 -35.04 -38.27 -40.88
N LEU E 422 -35.85 -39.28 -40.56
CA LEU E 422 -35.47 -40.67 -40.80
C LEU E 422 -36.28 -41.26 -41.96
N PRO E 423 -35.63 -42.12 -42.76
CA PRO E 423 -36.27 -42.76 -43.91
C PRO E 423 -37.51 -43.57 -43.51
N TYR E 424 -38.43 -43.73 -44.45
CA TYR E 424 -39.65 -44.50 -44.20
C TYR E 424 -39.46 -45.96 -44.60
N SER E 425 -39.38 -46.83 -43.59
CA SER E 425 -39.18 -48.26 -43.83
C SER E 425 -40.31 -48.85 -44.66
N THR E 426 -39.96 -49.63 -45.67
CA THR E 426 -40.94 -50.26 -46.54
C THR E 426 -41.01 -51.77 -46.31
N VAL E 427 -42.21 -52.31 -46.30
CA VAL E 427 -42.41 -53.74 -46.08
C VAL E 427 -41.84 -54.56 -47.24
N GLY E 428 -40.67 -55.14 -47.01
CA GLY E 428 -40.02 -55.95 -48.04
C GLY E 428 -39.16 -55.13 -48.98
N ASN E 429 -38.91 -53.88 -48.60
CA ASN E 429 -38.09 -52.98 -49.42
C ASN E 429 -38.60 -52.87 -50.85
N SER E 430 -39.92 -52.87 -51.00
CA SER E 430 -40.54 -52.75 -52.32
C SER E 430 -40.56 -51.30 -52.80
N ASN E 431 -40.06 -50.40 -51.95
CA ASN E 431 -40.00 -48.98 -52.27
C ASN E 431 -41.36 -48.39 -52.62
N ASN E 432 -42.40 -48.87 -51.94
CA ASN E 432 -43.75 -48.34 -52.12
C ASN E 432 -44.07 -47.29 -51.06
N TYR E 433 -44.11 -46.03 -51.46
CA TYR E 433 -44.36 -44.94 -50.52
C TYR E 433 -45.66 -44.21 -50.82
N LEU E 434 -45.93 -43.16 -50.06
CA LEU E 434 -47.15 -42.37 -50.22
C LEU E 434 -47.00 -41.02 -49.52
N HIS E 435 -47.12 -39.95 -50.28
CA HIS E 435 -47.00 -38.61 -49.72
C HIS E 435 -48.32 -37.83 -49.82
N LEU E 436 -48.58 -36.99 -48.83
CA LEU E 436 -49.80 -36.21 -48.79
C LEU E 436 -49.51 -34.72 -48.73
N SER E 437 -49.34 -34.10 -49.89
CA SER E 437 -49.05 -32.66 -49.96
C SER E 437 -50.34 -31.85 -49.90
N VAL E 438 -50.34 -30.82 -49.07
CA VAL E 438 -51.51 -29.96 -48.91
C VAL E 438 -51.12 -28.48 -48.99
N LEU E 439 -51.81 -27.75 -49.87
CA LEU E 439 -51.55 -26.32 -50.03
C LEU E 439 -51.70 -25.59 -48.70
N ARG E 440 -50.57 -25.17 -48.13
CA ARG E 440 -50.58 -24.51 -46.83
C ARG E 440 -51.20 -23.12 -46.88
N THR E 441 -52.44 -23.03 -46.43
CA THR E 441 -53.14 -21.75 -46.31
C THR E 441 -53.98 -21.75 -45.05
N GLU E 442 -54.17 -20.57 -44.46
CA GLU E 442 -54.98 -20.44 -43.25
C GLU E 442 -56.41 -20.91 -43.50
N LEU E 443 -56.69 -22.16 -43.18
CA LEU E 443 -58.02 -22.73 -43.41
C LEU E 443 -59.07 -22.10 -42.51
N ARG E 444 -60.27 -21.92 -43.06
CA ARG E 444 -61.38 -21.33 -42.32
C ARG E 444 -62.64 -22.15 -42.53
N PRO E 445 -63.38 -22.40 -41.44
CA PRO E 445 -64.63 -23.17 -41.48
C PRO E 445 -65.61 -22.64 -42.53
N GLY E 446 -65.88 -23.45 -43.55
CA GLY E 446 -66.78 -23.05 -44.62
C GLY E 446 -66.12 -23.08 -45.97
N GLU E 447 -64.79 -23.11 -45.98
CA GLU E 447 -64.03 -23.14 -47.23
C GLU E 447 -63.83 -24.58 -47.71
N THR E 448 -62.88 -24.76 -48.62
CA THR E 448 -62.58 -26.08 -49.17
C THR E 448 -61.07 -26.31 -49.20
N LEU E 449 -60.67 -27.56 -49.00
CA LEU E 449 -59.25 -27.91 -48.99
C LEU E 449 -58.94 -28.97 -50.04
N ASN E 450 -57.76 -28.86 -50.65
CA ASN E 450 -57.33 -29.83 -51.66
C ASN E 450 -56.23 -30.74 -51.14
N VAL E 451 -56.57 -32.00 -50.88
CA VAL E 451 -55.62 -32.98 -50.40
C VAL E 451 -55.06 -33.80 -51.56
N ASN E 452 -53.73 -33.78 -51.70
CA ASN E 452 -53.08 -34.51 -52.79
C ASN E 452 -52.57 -35.87 -52.37
N PHE E 453 -52.67 -36.84 -53.28
CA PHE E 453 -52.22 -38.20 -53.01
C PHE E 453 -51.15 -38.62 -54.01
N LEU E 454 -49.88 -38.42 -53.63
CA LEU E 454 -48.76 -38.76 -54.50
C LEU E 454 -48.29 -40.19 -54.24
N LEU E 455 -48.28 -41.01 -55.28
CA LEU E 455 -47.89 -42.41 -55.15
C LEU E 455 -46.53 -42.68 -55.78
N ARG E 456 -45.81 -43.66 -55.23
CA ARG E 456 -44.49 -44.03 -55.75
C ARG E 456 -44.29 -45.55 -55.74
N MET E 457 -44.29 -46.14 -56.92
CA MET E 457 -44.07 -47.57 -57.07
C MET E 457 -43.93 -47.96 -58.52
N ASP E 458 -43.34 -49.13 -58.77
CA ASP E 458 -43.19 -49.64 -60.13
C ASP E 458 -44.54 -50.00 -60.72
N ARG E 459 -44.57 -50.16 -62.04
CA ARG E 459 -45.83 -50.50 -62.73
C ARG E 459 -46.13 -51.98 -62.65
N ALA E 460 -45.34 -52.71 -61.88
CA ALA E 460 -45.53 -54.14 -61.71
C ALA E 460 -46.80 -54.43 -60.91
N HIS E 461 -47.21 -53.45 -60.10
CA HIS E 461 -48.40 -53.61 -59.26
C HIS E 461 -49.12 -52.29 -59.02
N GLU E 462 -48.90 -51.33 -59.92
CA GLU E 462 -49.51 -50.00 -59.78
C GLU E 462 -50.97 -50.02 -60.23
N ALA E 463 -51.33 -51.02 -61.02
CA ALA E 463 -52.69 -51.13 -61.54
C ALA E 463 -53.64 -51.69 -60.48
N LYS E 464 -53.09 -52.34 -59.47
CA LYS E 464 -53.88 -52.93 -58.40
C LYS E 464 -54.39 -51.85 -57.44
N ILE E 465 -53.71 -50.71 -57.43
CA ILE E 465 -54.12 -49.58 -56.60
C ILE E 465 -55.28 -48.84 -57.25
N ARG E 466 -56.50 -49.12 -56.78
CA ARG E 466 -57.70 -48.54 -57.38
C ARG E 466 -58.39 -47.55 -56.46
N TYR E 467 -57.90 -47.42 -55.22
CA TYR E 467 -58.51 -46.53 -54.24
C TYR E 467 -57.65 -46.34 -53.01
N TYR E 468 -57.82 -45.20 -52.36
CA TYR E 468 -57.13 -44.92 -51.09
C TYR E 468 -58.14 -44.87 -49.95
N THR E 469 -57.64 -44.86 -48.72
CA THR E 469 -58.50 -44.80 -47.54
C THR E 469 -58.07 -43.68 -46.60
N TYR E 470 -58.79 -42.57 -46.65
CA TYR E 470 -58.47 -41.42 -45.80
C TYR E 470 -59.36 -41.36 -44.58
N LEU E 471 -58.77 -40.98 -43.45
CA LEU E 471 -59.53 -40.83 -42.21
C LEU E 471 -59.27 -39.47 -41.57
N ILE E 472 -60.29 -38.90 -40.95
CA ILE E 472 -60.19 -37.59 -40.34
C ILE E 472 -60.10 -37.68 -38.82
N MET E 473 -58.94 -37.32 -38.27
CA MET E 473 -58.76 -37.29 -36.83
C MET E 473 -59.07 -35.89 -36.30
N ASN E 474 -59.97 -35.83 -35.31
CA ASN E 474 -60.40 -34.56 -34.75
C ASN E 474 -60.68 -34.64 -33.26
N LYS E 475 -59.87 -33.95 -32.47
CA LYS E 475 -60.03 -33.92 -31.01
C LYS E 475 -60.06 -35.33 -30.43
N GLY E 476 -59.27 -36.23 -30.99
CA GLY E 476 -59.15 -37.59 -30.49
C GLY E 476 -60.32 -38.48 -30.85
N ARG E 477 -60.77 -38.39 -32.10
CA ARG E 477 -61.86 -39.23 -32.57
C ARG E 477 -61.87 -39.29 -34.10
N LEU E 478 -62.76 -40.11 -34.65
CA LEU E 478 -62.90 -40.22 -36.10
C LEU E 478 -64.06 -39.37 -36.60
N LEU E 479 -63.74 -38.26 -37.25
CA LEU E 479 -64.75 -37.35 -37.77
C LEU E 479 -65.41 -37.90 -39.03
N LYS E 480 -64.59 -38.37 -39.97
CA LYS E 480 -65.09 -38.91 -41.22
C LYS E 480 -64.06 -39.83 -41.88
N ALA E 481 -64.56 -40.83 -42.60
CA ALA E 481 -63.70 -41.76 -43.31
C ALA E 481 -64.33 -42.22 -44.61
N GLY E 482 -63.57 -42.14 -45.70
CA GLY E 482 -64.08 -42.52 -47.01
C GLY E 482 -63.01 -43.11 -47.90
N ARG E 483 -63.28 -43.12 -49.21
CA ARG E 483 -62.34 -43.67 -50.18
C ARG E 483 -61.94 -42.62 -51.21
N GLN E 484 -60.89 -42.91 -51.96
CA GLN E 484 -60.43 -42.02 -53.03
C GLN E 484 -60.09 -42.83 -54.28
N VAL E 485 -61.05 -42.88 -55.21
CA VAL E 485 -60.90 -43.65 -56.44
C VAL E 485 -59.62 -43.29 -57.19
N ARG E 486 -59.08 -44.25 -57.91
CA ARG E 486 -57.86 -44.05 -58.69
C ARG E 486 -57.74 -45.06 -59.81
N GLU E 487 -57.58 -44.56 -61.04
CA GLU E 487 -57.39 -45.43 -62.20
C GLU E 487 -55.90 -45.56 -62.54
N PRO E 488 -55.48 -46.76 -62.95
CA PRO E 488 -54.09 -47.03 -63.29
C PRO E 488 -53.52 -45.98 -64.25
N GLY E 489 -52.48 -45.28 -63.81
CA GLY E 489 -51.89 -44.23 -64.63
C GLY E 489 -51.87 -42.89 -63.93
N GLN E 490 -52.69 -42.75 -62.89
CA GLN E 490 -52.79 -41.50 -62.16
C GLN E 490 -51.78 -41.48 -61.00
N ASP E 491 -50.76 -40.65 -61.13
CA ASP E 491 -49.73 -40.54 -60.10
C ASP E 491 -50.14 -39.55 -59.02
N LEU E 492 -51.09 -38.68 -59.33
CA LEU E 492 -51.54 -37.66 -58.39
C LEU E 492 -53.04 -37.38 -58.53
N VAL E 493 -53.77 -37.57 -57.44
CA VAL E 493 -55.20 -37.29 -57.43
C VAL E 493 -55.53 -36.22 -56.40
N VAL E 494 -56.72 -35.63 -56.51
CA VAL E 494 -57.13 -34.57 -55.59
C VAL E 494 -58.41 -34.94 -54.85
N LEU E 495 -58.45 -34.61 -53.56
CA LEU E 495 -59.61 -34.90 -52.73
C LEU E 495 -60.33 -33.63 -52.29
N PRO E 496 -61.52 -33.38 -52.85
CA PRO E 496 -62.35 -32.22 -52.48
C PRO E 496 -62.84 -32.30 -51.05
N LEU E 497 -62.03 -31.85 -50.10
CA LEU E 497 -62.39 -31.90 -48.69
C LEU E 497 -63.12 -30.62 -48.26
N SER E 498 -64.26 -30.79 -47.60
CA SER E 498 -65.05 -29.65 -47.14
C SER E 498 -64.82 -29.38 -45.67
N ILE E 499 -64.11 -28.29 -45.38
CA ILE E 499 -63.81 -27.89 -44.01
C ILE E 499 -65.04 -27.26 -43.34
N THR E 500 -65.47 -27.85 -42.23
CA THR E 500 -66.62 -27.35 -41.50
C THR E 500 -66.19 -26.68 -40.19
N THR E 501 -67.08 -26.71 -39.20
CA THR E 501 -66.80 -26.11 -37.90
C THR E 501 -66.32 -27.14 -36.90
N ASP E 502 -66.29 -28.40 -37.33
CA ASP E 502 -65.87 -29.50 -36.47
C ASP E 502 -64.35 -29.62 -36.41
N PHE E 503 -63.70 -29.48 -37.56
CA PHE E 503 -62.26 -29.62 -37.66
C PHE E 503 -61.51 -28.77 -36.63
N ILE E 504 -62.15 -27.69 -36.20
CA ILE E 504 -61.56 -26.82 -35.18
C ILE E 504 -61.25 -27.60 -33.91
N PRO E 505 -60.04 -27.41 -33.35
CA PRO E 505 -58.99 -26.54 -33.89
C PRO E 505 -58.27 -27.18 -35.07
N SER E 506 -57.56 -28.27 -34.81
CA SER E 506 -56.78 -28.94 -35.84
C SER E 506 -57.34 -30.32 -36.16
N PHE E 507 -56.83 -30.93 -37.23
CA PHE E 507 -57.26 -32.25 -37.64
C PHE E 507 -56.15 -32.97 -38.40
N ARG E 508 -56.11 -34.29 -38.25
CA ARG E 508 -55.12 -35.10 -38.95
C ARG E 508 -55.76 -35.91 -40.08
N LEU E 509 -54.96 -36.21 -41.11
CA LEU E 509 -55.45 -36.97 -42.25
C LEU E 509 -54.53 -38.14 -42.56
N VAL E 510 -55.06 -39.35 -42.40
CA VAL E 510 -54.28 -40.56 -42.67
C VAL E 510 -54.85 -41.32 -43.87
N ALA E 511 -53.99 -41.56 -44.87
CA ALA E 511 -54.40 -42.27 -46.07
C ALA E 511 -53.48 -43.46 -46.34
N TYR E 512 -54.07 -44.62 -46.62
CA TYR E 512 -53.29 -45.81 -46.89
C TYR E 512 -53.88 -46.63 -48.03
N TYR E 513 -53.05 -47.49 -48.62
CA TYR E 513 -53.49 -48.36 -49.70
C TYR E 513 -52.91 -49.76 -49.52
N THR E 514 -53.67 -50.77 -49.91
CA THR E 514 -53.24 -52.15 -49.77
C THR E 514 -53.24 -52.88 -51.11
N LEU E 515 -52.29 -53.80 -51.28
CA LEU E 515 -52.18 -54.56 -52.52
C LEU E 515 -51.36 -55.83 -52.30
N ILE E 516 -51.23 -56.63 -53.35
CA ILE E 516 -50.45 -57.87 -53.28
C ILE E 516 -49.20 -57.77 -54.14
N GLY E 517 -48.10 -57.35 -53.53
CA GLY E 517 -46.84 -57.21 -54.25
C GLY E 517 -45.86 -58.33 -53.96
N ALA E 518 -44.65 -58.20 -54.48
CA ALA E 518 -43.61 -59.20 -54.28
C ALA E 518 -44.06 -60.58 -54.73
N SER E 519 -44.31 -61.46 -53.77
CA SER E 519 -44.76 -62.82 -54.07
C SER E 519 -45.87 -63.25 -53.13
N GLY E 520 -47.09 -62.81 -53.41
CA GLY E 520 -48.24 -63.14 -52.58
C GLY E 520 -48.14 -62.50 -51.21
N GLN E 521 -47.30 -61.49 -51.09
CA GLN E 521 -47.11 -60.79 -49.82
C GLN E 521 -48.03 -59.59 -49.71
N ARG E 522 -48.76 -59.50 -48.60
CA ARG E 522 -49.66 -58.39 -48.35
C ARG E 522 -48.91 -57.20 -47.77
N GLU E 523 -48.89 -56.10 -48.50
CA GLU E 523 -48.18 -54.90 -48.06
C GLU E 523 -49.13 -53.77 -47.72
N VAL E 524 -48.79 -53.01 -46.69
CA VAL E 524 -49.59 -51.86 -46.26
C VAL E 524 -48.73 -50.60 -46.19
N VAL E 525 -49.14 -49.56 -46.90
CA VAL E 525 -48.42 -48.30 -46.92
C VAL E 525 -49.34 -47.13 -46.60
N ALA E 526 -48.98 -46.35 -45.58
CA ALA E 526 -49.82 -45.23 -45.14
C ALA E 526 -49.04 -43.92 -45.06
N ASP E 527 -49.74 -42.86 -44.67
CA ASP E 527 -49.13 -41.55 -44.51
C ASP E 527 -50.09 -40.61 -43.78
N SER E 528 -49.55 -39.78 -42.90
CA SER E 528 -50.37 -38.84 -42.13
C SER E 528 -49.88 -37.40 -42.31
N VAL E 529 -50.77 -36.46 -42.02
CA VAL E 529 -50.44 -35.04 -42.12
C VAL E 529 -51.29 -34.20 -41.18
N TRP E 530 -50.64 -33.36 -40.38
CA TRP E 530 -51.33 -32.51 -39.42
C TRP E 530 -51.60 -31.12 -39.99
N VAL E 531 -52.86 -30.70 -39.96
CA VAL E 531 -53.25 -29.39 -40.48
C VAL E 531 -54.04 -28.61 -39.44
N ASP E 532 -53.68 -27.35 -39.25
CA ASP E 532 -54.35 -26.50 -38.28
C ASP E 532 -55.38 -25.59 -38.95
N VAL E 533 -56.51 -25.40 -38.27
CA VAL E 533 -57.56 -24.53 -38.77
C VAL E 533 -57.70 -23.30 -37.88
N LYS E 534 -58.19 -22.20 -38.45
CA LYS E 534 -58.38 -20.96 -37.70
C LYS E 534 -59.17 -21.21 -36.42
N ASP E 535 -58.46 -21.20 -35.29
CA ASP E 535 -59.09 -21.44 -33.99
C ASP E 535 -60.12 -20.36 -33.65
N SER E 536 -61.38 -20.75 -33.56
CA SER E 536 -62.45 -19.82 -33.24
C SER E 536 -63.62 -20.54 -32.56
N CYS E 537 -64.63 -19.77 -32.17
CA CYS E 537 -65.80 -20.33 -31.52
C CYS E 537 -66.53 -21.31 -32.43
N VAL E 538 -67.05 -22.38 -31.85
CA VAL E 538 -67.82 -23.36 -32.60
C VAL E 538 -68.99 -22.70 -33.31
N GLY E 539 -69.70 -21.85 -32.58
CA GLY E 539 -70.81 -21.10 -33.14
C GLY E 539 -70.48 -19.62 -33.24
N SER E 540 -71.06 -18.83 -32.33
CA SER E 540 -70.81 -17.39 -32.30
C SER E 540 -71.42 -16.76 -31.05
N LEU E 541 -70.81 -15.68 -30.58
CA LEU E 541 -71.30 -14.95 -29.41
C LEU E 541 -70.71 -13.55 -29.35
N VAL E 542 -71.52 -12.55 -29.65
CA VAL E 542 -71.08 -11.17 -29.63
C VAL E 542 -71.94 -10.33 -28.68
N VAL E 543 -71.31 -9.43 -27.94
CA VAL E 543 -72.04 -8.56 -27.03
C VAL E 543 -71.67 -7.10 -27.27
N LYS E 544 -72.56 -6.37 -27.94
CA LYS E 544 -72.32 -4.96 -28.23
C LYS E 544 -73.31 -4.07 -27.49
N SER E 545 -73.23 -2.77 -27.73
CA SER E 545 -74.11 -1.81 -27.08
C SER E 545 -75.44 -1.71 -27.81
N GLY E 546 -76.53 -1.55 -27.05
CA GLY E 546 -77.85 -1.45 -27.62
C GLY E 546 -78.23 0.00 -27.92
N GLN E 547 -77.49 0.93 -27.33
CA GLN E 547 -77.72 2.35 -27.55
C GLN E 547 -77.32 2.76 -28.96
N SER E 548 -77.86 3.89 -29.42
CA SER E 548 -77.54 4.40 -30.75
C SER E 548 -76.26 5.23 -30.72
N GLU E 549 -75.17 4.61 -30.28
CA GLU E 549 -73.88 5.29 -30.17
C GLU E 549 -73.94 6.43 -29.17
N ASP E 550 -74.34 7.61 -29.63
CA ASP E 550 -74.47 8.77 -28.77
C ASP E 550 -73.18 9.09 -28.04
N ARG E 551 -73.28 9.38 -26.76
CA ARG E 551 -72.12 9.70 -25.94
C ARG E 551 -71.86 8.61 -24.91
N GLN E 552 -71.08 8.95 -23.88
CA GLN E 552 -70.77 8.00 -22.81
C GLN E 552 -71.83 8.04 -21.72
N PRO E 553 -72.18 6.85 -21.19
CA PRO E 553 -73.19 6.71 -20.14
C PRO E 553 -72.85 7.52 -18.89
N VAL E 554 -73.85 7.70 -18.02
CA VAL E 554 -73.68 8.44 -16.78
C VAL E 554 -73.91 7.52 -15.58
N PRO E 555 -73.04 7.62 -14.56
CA PRO E 555 -73.16 6.79 -13.36
C PRO E 555 -74.59 6.75 -12.82
N GLY E 556 -75.26 5.63 -13.00
CA GLY E 556 -76.64 5.47 -12.57
C GLY E 556 -77.63 5.64 -13.70
N GLN E 557 -77.29 5.10 -14.87
CA GLN E 557 -78.13 5.20 -16.05
C GLN E 557 -78.42 3.83 -16.64
N GLN E 558 -79.59 3.70 -17.26
CA GLN E 558 -79.97 2.45 -17.92
C GLN E 558 -79.38 2.39 -19.32
N MET E 559 -78.94 1.19 -19.72
CA MET E 559 -78.40 0.99 -21.05
C MET E 559 -78.79 -0.38 -21.61
N THR E 560 -79.13 -0.41 -22.89
CA THR E 560 -79.50 -1.66 -23.55
C THR E 560 -78.27 -2.49 -23.85
N LEU E 561 -78.31 -3.76 -23.47
CA LEU E 561 -77.19 -4.67 -23.69
C LEU E 561 -77.55 -5.75 -24.69
N LYS E 562 -77.17 -5.53 -25.94
CA LYS E 562 -77.48 -6.48 -27.01
C LYS E 562 -76.60 -7.72 -26.93
N ILE E 563 -77.22 -8.89 -27.09
CA ILE E 563 -76.50 -10.15 -27.03
C ILE E 563 -76.81 -11.03 -28.25
N GLU E 564 -75.85 -11.15 -29.15
CA GLU E 564 -76.01 -11.98 -30.33
C GLU E 564 -75.34 -13.34 -30.15
N GLY E 565 -76.09 -14.30 -29.61
CA GLY E 565 -75.55 -15.62 -29.36
C GLY E 565 -76.30 -16.71 -30.09
N ASP E 566 -75.98 -17.96 -29.78
CA ASP E 566 -76.62 -19.10 -30.43
C ASP E 566 -77.98 -19.41 -29.79
N HIS E 567 -78.87 -20.01 -30.57
CA HIS E 567 -80.20 -20.34 -30.08
C HIS E 567 -80.17 -21.51 -29.11
N GLY E 568 -81.06 -21.48 -28.11
CA GLY E 568 -81.13 -22.53 -27.12
C GLY E 568 -79.89 -22.59 -26.24
N ALA E 569 -79.09 -21.54 -26.30
CA ALA E 569 -77.85 -21.47 -25.53
C ALA E 569 -78.01 -20.60 -24.30
N ARG E 570 -77.46 -21.06 -23.18
CA ARG E 570 -77.51 -20.31 -21.93
C ARG E 570 -76.28 -19.43 -21.78
N VAL E 571 -76.50 -18.12 -21.66
CA VAL E 571 -75.41 -17.17 -21.53
C VAL E 571 -75.26 -16.66 -20.10
N VAL E 572 -74.06 -16.81 -19.55
CA VAL E 572 -73.76 -16.31 -18.21
C VAL E 572 -72.89 -15.06 -18.28
N LEU E 573 -73.35 -13.99 -17.65
CA LEU E 573 -72.66 -12.71 -17.71
C LEU E 573 -71.83 -12.42 -16.47
N VAL E 574 -70.99 -11.39 -16.55
CA VAL E 574 -70.16 -10.96 -15.43
C VAL E 574 -69.43 -9.66 -15.77
N ALA E 575 -69.79 -8.59 -15.08
CA ALA E 575 -69.16 -7.29 -15.28
C ALA E 575 -68.09 -7.03 -14.24
N VAL E 576 -66.90 -6.62 -14.70
CA VAL E 576 -65.78 -6.38 -13.81
C VAL E 576 -65.07 -5.07 -14.13
N ASP E 577 -64.76 -4.29 -13.09
CA ASP E 577 -64.05 -3.04 -13.26
C ASP E 577 -62.63 -3.30 -13.75
N LYS E 578 -62.21 -2.58 -14.79
CA LYS E 578 -60.88 -2.75 -15.36
C LYS E 578 -59.78 -2.49 -14.36
N GLY E 579 -60.11 -1.76 -13.28
CA GLY E 579 -59.17 -1.47 -12.23
C GLY E 579 -58.69 -2.73 -11.53
N VAL E 580 -59.48 -3.80 -11.66
CA VAL E 580 -59.15 -5.08 -11.06
C VAL E 580 -58.00 -5.75 -11.81
N PHE E 581 -57.99 -5.58 -13.13
CA PHE E 581 -56.97 -6.19 -13.97
C PHE E 581 -55.65 -5.43 -13.88
N VAL E 582 -55.65 -4.33 -13.14
CA VAL E 582 -54.44 -3.53 -12.96
C VAL E 582 -53.48 -4.20 -11.99
N LEU E 583 -54.03 -4.83 -10.96
CA LEU E 583 -53.23 -5.52 -9.96
C LEU E 583 -53.00 -6.99 -10.33
N ASN E 584 -53.89 -7.52 -11.17
CA ASN E 584 -53.79 -8.91 -11.59
C ASN E 584 -54.65 -9.17 -12.83
N LYS E 585 -54.00 -9.60 -13.91
CA LYS E 585 -54.70 -9.92 -15.15
C LYS E 585 -54.40 -11.35 -15.60
N LYS E 586 -54.13 -12.22 -14.64
CA LYS E 586 -53.82 -13.61 -14.93
C LYS E 586 -55.03 -14.51 -14.72
N ASN E 587 -54.92 -15.76 -15.16
CA ASN E 587 -55.99 -16.73 -15.00
C ASN E 587 -57.31 -16.26 -15.59
N LYS E 588 -57.23 -15.55 -16.72
CA LYS E 588 -58.43 -15.05 -17.40
C LYS E 588 -58.95 -16.07 -18.40
N LEU E 589 -60.21 -16.45 -18.26
CA LEU E 589 -60.83 -17.42 -19.15
C LEU E 589 -60.94 -16.87 -20.57
N THR E 590 -60.21 -17.50 -21.48
CA THR E 590 -60.20 -17.08 -22.88
C THR E 590 -60.43 -18.26 -23.82
N GLN E 591 -61.10 -18.01 -24.93
CA GLN E 591 -61.38 -19.04 -25.91
C GLN E 591 -60.08 -19.67 -26.41
N SER E 592 -59.01 -18.86 -26.40
CA SER E 592 -57.69 -19.33 -26.83
C SER E 592 -57.17 -20.40 -25.87
N LYS E 593 -57.45 -20.23 -24.58
CA LYS E 593 -57.01 -21.19 -23.57
C LYS E 593 -57.85 -22.45 -23.60
N ILE E 594 -59.09 -22.33 -24.06
CA ILE E 594 -59.98 -23.47 -24.16
C ILE E 594 -59.49 -24.48 -25.19
N TRP E 595 -59.21 -23.99 -26.40
CA TRP E 595 -58.69 -24.85 -27.46
C TRP E 595 -57.27 -25.29 -27.14
N ASP E 596 -56.58 -24.50 -26.31
CA ASP E 596 -55.21 -24.82 -25.91
C ASP E 596 -55.18 -26.13 -25.12
N VAL E 597 -56.17 -26.31 -24.25
CA VAL E 597 -56.26 -27.53 -23.45
C VAL E 597 -56.69 -28.72 -24.29
N VAL E 598 -57.61 -28.47 -25.23
CA VAL E 598 -58.11 -29.51 -26.11
C VAL E 598 -57.02 -30.01 -27.06
N GLU E 599 -56.22 -29.07 -27.58
CA GLU E 599 -55.17 -29.40 -28.52
C GLU E 599 -54.04 -30.18 -27.84
N LYS E 600 -53.70 -29.78 -26.62
CA LYS E 600 -52.66 -30.47 -25.85
C LYS E 600 -53.21 -31.73 -25.18
N ALA E 601 -54.13 -32.39 -25.86
CA ALA E 601 -54.74 -33.61 -25.34
C ALA E 601 -54.99 -34.63 -26.44
N ASP E 602 -54.54 -34.31 -27.66
CA ASP E 602 -54.69 -35.21 -28.79
C ASP E 602 -53.93 -36.50 -28.56
N ILE E 603 -54.47 -37.60 -29.08
CA ILE E 603 -53.84 -38.91 -28.94
C ILE E 603 -52.66 -39.06 -29.89
N GLY E 604 -52.40 -38.01 -30.67
CA GLY E 604 -51.30 -38.02 -31.61
C GLY E 604 -50.12 -37.19 -31.12
N CYS E 605 -48.92 -37.55 -31.56
CA CYS E 605 -47.71 -36.83 -31.15
C CYS E 605 -46.93 -36.34 -32.36
N THR E 606 -46.57 -37.25 -33.25
CA THR E 606 -45.81 -36.91 -34.44
C THR E 606 -46.63 -36.03 -35.39
N PRO E 607 -46.03 -34.92 -35.83
CA PRO E 607 -46.68 -33.98 -36.77
C PRO E 607 -47.11 -34.67 -38.07
N GLY E 608 -46.51 -35.82 -38.35
CA GLY E 608 -46.85 -36.56 -39.56
C GLY E 608 -45.85 -37.65 -39.90
N SER E 609 -46.34 -38.71 -40.52
CA SER E 609 -45.49 -39.82 -40.95
C SER E 609 -44.86 -40.56 -39.78
N GLY E 610 -44.28 -41.72 -40.06
CA GLY E 610 -43.62 -42.52 -39.04
C GLY E 610 -42.46 -43.32 -39.61
N LYS E 611 -41.92 -44.22 -38.81
CA LYS E 611 -40.81 -45.06 -39.26
C LYS E 611 -41.29 -46.16 -40.19
N ASP E 612 -42.57 -46.50 -40.07
CA ASP E 612 -43.17 -47.52 -40.92
C ASP E 612 -44.69 -47.36 -40.99
N TYR E 613 -45.37 -48.32 -41.62
CA TYR E 613 -46.81 -48.24 -41.78
C TYR E 613 -47.52 -48.33 -40.43
N ALA E 614 -47.05 -49.22 -39.56
CA ALA E 614 -47.64 -49.39 -38.25
C ALA E 614 -47.31 -48.21 -37.35
N GLY E 615 -46.36 -47.39 -37.78
CA GLY E 615 -45.94 -46.22 -37.01
C GLY E 615 -46.75 -44.99 -37.36
N VAL E 616 -47.20 -44.91 -38.60
CA VAL E 616 -47.99 -43.78 -39.07
C VAL E 616 -49.32 -43.70 -38.34
N PHE E 617 -49.94 -44.85 -38.13
CA PHE E 617 -51.21 -44.92 -37.41
C PHE E 617 -51.05 -44.56 -35.94
N SER E 618 -50.05 -45.17 -35.29
CA SER E 618 -49.81 -44.94 -33.88
C SER E 618 -49.43 -43.50 -33.59
N ASP E 619 -48.69 -42.88 -34.50
CA ASP E 619 -48.26 -41.50 -34.34
C ASP E 619 -49.38 -40.52 -34.67
N ALA E 620 -50.43 -41.01 -35.33
CA ALA E 620 -51.56 -40.18 -35.70
C ALA E 620 -52.72 -40.35 -34.73
N GLY E 621 -52.86 -41.55 -34.19
CA GLY E 621 -53.92 -41.85 -33.23
C GLY E 621 -54.89 -42.89 -33.71
N LEU E 622 -54.37 -43.94 -34.37
CA LEU E 622 -55.20 -45.02 -34.87
C LEU E 622 -54.52 -46.38 -34.74
N THR E 623 -55.32 -47.42 -34.58
CA THR E 623 -54.80 -48.78 -34.47
C THR E 623 -55.29 -49.65 -35.61
N PHE E 624 -54.43 -49.89 -36.59
CA PHE E 624 -54.77 -50.73 -37.74
C PHE E 624 -54.39 -52.18 -37.48
N THR E 625 -55.37 -53.07 -37.56
CA THR E 625 -55.13 -54.49 -37.33
C THR E 625 -55.94 -55.34 -38.31
N SER E 626 -55.25 -56.16 -39.09
CA SER E 626 -55.89 -57.00 -40.09
C SER E 626 -55.83 -58.48 -39.72
N SER E 627 -56.42 -59.32 -40.56
CA SER E 627 -56.43 -60.76 -40.33
C SER E 627 -55.20 -61.42 -40.95
N SER E 628 -54.48 -60.65 -41.76
CA SER E 628 -53.27 -61.16 -42.41
C SER E 628 -52.09 -61.19 -41.44
N GLY E 629 -52.08 -60.26 -40.49
CA GLY E 629 -51.04 -60.21 -39.48
C GLY E 629 -50.48 -58.83 -39.22
N GLN E 630 -50.84 -57.88 -40.06
CA GLN E 630 -50.34 -56.51 -39.92
C GLN E 630 -51.12 -55.70 -38.90
N GLN E 631 -50.57 -55.57 -37.70
CA GLN E 631 -51.18 -54.77 -36.65
C GLN E 631 -50.25 -53.66 -36.20
N THR E 632 -50.82 -52.57 -35.67
CA THR E 632 -50.03 -51.44 -35.22
C THR E 632 -49.38 -51.70 -33.88
N ALA E 633 -48.48 -50.80 -33.48
CA ALA E 633 -47.76 -50.94 -32.22
C ALA E 633 -48.67 -50.80 -31.01
N GLN E 634 -48.29 -51.46 -29.93
CA GLN E 634 -49.04 -51.39 -28.67
C GLN E 634 -48.81 -50.05 -27.98
N ARG E 635 -49.89 -49.49 -27.42
CA ARG E 635 -49.79 -48.24 -26.67
C ARG E 635 -50.18 -48.43 -25.22
N ALA E 636 -49.22 -48.23 -24.32
CA ALA E 636 -49.44 -48.42 -22.89
C ALA E 636 -49.63 -47.07 -22.19
N GLU E 637 -48.68 -46.17 -22.40
CA GLU E 637 -48.71 -44.86 -21.76
C GLU E 637 -49.87 -44.01 -22.28
N LEU E 638 -50.55 -43.33 -21.37
CA LEU E 638 -51.68 -42.47 -21.74
C LEU E 638 -51.20 -41.26 -22.54
N GLN E 639 -50.29 -40.48 -21.97
CA GLN E 639 -49.74 -39.31 -22.63
C GLN E 639 -48.72 -39.71 -23.69
N CYS E 640 -48.22 -38.71 -24.42
CA CYS E 640 -47.21 -38.95 -25.46
C CYS E 640 -45.83 -39.10 -24.85
N PRO E 641 -44.97 -39.91 -25.49
CA PRO E 641 -43.60 -40.14 -25.03
C PRO E 641 -42.83 -38.84 -24.82
N GLN E 642 -41.76 -38.90 -24.03
CA GLN E 642 -40.95 -37.72 -23.74
C GLN E 642 -41.79 -36.63 -23.08
N ASP F 4 -74.70 29.07 -0.80
CA ASP F 4 -75.15 30.31 -0.20
C ASP F 4 -76.55 30.67 -0.68
N GLU F 5 -76.64 31.65 -1.59
CA GLU F 5 -77.92 32.08 -2.13
C GLU F 5 -78.38 31.22 -3.30
N ASP F 6 -77.42 30.63 -4.01
CA ASP F 6 -77.73 29.82 -5.18
C ASP F 6 -77.36 28.36 -4.96
N ILE F 7 -76.82 27.72 -6.00
CA ILE F 7 -76.42 26.31 -5.97
C ILE F 7 -77.51 25.38 -5.45
N ILE F 8 -77.17 24.10 -5.33
CA ILE F 8 -78.10 23.10 -4.81
C ILE F 8 -77.79 22.80 -3.34
N ALA F 9 -78.83 22.55 -2.56
CA ALA F 9 -78.67 22.26 -1.14
C ALA F 9 -77.65 21.16 -0.91
N GLU F 10 -76.85 21.32 0.14
CA GLU F 10 -75.83 20.33 0.49
C GLU F 10 -76.44 19.11 1.15
N GLU F 11 -77.76 18.98 1.03
CA GLU F 11 -78.47 17.85 1.61
C GLU F 11 -79.37 17.18 0.59
N ASN F 12 -79.80 17.97 -0.40
CA ASN F 12 -80.64 17.45 -1.48
C ASN F 12 -79.82 16.69 -2.52
N ILE F 13 -78.57 16.42 -2.19
CA ILE F 13 -77.68 15.71 -3.10
C ILE F 13 -77.60 14.23 -2.78
N VAL F 14 -78.13 13.41 -3.68
CA VAL F 14 -78.09 11.96 -3.51
C VAL F 14 -76.71 11.42 -3.86
N SER F 15 -75.86 11.27 -2.85
CA SER F 15 -74.49 10.82 -3.06
C SER F 15 -74.42 9.40 -3.59
N ARG F 16 -73.32 9.08 -4.25
CA ARG F 16 -73.09 7.73 -4.78
C ARG F 16 -72.48 6.84 -3.71
N SER F 17 -72.81 5.55 -3.77
CA SER F 17 -72.35 4.61 -2.76
C SER F 17 -72.00 3.24 -3.35
N GLU F 18 -72.71 2.86 -4.40
CA GLU F 18 -72.51 1.56 -5.03
C GLU F 18 -71.26 1.56 -5.90
N PHE F 19 -70.16 1.05 -5.36
CA PHE F 19 -68.92 0.94 -6.10
C PHE F 19 -68.36 -0.48 -6.06
N PRO F 20 -69.13 -1.45 -6.57
CA PRO F 20 -68.70 -2.86 -6.56
C PRO F 20 -67.52 -3.09 -7.48
N GLU F 21 -66.69 -4.08 -7.16
CA GLU F 21 -65.57 -4.46 -8.01
C GLU F 21 -66.04 -5.42 -9.10
N SER F 22 -67.21 -6.01 -8.89
CA SER F 22 -67.79 -6.95 -9.84
C SER F 22 -69.29 -7.09 -9.62
N TRP F 23 -70.03 -7.22 -10.71
CA TRP F 23 -71.48 -7.38 -10.63
C TRP F 23 -72.03 -8.04 -11.89
N LEU F 24 -73.35 -7.94 -12.09
CA LEU F 24 -74.00 -8.56 -13.23
C LEU F 24 -73.65 -10.04 -13.33
N TRP F 25 -73.85 -10.75 -12.23
CA TRP F 25 -73.55 -12.18 -12.15
C TRP F 25 -74.84 -12.98 -12.26
N ASN F 26 -75.49 -12.91 -13.41
CA ASN F 26 -76.78 -13.56 -13.61
C ASN F 26 -76.77 -14.53 -14.80
N VAL F 27 -77.95 -15.00 -15.18
CA VAL F 27 -78.09 -15.94 -16.29
C VAL F 27 -79.22 -15.54 -17.23
N GLU F 28 -78.99 -15.71 -18.52
CA GLU F 28 -80.00 -15.38 -19.53
C GLU F 28 -80.12 -16.50 -20.56
N ASP F 29 -81.33 -16.70 -21.08
CA ASP F 29 -81.59 -17.72 -22.09
C ASP F 29 -82.12 -17.11 -23.38
N LEU F 30 -81.52 -17.50 -24.50
CA LEU F 30 -81.92 -16.97 -25.80
C LEU F 30 -83.03 -17.83 -26.42
N LYS F 31 -84.27 -17.36 -26.28
CA LYS F 31 -85.43 -18.09 -26.80
C LYS F 31 -86.16 -17.26 -27.85
N GLU F 32 -85.64 -16.07 -28.15
CA GLU F 32 -86.24 -15.18 -29.13
C GLU F 32 -86.27 -15.84 -30.52
N PRO F 33 -87.23 -15.43 -31.36
CA PRO F 33 -87.36 -15.95 -32.72
C PRO F 33 -86.04 -15.87 -33.49
N PRO F 34 -85.40 -17.03 -33.72
CA PRO F 34 -84.10 -17.12 -34.39
C PRO F 34 -84.17 -16.70 -35.86
N LYS F 35 -83.26 -15.81 -36.25
CA LYS F 35 -83.15 -15.40 -37.65
C LYS F 35 -81.72 -15.59 -38.14
N ASN F 36 -81.57 -16.33 -39.23
CA ASN F 36 -80.24 -16.64 -39.77
C ASN F 36 -79.40 -17.43 -38.78
N GLY F 37 -80.07 -18.12 -37.85
CA GLY F 37 -79.39 -18.93 -36.86
C GLY F 37 -78.74 -18.10 -35.76
N ILE F 38 -79.20 -16.86 -35.63
CA ILE F 38 -78.65 -15.95 -34.62
C ILE F 38 -79.76 -15.33 -33.77
N SER F 39 -79.79 -15.69 -32.49
CA SER F 39 -80.77 -15.14 -31.56
C SER F 39 -80.21 -13.89 -30.89
N THR F 40 -81.09 -12.94 -30.59
CA THR F 40 -80.68 -11.68 -29.99
C THR F 40 -81.55 -11.33 -28.78
N LYS F 41 -80.90 -10.89 -27.70
CA LYS F 41 -81.61 -10.47 -26.49
C LYS F 41 -81.22 -9.06 -26.09
N LEU F 42 -82.22 -8.23 -25.81
CA LEU F 42 -81.99 -6.86 -25.39
C LEU F 42 -82.22 -6.71 -23.89
N MET F 43 -81.13 -6.62 -23.14
CA MET F 43 -81.22 -6.49 -21.69
C MET F 43 -81.18 -5.02 -21.26
N ASN F 44 -81.84 -4.71 -20.15
CA ASN F 44 -81.85 -3.36 -19.62
C ASN F 44 -81.25 -3.33 -18.22
N ILE F 45 -79.94 -3.16 -18.15
CA ILE F 45 -79.23 -3.17 -16.87
C ILE F 45 -79.04 -1.77 -16.30
N PHE F 46 -78.74 -1.70 -15.01
CA PHE F 46 -78.50 -0.44 -14.33
C PHE F 46 -77.04 -0.30 -13.92
N LEU F 47 -76.32 0.59 -14.60
CA LEU F 47 -74.91 0.82 -14.32
C LEU F 47 -74.71 1.29 -12.88
N LYS F 48 -73.58 0.90 -12.29
CA LYS F 48 -73.26 1.29 -10.92
C LYS F 48 -72.92 2.77 -10.83
N ASP F 49 -72.43 3.19 -9.67
CA ASP F 49 -72.11 4.60 -9.44
C ASP F 49 -70.63 4.88 -9.71
N SER F 50 -69.87 3.83 -9.97
CA SER F 50 -68.44 3.96 -10.20
C SER F 50 -68.14 4.61 -11.55
N ILE F 51 -67.21 5.56 -11.54
CA ILE F 51 -66.76 6.19 -12.79
C ILE F 51 -65.52 5.49 -13.33
N THR F 52 -65.74 4.57 -14.25
CA THR F 52 -64.66 3.77 -14.82
C THR F 52 -65.19 3.01 -16.03
N THR F 53 -64.42 2.03 -16.50
CA THR F 53 -64.83 1.21 -17.64
C THR F 53 -65.17 -0.20 -17.20
N TRP F 54 -66.44 -0.59 -17.32
CA TRP F 54 -66.88 -1.92 -16.96
C TRP F 54 -66.62 -2.91 -18.10
N GLU F 55 -65.86 -3.96 -17.80
CA GLU F 55 -65.53 -4.97 -18.79
C GLU F 55 -66.43 -6.19 -18.64
N ILE F 56 -67.52 -6.22 -19.41
CA ILE F 56 -68.48 -7.32 -19.35
C ILE F 56 -68.00 -8.54 -20.12
N LEU F 57 -68.11 -9.70 -19.49
CA LEU F 57 -67.71 -10.95 -20.13
C LEU F 57 -68.89 -11.91 -20.22
N ALA F 58 -69.10 -12.47 -21.42
CA ALA F 58 -70.20 -13.40 -21.64
C ALA F 58 -69.71 -14.80 -21.99
N VAL F 59 -70.46 -15.81 -21.57
CA VAL F 59 -70.11 -17.19 -21.87
C VAL F 59 -71.36 -17.98 -22.24
N SER F 60 -71.40 -18.47 -23.49
CA SER F 60 -72.54 -19.22 -23.98
C SER F 60 -72.35 -20.72 -23.78
N MET F 61 -73.46 -21.43 -23.60
CA MET F 61 -73.42 -22.88 -23.42
C MET F 61 -74.55 -23.54 -24.19
N SER F 62 -74.32 -23.79 -25.48
CA SER F 62 -75.33 -24.39 -26.34
C SER F 62 -75.22 -25.91 -26.34
N ASP F 63 -76.37 -26.57 -26.23
CA ASP F 63 -76.42 -28.03 -26.24
C ASP F 63 -76.08 -28.58 -27.62
N LYS F 64 -76.21 -27.73 -28.64
CA LYS F 64 -75.89 -28.11 -30.01
C LYS F 64 -74.48 -27.69 -30.37
N LYS F 65 -74.24 -26.39 -30.44
CA LYS F 65 -72.94 -25.84 -30.79
C LYS F 65 -71.88 -26.25 -29.76
N GLY F 66 -72.00 -25.71 -28.55
CA GLY F 66 -71.06 -26.02 -27.49
C GLY F 66 -70.71 -24.81 -26.65
N ILE F 67 -69.52 -24.82 -26.07
CA ILE F 67 -69.06 -23.72 -25.23
C ILE F 67 -68.26 -22.71 -26.02
N CYS F 68 -68.44 -21.42 -25.69
CA CYS F 68 -67.73 -20.35 -26.37
C CYS F 68 -67.82 -19.05 -25.57
N VAL F 69 -66.66 -18.50 -25.20
CA VAL F 69 -66.61 -17.26 -24.46
C VAL F 69 -66.49 -16.07 -25.41
N ALA F 70 -67.31 -15.04 -25.18
CA ALA F 70 -67.33 -13.87 -26.04
C ALA F 70 -66.17 -12.93 -25.73
N ASP F 71 -65.94 -11.97 -26.63
CA ASP F 71 -64.90 -10.98 -26.45
C ASP F 71 -65.33 -9.92 -25.45
N PRO F 72 -64.39 -9.47 -24.60
CA PRO F 72 -64.66 -8.45 -23.59
C PRO F 72 -65.26 -7.18 -24.18
N PHE F 73 -66.44 -6.80 -23.71
CA PHE F 73 -67.09 -5.57 -24.17
C PHE F 73 -67.00 -4.47 -23.12
N GLU F 74 -66.13 -3.50 -23.37
CA GLU F 74 -65.90 -2.41 -22.42
C GLU F 74 -66.98 -1.34 -22.49
N VAL F 75 -67.29 -0.74 -21.34
CA VAL F 75 -68.28 0.33 -21.26
C VAL F 75 -67.76 1.47 -20.40
N THR F 76 -67.37 2.58 -21.04
CA THR F 76 -66.82 3.72 -20.33
C THR F 76 -67.93 4.56 -19.69
N VAL F 77 -67.80 4.80 -18.39
CA VAL F 77 -68.78 5.60 -17.65
C VAL F 77 -68.10 6.79 -16.98
N MET F 78 -68.28 7.97 -17.55
CA MET F 78 -67.65 9.18 -17.03
C MET F 78 -68.67 10.29 -16.79
N GLN F 79 -68.28 11.29 -16.01
CA GLN F 79 -69.14 12.44 -15.74
C GLN F 79 -68.32 13.73 -15.80
N ASP F 80 -68.94 14.79 -16.29
CA ASP F 80 -68.27 16.08 -16.43
C ASP F 80 -67.61 16.50 -15.12
N PHE F 81 -68.41 16.60 -14.06
CA PHE F 81 -67.91 16.99 -12.75
C PHE F 81 -68.20 15.89 -11.73
N PHE F 82 -67.16 15.48 -11.00
CA PHE F 82 -67.31 14.43 -10.01
C PHE F 82 -66.22 14.49 -8.94
N ILE F 83 -66.44 13.78 -7.84
CA ILE F 83 -65.49 13.73 -6.75
C ILE F 83 -64.85 12.36 -6.65
N ASP F 84 -63.52 12.32 -6.51
CA ASP F 84 -62.80 11.07 -6.37
C ASP F 84 -62.24 10.92 -4.95
N LEU F 85 -63.06 10.38 -4.06
CA LEU F 85 -62.67 10.20 -2.67
C LEU F 85 -61.88 8.91 -2.48
N ARG F 86 -60.61 9.05 -2.11
CA ARG F 86 -59.75 7.89 -1.93
C ARG F 86 -59.33 7.70 -0.46
N LEU F 87 -59.75 6.58 0.11
CA LEU F 87 -59.41 6.27 1.50
C LEU F 87 -58.53 5.03 1.58
N PRO F 88 -57.60 5.00 2.55
CA PRO F 88 -56.72 3.85 2.75
C PRO F 88 -57.52 2.60 3.09
N TYR F 89 -56.87 1.44 3.00
CA TYR F 89 -57.55 0.17 3.31
C TYR F 89 -58.01 0.13 4.77
N SER F 90 -57.17 0.64 5.66
CA SER F 90 -57.49 0.67 7.08
C SER F 90 -56.70 1.74 7.81
N VAL F 91 -57.35 2.39 8.78
CA VAL F 91 -56.70 3.43 9.57
C VAL F 91 -56.75 3.10 11.06
N VAL F 92 -55.65 3.37 11.76
CA VAL F 92 -55.58 3.09 13.18
C VAL F 92 -56.45 4.03 13.99
N ARG F 93 -57.15 3.49 14.97
CA ARG F 93 -58.03 4.27 15.83
C ARG F 93 -57.25 5.26 16.70
N ASN F 94 -57.84 6.43 16.93
CA ASN F 94 -57.23 7.46 17.77
C ASN F 94 -56.04 8.16 17.11
N GLU F 95 -55.72 7.77 15.89
CA GLU F 95 -54.63 8.39 15.14
C GLU F 95 -55.15 9.37 14.11
N GLN F 96 -54.65 10.60 14.15
CA GLN F 96 -55.07 11.63 13.21
C GLN F 96 -54.45 11.42 11.83
N VAL F 97 -55.30 11.14 10.84
CA VAL F 97 -54.84 10.93 9.48
C VAL F 97 -55.37 12.02 8.55
N GLU F 98 -55.13 11.87 7.26
CA GLU F 98 -55.60 12.84 6.28
C GLU F 98 -56.08 12.18 5.00
N ILE F 99 -57.38 12.27 4.73
CA ILE F 99 -57.95 11.73 3.50
C ILE F 99 -57.99 12.81 2.42
N ARG F 100 -57.81 12.41 1.18
CA ARG F 100 -57.74 13.35 0.06
C ARG F 100 -58.94 13.19 -0.87
N ALA F 101 -59.73 14.26 -0.98
CA ALA F 101 -60.88 14.26 -1.86
C ALA F 101 -60.61 15.12 -3.09
N VAL F 102 -60.34 14.47 -4.22
CA VAL F 102 -60.01 15.16 -5.46
C VAL F 102 -61.24 15.44 -6.30
N LEU F 103 -61.48 16.71 -6.61
CA LEU F 103 -62.61 17.10 -7.44
C LEU F 103 -62.16 17.35 -8.88
N TYR F 104 -62.64 16.51 -9.80
CA TYR F 104 -62.27 16.62 -11.20
C TYR F 104 -63.23 17.50 -11.99
N ASN F 105 -62.69 18.28 -12.91
CA ASN F 105 -63.49 19.14 -13.77
C ASN F 105 -63.08 18.98 -15.24
N TYR F 106 -63.74 18.07 -15.94
CA TYR F 106 -63.39 17.77 -17.32
C TYR F 106 -64.16 18.61 -18.34
N ARG F 107 -64.72 19.72 -17.90
CA ARG F 107 -65.38 20.65 -18.81
C ARG F 107 -64.33 21.31 -19.70
N GLN F 108 -64.55 21.25 -21.01
CA GLN F 108 -63.58 21.74 -21.99
C GLN F 108 -63.07 23.13 -21.62
N ASN F 109 -63.96 24.12 -21.63
CA ASN F 109 -63.58 25.49 -21.29
C ASN F 109 -64.62 26.19 -20.43
N GLN F 110 -64.63 25.85 -19.14
CA GLN F 110 -65.58 26.42 -18.20
C GLN F 110 -65.16 26.17 -16.75
N GLU F 111 -64.69 27.22 -16.09
CA GLU F 111 -64.30 27.12 -14.69
C GLU F 111 -65.54 26.93 -13.81
N LEU F 112 -65.35 26.26 -12.68
CA LEU F 112 -66.47 25.96 -11.79
C LEU F 112 -66.22 26.47 -10.37
N LYS F 113 -67.23 27.12 -9.79
CA LYS F 113 -67.16 27.57 -8.41
C LYS F 113 -67.83 26.54 -7.52
N VAL F 114 -67.04 25.66 -6.93
CA VAL F 114 -67.56 24.54 -6.14
C VAL F 114 -67.48 24.81 -4.64
N ARG F 115 -68.43 24.27 -3.89
CA ARG F 115 -68.45 24.40 -2.44
C ARG F 115 -68.53 23.02 -1.79
N VAL F 116 -67.39 22.35 -1.71
CA VAL F 116 -67.33 21.00 -1.14
C VAL F 116 -67.49 21.01 0.37
N GLU F 117 -68.12 19.97 0.91
CA GLU F 117 -68.35 19.87 2.35
C GLU F 117 -68.17 18.44 2.85
N LEU F 118 -67.70 18.30 4.08
CA LEU F 118 -67.57 17.00 4.72
C LEU F 118 -68.61 16.83 5.81
N LEU F 119 -69.51 15.86 5.61
CA LEU F 119 -70.59 15.61 6.55
C LEU F 119 -70.07 15.17 7.92
N HIS F 120 -70.81 15.51 8.97
CA HIS F 120 -70.43 15.15 10.33
C HIS F 120 -70.61 13.67 10.61
N ASN F 121 -69.80 13.13 11.50
CA ASN F 121 -69.89 11.73 11.89
C ASN F 121 -69.27 11.50 13.26
N PRO F 122 -70.09 11.09 14.24
CA PRO F 122 -69.64 10.83 15.61
C PRO F 122 -68.48 9.84 15.66
N ALA F 123 -68.36 9.02 14.62
CA ALA F 123 -67.30 8.02 14.56
C ALA F 123 -65.95 8.67 14.25
N PHE F 124 -65.99 9.90 13.77
CA PHE F 124 -64.78 10.64 13.45
C PHE F 124 -64.73 11.97 14.18
N CYS F 125 -63.56 12.60 14.18
CA CYS F 125 -63.38 13.88 14.86
C CYS F 125 -62.74 14.91 13.93
N SER F 126 -63.57 15.65 13.22
CA SER F 126 -63.08 16.70 12.33
C SER F 126 -63.54 18.07 12.81
N LEU F 127 -63.38 19.08 11.98
CA LEU F 127 -63.80 20.43 12.32
C LEU F 127 -65.29 20.63 12.08
N ALA F 128 -65.96 19.56 11.68
CA ALA F 128 -67.40 19.59 11.42
C ALA F 128 -68.17 18.91 12.56
N THR F 129 -69.03 19.68 13.23
CA THR F 129 -69.82 19.15 14.32
C THR F 129 -71.28 18.96 13.90
N THR F 130 -72.16 18.81 14.89
CA THR F 130 -73.58 18.62 14.62
C THR F 130 -74.29 19.94 14.40
N LYS F 131 -73.56 21.04 14.57
CA LYS F 131 -74.12 22.38 14.39
C LYS F 131 -73.26 23.23 13.46
N ARG F 132 -72.04 22.76 13.18
CA ARG F 132 -71.13 23.47 12.30
C ARG F 132 -70.86 22.66 11.04
N ARG F 133 -70.61 23.36 9.93
CA ARG F 133 -70.34 22.70 8.66
C ARG F 133 -68.96 23.06 8.12
N HIS F 134 -68.01 22.13 8.27
CA HIS F 134 -66.66 22.33 7.75
C HIS F 134 -66.66 22.23 6.23
N GLN F 135 -66.72 23.38 5.56
CA GLN F 135 -66.80 23.42 4.11
C GLN F 135 -65.98 24.56 3.52
N GLN F 136 -65.41 24.33 2.35
CA GLN F 136 -64.61 25.34 1.66
C GLN F 136 -65.25 25.75 0.34
N THR F 137 -64.84 26.90 -0.18
CA THR F 137 -65.35 27.39 -1.45
C THR F 137 -64.19 27.70 -2.41
N VAL F 138 -63.95 26.80 -3.35
CA VAL F 138 -62.85 26.96 -4.30
C VAL F 138 -63.34 27.03 -5.73
N THR F 139 -62.46 27.44 -6.63
CA THR F 139 -62.78 27.54 -8.05
C THR F 139 -61.86 26.65 -8.89
N ILE F 140 -62.40 25.58 -9.44
CA ILE F 140 -61.62 24.64 -10.22
C ILE F 140 -61.53 25.07 -11.69
N PRO F 141 -60.30 25.28 -12.18
CA PRO F 141 -60.04 25.67 -13.56
C PRO F 141 -60.55 24.63 -14.56
N PRO F 142 -60.77 25.04 -15.82
CA PRO F 142 -61.23 24.13 -16.87
C PRO F 142 -60.21 23.02 -17.16
N LYS F 143 -60.70 21.82 -17.39
CA LYS F 143 -59.84 20.68 -17.71
C LYS F 143 -58.73 20.49 -16.69
N SER F 144 -59.10 20.39 -15.41
CA SER F 144 -58.14 20.18 -14.34
C SER F 144 -58.82 19.61 -13.10
N SER F 145 -58.03 19.40 -12.05
CA SER F 145 -58.56 18.85 -10.81
C SER F 145 -57.95 19.55 -9.59
N LEU F 146 -58.61 19.41 -8.44
CA LEU F 146 -58.13 20.02 -7.21
C LEU F 146 -58.31 19.07 -6.03
N SER F 147 -57.25 18.93 -5.24
CA SER F 147 -57.29 18.06 -4.07
C SER F 147 -57.69 18.83 -2.82
N VAL F 148 -58.71 18.33 -2.12
CA VAL F 148 -59.19 18.97 -0.91
C VAL F 148 -58.85 18.13 0.32
N PRO F 149 -57.85 18.58 1.09
CA PRO F 149 -57.38 17.88 2.30
C PRO F 149 -58.45 17.80 3.38
N TYR F 150 -58.46 16.70 4.13
CA TYR F 150 -59.39 16.53 5.25
C TYR F 150 -58.73 15.75 6.38
N VAL F 151 -58.54 16.41 7.51
CA VAL F 151 -57.95 15.76 8.68
C VAL F 151 -59.02 15.27 9.65
N ILE F 152 -59.01 13.97 9.94
CA ILE F 152 -60.00 13.38 10.82
C ILE F 152 -59.34 12.44 11.83
N VAL F 153 -60.12 12.00 12.81
CA VAL F 153 -59.64 11.09 13.83
C VAL F 153 -60.66 10.01 14.15
N PRO F 154 -60.44 8.79 13.63
CA PRO F 154 -61.33 7.66 13.91
C PRO F 154 -61.47 7.43 15.41
N LEU F 155 -62.67 7.64 15.93
CA LEU F 155 -62.90 7.55 17.37
C LEU F 155 -63.26 6.13 17.81
N LYS F 156 -63.93 5.39 16.93
CA LYS F 156 -64.33 4.02 17.25
C LYS F 156 -63.95 3.05 16.15
N THR F 157 -63.69 1.80 16.52
CA THR F 157 -63.28 0.77 15.57
C THR F 157 -64.44 0.37 14.66
N GLY F 158 -64.22 -0.68 13.88
CA GLY F 158 -65.24 -1.18 12.97
C GLY F 158 -65.21 -0.47 11.62
N LEU F 159 -66.10 -0.89 10.74
CA LEU F 159 -66.18 -0.29 9.41
C LEU F 159 -67.04 0.96 9.43
N GLN F 160 -66.40 2.12 9.41
CA GLN F 160 -67.10 3.40 9.46
C GLN F 160 -67.46 3.93 8.08
N GLU F 161 -68.05 5.12 8.05
CA GLU F 161 -68.53 5.70 6.79
C GLU F 161 -68.10 7.14 6.62
N VAL F 162 -67.52 7.46 5.46
CA VAL F 162 -67.11 8.81 5.14
C VAL F 162 -67.84 9.30 3.89
N GLU F 163 -68.43 10.49 3.98
CA GLU F 163 -69.21 11.03 2.87
C GLU F 163 -68.90 12.51 2.62
N VAL F 164 -68.69 12.87 1.37
CA VAL F 164 -68.40 14.24 0.99
C VAL F 164 -69.26 14.68 -0.20
N LYS F 165 -69.89 15.84 -0.08
CA LYS F 165 -70.72 16.37 -1.16
C LYS F 165 -70.16 17.69 -1.68
N ALA F 166 -70.52 18.05 -2.90
CA ALA F 166 -70.05 19.29 -3.50
C ALA F 166 -70.99 19.77 -4.61
N ALA F 167 -71.27 21.07 -4.61
CA ALA F 167 -72.13 21.66 -5.62
C ALA F 167 -71.46 22.87 -6.26
N VAL F 168 -71.85 23.17 -7.50
CA VAL F 168 -71.28 24.30 -8.22
C VAL F 168 -72.23 25.50 -8.20
N TYR F 169 -71.67 26.70 -8.33
CA TYR F 169 -72.46 27.92 -8.32
C TYR F 169 -73.01 28.27 -9.70
N HIS F 170 -74.23 28.77 -9.73
CA HIS F 170 -74.86 29.22 -10.96
C HIS F 170 -75.03 28.08 -11.97
N HIS F 171 -75.13 26.86 -11.48
CA HIS F 171 -75.33 25.70 -12.34
C HIS F 171 -76.11 24.60 -11.61
N PHE F 172 -76.69 23.69 -12.39
CA PHE F 172 -77.45 22.57 -11.83
C PHE F 172 -76.61 21.30 -11.84
N ILE F 173 -75.44 21.36 -11.19
CA ILE F 173 -74.54 20.22 -11.14
C ILE F 173 -74.08 19.94 -9.71
N SER F 174 -74.07 18.66 -9.35
CA SER F 174 -73.65 18.25 -8.01
C SER F 174 -73.24 16.79 -7.99
N ASP F 175 -72.52 16.39 -6.96
CA ASP F 175 -72.06 15.00 -6.83
C ASP F 175 -71.61 14.70 -5.39
N GLY F 176 -71.56 13.42 -5.06
CA GLY F 176 -71.14 13.00 -3.74
C GLY F 176 -70.66 11.55 -3.71
N VAL F 177 -69.80 11.24 -2.75
CA VAL F 177 -69.27 9.89 -2.62
C VAL F 177 -69.34 9.41 -1.17
N ARG F 178 -69.99 8.27 -0.95
CA ARG F 178 -70.15 7.73 0.39
C ARG F 178 -69.50 6.36 0.50
N LYS F 179 -68.18 6.35 0.69
CA LYS F 179 -67.44 5.10 0.85
C LYS F 179 -67.25 4.76 2.31
N SER F 180 -66.62 3.61 2.56
CA SER F 180 -66.39 3.14 3.92
C SER F 180 -64.97 2.65 4.12
N LEU F 181 -64.36 3.02 5.24
CA LEU F 181 -63.00 2.59 5.56
C LEU F 181 -62.97 1.87 6.91
N LYS F 182 -62.13 0.85 6.99
CA LYS F 182 -61.99 0.08 8.23
C LYS F 182 -61.20 0.86 9.27
N VAL F 183 -61.43 0.56 10.54
CA VAL F 183 -60.69 1.19 11.63
C VAL F 183 -60.07 0.12 12.53
N VAL F 184 -58.86 -0.29 12.18
CA VAL F 184 -58.16 -1.33 12.94
C VAL F 184 -57.67 -0.80 14.28
N PRO F 185 -57.95 -1.55 15.35
CA PRO F 185 -57.49 -1.21 16.70
C PRO F 185 -55.98 -1.01 16.76
N GLU F 186 -55.52 -0.19 17.69
CA GLU F 186 -54.10 0.12 17.83
C GLU F 186 -53.32 -1.08 18.37
N GLY F 187 -52.30 -1.51 17.64
CA GLY F 187 -51.47 -2.62 18.07
C GLY F 187 -50.84 -3.38 16.92
N ILE F 188 -50.62 -4.68 17.14
CA ILE F 188 -50.01 -5.53 16.12
C ILE F 188 -50.73 -6.88 16.05
N ARG F 189 -50.76 -7.47 14.85
CA ARG F 189 -51.41 -8.76 14.65
C ARG F 189 -50.50 -9.91 15.06
N MET F 190 -50.81 -10.53 16.19
CA MET F 190 -50.05 -11.67 16.68
C MET F 190 -50.86 -12.95 16.57
N ASN F 191 -50.18 -14.10 16.66
CA ASN F 191 -50.84 -15.39 16.61
C ASN F 191 -50.17 -16.45 17.48
N LYS F 192 -50.36 -16.32 18.79
CA LYS F 192 -49.78 -17.27 19.74
C LYS F 192 -50.28 -18.68 19.51
N THR F 193 -49.35 -19.59 19.21
CA THR F 193 -49.70 -21.00 19.02
C THR F 193 -49.82 -21.71 20.36
N VAL F 194 -51.07 -21.95 20.78
CA VAL F 194 -51.33 -22.58 22.05
C VAL F 194 -50.61 -23.93 22.18
N ALA F 195 -50.95 -24.86 21.31
CA ALA F 195 -50.34 -26.19 21.33
C ALA F 195 -50.54 -26.92 20.01
N VAL F 196 -49.67 -27.90 19.76
CA VAL F 196 -49.76 -28.72 18.55
C VAL F 196 -49.75 -30.21 18.91
N ARG F 197 -50.90 -30.71 19.33
CA ARG F 197 -51.01 -32.08 19.80
C ARG F 197 -51.17 -33.07 18.63
N THR F 198 -50.88 -34.33 18.89
CA THR F 198 -51.01 -35.37 17.88
C THR F 198 -52.09 -36.37 18.29
N LEU F 199 -53.01 -36.65 17.37
CA LEU F 199 -54.13 -37.53 17.65
C LEU F 199 -53.92 -38.92 17.06
N ASP F 200 -53.90 -39.93 17.93
CA ASP F 200 -53.75 -41.32 17.49
C ASP F 200 -53.99 -42.31 18.63
N PRO F 201 -55.27 -42.67 18.83
CA PRO F 201 -55.67 -43.64 19.88
C PRO F 201 -54.93 -44.96 19.72
N GLU F 202 -55.08 -45.83 20.71
CA GLU F 202 -54.41 -47.14 20.72
C GLU F 202 -52.91 -47.02 20.95
N ARG F 203 -52.34 -45.89 20.55
CA ARG F 203 -50.91 -45.64 20.73
C ARG F 203 -50.66 -44.76 21.96
N LEU F 204 -51.46 -43.71 22.09
CA LEU F 204 -51.34 -42.80 23.23
C LEU F 204 -52.68 -42.65 23.94
N GLY F 205 -53.59 -43.59 23.68
CA GLY F 205 -54.92 -43.55 24.27
C GLY F 205 -55.12 -44.59 25.34
N ARG F 206 -56.36 -45.04 25.49
CA ARG F 206 -56.72 -46.01 26.51
C ARG F 206 -58.16 -46.47 26.33
N GLU F 207 -58.35 -47.78 26.23
CA GLU F 207 -59.66 -48.36 25.99
C GLU F 207 -60.25 -47.90 24.65
N GLY F 208 -59.41 -47.28 23.83
CA GLY F 208 -59.82 -46.82 22.51
C GLY F 208 -60.06 -45.32 22.44
N VAL F 209 -60.01 -44.65 23.59
CA VAL F 209 -60.24 -43.22 23.64
C VAL F 209 -58.99 -42.46 24.11
N GLN F 210 -58.89 -41.19 23.71
CA GLN F 210 -57.76 -40.36 24.08
C GLN F 210 -58.22 -38.97 24.49
N LYS F 211 -57.79 -38.53 25.68
CA LYS F 211 -58.15 -37.21 26.18
C LYS F 211 -56.96 -36.27 26.09
N GLU F 212 -57.22 -35.05 25.61
CA GLU F 212 -56.16 -34.06 25.45
C GLU F 212 -56.64 -32.67 25.83
N ASP F 213 -56.21 -32.20 27.00
CA ASP F 213 -56.61 -30.88 27.49
C ASP F 213 -55.79 -29.78 26.84
N ILE F 214 -56.41 -28.62 26.65
CA ILE F 214 -55.75 -27.48 26.03
C ILE F 214 -55.98 -26.20 26.82
N PRO F 215 -54.95 -25.75 27.55
CA PRO F 215 -55.01 -24.52 28.36
C PRO F 215 -55.30 -23.29 27.52
N PRO F 216 -56.06 -22.34 28.07
CA PRO F 216 -56.40 -21.08 27.39
C PRO F 216 -55.16 -20.29 27.01
N ALA F 217 -55.28 -19.44 25.99
CA ALA F 217 -54.16 -18.65 25.53
C ALA F 217 -53.72 -17.62 26.57
N ASP F 218 -52.49 -17.15 26.46
CA ASP F 218 -51.96 -16.16 27.39
C ASP F 218 -52.72 -14.84 27.28
N LEU F 219 -52.44 -14.09 26.22
CA LEU F 219 -53.11 -12.82 25.96
C LEU F 219 -52.91 -11.83 27.12
N SER F 220 -51.77 -11.93 27.78
CA SER F 220 -51.45 -11.05 28.91
C SER F 220 -51.25 -9.61 28.44
N ASP F 221 -50.60 -9.45 27.30
CA ASP F 221 -50.33 -8.12 26.76
C ASP F 221 -51.34 -7.73 25.69
N GLN F 222 -52.57 -8.20 25.85
CA GLN F 222 -53.64 -7.90 24.89
C GLN F 222 -54.09 -6.45 25.00
N VAL F 223 -54.28 -5.81 23.84
CA VAL F 223 -54.73 -4.43 23.81
C VAL F 223 -56.09 -4.27 24.46
N PRO F 224 -56.22 -3.27 25.35
CA PRO F 224 -57.48 -3.00 26.05
C PRO F 224 -58.65 -2.81 25.08
N ASP F 225 -59.78 -3.42 25.41
CA ASP F 225 -60.99 -3.28 24.60
C ASP F 225 -60.79 -3.77 23.16
N THR F 226 -60.39 -5.03 23.03
CA THR F 226 -60.24 -5.65 21.71
C THR F 226 -60.70 -7.10 21.74
N GLU F 227 -61.29 -7.54 20.64
CA GLU F 227 -61.77 -8.92 20.53
C GLU F 227 -60.69 -9.84 19.97
N SER F 228 -60.91 -11.15 20.09
CA SER F 228 -59.96 -12.14 19.62
C SER F 228 -60.61 -13.52 19.53
N GLU F 229 -60.26 -14.28 18.51
CA GLU F 229 -60.82 -15.61 18.31
C GLU F 229 -59.76 -16.70 18.39
N THR F 230 -60.19 -17.92 18.66
CA THR F 230 -59.30 -19.07 18.74
C THR F 230 -59.63 -20.07 17.63
N ARG F 231 -58.68 -20.30 16.73
CA ARG F 231 -58.91 -21.19 15.60
C ARG F 231 -58.42 -22.61 15.87
N ILE F 232 -59.34 -23.46 16.33
CA ILE F 232 -59.03 -24.87 16.51
C ILE F 232 -59.00 -25.53 15.13
N LEU F 233 -58.06 -26.45 14.93
CA LEU F 233 -57.86 -27.04 13.61
C LEU F 233 -57.55 -28.53 13.65
N LEU F 234 -58.28 -29.31 12.87
CA LEU F 234 -58.06 -30.75 12.76
C LEU F 234 -57.64 -31.11 11.34
N GLN F 235 -56.93 -32.23 11.20
CA GLN F 235 -56.48 -32.69 9.89
C GLN F 235 -55.90 -34.10 9.94
N GLY F 236 -56.35 -34.96 9.03
CA GLY F 236 -55.83 -36.31 8.93
C GLY F 236 -54.46 -36.31 8.27
N THR F 237 -53.84 -37.49 8.19
CA THR F 237 -52.51 -37.60 7.61
C THR F 237 -52.07 -39.03 7.37
N PRO F 238 -52.02 -39.45 6.09
CA PRO F 238 -51.48 -40.76 5.68
C PRO F 238 -50.01 -40.87 6.05
N VAL F 239 -49.54 -41.97 6.64
CA VAL F 239 -50.34 -43.17 6.96
C VAL F 239 -50.48 -44.15 5.78
N ALA F 240 -50.23 -43.65 4.58
CA ALA F 240 -50.28 -44.50 3.38
C ALA F 240 -48.91 -45.11 3.09
N GLN F 241 -48.83 -46.44 3.15
CA GLN F 241 -47.57 -47.14 2.92
C GLN F 241 -47.77 -48.50 2.26
N MET F 242 -46.70 -49.28 2.20
CA MET F 242 -46.74 -50.67 1.75
C MET F 242 -47.03 -50.84 0.26
N THR F 243 -47.64 -51.97 -0.09
CA THR F 243 -47.94 -52.34 -1.47
C THR F 243 -46.68 -52.59 -2.30
N GLU F 244 -46.41 -53.87 -2.55
CA GLU F 244 -45.27 -54.27 -3.37
C GLU F 244 -45.68 -54.51 -4.81
N ASP F 245 -44.71 -54.48 -5.71
CA ASP F 245 -44.96 -54.70 -7.13
C ASP F 245 -45.19 -56.17 -7.44
N ALA F 246 -45.94 -56.44 -8.50
CA ALA F 246 -46.23 -57.82 -8.91
C ALA F 246 -45.27 -58.28 -9.99
N VAL F 247 -45.03 -59.59 -10.06
CA VAL F 247 -44.15 -60.16 -11.06
C VAL F 247 -44.68 -59.92 -12.47
N ASP F 248 -43.82 -59.39 -13.34
CA ASP F 248 -44.20 -59.10 -14.72
C ASP F 248 -44.65 -60.37 -15.44
N ALA F 249 -45.73 -60.25 -16.20
CA ALA F 249 -46.28 -61.39 -16.94
C ALA F 249 -45.31 -61.86 -18.01
N GLU F 250 -44.41 -60.97 -18.42
CA GLU F 250 -43.43 -61.29 -19.44
C GLU F 250 -42.46 -62.35 -18.93
N ARG F 251 -42.43 -62.54 -17.62
CA ARG F 251 -41.57 -63.54 -17.00
C ARG F 251 -42.30 -64.88 -16.84
N LEU F 252 -43.56 -64.91 -17.26
CA LEU F 252 -44.37 -66.11 -17.12
C LEU F 252 -44.80 -66.68 -18.47
N LYS F 253 -44.03 -66.38 -19.51
CA LYS F 253 -44.34 -66.86 -20.85
C LYS F 253 -43.89 -68.30 -21.05
N HIS F 254 -43.76 -69.03 -19.94
CA HIS F 254 -43.31 -70.42 -20.00
C HIS F 254 -44.18 -71.31 -19.13
N LEU F 255 -45.10 -70.71 -18.38
CA LEU F 255 -45.98 -71.46 -17.50
C LEU F 255 -47.19 -72.02 -18.25
N ILE F 256 -47.22 -71.80 -19.55
CA ILE F 256 -48.30 -72.30 -20.38
C ILE F 256 -47.93 -73.65 -20.98
N VAL F 257 -48.03 -74.71 -20.17
CA VAL F 257 -47.69 -76.05 -20.61
C VAL F 257 -48.95 -76.87 -20.87
N THR F 258 -48.95 -77.61 -21.97
CA THR F 258 -50.09 -78.44 -22.33
C THR F 258 -50.15 -79.68 -21.44
N PRO F 259 -51.21 -79.79 -20.63
CA PRO F 259 -51.41 -80.93 -19.72
C PRO F 259 -51.32 -82.26 -20.45
N SER F 260 -50.55 -83.19 -19.91
CA SER F 260 -50.37 -84.49 -20.54
C SER F 260 -49.74 -85.50 -19.58
N GLY F 261 -49.93 -86.79 -19.87
CA GLY F 261 -49.36 -87.84 -19.06
C GLY F 261 -50.41 -88.71 -18.40
N CYS F 262 -49.98 -89.52 -17.43
CA CYS F 262 -50.89 -90.41 -16.72
C CYS F 262 -51.72 -89.65 -15.69
N GLY F 263 -52.13 -90.36 -14.63
CA GLY F 263 -52.94 -89.76 -13.59
C GLY F 263 -52.20 -88.74 -12.75
N GLU F 264 -50.88 -88.80 -12.78
CA GLU F 264 -50.05 -87.89 -12.00
C GLU F 264 -49.36 -86.85 -12.89
N GLU F 265 -48.82 -87.29 -14.00
CA GLU F 265 -48.14 -86.40 -14.93
C GLU F 265 -49.08 -85.34 -15.51
N ASN F 266 -50.35 -85.70 -15.63
CA ASN F 266 -51.35 -84.77 -16.14
C ASN F 266 -51.46 -83.54 -15.25
N MET F 267 -51.56 -83.78 -13.94
CA MET F 267 -51.67 -82.69 -12.98
C MET F 267 -50.40 -81.86 -12.93
N ILE F 268 -49.26 -82.51 -13.07
CA ILE F 268 -47.97 -81.82 -13.06
C ILE F 268 -47.85 -80.84 -14.22
N GLY F 269 -48.46 -81.19 -15.35
CA GLY F 269 -48.44 -80.35 -16.52
C GLY F 269 -49.60 -79.38 -16.56
N MET F 270 -50.59 -79.60 -15.71
CA MET F 270 -51.76 -78.75 -15.65
C MET F 270 -51.57 -77.63 -14.63
N THR F 271 -50.75 -77.89 -13.62
CA THR F 271 -50.51 -76.93 -12.55
C THR F 271 -49.93 -75.60 -13.04
N PRO F 272 -48.82 -75.65 -13.80
CA PRO F 272 -48.17 -74.42 -14.25
C PRO F 272 -49.11 -73.51 -15.04
N THR F 273 -50.08 -74.09 -15.72
CA THR F 273 -51.01 -73.32 -16.54
C THR F 273 -52.15 -72.72 -15.72
N VAL F 274 -52.73 -73.53 -14.83
CA VAL F 274 -53.84 -73.10 -14.00
C VAL F 274 -53.47 -71.92 -13.11
N ILE F 275 -52.40 -72.08 -12.33
CA ILE F 275 -51.97 -71.04 -11.40
C ILE F 275 -51.47 -69.80 -12.13
N ALA F 276 -50.98 -69.98 -13.35
CA ALA F 276 -50.49 -68.87 -14.16
C ALA F 276 -51.63 -67.93 -14.53
N VAL F 277 -52.69 -68.49 -15.11
CA VAL F 277 -53.85 -67.71 -15.49
C VAL F 277 -54.48 -67.05 -14.26
N HIS F 278 -54.46 -67.77 -13.14
CA HIS F 278 -55.01 -67.26 -11.89
C HIS F 278 -54.28 -66.00 -11.43
N TYR F 279 -52.96 -66.02 -11.53
CA TYR F 279 -52.14 -64.89 -11.11
C TYR F 279 -52.28 -63.71 -12.07
N LEU F 280 -52.51 -64.02 -13.35
CA LEU F 280 -52.66 -62.98 -14.36
C LEU F 280 -54.03 -62.32 -14.30
N ASP F 281 -55.01 -63.03 -13.76
CA ASP F 281 -56.36 -62.49 -13.62
C ASP F 281 -56.43 -61.49 -12.47
N GLU F 282 -55.59 -61.69 -11.46
CA GLU F 282 -55.58 -60.82 -10.30
C GLU F 282 -54.67 -59.61 -10.52
N THR F 283 -53.56 -59.83 -11.21
CA THR F 283 -52.62 -58.75 -11.50
C THR F 283 -53.04 -57.99 -12.76
N GLU F 284 -53.98 -58.57 -13.51
CA GLU F 284 -54.50 -57.95 -14.72
C GLU F 284 -53.36 -57.63 -15.70
N GLN F 285 -52.40 -58.55 -15.81
CA GLN F 285 -51.23 -58.33 -16.65
C GLN F 285 -51.30 -59.08 -17.98
N TRP F 286 -52.52 -59.31 -18.47
CA TRP F 286 -52.70 -59.93 -19.77
C TRP F 286 -52.34 -58.96 -20.89
N GLU F 287 -51.99 -57.74 -20.50
CA GLU F 287 -51.63 -56.71 -21.46
C GLU F 287 -50.20 -56.91 -21.98
N LYS F 288 -49.24 -56.95 -21.06
CA LYS F 288 -47.84 -57.08 -21.42
C LYS F 288 -47.49 -58.52 -21.78
N PHE F 289 -48.33 -59.46 -21.35
CA PHE F 289 -48.10 -60.87 -21.60
C PHE F 289 -48.24 -61.20 -23.09
N GLY F 290 -49.09 -60.45 -23.78
CA GLY F 290 -49.32 -60.67 -25.19
C GLY F 290 -50.79 -60.56 -25.54
N LEU F 291 -51.64 -61.03 -24.65
CA LEU F 291 -53.10 -60.96 -24.82
C LEU F 291 -53.58 -61.80 -26.00
N GLU F 292 -54.86 -62.16 -25.97
CA GLU F 292 -55.47 -63.00 -27.00
C GLU F 292 -54.99 -64.44 -26.89
N LYS F 293 -53.90 -64.64 -26.17
CA LYS F 293 -53.33 -65.97 -25.97
C LYS F 293 -53.97 -66.64 -24.76
N ARG F 294 -54.84 -65.91 -24.07
CA ARG F 294 -55.52 -66.45 -22.89
C ARG F 294 -56.54 -67.50 -23.30
N GLN F 295 -57.26 -67.24 -24.38
CA GLN F 295 -58.27 -68.17 -24.87
C GLN F 295 -57.65 -69.55 -25.12
N GLY F 296 -56.44 -69.56 -25.66
CA GLY F 296 -55.73 -70.79 -25.91
C GLY F 296 -55.29 -71.48 -24.63
N ALA F 297 -55.14 -70.69 -23.57
CA ALA F 297 -54.74 -71.23 -22.27
C ALA F 297 -55.93 -71.90 -21.58
N LEU F 298 -57.12 -71.33 -21.76
CA LEU F 298 -58.34 -71.88 -21.18
C LEU F 298 -58.65 -73.25 -21.78
N GLU F 299 -58.39 -73.41 -23.07
CA GLU F 299 -58.61 -74.68 -23.74
C GLU F 299 -57.69 -75.75 -23.18
N LEU F 300 -56.51 -75.34 -22.74
CA LEU F 300 -55.55 -76.26 -22.14
C LEU F 300 -56.02 -76.72 -20.76
N ILE F 301 -56.65 -75.80 -20.03
CA ILE F 301 -57.18 -76.12 -18.71
C ILE F 301 -58.37 -77.07 -18.82
N LYS F 302 -59.23 -76.81 -19.80
CA LYS F 302 -60.39 -77.67 -20.04
C LYS F 302 -59.94 -79.06 -20.50
N LYS F 303 -58.92 -79.08 -21.35
CA LYS F 303 -58.39 -80.33 -21.86
C LYS F 303 -57.75 -81.15 -20.74
N GLY F 304 -56.96 -80.48 -19.91
CA GLY F 304 -56.33 -81.14 -18.78
C GLY F 304 -57.36 -81.65 -17.79
N TYR F 305 -58.45 -80.91 -17.65
CA TYR F 305 -59.54 -81.29 -16.76
C TYR F 305 -60.21 -82.57 -17.25
N THR F 306 -60.44 -82.66 -18.55
CA THR F 306 -61.08 -83.82 -19.15
C THR F 306 -60.21 -85.07 -19.01
N GLN F 307 -58.92 -84.91 -19.26
CA GLN F 307 -57.97 -86.02 -19.19
C GLN F 307 -57.89 -86.60 -17.78
N GLN F 308 -57.88 -85.72 -16.78
CA GLN F 308 -57.79 -86.14 -15.39
C GLN F 308 -59.01 -86.97 -15.00
N LEU F 309 -60.14 -86.69 -15.64
CA LEU F 309 -61.38 -87.41 -15.37
C LEU F 309 -61.28 -88.87 -15.84
N ALA F 310 -60.40 -89.11 -16.81
CA ALA F 310 -60.20 -90.45 -17.33
C ALA F 310 -59.51 -91.34 -16.31
N PHE F 311 -58.85 -90.71 -15.34
CA PHE F 311 -58.15 -91.45 -14.29
C PHE F 311 -58.96 -91.45 -12.99
N ARG F 312 -60.24 -91.09 -13.10
CA ARG F 312 -61.12 -91.08 -11.94
C ARG F 312 -61.73 -92.45 -11.70
N GLN F 313 -61.44 -93.03 -10.54
CA GLN F 313 -61.98 -94.33 -10.18
C GLN F 313 -63.42 -94.21 -9.71
N PRO F 314 -64.17 -95.33 -9.73
CA PRO F 314 -65.57 -95.36 -9.30
C PRO F 314 -65.74 -94.86 -7.87
N SER F 315 -64.66 -94.89 -7.09
CA SER F 315 -64.70 -94.44 -5.71
C SER F 315 -64.53 -92.93 -5.62
N SER F 316 -64.67 -92.25 -6.75
CA SER F 316 -64.55 -90.79 -6.82
C SER F 316 -63.14 -90.32 -6.47
N ALA F 317 -62.21 -91.26 -6.35
CA ALA F 317 -60.83 -90.93 -6.00
C ALA F 317 -59.95 -90.88 -7.25
N PHE F 318 -58.69 -90.50 -7.06
CA PHE F 318 -57.74 -90.40 -8.16
C PHE F 318 -56.47 -91.20 -7.87
N ALA F 319 -55.75 -91.55 -8.93
CA ALA F 319 -54.51 -92.29 -8.81
C ALA F 319 -53.70 -92.21 -10.10
N ALA F 320 -52.48 -92.72 -10.06
CA ALA F 320 -51.62 -92.72 -11.23
C ALA F 320 -52.28 -93.46 -12.39
N PHE F 321 -53.01 -94.52 -12.07
CA PHE F 321 -53.71 -95.30 -13.08
C PHE F 321 -55.04 -95.81 -12.53
N VAL F 322 -55.90 -96.29 -13.43
CA VAL F 322 -57.20 -96.81 -13.04
C VAL F 322 -57.07 -98.17 -12.36
N LYS F 323 -55.82 -98.65 -12.27
CA LYS F 323 -55.56 -99.95 -11.67
C LYS F 323 -54.86 -99.80 -10.32
N ARG F 324 -53.98 -98.81 -10.23
CA ARG F 324 -53.23 -98.55 -9.01
C ARG F 324 -54.15 -98.12 -7.87
N ALA F 325 -53.76 -98.45 -6.65
CA ALA F 325 -54.55 -98.09 -5.48
C ALA F 325 -54.72 -96.58 -5.37
N PRO F 326 -55.89 -96.13 -4.90
CA PRO F 326 -56.21 -94.71 -4.77
C PRO F 326 -55.19 -93.98 -3.88
N SER F 327 -54.75 -92.82 -4.34
CA SER F 327 -53.79 -92.02 -3.59
C SER F 327 -54.47 -90.90 -2.82
N THR F 328 -54.35 -90.95 -1.50
CA THR F 328 -54.99 -89.94 -0.64
C THR F 328 -54.50 -88.54 -0.97
N TRP F 329 -53.20 -88.40 -1.18
CA TRP F 329 -52.61 -87.10 -1.48
C TRP F 329 -53.06 -86.56 -2.84
N LEU F 330 -52.92 -87.39 -3.86
CA LEU F 330 -53.28 -86.99 -5.22
C LEU F 330 -54.75 -86.58 -5.30
N THR F 331 -55.61 -87.37 -4.66
CA THR F 331 -57.04 -87.07 -4.62
C THR F 331 -57.29 -85.72 -3.98
N ALA F 332 -56.56 -85.44 -2.90
CA ALA F 332 -56.69 -84.18 -2.19
C ALA F 332 -56.12 -83.02 -3.01
N TYR F 333 -55.05 -83.30 -3.76
CA TYR F 333 -54.41 -82.29 -4.58
C TYR F 333 -55.30 -81.89 -5.75
N VAL F 334 -55.96 -82.86 -6.35
CA VAL F 334 -56.87 -82.60 -7.45
C VAL F 334 -57.93 -81.59 -7.03
N VAL F 335 -58.44 -81.75 -5.82
CA VAL F 335 -59.45 -80.83 -5.28
C VAL F 335 -58.88 -79.42 -5.15
N LYS F 336 -57.62 -79.33 -4.74
CA LYS F 336 -56.96 -78.04 -4.55
C LYS F 336 -56.90 -77.24 -5.85
N VAL F 337 -56.57 -77.92 -6.95
CA VAL F 337 -56.45 -77.27 -8.24
C VAL F 337 -57.81 -77.02 -8.88
N PHE F 338 -58.69 -78.01 -8.78
CA PHE F 338 -60.03 -77.92 -9.35
C PHE F 338 -60.84 -76.81 -8.70
N SER F 339 -60.75 -76.71 -7.38
CA SER F 339 -61.50 -75.71 -6.62
C SER F 339 -61.02 -74.30 -6.95
N LEU F 340 -59.87 -74.20 -7.59
CA LEU F 340 -59.32 -72.90 -7.98
C LEU F 340 -59.65 -72.60 -9.44
N ALA F 341 -59.83 -73.66 -10.21
CA ALA F 341 -60.13 -73.53 -11.64
C ALA F 341 -61.63 -73.39 -11.89
N VAL F 342 -62.41 -73.35 -10.82
CA VAL F 342 -63.86 -73.21 -10.93
C VAL F 342 -64.23 -71.83 -11.48
N ASN F 343 -63.33 -70.87 -11.27
CA ASN F 343 -63.56 -69.50 -11.75
C ASN F 343 -63.01 -69.30 -13.16
N LEU F 344 -62.43 -70.36 -13.73
CA LEU F 344 -61.85 -70.29 -15.06
C LEU F 344 -62.65 -71.15 -16.04
N ILE F 345 -62.93 -72.39 -15.65
CA ILE F 345 -63.68 -73.30 -16.50
C ILE F 345 -64.87 -73.90 -15.76
N ALA F 346 -65.51 -74.89 -16.38
CA ALA F 346 -66.66 -75.56 -15.78
C ALA F 346 -66.25 -76.84 -15.05
N ILE F 347 -66.43 -76.84 -13.73
CA ILE F 347 -66.07 -77.99 -12.91
C ILE F 347 -67.31 -78.72 -12.40
N ASP F 348 -67.40 -80.01 -12.73
CA ASP F 348 -68.53 -80.82 -12.31
C ASP F 348 -68.54 -80.99 -10.79
N SER F 349 -69.63 -80.58 -10.15
CA SER F 349 -69.75 -80.67 -8.71
C SER F 349 -69.69 -82.12 -8.22
N GLN F 350 -70.15 -83.04 -9.06
CA GLN F 350 -70.15 -84.46 -8.72
C GLN F 350 -68.72 -84.99 -8.58
N VAL F 351 -67.80 -84.42 -9.35
CA VAL F 351 -66.41 -84.84 -9.32
C VAL F 351 -65.66 -84.17 -8.18
N LEU F 352 -65.77 -82.86 -8.10
CA LEU F 352 -65.07 -82.09 -7.07
C LEU F 352 -65.50 -82.53 -5.67
N CYS F 353 -66.80 -82.51 -5.41
CA CYS F 353 -67.33 -82.90 -4.12
C CYS F 353 -67.22 -84.41 -3.90
N GLY F 354 -67.15 -85.15 -5.00
CA GLY F 354 -67.00 -86.60 -4.93
C GLY F 354 -65.68 -87.01 -4.30
N ALA F 355 -64.62 -86.31 -4.70
CA ALA F 355 -63.29 -86.58 -4.16
C ALA F 355 -63.18 -86.14 -2.70
N VAL F 356 -63.93 -85.10 -2.35
CA VAL F 356 -63.95 -84.58 -0.99
C VAL F 356 -64.61 -85.56 -0.04
N LYS F 357 -65.76 -86.10 -0.46
CA LYS F 357 -66.50 -87.06 0.37
C LYS F 357 -65.69 -88.33 0.60
N TRP F 358 -64.87 -88.69 -0.37
CA TRP F 358 -64.04 -89.89 -0.27
C TRP F 358 -62.96 -89.71 0.79
N LEU F 359 -62.28 -88.57 0.76
CA LEU F 359 -61.23 -88.27 1.74
C LEU F 359 -61.78 -88.28 3.16
N ILE F 360 -63.00 -87.80 3.31
CA ILE F 360 -63.62 -87.68 4.62
C ILE F 360 -64.07 -89.04 5.17
N LEU F 361 -64.98 -89.69 4.46
CA LEU F 361 -65.57 -90.94 4.92
C LEU F 361 -64.58 -92.10 4.91
N GLU F 362 -63.78 -92.18 3.85
CA GLU F 362 -62.86 -93.31 3.68
C GLU F 362 -61.51 -93.09 4.35
N LYS F 363 -60.74 -92.14 3.84
CA LYS F 363 -59.38 -91.92 4.32
C LYS F 363 -59.30 -90.86 5.42
N GLN F 364 -59.94 -91.12 6.55
CA GLN F 364 -59.85 -90.24 7.71
C GLN F 364 -60.23 -90.98 8.99
N LYS F 365 -59.27 -91.10 9.90
CA LYS F 365 -59.49 -91.78 11.16
C LYS F 365 -60.22 -90.87 12.15
N PRO F 366 -60.78 -91.45 13.22
CA PRO F 366 -61.52 -90.69 14.23
C PRO F 366 -60.70 -89.53 14.80
N ASP F 367 -59.39 -89.59 14.63
CA ASP F 367 -58.50 -88.54 15.13
C ASP F 367 -58.58 -87.29 14.26
N GLY F 368 -59.08 -87.46 13.04
CA GLY F 368 -59.14 -86.38 12.07
C GLY F 368 -57.89 -86.33 11.22
N VAL F 369 -57.10 -87.41 11.29
CA VAL F 369 -55.84 -87.48 10.57
C VAL F 369 -56.02 -88.20 9.23
N PHE F 370 -55.37 -87.66 8.20
CA PHE F 370 -55.40 -88.28 6.88
C PHE F 370 -54.13 -89.08 6.65
N GLN F 371 -54.29 -90.31 6.17
CA GLN F 371 -53.14 -91.19 5.93
C GLN F 371 -53.00 -91.56 4.47
N GLU F 372 -51.76 -91.68 4.00
CA GLU F 372 -51.48 -92.07 2.62
C GLU F 372 -51.31 -93.57 2.51
N ASP F 373 -52.07 -94.19 1.60
CA ASP F 373 -52.00 -95.63 1.42
C ASP F 373 -51.22 -95.99 0.16
N ALA F 374 -51.43 -95.21 -0.90
CA ALA F 374 -50.73 -95.44 -2.17
C ALA F 374 -50.00 -94.18 -2.62
N PRO F 375 -48.80 -93.96 -2.07
CA PRO F 375 -47.97 -92.79 -2.40
C PRO F 375 -47.75 -92.67 -3.90
N VAL F 376 -47.83 -91.45 -4.42
CA VAL F 376 -47.64 -91.20 -5.85
C VAL F 376 -46.24 -91.57 -6.30
N ILE F 377 -46.12 -92.03 -7.54
CA ILE F 377 -44.82 -92.41 -8.10
C ILE F 377 -43.89 -91.20 -8.15
N HIS F 378 -44.40 -90.10 -8.69
CA HIS F 378 -43.63 -88.86 -8.76
C HIS F 378 -43.54 -88.20 -7.39
N GLN F 379 -42.49 -88.53 -6.65
CA GLN F 379 -42.32 -88.01 -5.30
C GLN F 379 -41.86 -86.55 -5.29
N GLU F 380 -41.77 -85.96 -6.47
CA GLU F 380 -41.29 -84.59 -6.59
C GLU F 380 -42.45 -83.60 -6.74
N MET F 381 -43.65 -84.13 -7.00
CA MET F 381 -44.82 -83.28 -7.18
C MET F 381 -45.50 -82.97 -5.84
N ILE F 382 -45.05 -83.63 -4.79
CA ILE F 382 -45.62 -83.44 -3.46
C ILE F 382 -44.91 -82.32 -2.70
N GLY F 383 -43.80 -81.84 -3.27
CA GLY F 383 -43.08 -80.71 -2.70
C GLY F 383 -42.40 -81.03 -1.38
N GLY F 384 -42.89 -80.40 -0.32
CA GLY F 384 -42.26 -80.52 1.00
C GLY F 384 -42.75 -81.69 1.82
N LEU F 385 -43.44 -82.62 1.18
CA LEU F 385 -43.93 -83.81 1.88
C LEU F 385 -43.08 -85.03 1.54
N ARG F 386 -42.11 -84.84 0.66
CA ARG F 386 -41.21 -85.92 0.28
C ARG F 386 -40.44 -86.42 1.49
N ASN F 387 -39.72 -85.52 2.15
CA ASN F 387 -39.07 -85.83 3.41
C ASN F 387 -40.09 -85.76 4.54
N ASN F 388 -40.36 -86.90 5.16
CA ASN F 388 -41.40 -86.97 6.18
C ASN F 388 -40.88 -87.16 7.61
N ASN F 389 -40.48 -86.06 8.24
CA ASN F 389 -40.10 -86.08 9.63
C ASN F 389 -41.34 -85.98 10.51
N GLU F 390 -42.39 -85.38 9.94
CA GLU F 390 -43.66 -85.23 10.64
C GLU F 390 -44.81 -85.47 9.66
N LYS F 391 -44.85 -86.68 9.09
CA LYS F 391 -45.83 -87.04 8.07
C LYS F 391 -47.26 -86.75 8.49
N ASP F 392 -47.59 -87.07 9.74
CA ASP F 392 -48.95 -86.90 10.23
C ASP F 392 -49.41 -85.45 10.18
N MET F 393 -48.62 -84.56 10.78
CA MET F 393 -48.96 -83.14 10.83
C MET F 393 -49.01 -82.52 9.44
N ALA F 394 -48.08 -82.90 8.58
CA ALA F 394 -47.98 -82.33 7.24
C ALA F 394 -49.15 -82.75 6.36
N LEU F 395 -49.32 -84.06 6.17
CA LEU F 395 -50.36 -84.59 5.30
C LEU F 395 -51.76 -84.14 5.76
N THR F 396 -51.99 -84.22 7.06
CA THR F 396 -53.28 -83.81 7.62
C THR F 396 -53.58 -82.35 7.34
N ALA F 397 -52.53 -81.53 7.34
CA ALA F 397 -52.67 -80.11 7.06
C ALA F 397 -52.90 -79.84 5.58
N PHE F 398 -52.22 -80.62 4.74
CA PHE F 398 -52.34 -80.46 3.30
C PHE F 398 -53.75 -80.79 2.83
N VAL F 399 -54.25 -81.95 3.22
CA VAL F 399 -55.60 -82.37 2.85
C VAL F 399 -56.65 -81.43 3.44
N LEU F 400 -56.39 -80.97 4.66
CA LEU F 400 -57.31 -80.07 5.35
C LEU F 400 -57.51 -78.78 4.58
N ILE F 401 -56.41 -78.18 4.14
CA ILE F 401 -56.47 -76.93 3.39
C ILE F 401 -57.29 -77.09 2.11
N SER F 402 -57.13 -78.24 1.45
CA SER F 402 -57.86 -78.52 0.22
C SER F 402 -59.35 -78.56 0.45
N LEU F 403 -59.75 -79.09 1.60
CA LEU F 403 -61.17 -79.20 1.95
C LEU F 403 -61.78 -77.84 2.21
N GLN F 404 -61.02 -76.96 2.87
CA GLN F 404 -61.51 -75.63 3.22
C GLN F 404 -61.61 -74.72 2.00
N GLU F 405 -60.89 -75.07 0.94
CA GLU F 405 -60.94 -74.29 -0.30
C GLU F 405 -62.13 -74.72 -1.15
N ALA F 406 -62.73 -75.85 -0.80
CA ALA F 406 -63.89 -76.36 -1.50
C ALA F 406 -65.10 -76.42 -0.58
N LYS F 407 -64.97 -75.81 0.59
CA LYS F 407 -66.04 -75.79 1.58
C LYS F 407 -67.25 -75.00 1.09
N ASP F 408 -66.97 -73.87 0.45
CA ASP F 408 -68.04 -72.99 -0.05
C ASP F 408 -68.82 -73.65 -1.18
N ILE F 409 -68.21 -74.65 -1.81
CA ILE F 409 -68.84 -75.33 -2.93
C ILE F 409 -69.56 -76.61 -2.51
N CYS F 410 -68.85 -77.46 -1.78
CA CYS F 410 -69.41 -78.74 -1.35
C CYS F 410 -70.14 -78.62 -0.01
N GLU F 411 -70.65 -77.43 0.29
CA GLU F 411 -71.38 -77.20 1.52
C GLU F 411 -72.83 -77.69 1.36
N GLU F 412 -73.25 -77.85 0.12
CA GLU F 412 -74.61 -78.30 -0.18
C GLU F 412 -74.69 -79.82 -0.21
N GLN F 413 -73.73 -80.46 -0.87
CA GLN F 413 -73.71 -81.90 -1.00
C GLN F 413 -73.13 -82.57 0.25
N VAL F 414 -71.84 -82.40 0.45
CA VAL F 414 -71.16 -83.00 1.60
C VAL F 414 -71.65 -82.38 2.91
N ASN F 415 -72.34 -83.17 3.72
CA ASN F 415 -72.89 -82.69 4.98
C ASN F 415 -71.97 -82.94 6.16
N SER F 416 -71.03 -83.87 5.99
CA SER F 416 -70.08 -84.22 7.05
C SER F 416 -68.78 -83.45 6.89
N LEU F 417 -68.80 -82.42 6.05
CA LEU F 417 -67.62 -81.61 5.82
C LEU F 417 -67.24 -80.75 7.03
N PRO F 418 -68.20 -79.98 7.57
CA PRO F 418 -67.91 -79.14 8.74
C PRO F 418 -67.35 -79.96 9.89
N GLY F 419 -67.90 -81.15 10.10
CA GLY F 419 -67.45 -82.03 11.16
C GLY F 419 -66.02 -82.49 10.94
N SER F 420 -65.71 -82.85 9.70
CA SER F 420 -64.37 -83.30 9.35
C SER F 420 -63.34 -82.19 9.53
N ILE F 421 -63.72 -80.98 9.10
CA ILE F 421 -62.83 -79.82 9.23
C ILE F 421 -62.45 -79.56 10.68
N THR F 422 -63.41 -79.75 11.58
CA THR F 422 -63.17 -79.54 13.01
C THR F 422 -62.26 -80.63 13.58
N LYS F 423 -62.48 -81.86 13.16
CA LYS F 423 -61.67 -82.99 13.61
C LYS F 423 -60.19 -82.76 13.34
N ALA F 424 -59.87 -82.46 12.08
CA ALA F 424 -58.49 -82.20 11.68
C ALA F 424 -57.90 -81.01 12.43
N GLY F 425 -58.75 -80.02 12.69
CA GLY F 425 -58.32 -78.83 13.40
C GLY F 425 -57.89 -79.14 14.82
N ASP F 426 -58.69 -79.92 15.53
CA ASP F 426 -58.39 -80.31 16.90
C ASP F 426 -57.04 -81.03 16.98
N PHE F 427 -56.74 -81.79 15.93
CA PHE F 427 -55.49 -82.55 15.87
C PHE F 427 -54.28 -81.65 15.72
N LEU F 428 -54.30 -80.78 14.72
CA LEU F 428 -53.18 -79.90 14.43
C LEU F 428 -52.89 -78.95 15.60
N GLU F 429 -53.94 -78.48 16.26
CA GLU F 429 -53.79 -77.53 17.35
C GLU F 429 -53.17 -78.19 18.58
N ALA F 430 -53.27 -79.51 18.67
CA ALA F 430 -52.77 -80.24 19.83
C ALA F 430 -51.31 -80.63 19.70
N ASN F 431 -50.75 -80.45 18.49
CA ASN F 431 -49.38 -80.85 18.23
C ASN F 431 -48.57 -79.75 17.56
N TYR F 432 -49.19 -78.59 17.38
CA TYR F 432 -48.54 -77.47 16.70
C TYR F 432 -47.39 -76.91 17.53
N MET F 433 -47.46 -77.11 18.84
CA MET F 433 -46.43 -76.61 19.75
C MET F 433 -45.26 -77.58 19.87
N ASN F 434 -45.30 -78.65 19.08
CA ASN F 434 -44.27 -79.68 19.13
C ASN F 434 -43.53 -79.85 17.80
N LEU F 435 -43.90 -79.04 16.82
CA LEU F 435 -43.29 -79.11 15.51
C LEU F 435 -41.83 -78.66 15.55
N GLN F 436 -41.03 -79.15 14.62
CA GLN F 436 -39.61 -78.82 14.56
C GLN F 436 -39.23 -78.15 13.24
N ARG F 437 -39.78 -78.68 12.15
CA ARG F 437 -39.48 -78.15 10.82
C ARG F 437 -40.26 -76.87 10.53
N SER F 438 -39.59 -75.87 9.98
CA SER F 438 -40.22 -74.61 9.64
C SER F 438 -41.30 -74.80 8.57
N TYR F 439 -41.11 -75.83 7.74
CA TYR F 439 -42.07 -76.13 6.69
C TYR F 439 -43.41 -76.56 7.28
N THR F 440 -43.37 -77.58 8.13
CA THR F 440 -44.59 -78.10 8.75
C THR F 440 -45.31 -77.01 9.53
N VAL F 441 -44.54 -76.14 10.18
CA VAL F 441 -45.11 -75.04 10.95
C VAL F 441 -45.91 -74.09 10.05
N ALA F 442 -45.42 -73.90 8.83
CA ALA F 442 -46.06 -72.99 7.89
C ALA F 442 -47.32 -73.58 7.28
N ILE F 443 -47.24 -74.83 6.83
CA ILE F 443 -48.36 -75.49 6.20
C ILE F 443 -49.49 -75.78 7.20
N ALA F 444 -49.11 -76.06 8.44
CA ALA F 444 -50.10 -76.31 9.49
C ALA F 444 -50.64 -75.01 10.06
N GLY F 445 -49.81 -73.97 10.03
CA GLY F 445 -50.21 -72.66 10.52
C GLY F 445 -51.29 -72.04 9.66
N TYR F 446 -51.16 -72.19 8.36
CA TYR F 446 -52.14 -71.66 7.41
C TYR F 446 -53.45 -72.43 7.50
N ALA F 447 -53.35 -73.71 7.87
CA ALA F 447 -54.52 -74.55 8.02
C ALA F 447 -55.33 -74.12 9.24
N LEU F 448 -54.62 -73.71 10.29
CA LEU F 448 -55.26 -73.25 11.52
C LEU F 448 -55.68 -71.78 11.40
N ALA F 449 -55.01 -71.06 10.51
CA ALA F 449 -55.32 -69.65 10.30
C ALA F 449 -56.69 -69.47 9.64
N GLN F 450 -57.03 -70.40 8.75
CA GLN F 450 -58.32 -70.37 8.06
C GLN F 450 -59.46 -70.59 9.05
N MET F 451 -59.14 -71.17 10.21
CA MET F 451 -60.14 -71.43 11.24
C MET F 451 -60.08 -70.36 12.32
N GLY F 452 -59.06 -69.51 12.26
CA GLY F 452 -58.86 -68.49 13.27
C GLY F 452 -58.47 -69.11 14.59
N ARG F 453 -58.00 -70.35 14.54
CA ARG F 453 -57.61 -71.08 15.74
C ARG F 453 -56.10 -71.02 15.95
N LEU F 454 -55.46 -70.03 15.35
CA LEU F 454 -54.03 -69.83 15.50
C LEU F 454 -53.75 -68.62 16.40
N LYS F 455 -53.91 -68.81 17.70
CA LYS F 455 -53.71 -67.73 18.66
C LYS F 455 -52.80 -68.15 19.80
N GLY F 456 -52.46 -67.21 20.66
CA GLY F 456 -51.63 -67.47 21.82
C GLY F 456 -50.27 -68.05 21.46
N PRO F 457 -49.85 -69.10 22.19
CA PRO F 457 -48.56 -69.76 21.99
C PRO F 457 -48.38 -70.25 20.56
N LEU F 458 -49.44 -70.77 19.95
CA LEU F 458 -49.38 -71.27 18.59
C LEU F 458 -49.03 -70.16 17.62
N LEU F 459 -49.70 -69.01 17.75
CA LEU F 459 -49.44 -67.87 16.90
C LEU F 459 -48.04 -67.32 17.13
N ASN F 460 -47.57 -67.40 18.37
CA ASN F 460 -46.25 -66.92 18.74
C ASN F 460 -45.15 -67.78 18.10
N LYS F 461 -45.36 -69.09 18.09
CA LYS F 461 -44.39 -70.02 17.51
C LYS F 461 -44.30 -69.83 16.00
N PHE F 462 -45.45 -69.65 15.35
CA PHE F 462 -45.50 -69.48 13.90
C PHE F 462 -44.68 -68.30 13.43
N LEU F 463 -44.70 -67.21 14.20
CA LEU F 463 -44.00 -65.99 13.83
C LEU F 463 -42.51 -66.07 14.14
N THR F 464 -42.18 -66.65 15.30
CA THR F 464 -40.79 -66.74 15.72
C THR F 464 -40.00 -67.74 14.88
N THR F 465 -40.70 -68.73 14.33
CA THR F 465 -40.05 -69.75 13.51
C THR F 465 -39.32 -69.12 12.32
N ALA F 466 -39.93 -68.10 11.72
CA ALA F 466 -39.35 -67.42 10.58
C ALA F 466 -38.04 -66.73 10.96
N LYS F 467 -36.96 -67.13 10.29
CA LYS F 467 -35.65 -66.52 10.54
C LYS F 467 -35.56 -65.15 9.88
N ASP F 468 -35.01 -64.18 10.61
CA ASP F 468 -34.90 -62.82 10.12
C ASP F 468 -36.27 -62.20 9.83
N LYS F 469 -37.32 -62.87 10.29
CA LYS F 469 -38.68 -62.38 10.13
C LYS F 469 -39.03 -62.11 8.67
N ASN F 470 -38.76 -63.07 7.80
CA ASN F 470 -39.05 -62.90 6.38
C ASN F 470 -39.05 -64.21 5.59
N ARG F 471 -38.73 -65.32 6.26
CA ARG F 471 -38.68 -66.61 5.58
C ARG F 471 -38.74 -67.79 6.54
N TRP F 472 -39.46 -68.83 6.15
CA TRP F 472 -39.52 -70.08 6.90
C TRP F 472 -38.67 -71.13 6.21
N GLU F 473 -37.36 -70.97 6.28
CA GLU F 473 -36.43 -71.83 5.56
C GLU F 473 -35.98 -73.04 6.37
N ASP F 474 -35.66 -74.12 5.66
CA ASP F 474 -35.11 -75.32 6.27
C ASP F 474 -33.86 -75.76 5.54
N PRO F 475 -32.82 -76.15 6.29
CA PRO F 475 -31.53 -76.55 5.73
C PRO F 475 -31.66 -77.64 4.66
N GLY F 476 -31.58 -77.24 3.40
CA GLY F 476 -31.64 -78.20 2.30
C GLY F 476 -32.67 -77.87 1.25
N LYS F 477 -32.26 -77.96 -0.01
CA LYS F 477 -33.16 -77.76 -1.15
C LYS F 477 -33.73 -76.34 -1.23
N GLN F 478 -34.44 -76.08 -2.33
CA GLN F 478 -35.06 -74.77 -2.54
C GLN F 478 -36.58 -74.92 -2.58
N LEU F 479 -37.04 -76.04 -3.15
CA LEU F 479 -38.46 -76.34 -3.26
C LEU F 479 -39.15 -76.29 -1.90
N TYR F 480 -38.45 -76.78 -0.88
CA TYR F 480 -39.01 -76.87 0.47
C TYR F 480 -39.01 -75.50 1.16
N ASN F 481 -38.20 -74.58 0.66
CA ASN F 481 -38.10 -73.25 1.24
C ASN F 481 -39.17 -72.30 0.71
N VAL F 482 -39.19 -72.11 -0.61
CA VAL F 482 -40.15 -71.21 -1.24
C VAL F 482 -41.58 -71.62 -0.93
N GLU F 483 -41.84 -72.92 -0.99
CA GLU F 483 -43.18 -73.45 -0.72
C GLU F 483 -43.62 -73.15 0.70
N ALA F 484 -42.72 -73.38 1.66
CA ALA F 484 -43.02 -73.14 3.07
C ALA F 484 -43.39 -71.69 3.32
N THR F 485 -42.55 -70.79 2.83
CA THR F 485 -42.77 -69.35 3.00
C THR F 485 -44.10 -68.92 2.38
N SER F 486 -44.49 -69.59 1.30
CA SER F 486 -45.74 -69.29 0.63
C SER F 486 -46.94 -69.59 1.53
N TYR F 487 -46.95 -70.76 2.14
CA TYR F 487 -48.01 -71.13 3.07
C TYR F 487 -48.08 -70.15 4.23
N ALA F 488 -46.92 -69.69 4.68
CA ALA F 488 -46.85 -68.74 5.78
C ALA F 488 -47.40 -67.39 5.37
N LEU F 489 -47.12 -66.99 4.14
CA LEU F 489 -47.61 -65.72 3.61
C LEU F 489 -49.14 -65.72 3.55
N LEU F 490 -49.71 -66.81 3.05
CA LEU F 490 -51.16 -66.95 2.99
C LEU F 490 -51.77 -66.94 4.39
N ALA F 491 -50.98 -67.38 5.37
CA ALA F 491 -51.43 -67.39 6.76
C ALA F 491 -51.44 -65.98 7.33
N LEU F 492 -50.42 -65.21 7.02
CA LEU F 492 -50.32 -63.82 7.48
C LEU F 492 -51.46 -63.00 6.90
N LEU F 493 -51.75 -63.20 5.62
CA LEU F 493 -52.83 -62.49 4.95
C LEU F 493 -54.18 -62.94 5.51
N GLN F 494 -54.25 -64.18 5.97
CA GLN F 494 -55.47 -64.72 6.55
C GLN F 494 -55.70 -64.15 7.94
N LEU F 495 -54.59 -63.85 8.63
CA LEU F 495 -54.67 -63.28 9.98
C LEU F 495 -54.73 -61.75 9.92
N LYS F 496 -54.70 -61.22 8.70
CA LYS F 496 -54.76 -59.77 8.48
C LYS F 496 -53.63 -59.04 9.19
N ASP F 497 -52.51 -59.73 9.40
CA ASP F 497 -51.34 -59.12 10.03
C ASP F 497 -50.41 -58.55 8.96
N PHE F 498 -50.84 -57.45 8.35
CA PHE F 498 -50.09 -56.84 7.25
C PHE F 498 -48.89 -56.05 7.75
N ASP F 499 -48.54 -56.23 9.02
CA ASP F 499 -47.38 -55.57 9.60
C ASP F 499 -46.15 -56.49 9.53
N PHE F 500 -46.41 -57.76 9.29
CA PHE F 500 -45.34 -58.76 9.19
C PHE F 500 -45.28 -59.32 7.77
N VAL F 501 -46.23 -58.93 6.94
CA VAL F 501 -46.32 -59.41 5.57
C VAL F 501 -45.25 -58.83 4.64
N PRO F 502 -45.07 -57.50 4.66
CA PRO F 502 -44.10 -56.86 3.76
C PRO F 502 -42.72 -57.54 3.73
N PRO F 503 -42.13 -57.83 4.91
CA PRO F 503 -40.81 -58.48 4.89
C PRO F 503 -40.83 -59.82 4.17
N VAL F 504 -41.93 -60.56 4.31
CA VAL F 504 -42.06 -61.87 3.69
C VAL F 504 -42.21 -61.77 2.17
N VAL F 505 -43.22 -61.03 1.73
CA VAL F 505 -43.47 -60.84 0.31
C VAL F 505 -42.22 -60.31 -0.40
N ARG F 506 -41.51 -59.43 0.29
CA ARG F 506 -40.29 -58.85 -0.27
C ARG F 506 -39.22 -59.92 -0.51
N TRP F 507 -39.17 -60.90 0.38
CA TRP F 507 -38.17 -61.97 0.27
C TRP F 507 -38.45 -62.87 -0.94
N LEU F 508 -39.71 -63.11 -1.23
CA LEU F 508 -40.09 -63.95 -2.36
C LEU F 508 -39.75 -63.27 -3.69
N ASN F 509 -40.14 -62.01 -3.82
CA ASN F 509 -39.88 -61.25 -5.04
C ASN F 509 -38.39 -61.04 -5.27
N GLU F 510 -37.63 -60.90 -4.18
CA GLU F 510 -36.20 -60.66 -4.26
C GLU F 510 -35.42 -61.96 -4.40
N GLN F 511 -36.14 -63.06 -4.68
CA GLN F 511 -35.50 -64.35 -4.88
C GLN F 511 -35.72 -64.81 -6.32
N ARG F 512 -36.68 -64.18 -6.98
CA ARG F 512 -36.95 -64.43 -8.40
C ARG F 512 -37.11 -65.92 -8.71
N TYR F 513 -38.29 -66.46 -8.42
CA TYR F 513 -38.62 -67.84 -8.74
C TYR F 513 -39.89 -67.90 -9.57
N TYR F 514 -39.72 -67.98 -10.89
CA TYR F 514 -40.85 -67.98 -11.81
C TYR F 514 -41.41 -69.38 -12.04
N GLY F 515 -41.17 -70.27 -11.08
CA GLY F 515 -41.65 -71.63 -11.17
C GLY F 515 -41.11 -72.39 -12.36
N GLY F 516 -41.74 -73.51 -12.69
CA GLY F 516 -41.32 -74.33 -13.81
C GLY F 516 -40.10 -75.16 -13.48
N GLY F 517 -39.97 -76.30 -14.17
CA GLY F 517 -38.84 -77.18 -13.96
C GLY F 517 -39.24 -78.53 -13.40
N TYR F 518 -38.26 -79.27 -12.90
CA TYR F 518 -38.51 -80.60 -12.34
C TYR F 518 -38.92 -80.51 -10.87
N GLY F 519 -40.05 -81.12 -10.55
CA GLY F 519 -40.54 -81.16 -9.18
C GLY F 519 -40.92 -79.79 -8.65
N SER F 520 -41.34 -78.91 -9.55
CA SER F 520 -41.74 -77.56 -9.17
C SER F 520 -43.26 -77.43 -9.13
N THR F 521 -43.94 -78.56 -8.96
CA THR F 521 -45.39 -78.58 -8.93
C THR F 521 -45.95 -77.81 -7.75
N GLN F 522 -45.40 -78.07 -6.57
CA GLN F 522 -45.87 -77.42 -5.35
C GLN F 522 -45.42 -75.96 -5.24
N ALA F 523 -44.13 -75.73 -5.45
CA ALA F 523 -43.58 -74.39 -5.35
C ALA F 523 -44.31 -73.41 -6.26
N THR F 524 -44.51 -73.80 -7.52
CA THR F 524 -45.16 -72.94 -8.49
C THR F 524 -46.60 -72.60 -8.10
N PHE F 525 -47.37 -73.62 -7.76
CA PHE F 525 -48.79 -73.44 -7.45
C PHE F 525 -49.00 -72.62 -6.18
N MET F 526 -47.99 -72.61 -5.30
CA MET F 526 -48.11 -71.92 -4.02
C MET F 526 -47.53 -70.51 -4.05
N VAL F 527 -46.35 -70.35 -4.66
CA VAL F 527 -45.69 -69.06 -4.69
C VAL F 527 -46.51 -68.02 -5.45
N PHE F 528 -47.27 -68.48 -6.45
CA PHE F 528 -48.11 -67.59 -7.23
C PHE F 528 -49.50 -67.44 -6.60
N GLN F 529 -49.89 -68.43 -5.81
CA GLN F 529 -51.17 -68.38 -5.10
C GLN F 529 -51.08 -67.38 -3.95
N ALA F 530 -49.90 -67.25 -3.37
CA ALA F 530 -49.67 -66.35 -2.26
C ALA F 530 -49.51 -64.91 -2.75
N LEU F 531 -48.76 -64.72 -3.83
CA LEU F 531 -48.54 -63.40 -4.38
C LEU F 531 -49.80 -62.84 -5.03
N ALA F 532 -50.63 -63.73 -5.58
CA ALA F 532 -51.88 -63.32 -6.18
C ALA F 532 -52.88 -62.90 -5.11
N GLN F 533 -52.93 -63.68 -4.03
CA GLN F 533 -53.80 -63.38 -2.90
C GLN F 533 -53.32 -62.12 -2.19
N TYR F 534 -52.03 -61.83 -2.34
CA TYR F 534 -51.44 -60.64 -1.72
C TYR F 534 -51.84 -59.37 -2.46
N GLN F 535 -52.06 -59.49 -3.76
CA GLN F 535 -52.42 -58.34 -4.59
C GLN F 535 -53.85 -57.87 -4.31
N LYS F 536 -54.64 -58.71 -3.66
CA LYS F 536 -56.01 -58.36 -3.33
C LYS F 536 -56.13 -57.87 -1.89
N ASP F 537 -55.33 -58.45 -1.00
CA ASP F 537 -55.40 -58.12 0.41
C ASP F 537 -54.38 -57.05 0.80
N ALA F 538 -53.61 -56.58 -0.18
CA ALA F 538 -52.59 -55.57 0.06
C ALA F 538 -53.20 -54.22 0.40
N PRO F 539 -52.98 -53.74 1.63
CA PRO F 539 -53.46 -52.43 2.09
C PRO F 539 -52.57 -51.29 1.60
N ASP F 540 -53.14 -50.36 0.85
CA ASP F 540 -52.40 -49.19 0.38
C ASP F 540 -52.19 -48.20 1.51
N HIS F 541 -52.82 -48.48 2.65
CA HIS F 541 -52.73 -47.64 3.83
C HIS F 541 -53.30 -48.37 5.04
N GLN F 542 -53.53 -47.64 6.12
CA GLN F 542 -54.14 -48.23 7.31
C GLN F 542 -55.46 -47.54 7.64
N GLU F 543 -56.32 -48.24 8.37
CA GLU F 543 -57.64 -47.71 8.73
C GLU F 543 -57.57 -46.30 9.28
N LEU F 544 -58.04 -45.34 8.50
CA LEU F 544 -58.05 -43.94 8.92
C LEU F 544 -59.48 -43.48 9.21
N ASN F 545 -59.92 -43.67 10.45
CA ASN F 545 -61.26 -43.28 10.86
C ASN F 545 -61.28 -42.71 12.27
N LEU F 546 -60.86 -41.46 12.41
CA LEU F 546 -60.81 -40.80 13.71
C LEU F 546 -62.11 -40.08 14.03
N ASP F 547 -62.66 -40.37 15.20
CA ASP F 547 -63.89 -39.73 15.66
C ASP F 547 -63.56 -38.66 16.70
N VAL F 548 -62.90 -37.60 16.26
CA VAL F 548 -62.48 -36.53 17.15
C VAL F 548 -63.63 -35.59 17.50
N SER F 549 -64.01 -35.58 18.78
CA SER F 549 -65.08 -34.72 19.25
C SER F 549 -64.58 -33.81 20.36
N LEU F 550 -64.64 -32.50 20.12
CA LEU F 550 -64.17 -31.52 21.10
C LEU F 550 -65.33 -30.70 21.64
N GLN F 551 -65.36 -30.53 22.97
CA GLN F 551 -66.40 -29.75 23.62
C GLN F 551 -65.81 -28.52 24.31
N LEU F 552 -66.47 -27.39 24.14
CA LEU F 552 -66.02 -26.14 24.75
C LEU F 552 -66.90 -25.75 25.93
N PRO F 553 -66.29 -25.18 26.98
CA PRO F 553 -67.01 -24.75 28.18
C PRO F 553 -68.13 -23.77 27.84
N SER F 554 -67.86 -22.89 26.87
CA SER F 554 -68.85 -21.90 26.45
C SER F 554 -69.70 -22.43 25.30
N ARG F 555 -70.16 -23.67 25.44
CA ARG F 555 -71.00 -24.28 24.42
C ARG F 555 -71.65 -25.56 24.94
N SER F 556 -72.94 -25.70 24.66
CA SER F 556 -73.72 -26.85 25.14
C SER F 556 -73.30 -28.14 24.44
N SER F 557 -73.76 -28.32 23.22
CA SER F 557 -73.46 -29.53 22.46
C SER F 557 -71.99 -29.66 22.13
N LYS F 558 -71.58 -30.86 21.70
CA LYS F 558 -70.19 -31.12 21.34
C LYS F 558 -69.95 -30.85 19.86
N ILE F 559 -68.69 -30.88 19.45
CA ILE F 559 -68.33 -30.71 18.05
C ILE F 559 -67.66 -31.98 17.54
N THR F 560 -68.45 -32.84 16.88
CA THR F 560 -67.96 -34.13 16.42
C THR F 560 -67.52 -34.11 14.96
N HIS F 561 -66.33 -34.64 14.69
CA HIS F 561 -65.80 -34.72 13.33
C HIS F 561 -65.18 -36.09 13.08
N ARG F 562 -65.42 -36.63 11.88
CA ARG F 562 -64.80 -37.89 11.49
C ARG F 562 -63.87 -37.69 10.30
N ILE F 563 -62.67 -38.26 10.40
CA ILE F 563 -61.68 -38.13 9.34
C ILE F 563 -61.42 -39.47 8.65
N HIS F 564 -61.80 -39.55 7.38
CA HIS F 564 -61.59 -40.78 6.60
C HIS F 564 -60.42 -40.63 5.64
N TRP F 565 -60.05 -41.73 4.99
CA TRP F 565 -58.95 -41.73 4.04
C TRP F 565 -59.21 -40.79 2.87
N GLU F 566 -60.46 -40.76 2.41
CA GLU F 566 -60.84 -39.91 1.28
C GLU F 566 -60.85 -38.44 1.67
N SER F 567 -61.38 -38.15 2.86
CA SER F 567 -61.50 -36.78 3.33
C SER F 567 -60.34 -36.39 4.26
N ALA F 568 -59.17 -36.97 4.03
CA ALA F 568 -58.00 -36.67 4.83
C ALA F 568 -57.39 -35.32 4.40
N SER F 569 -56.34 -34.92 5.10
CA SER F 569 -55.65 -33.66 4.80
C SER F 569 -56.63 -32.50 4.62
N LEU F 570 -57.69 -32.49 5.44
CA LEU F 570 -58.70 -31.44 5.36
C LEU F 570 -58.64 -30.54 6.59
N LEU F 571 -58.58 -29.23 6.35
CA LEU F 571 -58.51 -28.26 7.45
C LEU F 571 -59.89 -27.95 8.00
N ARG F 572 -60.29 -28.70 9.03
CA ARG F 572 -61.58 -28.47 9.69
C ARG F 572 -61.37 -27.56 10.90
N SER F 573 -61.68 -26.28 10.72
CA SER F 573 -61.44 -25.28 11.76
C SER F 573 -62.71 -24.85 12.48
N GLU F 574 -62.57 -24.41 13.72
CA GLU F 574 -63.69 -23.92 14.51
C GLU F 574 -63.29 -22.68 15.29
N GLU F 575 -64.00 -21.58 15.05
CA GLU F 575 -63.68 -20.29 15.68
C GLU F 575 -64.41 -20.11 17.00
N THR F 576 -63.78 -19.40 17.93
CA THR F 576 -64.39 -19.09 19.21
C THR F 576 -63.86 -17.77 19.76
N LYS F 577 -64.67 -16.73 19.72
CA LYS F 577 -64.28 -15.40 20.16
C LYS F 577 -63.97 -15.36 21.66
N GLU F 578 -64.30 -16.44 22.36
CA GLU F 578 -64.08 -16.51 23.79
C GLU F 578 -62.89 -17.41 24.14
N ASN F 579 -62.00 -16.91 25.00
CA ASN F 579 -60.82 -17.65 25.38
C ASN F 579 -61.06 -18.54 26.60
N GLU F 580 -61.41 -19.80 26.34
CA GLU F 580 -61.67 -20.76 27.41
C GLU F 580 -60.77 -21.98 27.29
N GLY F 581 -60.75 -22.79 28.35
CA GLY F 581 -59.94 -24.00 28.36
C GLY F 581 -60.76 -25.21 27.97
N PHE F 582 -60.77 -25.51 26.68
CA PHE F 582 -61.55 -26.63 26.16
C PHE F 582 -60.76 -27.93 26.19
N THR F 583 -61.44 -29.04 25.89
CA THR F 583 -60.81 -30.35 25.89
C THR F 583 -61.18 -31.13 24.63
N VAL F 584 -60.17 -31.71 23.98
CA VAL F 584 -60.38 -32.48 22.76
C VAL F 584 -60.25 -33.98 23.03
N THR F 585 -61.20 -34.76 22.51
CA THR F 585 -61.19 -36.21 22.71
C THR F 585 -61.25 -36.97 21.39
N ALA F 586 -60.18 -37.68 21.08
CA ALA F 586 -60.12 -38.49 19.87
C ALA F 586 -60.48 -39.94 20.17
N GLU F 587 -60.97 -40.65 19.15
CA GLU F 587 -61.37 -42.04 19.34
C GLU F 587 -61.46 -42.77 17.99
N GLY F 588 -60.97 -44.00 17.96
CA GLY F 588 -60.99 -44.81 16.75
C GLY F 588 -59.61 -45.16 16.26
N LYS F 589 -59.55 -45.78 15.08
CA LYS F 589 -58.28 -46.18 14.48
C LYS F 589 -57.81 -45.13 13.47
N GLY F 590 -56.52 -44.86 13.47
CA GLY F 590 -55.94 -43.90 12.54
C GLY F 590 -54.96 -42.95 13.19
N GLN F 591 -54.66 -41.86 12.50
CA GLN F 591 -53.72 -40.86 13.00
C GLN F 591 -53.96 -39.49 12.35
N GLY F 592 -53.99 -38.44 13.18
CA GLY F 592 -54.22 -37.10 12.70
C GLY F 592 -53.33 -36.08 13.37
N THR F 593 -53.76 -34.82 13.35
CA THR F 593 -52.98 -33.74 13.94
C THR F 593 -53.88 -32.60 14.42
N LEU F 594 -53.64 -32.15 15.65
CA LEU F 594 -54.41 -31.07 16.24
C LEU F 594 -53.56 -29.81 16.40
N SER F 595 -54.13 -28.66 16.02
CA SER F 595 -53.42 -27.39 16.12
C SER F 595 -54.36 -26.27 16.55
N VAL F 596 -53.96 -25.55 17.59
CA VAL F 596 -54.77 -24.45 18.12
C VAL F 596 -53.98 -23.15 18.18
N VAL F 597 -54.45 -22.15 17.44
CA VAL F 597 -53.79 -20.84 17.40
C VAL F 597 -54.79 -19.71 17.59
N THR F 598 -54.48 -18.79 18.50
CA THR F 598 -55.34 -17.65 18.76
C THR F 598 -54.80 -16.39 18.11
N MET F 599 -55.70 -15.60 17.51
CA MET F 599 -55.32 -14.34 16.87
C MET F 599 -55.91 -13.16 17.62
N TYR F 600 -55.10 -12.12 17.80
CA TYR F 600 -55.55 -10.94 18.55
C TYR F 600 -54.67 -9.73 18.26
N HIS F 601 -54.99 -8.63 18.92
CA HIS F 601 -54.20 -7.41 18.81
C HIS F 601 -53.33 -7.23 20.05
N ALA F 602 -52.02 -7.32 19.88
CA ALA F 602 -51.08 -7.22 20.99
C ALA F 602 -50.63 -5.79 21.24
N LYS F 603 -50.46 -5.45 22.51
CA LYS F 603 -50.00 -4.11 22.89
C LYS F 603 -48.49 -4.01 22.71
N ALA F 604 -48.03 -4.18 21.47
CA ALA F 604 -46.61 -4.12 21.16
C ALA F 604 -46.03 -2.75 21.50
N LYS F 605 -46.53 -1.73 20.82
CA LYS F 605 -46.09 -0.35 21.01
C LYS F 605 -45.64 -0.06 22.45
N ASP F 606 -44.38 0.33 22.64
CA ASP F 606 -43.38 0.46 21.59
C ASP F 606 -43.72 1.51 20.53
N GLN F 607 -43.39 1.21 19.28
CA GLN F 607 -43.60 2.11 18.16
C GLN F 607 -44.96 2.80 18.22
N LEU F 608 -44.99 4.13 18.13
CA LEU F 608 -43.83 4.98 17.88
C LEU F 608 -43.14 4.58 16.58
N THR F 609 -43.93 4.40 15.54
CA THR F 609 -43.43 3.95 14.24
C THR F 609 -42.65 5.05 13.53
N CYS F 610 -43.26 5.61 12.49
CA CYS F 610 -42.62 6.63 11.66
C CYS F 610 -41.50 6.00 10.82
N ASN F 611 -41.05 4.83 11.24
CA ASN F 611 -40.07 4.04 10.49
C ASN F 611 -38.76 4.76 10.17
N LYS F 612 -38.30 4.62 8.93
CA LYS F 612 -36.99 5.12 8.52
C LYS F 612 -37.01 6.61 8.18
N PHE F 613 -37.74 7.39 8.96
CA PHE F 613 -37.81 8.82 8.74
C PHE F 613 -38.03 9.59 10.04
N ASP F 614 -37.35 10.73 10.17
CA ASP F 614 -37.53 11.61 11.32
C ASP F 614 -37.99 12.99 10.86
N LEU F 615 -39.30 13.15 10.73
CA LEU F 615 -39.86 14.39 10.21
C LEU F 615 -40.23 15.36 11.32
N LYS F 616 -39.62 16.55 11.28
CA LYS F 616 -39.95 17.61 12.24
C LYS F 616 -40.43 18.85 11.50
N VAL F 617 -41.68 19.23 11.74
CA VAL F 617 -42.28 20.38 11.09
C VAL F 617 -42.64 21.47 12.09
N THR F 618 -42.30 22.71 11.76
CA THR F 618 -42.57 23.85 12.64
C THR F 618 -43.03 25.07 11.86
N ILE F 619 -44.01 25.78 12.41
CA ILE F 619 -44.52 26.99 11.80
C ILE F 619 -44.27 28.20 12.69
N LYS F 620 -43.78 29.29 12.10
CA LYS F 620 -43.46 30.49 12.86
C LYS F 620 -43.82 31.76 12.09
N PRO F 621 -44.21 32.81 12.82
CA PRO F 621 -44.58 34.10 12.22
C PRO F 621 -43.43 34.74 11.44
N ALA F 622 -43.70 35.89 10.83
CA ALA F 622 -42.68 36.59 10.05
C ALA F 622 -42.36 37.94 10.68
N PRO F 623 -41.13 38.43 10.47
CA PRO F 623 -40.68 39.72 11.01
C PRO F 623 -41.62 40.85 10.60
N LYS F 633 -51.33 37.68 3.80
CA LYS F 633 -51.64 38.60 4.89
C LYS F 633 -50.65 38.45 6.04
N ASN F 634 -50.88 37.46 6.89
CA ASN F 634 -50.02 37.21 8.04
C ASN F 634 -48.65 36.69 7.63
N THR F 635 -48.64 35.75 6.68
CA THR F 635 -47.42 35.11 6.18
C THR F 635 -46.55 34.51 7.28
N MET F 636 -46.13 33.25 7.08
CA MET F 636 -45.32 32.56 8.06
C MET F 636 -44.21 31.75 7.41
N ILE F 637 -43.35 31.15 8.23
CA ILE F 637 -42.24 30.34 7.73
C ILE F 637 -42.44 28.87 8.08
N LEU F 638 -42.32 28.01 7.07
CA LEU F 638 -42.51 26.57 7.26
C LEU F 638 -41.21 25.81 7.07
N GLU F 639 -40.55 25.48 8.17
CA GLU F 639 -39.30 24.74 8.11
C GLU F 639 -39.56 23.23 8.25
N ILE F 640 -39.04 22.46 7.31
CA ILE F 640 -39.25 21.02 7.31
C ILE F 640 -37.93 20.24 7.31
N CYS F 641 -37.62 19.62 8.44
CA CYS F 641 -36.41 18.82 8.56
C CYS F 641 -36.73 17.34 8.44
N THR F 642 -35.80 16.58 7.87
CA THR F 642 -36.00 15.15 7.66
C THR F 642 -34.70 14.37 7.70
N ARG F 643 -34.78 13.12 8.15
CA ARG F 643 -33.62 12.24 8.21
C ARG F 643 -34.05 10.81 7.89
N TYR F 644 -33.08 9.97 7.52
CA TYR F 644 -33.36 8.59 7.16
C TYR F 644 -32.67 7.61 8.10
N ARG F 645 -33.41 6.63 8.60
CA ARG F 645 -32.86 5.61 9.47
C ARG F 645 -32.30 4.43 8.67
N GLY F 646 -31.02 4.50 8.33
CA GLY F 646 -30.38 3.45 7.57
C GLY F 646 -28.89 3.68 7.43
N ASP F 647 -28.21 2.74 6.78
CA ASP F 647 -26.77 2.84 6.57
C ASP F 647 -26.46 3.41 5.18
N GLN F 648 -27.51 3.72 4.43
CA GLN F 648 -27.35 4.25 3.08
C GLN F 648 -28.20 5.50 2.88
N ASP F 649 -27.61 6.53 2.28
CA ASP F 649 -28.35 7.75 1.97
C ASP F 649 -29.56 7.41 1.11
N ALA F 650 -30.75 7.51 1.70
CA ALA F 650 -31.99 7.16 1.01
C ALA F 650 -32.03 7.75 -0.39
N THR F 651 -32.57 6.98 -1.33
CA THR F 651 -32.64 7.42 -2.73
C THR F 651 -33.66 8.53 -2.93
N MET F 652 -34.45 8.42 -3.99
CA MET F 652 -35.43 9.45 -4.33
C MET F 652 -36.64 9.39 -3.41
N SER F 653 -36.94 10.51 -2.76
CA SER F 653 -38.06 10.58 -1.83
C SER F 653 -39.10 11.61 -2.28
N ILE F 654 -40.26 11.60 -1.65
CA ILE F 654 -41.35 12.50 -2.01
C ILE F 654 -41.80 13.36 -0.83
N LEU F 655 -42.10 14.62 -1.10
CA LEU F 655 -42.60 15.53 -0.07
C LEU F 655 -44.03 15.95 -0.37
N ASP F 656 -44.99 15.22 0.18
CA ASP F 656 -46.40 15.55 0.01
C ASP F 656 -46.87 16.52 1.10
N ILE F 657 -46.90 17.80 0.76
CA ILE F 657 -47.28 18.82 1.72
C ILE F 657 -48.70 19.32 1.47
N SER F 658 -49.44 19.57 2.54
CA SER F 658 -50.79 20.11 2.45
C SER F 658 -50.92 21.40 3.24
N MET F 659 -51.14 22.51 2.52
CA MET F 659 -51.25 23.82 3.15
C MET F 659 -52.48 23.92 4.05
N MET F 660 -52.43 24.86 4.99
CA MET F 660 -53.56 25.13 5.87
C MET F 660 -54.60 25.95 5.10
N THR F 661 -55.88 25.70 5.38
CA THR F 661 -56.95 26.39 4.68
C THR F 661 -56.80 27.90 4.76
N GLY F 662 -56.56 28.54 3.62
CA GLY F 662 -56.37 29.97 3.57
C GLY F 662 -54.91 30.37 3.44
N PHE F 663 -54.06 29.38 3.21
CA PHE F 663 -52.62 29.63 3.06
C PHE F 663 -52.08 29.04 1.76
N ALA F 664 -51.09 29.72 1.19
CA ALA F 664 -50.46 29.28 -0.05
C ALA F 664 -48.96 29.58 -0.03
N PRO F 665 -48.15 28.65 -0.52
CA PRO F 665 -46.69 28.80 -0.55
C PRO F 665 -46.26 30.03 -1.34
N ASP F 666 -45.15 30.64 -0.95
CA ASP F 666 -44.62 31.80 -1.65
C ASP F 666 -43.94 31.36 -2.95
N THR F 667 -44.48 31.82 -4.07
CA THR F 667 -43.97 31.44 -5.38
C THR F 667 -42.46 31.68 -5.52
N ASP F 668 -42.01 32.84 -5.07
CA ASP F 668 -40.61 33.21 -5.16
C ASP F 668 -39.70 32.19 -4.50
N ASP F 669 -40.09 31.73 -3.31
CA ASP F 669 -39.29 30.75 -2.58
C ASP F 669 -39.30 29.39 -3.24
N LEU F 670 -40.39 29.08 -3.95
CA LEU F 670 -40.51 27.81 -4.64
C LEU F 670 -39.52 27.71 -5.80
N LYS F 671 -39.31 28.83 -6.49
CA LYS F 671 -38.36 28.90 -7.58
C LYS F 671 -36.93 28.66 -7.09
N GLN F 672 -36.64 29.14 -5.89
CA GLN F 672 -35.32 28.98 -5.29
C GLN F 672 -35.02 27.51 -4.97
N LEU F 673 -36.03 26.80 -4.47
CA LEU F 673 -35.87 25.41 -4.10
C LEU F 673 -35.91 24.51 -5.34
N ALA F 674 -36.59 24.96 -6.39
CA ALA F 674 -36.70 24.19 -7.62
C ALA F 674 -35.37 24.12 -8.35
N ASN F 675 -34.69 25.25 -8.46
CA ASN F 675 -33.41 25.32 -9.15
C ASN F 675 -32.28 24.73 -8.32
N GLY F 676 -32.54 24.48 -7.05
CA GLY F 676 -31.56 23.92 -6.15
C GLY F 676 -31.15 22.52 -6.55
N VAL F 677 -30.01 22.06 -6.03
CA VAL F 677 -29.50 20.73 -6.33
C VAL F 677 -30.24 19.68 -5.51
N ASP F 678 -30.46 18.51 -6.11
CA ASP F 678 -31.14 17.40 -5.44
C ASP F 678 -32.59 17.75 -5.11
N ARG F 679 -33.13 18.75 -5.78
CA ARG F 679 -34.52 19.16 -5.58
C ARG F 679 -35.19 19.49 -6.90
N TYR F 680 -36.45 19.09 -7.04
CA TYR F 680 -37.21 19.30 -8.26
C TYR F 680 -38.70 19.43 -8.00
N ILE F 681 -39.33 20.41 -8.65
CA ILE F 681 -40.77 20.61 -8.53
C ILE F 681 -41.41 20.66 -9.92
N SER F 682 -42.41 19.82 -10.14
CA SER F 682 -43.09 19.73 -11.43
C SER F 682 -43.51 21.10 -11.96
N LYS F 683 -43.22 21.35 -13.23
CA LYS F 683 -43.59 22.59 -13.88
C LYS F 683 -45.09 22.86 -13.76
N TYR F 684 -45.87 21.79 -13.80
CA TYR F 684 -47.32 21.88 -13.72
C TYR F 684 -47.76 22.44 -12.36
N GLU F 685 -46.86 22.39 -11.38
CA GLU F 685 -47.17 22.85 -10.03
C GLU F 685 -46.77 24.31 -9.82
N LEU F 686 -45.71 24.74 -10.50
CA LEU F 686 -45.22 26.11 -10.36
C LEU F 686 -46.26 27.12 -10.83
N ASP F 687 -46.85 26.87 -11.99
CA ASP F 687 -47.82 27.79 -12.57
C ASP F 687 -49.25 27.52 -12.10
N LYS F 688 -49.55 27.94 -10.88
CA LYS F 688 -50.89 27.79 -10.33
C LYS F 688 -51.32 29.06 -9.60
N ALA F 689 -50.36 29.94 -9.34
CA ALA F 689 -50.62 31.18 -8.62
C ALA F 689 -51.28 30.90 -7.28
N PHE F 690 -51.86 31.93 -6.68
CA PHE F 690 -52.55 31.78 -5.40
C PHE F 690 -53.98 31.27 -5.61
N SER F 691 -54.24 30.75 -6.81
CA SER F 691 -55.55 30.20 -7.13
C SER F 691 -55.86 29.00 -6.24
N ASP F 692 -55.23 27.87 -6.55
CA ASP F 692 -55.44 26.64 -5.78
C ASP F 692 -54.16 25.82 -5.65
N ARG F 693 -53.23 26.31 -4.84
CA ARG F 693 -52.01 25.56 -4.55
C ARG F 693 -51.98 25.12 -3.09
N ASN F 694 -53.06 24.51 -2.65
CA ASN F 694 -53.16 24.01 -1.28
C ASN F 694 -52.46 22.67 -1.11
N THR F 695 -51.94 22.14 -2.22
CA THR F 695 -51.22 20.87 -2.21
C THR F 695 -49.92 20.98 -2.99
N LEU F 696 -48.80 20.75 -2.32
CA LEU F 696 -47.49 20.85 -2.96
C LEU F 696 -46.71 19.54 -2.86
N ILE F 697 -46.00 19.20 -3.93
CA ILE F 697 -45.18 18.00 -3.95
C ILE F 697 -43.75 18.32 -4.39
N ILE F 698 -42.80 18.19 -3.47
CA ILE F 698 -41.41 18.47 -3.76
C ILE F 698 -40.59 17.18 -3.84
N TYR F 699 -40.23 16.79 -5.06
CA TYR F 699 -39.45 15.58 -5.28
C TYR F 699 -38.01 15.76 -4.82
N LEU F 700 -37.53 14.81 -4.01
CA LEU F 700 -36.15 14.84 -3.53
C LEU F 700 -35.32 13.75 -4.18
N ASP F 701 -34.05 14.04 -4.43
CA ASP F 701 -33.15 13.08 -5.05
C ASP F 701 -32.52 12.16 -4.02
N LYS F 702 -32.23 12.71 -2.84
CA LYS F 702 -31.62 11.94 -1.77
C LYS F 702 -31.72 12.64 -0.43
N VAL F 703 -31.71 11.87 0.65
CA VAL F 703 -31.73 12.41 2.00
C VAL F 703 -30.74 11.66 2.90
N SER F 704 -29.71 12.36 3.34
CA SER F 704 -28.66 11.77 4.16
C SER F 704 -29.21 11.07 5.39
N HIS F 705 -28.54 10.01 5.84
CA HIS F 705 -28.94 9.28 7.02
C HIS F 705 -28.18 9.75 8.25
N SER F 706 -27.26 10.71 8.04
CA SER F 706 -26.47 11.26 9.13
C SER F 706 -27.19 12.42 9.80
N GLU F 707 -27.13 13.59 9.18
CA GLU F 707 -27.78 14.78 9.71
C GLU F 707 -29.18 14.94 9.11
N ASP F 708 -29.77 16.12 9.30
CA ASP F 708 -31.12 16.38 8.80
C ASP F 708 -31.11 17.37 7.64
N ASP F 709 -31.64 16.93 6.50
CA ASP F 709 -31.76 17.80 5.33
C ASP F 709 -32.99 18.70 5.47
N CYS F 710 -32.80 19.86 6.10
CA CYS F 710 -33.90 20.76 6.38
C CYS F 710 -34.06 21.86 5.32
N LEU F 711 -35.29 22.11 4.91
CA LEU F 711 -35.61 23.18 3.98
C LEU F 711 -36.76 24.03 4.52
N ALA F 712 -37.05 25.14 3.86
CA ALA F 712 -38.11 26.03 4.31
C ALA F 712 -38.59 26.98 3.21
N PHE F 713 -39.82 27.45 3.36
CA PHE F 713 -40.39 28.41 2.41
C PHE F 713 -41.55 29.16 3.04
N LYS F 714 -41.71 30.42 2.64
CA LYS F 714 -42.77 31.28 3.19
C LYS F 714 -44.16 30.80 2.76
N VAL F 715 -45.16 31.13 3.57
CA VAL F 715 -46.54 30.76 3.27
C VAL F 715 -47.49 31.90 3.62
N HIS F 716 -47.97 32.60 2.60
CA HIS F 716 -48.85 33.74 2.79
C HIS F 716 -50.30 33.31 3.00
N GLN F 717 -51.09 34.20 3.59
CA GLN F 717 -52.51 33.93 3.82
C GLN F 717 -53.38 34.74 2.86
N TYR F 718 -53.82 34.08 1.78
CA TYR F 718 -54.61 34.75 0.77
C TYR F 718 -56.09 34.86 1.17
N PHE F 719 -56.54 33.91 1.99
CA PHE F 719 -57.92 33.89 2.44
C PHE F 719 -57.99 33.75 3.97
N ASN F 720 -58.79 34.62 4.60
CA ASN F 720 -58.92 34.61 6.05
C ASN F 720 -60.23 33.98 6.51
N VAL F 721 -60.13 33.05 7.45
CA VAL F 721 -61.31 32.37 7.99
C VAL F 721 -61.01 31.77 9.35
N GLU F 722 -61.97 31.91 10.27
CA GLU F 722 -61.81 31.37 11.62
C GLU F 722 -61.74 29.85 11.62
N LEU F 723 -61.08 29.29 12.62
CA LEU F 723 -60.94 27.84 12.75
C LEU F 723 -60.32 27.24 11.49
N ILE F 724 -59.00 27.40 11.34
CA ILE F 724 -58.30 26.87 10.17
C ILE F 724 -57.91 25.41 10.38
N GLN F 725 -57.73 24.69 9.27
CA GLN F 725 -57.41 23.27 9.32
C GLN F 725 -55.90 23.04 9.28
N PRO F 726 -55.40 22.21 10.21
CA PRO F 726 -53.98 21.89 10.32
C PRO F 726 -53.42 21.30 9.03
N GLY F 727 -52.16 21.60 8.73
CA GLY F 727 -51.51 21.05 7.55
C GLY F 727 -50.81 19.74 7.86
N ALA F 728 -50.20 19.14 6.85
CA ALA F 728 -49.52 17.86 7.02
C ALA F 728 -48.42 17.64 5.99
N VAL F 729 -47.34 17.00 6.42
CA VAL F 729 -46.23 16.68 5.53
C VAL F 729 -45.93 15.18 5.59
N LYS F 730 -45.74 14.57 4.42
CA LYS F 730 -45.48 13.14 4.35
C LYS F 730 -44.22 12.84 3.54
N VAL F 731 -43.40 11.92 4.03
CA VAL F 731 -42.17 11.54 3.37
C VAL F 731 -42.10 10.03 3.15
N TYR F 732 -41.60 9.63 1.99
CA TYR F 732 -41.48 8.20 1.66
C TYR F 732 -40.67 7.99 0.38
N ALA F 733 -40.25 6.76 0.16
CA ALA F 733 -39.47 6.42 -1.03
C ALA F 733 -40.38 6.15 -2.22
N TYR F 734 -39.80 6.12 -3.42
CA TYR F 734 -40.57 5.91 -4.64
C TYR F 734 -40.96 4.45 -4.81
N TYR F 735 -40.29 3.57 -4.07
CA TYR F 735 -40.55 2.13 -4.18
C TYR F 735 -41.41 1.62 -3.04
N ASN F 736 -41.25 2.22 -1.86
CA ASN F 736 -42.02 1.79 -0.69
C ASN F 736 -42.91 2.91 -0.16
N LEU F 737 -44.22 2.72 -0.26
CA LEU F 737 -45.19 3.72 0.19
C LEU F 737 -45.60 3.46 1.63
N GLU F 738 -45.82 2.19 1.96
CA GLU F 738 -46.26 1.81 3.30
C GLU F 738 -45.38 2.40 4.39
N GLU F 739 -44.08 2.21 4.26
CA GLU F 739 -43.13 2.75 5.23
C GLU F 739 -42.92 4.24 5.04
N SER F 740 -43.65 5.04 5.80
CA SER F 740 -43.56 6.50 5.70
C SER F 740 -43.85 7.16 7.05
N CYS F 741 -43.77 8.49 7.08
CA CYS F 741 -44.04 9.25 8.28
C CYS F 741 -44.77 10.55 7.95
N THR F 742 -45.85 10.82 8.67
CA THR F 742 -46.65 12.02 8.43
C THR F 742 -46.80 12.85 9.70
N ARG F 743 -46.43 14.13 9.60
CA ARG F 743 -46.56 15.05 10.73
C ARG F 743 -47.50 16.19 10.40
N PHE F 744 -48.11 16.76 11.43
CA PHE F 744 -49.04 17.87 11.26
C PHE F 744 -48.50 19.14 11.89
N TYR F 745 -48.84 20.28 11.30
CA TYR F 745 -48.41 21.57 11.83
C TYR F 745 -49.58 22.53 11.97
N HIS F 746 -49.59 23.30 13.06
CA HIS F 746 -50.65 24.26 13.33
C HIS F 746 -50.10 25.45 14.11
N PRO F 747 -50.56 26.67 13.76
CA PRO F 747 -50.11 27.90 14.41
C PRO F 747 -50.27 27.84 15.93
N GLU F 748 -51.41 27.36 16.40
CA GLU F 748 -51.69 27.28 17.83
C GLU F 748 -51.53 25.86 18.36
N LYS F 749 -52.43 24.98 17.92
CA LYS F 749 -52.43 23.59 18.36
C LYS F 749 -51.06 22.94 18.20
N GLU F 750 -50.57 22.35 19.29
CA GLU F 750 -49.25 21.72 19.28
C GLU F 750 -49.20 20.55 18.30
N ASP F 751 -48.05 20.40 17.64
CA ASP F 751 -47.82 19.33 16.67
C ASP F 751 -49.02 19.04 15.77
N GLY F 752 -49.78 20.09 15.45
CA GLY F 752 -50.88 19.99 14.51
C GLY F 752 -51.96 18.98 14.87
N LYS F 753 -52.05 18.64 16.15
CA LYS F 753 -53.07 17.70 16.60
C LYS F 753 -54.38 18.42 16.95
N LEU F 754 -55.49 17.70 16.85
CA LEU F 754 -56.79 18.25 17.16
C LEU F 754 -57.16 17.97 18.61
N ASN F 755 -57.78 18.95 19.27
CA ASN F 755 -58.16 18.81 20.68
C ASN F 755 -59.14 17.66 20.90
N LYS F 756 -58.73 16.68 21.69
CA LYS F 756 -59.56 15.51 21.97
C LYS F 756 -59.30 14.94 23.35
N LEU F 757 -60.35 14.83 24.16
CA LEU F 757 -60.24 14.24 25.48
C LEU F 757 -59.96 12.75 25.38
N CYS F 758 -58.76 12.35 25.80
CA CYS F 758 -58.36 10.95 25.71
C CYS F 758 -58.20 10.30 27.08
N ARG F 759 -58.60 9.04 27.18
CA ARG F 759 -58.48 8.28 28.41
C ARG F 759 -58.34 6.79 28.09
N ASP F 760 -57.19 6.21 28.42
CA ASP F 760 -56.89 4.83 28.07
C ASP F 760 -56.86 4.65 26.56
N GLU F 761 -57.98 4.22 25.99
CA GLU F 761 -58.11 4.10 24.55
C GLU F 761 -59.48 4.52 24.06
N LEU F 762 -60.01 5.59 24.65
CA LEU F 762 -61.30 6.14 24.26
C LEU F 762 -61.22 7.66 24.17
N CYS F 763 -61.28 8.19 22.96
CA CYS F 763 -61.20 9.62 22.74
C CYS F 763 -62.45 10.18 22.08
N ARG F 764 -62.91 11.32 22.57
CA ARG F 764 -64.05 12.00 21.96
C ARG F 764 -63.63 13.37 21.45
N CYS F 765 -64.03 13.68 20.21
CA CYS F 765 -63.63 14.93 19.57
C CYS F 765 -64.05 16.14 20.38
N ALA F 766 -63.08 17.00 20.70
CA ALA F 766 -63.34 18.21 21.47
C ALA F 766 -63.14 19.47 20.64
N GLU F 767 -63.23 19.32 19.32
CA GLU F 767 -63.10 20.45 18.42
C GLU F 767 -64.41 21.20 18.27
N GLU F 768 -64.92 21.72 19.38
CA GLU F 768 -66.19 22.45 19.39
C GLU F 768 -66.15 23.63 20.34
N ASN F 769 -67.29 24.26 20.55
CA ASN F 769 -67.38 25.42 21.45
C ASN F 769 -67.17 25.03 22.91
N CYS F 770 -66.87 26.03 23.74
CA CYS F 770 -66.64 25.79 25.15
C CYS F 770 -67.91 25.34 25.86
N PHE F 771 -68.95 26.18 25.79
CA PHE F 771 -70.23 25.84 26.38
C PHE F 771 -71.39 26.34 25.51
N ILE F 772 -72.58 26.44 26.09
CA ILE F 772 -73.77 26.82 25.35
C ILE F 772 -73.63 28.19 24.68
N GLN F 773 -73.94 29.24 25.41
CA GLN F 773 -73.89 30.59 24.87
C GLN F 773 -73.53 31.61 25.94
N LYS F 774 -74.09 32.81 25.83
CA LYS F 774 -73.83 33.88 26.78
C LYS F 774 -75.09 34.26 27.55
N ASP F 777 -80.41 37.70 24.86
CA ASP F 777 -79.31 38.47 25.46
C ASP F 777 -79.65 38.87 26.90
N LYS F 778 -80.78 38.40 27.39
CA LYS F 778 -81.22 38.72 28.75
C LYS F 778 -81.55 37.46 29.54
N VAL F 779 -81.69 36.34 28.84
CA VAL F 779 -82.05 35.06 29.46
C VAL F 779 -82.96 35.22 30.67
N THR F 780 -84.24 35.48 30.41
CA THR F 780 -85.22 35.66 31.48
C THR F 780 -85.48 34.37 32.23
N LEU F 781 -86.43 34.40 33.16
CA LEU F 781 -86.77 33.23 33.96
C LEU F 781 -87.28 32.10 33.07
N GLU F 782 -88.25 32.42 32.21
CA GLU F 782 -88.83 31.44 31.30
C GLU F 782 -87.78 30.82 30.39
N GLU F 783 -86.75 31.60 30.06
CA GLU F 783 -85.67 31.13 29.20
C GLU F 783 -84.97 29.92 29.82
N ARG F 784 -84.68 30.00 31.11
CA ARG F 784 -83.98 28.93 31.80
C ARG F 784 -84.89 27.71 32.01
N LEU F 785 -86.17 27.95 32.22
CA LEU F 785 -87.13 26.88 32.44
C LEU F 785 -87.17 25.92 31.26
N ASP F 786 -87.34 26.45 30.06
CA ASP F 786 -87.43 25.64 28.85
C ASP F 786 -86.08 25.00 28.50
N LYS F 787 -85.00 25.75 28.67
CA LYS F 787 -83.67 25.25 28.35
C LYS F 787 -83.18 24.22 29.36
N ALA F 788 -83.85 24.14 30.50
CA ALA F 788 -83.48 23.18 31.54
C ALA F 788 -84.37 21.94 31.48
N CYS F 789 -85.50 22.05 30.81
CA CYS F 789 -86.44 20.93 30.71
C CYS F 789 -86.39 20.29 29.32
N GLU F 790 -85.34 20.57 28.58
CA GLU F 790 -85.14 19.95 27.27
C GLU F 790 -84.87 18.46 27.42
N PRO F 791 -85.31 17.66 26.44
CA PRO F 791 -85.12 16.21 26.46
C PRO F 791 -83.66 15.83 26.68
N GLY F 792 -82.74 16.68 26.21
CA GLY F 792 -81.33 16.41 26.35
C GLY F 792 -80.82 16.64 27.76
N VAL F 793 -81.27 17.72 28.38
CA VAL F 793 -80.84 18.07 29.73
C VAL F 793 -81.14 16.95 30.72
N ASP F 794 -80.10 16.42 31.35
CA ASP F 794 -80.23 15.31 32.29
C ASP F 794 -80.06 15.78 33.73
N TYR F 795 -78.96 16.48 33.99
CA TYR F 795 -78.63 16.91 35.35
C TYR F 795 -78.65 18.43 35.49
N VAL F 796 -79.20 18.91 36.60
CA VAL F 796 -79.23 20.34 36.89
C VAL F 796 -78.82 20.59 38.34
N TYR F 797 -77.57 21.00 38.54
CA TYR F 797 -77.05 21.19 39.89
C TYR F 797 -76.62 22.64 40.15
N LYS F 798 -76.60 23.01 41.42
CA LYS F 798 -76.01 24.27 41.86
C LYS F 798 -74.75 23.97 42.65
N THR F 799 -73.62 23.94 41.97
CA THR F 799 -72.37 23.50 42.59
C THR F 799 -71.48 24.64 43.06
N ARG F 800 -70.45 24.29 43.83
CA ARG F 800 -69.49 25.27 44.33
C ARG F 800 -68.07 24.83 44.00
N LEU F 801 -67.36 25.62 43.22
CA LEU F 801 -66.00 25.29 42.82
C LEU F 801 -65.07 25.17 44.01
N VAL F 802 -64.73 23.94 44.38
CA VAL F 802 -63.86 23.69 45.53
C VAL F 802 -62.39 23.81 45.14
N LYS F 803 -61.94 22.92 44.26
CA LYS F 803 -60.54 22.90 43.84
C LYS F 803 -60.41 22.86 42.32
N VAL F 804 -59.35 23.48 41.81
CA VAL F 804 -59.10 23.50 40.38
C VAL F 804 -57.78 22.82 40.04
N GLN F 805 -57.85 21.62 39.48
CA GLN F 805 -56.66 20.83 39.16
C GLN F 805 -56.39 20.76 37.67
N LEU F 806 -55.16 21.11 37.29
CA LEU F 806 -54.74 21.05 35.89
C LEU F 806 -53.68 19.96 35.71
N SER F 807 -54.13 18.71 35.59
CA SER F 807 -53.22 17.58 35.52
C SER F 807 -52.99 17.08 34.09
N ASN F 808 -51.91 17.54 33.48
CA ASN F 808 -51.50 17.07 32.15
C ASN F 808 -52.63 17.06 31.12
N ASP F 809 -53.10 15.86 30.79
CA ASP F 809 -54.11 15.68 29.75
C ASP F 809 -55.43 16.39 30.06
N PHE F 810 -56.25 15.79 30.92
CA PHE F 810 -57.57 16.33 31.23
C PHE F 810 -57.55 17.37 32.35
N ASP F 811 -58.29 18.45 32.16
CA ASP F 811 -58.39 19.51 33.16
C ASP F 811 -59.52 19.20 34.14
N GLU F 812 -59.29 19.47 35.42
CA GLU F 812 -60.22 19.08 36.47
C GLU F 812 -60.86 20.27 37.18
N TYR F 813 -62.17 20.19 37.38
CA TYR F 813 -62.92 21.20 38.13
C TYR F 813 -63.75 20.53 39.22
N ILE F 814 -63.20 20.47 40.43
CA ILE F 814 -63.89 19.84 41.55
C ILE F 814 -65.03 20.71 42.06
N MET F 815 -66.26 20.31 41.76
CA MET F 815 -67.44 21.07 42.18
C MET F 815 -68.18 20.34 43.30
N ALA F 816 -68.86 21.10 44.14
CA ALA F 816 -69.63 20.53 45.24
C ALA F 816 -71.11 20.85 45.09
N ILE F 817 -71.93 19.82 44.89
CA ILE F 817 -73.36 20.01 44.67
C ILE F 817 -74.08 20.55 45.91
N GLU F 818 -74.39 21.83 45.89
CA GLU F 818 -75.11 22.47 46.99
C GLU F 818 -76.54 21.91 47.07
N GLN F 819 -77.11 21.60 45.92
CA GLN F 819 -78.45 21.04 45.84
C GLN F 819 -78.74 20.47 44.47
N THR F 820 -79.50 19.39 44.42
CA THR F 820 -79.86 18.74 43.17
C THR F 820 -81.22 19.21 42.67
N ILE F 821 -81.21 20.23 41.81
CA ILE F 821 -82.45 20.75 41.24
C ILE F 821 -83.17 19.68 40.42
N LYS F 822 -82.41 18.99 39.57
CA LYS F 822 -82.95 17.87 38.81
C LYS F 822 -82.06 16.64 38.96
N SER F 823 -82.57 15.62 39.64
CA SER F 823 -81.83 14.38 39.83
C SER F 823 -81.62 13.66 38.50
N GLY F 824 -80.41 13.74 37.97
CA GLY F 824 -80.09 13.11 36.71
C GLY F 824 -79.92 11.60 36.83
N SER F 825 -79.19 11.02 35.88
CA SER F 825 -78.93 9.59 35.89
C SER F 825 -77.83 9.22 36.88
N ASP F 826 -77.20 10.25 37.45
CA ASP F 826 -76.14 10.04 38.44
C ASP F 826 -76.69 10.15 39.85
N GLU F 827 -76.76 9.02 40.55
CA GLU F 827 -77.25 9.00 41.92
C GLU F 827 -76.27 9.69 42.85
N VAL F 828 -76.40 11.00 43.00
CA VAL F 828 -75.51 11.78 43.85
C VAL F 828 -76.28 12.61 44.86
N GLN F 829 -75.95 12.43 46.14
CA GLN F 829 -76.59 13.18 47.21
C GLN F 829 -75.83 14.48 47.48
N VAL F 830 -76.56 15.50 47.94
CA VAL F 830 -75.97 16.79 48.23
C VAL F 830 -74.81 16.65 49.22
N GLY F 831 -73.69 17.28 48.91
CA GLY F 831 -72.51 17.21 49.75
C GLY F 831 -71.37 16.49 49.07
N GLN F 832 -71.70 15.61 48.14
CA GLN F 832 -70.70 14.86 47.40
C GLN F 832 -70.04 15.75 46.35
N GLN F 833 -68.86 15.34 45.90
CA GLN F 833 -68.11 16.13 44.93
C GLN F 833 -67.97 15.41 43.59
N ARG F 834 -68.25 16.14 42.51
CA ARG F 834 -68.09 15.61 41.16
C ARG F 834 -66.96 16.33 40.42
N THR F 835 -66.23 15.60 39.60
CA THR F 835 -65.11 16.18 38.87
C THR F 835 -65.48 16.52 37.43
N PHE F 836 -65.43 17.81 37.10
CA PHE F 836 -65.74 18.26 35.75
C PHE F 836 -64.47 18.41 34.92
N ILE F 837 -64.61 18.34 33.60
CA ILE F 837 -63.48 18.44 32.70
C ILE F 837 -63.79 19.38 31.53
N SER F 838 -62.84 20.26 31.22
CA SER F 838 -63.02 21.21 30.12
C SER F 838 -61.70 21.51 29.44
N PRO F 839 -61.73 21.66 28.11
CA PRO F 839 -60.54 21.97 27.31
C PRO F 839 -59.84 23.24 27.79
N ILE F 840 -58.58 23.40 27.42
CA ILE F 840 -57.78 24.55 27.85
C ILE F 840 -58.25 25.83 27.17
N LYS F 841 -58.73 25.69 25.92
CA LYS F 841 -59.18 26.84 25.14
C LYS F 841 -60.32 27.59 25.84
N CYS F 842 -61.10 26.85 26.62
CA CYS F 842 -62.28 27.42 27.28
C CYS F 842 -61.97 27.93 28.69
N ARG F 843 -60.75 27.68 29.16
CA ARG F 843 -60.35 28.09 30.50
C ARG F 843 -60.42 29.61 30.67
N GLU F 844 -60.17 30.32 29.59
CA GLU F 844 -60.19 31.78 29.62
C GLU F 844 -61.62 32.32 29.61
N ALA F 845 -62.53 31.58 28.97
CA ALA F 845 -63.92 32.00 28.87
C ALA F 845 -64.71 31.62 30.13
N LEU F 846 -64.28 30.55 30.79
CA LEU F 846 -64.95 30.09 32.00
C LEU F 846 -64.60 30.95 33.20
N LYS F 847 -63.34 31.39 33.27
CA LYS F 847 -62.84 32.19 34.38
C LYS F 847 -63.47 31.84 35.72
N LEU F 848 -63.55 30.55 36.02
CA LEU F 848 -64.15 30.07 37.25
C LEU F 848 -63.22 30.28 38.44
N GLU F 849 -63.73 30.95 39.47
CA GLU F 849 -62.95 31.19 40.69
C GLU F 849 -63.44 30.30 41.82
N GLU F 850 -62.50 29.82 42.63
CA GLU F 850 -62.83 28.92 43.74
C GLU F 850 -63.74 29.59 44.77
N LYS F 851 -64.37 28.77 45.60
CA LYS F 851 -65.27 29.26 46.65
C LYS F 851 -66.43 30.09 46.09
N LYS F 852 -66.78 29.83 44.84
CA LYS F 852 -67.92 30.51 44.22
C LYS F 852 -68.98 29.50 43.78
N HIS F 853 -70.23 29.95 43.77
CA HIS F 853 -71.35 29.08 43.39
C HIS F 853 -71.70 29.24 41.91
N TYR F 854 -72.14 28.14 41.29
CA TYR F 854 -72.49 28.16 39.88
C TYR F 854 -73.72 27.29 39.60
N LEU F 855 -74.57 27.76 38.70
CA LEU F 855 -75.70 26.98 38.22
C LEU F 855 -75.34 26.37 36.88
N MET F 856 -75.24 25.04 36.83
CA MET F 856 -74.84 24.37 35.60
C MET F 856 -75.64 23.10 35.32
N TRP F 857 -76.00 22.92 34.06
CA TRP F 857 -76.69 21.71 33.62
C TRP F 857 -76.14 21.25 32.26
N GLY F 858 -75.98 19.94 32.11
CA GLY F 858 -75.44 19.38 30.88
C GLY F 858 -76.25 18.22 30.34
N LEU F 859 -75.75 17.61 29.27
CA LEU F 859 -76.44 16.50 28.64
C LEU F 859 -76.05 15.16 29.27
N SER F 860 -76.83 14.13 29.00
CA SER F 860 -76.55 12.79 29.52
C SER F 860 -75.42 12.14 28.75
N SER F 861 -75.01 12.79 27.65
CA SER F 861 -73.92 12.28 26.84
C SER F 861 -72.61 13.00 27.16
N ASP F 862 -72.58 13.65 28.32
CA ASP F 862 -71.40 14.39 28.76
C ASP F 862 -70.72 13.72 29.94
N PHE F 863 -71.02 12.44 30.16
CA PHE F 863 -70.40 11.67 31.22
C PHE F 863 -69.08 11.07 30.75
N TRP F 864 -68.19 10.81 31.69
CA TRP F 864 -66.86 10.31 31.35
C TRP F 864 -66.29 9.42 32.45
N GLY F 865 -66.26 8.13 32.20
CA GLY F 865 -65.73 7.17 33.16
C GLY F 865 -66.76 6.16 33.62
N GLU F 866 -66.29 5.12 34.31
CA GLU F 866 -67.17 4.09 34.83
C GLU F 866 -67.59 4.39 36.26
N LYS F 867 -68.87 4.15 36.56
CA LYS F 867 -69.41 4.39 37.89
C LYS F 867 -68.71 3.51 38.94
N PRO F 868 -68.66 3.97 40.19
CA PRO F 868 -69.19 5.26 40.64
C PRO F 868 -68.23 6.41 40.35
N ASN F 869 -67.18 6.13 39.58
CA ASN F 869 -66.17 7.14 39.26
C ASN F 869 -66.52 7.94 38.01
N LEU F 870 -67.65 8.65 38.06
CA LEU F 870 -68.09 9.46 36.94
C LEU F 870 -67.42 10.83 36.94
N SER F 871 -67.29 11.41 35.75
CA SER F 871 -66.70 12.73 35.61
C SER F 871 -67.44 13.54 34.54
N TYR F 872 -68.15 14.58 34.98
CA TYR F 872 -68.91 15.41 34.06
C TYR F 872 -68.00 16.17 33.10
N ILE F 873 -68.49 16.37 31.88
CA ILE F 873 -67.73 17.08 30.86
C ILE F 873 -68.40 18.38 30.47
N ILE F 874 -67.65 19.47 30.49
CA ILE F 874 -68.17 20.77 30.10
C ILE F 874 -68.09 20.96 28.59
N GLY F 875 -69.04 20.38 27.87
CA GLY F 875 -69.08 20.45 26.43
C GLY F 875 -69.74 21.71 25.91
N LYS F 876 -69.89 21.79 24.59
CA LYS F 876 -70.50 22.96 23.96
C LYS F 876 -71.98 23.05 24.27
N ASP F 877 -72.51 22.02 24.94
CA ASP F 877 -73.92 22.00 25.30
C ASP F 877 -74.11 21.96 26.82
N THR F 878 -73.14 22.51 27.54
CA THR F 878 -73.21 22.55 28.99
C THR F 878 -73.40 23.98 29.50
N TRP F 879 -74.50 24.20 30.20
CA TRP F 879 -74.83 25.52 30.74
C TRP F 879 -73.96 25.85 31.95
N VAL F 880 -73.45 27.08 32.00
CA VAL F 880 -72.66 27.53 33.13
C VAL F 880 -72.99 28.98 33.46
N GLU F 881 -73.42 29.22 34.70
CA GLU F 881 -73.80 30.57 35.12
C GLU F 881 -73.31 30.86 36.53
N HIS F 882 -72.77 32.06 36.73
CA HIS F 882 -72.31 32.48 38.04
C HIS F 882 -73.48 32.75 38.97
N TRP F 883 -73.46 32.14 40.15
CA TRP F 883 -74.52 32.31 41.13
C TRP F 883 -74.09 33.27 42.23
N PRO F 884 -74.61 34.50 42.21
CA PRO F 884 -74.29 35.51 43.23
C PRO F 884 -74.57 34.98 44.62
N GLU F 885 -73.58 35.10 45.52
CA GLU F 885 -73.73 34.59 46.88
C GLU F 885 -74.81 35.36 47.65
N GLU F 886 -75.15 34.87 48.83
CA GLU F 886 -76.23 35.44 49.63
C GLU F 886 -76.10 36.96 49.79
N ASP F 887 -75.06 37.40 50.48
CA ASP F 887 -74.86 38.81 50.77
C ASP F 887 -74.64 39.66 49.52
N GLU F 888 -74.35 38.99 48.40
CA GLU F 888 -74.11 39.70 47.14
C GLU F 888 -75.41 39.94 46.39
N CYS F 889 -76.45 39.19 46.75
CA CYS F 889 -77.76 39.35 46.12
C CYS F 889 -78.53 40.51 46.73
N GLN F 890 -77.79 41.49 47.25
CA GLN F 890 -78.40 42.67 47.85
C GLN F 890 -78.01 43.93 47.08
N ASP F 891 -77.12 43.77 46.11
CA ASP F 891 -76.68 44.88 45.27
C ASP F 891 -77.74 45.20 44.23
N GLU F 892 -77.85 46.48 43.87
CA GLU F 892 -78.84 46.91 42.89
C GLU F 892 -78.45 46.50 41.47
N GLU F 893 -77.66 45.45 41.37
CA GLU F 893 -77.20 44.95 40.08
C GLU F 893 -77.44 43.45 39.96
N ASN F 894 -77.52 42.78 41.10
CA ASN F 894 -77.72 41.33 41.13
C ASN F 894 -79.12 40.94 41.56
N GLN F 895 -79.88 41.90 42.07
CA GLN F 895 -81.25 41.64 42.51
C GLN F 895 -82.10 41.09 41.37
N LYS F 896 -81.84 41.58 40.16
CA LYS F 896 -82.60 41.15 38.99
C LYS F 896 -82.25 39.71 38.59
N GLN F 897 -81.03 39.29 38.94
CA GLN F 897 -80.56 37.95 38.59
C GLN F 897 -80.94 36.92 39.64
N CYS F 898 -80.72 37.26 40.91
CA CYS F 898 -81.02 36.36 42.01
C CYS F 898 -82.50 36.01 42.07
N GLN F 899 -83.36 36.98 41.75
CA GLN F 899 -84.79 36.76 41.76
C GLN F 899 -85.21 35.71 40.73
N ASP F 900 -84.56 35.76 39.57
CA ASP F 900 -84.83 34.78 38.51
C ASP F 900 -84.38 33.40 38.93
N LEU F 901 -83.14 33.29 39.39
CA LEU F 901 -82.58 32.01 39.83
C LEU F 901 -83.39 31.43 40.99
N GLY F 902 -83.78 32.29 41.92
CA GLY F 902 -84.56 31.86 43.06
C GLY F 902 -85.87 31.20 42.66
N ALA F 903 -86.65 31.91 41.84
CA ALA F 903 -87.92 31.38 41.36
C ALA F 903 -87.70 30.15 40.49
N PHE F 904 -86.59 30.15 39.76
CA PHE F 904 -86.24 29.02 38.90
C PHE F 904 -86.09 27.73 39.71
N THR F 905 -85.31 27.81 40.79
CA THR F 905 -85.07 26.65 41.65
C THR F 905 -86.37 26.10 42.21
N GLU F 906 -87.19 26.97 42.79
CA GLU F 906 -88.46 26.56 43.39
C GLU F 906 -89.38 25.91 42.37
N SER F 907 -89.48 26.52 41.19
CA SER F 907 -90.35 26.02 40.13
C SER F 907 -89.88 24.66 39.62
N MET F 908 -88.58 24.43 39.69
CA MET F 908 -87.99 23.19 39.19
C MET F 908 -88.03 22.07 40.23
N VAL F 909 -88.14 22.45 41.50
CA VAL F 909 -88.15 21.48 42.59
C VAL F 909 -89.56 21.08 42.99
N VAL F 910 -90.42 22.07 43.12
CA VAL F 910 -91.81 21.84 43.54
C VAL F 910 -92.63 21.19 42.44
N PHE F 911 -92.65 21.81 41.27
CA PHE F 911 -93.46 21.33 40.16
C PHE F 911 -92.67 20.46 39.19
N GLY F 912 -91.39 20.75 39.04
CA GLY F 912 -90.54 20.03 38.11
C GLY F 912 -90.86 20.41 36.68
N CYS F 913 -90.02 19.96 35.75
CA CYS F 913 -90.22 20.25 34.33
C CYS F 913 -91.62 19.88 33.87
N PRO F 914 -92.39 20.89 33.43
CA PRO F 914 -93.75 20.67 32.91
C PRO F 914 -93.73 19.81 31.66
N ASN F 915 -94.82 19.09 31.40
CA ASN F 915 -94.91 18.23 30.24
C ASN F 915 -93.98 17.03 30.33
N SER G 1 8.60 -54.42 49.07
CA SER G 1 7.63 -53.38 48.79
C SER G 1 8.31 -52.07 48.39
N PRO G 2 7.80 -51.42 47.33
CA PRO G 2 8.35 -50.17 46.81
C PRO G 2 8.43 -49.07 47.86
N MET G 3 9.18 -48.02 47.56
CA MET G 3 9.35 -46.89 48.48
C MET G 3 9.55 -45.59 47.72
N TYR G 4 8.55 -44.72 47.76
CA TYR G 4 8.60 -43.46 47.03
C TYR G 4 8.91 -42.28 47.95
N SER G 5 10.13 -41.76 47.84
CA SER G 5 10.58 -40.67 48.71
C SER G 5 10.45 -39.31 48.05
N ILE G 6 10.53 -38.26 48.87
CA ILE G 6 10.45 -36.88 48.38
C ILE G 6 11.27 -35.95 49.27
N ILE G 7 12.03 -35.05 48.66
CA ILE G 7 12.87 -34.13 49.41
C ILE G 7 12.66 -32.67 48.97
N THR G 8 12.25 -31.83 49.90
CA THR G 8 12.07 -30.40 49.64
C THR G 8 12.58 -29.58 50.82
N PRO G 9 13.04 -28.36 50.55
CA PRO G 9 13.56 -27.46 51.59
C PRO G 9 12.59 -27.32 52.75
N ASN G 10 13.11 -27.15 53.96
CA ASN G 10 12.29 -27.02 55.15
C ASN G 10 11.28 -25.87 55.04
N ILE G 11 11.68 -24.80 54.35
CA ILE G 11 10.81 -23.65 54.16
C ILE G 11 10.78 -23.23 52.70
N LEU G 12 9.59 -23.29 52.10
CA LEU G 12 9.40 -22.88 50.72
C LEU G 12 9.21 -21.37 50.64
N ARG G 13 9.74 -20.75 49.59
CA ARG G 13 9.64 -19.31 49.41
C ARG G 13 8.68 -18.95 48.29
N LEU G 14 8.02 -17.80 48.42
CA LEU G 14 7.07 -17.35 47.42
C LEU G 14 7.78 -16.67 46.26
N GLU G 15 7.11 -16.60 45.11
CA GLU G 15 7.65 -15.94 43.93
C GLU G 15 9.05 -16.44 43.58
N SER G 16 9.26 -17.74 43.73
CA SER G 16 10.54 -18.35 43.42
C SER G 16 10.34 -19.81 43.01
N GLU G 17 11.42 -20.44 42.53
CA GLU G 17 11.35 -21.83 42.10
C GLU G 17 12.08 -22.76 43.07
N GLU G 18 11.31 -23.56 43.78
CA GLU G 18 11.88 -24.52 44.74
C GLU G 18 12.02 -25.90 44.09
N THR G 19 13.23 -26.47 44.20
CA THR G 19 13.50 -27.77 43.62
C THR G 19 12.82 -28.88 44.42
N MET G 20 12.41 -29.94 43.73
CA MET G 20 11.71 -31.04 44.37
C MET G 20 12.26 -32.39 43.91
N VAL G 21 13.01 -33.04 44.79
CA VAL G 21 13.68 -34.29 44.44
C VAL G 21 12.79 -35.51 44.62
N LEU G 22 12.49 -36.18 43.50
CA LEU G 22 11.68 -37.39 43.52
C LEU G 22 12.54 -38.64 43.40
N GLU G 23 12.18 -39.69 44.12
CA GLU G 23 12.94 -40.94 44.10
C GLU G 23 12.04 -42.16 44.31
N ALA G 24 12.58 -43.33 44.02
CA ALA G 24 11.84 -44.59 44.18
C ALA G 24 12.80 -45.73 44.50
N HIS G 25 12.44 -46.53 45.51
CA HIS G 25 13.29 -47.63 45.95
C HIS G 25 12.46 -48.87 46.29
N ASP G 26 12.46 -49.86 45.39
CA ASP G 26 13.20 -49.76 44.14
C ASP G 26 12.24 -49.72 42.95
N ALA G 27 11.38 -50.73 42.87
CA ALA G 27 10.39 -50.83 41.80
C ALA G 27 11.06 -50.95 40.42
N GLN G 28 10.26 -51.25 39.41
CA GLN G 28 10.76 -51.39 38.05
C GLN G 28 9.82 -50.74 37.04
N GLY G 29 10.30 -50.53 35.82
CA GLY G 29 9.51 -49.93 34.78
C GLY G 29 9.31 -48.44 34.97
N ASP G 30 8.41 -47.86 34.20
CA ASP G 30 8.12 -46.43 34.30
C ASP G 30 7.03 -46.16 35.33
N VAL G 31 7.25 -45.15 36.16
CA VAL G 31 6.29 -44.76 37.18
C VAL G 31 5.96 -43.27 37.11
N PRO G 32 4.79 -42.94 36.53
CA PRO G 32 4.34 -41.55 36.40
C PRO G 32 4.19 -40.88 37.75
N VAL G 33 4.53 -39.59 37.82
CA VAL G 33 4.41 -38.83 39.06
C VAL G 33 3.73 -37.49 38.82
N THR G 34 2.65 -37.24 39.56
CA THR G 34 1.91 -35.99 39.44
C THR G 34 1.99 -35.18 40.73
N VAL G 35 2.87 -34.18 40.74
CA VAL G 35 3.04 -33.33 41.91
C VAL G 35 2.01 -32.21 41.94
N THR G 36 1.27 -32.12 43.05
CA THR G 36 0.27 -31.08 43.21
C THR G 36 0.45 -30.38 44.55
N VAL G 37 0.54 -29.05 44.52
CA VAL G 37 0.73 -28.26 45.73
C VAL G 37 -0.53 -27.46 46.07
N HIS G 38 -1.08 -27.71 47.25
CA HIS G 38 -2.25 -26.99 47.72
C HIS G 38 -1.87 -26.03 48.84
N ASP G 39 -2.82 -25.23 49.29
CA ASP G 39 -2.58 -24.32 50.42
C ASP G 39 -2.88 -25.03 51.74
N PHE G 40 -3.01 -24.26 52.80
CA PHE G 40 -3.26 -24.82 54.13
C PHE G 40 -3.65 -23.73 55.12
N PRO G 41 -4.68 -24.01 55.94
CA PRO G 41 -5.46 -25.25 55.91
C PRO G 41 -6.40 -25.32 54.72
N GLY G 42 -7.10 -26.44 54.57
CA GLY G 42 -8.02 -26.63 53.47
C GLY G 42 -7.33 -27.02 52.18
N LYS G 43 -7.98 -27.87 51.40
CA LYS G 43 -7.42 -28.31 50.12
C LYS G 43 -7.89 -27.40 48.98
N LYS G 44 -7.62 -26.10 49.13
CA LYS G 44 -8.01 -25.12 48.12
C LYS G 44 -7.06 -25.16 46.93
N LEU G 45 -7.36 -26.02 45.96
CA LEU G 45 -6.53 -26.16 44.77
C LEU G 45 -6.82 -25.04 43.77
N VAL G 46 -5.81 -24.67 42.98
CA VAL G 46 -4.49 -25.29 43.06
C VAL G 46 -3.39 -24.24 42.89
N LEU G 47 -2.30 -24.42 43.64
CA LEU G 47 -1.17 -23.49 43.56
C LEU G 47 -0.30 -23.78 42.34
N SER G 48 0.37 -24.93 42.35
CA SER G 48 1.23 -25.32 41.25
C SER G 48 1.21 -26.84 41.03
N SER G 49 1.06 -27.25 39.79
CA SER G 49 1.02 -28.68 39.46
C SER G 49 2.06 -29.01 38.38
N GLU G 50 2.85 -30.04 38.63
CA GLU G 50 3.88 -30.48 37.70
C GLU G 50 3.78 -31.98 37.43
N LYS G 51 4.38 -32.42 36.34
CA LYS G 51 4.36 -33.84 35.97
C LYS G 51 5.71 -34.32 35.48
N THR G 52 6.01 -35.58 35.73
CA THR G 52 7.28 -36.18 35.30
C THR G 52 7.22 -37.71 35.43
N VAL G 53 8.14 -38.39 34.74
CA VAL G 53 8.18 -39.84 34.77
C VAL G 53 9.56 -40.34 35.20
N LEU G 54 9.58 -41.30 36.12
CA LEU G 54 10.83 -41.86 36.61
C LEU G 54 11.30 -43.05 35.78
N THR G 55 12.27 -42.81 34.91
CA THR G 55 12.82 -43.85 34.06
C THR G 55 14.07 -44.47 34.69
N PRO G 56 14.13 -45.81 34.72
CA PRO G 56 15.28 -46.54 35.29
C PRO G 56 16.60 -46.09 34.67
N ALA G 57 16.55 -45.49 33.49
CA ALA G 57 17.76 -45.01 32.82
C ALA G 57 18.40 -43.87 33.62
N THR G 58 17.60 -43.17 34.41
CA THR G 58 18.09 -42.08 35.24
C THR G 58 18.18 -42.50 36.70
N ASN G 59 18.24 -43.81 36.92
CA ASN G 59 18.33 -44.35 38.28
C ASN G 59 17.16 -43.93 39.16
N HIS G 60 16.02 -43.67 38.52
CA HIS G 60 14.80 -43.30 39.24
C HIS G 60 14.95 -42.02 40.05
N MET G 61 15.26 -40.92 39.36
CA MET G 61 15.34 -39.61 39.99
C MET G 61 14.53 -38.57 39.23
N GLY G 62 13.69 -37.83 39.94
CA GLY G 62 12.89 -36.79 39.34
C GLY G 62 13.48 -35.41 39.59
N ASN G 63 13.11 -34.46 38.74
CA ASN G 63 13.63 -33.11 38.85
C ASN G 63 12.58 -32.07 38.45
N VAL G 64 11.63 -31.81 39.33
CA VAL G 64 10.57 -30.85 39.07
C VAL G 64 10.73 -29.59 39.91
N THR G 65 10.44 -28.45 39.30
CA THR G 65 10.54 -27.16 39.99
C THR G 65 9.26 -26.35 39.83
N PHE G 66 8.58 -26.09 40.94
CA PHE G 66 7.32 -25.34 40.92
C PHE G 66 7.51 -23.92 41.43
N THR G 67 6.61 -23.03 41.02
CA THR G 67 6.67 -21.64 41.43
C THR G 67 5.41 -21.26 42.22
N ILE G 68 5.58 -21.03 43.51
CA ILE G 68 4.44 -20.73 44.39
C ILE G 68 4.09 -19.25 44.39
N PRO G 69 2.85 -18.93 44.00
CA PRO G 69 2.30 -17.57 44.06
C PRO G 69 2.36 -17.04 45.49
N ALA G 70 2.39 -15.72 45.71
CA ALA G 70 2.21 -14.69 44.68
C ALA G 70 0.75 -14.67 44.26
N ASN G 71 -0.05 -15.19 45.17
CA ASN G 71 -1.46 -14.91 45.31
C ASN G 71 -1.55 -13.70 46.22
N ARG G 72 -2.77 -13.28 46.52
CA ARG G 72 -2.98 -12.24 47.53
C ARG G 72 -3.69 -12.86 48.72
N GLU G 73 -3.90 -14.18 48.64
CA GLU G 73 -4.59 -14.92 49.67
C GLU G 73 -3.70 -15.16 50.88
N PHE G 74 -2.41 -14.90 50.72
CA PHE G 74 -1.45 -15.06 51.81
C PHE G 74 -1.19 -13.73 52.52
N LYS G 75 -2.12 -13.34 53.38
CA LYS G 75 -1.97 -12.10 54.14
C LYS G 75 -2.18 -12.34 55.63
N LYS G 78 -2.39 -11.34 59.86
CA LYS G 78 -1.14 -11.06 60.56
C LYS G 78 -0.83 -12.14 61.59
N GLY G 79 0.41 -12.16 62.07
CA GLY G 79 0.83 -13.11 63.08
C GLY G 79 0.77 -14.55 62.57
N ARG G 80 1.15 -15.48 63.44
CA ARG G 80 1.15 -16.90 63.09
C ARG G 80 1.98 -17.18 61.85
N ASN G 81 1.81 -18.37 61.29
CA ASN G 81 2.54 -18.76 60.09
C ASN G 81 1.62 -19.31 59.00
N LYS G 82 2.18 -19.56 57.82
CA LYS G 82 1.41 -20.08 56.70
C LYS G 82 2.12 -21.29 56.09
N PHE G 83 1.33 -22.32 55.78
CA PHE G 83 1.88 -23.57 55.26
C PHE G 83 1.22 -23.97 53.96
N VAL G 84 1.86 -24.88 53.23
CA VAL G 84 1.30 -25.44 52.00
C VAL G 84 1.41 -26.96 52.01
N THR G 85 0.37 -27.62 51.52
CA THR G 85 0.35 -29.08 51.47
C THR G 85 1.00 -29.60 50.20
N VAL G 86 2.28 -29.92 50.28
CA VAL G 86 3.02 -30.46 49.15
C VAL G 86 2.69 -31.94 48.95
N GLN G 87 2.00 -32.24 47.86
CA GLN G 87 1.56 -33.61 47.58
C GLN G 87 2.24 -34.15 46.33
N ALA G 88 2.59 -35.43 46.36
CA ALA G 88 3.24 -36.09 45.23
C ALA G 88 2.70 -37.50 45.04
N THR G 89 2.02 -37.73 43.91
CA THR G 89 1.43 -39.03 43.63
C THR G 89 2.35 -39.86 42.72
N PHE G 90 2.62 -41.10 43.15
CA PHE G 90 3.46 -41.99 42.37
C PHE G 90 2.62 -43.11 41.75
N GLY G 91 1.75 -42.74 40.82
CA GLY G 91 0.87 -43.69 40.18
C GLY G 91 -0.40 -43.89 40.98
N THR G 92 -0.29 -44.65 42.07
CA THR G 92 -1.42 -44.90 42.96
C THR G 92 -1.08 -44.50 44.39
N GLN G 93 0.11 -44.89 44.84
CA GLN G 93 0.58 -44.56 46.17
C GLN G 93 0.82 -43.05 46.29
N VAL G 94 0.10 -42.41 47.19
CA VAL G 94 0.21 -40.96 47.37
C VAL G 94 1.08 -40.60 48.58
N VAL G 95 2.09 -39.77 48.34
CA VAL G 95 2.98 -39.33 49.41
C VAL G 95 2.89 -37.80 49.56
N GLU G 96 2.35 -37.36 50.69
CA GLU G 96 2.15 -35.94 50.93
C GLU G 96 2.83 -35.48 52.22
N LYS G 97 3.29 -34.24 52.22
CA LYS G 97 3.95 -33.65 53.38
C LYS G 97 3.83 -32.13 53.36
N VAL G 98 3.33 -31.57 54.45
CA VAL G 98 3.14 -30.12 54.55
C VAL G 98 4.45 -29.42 54.90
N VAL G 99 4.75 -28.36 54.17
CA VAL G 99 6.00 -27.62 54.38
C VAL G 99 5.72 -26.16 54.77
N LEU G 100 6.58 -25.61 55.61
CA LEU G 100 6.46 -24.22 56.04
C LEU G 100 6.73 -23.26 54.89
N VAL G 101 6.05 -22.11 54.89
CA VAL G 101 6.21 -21.12 53.84
C VAL G 101 6.75 -19.81 54.41
N SER G 102 7.73 -19.24 53.71
CA SER G 102 8.33 -17.98 54.15
C SER G 102 7.73 -16.78 53.42
N LEU G 103 6.98 -15.97 54.15
CA LEU G 103 6.38 -14.76 53.62
C LEU G 103 7.44 -13.83 53.07
N GLN G 104 8.67 -13.99 53.56
CA GLN G 104 9.79 -13.17 53.12
C GLN G 104 9.88 -13.15 51.60
N SER G 105 10.12 -11.97 51.04
CA SER G 105 10.22 -11.81 49.59
C SER G 105 11.67 -11.76 49.15
N GLY G 106 12.55 -11.27 50.01
CA GLY G 106 13.96 -11.17 49.70
C GLY G 106 14.73 -10.30 50.67
N TYR G 107 15.74 -9.60 50.16
CA TYR G 107 16.57 -8.73 50.99
C TYR G 107 16.46 -7.27 50.55
N LEU G 108 16.72 -6.36 51.48
CA LEU G 108 16.72 -4.94 51.19
C LEU G 108 17.93 -4.25 51.81
N PHE G 109 18.71 -3.56 50.97
CA PHE G 109 19.89 -2.87 51.44
C PHE G 109 19.77 -1.37 51.18
N ILE G 110 19.90 -0.58 52.24
CA ILE G 110 19.77 0.87 52.14
C ILE G 110 21.13 1.57 52.19
N GLN G 111 21.41 2.38 51.18
CA GLN G 111 22.68 3.09 51.11
C GLN G 111 22.49 4.60 51.23
N THR G 112 23.15 5.19 52.21
CA THR G 112 23.12 6.64 52.40
C THR G 112 24.44 7.26 51.98
N ASP G 113 24.38 8.39 51.28
CA ASP G 113 25.58 9.06 50.81
C ASP G 113 26.57 9.35 51.94
N LYS G 114 26.05 9.87 53.06
CA LYS G 114 26.89 10.16 54.21
C LYS G 114 26.41 9.41 55.45
N THR G 115 27.24 9.40 56.48
CA THR G 115 26.89 8.73 57.74
C THR G 115 26.37 9.74 58.75
N ILE G 116 26.64 11.02 58.51
CA ILE G 116 26.18 12.08 59.39
C ILE G 116 25.79 13.32 58.58
N TYR G 117 24.70 13.97 58.98
CA TYR G 117 24.18 15.11 58.24
C TYR G 117 24.00 16.33 59.14
N THR G 118 24.03 17.51 58.54
CA THR G 118 23.80 18.76 59.27
C THR G 118 22.38 19.26 59.01
N PRO G 119 21.73 19.78 60.05
CA PRO G 119 20.36 20.31 59.95
C PRO G 119 20.23 21.33 58.81
N GLY G 120 19.60 20.91 57.72
CA GLY G 120 19.42 21.78 56.57
C GLY G 120 19.75 21.08 55.26
N SER G 121 20.62 20.09 55.33
CA SER G 121 21.03 19.34 54.15
C SER G 121 20.02 18.26 53.78
N THR G 122 20.26 17.60 52.65
CA THR G 122 19.37 16.55 52.17
C THR G 122 20.04 15.18 52.24
N VAL G 123 19.28 14.18 52.70
CA VAL G 123 19.80 12.83 52.82
C VAL G 123 19.53 12.02 51.54
N LEU G 124 20.59 11.77 50.77
CA LEU G 124 20.48 10.97 49.56
C LEU G 124 20.67 9.50 49.86
N TYR G 125 19.61 8.71 49.68
CA TYR G 125 19.66 7.28 49.97
C TYR G 125 18.94 6.45 48.91
N ARG G 126 19.49 5.28 48.62
CA ARG G 126 18.90 4.37 47.64
C ARG G 126 18.55 3.02 48.27
N ILE G 127 17.54 2.36 47.73
CA ILE G 127 17.12 1.05 48.21
C ILE G 127 17.30 -0.01 47.14
N PHE G 128 17.93 -1.12 47.51
CA PHE G 128 18.14 -2.23 46.59
C PHE G 128 17.16 -3.37 46.87
N THR G 129 16.38 -3.73 45.86
CA THR G 129 15.40 -4.80 45.99
C THR G 129 15.87 -6.07 45.30
N VAL G 130 16.36 -7.02 46.08
CA VAL G 130 16.83 -8.29 45.55
C VAL G 130 16.17 -9.47 46.26
N ASN G 131 15.99 -10.57 45.54
CA ASN G 131 15.39 -11.76 46.11
C ASN G 131 16.37 -12.53 47.02
N HIS G 132 15.99 -13.75 47.37
CA HIS G 132 16.83 -14.58 48.22
C HIS G 132 18.09 -15.06 47.50
N LYS G 133 18.21 -14.70 46.22
CA LYS G 133 19.37 -15.09 45.42
C LYS G 133 20.19 -13.86 45.05
N LEU G 134 19.89 -12.73 45.67
CA LEU G 134 20.60 -11.48 45.42
C LEU G 134 20.56 -11.09 43.95
N LEU G 135 19.36 -11.00 43.39
CA LEU G 135 19.18 -10.59 42.01
C LEU G 135 18.12 -9.50 41.89
N PRO G 136 18.30 -8.59 40.92
CA PRO G 136 17.35 -7.49 40.69
C PRO G 136 15.93 -8.01 40.51
N VAL G 137 14.98 -7.44 41.25
CA VAL G 137 13.59 -7.87 41.17
C VAL G 137 12.62 -6.73 41.45
N GLY G 138 11.58 -6.62 40.65
CA GLY G 138 10.59 -5.58 40.81
C GLY G 138 9.56 -5.90 41.88
N ARG G 139 9.62 -5.18 42.99
CA ARG G 139 8.70 -5.40 44.10
C ARG G 139 8.21 -4.09 44.68
N THR G 140 7.18 -4.17 45.53
CA THR G 140 6.64 -2.99 46.20
C THR G 140 7.20 -2.90 47.62
N VAL G 141 7.83 -1.76 47.93
CA VAL G 141 8.48 -1.60 49.23
C VAL G 141 7.94 -0.40 50.00
N MET G 142 7.68 -0.61 51.29
CA MET G 142 7.24 0.46 52.18
C MET G 142 8.44 1.07 52.89
N VAL G 143 8.63 2.38 52.74
CA VAL G 143 9.77 3.06 53.33
C VAL G 143 9.33 4.10 54.36
N ASN G 144 9.82 3.94 55.59
CA ASN G 144 9.54 4.89 56.66
C ASN G 144 10.81 5.52 57.21
N ILE G 145 10.71 6.76 57.67
CA ILE G 145 11.83 7.47 58.26
C ILE G 145 11.51 7.93 59.67
N GLU G 146 12.07 7.26 60.66
CA GLU G 146 11.77 7.55 62.05
C GLU G 146 12.79 8.50 62.68
N ASN G 147 12.30 9.44 63.48
CA ASN G 147 13.16 10.37 64.20
C ASN G 147 13.92 9.67 65.32
N PRO G 148 14.83 10.39 65.99
CA PRO G 148 15.57 9.81 67.12
C PRO G 148 14.64 9.24 68.19
N GLU G 149 13.37 9.63 68.16
CA GLU G 149 12.40 9.12 69.12
C GLU G 149 11.60 7.95 68.55
N GLY G 150 12.09 7.41 67.44
CA GLY G 150 11.48 6.25 66.81
C GLY G 150 10.04 6.44 66.38
N ILE G 151 9.73 7.61 65.85
CA ILE G 151 8.39 7.89 65.36
C ILE G 151 8.42 8.33 63.89
N PRO G 152 7.81 7.53 63.01
CA PRO G 152 7.79 7.78 61.57
C PRO G 152 7.33 9.20 61.24
N VAL G 153 8.11 9.91 60.43
CA VAL G 153 7.76 11.27 60.02
C VAL G 153 7.46 11.30 58.52
N LYS G 154 7.86 10.25 57.83
CA LYS G 154 7.61 10.14 56.39
C LYS G 154 7.47 8.69 55.97
N GLN G 155 6.40 8.39 55.23
CA GLN G 155 6.15 7.04 54.76
C GLN G 155 5.76 7.04 53.28
N ASP G 156 6.37 6.14 52.52
CA ASP G 156 6.08 6.03 51.10
C ASP G 156 5.83 4.58 50.71
N SER G 157 5.67 4.34 49.40
CA SER G 157 5.44 2.99 48.90
C SER G 157 5.84 2.89 47.43
N LEU G 158 7.15 2.87 47.19
CA LEU G 158 7.67 2.82 45.82
C LEU G 158 7.62 1.41 45.26
N SER G 159 7.98 1.29 43.98
CA SER G 159 8.02 0.00 43.30
C SER G 159 9.22 -0.08 42.37
N SER G 160 10.10 -1.05 42.61
CA SER G 160 11.31 -1.20 41.82
C SER G 160 11.02 -1.79 40.44
N GLN G 161 9.73 -1.89 40.10
CA GLN G 161 9.32 -2.40 38.81
C GLN G 161 9.90 -1.57 37.68
N ASN G 162 10.53 -2.23 36.73
CA ASN G 162 11.14 -1.55 35.58
C ASN G 162 12.16 -0.50 36.01
N GLN G 163 12.80 -0.73 37.15
CA GLN G 163 13.79 0.21 37.67
C GLN G 163 15.11 -0.52 37.99
N LEU G 164 15.16 -1.80 37.63
CA LEU G 164 16.36 -2.62 37.83
C LEU G 164 16.75 -2.73 39.30
N GLY G 165 15.75 -2.82 40.17
CA GLY G 165 15.97 -3.01 41.59
C GLY G 165 16.80 -1.92 42.24
N VAL G 166 16.59 -0.68 41.81
CA VAL G 166 17.29 0.46 42.39
C VAL G 166 16.33 1.64 42.56
N LEU G 167 16.04 1.98 43.81
CA LEU G 167 15.10 3.07 44.11
C LEU G 167 15.80 4.29 44.69
N PRO G 168 16.19 5.24 43.83
CA PRO G 168 16.80 6.49 44.26
C PRO G 168 15.83 7.34 45.06
N LEU G 169 16.23 7.76 46.26
CA LEU G 169 15.37 8.57 47.11
C LEU G 169 16.15 9.67 47.84
N SER G 170 15.42 10.57 48.48
CA SER G 170 16.02 11.68 49.21
C SER G 170 15.04 12.23 50.25
N TRP G 171 15.58 12.79 51.33
CA TRP G 171 14.77 13.37 52.38
C TRP G 171 15.38 14.65 52.91
N ASP G 172 14.66 15.76 52.77
CA ASP G 172 15.14 17.06 53.21
C ASP G 172 15.07 17.20 54.73
N ILE G 173 16.19 17.57 55.33
CA ILE G 173 16.26 17.78 56.78
C ILE G 173 15.98 19.25 57.11
N PRO G 174 14.86 19.50 57.81
CA PRO G 174 14.47 20.86 58.20
C PRO G 174 15.54 21.53 59.06
N GLU G 175 15.62 22.86 58.97
CA GLU G 175 16.57 23.62 59.79
C GLU G 175 16.35 23.34 61.27
N LEU G 176 15.10 23.42 61.70
CA LEU G 176 14.73 23.13 63.07
C LEU G 176 14.37 21.66 63.21
N VAL G 177 15.37 20.82 63.46
CA VAL G 177 15.17 19.39 63.54
C VAL G 177 15.78 18.83 64.83
N ASN G 178 15.26 17.70 65.29
CA ASN G 178 15.76 17.06 66.50
C ASN G 178 17.04 16.27 66.24
N MET G 179 18.14 16.72 66.83
CA MET G 179 19.42 16.03 66.68
C MET G 179 19.39 14.66 67.36
N GLY G 180 20.11 13.71 66.78
CA GLY G 180 20.16 12.36 67.33
C GLY G 180 20.40 11.31 66.25
N GLN G 181 20.13 10.06 66.58
CA GLN G 181 20.32 8.96 65.64
C GLN G 181 19.03 8.62 64.91
N TRP G 182 18.84 9.23 63.74
CA TRP G 182 17.68 8.93 62.91
C TRP G 182 17.74 7.52 62.35
N LYS G 183 16.67 7.11 61.69
CA LYS G 183 16.59 5.74 61.16
C LYS G 183 15.77 5.67 59.88
N ILE G 184 16.21 4.84 58.94
CA ILE G 184 15.48 4.62 57.70
C ILE G 184 15.06 3.15 57.60
N ARG G 185 13.78 2.89 57.87
CA ARG G 185 13.27 1.53 57.85
C ARG G 185 12.53 1.23 56.55
N ALA G 186 12.67 0.00 56.07
CA ALA G 186 12.02 -0.41 54.83
C ALA G 186 11.68 -1.90 54.85
N TYR G 187 10.65 -2.28 54.09
CA TYR G 187 10.24 -3.68 54.02
C TYR G 187 9.31 -3.91 52.84
N TYR G 188 9.21 -5.16 52.39
CA TYR G 188 8.33 -5.50 51.28
C TYR G 188 6.87 -5.46 51.71
N GLU G 189 6.01 -5.05 50.78
CA GLU G 189 4.58 -4.94 51.06
C GLU G 189 3.99 -6.29 51.41
N ASN G 190 4.59 -7.35 50.89
CA ASN G 190 4.10 -8.72 51.13
C ASN G 190 4.70 -9.34 52.39
N SER G 191 5.60 -8.60 53.05
CA SER G 191 6.23 -9.08 54.27
C SER G 191 6.48 -7.94 55.25
N PRO G 192 5.42 -7.47 55.92
CA PRO G 192 5.50 -6.37 56.88
C PRO G 192 6.28 -6.74 58.14
N GLN G 193 6.55 -8.02 58.32
CA GLN G 193 7.27 -8.50 59.49
C GLN G 193 8.78 -8.42 59.30
N GLN G 194 9.23 -8.62 58.07
CA GLN G 194 10.65 -8.55 57.75
C GLN G 194 11.06 -7.14 57.38
N VAL G 195 11.55 -6.38 58.35
CA VAL G 195 11.89 -4.98 58.15
C VAL G 195 13.39 -4.72 58.29
N PHE G 196 13.97 -4.09 57.27
CA PHE G 196 15.37 -3.71 57.30
C PHE G 196 15.51 -2.27 57.76
N SER G 197 16.66 -1.92 58.32
CA SER G 197 16.86 -0.58 58.86
C SER G 197 18.30 -0.09 58.70
N THR G 198 18.45 1.22 58.48
CA THR G 198 19.76 1.86 58.38
C THR G 198 19.74 3.21 59.08
N GLU G 199 20.66 3.42 60.00
CA GLU G 199 20.67 4.64 60.81
C GLU G 199 21.63 5.70 60.27
N PHE G 200 21.30 6.95 60.52
CA PHE G 200 22.16 8.08 60.16
C PHE G 200 22.03 9.19 61.19
N GLU G 201 23.16 9.75 61.61
CA GLU G 201 23.17 10.75 62.68
C GLU G 201 22.97 12.17 62.16
N VAL G 202 22.12 12.94 62.84
CA VAL G 202 21.91 14.34 62.52
C VAL G 202 22.44 15.22 63.65
N LYS G 203 23.42 16.06 63.33
CA LYS G 203 24.09 16.87 64.34
C LYS G 203 24.80 18.06 63.73
N GLU G 204 24.96 19.13 64.51
CA GLU G 204 25.69 20.30 64.07
C GLU G 204 27.19 20.08 64.26
N TYR G 205 27.93 20.02 63.16
CA TYR G 205 29.36 19.73 63.22
C TYR G 205 30.15 20.46 62.14
N VAL G 206 31.46 20.28 62.15
CA VAL G 206 32.34 20.84 61.15
C VAL G 206 33.45 19.86 60.79
N LEU G 207 33.70 19.69 59.49
CA LEU G 207 34.71 18.75 59.02
C LEU G 207 36.11 19.18 59.42
N PRO G 208 36.79 18.37 60.24
CA PRO G 208 38.16 18.64 60.67
C PRO G 208 39.14 18.69 59.50
N SER G 209 40.39 19.03 59.77
CA SER G 209 41.41 19.10 58.72
C SER G 209 42.29 17.86 58.72
N PHE G 210 42.28 17.13 59.82
CA PHE G 210 43.09 15.92 59.95
C PHE G 210 42.38 14.84 60.75
N GLU G 211 42.91 13.62 60.68
CA GLU G 211 42.34 12.49 61.40
C GLU G 211 43.26 12.06 62.54
N VAL G 212 42.68 11.38 63.53
CA VAL G 212 43.46 10.89 64.67
C VAL G 212 43.20 9.40 64.89
N ILE G 213 44.26 8.60 64.79
CA ILE G 213 44.15 7.16 64.97
C ILE G 213 44.85 6.72 66.25
N VAL G 214 44.22 5.79 66.96
CA VAL G 214 44.78 5.26 68.20
C VAL G 214 44.86 3.73 68.19
N GLU G 215 46.04 3.20 67.94
CA GLU G 215 46.24 1.76 67.86
C GLU G 215 47.25 1.27 68.88
N PRO G 216 46.79 0.53 69.89
CA PRO G 216 47.67 -0.05 70.90
C PRO G 216 48.63 -1.06 70.30
N THR G 217 49.77 -1.29 70.96
CA THR G 217 50.75 -2.25 70.47
C THR G 217 50.14 -3.63 70.31
N GLU G 218 49.21 -3.97 71.19
CA GLU G 218 48.50 -5.25 71.12
C GLU G 218 47.00 -5.02 71.10
N LYS G 219 46.28 -5.90 70.41
CA LYS G 219 44.82 -5.80 70.32
C LYS G 219 44.16 -6.29 71.60
N PHE G 220 44.93 -6.36 72.68
CA PHE G 220 44.42 -6.78 73.98
C PHE G 220 45.36 -6.30 75.09
N TYR G 221 45.17 -6.86 76.29
CA TYR G 221 46.02 -6.50 77.41
C TYR G 221 46.18 -7.67 78.40
N TYR G 222 47.42 -8.08 78.63
CA TYR G 222 47.69 -9.14 79.59
C TYR G 222 47.75 -8.58 81.00
N ILE G 223 47.06 -9.26 81.92
CA ILE G 223 46.94 -8.77 83.30
C ILE G 223 48.29 -8.63 83.99
N TYR G 224 49.09 -9.70 83.95
CA TYR G 224 50.38 -9.71 84.64
C TYR G 224 51.47 -9.00 83.83
N ASN G 225 51.06 -8.27 82.80
CA ASN G 225 52.00 -7.54 81.97
C ASN G 225 52.48 -6.27 82.66
N GLU G 226 53.67 -6.32 83.25
CA GLU G 226 54.23 -5.19 83.98
C GLU G 226 54.50 -4.00 83.06
N LYS G 227 54.78 -4.28 81.79
CA LYS G 227 55.09 -3.25 80.82
C LYS G 227 53.93 -2.25 80.69
N GLY G 228 52.71 -2.73 80.89
CA GLY G 228 51.54 -1.89 80.80
C GLY G 228 50.92 -1.88 79.41
N LEU G 229 50.09 -0.88 79.14
CA LEU G 229 49.43 -0.76 77.86
C LEU G 229 49.99 0.40 77.03
N GLU G 230 50.79 0.07 76.02
CA GLU G 230 51.36 1.09 75.15
C GLU G 230 50.44 1.39 73.99
N VAL G 231 50.11 2.67 73.80
CA VAL G 231 49.21 3.08 72.73
C VAL G 231 49.90 4.06 71.78
N THR G 232 49.75 3.80 70.47
CA THR G 232 50.33 4.66 69.45
C THR G 232 49.35 5.74 69.00
N ILE G 233 49.84 6.96 68.86
CA ILE G 233 49.00 8.08 68.43
C ILE G 233 49.43 8.59 67.06
N THR G 234 48.80 8.08 66.01
CA THR G 234 49.12 8.49 64.65
C THR G 234 48.10 9.51 64.15
N ALA G 235 48.58 10.69 63.77
CA ALA G 235 47.70 11.76 63.29
C ALA G 235 48.26 12.43 62.04
N ARG G 236 47.49 12.39 60.96
CA ARG G 236 47.89 13.02 59.71
C ARG G 236 46.71 13.72 59.05
N PHE G 237 47.00 14.73 58.25
CA PHE G 237 45.96 15.48 57.54
C PHE G 237 45.17 14.57 56.59
N LEU G 238 44.04 15.07 56.12
CA LEU G 238 43.16 14.30 55.24
C LEU G 238 43.76 14.13 53.85
N TYR G 239 44.84 14.86 53.58
CA TYR G 239 45.49 14.80 52.27
C TYR G 239 46.84 14.08 52.32
N GLY G 240 47.08 13.35 53.39
CA GLY G 240 48.27 12.53 53.50
C GLY G 240 49.36 13.10 54.41
N LYS G 241 49.60 14.41 54.29
CA LYS G 241 50.64 15.07 55.09
C LYS G 241 50.48 14.79 56.57
N LYS G 242 51.59 14.88 57.31
CA LYS G 242 51.60 14.57 58.74
C LYS G 242 51.21 15.78 59.58
N VAL G 243 50.87 15.52 60.84
CA VAL G 243 50.38 16.57 61.74
C VAL G 243 51.41 16.95 62.81
N GLU G 244 51.61 18.25 62.99
CA GLU G 244 52.50 18.76 64.02
C GLU G 244 51.68 19.47 65.10
N GLY G 245 51.65 18.88 66.29
CA GLY G 245 50.90 19.46 67.40
C GLY G 245 51.12 18.75 68.72
N THR G 246 50.15 18.85 69.61
CA THR G 246 50.21 18.21 70.92
C THR G 246 48.98 17.34 71.14
N ALA G 247 49.14 16.27 71.92
CA ALA G 247 48.05 15.34 72.17
C ALA G 247 47.67 15.27 73.64
N PHE G 248 46.38 15.01 73.90
CA PHE G 248 45.88 14.85 75.26
C PHE G 248 45.18 13.50 75.39
N VAL G 249 45.89 12.53 75.97
CA VAL G 249 45.38 11.17 76.08
C VAL G 249 44.99 10.79 77.51
N ILE G 250 43.89 10.07 77.65
CA ILE G 250 43.43 9.61 78.96
C ILE G 250 42.80 8.22 78.83
N PHE G 251 43.01 7.39 79.85
CA PHE G 251 42.49 6.02 79.83
C PHE G 251 41.28 5.86 80.74
N GLY G 252 40.78 4.63 80.82
CA GLY G 252 39.62 4.33 81.65
C GLY G 252 39.16 2.89 81.49
N ILE G 253 38.54 2.36 82.55
CA ILE G 253 38.04 0.99 82.54
C ILE G 253 36.55 0.95 82.24
N GLN G 254 36.14 0.03 81.38
CA GLN G 254 34.74 -0.08 80.98
C GLN G 254 34.11 -1.37 81.49
N ASP G 255 33.27 -1.24 82.52
CA ASP G 255 32.53 -2.37 83.07
C ASP G 255 31.33 -2.68 82.18
N GLY G 256 30.43 -3.53 82.65
CA GLY G 256 29.23 -3.87 81.91
C GLY G 256 28.36 -2.66 81.65
N GLU G 257 28.50 -2.08 80.46
CA GLU G 257 27.75 -0.88 80.10
C GLU G 257 27.98 0.24 81.11
N GLN G 258 29.21 0.35 81.59
CA GLN G 258 29.59 1.39 82.54
C GLN G 258 31.03 1.82 82.31
N ARG G 259 31.31 3.10 82.52
CA ARG G 259 32.66 3.62 82.33
C ARG G 259 33.18 4.33 83.56
N ILE G 260 34.33 3.89 84.06
CA ILE G 260 34.98 4.51 85.21
C ILE G 260 36.28 5.18 84.77
N SER G 261 36.22 6.47 84.50
CA SER G 261 37.38 7.22 84.02
C SER G 261 38.54 7.15 85.01
N LEU G 262 39.75 7.24 84.49
CA LEU G 262 40.96 7.21 85.31
C LEU G 262 41.71 8.53 85.22
N PRO G 263 41.37 9.48 86.11
CA PRO G 263 41.97 10.82 86.12
C PRO G 263 43.48 10.77 86.29
N GLU G 264 43.98 9.72 86.94
CA GLU G 264 45.41 9.58 87.20
C GLU G 264 46.20 9.26 85.93
N SER G 265 45.52 8.62 84.97
CA SER G 265 46.16 8.22 83.72
C SER G 265 46.01 9.28 82.64
N LEU G 266 46.40 10.52 82.97
CA LEU G 266 46.34 11.61 82.01
C LEU G 266 47.74 12.05 81.61
N LYS G 267 47.99 12.11 80.30
CA LYS G 267 49.31 12.47 79.80
C LYS G 267 49.23 13.54 78.71
N ARG G 268 50.35 14.20 78.46
CA ARG G 268 50.44 15.21 77.42
C ARG G 268 51.67 14.98 76.56
N ILE G 269 51.55 14.10 75.58
CA ILE G 269 52.68 13.77 74.71
C ILE G 269 52.69 14.63 73.44
N PRO G 270 53.84 15.25 73.15
CA PRO G 270 54.02 16.06 71.94
C PRO G 270 53.94 15.21 70.69
N ILE G 271 53.22 15.69 69.68
CA ILE G 271 53.08 14.97 68.42
C ILE G 271 54.05 15.53 67.37
N GLU G 272 55.22 14.93 67.28
CA GLU G 272 56.23 15.36 66.31
C GLU G 272 56.30 14.40 65.13
N ASP G 273 56.46 14.95 63.93
CA ASP G 273 56.58 14.17 62.72
C ASP G 273 55.32 13.33 62.47
N GLY G 274 54.18 13.85 62.91
CA GLY G 274 52.91 13.20 62.70
C GLY G 274 52.74 11.89 63.43
N SER G 275 53.21 11.84 64.67
CA SER G 275 53.09 10.63 65.49
C SER G 275 53.48 10.90 66.94
N GLY G 276 52.98 10.05 67.84
CA GLY G 276 53.27 10.16 69.25
C GLY G 276 53.34 8.80 69.93
N GLU G 277 53.61 8.80 71.23
CA GLU G 277 53.71 7.56 71.98
C GLU G 277 53.38 7.75 73.45
N VAL G 278 52.40 7.00 73.94
CA VAL G 278 51.98 7.08 75.34
C VAL G 278 51.89 5.69 75.95
N VAL G 279 52.28 5.57 77.22
CA VAL G 279 52.25 4.29 77.92
C VAL G 279 51.44 4.38 79.21
N LEU G 280 50.53 3.43 79.39
CA LEU G 280 49.72 3.35 80.61
C LEU G 280 50.39 2.40 81.61
N SER G 281 51.01 2.98 82.63
CA SER G 281 51.68 2.20 83.66
C SER G 281 50.71 1.25 84.35
N ARG G 282 51.18 0.02 84.61
CA ARG G 282 50.35 -0.99 85.28
C ARG G 282 49.98 -0.54 86.68
N LYS G 283 50.77 0.35 87.26
CA LYS G 283 50.52 0.87 88.59
C LYS G 283 49.21 1.65 88.66
N VAL G 284 49.06 2.61 87.75
CA VAL G 284 47.88 3.45 87.71
C VAL G 284 46.61 2.63 87.44
N LEU G 285 46.74 1.64 86.57
CA LEU G 285 45.61 0.79 86.21
C LEU G 285 45.00 0.12 87.43
N LEU G 286 45.85 -0.41 88.30
CA LEU G 286 45.39 -1.07 89.52
C LEU G 286 44.89 -0.06 90.55
N ASP G 287 45.47 1.13 90.52
CA ASP G 287 45.08 2.19 91.45
C ASP G 287 43.69 2.72 91.12
N GLY G 288 43.29 2.59 89.86
CA GLY G 288 41.97 3.05 89.43
C GLY G 288 40.86 2.37 90.21
N VAL G 289 40.76 1.06 90.08
CA VAL G 289 39.75 0.29 90.79
C VAL G 289 40.13 0.14 92.27
N GLN G 290 39.12 -0.06 93.11
CA GLN G 290 39.35 -0.21 94.54
C GLN G 290 39.46 -1.69 94.92
N ASN G 291 39.84 -2.51 93.95
CA ASN G 291 39.99 -3.94 94.19
C ASN G 291 41.45 -4.38 94.09
N PRO G 292 42.01 -4.83 95.23
CA PRO G 292 43.41 -5.25 95.33
C PRO G 292 43.77 -6.33 94.30
N ARG G 293 42.96 -7.38 94.21
CA ARG G 293 43.25 -8.49 93.31
C ARG G 293 43.12 -8.06 91.85
N ALA G 294 44.11 -8.42 91.04
CA ALA G 294 44.14 -8.04 89.64
C ALA G 294 43.36 -9.02 88.76
N GLU G 295 43.09 -10.21 89.30
CA GLU G 295 42.36 -11.23 88.56
C GLU G 295 40.88 -10.89 88.44
N ASP G 296 40.47 -9.80 89.10
CA ASP G 296 39.09 -9.35 89.05
C ASP G 296 38.83 -8.48 87.83
N LEU G 297 39.91 -7.96 87.24
CA LEU G 297 39.80 -7.12 86.06
C LEU G 297 39.67 -7.97 84.80
N VAL G 298 39.87 -9.27 84.95
CA VAL G 298 39.77 -10.19 83.82
C VAL G 298 38.33 -10.26 83.32
N GLY G 299 38.12 -9.80 82.08
CA GLY G 299 36.80 -9.78 81.49
C GLY G 299 36.38 -8.39 81.08
N LYS G 300 36.84 -7.39 81.83
CA LYS G 300 36.54 -6.00 81.53
C LYS G 300 37.35 -5.52 80.33
N SER G 301 37.25 -4.23 80.03
CA SER G 301 37.97 -3.66 78.90
C SER G 301 38.48 -2.25 79.20
N LEU G 302 39.33 -1.73 78.32
CA LEU G 302 39.89 -0.40 78.48
C LEU G 302 39.56 0.46 77.25
N TYR G 303 39.50 1.78 77.46
CA TYR G 303 39.24 2.69 76.36
C TYR G 303 40.19 3.90 76.41
N VAL G 304 40.69 4.28 75.24
CA VAL G 304 41.63 5.40 75.14
C VAL G 304 40.95 6.63 74.53
N SER G 305 41.20 7.78 75.11
CA SER G 305 40.62 9.03 74.62
C SER G 305 41.70 10.08 74.34
N ALA G 306 42.13 10.15 73.08
CA ALA G 306 43.17 11.09 72.69
C ALA G 306 42.58 12.34 72.06
N THR G 307 43.38 13.39 71.99
CA THR G 307 42.95 14.66 71.41
C THR G 307 44.13 15.45 70.87
N VAL G 308 44.21 15.57 69.55
CA VAL G 308 45.31 16.27 68.90
C VAL G 308 44.95 17.73 68.60
N ILE G 309 45.88 18.64 68.91
CA ILE G 309 45.69 20.05 68.65
C ILE G 309 46.91 20.67 67.96
N LEU G 310 46.69 21.30 66.82
CA LEU G 310 47.77 21.89 66.04
C LEU G 310 48.47 23.00 66.83
N HIS G 311 49.61 23.44 66.33
CA HIS G 311 50.37 24.52 66.96
C HIS G 311 49.75 25.88 66.65
N SER G 312 48.85 25.91 65.67
CA SER G 312 48.16 27.14 65.29
C SER G 312 46.87 27.30 66.08
N GLY G 313 46.42 26.21 66.70
CA GLY G 313 45.20 26.23 67.47
C GLY G 313 43.99 26.55 66.62
N SER G 314 43.95 25.98 65.42
CA SER G 314 42.84 26.22 64.50
C SER G 314 41.93 25.00 64.39
N ASP G 315 42.45 23.84 64.77
CA ASP G 315 41.68 22.60 64.71
C ASP G 315 41.94 21.73 65.94
N MET G 316 40.99 20.85 66.24
CA MET G 316 41.08 19.97 67.40
C MET G 316 40.23 18.73 67.20
N VAL G 317 40.88 17.58 67.04
CA VAL G 317 40.18 16.33 66.78
C VAL G 317 40.20 15.41 68.00
N GLN G 318 39.07 14.73 68.24
CA GLN G 318 38.96 13.82 69.37
C GLN G 318 38.73 12.39 68.89
N ALA G 319 39.64 11.49 69.26
CA ALA G 319 39.53 10.09 68.87
C ALA G 319 39.27 9.20 70.08
N GLU G 320 39.03 7.92 69.83
CA GLU G 320 38.76 6.96 70.91
C GLU G 320 38.88 5.52 70.45
N ARG G 321 39.51 4.69 71.28
CA ARG G 321 39.61 3.26 71.03
C ARG G 321 39.07 2.46 72.21
N SER G 322 37.79 2.13 72.15
CA SER G 322 37.14 1.37 73.21
C SER G 322 37.08 -0.11 72.87
N GLY G 323 36.94 -0.94 73.89
CA GLY G 323 36.84 -2.39 73.70
C GLY G 323 38.20 -3.06 73.64
N ILE G 324 38.99 -2.90 74.69
CA ILE G 324 40.29 -3.56 74.79
C ILE G 324 40.22 -4.71 75.79
N PRO G 325 40.04 -5.94 75.29
CA PRO G 325 39.90 -7.13 76.12
C PRO G 325 41.09 -7.36 77.05
N ILE G 326 40.82 -7.55 78.33
CA ILE G 326 41.87 -7.83 79.30
C ILE G 326 41.82 -9.30 79.69
N VAL G 327 42.15 -10.17 78.74
CA VAL G 327 42.10 -11.61 78.96
C VAL G 327 43.45 -12.18 79.38
N THR G 328 43.45 -13.39 79.89
CA THR G 328 44.68 -14.05 80.32
C THR G 328 45.31 -14.82 79.17
N SER G 329 44.51 -15.16 78.17
CA SER G 329 45.01 -15.88 77.01
C SER G 329 44.80 -15.07 75.73
N PRO G 330 45.89 -14.82 74.98
CA PRO G 330 45.86 -14.05 73.74
C PRO G 330 45.04 -14.71 72.64
N TYR G 331 44.36 -15.81 72.96
CA TYR G 331 43.57 -16.54 71.98
C TYR G 331 42.25 -17.02 72.56
N GLN G 332 41.36 -17.48 71.69
CA GLN G 332 40.07 -18.03 72.10
C GLN G 332 39.71 -19.24 71.24
N ILE G 333 38.87 -20.11 71.78
CA ILE G 333 38.47 -21.32 71.07
C ILE G 333 36.95 -21.47 71.02
N HIS G 334 36.42 -21.74 69.82
CA HIS G 334 34.99 -21.90 69.64
C HIS G 334 34.67 -23.09 68.74
N PHE G 335 33.79 -23.97 69.21
CA PHE G 335 33.38 -25.13 68.44
C PHE G 335 32.05 -24.86 67.73
N THR G 336 31.80 -23.59 67.41
CA THR G 336 30.55 -23.21 66.75
C THR G 336 30.46 -23.79 65.35
N LYS G 337 31.62 -24.09 64.76
CA LYS G 337 31.67 -24.66 63.42
C LYS G 337 31.81 -26.17 63.46
N THR G 338 31.85 -26.72 64.68
CA THR G 338 31.99 -28.16 64.86
C THR G 338 30.64 -28.81 65.18
N PRO G 339 30.29 -29.85 64.42
CA PRO G 339 29.04 -30.59 64.62
C PRO G 339 28.89 -31.08 66.06
N LYS G 340 27.66 -31.26 66.51
CA LYS G 340 27.39 -31.69 67.88
C LYS G 340 26.95 -33.16 67.92
N TYR G 341 27.28 -33.91 66.88
CA TYR G 341 26.93 -35.32 66.80
C TYR G 341 28.05 -36.13 66.17
N PHE G 342 28.28 -37.34 66.69
CA PHE G 342 29.34 -38.20 66.19
C PHE G 342 28.83 -39.59 65.83
N LYS G 343 29.70 -40.39 65.24
CA LYS G 343 29.36 -41.77 64.87
C LYS G 343 30.24 -42.75 65.63
N PRO G 344 29.63 -43.62 66.44
CA PRO G 344 30.35 -44.61 67.24
C PRO G 344 31.30 -45.46 66.40
N GLY G 345 32.60 -45.30 66.63
CA GLY G 345 33.59 -46.08 65.91
C GLY G 345 34.26 -45.30 64.78
N MET G 346 33.48 -44.47 64.10
CA MET G 346 33.98 -43.70 62.98
C MET G 346 34.71 -42.44 63.44
N PRO G 347 35.70 -42.00 62.65
CA PRO G 347 36.50 -40.80 62.97
C PRO G 347 35.61 -39.57 63.13
N PHE G 348 35.96 -38.71 64.07
CA PHE G 348 35.21 -37.49 64.33
C PHE G 348 36.05 -36.25 64.06
N ASP G 349 35.70 -35.50 63.03
CA ASP G 349 36.44 -34.31 62.65
C ASP G 349 35.99 -33.10 63.47
N LEU G 350 36.93 -32.21 63.78
CA LEU G 350 36.63 -31.00 64.55
C LEU G 350 36.96 -29.75 63.75
N MET G 351 36.08 -28.76 63.83
CA MET G 351 36.28 -27.48 63.15
C MET G 351 36.66 -26.39 64.15
N VAL G 352 37.86 -26.53 64.73
CA VAL G 352 38.35 -25.56 65.71
C VAL G 352 38.38 -24.15 65.11
N PHE G 353 37.87 -23.18 65.86
CA PHE G 353 37.82 -21.80 65.40
C PHE G 353 38.57 -20.87 66.35
N VAL G 354 39.88 -20.80 66.17
CA VAL G 354 40.72 -19.97 67.02
C VAL G 354 40.69 -18.51 66.57
N THR G 355 40.45 -17.60 67.52
CA THR G 355 40.40 -16.18 67.23
C THR G 355 41.17 -15.36 68.26
N ASN G 356 41.24 -14.05 68.03
CA ASN G 356 41.91 -13.14 68.95
C ASN G 356 40.91 -12.51 69.91
N PRO G 357 41.41 -11.93 71.01
CA PRO G 357 40.55 -11.31 72.03
C PRO G 357 39.56 -10.32 71.43
N ASP G 358 39.92 -9.67 70.33
CA ASP G 358 39.05 -8.69 69.69
C ASP G 358 37.98 -9.36 68.82
N GLY G 359 38.34 -10.47 68.19
CA GLY G 359 37.41 -11.21 67.35
C GLY G 359 37.98 -11.55 65.99
N SER G 360 39.19 -11.05 65.71
CA SER G 360 39.84 -11.31 64.44
C SER G 360 40.50 -12.69 64.41
N PRO G 361 40.41 -13.37 63.27
CA PRO G 361 40.97 -14.71 63.10
C PRO G 361 42.47 -14.76 63.41
N ALA G 362 42.93 -15.90 63.93
CA ALA G 362 44.34 -16.07 64.25
C ALA G 362 45.04 -16.88 63.17
N TYR G 363 46.24 -16.44 62.80
CA TYR G 363 47.01 -17.11 61.75
C TYR G 363 48.10 -17.99 62.33
N ARG G 364 48.09 -19.27 61.93
CA ARG G 364 49.07 -20.24 62.43
C ARG G 364 49.07 -20.35 63.94
N VAL G 365 48.18 -21.20 64.47
CA VAL G 365 48.10 -21.43 65.90
C VAL G 365 47.97 -22.93 66.20
N PRO G 366 49.07 -23.56 66.64
CA PRO G 366 49.10 -24.99 66.96
C PRO G 366 48.00 -25.38 67.95
N VAL G 367 47.19 -26.38 67.58
CA VAL G 367 46.12 -26.85 68.45
C VAL G 367 46.18 -28.37 68.59
N ALA G 368 45.74 -28.87 69.74
CA ALA G 368 45.74 -30.30 70.01
C ALA G 368 44.68 -30.66 71.05
N VAL G 369 44.39 -31.96 71.16
CA VAL G 369 43.39 -32.43 72.11
C VAL G 369 44.07 -33.10 73.31
N GLN G 370 43.46 -32.95 74.48
CA GLN G 370 43.98 -33.55 75.71
C GLN G 370 44.24 -35.04 75.55
N GLY G 371 43.43 -35.69 74.72
CA GLY G 371 43.54 -37.12 74.51
C GLY G 371 44.88 -37.56 73.95
N GLU G 372 45.06 -37.38 72.65
CA GLU G 372 46.28 -37.83 71.97
C GLU G 372 47.19 -36.66 71.61
N ASP G 373 48.50 -36.88 71.75
CA ASP G 373 49.48 -35.87 71.39
C ASP G 373 49.94 -36.07 69.94
N THR G 374 50.84 -35.20 69.49
CA THR G 374 51.37 -35.25 68.13
C THR G 374 50.32 -34.84 67.10
N VAL G 375 49.08 -35.23 67.33
CA VAL G 375 47.99 -34.88 66.43
C VAL G 375 47.67 -33.38 66.53
N GLN G 376 48.38 -32.59 65.74
CA GLN G 376 48.20 -31.15 65.75
C GLN G 376 47.92 -30.62 64.34
N SER G 377 47.51 -29.36 64.27
CA SER G 377 47.22 -28.73 62.99
C SER G 377 47.27 -27.21 63.11
N LEU G 378 48.22 -26.60 62.42
CA LEU G 378 48.37 -25.15 62.44
C LEU G 378 47.14 -24.46 61.86
N THR G 379 46.62 -23.48 62.58
CA THR G 379 45.45 -22.74 62.14
C THR G 379 45.71 -22.03 60.81
N GLN G 380 44.74 -22.11 59.91
CA GLN G 380 44.88 -21.49 58.59
C GLN G 380 44.71 -19.98 58.65
N GLY G 381 44.39 -19.38 57.51
CA GLY G 381 44.24 -17.94 57.42
C GLY G 381 42.90 -17.44 57.97
N ASP G 382 41.84 -18.16 57.64
CA ASP G 382 40.50 -17.77 58.08
C ASP G 382 40.31 -17.95 59.58
N GLY G 383 41.27 -18.64 60.22
CA GLY G 383 41.21 -18.88 61.64
C GLY G 383 40.51 -20.18 61.98
N VAL G 384 40.68 -21.18 61.13
CA VAL G 384 40.06 -22.49 61.33
C VAL G 384 41.07 -23.61 61.22
N ALA G 385 41.09 -24.48 62.23
CA ALA G 385 42.01 -25.62 62.24
C ALA G 385 41.29 -26.91 61.85
N LYS G 386 42.05 -27.96 61.58
CA LYS G 386 41.48 -29.24 61.18
C LYS G 386 42.01 -30.38 62.05
N LEU G 387 41.17 -30.84 62.96
CA LEU G 387 41.52 -31.97 63.82
C LEU G 387 40.66 -33.18 63.50
N SER G 388 41.08 -34.35 63.97
CA SER G 388 40.34 -35.59 63.74
C SER G 388 40.71 -36.66 64.75
N ILE G 389 39.90 -36.78 65.79
CA ILE G 389 40.11 -37.80 66.81
C ILE G 389 39.28 -39.04 66.51
N ASN G 390 39.60 -40.14 67.21
CA ASN G 390 38.89 -41.39 67.00
C ASN G 390 37.75 -41.60 68.01
N THR G 391 36.78 -42.41 67.63
CA THR G 391 35.61 -42.63 68.47
C THR G 391 35.40 -44.11 68.77
N HIS G 392 34.82 -44.41 69.92
CA HIS G 392 34.52 -45.78 70.32
C HIS G 392 33.10 -46.16 69.94
N PRO G 393 32.89 -47.45 69.63
CA PRO G 393 31.56 -47.97 69.27
C PRO G 393 30.54 -47.80 70.40
N SER G 394 31.02 -47.38 71.57
CA SER G 394 30.15 -47.17 72.72
C SER G 394 29.16 -46.05 72.47
N GLN G 395 28.04 -46.08 73.20
CA GLN G 395 27.01 -45.06 73.05
C GLN G 395 27.18 -43.96 74.11
N LYS G 396 28.36 -43.91 74.70
CA LYS G 396 28.66 -42.91 75.72
C LYS G 396 28.95 -41.55 75.10
N PRO G 397 28.31 -40.50 75.62
CA PRO G 397 28.50 -39.12 75.13
C PRO G 397 29.98 -38.78 74.99
N LEU G 398 30.34 -38.11 73.90
CA LEU G 398 31.73 -37.78 73.62
C LEU G 398 32.07 -36.38 74.17
N SER G 399 33.19 -36.29 74.88
CA SER G 399 33.64 -35.02 75.42
C SER G 399 35.05 -34.69 74.91
N ILE G 400 35.19 -33.52 74.31
CA ILE G 400 36.47 -33.09 73.76
C ILE G 400 36.97 -31.81 74.40
N THR G 401 38.27 -31.77 74.71
CA THR G 401 38.88 -30.58 75.30
C THR G 401 40.10 -30.17 74.49
N VAL G 402 39.91 -29.17 73.62
CA VAL G 402 40.99 -28.70 72.76
C VAL G 402 41.70 -27.49 73.36
N ARG G 403 43.02 -27.53 73.40
CA ARG G 403 43.82 -26.43 73.92
C ARG G 403 44.76 -25.90 72.84
N THR G 404 45.59 -24.93 73.21
CA THR G 404 46.54 -24.34 72.27
C THR G 404 47.98 -24.55 72.72
N LYS G 405 48.72 -25.35 71.96
CA LYS G 405 50.11 -25.65 72.28
C LYS G 405 51.05 -24.57 71.73
N LYS G 406 50.59 -23.34 71.72
CA LYS G 406 51.39 -22.22 71.24
C LYS G 406 52.66 -22.04 72.07
N GLN G 407 53.81 -22.15 71.42
CA GLN G 407 55.09 -21.96 72.09
C GLN G 407 55.26 -20.50 72.50
N GLU G 408 56.36 -20.20 73.17
CA GLU G 408 56.63 -18.84 73.65
C GLU G 408 55.53 -18.36 74.58
N LEU G 409 54.83 -19.31 75.20
CA LEU G 409 53.72 -18.99 76.09
C LEU G 409 53.45 -20.15 77.05
N SER G 410 53.41 -19.84 78.34
CA SER G 410 53.18 -20.86 79.36
C SER G 410 51.77 -21.44 79.26
N GLU G 411 51.59 -22.63 79.84
CA GLU G 411 50.29 -23.30 79.81
C GLU G 411 49.23 -22.52 80.57
N ALA G 412 49.67 -21.75 81.56
CA ALA G 412 48.75 -20.97 82.38
C ALA G 412 48.20 -19.76 81.64
N GLU G 413 48.77 -19.48 80.46
CA GLU G 413 48.35 -18.34 79.66
C GLU G 413 47.72 -18.77 78.34
N GLN G 414 47.31 -20.03 78.28
CA GLN G 414 46.69 -20.57 77.07
C GLN G 414 45.16 -20.59 77.20
N ALA G 415 44.49 -20.86 76.08
CA ALA G 415 43.03 -20.90 76.07
C ALA G 415 42.52 -22.35 75.94
N THR G 416 41.37 -22.61 76.53
CA THR G 416 40.78 -23.94 76.49
C THR G 416 39.25 -23.87 76.38
N ARG G 417 38.67 -24.86 75.69
CA ARG G 417 37.23 -24.93 75.53
C ARG G 417 36.79 -26.39 75.40
N THR G 418 35.72 -26.74 76.11
CA THR G 418 35.23 -28.12 76.10
C THR G 418 33.80 -28.19 75.56
N MET G 419 33.57 -29.12 74.65
CA MET G 419 32.24 -29.33 74.09
C MET G 419 31.72 -30.73 74.40
N GLN G 420 30.63 -31.12 73.75
CA GLN G 420 30.04 -32.44 73.95
C GLN G 420 29.19 -32.85 72.76
N ALA G 421 29.42 -34.06 72.26
CA ALA G 421 28.68 -34.58 71.12
C ALA G 421 27.83 -35.78 71.52
N LEU G 422 26.69 -35.95 70.85
CA LEU G 422 25.79 -37.06 71.14
C LEU G 422 25.84 -38.11 70.04
N PRO G 423 25.72 -39.39 70.41
CA PRO G 423 25.76 -40.51 69.46
C PRO G 423 24.68 -40.39 68.39
N TYR G 424 24.92 -40.99 67.24
CA TYR G 424 23.96 -40.99 66.14
C TYR G 424 23.05 -42.21 66.22
N SER G 425 21.80 -41.99 66.57
CA SER G 425 20.82 -43.08 66.70
C SER G 425 20.62 -43.80 65.37
N THR G 426 20.63 -45.12 65.43
CA THR G 426 20.46 -45.94 64.23
C THR G 426 19.11 -46.65 64.24
N VAL G 427 18.46 -46.68 63.08
CA VAL G 427 17.16 -47.33 62.95
C VAL G 427 17.27 -48.83 63.16
N GLY G 428 16.87 -49.29 64.34
CA GLY G 428 16.92 -50.70 64.67
C GLY G 428 18.26 -51.14 65.22
N ASN G 429 19.09 -50.16 65.57
CA ASN G 429 20.42 -50.43 66.12
C ASN G 429 21.26 -51.33 65.21
N SER G 430 21.12 -51.14 63.90
CA SER G 430 21.86 -51.94 62.93
C SER G 430 23.29 -51.44 62.79
N ASN G 431 23.61 -50.37 63.51
CA ASN G 431 24.95 -49.78 63.47
C ASN G 431 25.39 -49.37 62.07
N ASN G 432 24.43 -48.89 61.27
CA ASN G 432 24.73 -48.40 59.93
C ASN G 432 24.89 -46.89 59.93
N TYR G 433 26.13 -46.43 59.78
CA TYR G 433 26.42 -45.00 59.82
C TYR G 433 26.95 -44.48 58.48
N LEU G 434 27.30 -43.21 58.45
CA LEU G 434 27.82 -42.58 57.24
C LEU G 434 28.52 -41.27 57.58
N HIS G 435 29.81 -41.18 57.25
CA HIS G 435 30.58 -39.97 57.52
C HIS G 435 31.02 -39.29 56.24
N LEU G 436 31.08 -37.97 56.27
CA LEU G 436 31.48 -37.18 55.11
C LEU G 436 32.68 -36.31 55.41
N SER G 437 33.88 -36.87 55.25
CA SER G 437 35.12 -36.13 55.50
C SER G 437 35.51 -35.30 54.28
N VAL G 438 35.86 -34.04 54.54
CA VAL G 438 36.25 -33.14 53.46
C VAL G 438 37.56 -32.41 53.81
N LEU G 439 38.52 -32.47 52.90
CA LEU G 439 39.79 -31.80 53.09
C LEU G 439 39.59 -30.31 53.34
N ARG G 440 39.80 -29.88 54.58
CA ARG G 440 39.58 -28.49 54.97
C ARG G 440 40.61 -27.54 54.36
N THR G 441 40.21 -26.86 53.30
CA THR G 441 41.05 -25.85 52.66
C THR G 441 40.18 -24.68 52.21
N GLU G 442 40.76 -23.48 52.20
CA GLU G 442 40.03 -22.29 51.79
C GLU G 442 39.57 -22.42 50.33
N LEU G 443 38.32 -22.87 50.16
CA LEU G 443 37.77 -23.08 48.83
C LEU G 443 37.58 -21.77 48.08
N ARG G 444 37.83 -21.80 46.77
CA ARG G 444 37.69 -20.63 45.92
C ARG G 444 36.93 -20.98 44.65
N PRO G 445 35.98 -20.13 44.26
CA PRO G 445 35.17 -20.33 43.06
C PRO G 445 36.02 -20.59 41.82
N GLY G 446 35.91 -21.79 41.26
CA GLY G 446 36.68 -22.16 40.08
C GLY G 446 37.55 -23.38 40.32
N GLU G 447 37.76 -23.70 41.60
CA GLU G 447 38.58 -24.85 41.97
C GLU G 447 37.75 -26.12 42.01
N THR G 448 38.30 -27.16 42.66
CA THR G 448 37.60 -28.42 42.79
C THR G 448 37.70 -28.95 44.21
N LEU G 449 36.64 -29.63 44.67
CA LEU G 449 36.60 -30.16 46.03
C LEU G 449 36.41 -31.68 46.02
N ASN G 450 37.05 -32.35 46.97
CA ASN G 450 36.94 -33.80 47.08
C ASN G 450 36.09 -34.21 48.29
N VAL G 451 34.88 -34.69 48.03
CA VAL G 451 33.98 -35.13 49.09
C VAL G 451 34.09 -36.64 49.29
N ASN G 452 34.41 -37.05 50.51
CA ASN G 452 34.57 -38.46 50.83
C ASN G 452 33.31 -39.07 51.43
N PHE G 453 33.05 -40.33 51.07
CA PHE G 453 31.88 -41.04 51.59
C PHE G 453 32.30 -42.31 52.33
N LEU G 454 32.48 -42.19 53.64
CA LEU G 454 32.89 -43.32 54.46
C LEU G 454 31.67 -44.09 54.99
N LEU G 455 31.62 -45.38 54.70
CA LEU G 455 30.49 -46.21 55.10
C LEU G 455 30.88 -47.17 56.23
N ARG G 456 29.90 -47.51 57.07
CA ARG G 456 30.12 -48.43 58.17
C ARG G 456 28.94 -49.37 58.37
N MET G 457 29.15 -50.64 58.02
CA MET G 457 28.11 -51.66 58.19
C MET G 457 28.67 -53.05 57.90
N ASP G 458 27.97 -54.07 58.40
CA ASP G 458 28.37 -55.46 58.15
C ASP G 458 28.21 -55.80 56.68
N ARG G 459 28.82 -56.91 56.26
CA ARG G 459 28.73 -57.34 54.86
C ARG G 459 27.44 -58.10 54.60
N ALA G 460 26.55 -58.13 55.59
CA ALA G 460 25.27 -58.81 55.45
C ALA G 460 24.37 -58.07 54.46
N HIS G 461 24.61 -56.77 54.30
CA HIS G 461 23.80 -55.96 53.41
C HIS G 461 24.61 -54.81 52.80
N GLU G 462 25.93 -54.98 52.75
CA GLU G 462 26.80 -53.94 52.20
C GLU G 462 26.78 -53.96 50.67
N ALA G 463 26.38 -55.09 50.10
CA ALA G 463 26.35 -55.24 48.66
C ALA G 463 25.14 -54.55 48.04
N LYS G 464 24.14 -54.27 48.87
CA LYS G 464 22.92 -53.62 48.41
C LYS G 464 23.14 -52.12 48.20
N ILE G 465 24.17 -51.58 48.85
CA ILE G 465 24.52 -50.17 48.70
C ILE G 465 25.28 -49.96 47.40
N ARG G 466 24.58 -49.49 46.38
CA ARG G 466 25.18 -49.32 45.06
C ARG G 466 25.32 -47.85 44.66
N TYR G 467 24.80 -46.95 45.49
CA TYR G 467 24.85 -45.53 45.19
C TYR G 467 24.44 -44.66 46.38
N TYR G 468 24.95 -43.44 46.41
CA TYR G 468 24.56 -42.46 47.43
C TYR G 468 23.77 -41.33 46.79
N THR G 469 23.17 -40.49 47.63
CA THR G 469 22.39 -39.35 47.13
C THR G 469 22.82 -38.07 47.83
N TYR G 470 23.61 -37.27 47.13
CA TYR G 470 24.11 -36.01 47.68
C TYR G 470 23.28 -34.82 47.18
N LEU G 471 23.04 -33.86 48.07
CA LEU G 471 22.31 -32.65 47.71
C LEU G 471 23.08 -31.41 48.15
N ILE G 472 23.02 -30.35 47.33
CA ILE G 472 23.74 -29.12 47.61
C ILE G 472 22.81 -28.03 48.13
N MET G 473 22.98 -27.66 49.40
CA MET G 473 22.21 -26.58 49.99
C MET G 473 22.95 -25.26 49.84
N ASN G 474 22.29 -24.27 49.27
CA ASN G 474 22.92 -22.98 49.03
C ASN G 474 21.94 -21.81 49.19
N LYS G 475 22.19 -20.98 50.21
CA LYS G 475 21.35 -19.82 50.47
C LYS G 475 19.87 -20.20 50.60
N GLY G 476 19.62 -21.36 51.19
CA GLY G 476 18.26 -21.81 51.46
C GLY G 476 17.55 -22.35 50.23
N ARG G 477 18.26 -23.15 49.43
CA ARG G 477 17.67 -23.77 48.26
C ARG G 477 18.50 -24.96 47.81
N LEU G 478 18.01 -25.68 46.80
CA LEU G 478 18.72 -26.82 46.25
C LEU G 478 19.49 -26.43 44.98
N LEU G 479 20.81 -26.33 45.10
CA LEU G 479 21.65 -25.95 43.98
C LEU G 479 21.82 -27.10 42.99
N LYS G 480 22.13 -28.29 43.50
CA LYS G 480 22.33 -29.46 42.66
C LYS G 480 22.14 -30.74 43.45
N ALA G 481 21.66 -31.79 42.77
CA ALA G 481 21.47 -33.09 43.39
C ALA G 481 21.75 -34.22 42.40
N GLY G 482 22.58 -35.17 42.81
CA GLY G 482 22.94 -36.28 41.95
C GLY G 482 23.17 -37.57 42.72
N ARG G 483 23.86 -38.51 42.08
CA ARG G 483 24.15 -39.81 42.69
C ARG G 483 25.65 -40.07 42.78
N GLN G 484 26.03 -41.05 43.58
CA GLN G 484 27.42 -41.45 43.72
C GLN G 484 27.56 -42.96 43.67
N VAL G 485 27.88 -43.49 42.48
CA VAL G 485 28.00 -44.92 42.28
C VAL G 485 28.94 -45.58 43.28
N ARG G 486 28.67 -46.85 43.59
CA ARG G 486 29.49 -47.60 44.53
C ARG G 486 29.35 -49.09 44.32
N GLU G 487 30.49 -49.77 44.12
CA GLU G 487 30.49 -51.22 43.98
C GLU G 487 30.84 -51.90 45.30
N PRO G 488 30.19 -53.03 45.57
CA PRO G 488 30.41 -53.78 46.82
C PRO G 488 31.90 -54.01 47.09
N GLY G 489 32.38 -53.50 48.22
CA GLY G 489 33.78 -53.65 48.58
C GLY G 489 34.47 -52.31 48.78
N GLN G 490 33.85 -51.25 48.27
CA GLN G 490 34.40 -49.91 48.40
C GLN G 490 33.93 -49.24 49.68
N ASP G 491 34.85 -49.07 50.62
CA ASP G 491 34.52 -48.46 51.91
C ASP G 491 34.62 -46.94 51.84
N LEU G 492 35.34 -46.44 50.84
CA LEU G 492 35.52 -45.00 50.68
C LEU G 492 35.58 -44.60 49.21
N VAL G 493 34.68 -43.70 48.82
CA VAL G 493 34.65 -43.19 47.45
C VAL G 493 34.85 -41.68 47.44
N VAL G 494 35.19 -41.14 46.27
CA VAL G 494 35.44 -39.71 46.14
C VAL G 494 34.49 -39.06 45.13
N LEU G 495 34.00 -37.86 45.46
CA LEU G 495 33.09 -37.14 44.59
C LEU G 495 33.73 -35.87 44.04
N PRO G 496 34.05 -35.87 42.73
CA PRO G 496 34.62 -34.72 42.04
C PRO G 496 33.65 -33.54 41.98
N LEU G 497 33.61 -32.73 43.03
CA LEU G 497 32.70 -31.59 43.09
C LEU G 497 33.35 -30.33 42.53
N SER G 498 32.64 -29.67 41.62
CA SER G 498 33.14 -28.44 41.00
C SER G 498 32.56 -27.20 41.66
N ILE G 499 33.40 -26.49 42.41
CA ILE G 499 32.97 -25.27 43.10
C ILE G 499 32.89 -24.11 42.12
N THR G 500 31.70 -23.51 42.03
CA THR G 500 31.48 -22.37 41.14
C THR G 500 31.34 -21.07 41.92
N THR G 501 30.60 -20.13 41.36
CA THR G 501 30.38 -18.84 41.99
C THR G 501 29.05 -18.80 42.73
N ASP G 502 28.31 -19.90 42.66
CA ASP G 502 27.00 -19.99 43.31
C ASP G 502 27.13 -20.38 44.78
N PHE G 503 28.02 -21.33 45.06
CA PHE G 503 28.21 -21.82 46.42
C PHE G 503 28.44 -20.69 47.44
N ILE G 504 28.93 -19.56 46.96
CA ILE G 504 29.16 -18.40 47.81
C ILE G 504 27.85 -17.95 48.47
N PRO G 505 27.89 -17.71 49.79
CA PRO G 505 29.08 -17.83 50.64
C PRO G 505 29.38 -19.29 50.99
N SER G 506 28.48 -19.91 51.74
CA SER G 506 28.66 -21.29 52.19
C SER G 506 27.64 -22.23 51.56
N PHE G 507 27.87 -23.53 51.74
CA PHE G 507 26.96 -24.54 51.20
C PHE G 507 27.01 -25.82 52.04
N ARG G 508 25.88 -26.50 52.13
CA ARG G 508 25.80 -27.75 52.87
C ARG G 508 25.69 -28.95 51.93
N LEU G 509 26.17 -30.10 52.39
CA LEU G 509 26.13 -31.32 51.59
C LEU G 509 25.53 -32.47 52.39
N VAL G 510 24.37 -32.95 51.92
CA VAL G 510 23.70 -34.06 52.59
C VAL G 510 23.68 -35.31 51.70
N ALA G 511 24.22 -36.40 52.22
CA ALA G 511 24.26 -37.66 51.48
C ALA G 511 23.63 -38.78 52.29
N TYR G 512 22.76 -39.55 51.65
CA TYR G 512 22.09 -40.66 52.32
C TYR G 512 21.99 -41.89 51.42
N TYR G 513 21.79 -43.05 52.04
CA TYR G 513 21.64 -44.30 51.31
C TYR G 513 20.51 -45.14 51.92
N THR G 514 19.79 -45.86 51.07
CA THR G 514 18.68 -46.68 51.53
C THR G 514 18.87 -48.15 51.14
N LEU G 515 18.39 -49.05 51.99
CA LEU G 515 18.51 -50.48 51.74
C LEU G 515 17.51 -51.26 52.58
N ILE G 516 17.50 -52.58 52.41
CA ILE G 516 16.61 -53.44 53.17
C ILE G 516 17.40 -54.34 54.12
N GLY G 517 17.57 -53.89 55.35
CA GLY G 517 18.32 -54.64 56.34
C GLY G 517 17.42 -55.31 57.35
N ALA G 518 18.03 -55.92 58.37
CA ALA G 518 17.30 -56.60 59.42
C ALA G 518 16.37 -57.68 58.85
N SER G 519 15.07 -57.40 58.90
CA SER G 519 14.07 -58.35 58.38
C SER G 519 13.00 -57.62 57.59
N GLY G 520 13.30 -57.30 56.34
CA GLY G 520 12.37 -56.59 55.48
C GLY G 520 12.10 -55.18 55.97
N GLN G 521 13.00 -54.68 56.81
CA GLN G 521 12.85 -53.34 57.37
C GLN G 521 13.59 -52.31 56.51
N ARG G 522 12.90 -51.25 56.14
CA ARG G 522 13.49 -50.17 55.35
C ARG G 522 14.24 -49.20 56.24
N GLU G 523 15.55 -49.09 56.05
CA GLU G 523 16.37 -48.20 56.87
C GLU G 523 16.92 -47.04 56.05
N VAL G 524 17.00 -45.86 56.68
CA VAL G 524 17.53 -44.68 56.04
C VAL G 524 18.65 -44.06 56.89
N VAL G 525 19.82 -43.88 56.29
CA VAL G 525 20.95 -43.30 56.99
C VAL G 525 21.55 -42.15 56.18
N ALA G 526 21.66 -40.98 56.82
CA ALA G 526 22.15 -39.78 56.15
C ALA G 526 23.28 -39.12 56.92
N ASP G 527 23.80 -38.02 56.37
CA ASP G 527 24.86 -37.25 56.99
C ASP G 527 25.03 -35.91 56.29
N SER G 528 25.28 -34.86 57.06
CA SER G 528 25.45 -33.52 56.50
C SER G 528 26.78 -32.90 56.91
N VAL G 529 27.22 -31.91 56.15
CA VAL G 529 28.47 -31.22 56.44
C VAL G 529 28.45 -29.79 55.89
N TRP G 530 28.78 -28.83 56.75
CA TRP G 530 28.79 -27.42 56.36
C TRP G 530 30.19 -26.97 55.95
N VAL G 531 30.28 -26.41 54.75
CA VAL G 531 31.56 -25.93 54.23
C VAL G 531 31.46 -24.47 53.76
N ASP G 532 32.42 -23.67 54.18
CA ASP G 532 32.43 -22.25 53.81
C ASP G 532 33.37 -21.98 52.64
N VAL G 533 32.95 -21.09 51.75
CA VAL G 533 33.75 -20.71 50.60
C VAL G 533 34.19 -19.26 50.72
N LYS G 534 35.30 -18.91 50.09
CA LYS G 534 35.84 -17.56 50.13
C LYS G 534 34.77 -16.54 49.75
N ASP G 535 34.25 -15.82 50.74
CA ASP G 535 33.20 -14.84 50.51
C ASP G 535 33.70 -13.69 49.64
N SER G 536 33.11 -13.56 48.46
CA SER G 536 33.49 -12.52 47.52
C SER G 536 32.33 -12.14 46.60
N CYS G 537 32.55 -11.16 45.74
CA CYS G 537 31.52 -10.71 44.81
C CYS G 537 31.14 -11.83 43.83
N VAL G 538 29.85 -11.90 43.51
CA VAL G 538 29.36 -12.90 42.56
C VAL G 538 30.10 -12.77 41.24
N GLY G 539 30.24 -11.54 40.76
CA GLY G 539 30.98 -11.26 39.55
C GLY G 539 32.26 -10.51 39.84
N SER G 540 32.28 -9.22 39.55
CA SER G 540 33.45 -8.39 39.80
C SER G 540 33.14 -6.92 39.58
N LEU G 541 33.85 -6.05 40.29
CA LEU G 541 33.68 -4.61 40.15
C LEU G 541 34.87 -3.86 40.74
N VAL G 542 35.70 -3.30 39.88
CA VAL G 542 36.87 -2.55 40.31
C VAL G 542 36.84 -1.13 39.76
N VAL G 543 37.24 -0.17 40.59
CA VAL G 543 37.30 1.22 40.15
C VAL G 543 38.66 1.83 40.44
N LYS G 544 39.48 1.95 39.40
CA LYS G 544 40.82 2.52 39.54
C LYS G 544 40.94 3.86 38.81
N SER G 545 42.13 4.43 38.83
CA SER G 545 42.38 5.71 38.16
C SER G 545 42.64 5.52 36.67
N GLY G 546 42.13 6.45 35.86
CA GLY G 546 42.33 6.40 34.43
C GLY G 546 43.59 7.11 33.99
N GLN G 547 44.13 7.95 34.87
CA GLN G 547 45.35 8.68 34.58
C GLN G 547 46.55 7.75 34.57
N SER G 548 47.63 8.20 33.92
CA SER G 548 48.86 7.42 33.84
C SER G 548 49.73 7.64 35.07
N GLU G 549 49.16 7.36 36.25
CA GLU G 549 49.86 7.55 37.51
C GLU G 549 50.19 9.02 37.75
N ASP G 550 51.33 9.45 37.23
CA ASP G 550 51.76 10.84 37.35
C ASP G 550 51.81 11.28 38.81
N ARG G 551 51.28 12.48 39.08
CA ARG G 551 51.27 13.03 40.43
C ARG G 551 49.85 13.11 40.97
N GLN G 552 49.66 13.91 42.01
CA GLN G 552 48.35 14.08 42.61
C GLN G 552 47.57 15.19 41.92
N PRO G 553 46.25 14.98 41.72
CA PRO G 553 45.36 15.93 41.06
C PRO G 553 45.35 17.30 41.75
N VAL G 554 44.81 18.30 41.05
CA VAL G 554 44.73 19.66 41.58
C VAL G 554 43.27 20.08 41.69
N PRO G 555 42.92 20.71 42.81
CA PRO G 555 41.54 21.17 43.05
C PRO G 555 40.96 21.89 41.84
N GLY G 556 40.05 21.23 41.13
CA GLY G 556 39.44 21.79 39.94
C GLY G 556 40.05 21.25 38.67
N GLN G 557 40.34 19.96 38.66
CA GLN G 557 40.96 19.31 37.52
C GLN G 557 40.15 18.09 37.06
N GLN G 558 40.20 17.80 35.76
CA GLN G 558 39.51 16.65 35.21
C GLN G 558 40.37 15.39 35.37
N MET G 559 39.71 14.28 35.67
CA MET G 559 40.41 13.00 35.80
C MET G 559 39.57 11.85 35.27
N THR G 560 40.22 10.92 34.58
CA THR G 560 39.53 9.75 34.03
C THR G 560 39.25 8.73 35.12
N LEU G 561 38.00 8.28 35.20
CA LEU G 561 37.60 7.31 36.20
C LEU G 561 37.25 5.97 35.56
N LYS G 562 38.21 5.06 35.56
CA LYS G 562 38.02 3.74 34.96
C LYS G 562 37.12 2.86 35.82
N ILE G 563 36.17 2.19 35.18
CA ILE G 563 35.26 1.30 35.89
C ILE G 563 35.20 -0.08 35.23
N GLU G 564 35.77 -1.07 35.90
CA GLU G 564 35.76 -2.44 35.40
C GLU G 564 34.69 -3.27 36.10
N GLY G 565 33.48 -3.25 35.55
CA GLY G 565 32.37 -3.97 36.13
C GLY G 565 31.79 -5.02 35.18
N ASP G 566 30.67 -5.60 35.58
CA ASP G 566 30.00 -6.62 34.77
C ASP G 566 29.18 -6.00 33.66
N HIS G 567 28.98 -6.75 32.58
CA HIS G 567 28.21 -6.27 31.44
C HIS G 567 26.72 -6.23 31.76
N GLY G 568 26.03 -5.25 31.18
CA GLY G 568 24.60 -5.10 31.40
C GLY G 568 24.27 -4.76 32.84
N ALA G 569 25.28 -4.35 33.60
CA ALA G 569 25.10 -4.01 35.00
C ALA G 569 25.05 -2.51 35.20
N ARG G 570 24.14 -2.06 36.06
CA ARG G 570 24.01 -0.64 36.38
C ARG G 570 24.85 -0.29 37.60
N VAL G 571 25.79 0.65 37.42
CA VAL G 571 26.66 1.06 38.50
C VAL G 571 26.27 2.42 39.06
N VAL G 572 26.05 2.49 40.37
CA VAL G 572 25.72 3.74 41.03
C VAL G 572 26.91 4.23 41.85
N LEU G 573 27.32 5.47 41.61
CA LEU G 573 28.51 6.03 42.25
C LEU G 573 28.18 6.95 43.40
N VAL G 574 29.19 7.31 44.18
CA VAL G 574 29.03 8.24 45.30
C VAL G 574 30.39 8.59 45.91
N ALA G 575 30.79 9.85 45.76
CA ALA G 575 32.06 10.31 46.31
C ALA G 575 31.85 11.02 47.64
N VAL G 576 32.64 10.64 48.64
CA VAL G 576 32.51 11.20 49.98
C VAL G 576 33.88 11.59 50.55
N ASP G 577 33.95 12.77 51.16
CA ASP G 577 35.17 13.24 51.80
C ASP G 577 35.49 12.36 53.01
N LYS G 578 36.73 11.92 53.11
CA LYS G 578 37.16 11.06 54.22
C LYS G 578 36.98 11.74 55.57
N GLY G 579 36.89 13.07 55.55
CA GLY G 579 36.68 13.83 56.77
C GLY G 579 35.35 13.50 57.42
N VAL G 580 34.44 12.94 56.62
CA VAL G 580 33.12 12.56 57.11
C VAL G 580 33.21 11.31 57.99
N PHE G 581 34.11 10.41 57.62
CA PHE G 581 34.29 9.15 58.36
C PHE G 581 35.07 9.37 59.65
N VAL G 582 35.52 10.60 59.87
CA VAL G 582 36.27 10.93 61.07
C VAL G 582 35.33 11.05 62.27
N LEU G 583 34.14 11.59 62.05
CA LEU G 583 33.15 11.76 63.10
C LEU G 583 32.23 10.55 63.20
N ASN G 584 32.13 9.80 62.12
CA ASN G 584 31.28 8.61 62.08
C ASN G 584 31.62 7.70 60.90
N LYS G 585 32.01 6.47 61.21
CA LYS G 585 32.36 5.49 60.18
C LYS G 585 31.53 4.22 60.33
N LYS G 586 30.32 4.37 60.87
CA LYS G 586 29.43 3.24 61.09
C LYS G 586 28.38 3.14 59.98
N ASN G 587 27.66 2.03 59.97
CA ASN G 587 26.60 1.81 58.98
C ASN G 587 27.10 1.95 57.54
N LYS G 588 28.32 1.50 57.30
CA LYS G 588 28.90 1.56 55.96
C LYS G 588 28.58 0.30 55.16
N LEU G 589 27.97 0.48 54.00
CA LEU G 589 27.61 -0.65 53.14
C LEU G 589 28.84 -1.38 52.64
N THR G 590 28.99 -2.63 53.06
CA THR G 590 30.13 -3.45 52.67
C THR G 590 29.68 -4.81 52.17
N GLN G 591 30.42 -5.37 51.22
CA GLN G 591 30.10 -6.68 50.67
C GLN G 591 30.11 -7.74 51.78
N SER G 592 30.93 -7.49 52.80
CA SER G 592 31.02 -8.40 53.93
C SER G 592 29.71 -8.44 54.71
N LYS G 593 29.05 -7.29 54.81
CA LYS G 593 27.78 -7.18 55.53
C LYS G 593 26.64 -7.77 54.71
N ILE G 594 26.79 -7.77 53.38
CA ILE G 594 25.77 -8.32 52.49
C ILE G 594 25.66 -9.83 52.67
N TRP G 595 26.78 -10.52 52.60
CA TRP G 595 26.80 -11.97 52.79
C TRP G 595 26.50 -12.31 54.25
N ASP G 596 26.78 -11.38 55.13
CA ASP G 596 26.53 -11.57 56.56
C ASP G 596 25.04 -11.76 56.81
N VAL G 597 24.22 -10.97 56.12
CA VAL G 597 22.76 -11.06 56.26
C VAL G 597 22.23 -12.32 55.60
N VAL G 598 22.81 -12.68 54.46
CA VAL G 598 22.40 -13.86 53.72
C VAL G 598 22.73 -15.14 54.48
N GLU G 599 23.91 -15.16 55.10
CA GLU G 599 24.37 -16.33 55.84
C GLU G 599 23.55 -16.53 57.11
N LYS G 600 23.23 -15.43 57.79
CA LYS G 600 22.42 -15.50 59.00
C LYS G 600 20.93 -15.61 58.67
N ALA G 601 20.62 -16.32 57.59
CA ALA G 601 19.24 -16.50 57.16
C ALA G 601 19.01 -17.91 56.61
N ASP G 602 20.05 -18.74 56.68
CA ASP G 602 19.95 -20.12 56.21
C ASP G 602 18.92 -20.90 57.01
N ILE G 603 18.24 -21.83 56.34
CA ILE G 603 17.22 -22.65 56.98
C ILE G 603 17.86 -23.74 57.83
N GLY G 604 19.19 -23.78 57.85
CA GLY G 604 19.90 -24.75 58.65
C GLY G 604 20.49 -24.15 59.91
N CYS G 605 20.66 -24.98 60.93
CA CYS G 605 21.20 -24.53 62.21
C CYS G 605 22.43 -25.33 62.62
N THR G 606 22.27 -26.65 62.69
CA THR G 606 23.36 -27.53 63.08
C THR G 606 24.47 -27.54 62.04
N PRO G 607 25.72 -27.35 62.47
CA PRO G 607 26.89 -27.35 61.59
C PRO G 607 27.01 -28.66 60.81
N GLY G 608 26.36 -29.72 61.28
CA GLY G 608 26.40 -31.00 60.61
C GLY G 608 25.90 -32.15 61.47
N SER G 609 25.33 -33.16 60.82
CA SER G 609 24.83 -34.35 61.51
C SER G 609 23.67 -34.03 62.46
N GLY G 610 23.01 -35.08 62.93
CA GLY G 610 21.89 -34.93 63.85
C GLY G 610 21.78 -36.12 64.79
N LYS G 611 20.68 -36.17 65.54
CA LYS G 611 20.46 -37.27 66.47
C LYS G 611 20.04 -38.53 65.74
N ASP G 612 19.48 -38.36 64.55
CA ASP G 612 19.05 -39.48 63.72
C ASP G 612 18.96 -39.07 62.25
N TYR G 613 18.42 -39.97 61.42
CA TYR G 613 18.33 -39.72 59.99
C TYR G 613 17.37 -38.57 59.69
N ALA G 614 16.24 -38.54 60.40
CA ALA G 614 15.25 -37.50 60.22
C ALA G 614 15.73 -36.18 60.80
N GLY G 615 16.79 -36.23 61.59
CA GLY G 615 17.36 -35.04 62.20
C GLY G 615 18.41 -34.39 61.33
N VAL G 616 19.11 -35.20 60.55
CA VAL G 616 20.14 -34.68 59.65
C VAL G 616 19.56 -33.77 58.59
N PHE G 617 18.41 -34.16 58.05
CA PHE G 617 17.72 -33.36 57.04
C PHE G 617 17.20 -32.06 57.63
N SER G 618 16.50 -32.16 58.76
CA SER G 618 15.91 -30.99 59.41
C SER G 618 16.97 -29.99 59.85
N ASP G 619 18.13 -30.49 60.29
CA ASP G 619 19.21 -29.64 60.75
C ASP G 619 20.00 -29.05 59.59
N ALA G 620 19.79 -29.59 58.40
CA ALA G 620 20.48 -29.12 57.21
C ALA G 620 19.59 -28.20 56.38
N GLY G 621 18.29 -28.48 56.40
CA GLY G 621 17.33 -27.68 55.66
C GLY G 621 16.59 -28.45 54.59
N LEU G 622 16.22 -29.69 54.90
CA LEU G 622 15.50 -30.54 53.96
C LEU G 622 14.46 -31.41 54.65
N THR G 623 13.40 -31.74 53.93
CA THR G 623 12.34 -32.59 54.47
C THR G 623 12.20 -33.87 53.66
N PHE G 624 12.72 -34.97 54.20
CA PHE G 624 12.65 -36.26 53.54
C PHE G 624 11.41 -37.03 53.99
N THR G 625 10.57 -37.40 53.02
CA THR G 625 9.34 -38.13 53.31
C THR G 625 9.07 -39.20 52.27
N SER G 626 8.98 -40.45 52.70
CA SER G 626 8.78 -41.56 51.79
C SER G 626 7.39 -42.18 51.95
N SER G 627 7.10 -43.19 51.13
CA SER G 627 5.81 -43.88 51.18
C SER G 627 5.86 -45.03 52.18
N SER G 628 7.06 -45.36 52.64
CA SER G 628 7.24 -46.43 53.60
C SER G 628 6.86 -45.98 55.01
N GLY G 629 7.07 -44.70 55.30
CA GLY G 629 6.69 -44.14 56.58
C GLY G 629 7.75 -43.25 57.20
N GLN G 630 8.94 -43.24 56.61
CA GLN G 630 10.04 -42.43 57.14
C GLN G 630 9.96 -40.98 56.68
N GLN G 631 9.48 -40.12 57.57
CA GLN G 631 9.41 -38.69 57.28
C GLN G 631 10.20 -37.89 58.31
N THR G 632 10.68 -36.71 57.91
CA THR G 632 11.46 -35.86 58.79
C THR G 632 10.59 -35.14 59.81
N ALA G 633 11.24 -34.51 60.79
CA ALA G 633 10.53 -33.80 61.85
C ALA G 633 9.79 -32.58 61.32
N GLN G 634 8.71 -32.22 61.99
CA GLN G 634 7.92 -31.05 61.64
C GLN G 634 8.62 -29.77 62.06
N ARG G 635 8.57 -28.75 61.20
CA ARG G 635 9.17 -27.45 61.51
C ARG G 635 8.10 -26.36 61.56
N ALA G 636 7.90 -25.78 62.74
CA ALA G 636 6.90 -24.74 62.92
C ALA G 636 7.53 -23.35 62.96
N GLU G 637 8.55 -23.19 63.80
CA GLU G 637 9.22 -21.91 63.95
C GLU G 637 10.00 -21.52 62.69
N LEU G 638 9.91 -20.26 62.31
CA LEU G 638 10.62 -19.76 61.13
C LEU G 638 12.12 -19.77 61.36
N GLN G 639 12.56 -19.07 62.41
CA GLN G 639 13.98 -19.00 62.73
C GLN G 639 14.46 -20.30 63.40
N CYS G 640 15.75 -20.38 63.67
CA CYS G 640 16.33 -21.54 64.32
C CYS G 640 16.11 -21.49 65.83
N PRO G 641 15.99 -22.67 66.46
CA PRO G 641 15.76 -22.78 67.91
C PRO G 641 16.82 -22.01 68.71
N GLN G 642 16.50 -21.68 69.96
CA GLN G 642 17.41 -20.94 70.81
C GLN G 642 17.77 -19.59 70.21
N ASP H 4 51.59 44.96 45.40
CA ASP H 4 52.30 46.20 45.11
C ASP H 4 52.68 46.30 43.65
N GLU H 5 53.97 46.16 43.35
CA GLU H 5 54.46 46.25 41.98
C GLU H 5 54.40 44.91 41.26
N ASP H 6 54.41 43.82 42.03
CA ASP H 6 54.41 42.49 41.45
C ASP H 6 53.17 41.69 41.83
N ILE H 7 53.35 40.38 42.02
CA ILE H 7 52.25 39.47 42.38
C ILE H 7 51.02 39.60 41.48
N ILE H 8 49.97 38.86 41.82
CA ILE H 8 48.73 38.90 41.07
C ILE H 8 47.72 39.84 41.74
N ALA H 9 47.04 40.65 40.93
CA ALA H 9 46.04 41.58 41.44
C ALA H 9 44.99 40.83 42.27
N GLU H 10 44.53 41.46 43.34
CA GLU H 10 43.54 40.85 44.22
C GLU H 10 42.16 40.82 43.57
N GLU H 11 42.11 41.23 42.29
CA GLU H 11 40.86 41.21 41.54
C GLU H 11 40.86 40.06 40.54
N ASN H 12 42.04 39.60 40.17
CA ASN H 12 42.17 38.50 39.22
C ASN H 12 42.40 37.15 39.90
N ILE H 13 41.87 37.01 41.10
CA ILE H 13 42.02 35.78 41.87
C ILE H 13 40.67 35.10 42.08
N VAL H 14 40.45 33.99 41.37
CA VAL H 14 39.22 33.23 41.49
C VAL H 14 39.27 32.30 42.70
N SER H 15 38.55 32.68 43.76
CA SER H 15 38.55 31.90 45.00
C SER H 15 37.69 30.65 44.87
N ARG H 16 38.07 29.60 45.59
CA ARG H 16 37.32 28.36 45.61
C ARG H 16 36.06 28.52 46.44
N SER H 17 35.05 27.70 46.17
CA SER H 17 33.78 27.81 46.87
C SER H 17 33.11 26.44 47.04
N GLU H 18 33.30 25.57 46.07
CA GLU H 18 32.67 24.26 46.09
C GLU H 18 33.40 23.29 47.02
N PHE H 19 32.86 23.14 48.23
CA PHE H 19 33.43 22.21 49.21
C PHE H 19 32.37 21.27 49.75
N PRO H 20 31.74 20.47 48.87
CA PRO H 20 30.68 19.54 49.28
C PRO H 20 31.23 18.42 50.15
N GLU H 21 30.39 17.88 51.02
CA GLU H 21 30.76 16.74 51.85
C GLU H 21 30.54 15.45 51.08
N SER H 22 29.75 15.53 50.03
CA SER H 22 29.44 14.37 49.20
C SER H 22 28.94 14.80 47.82
N TRP H 23 29.34 14.07 46.79
CA TRP H 23 28.93 14.37 45.42
C TRP H 23 29.03 13.13 44.53
N LEU H 24 28.99 13.34 43.22
CA LEU H 24 29.05 12.24 42.26
C LEU H 24 27.97 11.21 42.57
N TRP H 25 26.73 11.67 42.69
CA TRP H 25 25.60 10.81 43.00
C TRP H 25 24.79 10.56 41.72
N ASN H 26 25.40 9.86 40.77
CA ASN H 26 24.77 9.60 39.48
C ASN H 26 24.67 8.12 39.15
N VAL H 27 24.32 7.82 37.90
CA VAL H 27 24.18 6.43 37.46
C VAL H 27 24.84 6.21 36.10
N GLU H 28 25.49 5.07 35.95
CA GLU H 28 26.16 4.72 34.69
C GLU H 28 25.84 3.29 34.27
N ASP H 29 25.77 3.06 32.96
CA ASP H 29 25.48 1.74 32.43
C ASP H 29 26.62 1.23 31.55
N LEU H 30 27.07 0.01 31.80
CA LEU H 30 28.15 -0.58 31.03
C LEU H 30 27.64 -1.30 29.79
N LYS H 31 27.71 -0.63 28.65
CA LYS H 31 27.24 -1.20 27.39
C LYS H 31 28.37 -1.34 26.38
N GLU H 32 29.59 -0.98 26.80
CA GLU H 32 30.76 -1.06 25.93
C GLU H 32 31.03 -2.50 25.51
N PRO H 33 31.66 -2.68 24.35
CA PRO H 33 32.01 -4.01 23.83
C PRO H 33 32.74 -4.86 24.88
N PRO H 34 32.06 -5.88 25.41
CA PRO H 34 32.60 -6.74 26.47
C PRO H 34 33.77 -7.60 25.99
N LYS H 35 34.86 -7.57 26.74
CA LYS H 35 36.00 -8.42 26.44
C LYS H 35 36.38 -9.25 27.67
N ASN H 36 36.44 -10.57 27.50
CA ASN H 36 36.73 -11.47 28.60
C ASN H 36 35.67 -11.38 29.70
N GLY H 37 34.48 -10.94 29.33
CA GLY H 37 33.38 -10.81 30.27
C GLY H 37 33.52 -9.62 31.19
N ILE H 38 34.36 -8.67 30.80
CA ILE H 38 34.61 -7.48 31.62
C ILE H 38 34.43 -6.21 30.81
N SER H 39 33.40 -5.44 31.14
CA SER H 39 33.13 -4.17 30.48
C SER H 39 33.83 -3.03 31.21
N THR H 40 34.29 -2.03 30.45
CA THR H 40 35.01 -0.90 31.02
C THR H 40 34.44 0.43 30.54
N LYS H 41 34.29 1.37 31.47
CA LYS H 41 33.81 2.71 31.14
C LYS H 41 34.77 3.78 31.64
N LEU H 42 35.11 4.72 30.76
CA LEU H 42 36.00 5.82 31.11
C LEU H 42 35.21 7.11 31.32
N MET H 43 35.04 7.49 32.58
CA MET H 43 34.30 8.70 32.92
C MET H 43 35.24 9.89 33.08
N ASN H 44 34.74 11.08 32.76
CA ASN H 44 35.51 12.30 32.92
C ASN H 44 34.83 13.26 33.88
N ILE H 45 35.16 13.11 35.17
CA ILE H 45 34.53 13.91 36.22
C ILE H 45 35.35 15.14 36.56
N PHE H 46 34.72 16.11 37.23
CA PHE H 46 35.39 17.33 37.65
C PHE H 46 35.52 17.38 39.16
N LEU H 47 36.75 17.23 39.66
CA LEU H 47 37.01 17.26 41.09
C LEU H 47 36.60 18.59 41.71
N LYS H 48 36.13 18.55 42.95
CA LYS H 48 35.71 19.75 43.65
C LYS H 48 36.91 20.62 44.01
N ASP H 49 36.66 21.65 44.80
CA ASP H 49 37.72 22.60 45.18
C ASP H 49 38.35 22.22 46.52
N SER H 50 37.79 21.20 47.17
CA SER H 50 38.27 20.77 48.48
C SER H 50 39.61 20.06 48.39
N ILE H 51 40.54 20.43 49.27
CA ILE H 51 41.83 19.76 49.34
C ILE H 51 41.79 18.63 50.37
N THR H 52 41.55 17.42 49.90
CA THR H 52 41.43 16.25 50.76
C THR H 52 41.42 14.98 49.90
N THR H 53 41.03 13.87 50.51
CA THR H 53 40.96 12.60 49.79
C THR H 53 39.51 12.16 49.59
N TRP H 54 39.08 12.14 48.34
CA TRP H 54 37.71 11.71 48.01
C TRP H 54 37.62 10.20 47.93
N GLU H 55 36.75 9.62 48.75
CA GLU H 55 36.56 8.17 48.77
C GLU H 55 35.34 7.77 47.94
N ILE H 56 35.58 7.41 46.69
CA ILE H 56 34.50 7.03 45.78
C ILE H 56 34.04 5.59 46.01
N LEU H 57 32.74 5.40 46.09
CA LEU H 57 32.17 4.06 46.29
C LEU H 57 31.25 3.68 45.14
N ALA H 58 31.45 2.49 44.59
CA ALA H 58 30.65 2.02 43.47
C ALA H 58 29.81 0.79 43.84
N VAL H 59 28.64 0.68 43.23
CA VAL H 59 27.76 -0.45 43.47
C VAL H 59 27.13 -0.93 42.18
N SER H 60 27.44 -2.16 41.78
CA SER H 60 26.92 -2.73 40.54
C SER H 60 25.64 -3.51 40.77
N MET H 61 24.77 -3.53 39.77
CA MET H 61 23.52 -4.27 39.85
C MET H 61 23.24 -4.99 38.54
N SER H 62 23.82 -6.19 38.39
CA SER H 62 23.66 -6.97 37.18
C SER H 62 22.46 -7.90 37.27
N ASP H 63 21.66 -7.94 36.21
CA ASP H 63 20.51 -8.82 36.16
C ASP H 63 20.92 -10.29 36.09
N LYS H 64 22.16 -10.52 35.66
CA LYS H 64 22.69 -11.88 35.57
C LYS H 64 23.48 -12.23 36.83
N LYS H 65 24.61 -11.56 37.02
CA LYS H 65 25.46 -11.80 38.18
C LYS H 65 24.73 -11.52 39.49
N GLY H 66 24.45 -10.24 39.73
CA GLY H 66 23.75 -9.82 40.93
C GLY H 66 24.29 -8.53 41.51
N ILE H 67 24.16 -8.38 42.82
CA ILE H 67 24.63 -7.17 43.50
C ILE H 67 26.04 -7.36 44.04
N CYS H 68 26.84 -6.30 43.96
CA CYS H 68 28.22 -6.34 44.45
C CYS H 68 28.79 -4.93 44.61
N VAL H 69 29.20 -4.59 45.83
CA VAL H 69 29.79 -3.28 46.09
C VAL H 69 31.31 -3.32 45.94
N ALA H 70 31.84 -2.34 45.21
CA ALA H 70 33.27 -2.28 44.94
C ALA H 70 34.06 -1.77 46.15
N ASP H 71 35.37 -1.94 46.10
CA ASP H 71 36.24 -1.44 47.16
C ASP H 71 36.45 0.06 47.03
N PRO H 72 36.48 0.76 48.18
CA PRO H 72 36.67 2.22 48.21
C PRO H 72 37.92 2.65 47.47
N PHE H 73 37.75 3.52 46.48
CA PHE H 73 38.89 4.05 45.72
C PHE H 73 39.18 5.50 46.12
N GLU H 74 40.26 5.70 46.87
CA GLU H 74 40.61 7.02 47.37
C GLU H 74 41.33 7.86 46.32
N VAL H 75 41.10 9.17 46.36
CA VAL H 75 41.74 10.10 45.44
C VAL H 75 42.25 11.33 46.19
N THR H 76 43.56 11.39 46.38
CA THR H 76 44.16 12.51 47.11
C THR H 76 44.28 13.76 46.24
N VAL H 77 43.75 14.87 46.74
CA VAL H 77 43.81 16.14 46.02
C VAL H 77 44.49 17.22 46.87
N MET H 78 45.73 17.55 46.52
CA MET H 78 46.50 18.51 47.29
C MET H 78 47.09 19.61 46.38
N GLN H 79 47.53 20.69 47.00
CA GLN H 79 48.16 21.80 46.28
C GLN H 79 49.34 22.34 47.07
N ASP H 80 50.38 22.78 46.36
CA ASP H 80 51.59 23.29 46.99
C ASP H 80 51.28 24.39 47.99
N PHE H 81 50.61 25.44 47.53
CA PHE H 81 50.23 26.56 48.38
C PHE H 81 48.71 26.75 48.38
N PHE H 82 48.12 26.80 49.57
CA PHE H 82 46.68 26.96 49.70
C PHE H 82 46.28 27.56 51.04
N ILE H 83 45.04 28.01 51.13
CA ILE H 83 44.51 28.59 52.35
C ILE H 83 43.46 27.67 52.97
N ASP H 84 43.56 27.45 54.28
CA ASP H 84 42.59 26.63 54.99
C ASP H 84 41.73 27.48 55.92
N LEU H 85 40.65 28.03 55.37
CA LEU H 85 39.76 28.89 56.14
C LEU H 85 38.75 28.08 56.93
N ARG H 86 38.85 28.14 58.26
CA ARG H 86 37.96 27.38 59.13
C ARG H 86 37.02 28.29 59.92
N LEU H 87 35.73 28.14 59.67
CA LEU H 87 34.71 28.92 60.38
C LEU H 87 33.82 28.02 61.23
N PRO H 88 33.38 28.52 62.40
CA PRO H 88 32.47 27.78 63.27
C PRO H 88 31.16 27.46 62.58
N TYR H 89 30.38 26.54 63.14
CA TYR H 89 29.09 26.17 62.57
C TYR H 89 28.14 27.36 62.54
N SER H 90 28.15 28.14 63.61
CA SER H 90 27.28 29.31 63.70
C SER H 90 27.84 30.34 64.69
N VAL H 91 27.69 31.61 64.34
CA VAL H 91 28.16 32.69 65.20
C VAL H 91 27.02 33.63 65.57
N VAL H 92 27.00 34.08 66.82
CA VAL H 92 25.94 34.96 67.30
C VAL H 92 26.09 36.36 66.71
N ARG H 93 24.97 36.95 66.30
CA ARG H 93 24.96 38.28 65.71
C ARG H 93 25.36 39.34 66.72
N ASN H 94 26.05 40.38 66.25
CA ASN H 94 26.48 41.49 67.07
C ASN H 94 27.61 41.14 68.05
N GLU H 95 28.07 39.89 67.99
CA GLU H 95 29.16 39.45 68.84
C GLU H 95 30.47 39.37 68.06
N GLN H 96 31.50 40.03 68.58
CA GLN H 96 32.81 40.04 67.93
C GLN H 96 33.54 38.72 68.13
N VAL H 97 33.77 38.00 67.04
CA VAL H 97 34.47 36.73 67.09
C VAL H 97 35.78 36.81 66.32
N GLU H 98 36.47 35.67 66.21
CA GLU H 98 37.74 35.62 65.50
C GLU H 98 37.88 34.35 64.67
N ILE H 99 37.91 34.51 63.35
CA ILE H 99 38.12 33.39 62.45
C ILE H 99 39.60 33.23 62.13
N ARG H 100 40.03 31.99 61.93
CA ARG H 100 41.44 31.71 61.70
C ARG H 100 41.68 31.20 60.29
N ALA H 101 42.47 31.94 59.51
CA ALA H 101 42.81 31.55 58.16
C ALA H 101 44.25 31.07 58.09
N VAL H 102 44.43 29.75 58.01
CA VAL H 102 45.77 29.14 58.00
C VAL H 102 46.28 28.95 56.58
N LEU H 103 47.43 29.55 56.29
CA LEU H 103 48.05 29.42 54.97
C LEU H 103 49.16 28.38 55.00
N TYR H 104 48.96 27.28 54.27
CA TYR H 104 49.93 26.19 54.24
C TYR H 104 50.94 26.36 53.10
N ASN H 105 52.18 26.00 53.37
CA ASN H 105 53.24 26.05 52.37
C ASN H 105 54.04 24.74 52.35
N TYR H 106 53.62 23.82 51.50
CA TYR H 106 54.25 22.50 51.45
C TYR H 106 55.38 22.40 50.43
N ARG H 107 55.92 23.56 50.04
CA ARG H 107 57.09 23.57 49.16
C ARG H 107 58.30 23.05 49.93
N GLN H 108 58.98 22.07 49.35
CA GLN H 108 60.10 21.40 50.01
C GLN H 108 61.08 22.40 50.63
N ASN H 109 61.72 23.20 49.80
CA ASN H 109 62.68 24.20 50.27
C ASN H 109 62.56 25.52 49.52
N GLN H 110 61.53 26.30 49.87
CA GLN H 110 61.29 27.58 49.24
C GLN H 110 60.31 28.43 50.05
N GLU H 111 60.84 29.46 50.70
CA GLU H 111 59.99 30.37 51.47
C GLU H 111 59.13 31.21 50.53
N LEU H 112 57.97 31.62 51.02
CA LEU H 112 57.04 32.39 50.19
C LEU H 112 56.65 33.72 50.84
N LYS H 113 56.67 34.78 50.04
CA LYS H 113 56.22 36.09 50.50
C LYS H 113 54.77 36.31 50.10
N VAL H 114 53.86 36.02 51.02
CA VAL H 114 52.43 36.08 50.71
C VAL H 114 51.77 37.36 51.23
N ARG H 115 50.76 37.83 50.51
CA ARG H 115 50.01 39.01 50.90
C ARG H 115 48.52 38.69 50.98
N VAL H 116 48.10 38.09 52.09
CA VAL H 116 46.72 37.68 52.28
C VAL H 116 45.81 38.87 52.56
N GLU H 117 44.57 38.81 52.08
CA GLU H 117 43.62 39.89 52.27
C GLU H 117 42.22 39.35 52.57
N LEU H 118 41.46 40.11 53.36
CA LEU H 118 40.07 39.77 53.65
C LEU H 118 39.13 40.74 52.94
N LEU H 119 38.33 40.21 52.01
CA LEU H 119 37.41 41.03 51.24
C LEU H 119 36.35 41.68 52.12
N HIS H 120 35.89 42.86 51.71
CA HIS H 120 34.88 43.59 52.45
C HIS H 120 33.50 42.94 52.33
N ASN H 121 32.68 43.11 53.35
CA ASN H 121 31.32 42.58 53.34
C ASN H 121 30.42 43.33 54.32
N PRO H 122 29.39 44.02 53.80
CA PRO H 122 28.46 44.80 54.61
C PRO H 122 27.82 43.96 55.71
N ALA H 123 27.81 42.64 55.54
CA ALA H 123 27.23 41.74 56.52
C ALA H 123 28.13 41.58 57.74
N PHE H 124 29.39 41.97 57.60
CA PHE H 124 30.35 41.90 58.69
C PHE H 124 30.98 43.26 58.95
N CYS H 125 31.66 43.38 60.09
CA CYS H 125 32.34 44.62 60.44
C CYS H 125 33.79 44.37 60.82
N SER H 126 34.68 44.46 59.84
CA SER H 126 36.10 44.30 60.07
C SER H 126 36.83 45.61 59.81
N LEU H 127 38.15 45.54 59.72
CA LEU H 127 38.97 46.73 59.45
C LEU H 127 39.03 47.00 57.95
N ALA H 128 38.28 46.23 57.18
CA ALA H 128 38.24 46.40 55.74
C ALA H 128 36.92 47.03 55.30
N THR H 129 37.00 48.20 54.69
CA THR H 129 35.81 48.90 54.22
C THR H 129 35.68 48.81 52.70
N THR H 130 34.84 49.67 52.13
CA THR H 130 34.62 49.68 50.69
C THR H 130 35.69 50.48 49.97
N LYS H 131 36.58 51.11 50.74
CA LYS H 131 37.66 51.90 50.18
C LYS H 131 39.01 51.52 50.75
N ARG H 132 39.00 50.74 51.83
CA ARG H 132 40.22 50.29 52.47
C ARG H 132 40.36 48.77 52.36
N ARG H 133 41.60 48.30 52.30
CA ARG H 133 41.86 46.87 52.19
C ARG H 133 42.68 46.36 53.37
N HIS H 134 42.01 45.68 54.31
CA HIS H 134 42.69 45.10 55.45
C HIS H 134 43.49 43.88 55.03
N GLN H 135 44.79 44.08 54.80
CA GLN H 135 45.66 43.01 54.32
C GLN H 135 47.03 43.07 54.95
N GLN H 136 47.63 41.90 55.17
CA GLN H 136 48.96 41.81 55.75
C GLN H 136 49.96 41.20 54.78
N THR H 137 51.24 41.40 55.04
CA THR H 137 52.30 40.84 54.20
C THR H 137 53.27 40.04 55.06
N VAL H 138 53.16 38.72 54.99
CA VAL H 138 54.01 37.84 55.79
C VAL H 138 54.83 36.90 54.92
N THR H 139 55.83 36.26 55.52
CA THR H 139 56.68 35.32 54.81
C THR H 139 56.62 33.94 55.45
N ILE H 140 56.00 32.99 54.75
CA ILE H 140 55.84 31.64 55.26
C ILE H 140 57.04 30.76 54.95
N PRO H 141 57.69 30.22 55.99
CA PRO H 141 58.86 29.35 55.85
C PRO H 141 58.53 28.09 55.07
N PRO H 142 59.55 27.44 54.50
CA PRO H 142 59.38 26.19 53.75
C PRO H 142 58.83 25.07 54.63
N LYS H 143 57.92 24.27 54.08
CA LYS H 143 57.34 23.13 54.79
C LYS H 143 56.77 23.53 56.14
N SER H 144 55.90 24.53 56.14
CA SER H 144 55.24 24.99 57.37
C SER H 144 53.96 25.75 57.06
N SER H 145 53.30 26.24 58.10
CA SER H 145 52.06 26.98 57.93
C SER H 145 52.00 28.19 58.87
N LEU H 146 51.12 29.12 58.56
CA LEU H 146 50.95 30.32 59.37
C LEU H 146 49.47 30.68 59.53
N SER H 147 49.07 30.95 60.77
CA SER H 147 47.69 31.32 61.05
C SER H 147 47.50 32.83 61.03
N VAL H 148 46.54 33.29 60.23
CA VAL H 148 46.25 34.72 60.12
C VAL H 148 44.92 35.06 60.78
N PRO H 149 44.98 35.68 61.97
CA PRO H 149 43.80 36.06 62.75
C PRO H 149 42.93 37.09 62.02
N TYR H 150 41.62 36.99 62.21
CA TYR H 150 40.68 37.96 61.63
C TYR H 150 39.50 38.19 62.57
N VAL H 151 39.40 39.41 63.09
CA VAL H 151 38.29 39.77 63.97
C VAL H 151 37.17 40.47 63.20
N ILE H 152 35.97 39.89 63.28
CA ILE H 152 34.82 40.43 62.56
C ILE H 152 33.59 40.47 63.45
N VAL H 153 32.54 41.14 62.97
CA VAL H 153 31.29 41.25 63.72
C VAL H 153 30.09 41.08 62.80
N PRO H 154 29.45 39.91 62.84
CA PRO H 154 28.24 39.63 62.05
C PRO H 154 27.17 40.67 62.34
N LEU H 155 26.83 41.48 61.33
CA LEU H 155 25.89 42.58 61.51
C LEU H 155 24.45 42.14 61.27
N LYS H 156 24.27 41.18 60.36
CA LYS H 156 22.93 40.69 60.05
C LYS H 156 22.86 39.16 60.09
N THR H 157 21.69 38.64 60.44
CA THR H 157 21.49 37.19 60.53
C THR H 157 21.52 36.52 59.17
N GLY H 158 21.17 35.24 59.14
CA GLY H 158 21.14 34.49 57.90
C GLY H 158 22.51 33.89 57.56
N LEU H 159 22.55 33.16 56.45
CA LEU H 159 23.78 32.53 56.00
C LEU H 159 24.64 33.52 55.21
N GLN H 160 25.69 34.04 55.84
CA GLN H 160 26.55 35.02 55.20
C GLN H 160 27.73 34.38 54.48
N GLU H 161 28.60 35.20 53.93
CA GLU H 161 29.72 34.72 53.12
C GLU H 161 31.04 35.37 53.51
N VAL H 162 32.06 34.54 53.74
CA VAL H 162 33.39 35.03 54.07
C VAL H 162 34.40 34.55 53.03
N GLU H 163 35.19 35.47 52.51
CA GLU H 163 36.15 35.15 51.46
C GLU H 163 37.52 35.78 51.71
N VAL H 164 38.57 34.98 51.57
CA VAL H 164 39.94 35.46 51.75
C VAL H 164 40.84 35.02 50.60
N LYS H 165 41.60 35.96 50.05
CA LYS H 165 42.51 35.65 48.95
C LYS H 165 43.95 35.93 49.38
N ALA H 166 44.90 35.31 48.68
CA ALA H 166 46.32 35.49 48.98
C ALA H 166 47.20 35.17 47.79
N ALA H 167 48.19 36.01 47.53
CA ALA H 167 49.11 35.80 46.43
C ALA H 167 50.55 35.89 46.90
N VAL H 168 51.45 35.23 46.19
CA VAL H 168 52.86 35.23 46.54
C VAL H 168 53.66 36.19 45.66
N TYR H 169 54.77 36.68 46.19
CA TYR H 169 55.61 37.62 45.46
C TYR H 169 56.61 36.91 44.55
N HIS H 170 56.83 37.48 43.37
CA HIS H 170 57.81 36.95 42.43
C HIS H 170 57.48 35.54 41.96
N HIS H 171 56.20 35.20 41.98
CA HIS H 171 55.74 33.89 41.53
C HIS H 171 54.32 33.95 40.97
N PHE H 172 53.96 32.95 40.19
CA PHE H 172 52.62 32.88 39.60
C PHE H 172 51.75 31.90 40.37
N ILE H 173 51.60 32.16 41.67
CA ILE H 173 50.81 31.29 42.54
C ILE H 173 49.82 32.10 43.37
N SER H 174 48.59 31.61 43.47
CA SER H 174 47.56 32.27 44.24
C SER H 174 46.45 31.30 44.63
N ASP H 175 45.67 31.66 45.64
CA ASP H 175 44.56 30.82 46.10
C ASP H 175 43.58 31.62 46.96
N GLY H 176 42.30 31.29 46.84
CA GLY H 176 41.27 31.96 47.62
C GLY H 176 40.23 30.98 48.14
N VAL H 177 39.57 31.35 49.22
CA VAL H 177 38.55 30.51 49.83
C VAL H 177 37.29 31.32 50.14
N ARG H 178 36.15 30.84 49.66
CA ARG H 178 34.89 31.53 49.89
C ARG H 178 33.86 30.61 50.54
N LYS H 179 33.95 30.45 51.86
CA LYS H 179 33.02 29.61 52.60
C LYS H 179 31.93 30.45 53.25
N SER H 180 30.88 29.78 53.74
CA SER H 180 29.75 30.47 54.35
C SER H 180 29.51 29.98 55.78
N LEU H 181 29.09 30.90 56.64
CA LEU H 181 28.79 30.57 58.03
C LEU H 181 27.44 31.16 58.44
N LYS H 182 26.71 30.43 59.28
CA LYS H 182 25.40 30.88 59.73
C LYS H 182 25.51 31.92 60.84
N VAL H 183 24.50 32.78 60.95
CA VAL H 183 24.47 33.81 61.97
C VAL H 183 23.20 33.72 62.80
N VAL H 184 23.30 33.10 63.97
CA VAL H 184 22.15 32.91 64.86
C VAL H 184 21.80 34.20 65.59
N PRO H 185 20.50 34.57 65.57
CA PRO H 185 20.00 35.76 66.26
C PRO H 185 20.31 35.72 67.76
N GLU H 186 20.85 36.82 68.28
CA GLU H 186 21.21 36.91 69.69
C GLU H 186 20.03 36.55 70.59
N GLY H 187 20.28 35.65 71.53
CA GLY H 187 19.24 35.21 72.45
C GLY H 187 19.37 33.73 72.80
N ILE H 188 18.24 33.10 73.07
CA ILE H 188 18.22 31.68 73.42
C ILE H 188 17.10 30.94 72.71
N ARG H 189 17.32 29.67 72.40
CA ARG H 189 16.32 28.86 71.71
C ARG H 189 15.28 28.31 72.69
N MET H 190 14.08 28.89 72.65
CA MET H 190 13.00 28.42 73.51
C MET H 190 11.91 27.74 72.69
N ASN H 191 11.01 27.03 73.37
CA ASN H 191 9.94 26.31 72.70
C ASN H 191 8.69 26.23 73.58
N LYS H 192 7.99 27.34 73.73
CA LYS H 192 6.77 27.38 74.53
C LYS H 192 5.71 26.43 73.99
N THR H 193 5.29 25.48 74.82
CA THR H 193 4.24 24.55 74.44
C THR H 193 2.88 25.19 74.64
N VAL H 194 2.25 25.60 73.54
CA VAL H 194 0.97 26.27 73.59
C VAL H 194 -0.07 25.42 74.32
N ALA H 195 -0.36 24.24 73.78
CA ALA H 195 -1.35 23.35 74.38
C ALA H 195 -1.20 21.92 73.87
N VAL H 196 -1.70 20.97 74.65
CA VAL H 196 -1.67 19.57 74.27
C VAL H 196 -3.06 18.93 74.37
N ARG H 197 -3.88 19.19 73.37
CA ARG H 197 -5.27 18.74 73.37
C ARG H 197 -5.39 17.28 72.94
N THR H 198 -6.51 16.66 73.29
CA THR H 198 -6.78 15.27 72.92
C THR H 198 -7.97 15.20 71.97
N LEU H 199 -7.79 14.50 70.85
CA LEU H 199 -8.82 14.40 69.83
C LEU H 199 -9.57 13.07 69.89
N ASP H 200 -10.87 13.13 70.13
CA ASP H 200 -11.70 11.94 70.18
C ASP H 200 -13.18 12.28 70.20
N PRO H 201 -13.78 12.45 69.01
CA PRO H 201 -15.21 12.76 68.89
C PRO H 201 -16.08 11.69 69.57
N GLU H 202 -17.38 11.98 69.68
CA GLU H 202 -18.32 11.05 70.32
C GLU H 202 -18.15 11.02 71.84
N ARG H 203 -16.93 11.29 72.29
CA ARG H 203 -16.63 11.29 73.73
C ARG H 203 -16.60 12.72 74.27
N LEU H 204 -15.95 13.61 73.52
CA LEU H 204 -15.87 15.02 73.91
C LEU H 204 -16.36 15.92 72.78
N GLY H 205 -17.09 15.32 71.83
CA GLY H 205 -17.60 16.06 70.69
C GLY H 205 -19.09 16.31 70.76
N ARG H 206 -19.72 16.40 69.59
CA ARG H 206 -21.14 16.67 69.50
C ARG H 206 -21.62 16.52 68.05
N GLU H 207 -22.65 15.70 67.85
CA GLU H 207 -23.15 15.41 66.52
C GLU H 207 -22.10 14.76 65.63
N GLY H 208 -20.99 14.35 66.24
CA GLY H 208 -19.92 13.69 65.52
C GLY H 208 -18.72 14.57 65.27
N VAL H 209 -18.84 15.86 65.60
CA VAL H 209 -17.77 16.81 65.39
C VAL H 209 -17.24 17.38 66.70
N GLN H 210 -15.99 17.82 66.70
CA GLN H 210 -15.37 18.39 67.89
C GLN H 210 -14.56 19.64 67.54
N LYS H 211 -14.85 20.73 68.24
CA LYS H 211 -14.14 22.00 68.02
C LYS H 211 -13.15 22.26 69.14
N GLU H 212 -11.94 22.66 68.78
CA GLU H 212 -10.89 22.92 69.77
C GLU H 212 -10.08 24.16 69.39
N ASP H 213 -10.32 25.26 70.09
CA ASP H 213 -9.62 26.51 69.83
C ASP H 213 -8.23 26.50 70.46
N ILE H 214 -7.29 27.18 69.81
CA ILE H 214 -5.92 27.26 70.30
C ILE H 214 -5.40 28.69 70.26
N PRO H 215 -5.31 29.32 71.44
CA PRO H 215 -4.82 30.70 71.58
C PRO H 215 -3.38 30.84 71.08
N PRO H 216 -3.06 32.00 70.48
CA PRO H 216 -1.70 32.29 69.98
C PRO H 216 -0.67 32.21 71.09
N ALA H 217 0.59 31.97 70.73
CA ALA H 217 1.66 31.87 71.70
C ALA H 217 1.94 33.22 72.37
N ASP H 218 2.56 33.18 73.54
CA ASP H 218 2.88 34.39 74.27
C ASP H 218 3.89 35.25 73.51
N LEU H 219 5.15 34.82 73.53
CA LEU H 219 6.22 35.52 72.81
C LEU H 219 6.36 36.97 73.28
N SER H 220 6.06 37.20 74.56
CA SER H 220 6.16 38.54 75.13
C SER H 220 7.60 39.01 75.21
N ASP H 221 8.50 38.09 75.57
CA ASP H 221 9.91 38.42 75.70
C ASP H 221 10.69 38.02 74.45
N GLN H 222 10.03 38.11 73.29
CA GLN H 222 10.67 37.75 72.03
C GLN H 222 11.72 38.79 71.63
N VAL H 223 12.86 38.32 71.14
CA VAL H 223 13.94 39.19 70.70
C VAL H 223 13.48 40.07 69.54
N PRO H 224 13.75 41.38 69.63
CA PRO H 224 13.37 42.33 68.58
C PRO H 224 13.91 41.93 67.22
N ASP H 225 13.07 42.03 66.19
CA ASP H 225 13.47 41.73 64.82
C ASP H 225 13.94 40.28 64.66
N THR H 226 13.07 39.35 65.02
CA THR H 226 13.37 37.92 64.85
C THR H 226 12.13 37.16 64.42
N GLU H 227 12.33 36.15 63.57
CA GLU H 227 11.22 35.33 63.08
C GLU H 227 10.97 34.13 63.99
N SER H 228 9.82 33.47 63.80
CA SER H 228 9.45 32.34 64.61
C SER H 228 8.30 31.57 63.97
N GLU H 229 8.34 30.24 64.06
CA GLU H 229 7.30 29.41 63.48
C GLU H 229 6.54 28.61 64.53
N THR H 230 5.34 28.16 64.18
CA THR H 230 4.51 27.36 65.06
C THR H 230 4.32 25.96 64.46
N ARG H 231 4.81 24.95 65.17
CA ARG H 231 4.72 23.58 64.68
C ARG H 231 3.50 22.84 65.21
N ILE H 232 2.42 22.86 64.43
CA ILE H 232 1.23 22.08 64.77
C ILE H 232 1.50 20.62 64.47
N LEU H 233 1.03 19.74 65.34
CA LEU H 233 1.36 18.32 65.21
C LEU H 233 0.18 17.40 65.53
N LEU H 234 -0.09 16.46 64.63
CA LEU H 234 -1.14 15.46 64.83
C LEU H 234 -0.53 14.06 64.89
N GLN H 235 -1.25 13.14 65.53
CA GLN H 235 -0.78 11.76 65.66
C GLN H 235 -1.86 10.83 66.23
N GLY H 236 -2.05 9.70 65.58
CA GLY H 236 -3.00 8.71 66.06
C GLY H 236 -2.42 7.93 67.22
N THR H 237 -3.22 7.05 67.81
CA THR H 237 -2.77 6.27 68.97
C THR H 237 -3.72 5.13 69.34
N PRO H 238 -3.30 3.88 69.08
CA PRO H 238 -4.03 2.68 69.50
C PRO H 238 -4.11 2.60 71.03
N VAL H 239 -5.27 2.32 71.62
CA VAL H 239 -6.54 2.01 70.94
C VAL H 239 -6.70 0.52 70.59
N ALA H 240 -5.62 -0.24 70.74
CA ALA H 240 -5.68 -1.69 70.55
C ALA H 240 -5.90 -2.40 71.88
N GLN H 241 -7.08 -2.99 72.06
CA GLN H 241 -7.44 -3.64 73.32
C GLN H 241 -8.32 -4.87 73.12
N MET H 242 -8.92 -5.34 74.22
CA MET H 242 -9.84 -6.49 74.19
C MET H 242 -9.16 -7.77 73.72
N THR H 243 -9.96 -8.71 73.22
CA THR H 243 -9.45 -9.95 72.65
C THR H 243 -9.13 -11.01 73.71
N GLU H 244 -9.90 -12.09 73.73
CA GLU H 244 -9.68 -13.18 74.66
C GLU H 244 -8.85 -14.30 74.04
N ASP H 245 -8.26 -15.15 74.88
CA ASP H 245 -7.44 -16.26 74.41
C ASP H 245 -8.31 -17.42 73.92
N ALA H 246 -7.76 -18.21 73.00
CA ALA H 246 -8.48 -19.35 72.45
C ALA H 246 -8.10 -20.64 73.18
N VAL H 247 -9.02 -21.60 73.19
CA VAL H 247 -8.78 -22.89 73.84
C VAL H 247 -7.62 -23.62 73.17
N ASP H 248 -6.67 -24.07 73.99
CA ASP H 248 -5.52 -24.81 73.48
C ASP H 248 -5.94 -26.07 72.73
N ALA H 249 -5.31 -26.32 71.59
CA ALA H 249 -5.62 -27.49 70.79
C ALA H 249 -5.25 -28.78 71.51
N GLU H 250 -4.35 -28.67 72.47
CA GLU H 250 -3.91 -29.82 73.26
C GLU H 250 -5.07 -30.36 74.10
N ARG H 251 -6.09 -29.53 74.27
CA ARG H 251 -7.28 -29.92 75.04
C ARG H 251 -8.34 -30.55 74.13
N LEU H 252 -8.04 -30.62 72.84
CA LEU H 252 -9.00 -31.14 71.87
C LEU H 252 -8.47 -32.40 71.18
N LYS H 253 -7.58 -33.12 71.85
CA LYS H 253 -7.01 -34.34 71.30
C LYS H 253 -7.95 -35.53 71.49
N HIS H 254 -9.23 -35.24 71.64
CA HIS H 254 -10.23 -36.29 71.85
C HIS H 254 -11.45 -36.09 70.97
N LEU H 255 -11.49 -34.95 70.28
CA LEU H 255 -12.62 -34.64 69.40
C LEU H 255 -12.48 -35.30 68.03
N ILE H 256 -11.42 -36.09 67.86
CA ILE H 256 -11.19 -36.80 66.61
C ILE H 256 -11.78 -38.20 66.68
N VAL H 257 -13.10 -38.29 66.53
CA VAL H 257 -13.80 -39.57 66.59
C VAL H 257 -14.19 -40.04 65.19
N THR H 258 -13.97 -41.32 64.93
CA THR H 258 -14.30 -41.90 63.63
C THR H 258 -15.81 -42.07 63.48
N PRO H 259 -16.42 -41.35 62.54
CA PRO H 259 -17.86 -41.40 62.28
C PRO H 259 -18.34 -42.82 62.07
N SER H 260 -19.42 -43.22 62.74
CA SER H 260 -19.95 -44.56 62.63
C SER H 260 -21.35 -44.67 63.21
N GLY H 261 -22.09 -45.69 62.79
CA GLY H 261 -23.43 -45.92 63.28
C GLY H 261 -24.50 -45.81 62.20
N CYS H 262 -25.75 -45.74 62.61
CA CYS H 262 -26.86 -45.62 61.67
C CYS H 262 -26.98 -44.21 61.12
N GLY H 263 -28.20 -43.82 60.75
CA GLY H 263 -28.44 -42.51 60.17
C GLY H 263 -28.30 -41.38 61.18
N GLU H 264 -28.36 -41.72 62.45
CA GLU H 264 -28.25 -40.73 63.52
C GLU H 264 -26.91 -40.83 64.24
N GLU H 265 -26.48 -42.03 64.56
CA GLU H 265 -25.21 -42.25 65.24
C GLU H 265 -24.03 -41.78 64.41
N ASN H 266 -24.19 -41.84 63.10
CA ASN H 266 -23.12 -41.39 62.21
C ASN H 266 -22.83 -39.91 62.40
N MET H 267 -23.88 -39.10 62.44
CA MET H 267 -23.74 -37.67 62.63
C MET H 267 -23.19 -37.34 64.01
N ILE H 268 -23.61 -38.12 65.01
CA ILE H 268 -23.16 -37.91 66.38
C ILE H 268 -21.64 -38.12 66.50
N GLY H 269 -21.12 -39.04 65.70
CA GLY H 269 -19.70 -39.33 65.70
C GLY H 269 -18.93 -38.48 64.72
N MET H 270 -19.65 -37.81 63.83
CA MET H 270 -19.04 -36.96 62.82
C MET H 270 -18.92 -35.52 63.33
N THR H 271 -19.82 -35.13 64.22
CA THR H 271 -19.86 -33.78 64.75
C THR H 271 -18.57 -33.37 65.47
N PRO H 272 -18.11 -34.18 66.44
CA PRO H 272 -16.91 -33.82 67.21
C PRO H 272 -15.69 -33.58 66.33
N THR H 273 -15.62 -34.27 65.20
CA THR H 273 -14.47 -34.15 64.31
C THR H 273 -14.57 -32.93 63.40
N VAL H 274 -15.74 -32.71 62.81
CA VAL H 274 -15.97 -31.60 61.90
C VAL H 274 -15.72 -30.25 62.58
N ILE H 275 -16.40 -30.02 63.70
CA ILE H 275 -16.29 -28.75 64.41
C ILE H 275 -14.89 -28.55 64.99
N ALA H 276 -14.21 -29.66 65.29
CA ALA H 276 -12.86 -29.60 65.84
C ALA H 276 -11.89 -29.01 64.83
N VAL H 277 -11.88 -29.58 63.63
CA VAL H 277 -11.01 -29.10 62.56
C VAL H 277 -11.35 -27.65 62.22
N HIS H 278 -12.64 -27.33 62.26
CA HIS H 278 -13.11 -25.98 61.96
C HIS H 278 -12.52 -24.96 62.93
N TYR H 279 -12.50 -25.32 64.21
CA TYR H 279 -11.98 -24.42 65.25
C TYR H 279 -10.46 -24.32 65.18
N LEU H 280 -9.81 -25.38 64.73
CA LEU H 280 -8.36 -25.40 64.61
C LEU H 280 -7.87 -24.64 63.39
N ASP H 281 -8.73 -24.52 62.39
CA ASP H 281 -8.40 -23.78 61.17
C ASP H 281 -8.45 -22.27 61.41
N GLU H 282 -9.30 -21.85 62.33
CA GLU H 282 -9.46 -20.43 62.65
C GLU H 282 -8.45 -19.97 63.69
N THR H 283 -8.17 -20.84 64.66
CA THR H 283 -7.20 -20.53 65.71
C THR H 283 -5.79 -20.85 65.26
N GLU H 284 -5.67 -21.57 64.15
CA GLU H 284 -4.38 -21.94 63.59
C GLU H 284 -3.52 -22.65 64.62
N GLN H 285 -4.14 -23.54 65.39
CA GLN H 285 -3.43 -24.24 66.46
C GLN H 285 -3.09 -25.68 66.11
N TRP H 286 -2.88 -25.94 64.81
CA TRP H 286 -2.45 -27.26 64.38
C TRP H 286 -0.99 -27.49 64.73
N GLU H 287 -0.36 -26.48 65.32
CA GLU H 287 1.04 -26.54 65.72
C GLU H 287 1.20 -27.34 67.00
N LYS H 288 0.51 -26.91 68.06
CA LYS H 288 0.63 -27.54 69.36
C LYS H 288 -0.19 -28.83 69.43
N PHE H 289 -1.14 -28.97 68.51
CA PHE H 289 -2.01 -30.14 68.48
C PHE H 289 -1.23 -31.40 68.09
N GLY H 290 -0.19 -31.22 67.28
CA GLY H 290 0.62 -32.33 66.82
C GLY H 290 0.98 -32.20 65.35
N LEU H 291 0.03 -31.69 64.57
CA LEU H 291 0.22 -31.48 63.13
C LEU H 291 0.44 -32.79 62.37
N GLU H 292 0.20 -32.74 61.07
CA GLU H 292 0.32 -33.92 60.20
C GLU H 292 -0.82 -34.90 60.47
N LYS H 293 -1.49 -34.73 61.60
CA LYS H 293 -2.61 -35.59 61.97
C LYS H 293 -3.91 -35.04 61.40
N ARG H 294 -3.83 -33.88 60.76
CA ARG H 294 -4.99 -33.25 60.16
C ARG H 294 -5.47 -34.03 58.93
N GLN H 295 -4.52 -34.50 58.13
CA GLN H 295 -4.84 -35.27 56.93
C GLN H 295 -5.69 -36.49 57.29
N GLY H 296 -5.37 -37.13 58.41
CA GLY H 296 -6.11 -38.27 58.88
C GLY H 296 -7.51 -37.89 59.35
N ALA H 297 -7.65 -36.64 59.76
CA ALA H 297 -8.94 -36.14 60.23
C ALA H 297 -9.87 -35.84 59.05
N LEU H 298 -9.29 -35.34 57.96
CA LEU H 298 -10.07 -35.05 56.76
C LEU H 298 -10.65 -36.31 56.16
N GLU H 299 -9.89 -37.41 56.23
CA GLU H 299 -10.35 -38.69 55.72
C GLU H 299 -11.55 -39.19 56.52
N LEU H 300 -11.58 -38.83 57.80
CA LEU H 300 -12.69 -39.21 58.67
C LEU H 300 -13.95 -38.42 58.31
N ILE H 301 -13.77 -37.17 57.94
CA ILE H 301 -14.88 -36.31 57.54
C ILE H 301 -15.47 -36.78 56.21
N LYS H 302 -14.60 -37.13 55.27
CA LYS H 302 -15.02 -37.64 53.98
C LYS H 302 -15.74 -38.98 54.14
N LYS H 303 -15.20 -39.82 55.01
CA LYS H 303 -15.78 -41.13 55.27
C LYS H 303 -17.15 -41.00 55.92
N GLY H 304 -17.27 -40.11 56.90
CA GLY H 304 -18.53 -39.85 57.56
C GLY H 304 -19.54 -39.27 56.61
N TYR H 305 -19.06 -38.46 55.67
CA TYR H 305 -19.91 -37.85 54.65
C TYR H 305 -20.51 -38.91 53.74
N THR H 306 -19.67 -39.86 53.32
CA THR H 306 -20.11 -40.93 52.43
C THR H 306 -21.14 -41.83 53.11
N GLN H 307 -20.87 -42.18 54.37
CA GLN H 307 -21.77 -43.06 55.12
C GLN H 307 -23.15 -42.43 55.30
N GLN H 308 -23.19 -41.13 55.56
CA GLN H 308 -24.45 -40.43 55.76
C GLN H 308 -25.29 -40.43 54.49
N LEU H 309 -24.62 -40.49 53.35
CA LEU H 309 -25.30 -40.53 52.05
C LEU H 309 -26.04 -41.84 51.86
N ALA H 310 -25.59 -42.88 52.56
CA ALA H 310 -26.21 -44.20 52.48
C ALA H 310 -27.58 -44.19 53.14
N PHE H 311 -27.81 -43.22 54.01
CA PHE H 311 -29.07 -43.09 54.72
C PHE H 311 -29.94 -42.00 54.10
N ARG H 312 -29.57 -41.57 52.89
CA ARG H 312 -30.31 -40.55 52.18
C ARG H 312 -31.46 -41.16 51.39
N GLN H 313 -32.69 -40.76 51.74
CA GLN H 313 -33.88 -41.26 51.06
C GLN H 313 -34.08 -40.54 49.72
N PRO H 314 -34.85 -41.16 48.82
CA PRO H 314 -35.13 -40.58 47.50
C PRO H 314 -35.74 -39.18 47.59
N SER H 315 -36.32 -38.86 48.75
CA SER H 315 -36.93 -37.55 48.96
C SER H 315 -35.89 -36.51 49.38
N SER H 316 -34.62 -36.85 49.20
CA SER H 316 -33.51 -35.97 49.54
C SER H 316 -33.44 -35.67 51.05
N ALA H 317 -34.23 -36.41 51.82
CA ALA H 317 -34.27 -36.22 53.27
C ALA H 317 -33.41 -37.26 53.98
N PHE H 318 -33.31 -37.13 55.30
CA PHE H 318 -32.51 -38.06 56.09
C PHE H 318 -33.31 -38.64 57.25
N ALA H 319 -32.87 -39.79 57.75
CA ALA H 319 -33.53 -40.45 58.87
C ALA H 319 -32.61 -41.48 59.50
N ALA H 320 -33.05 -42.04 60.63
CA ALA H 320 -32.27 -43.08 61.31
C ALA H 320 -32.00 -44.26 60.40
N PHE H 321 -32.98 -44.58 59.56
CA PHE H 321 -32.84 -45.69 58.61
C PHE H 321 -33.55 -45.36 57.30
N VAL H 322 -33.27 -46.14 56.27
CA VAL H 322 -33.88 -45.94 54.96
C VAL H 322 -35.34 -46.37 54.97
N LYS H 323 -35.79 -46.89 56.11
CA LYS H 323 -37.17 -47.37 56.25
C LYS H 323 -37.98 -46.44 57.13
N ARG H 324 -37.34 -45.89 58.16
CA ARG H 324 -38.00 -45.00 59.10
C ARG H 324 -38.43 -43.70 58.41
N ALA H 325 -39.53 -43.13 58.89
CA ALA H 325 -40.04 -41.88 58.33
C ALA H 325 -39.00 -40.76 58.43
N PRO H 326 -38.96 -39.89 57.41
CA PRO H 326 -38.00 -38.78 57.35
C PRO H 326 -38.10 -37.88 58.58
N SER H 327 -36.95 -37.53 59.14
CA SER H 327 -36.89 -36.66 60.31
C SER H 327 -36.59 -35.22 59.90
N THR H 328 -37.52 -34.32 60.20
CA THR H 328 -37.36 -32.92 59.85
C THR H 328 -36.13 -32.32 60.51
N TRP H 329 -35.91 -32.66 61.77
CA TRP H 329 -34.77 -32.12 62.52
C TRP H 329 -33.44 -32.65 61.99
N LEU H 330 -33.35 -33.97 61.86
CA LEU H 330 -32.13 -34.61 61.39
C LEU H 330 -31.73 -34.09 60.01
N THR H 331 -32.72 -33.96 59.13
CA THR H 331 -32.49 -33.45 57.78
C THR H 331 -31.93 -32.03 57.84
N ALA H 332 -32.48 -31.22 58.74
CA ALA H 332 -32.04 -29.84 58.90
C ALA H 332 -30.65 -29.78 59.54
N TYR H 333 -30.38 -30.73 60.44
CA TYR H 333 -29.10 -30.78 61.11
C TYR H 333 -27.97 -31.17 60.15
N VAL H 334 -28.27 -32.12 59.28
CA VAL H 334 -27.30 -32.56 58.27
C VAL H 334 -26.82 -31.37 57.45
N VAL H 335 -27.75 -30.49 57.09
CA VAL H 335 -27.41 -29.30 56.32
C VAL H 335 -26.49 -28.39 57.12
N LYS H 336 -26.74 -28.28 58.42
CA LYS H 336 -25.94 -27.43 59.29
C LYS H 336 -24.47 -27.85 59.32
N VAL H 337 -24.23 -29.15 59.39
CA VAL H 337 -22.87 -29.67 59.44
C VAL H 337 -22.22 -29.70 58.07
N PHE H 338 -22.99 -30.11 57.05
CA PHE H 338 -22.49 -30.18 55.69
C PHE H 338 -22.11 -28.81 55.15
N SER H 339 -22.94 -27.80 55.42
CA SER H 339 -22.69 -26.45 54.94
C SER H 339 -21.45 -25.84 55.61
N LEU H 340 -20.98 -26.47 56.67
CA LEU H 340 -19.78 -26.01 57.36
C LEU H 340 -18.56 -26.80 56.90
N ALA H 341 -18.80 -28.03 56.45
CA ALA H 341 -17.72 -28.90 55.99
C ALA H 341 -17.41 -28.68 54.52
N VAL H 342 -18.09 -27.72 53.89
CA VAL H 342 -17.86 -27.41 52.49
C VAL H 342 -16.47 -26.82 52.28
N ASN H 343 -15.93 -26.20 53.33
CA ASN H 343 -14.60 -25.61 53.27
C ASN H 343 -13.51 -26.60 53.65
N LEU H 344 -13.92 -27.82 53.98
CA LEU H 344 -12.98 -28.86 54.38
C LEU H 344 -12.91 -29.97 53.33
N ILE H 345 -14.07 -30.45 52.91
CA ILE H 345 -14.16 -31.52 51.92
C ILE H 345 -15.06 -31.14 50.75
N ALA H 346 -15.34 -32.11 49.89
CA ALA H 346 -16.20 -31.87 48.73
C ALA H 346 -17.64 -32.28 49.03
N ILE H 347 -18.55 -31.30 49.03
CA ILE H 347 -19.95 -31.55 49.30
C ILE H 347 -20.79 -31.43 48.03
N ASP H 348 -21.51 -32.48 47.69
CA ASP H 348 -22.36 -32.49 46.52
C ASP H 348 -23.52 -31.51 46.69
N SER H 349 -23.62 -30.56 45.76
CA SER H 349 -24.67 -29.55 45.81
C SER H 349 -26.06 -30.17 45.70
N GLN H 350 -26.15 -31.30 45.01
CA GLN H 350 -27.41 -32.00 44.83
C GLN H 350 -27.94 -32.54 46.16
N VAL H 351 -27.03 -32.90 47.05
CA VAL H 351 -27.40 -33.45 48.35
C VAL H 351 -27.72 -32.33 49.34
N LEU H 352 -26.81 -31.37 49.46
CA LEU H 352 -26.97 -30.25 50.39
C LEU H 352 -28.22 -29.45 50.09
N CYS H 353 -28.35 -29.00 48.84
CA CYS H 353 -29.50 -28.22 48.42
C CYS H 353 -30.76 -29.09 48.33
N GLY H 354 -30.54 -30.39 48.14
CA GLY H 354 -31.64 -31.34 48.07
C GLY H 354 -32.41 -31.43 49.38
N ALA H 355 -31.67 -31.45 50.48
CA ALA H 355 -32.28 -31.52 51.80
C ALA H 355 -32.94 -30.19 52.17
N VAL H 356 -32.41 -29.10 51.65
CA VAL H 356 -32.95 -27.77 51.89
C VAL H 356 -34.31 -27.61 51.21
N LYS H 357 -34.38 -28.02 49.95
CA LYS H 357 -35.62 -27.91 49.18
C LYS H 357 -36.73 -28.75 49.79
N TRP H 358 -36.35 -29.86 50.42
CA TRP H 358 -37.32 -30.75 51.05
C TRP H 358 -37.94 -30.09 52.28
N LEU H 359 -37.10 -29.49 53.12
CA LEU H 359 -37.58 -28.81 54.31
C LEU H 359 -38.54 -27.68 53.97
N ILE H 360 -38.26 -27.00 52.87
CA ILE H 360 -39.05 -25.85 52.45
C ILE H 360 -40.41 -26.26 51.87
N LEU H 361 -40.37 -27.03 50.78
CA LEU H 361 -41.59 -27.40 50.07
C LEU H 361 -42.46 -28.37 50.86
N GLU H 362 -41.82 -29.36 51.48
CA GLU H 362 -42.55 -30.42 52.17
C GLU H 362 -42.90 -30.06 53.62
N LYS H 363 -41.86 -29.95 54.46
CA LYS H 363 -42.07 -29.74 55.89
C LYS H 363 -42.04 -28.27 56.29
N GLN H 364 -42.98 -27.50 55.76
CA GLN H 364 -43.14 -26.10 56.14
C GLN H 364 -44.53 -25.58 55.82
N LYS H 365 -45.27 -25.21 56.85
CA LYS H 365 -46.63 -24.70 56.69
C LYS H 365 -46.61 -23.25 56.26
N PRO H 366 -47.76 -22.75 55.76
CA PRO H 366 -47.86 -21.35 55.29
C PRO H 366 -47.43 -20.34 56.35
N ASP H 367 -47.37 -20.77 57.61
CA ASP H 367 -46.97 -19.89 58.70
C ASP H 367 -45.47 -19.68 58.70
N GLY H 368 -44.74 -20.58 58.03
CA GLY H 368 -43.30 -20.54 58.01
C GLY H 368 -42.73 -21.37 59.14
N VAL H 369 -43.57 -22.19 59.75
CA VAL H 369 -43.18 -23.03 60.88
C VAL H 369 -42.78 -24.43 60.42
N PHE H 370 -41.70 -24.95 60.99
CA PHE H 370 -41.25 -26.30 60.70
C PHE H 370 -41.71 -27.26 61.79
N GLN H 371 -42.28 -28.39 61.37
CA GLN H 371 -42.80 -29.37 62.32
C GLN H 371 -42.07 -30.71 62.20
N GLU H 372 -41.89 -31.38 63.34
CA GLU H 372 -41.24 -32.68 63.37
C GLU H 372 -42.26 -33.80 63.28
N ASP H 373 -42.09 -34.70 62.32
CA ASP H 373 -43.01 -35.81 62.13
C ASP H 373 -42.43 -37.12 62.66
N ALA H 374 -41.14 -37.32 62.45
CA ALA H 374 -40.46 -38.52 62.93
C ALA H 374 -39.26 -38.17 63.80
N PRO H 375 -39.50 -37.87 65.09
CA PRO H 375 -38.45 -37.50 66.03
C PRO H 375 -37.33 -38.54 66.07
N VAL H 376 -36.09 -38.09 66.12
CA VAL H 376 -34.94 -38.98 66.14
C VAL H 376 -34.94 -39.86 67.39
N ILE H 377 -34.43 -41.08 67.25
CA ILE H 377 -34.36 -42.02 68.36
C ILE H 377 -33.50 -41.44 69.49
N HIS H 378 -32.32 -40.94 69.12
CA HIS H 378 -31.42 -40.35 70.10
C HIS H 378 -31.85 -38.93 70.44
N GLN H 379 -32.65 -38.80 71.50
CA GLN H 379 -33.16 -37.50 71.92
C GLN H 379 -32.10 -36.65 72.60
N GLU H 380 -30.87 -37.18 72.68
CA GLU H 380 -29.79 -36.48 73.34
C GLU H 380 -28.91 -35.71 72.36
N MET H 381 -29.15 -35.92 71.07
CA MET H 381 -28.37 -35.24 70.04
C MET H 381 -29.04 -33.95 69.57
N ILE H 382 -30.25 -33.72 70.05
CA ILE H 382 -31.00 -32.52 69.68
C ILE H 382 -30.70 -31.36 70.64
N GLY H 383 -30.01 -31.66 71.74
CA GLY H 383 -29.59 -30.66 72.69
C GLY H 383 -30.72 -30.03 73.47
N GLY H 384 -30.98 -28.74 73.22
CA GLY H 384 -31.97 -28.00 73.97
C GLY H 384 -33.38 -28.07 73.42
N LEU H 385 -33.62 -29.01 72.51
CA LEU H 385 -34.93 -29.20 71.93
C LEU H 385 -35.64 -30.42 72.53
N ARG H 386 -34.94 -31.12 73.41
CA ARG H 386 -35.50 -32.30 74.07
C ARG H 386 -36.72 -31.89 74.90
N ASN H 387 -36.51 -30.96 75.83
CA ASN H 387 -37.62 -30.37 76.57
C ASN H 387 -38.30 -29.31 75.72
N ASN H 388 -39.55 -29.55 75.35
CA ASN H 388 -40.26 -28.66 74.44
C ASN H 388 -41.39 -27.85 75.10
N ASN H 389 -41.01 -26.76 75.74
CA ASN H 389 -41.99 -25.82 76.28
C ASN H 389 -42.46 -24.88 75.19
N GLU H 390 -41.61 -24.70 74.18
CA GLU H 390 -41.91 -23.85 73.04
C GLU H 390 -41.40 -24.49 71.76
N LYS H 391 -41.90 -25.69 71.47
CA LYS H 391 -41.43 -26.48 70.33
C LYS H 391 -41.47 -25.71 69.01
N ASP H 392 -42.54 -24.95 68.79
CA ASP H 392 -42.71 -24.21 67.55
C ASP H 392 -41.59 -23.21 67.33
N MET H 393 -41.37 -22.33 68.31
CA MET H 393 -40.35 -21.29 68.20
C MET H 393 -38.94 -21.87 68.08
N ALA H 394 -38.68 -22.94 68.84
CA ALA H 394 -37.35 -23.56 68.84
C ALA H 394 -37.03 -24.25 67.53
N LEU H 395 -37.86 -25.20 67.13
CA LEU H 395 -37.63 -25.98 65.92
C LEU H 395 -37.57 -25.10 64.67
N THR H 396 -38.48 -24.13 64.59
CA THR H 396 -38.53 -23.23 63.45
C THR H 396 -37.24 -22.40 63.36
N ALA H 397 -36.68 -22.07 64.52
CA ALA H 397 -35.44 -21.29 64.57
C ALA H 397 -34.24 -22.15 64.22
N PHE H 398 -34.26 -23.41 64.65
CA PHE H 398 -33.17 -24.33 64.38
C PHE H 398 -33.03 -24.61 62.88
N VAL H 399 -34.15 -24.99 62.26
CA VAL H 399 -34.16 -25.28 60.83
C VAL H 399 -33.83 -24.03 60.02
N LEU H 400 -34.32 -22.89 60.49
CA LEU H 400 -34.11 -21.62 59.82
C LEU H 400 -32.63 -21.27 59.72
N ILE H 401 -31.92 -21.41 60.84
CA ILE H 401 -30.49 -21.12 60.89
C ILE H 401 -29.72 -22.01 59.90
N SER H 402 -30.12 -23.27 59.81
CA SER H 402 -29.48 -24.21 58.90
C SER H 402 -29.62 -23.77 57.45
N LEU H 403 -30.78 -23.20 57.12
CA LEU H 403 -31.05 -22.74 55.76
C LEU H 403 -30.20 -21.53 55.40
N GLN H 404 -30.01 -20.64 56.37
CA GLN H 404 -29.26 -19.40 56.14
C GLN H 404 -27.77 -19.66 56.03
N GLU H 405 -27.32 -20.82 56.54
CA GLU H 405 -25.92 -21.18 56.46
C GLU H 405 -25.61 -21.86 55.13
N ALA H 406 -26.66 -22.24 54.41
CA ALA H 406 -26.52 -22.86 53.10
C ALA H 406 -27.15 -21.99 52.02
N LYS H 407 -27.50 -20.76 52.39
CA LYS H 407 -28.13 -19.83 51.46
C LYS H 407 -27.17 -19.42 50.35
N ASP H 408 -25.91 -19.19 50.71
CA ASP H 408 -24.90 -18.77 49.74
C ASP H 408 -24.59 -19.87 48.75
N ILE H 409 -24.92 -21.11 49.10
CA ILE H 409 -24.64 -22.26 48.25
C ILE H 409 -25.85 -22.65 47.40
N CYS H 410 -27.00 -22.81 48.05
CA CYS H 410 -28.21 -23.24 47.35
C CYS H 410 -29.00 -22.05 46.81
N GLU H 411 -28.30 -20.95 46.55
CA GLU H 411 -28.95 -19.76 46.01
C GLU H 411 -29.16 -19.91 44.50
N GLU H 412 -28.41 -20.84 43.90
CA GLU H 412 -28.50 -21.09 42.46
C GLU H 412 -29.60 -22.10 42.14
N GLN H 413 -29.64 -23.19 42.91
CA GLN H 413 -30.62 -24.24 42.68
C GLN H 413 -31.97 -23.89 43.30
N VAL H 414 -32.03 -23.88 44.62
CA VAL H 414 -33.27 -23.56 45.33
C VAL H 414 -33.67 -22.11 45.10
N ASN H 415 -34.79 -21.92 44.41
CA ASN H 415 -35.27 -20.58 44.10
C ASN H 415 -36.30 -20.07 45.10
N SER H 416 -36.88 -21.00 45.86
CA SER H 416 -37.89 -20.64 46.86
C SER H 416 -37.27 -20.49 48.24
N LEU H 417 -35.93 -20.42 48.29
CA LEU H 417 -35.22 -20.28 49.54
C LEU H 417 -35.42 -18.91 50.19
N PRO H 418 -35.19 -17.83 49.43
CA PRO H 418 -35.37 -16.49 49.99
C PRO H 418 -36.77 -16.29 50.54
N GLY H 419 -37.77 -16.83 49.84
CA GLY H 419 -39.15 -16.72 50.28
C GLY H 419 -39.40 -17.46 51.58
N SER H 420 -38.82 -18.66 51.69
CA SER H 420 -38.96 -19.47 52.89
C SER H 420 -38.29 -18.81 54.09
N ILE H 421 -37.11 -18.24 53.86
CA ILE H 421 -36.37 -17.56 54.91
C ILE H 421 -37.18 -16.41 55.51
N THR H 422 -37.89 -15.69 54.65
CA THR H 422 -38.71 -14.57 55.08
C THR H 422 -39.93 -15.05 55.88
N LYS H 423 -40.55 -16.13 55.42
CA LYS H 423 -41.71 -16.70 56.10
C LYS H 423 -41.40 -17.03 57.55
N ALA H 424 -40.34 -17.81 57.76
CA ALA H 424 -39.93 -18.20 59.10
C ALA H 424 -39.57 -16.99 59.94
N GLY H 425 -39.00 -15.97 59.31
CA GLY H 425 -38.62 -14.75 59.99
C GLY H 425 -39.81 -14.00 60.54
N ASP H 426 -40.84 -13.86 59.72
CA ASP H 426 -42.07 -13.18 60.13
C ASP H 426 -42.69 -13.86 61.34
N PHE H 427 -42.56 -15.18 61.40
CA PHE H 427 -43.12 -15.97 62.49
C PHE H 427 -42.39 -15.73 63.81
N LEU H 428 -41.08 -15.87 63.79
CA LEU H 428 -40.27 -15.71 65.00
C LEU H 428 -40.38 -14.30 65.58
N GLU H 429 -40.44 -13.31 64.70
CA GLU H 429 -40.49 -11.91 65.12
C GLU H 429 -41.82 -11.56 65.78
N ALA H 430 -42.85 -12.35 65.48
CA ALA H 430 -44.19 -12.08 66.01
C ALA H 430 -44.42 -12.74 67.37
N ASN H 431 -43.50 -13.60 67.79
CA ASN H 431 -43.66 -14.32 69.05
C ASN H 431 -42.42 -14.24 69.93
N TYR H 432 -41.42 -13.49 69.48
CA TYR H 432 -40.17 -13.37 70.20
C TYR H 432 -40.35 -12.61 71.52
N MET H 433 -41.38 -11.78 71.57
CA MET H 433 -41.67 -10.99 72.77
C MET H 433 -42.49 -11.78 73.78
N ASN H 434 -42.73 -13.04 73.48
CA ASN H 434 -43.57 -13.88 74.34
C ASN H 434 -42.82 -15.10 74.88
N LEU H 435 -41.55 -15.22 74.52
CA LEU H 435 -40.73 -16.34 74.95
C LEU H 435 -40.48 -16.29 76.46
N GLN H 436 -40.24 -17.45 77.05
CA GLN H 436 -40.00 -17.54 78.49
C GLN H 436 -38.64 -18.14 78.80
N ARG H 437 -38.26 -19.18 78.06
CA ARG H 437 -36.98 -19.85 78.27
C ARG H 437 -35.83 -19.06 77.65
N SER H 438 -34.74 -18.93 78.41
CA SER H 438 -33.56 -18.22 77.95
C SER H 438 -32.95 -18.92 76.74
N TYR H 439 -33.14 -20.23 76.66
CA TYR H 439 -32.62 -21.01 75.54
C TYR H 439 -33.29 -20.62 74.22
N THR H 440 -34.61 -20.66 74.20
CA THR H 440 -35.38 -20.32 73.01
C THR H 440 -35.09 -18.89 72.56
N VAL H 441 -34.91 -18.00 73.53
CA VAL H 441 -34.60 -16.60 73.24
C VAL H 441 -33.27 -16.46 72.50
N ALA H 442 -32.32 -17.33 72.85
CA ALA H 442 -30.99 -17.28 72.25
C ALA H 442 -30.98 -17.87 70.85
N ILE H 443 -31.58 -19.03 70.69
CA ILE H 443 -31.61 -19.72 69.40
C ILE H 443 -32.46 -18.96 68.38
N ALA H 444 -33.51 -18.32 68.84
CA ALA H 444 -34.39 -17.54 67.97
C ALA H 444 -33.80 -16.16 67.72
N GLY H 445 -33.04 -15.65 68.69
CA GLY H 445 -32.41 -14.36 68.56
C GLY H 445 -31.32 -14.34 67.51
N TYR H 446 -30.56 -15.44 67.44
CA TYR H 446 -29.50 -15.56 66.45
C TYR H 446 -30.08 -15.77 65.05
N ALA H 447 -31.27 -16.36 64.99
CA ALA H 447 -31.95 -16.57 63.73
C ALA H 447 -32.45 -15.26 63.16
N LEU H 448 -32.87 -14.35 64.04
CA LEU H 448 -33.35 -13.03 63.63
C LEU H 448 -32.17 -12.07 63.44
N ALA H 449 -31.06 -12.36 64.09
CA ALA H 449 -29.86 -11.53 63.98
C ALA H 449 -29.25 -11.63 62.59
N GLN H 450 -29.31 -12.82 62.01
CA GLN H 450 -28.79 -13.03 60.66
C GLN H 450 -29.58 -12.25 59.63
N MET H 451 -30.79 -11.85 59.99
CA MET H 451 -31.65 -11.08 59.11
C MET H 451 -31.61 -9.60 59.46
N GLY H 452 -30.97 -9.29 60.59
CA GLY H 452 -30.92 -7.91 61.06
C GLY H 452 -32.28 -7.44 61.51
N ARG H 453 -33.17 -8.39 61.77
CA ARG H 453 -34.53 -8.08 62.19
C ARG H 453 -34.68 -8.19 63.70
N LEU H 454 -33.55 -8.09 64.41
CA LEU H 454 -33.56 -8.13 65.87
C LEU H 454 -33.29 -6.74 66.43
N LYS H 455 -34.31 -5.89 66.40
CA LYS H 455 -34.17 -4.51 66.88
C LYS H 455 -35.28 -4.14 67.85
N GLY H 456 -35.18 -2.95 68.43
CA GLY H 456 -36.19 -2.46 69.34
C GLY H 456 -36.42 -3.36 70.55
N PRO H 457 -37.69 -3.60 70.87
CA PRO H 457 -38.09 -4.43 72.02
C PRO H 457 -37.49 -5.83 71.95
N LEU H 458 -37.43 -6.41 70.76
CA LEU H 458 -36.87 -7.74 70.58
C LEU H 458 -35.40 -7.78 70.97
N LEU H 459 -34.64 -6.80 70.51
CA LEU H 459 -33.22 -6.71 70.84
C LEU H 459 -33.03 -6.46 72.32
N ASN H 460 -33.93 -5.69 72.92
CA ASN H 460 -33.87 -5.38 74.34
C ASN H 460 -34.10 -6.61 75.20
N LYS H 461 -35.06 -7.45 74.79
CA LYS H 461 -35.37 -8.67 75.52
C LYS H 461 -34.22 -9.67 75.46
N PHE H 462 -33.61 -9.79 74.29
CA PHE H 462 -32.51 -10.72 74.08
C PHE H 462 -31.34 -10.43 75.01
N LEU H 463 -31.07 -9.17 75.25
CA LEU H 463 -29.95 -8.76 76.09
C LEU H 463 -30.26 -8.88 77.57
N THR H 464 -31.46 -8.48 77.95
CA THR H 464 -31.87 -8.50 79.36
C THR H 464 -32.06 -9.93 79.87
N THR H 465 -32.40 -10.84 78.97
CA THR H 465 -32.61 -12.23 79.34
C THR H 465 -31.37 -12.83 80.01
N ALA H 466 -30.20 -12.48 79.49
CA ALA H 466 -28.94 -12.96 80.03
C ALA H 466 -28.73 -12.49 81.47
N LYS H 467 -28.60 -13.44 82.38
CA LYS H 467 -28.36 -13.13 83.79
C LYS H 467 -26.92 -12.71 84.01
N ASP H 468 -26.72 -11.65 84.78
CA ASP H 468 -25.38 -11.12 85.05
C ASP H 468 -24.69 -10.66 83.77
N LYS H 469 -25.47 -10.56 82.69
CA LYS H 469 -24.95 -10.09 81.41
C LYS H 469 -23.74 -10.90 80.94
N ASN H 470 -23.87 -12.22 80.95
CA ASN H 470 -22.78 -13.09 80.52
C ASN H 470 -23.21 -14.53 80.21
N ARG H 471 -24.48 -14.84 80.44
CA ARG H 471 -24.97 -16.19 80.21
C ARG H 471 -26.49 -16.26 80.09
N TRP H 472 -26.96 -17.10 79.16
CA TRP H 472 -28.39 -17.36 78.99
C TRP H 472 -28.72 -18.71 79.58
N GLU H 473 -28.69 -18.81 80.91
CA GLU H 473 -28.86 -20.09 81.59
C GLU H 473 -30.32 -20.39 81.94
N ASP H 474 -30.65 -21.67 82.00
CA ASP H 474 -31.97 -22.12 82.43
C ASP H 474 -31.82 -23.20 83.51
N PRO H 475 -32.66 -23.10 84.55
CA PRO H 475 -32.61 -24.03 85.68
C PRO H 475 -32.70 -25.49 85.25
N GLY H 476 -31.54 -26.18 85.24
CA GLY H 476 -31.51 -27.58 84.91
C GLY H 476 -30.52 -27.94 83.81
N LYS H 477 -29.74 -28.99 84.05
CA LYS H 477 -28.80 -29.51 83.06
C LYS H 477 -27.68 -28.53 82.71
N GLN H 478 -26.72 -28.99 81.93
CA GLN H 478 -25.60 -28.17 81.49
C GLN H 478 -25.63 -28.01 79.97
N LEU H 479 -26.03 -29.06 79.29
CA LEU H 479 -26.14 -29.06 77.83
C LEU H 479 -27.01 -27.91 77.33
N TYR H 480 -28.08 -27.64 78.06
CA TYR H 480 -29.04 -26.60 77.67
C TYR H 480 -28.51 -25.20 77.96
N ASN H 481 -27.52 -25.11 78.84
CA ASN H 481 -26.93 -23.82 79.21
C ASN H 481 -25.84 -23.37 78.25
N VAL H 482 -24.81 -24.20 78.10
CA VAL H 482 -23.69 -23.88 77.22
C VAL H 482 -24.15 -23.65 75.78
N GLU H 483 -25.06 -24.49 75.32
CA GLU H 483 -25.58 -24.40 73.96
C GLU H 483 -26.32 -23.07 73.75
N ALA H 484 -27.18 -22.72 74.70
CA ALA H 484 -27.95 -21.48 74.61
C ALA H 484 -27.03 -20.27 74.51
N THR H 485 -26.07 -20.18 75.42
CA THR H 485 -25.12 -19.07 75.45
C THR H 485 -24.34 -18.98 74.14
N SER H 486 -24.09 -20.13 73.52
CA SER H 486 -23.37 -20.18 72.26
C SER H 486 -24.14 -19.48 71.14
N TYR H 487 -25.43 -19.81 71.04
CA TYR H 487 -26.29 -19.18 70.05
C TYR H 487 -26.37 -17.67 70.27
N ALA H 488 -26.37 -17.27 71.53
CA ALA H 488 -26.42 -15.85 71.89
C ALA H 488 -25.12 -15.15 71.51
N LEU H 489 -24.01 -15.84 71.69
CA LEU H 489 -22.69 -15.28 71.35
C LEU H 489 -22.60 -15.02 69.85
N LEU H 490 -23.05 -15.99 69.06
CA LEU H 490 -23.07 -15.85 67.61
C LEU H 490 -23.98 -14.72 67.18
N ALA H 491 -25.01 -14.46 68.00
CA ALA H 491 -25.94 -13.37 67.73
C ALA H 491 -25.30 -12.02 67.99
N LEU H 492 -24.54 -11.93 69.09
CA LEU H 492 -23.85 -10.70 69.45
C LEU H 492 -22.81 -10.35 68.39
N LEU H 493 -22.08 -11.36 67.93
CA LEU H 493 -21.07 -11.16 66.89
C LEU H 493 -21.72 -10.79 65.57
N GLN H 494 -22.94 -11.28 65.36
CA GLN H 494 -23.70 -10.97 64.16
C GLN H 494 -24.21 -9.54 64.20
N LEU H 495 -24.50 -9.05 65.40
CA LEU H 495 -24.98 -7.69 65.59
C LEU H 495 -23.82 -6.71 65.76
N LYS H 496 -22.60 -7.25 65.71
CA LYS H 496 -21.40 -6.44 65.86
C LYS H 496 -21.38 -5.66 67.16
N ASP H 497 -22.07 -6.18 68.17
CA ASP H 497 -22.09 -5.56 69.49
C ASP H 497 -20.98 -6.14 70.36
N PHE H 498 -19.73 -5.77 70.04
CA PHE H 498 -18.57 -6.32 70.74
C PHE H 498 -18.36 -5.67 72.11
N ASP H 499 -19.36 -4.92 72.57
CA ASP H 499 -19.30 -4.29 73.88
C ASP H 499 -19.97 -5.18 74.93
N PHE H 500 -20.74 -6.16 74.46
CA PHE H 500 -21.43 -7.08 75.34
C PHE H 500 -20.90 -8.50 75.14
N VAL H 501 -20.01 -8.64 74.16
CA VAL H 501 -19.43 -9.95 73.82
C VAL H 501 -18.41 -10.45 74.85
N PRO H 502 -17.45 -9.59 75.25
CA PRO H 502 -16.41 -10.01 76.19
C PRO H 502 -16.93 -10.75 77.43
N PRO H 503 -17.97 -10.22 78.10
CA PRO H 503 -18.47 -10.90 79.29
C PRO H 503 -18.98 -12.31 78.98
N VAL H 504 -19.57 -12.48 77.80
CA VAL H 504 -20.11 -13.78 77.39
C VAL H 504 -19.00 -14.78 77.08
N VAL H 505 -18.12 -14.42 76.15
CA VAL H 505 -17.01 -15.27 75.76
C VAL H 505 -16.18 -15.68 76.98
N ARG H 506 -16.02 -14.74 77.91
CA ARG H 506 -15.25 -14.99 79.13
C ARG H 506 -15.91 -16.08 79.98
N TRP H 507 -17.24 -16.09 79.98
CA TRP H 507 -17.99 -17.06 80.78
C TRP H 507 -17.82 -18.48 80.23
N LEU H 508 -17.76 -18.60 78.91
CA LEU H 508 -17.60 -19.91 78.27
C LEU H 508 -16.23 -20.49 78.55
N ASN H 509 -15.19 -19.69 78.33
CA ASN H 509 -13.81 -20.12 78.57
C ASN H 509 -13.55 -20.43 80.03
N GLU H 510 -14.21 -19.69 80.92
CA GLU H 510 -14.03 -19.87 82.36
C GLU H 510 -14.92 -20.99 82.90
N GLN H 511 -15.50 -21.76 81.99
CA GLN H 511 -16.34 -22.88 82.38
C GLN H 511 -15.69 -24.19 81.93
N ARG H 512 -14.75 -24.08 81.01
CA ARG H 512 -13.97 -25.22 80.53
C ARG H 512 -14.84 -26.40 80.11
N TYR H 513 -15.40 -26.30 78.90
CA TYR H 513 -16.19 -27.39 78.33
C TYR H 513 -15.61 -27.78 76.96
N TYR H 514 -14.80 -28.83 76.96
CA TYR H 514 -14.14 -29.27 75.74
C TYR H 514 -14.99 -30.25 74.94
N GLY H 515 -16.30 -30.21 75.17
CA GLY H 515 -17.23 -31.07 74.46
C GLY H 515 -17.00 -32.54 74.74
N GLY H 516 -17.57 -33.40 73.90
CA GLY H 516 -17.43 -34.83 74.06
C GLY H 516 -18.30 -35.38 75.17
N GLY H 517 -18.67 -36.65 75.04
CA GLY H 517 -19.51 -37.30 76.04
C GLY H 517 -20.87 -37.70 75.50
N TYR H 518 -21.79 -38.03 76.41
CA TYR H 518 -23.13 -38.45 76.02
C TYR H 518 -24.05 -37.26 75.81
N GLY H 519 -24.68 -37.21 74.63
CA GLY H 519 -25.61 -36.14 74.32
C GLY H 519 -24.95 -34.78 74.22
N SER H 520 -23.68 -34.77 73.84
CA SER H 520 -22.93 -33.52 73.71
C SER H 520 -22.81 -33.11 72.24
N THR H 521 -23.73 -33.60 71.42
CA THR H 521 -23.72 -33.31 69.99
C THR H 521 -23.94 -31.83 69.71
N GLN H 522 -24.95 -31.25 70.35
CA GLN H 522 -25.28 -29.85 70.14
C GLN H 522 -24.31 -28.89 70.82
N ALA H 523 -24.04 -29.15 72.09
CA ALA H 523 -23.13 -28.29 72.87
C ALA H 523 -21.77 -28.17 72.18
N THR H 524 -21.21 -29.30 71.78
CA THR H 524 -19.88 -29.31 71.16
C THR H 524 -19.85 -28.53 69.85
N PHE H 525 -20.81 -28.80 68.97
CA PHE H 525 -20.84 -28.18 67.65
C PHE H 525 -21.09 -26.68 67.72
N MET H 526 -21.71 -26.23 68.81
CA MET H 526 -22.06 -24.82 68.96
C MET H 526 -21.02 -24.02 69.74
N VAL H 527 -20.55 -24.59 70.86
CA VAL H 527 -19.60 -23.89 71.71
C VAL H 527 -18.29 -23.61 70.97
N PHE H 528 -17.93 -24.47 70.04
CA PHE H 528 -16.72 -24.29 69.25
C PHE H 528 -16.99 -23.47 67.99
N GLN H 529 -18.24 -23.48 67.54
CA GLN H 529 -18.64 -22.67 66.39
C GLN H 529 -18.68 -21.20 66.76
N ALA H 530 -19.02 -20.93 68.02
CA ALA H 530 -19.11 -19.57 68.52
C ALA H 530 -17.73 -19.00 68.84
N LEU H 531 -16.89 -19.81 69.46
CA LEU H 531 -15.54 -19.38 69.83
C LEU H 531 -14.65 -19.24 68.60
N ALA H 532 -14.91 -20.05 67.59
CA ALA H 532 -14.16 -19.98 66.33
C ALA H 532 -14.56 -18.73 65.56
N GLN H 533 -15.85 -18.45 65.52
CA GLN H 533 -16.37 -17.26 64.85
C GLN H 533 -15.94 -16.01 65.61
N TYR H 534 -15.66 -16.17 66.89
CA TYR H 534 -15.24 -15.07 67.74
C TYR H 534 -13.78 -14.68 67.46
N GLN H 535 -12.98 -15.65 67.06
CA GLN H 535 -11.56 -15.42 66.79
C GLN H 535 -11.36 -14.63 65.49
N LYS H 536 -12.40 -14.57 64.66
CA LYS H 536 -12.33 -13.83 63.42
C LYS H 536 -12.93 -12.44 63.55
N ASP H 537 -13.98 -12.33 64.36
CA ASP H 537 -14.70 -11.08 64.51
C ASP H 537 -14.21 -10.28 65.72
N ALA H 538 -13.25 -10.84 66.45
CA ALA H 538 -12.68 -10.16 67.60
C ALA H 538 -11.86 -8.95 67.18
N PRO H 539 -12.35 -7.74 67.46
CA PRO H 539 -11.66 -6.52 67.05
C PRO H 539 -10.27 -6.40 67.68
N ASP H 540 -9.22 -6.49 66.87
CA ASP H 540 -7.86 -6.29 67.35
C ASP H 540 -7.75 -4.88 67.93
N HIS H 541 -8.54 -3.97 67.38
CA HIS H 541 -8.56 -2.59 67.82
C HIS H 541 -9.95 -2.01 67.55
N GLN H 542 -10.06 -0.68 67.63
CA GLN H 542 -11.32 -0.02 67.32
C GLN H 542 -11.17 0.89 66.12
N GLU H 543 -12.29 1.21 65.47
CA GLU H 543 -12.28 2.05 64.28
C GLU H 543 -11.46 3.32 64.49
N LEU H 544 -10.31 3.38 63.83
CA LEU H 544 -9.43 4.54 63.92
C LEU H 544 -9.45 5.32 62.60
N ASN H 545 -10.38 6.26 62.48
CA ASN H 545 -10.51 7.07 61.27
C ASN H 545 -10.87 8.50 61.60
N LEU H 546 -9.89 9.28 62.03
CA LEU H 546 -10.11 10.68 62.39
C LEU H 546 -9.92 11.61 61.20
N ASP H 547 -10.92 12.45 60.96
CA ASP H 547 -10.86 13.43 59.88
C ASP H 547 -10.57 14.81 60.45
N VAL H 548 -9.37 14.98 60.99
CA VAL H 548 -8.97 16.24 61.62
C VAL H 548 -8.60 17.29 60.59
N SER H 549 -9.39 18.36 60.54
CA SER H 549 -9.13 19.46 59.62
C SER H 549 -8.98 20.78 60.37
N LEU H 550 -7.80 21.38 60.25
CA LEU H 550 -7.52 22.64 60.93
C LEU H 550 -7.35 23.79 59.94
N GLN H 551 -7.99 24.92 60.24
CA GLN H 551 -7.91 26.10 59.39
C GLN H 551 -7.25 27.26 60.12
N LEU H 552 -6.33 27.93 59.44
CA LEU H 552 -5.63 29.07 60.02
C LEU H 552 -6.14 30.39 59.45
N PRO H 553 -6.21 31.43 60.30
CA PRO H 553 -6.67 32.76 59.90
C PRO H 553 -5.85 33.31 58.73
N SER H 554 -4.54 33.02 58.74
CA SER H 554 -3.65 33.49 57.69
C SER H 554 -3.53 32.45 56.58
N ARG H 555 -4.67 31.89 56.17
CA ARG H 555 -4.69 30.89 55.11
C ARG H 555 -6.10 30.66 54.59
N SER H 556 -6.25 30.61 53.27
CA SER H 556 -7.55 30.44 52.65
C SER H 556 -8.12 29.03 52.89
N SER H 557 -7.61 28.06 52.15
CA SER H 557 -8.09 26.69 52.24
C SER H 557 -7.79 26.07 53.60
N LYS H 558 -8.43 24.93 53.89
CA LYS H 558 -8.23 24.23 55.14
C LYS H 558 -7.12 23.19 55.02
N ILE H 559 -6.70 22.63 56.15
CA ILE H 559 -5.70 21.57 56.15
C ILE H 559 -6.32 20.27 56.67
N THR H 560 -6.74 19.41 55.75
CA THR H 560 -7.43 18.18 56.11
C THR H 560 -6.49 16.98 56.18
N HIS H 561 -6.60 16.22 57.27
CA HIS H 561 -5.79 15.02 57.46
C HIS H 561 -6.64 13.87 58.01
N ARG H 562 -6.40 12.67 57.49
CA ARG H 562 -7.09 11.48 57.98
C ARG H 562 -6.10 10.50 58.60
N ILE H 563 -6.44 10.00 59.79
CA ILE H 563 -5.57 9.07 60.49
C ILE H 563 -6.21 7.68 60.57
N HIS H 564 -5.59 6.72 59.90
CA HIS H 564 -6.07 5.34 59.92
C HIS H 564 -5.22 4.46 60.81
N TRP H 565 -5.67 3.22 61.02
CA TRP H 565 -4.96 2.27 61.85
C TRP H 565 -3.56 1.98 61.31
N GLU H 566 -3.45 1.88 59.98
CA GLU H 566 -2.17 1.59 59.35
C GLU H 566 -1.23 2.78 59.42
N SER H 567 -1.77 3.98 59.20
CA SER H 567 -0.96 5.19 59.20
C SER H 567 -1.03 5.92 60.54
N ALA H 568 -1.18 5.17 61.62
CA ALA H 568 -1.23 5.75 62.95
C ALA H 568 0.18 6.10 63.44
N SER H 569 0.27 6.68 64.63
CA SER H 569 1.54 7.08 65.22
C SER H 569 2.43 7.82 64.22
N LEU H 570 1.80 8.66 63.39
CA LEU H 570 2.54 9.43 62.39
C LEU H 570 2.55 10.91 62.74
N LEU H 571 3.74 11.51 62.75
CA LEU H 571 3.89 12.92 63.08
C LEU H 571 3.60 13.82 61.88
N ARG H 572 2.35 14.23 61.74
CA ARG H 572 1.95 15.13 60.66
C ARG H 572 2.01 16.58 61.15
N SER H 573 3.09 17.27 60.81
CA SER H 573 3.30 18.63 61.29
C SER H 573 3.04 19.69 60.22
N GLU H 574 2.70 20.89 60.67
CA GLU H 574 2.47 22.02 59.78
C GLU H 574 3.07 23.29 60.35
N GLU H 575 3.99 23.91 59.61
CA GLU H 575 4.69 25.11 60.07
C GLU H 575 3.95 26.38 59.68
N THR H 576 4.07 27.40 60.52
CA THR H 576 3.48 28.70 60.23
C THR H 576 4.29 29.82 60.89
N LYS H 577 5.02 30.57 60.07
CA LYS H 577 5.89 31.64 60.57
C LYS H 577 5.09 32.75 61.23
N GLU H 578 3.77 32.72 61.09
CA GLU H 578 2.91 33.75 61.65
C GLU H 578 2.18 33.24 62.89
N ASN H 579 2.20 34.03 63.96
CA ASN H 579 1.56 33.66 65.21
C ASN H 579 0.10 34.11 65.26
N GLU H 580 -0.81 33.22 64.86
CA GLU H 580 -2.24 33.52 64.86
C GLU H 580 -3.01 32.53 65.73
N GLY H 581 -4.27 32.85 66.00
CA GLY H 581 -5.12 31.98 66.78
C GLY H 581 -5.98 31.10 65.90
N PHE H 582 -5.47 29.91 65.57
CA PHE H 582 -6.18 28.99 64.69
C PHE H 582 -7.12 28.08 65.48
N THR H 583 -7.93 27.32 64.74
CA THR H 583 -8.88 26.39 65.36
C THR H 583 -8.83 25.03 64.70
N VAL H 584 -8.76 23.98 65.51
CA VAL H 584 -8.70 22.61 65.01
C VAL H 584 -10.04 21.90 65.20
N THR H 585 -10.49 21.21 64.16
CA THR H 585 -11.76 20.50 64.22
C THR H 585 -11.61 19.03 63.84
N ALA H 586 -11.84 18.15 64.81
CA ALA H 586 -11.77 16.71 64.57
C ALA H 586 -13.16 16.14 64.31
N GLU H 587 -13.21 15.03 63.58
CA GLU H 587 -14.48 14.40 63.24
C GLU H 587 -14.30 12.94 62.83
N GLY H 588 -15.18 12.08 63.30
CA GLY H 588 -15.13 10.67 62.98
C GLY H 588 -14.92 9.80 64.20
N LYS H 589 -14.71 8.50 63.96
CA LYS H 589 -14.50 7.55 65.05
C LYS H 589 -13.01 7.30 65.26
N GLY H 590 -12.60 7.22 66.52
CA GLY H 590 -11.21 6.96 66.85
C GLY H 590 -10.68 7.84 67.96
N GLN H 591 -9.35 7.92 68.07
CA GLN H 591 -8.72 8.72 69.10
C GLN H 591 -7.29 9.09 68.71
N GLY H 592 -6.94 10.35 68.89
CA GLY H 592 -5.61 10.84 68.54
C GLY H 592 -5.05 11.80 69.58
N THR H 593 -4.10 12.63 69.15
CA THR H 593 -3.45 13.59 70.05
C THR H 593 -2.97 14.82 69.28
N LEU H 594 -3.29 15.99 69.82
CA LEU H 594 -2.87 17.26 69.21
C LEU H 594 -1.83 17.97 70.07
N SER H 595 -0.79 18.47 69.43
CA SER H 595 0.28 19.18 70.13
C SER H 595 0.77 20.37 69.32
N VAL H 596 0.81 21.54 69.97
CA VAL H 596 1.25 22.76 69.30
C VAL H 596 2.38 23.43 70.08
N VAL H 597 3.53 23.56 69.45
CA VAL H 597 4.70 24.19 70.08
C VAL H 597 5.34 25.21 69.15
N THR H 598 5.60 26.40 69.67
CA THR H 598 6.23 27.46 68.90
C THR H 598 7.70 27.61 69.26
N MET H 599 8.54 27.80 68.25
CA MET H 599 9.97 27.98 68.46
C MET H 599 10.40 29.38 68.06
N TYR H 600 11.25 30.00 68.88
CA TYR H 600 11.67 31.38 68.63
C TYR H 600 12.94 31.72 69.41
N HIS H 601 13.39 32.95 69.27
CA HIS H 601 14.55 33.44 70.01
C HIS H 601 14.10 34.35 71.14
N ALA H 602 14.32 33.90 72.39
CA ALA H 602 13.88 34.64 73.56
C ALA H 602 14.94 35.61 74.04
N LYS H 603 14.50 36.76 74.53
CA LYS H 603 15.41 37.78 75.07
C LYS H 603 15.82 37.40 76.49
N ALA H 604 16.46 36.24 76.63
CA ALA H 604 16.88 35.75 77.93
C ALA H 604 17.90 36.68 78.56
N LYS H 605 19.05 36.81 77.89
CA LYS H 605 20.17 37.61 78.38
C LYS H 605 19.74 38.65 79.40
N ASP H 606 20.06 38.42 80.68
CA ASP H 606 20.84 37.26 81.15
C ASP H 606 22.24 37.12 80.55
N GLN H 607 22.76 35.90 80.55
CA GLN H 607 24.10 35.60 80.05
C GLN H 607 24.42 36.37 78.77
N LEU H 608 25.53 37.10 78.73
CA LEU H 608 26.53 37.14 79.80
C LEU H 608 27.09 35.75 80.10
N THR H 609 27.44 35.03 79.05
CA THR H 609 27.93 33.66 79.18
C THR H 609 29.34 33.60 79.75
N CYS H 610 30.30 33.29 78.88
CA CYS H 610 31.70 33.12 79.28
C CYS H 610 31.86 31.85 80.11
N ASN H 611 30.75 31.35 80.65
CA ASN H 611 30.71 30.09 81.37
C ASN H 611 31.68 29.98 82.55
N LYS H 612 32.36 28.84 82.65
CA LYS H 612 33.20 28.55 83.81
C LYS H 612 34.58 29.18 83.72
N PHE H 613 34.64 30.42 83.23
CA PHE H 613 35.91 31.14 83.13
C PHE H 613 35.72 32.65 83.28
N ASP H 614 36.65 33.28 83.98
CA ASP H 614 36.65 34.72 84.14
C ASP H 614 37.94 35.31 83.59
N LEU H 615 37.95 35.60 82.29
CA LEU H 615 39.14 36.08 81.62
C LEU H 615 39.22 37.61 81.59
N LYS H 616 40.28 38.15 82.17
CA LYS H 616 40.51 39.59 82.14
C LYS H 616 41.85 39.89 81.49
N VAL H 617 41.82 40.60 80.36
CA VAL H 617 43.03 40.93 79.62
C VAL H 617 43.25 42.44 79.57
N THR H 618 44.49 42.86 79.83
CA THR H 618 44.84 44.27 79.82
C THR H 618 46.19 44.52 79.18
N ILE H 619 46.29 45.60 78.40
CA ILE H 619 47.53 45.97 77.75
C ILE H 619 48.01 47.33 78.25
N LYS H 620 49.30 47.43 78.57
CA LYS H 620 49.87 48.66 79.10
C LYS H 620 51.27 48.92 78.56
N PRO H 621 51.63 50.20 78.41
CA PRO H 621 52.94 50.61 77.90
C PRO H 621 54.09 50.14 78.80
N ALA H 622 55.31 50.42 78.40
CA ALA H 622 56.49 50.03 79.17
C ALA H 622 57.25 51.26 79.67
N PRO H 623 57.94 51.11 80.80
CA PRO H 623 58.73 52.19 81.39
C PRO H 623 59.73 52.79 80.41
N LYS H 633 59.65 47.87 69.15
CA LYS H 633 59.70 49.33 69.16
C LYS H 633 59.07 49.89 70.42
N ASN H 634 57.74 49.98 70.43
CA ASN H 634 57.00 50.52 71.57
C ASN H 634 57.04 49.58 72.77
N THR H 635 56.87 48.29 72.50
CA THR H 635 56.83 47.24 73.53
C THR H 635 55.83 47.53 74.66
N MET H 636 55.03 46.51 75.00
CA MET H 636 54.02 46.67 76.03
C MET H 636 53.92 45.42 76.91
N ILE H 637 53.11 45.50 77.96
CA ILE H 637 52.93 44.38 78.88
C ILE H 637 51.53 43.80 78.76
N LEU H 638 51.45 42.48 78.58
CA LEU H 638 50.17 41.80 78.44
C LEU H 638 49.88 40.89 79.63
N GLU H 639 49.07 41.38 80.56
CA GLU H 639 48.70 40.60 81.73
C GLU H 639 47.39 39.87 81.51
N ILE H 640 47.39 38.57 81.73
CA ILE H 640 46.22 37.73 81.51
C ILE H 640 45.81 36.97 82.76
N CYS H 641 44.70 37.39 83.36
CA CYS H 641 44.18 36.73 84.56
C CYS H 641 43.03 35.80 84.19
N THR H 642 42.90 34.70 84.93
CA THR H 642 41.85 33.72 84.64
C THR H 642 41.40 32.99 85.91
N ARG H 643 40.13 32.60 85.93
CA ARG H 643 39.58 31.85 87.05
C ARG H 643 38.57 30.83 86.54
N TYR H 644 38.26 29.83 87.36
CA TYR H 644 37.33 28.78 86.96
C TYR H 644 36.11 28.74 87.88
N ARG H 645 34.92 28.70 87.28
CA ARG H 645 33.68 28.62 88.05
C ARG H 645 33.30 27.17 88.33
N GLY H 646 33.76 26.67 89.48
CA GLY H 646 33.46 25.31 89.88
C GLY H 646 33.96 25.00 91.28
N ASP H 647 33.70 23.77 91.74
CA ASP H 647 34.12 23.35 93.06
C ASP H 647 35.43 22.57 92.99
N GLN H 648 35.96 22.43 91.77
CA GLN H 648 37.19 21.67 91.57
C GLN H 648 38.17 22.47 90.71
N ASP H 649 39.43 22.50 91.13
CA ASP H 649 40.47 23.15 90.35
C ASP H 649 40.51 22.57 88.94
N ALA H 650 40.07 23.36 87.97
CA ALA H 650 40.00 22.91 86.58
C ALA H 650 41.29 22.21 86.16
N THR H 651 41.13 21.14 85.38
CA THR H 651 42.28 20.36 84.93
C THR H 651 43.13 21.11 83.91
N MET H 652 43.55 20.40 82.87
CA MET H 652 44.41 21.00 81.84
C MET H 652 43.61 21.93 80.93
N SER H 653 44.09 23.17 80.82
CA SER H 653 43.42 24.17 80.00
C SER H 653 44.35 24.68 78.89
N ILE H 654 43.78 25.43 77.96
CA ILE H 654 44.54 25.94 76.82
C ILE H 654 44.47 27.47 76.73
N LEU H 655 45.59 28.09 76.37
CA LEU H 655 45.64 29.54 76.20
C LEU H 655 45.93 29.90 74.74
N ASP H 656 44.87 30.09 73.96
CA ASP H 656 45.01 30.47 72.55
C ASP H 656 45.07 31.99 72.42
N ILE H 657 46.29 32.52 72.32
CA ILE H 657 46.49 33.97 72.23
C ILE H 657 46.81 34.40 70.80
N SER H 658 46.27 35.54 70.40
CA SER H 658 46.53 36.09 69.07
C SER H 658 47.08 37.51 69.18
N MET H 659 48.34 37.67 68.80
CA MET H 659 49.00 38.97 68.87
C MET H 659 48.36 40.00 67.94
N MET H 660 48.58 41.27 68.26
CA MET H 660 48.11 42.35 67.41
C MET H 660 49.04 42.50 66.21
N THR H 661 48.48 42.86 65.06
CA THR H 661 49.27 42.98 63.84
C THR H 661 50.45 43.93 64.03
N GLY H 662 51.66 43.38 63.96
CA GLY H 662 52.87 44.17 64.14
C GLY H 662 53.49 43.98 65.51
N PHE H 663 52.97 43.01 66.26
CA PHE H 663 53.48 42.73 67.60
C PHE H 663 53.86 41.26 67.76
N ALA H 664 54.89 41.01 68.57
CA ALA H 664 55.34 39.65 68.83
C ALA H 664 55.82 39.52 70.27
N PRO H 665 55.48 38.39 70.91
CA PRO H 665 55.84 38.12 72.31
C PRO H 665 57.35 38.15 72.52
N ASP H 666 57.78 38.58 73.70
CA ASP H 666 59.19 38.62 74.03
C ASP H 666 59.71 37.22 74.32
N THR H 667 60.65 36.75 73.51
CA THR H 667 61.20 35.40 73.63
C THR H 667 61.70 35.12 75.03
N ASP H 668 62.44 36.06 75.60
CA ASP H 668 63.01 35.89 76.94
C ASP H 668 61.95 35.57 77.99
N ASP H 669 60.83 36.29 77.93
CA ASP H 669 59.74 36.09 78.88
C ASP H 669 59.04 34.75 78.67
N LEU H 670 59.05 34.27 77.44
CA LEU H 670 58.41 33.00 77.10
C LEU H 670 59.18 31.84 77.74
N LYS H 671 60.50 31.95 77.77
CA LYS H 671 61.34 30.92 78.39
C LYS H 671 61.08 30.83 79.89
N GLN H 672 60.80 31.98 80.50
CA GLN H 672 60.54 32.04 81.93
C GLN H 672 59.23 31.32 82.28
N LEU H 673 58.22 31.52 81.45
CA LEU H 673 56.92 30.91 81.68
C LEU H 673 56.91 29.44 81.30
N ALA H 674 57.78 29.07 80.36
CA ALA H 674 57.87 27.68 79.90
C ALA H 674 58.45 26.78 80.99
N ASN H 675 59.52 27.23 81.62
CA ASN H 675 60.18 26.46 82.67
C ASN H 675 59.39 26.47 83.98
N GLY H 676 58.42 27.36 84.06
CA GLY H 676 57.59 27.48 85.25
C GLY H 676 56.76 26.23 85.51
N VAL H 677 56.29 26.09 86.74
CA VAL H 677 55.48 24.94 87.13
C VAL H 677 54.05 25.10 86.64
N ASP H 678 53.44 23.98 86.24
CA ASP H 678 52.06 23.98 85.76
C ASP H 678 51.91 24.77 84.47
N ARG H 679 53.02 24.99 83.77
CA ARG H 679 53.00 25.70 82.50
C ARG H 679 53.93 25.04 81.49
N TYR H 680 53.50 24.99 80.23
CA TYR H 680 54.27 24.34 79.18
C TYR H 680 53.98 24.97 77.81
N ILE H 681 55.05 25.19 77.04
CA ILE H 681 54.91 25.73 75.70
C ILE H 681 55.67 24.86 74.70
N SER H 682 54.97 24.41 73.66
CA SER H 682 55.55 23.52 72.66
C SER H 682 56.87 24.03 72.12
N LYS H 683 57.87 23.15 72.06
CA LYS H 683 59.19 23.50 71.55
C LYS H 683 59.09 24.08 70.14
N TYR H 684 58.15 23.57 69.36
CA TYR H 684 57.93 24.03 68.00
C TYR H 684 57.52 25.50 67.95
N GLU H 685 57.05 26.01 69.09
CA GLU H 685 56.58 27.39 69.16
C GLU H 685 57.68 28.34 69.62
N LEU H 686 58.58 27.85 70.46
CA LEU H 686 59.67 28.67 70.98
C LEU H 686 60.59 29.16 69.87
N ASP H 687 61.00 28.25 68.99
CA ASP H 687 61.93 28.58 67.91
C ASP H 687 61.21 29.10 66.67
N LYS H 688 60.77 30.35 66.72
CA LYS H 688 60.12 30.98 65.58
C LYS H 688 60.62 32.40 65.38
N ALA H 689 61.33 32.93 66.39
CA ALA H 689 61.85 34.29 66.34
C ALA H 689 60.74 35.29 66.07
N PHE H 690 61.11 36.51 65.69
CA PHE H 690 60.15 37.55 65.36
C PHE H 690 59.64 37.40 63.93
N SER H 691 59.88 36.22 63.35
CA SER H 691 59.42 35.95 61.99
C SER H 691 57.91 35.97 61.93
N ASP H 692 57.28 34.91 62.43
CA ASP H 692 55.82 34.80 62.43
C ASP H 692 55.29 34.11 63.69
N ARG H 693 55.35 34.82 64.81
CA ARG H 693 54.78 34.31 66.05
C ARG H 693 53.58 35.14 66.47
N ASN H 694 52.66 35.36 65.55
CA ASN H 694 51.45 36.12 65.82
C ASN H 694 50.39 35.29 66.52
N THR H 695 50.71 34.01 66.71
CA THR H 695 49.80 33.09 67.39
C THR H 695 50.55 32.25 68.42
N LEU H 696 50.13 32.37 69.68
CA LEU H 696 50.79 31.65 70.77
C LEU H 696 49.81 30.77 71.53
N ILE H 697 50.28 29.58 71.91
CA ILE H 697 49.46 28.65 72.68
C ILE H 697 50.20 28.19 73.93
N ILE H 698 49.70 28.60 75.10
CA ILE H 698 50.31 28.23 76.37
C ILE H 698 49.46 27.21 77.11
N TYR H 699 49.92 25.96 77.12
CA TYR H 699 49.21 24.89 77.79
C TYR H 699 49.31 25.01 79.30
N LEU H 700 48.16 24.95 79.98
CA LEU H 700 48.13 25.02 81.44
C LEU H 700 47.77 23.67 82.04
N ASP H 701 48.34 23.37 83.19
CA ASP H 701 48.07 22.11 83.88
C ASP H 701 46.84 22.20 84.76
N LYS H 702 46.63 23.37 85.37
CA LYS H 702 45.49 23.58 86.25
C LYS H 702 45.24 25.06 86.52
N VAL H 703 44.00 25.40 86.81
CA VAL H 703 43.63 26.77 87.18
C VAL H 703 42.67 26.78 88.36
N SER H 704 43.14 27.30 89.49
CA SER H 704 42.34 27.33 90.71
C SER H 704 40.98 27.99 90.50
N HIS H 705 39.99 27.54 91.27
CA HIS H 705 38.64 28.10 91.19
C HIS H 705 38.43 29.15 92.27
N SER H 706 39.45 29.36 93.10
CA SER H 706 39.38 30.34 94.18
C SER H 706 39.80 31.71 93.68
N GLU H 707 41.11 31.93 93.58
CA GLU H 707 41.64 33.20 93.11
C GLU H 707 41.90 33.16 91.61
N ASP H 708 42.63 34.15 91.11
CA ASP H 708 42.93 34.23 89.68
C ASP H 708 44.39 33.94 89.38
N ASP H 709 44.63 32.93 88.54
CA ASP H 709 45.98 32.59 88.11
C ASP H 709 46.43 33.51 86.99
N CYS H 710 47.01 34.65 87.36
CA CYS H 710 47.39 35.66 86.38
C CYS H 710 48.86 35.54 85.97
N LEU H 711 49.10 35.67 84.67
CA LEU H 711 50.45 35.68 84.12
C LEU H 711 50.63 36.87 83.18
N ALA H 712 51.86 37.09 82.73
CA ALA H 712 52.14 38.21 81.85
C ALA H 712 53.45 38.06 81.09
N PHE H 713 53.56 38.74 79.96
CA PHE H 713 54.78 38.72 79.16
C PHE H 713 54.84 39.92 78.22
N LYS H 714 56.05 40.43 77.99
CA LYS H 714 56.24 41.60 77.14
C LYS H 714 55.90 41.30 75.68
N VAL H 715 55.53 42.33 74.95
CA VAL H 715 55.20 42.20 73.52
C VAL H 715 55.75 43.37 72.71
N HIS H 716 56.84 43.12 71.99
CA HIS H 716 57.49 44.15 71.22
C HIS H 716 56.80 44.38 69.88
N GLN H 717 57.04 45.55 69.28
CA GLN H 717 56.47 45.88 67.97
C GLN H 717 57.54 45.83 66.89
N TYR H 718 57.58 44.71 66.16
CA TYR H 718 58.58 44.52 65.11
C TYR H 718 58.20 45.24 63.83
N PHE H 719 56.89 45.38 63.60
CA PHE H 719 56.40 46.04 62.39
C PHE H 719 55.39 47.13 62.74
N ASN H 720 55.59 48.31 62.17
CA ASN H 720 54.72 49.44 62.44
C ASN H 720 53.75 49.71 61.29
N VAL H 721 52.46 49.84 61.63
CA VAL H 721 51.43 50.10 60.64
C VAL H 721 50.20 50.73 61.29
N GLU H 722 49.61 51.72 60.62
CA GLU H 722 48.43 52.39 61.14
C GLU H 722 47.23 51.45 61.19
N LEU H 723 46.29 51.73 62.09
CA LEU H 723 45.10 50.92 62.24
C LEU H 723 45.44 49.45 62.48
N ILE H 724 45.87 49.13 63.70
CA ILE H 724 46.23 47.77 64.05
C ILE H 724 45.01 46.96 64.46
N GLN H 725 45.11 45.64 64.32
CA GLN H 725 44.00 44.74 64.63
C GLN H 725 44.07 44.23 66.06
N PRO H 726 42.95 44.32 66.78
CA PRO H 726 42.86 43.89 68.18
C PRO H 726 43.22 42.42 68.36
N GLY H 727 43.83 42.09 69.49
CA GLY H 727 44.19 40.71 69.80
C GLY H 727 43.07 40.00 70.53
N ALA H 728 43.27 38.72 70.82
CA ALA H 728 42.26 37.93 71.51
C ALA H 728 42.86 36.76 72.28
N VAL H 729 42.27 36.46 73.43
CA VAL H 729 42.70 35.34 74.26
C VAL H 729 41.53 34.41 74.54
N LYS H 730 41.75 33.11 74.39
CA LYS H 730 40.70 32.13 74.62
C LYS H 730 41.13 31.05 75.59
N VAL H 731 40.22 30.68 76.50
CA VAL H 731 40.52 29.65 77.50
C VAL H 731 39.45 28.56 77.48
N TYR H 732 39.89 27.32 77.64
CA TYR H 732 38.97 26.18 77.64
C TYR H 732 39.68 24.89 78.07
N ALA H 733 38.89 23.88 78.41
CA ALA H 733 39.43 22.58 78.83
C ALA H 733 39.77 21.73 77.61
N TYR H 734 40.52 20.65 77.85
CA TYR H 734 40.95 19.77 76.77
C TYR H 734 39.84 18.84 76.33
N TYR H 735 38.81 18.72 77.16
CA TYR H 735 37.69 17.83 76.86
C TYR H 735 36.47 18.59 76.34
N ASN H 736 36.29 19.82 76.81
CA ASN H 736 35.16 20.63 76.40
C ASN H 736 35.59 21.92 75.71
N LEU H 737 35.29 22.02 74.42
CA LEU H 737 35.68 23.18 73.62
C LEU H 737 34.56 24.22 73.62
N GLU H 738 33.32 23.76 73.47
CA GLU H 738 32.17 24.65 73.41
C GLU H 738 32.15 25.64 74.57
N GLU H 739 32.27 25.13 75.79
CA GLU H 739 32.28 25.98 76.97
C GLU H 739 33.62 26.69 77.14
N SER H 740 33.69 27.93 76.65
CA SER H 740 34.92 28.71 76.73
C SER H 740 34.62 30.20 76.82
N CYS H 741 35.67 31.01 76.94
CA CYS H 741 35.53 32.45 77.01
C CYS H 741 36.64 33.15 76.24
N THR H 742 36.27 34.10 75.40
CA THR H 742 37.23 34.83 74.58
C THR H 742 37.14 36.34 74.80
N ARG H 743 38.27 36.94 75.14
CA ARG H 743 38.33 38.38 75.36
C ARG H 743 39.28 39.04 74.36
N PHE H 744 39.04 40.32 74.07
CA PHE H 744 39.88 41.06 73.14
C PHE H 744 40.61 42.19 73.84
N TYR H 745 41.81 42.51 73.37
CA TYR H 745 42.59 43.60 73.95
C TYR H 745 43.10 44.55 72.87
N HIS H 746 43.08 45.84 73.18
CA HIS H 746 43.51 46.86 72.24
C HIS H 746 44.08 48.06 72.99
N PRO H 747 45.18 48.63 72.48
CA PRO H 747 45.86 49.78 73.10
C PRO H 747 44.90 50.93 73.37
N GLU H 748 44.05 51.25 72.39
CA GLU H 748 43.12 52.36 72.52
C GLU H 748 41.70 51.88 72.79
N LYS H 749 41.12 51.21 71.80
CA LYS H 749 39.75 50.71 71.90
C LYS H 749 39.55 49.89 73.17
N GLU H 750 38.52 50.25 73.94
CA GLU H 750 38.21 49.56 75.19
C GLU H 750 37.87 48.09 74.96
N ASP H 751 38.32 47.24 75.88
CA ASP H 751 38.07 45.80 75.81
C ASP H 751 38.18 45.21 74.41
N GLY H 752 39.08 45.77 73.60
CA GLY H 752 39.37 45.24 72.28
C GLY H 752 38.19 45.15 71.34
N LYS H 753 37.15 45.94 71.60
CA LYS H 753 35.97 45.95 70.72
C LYS H 753 36.14 46.93 69.57
N LEU H 754 35.44 46.67 68.47
CA LEU H 754 35.54 47.51 67.29
C LEU H 754 34.46 48.58 67.27
N ASN H 755 34.80 49.74 66.72
CA ASN H 755 33.87 50.86 66.60
C ASN H 755 32.71 50.51 65.66
N LYS H 756 31.50 50.44 66.23
CA LYS H 756 30.31 50.12 65.45
C LYS H 756 29.06 50.72 66.07
N LEU H 757 28.35 51.51 65.27
CA LEU H 757 27.12 52.15 65.74
C LEU H 757 26.02 51.12 65.94
N CYS H 758 25.61 50.92 67.19
CA CYS H 758 24.60 49.92 67.52
C CYS H 758 23.32 50.55 68.07
N ARG H 759 22.20 49.87 67.84
CA ARG H 759 20.90 50.31 68.33
C ARG H 759 19.93 49.13 68.34
N ASP H 760 19.50 48.75 69.53
CA ASP H 760 18.65 47.57 69.70
C ASP H 760 19.41 46.32 69.28
N GLU H 761 19.23 45.91 68.03
CA GLU H 761 19.95 44.76 67.48
C GLU H 761 20.34 45.00 66.03
N LEU H 762 20.74 46.22 65.72
CA LEU H 762 21.19 46.58 64.38
C LEU H 762 22.45 47.44 64.45
N CYS H 763 23.57 46.86 64.04
CA CYS H 763 24.85 47.56 64.09
C CYS H 763 25.47 47.71 62.71
N ARG H 764 25.99 48.90 62.41
CA ARG H 764 26.69 49.15 61.15
C ARG H 764 28.14 49.49 61.43
N CYS H 765 29.05 48.87 60.69
CA CYS H 765 30.48 49.05 60.91
C CYS H 765 30.89 50.52 60.76
N ALA H 766 31.55 51.05 61.79
CA ALA H 766 31.99 52.44 61.79
C ALA H 766 33.51 52.55 61.75
N GLU H 767 34.16 51.49 61.29
CA GLU H 767 35.62 51.48 61.16
C GLU H 767 36.06 52.15 59.87
N GLU H 768 35.72 53.42 59.72
CA GLU H 768 36.07 54.18 58.53
C GLU H 768 36.45 55.62 58.88
N ASN H 769 36.62 56.44 57.85
CA ASN H 769 36.99 57.84 58.05
C ASN H 769 35.86 58.65 58.68
N CYS H 770 36.20 59.81 59.23
CA CYS H 770 35.21 60.68 59.87
C CYS H 770 34.22 61.23 58.86
N PHE H 771 34.74 61.95 57.86
CA PHE H 771 33.91 62.50 56.80
C PHE H 771 34.62 62.44 55.45
N ILE H 772 34.16 63.24 54.49
CA ILE H 772 34.70 63.20 53.14
C ILE H 772 36.19 63.54 53.11
N GLN H 773 36.51 64.84 53.10
CA GLN H 773 37.89 65.29 53.01
C GLN H 773 38.10 66.63 53.69
N LYS H 774 39.03 67.42 53.17
CA LYS H 774 39.34 68.72 53.74
C LYS H 774 38.96 69.85 52.77
N ASP H 777 42.36 71.37 46.98
CA ASP H 777 42.79 72.00 48.22
C ASP H 777 42.21 73.41 48.36
N LYS H 778 41.34 73.78 47.41
CA LYS H 778 40.72 75.10 47.43
C LYS H 778 39.21 74.99 47.34
N VAL H 779 38.71 73.82 46.96
CA VAL H 779 37.28 73.58 46.78
C VAL H 779 36.52 74.82 46.29
N THR H 780 36.66 75.10 45.00
CA THR H 780 36.00 76.26 44.39
C THR H 780 34.48 76.08 44.35
N LEU H 781 33.80 77.04 43.75
CA LEU H 781 32.35 77.01 43.65
C LEU H 781 31.89 75.78 42.86
N GLU H 782 32.49 75.58 41.69
CA GLU H 782 32.15 74.45 40.83
C GLU H 782 32.39 73.12 41.54
N GLU H 783 33.38 73.10 42.43
CA GLU H 783 33.70 71.89 43.18
C GLU H 783 32.52 71.41 44.00
N ARG H 784 31.85 72.36 44.67
CA ARG H 784 30.72 72.03 45.52
C ARG H 784 29.48 71.66 44.70
N LEU H 785 29.33 72.31 43.56
CA LEU H 785 28.18 72.05 42.68
C LEU H 785 28.11 70.59 42.26
N ASP H 786 29.23 70.07 41.75
CA ASP H 786 29.29 68.69 41.27
C ASP H 786 29.22 67.70 42.42
N LYS H 787 29.91 68.01 43.51
CA LYS H 787 29.94 67.12 44.68
C LYS H 787 28.61 67.10 45.42
N ALA H 788 27.75 68.07 45.14
CA ALA H 788 26.44 68.15 45.78
C ALA H 788 25.34 67.58 44.90
N CYS H 789 25.63 67.44 43.62
CA CYS H 789 24.65 66.91 42.66
C CYS H 789 24.97 65.47 42.27
N GLU H 790 25.82 64.82 43.05
CA GLU H 790 26.14 63.41 42.82
C GLU H 790 24.93 62.54 43.08
N PRO H 791 24.81 61.43 42.35
CA PRO H 791 23.68 60.51 42.50
C PRO H 791 23.50 60.06 43.94
N GLY H 792 24.60 60.01 44.69
CA GLY H 792 24.55 59.58 46.07
C GLY H 792 24.00 60.63 47.01
N VAL H 793 24.40 61.88 46.80
CA VAL H 793 23.95 62.98 47.64
C VAL H 793 22.43 63.10 47.63
N ASP H 794 21.83 62.98 48.81
CA ASP H 794 20.38 63.03 48.94
C ASP H 794 19.92 64.35 49.56
N TYR H 795 20.51 64.69 50.70
CA TYR H 795 20.10 65.88 51.43
C TYR H 795 21.21 66.93 51.49
N VAL H 796 20.84 68.20 51.33
CA VAL H 796 21.78 69.30 51.42
C VAL H 796 21.18 70.43 52.27
N TYR H 797 21.60 70.50 53.53
CA TYR H 797 21.05 71.49 54.45
C TYR H 797 22.11 72.45 54.97
N LYS H 798 21.65 73.64 55.40
CA LYS H 798 22.49 74.58 56.11
C LYS H 798 21.99 74.66 57.54
N THR H 799 22.59 73.86 58.42
CA THR H 799 22.08 73.72 59.78
C THR H 799 22.86 74.55 60.80
N ARG H 800 22.32 74.64 62.01
CA ARG H 800 22.95 75.37 63.10
C ARG H 800 23.02 74.48 64.34
N LEU H 801 24.24 74.21 64.79
CA LEU H 801 24.46 73.35 65.94
C LEU H 801 23.81 73.92 67.21
N VAL H 802 22.68 73.36 67.60
CA VAL H 802 21.96 73.83 68.78
C VAL H 802 22.53 73.25 70.06
N LYS H 803 22.44 71.93 70.20
CA LYS H 803 22.91 71.25 71.40
C LYS H 803 23.81 70.06 71.05
N VAL H 804 24.79 69.79 71.91
CA VAL H 804 25.70 68.68 71.70
C VAL H 804 25.59 67.66 72.84
N GLN H 805 24.96 66.52 72.56
CA GLN H 805 24.75 65.49 73.56
C GLN H 805 25.59 64.25 73.29
N LEU H 806 26.30 63.77 74.31
CA LEU H 806 27.01 62.51 74.21
C LEU H 806 26.42 61.53 75.22
N SER H 807 25.88 60.42 74.73
CA SER H 807 25.20 59.46 75.59
C SER H 807 25.53 58.01 75.24
N ASN H 808 26.35 57.40 76.08
CA ASN H 808 26.69 55.98 75.94
C ASN H 808 27.09 55.57 74.53
N ASP H 809 26.23 54.78 73.89
CA ASP H 809 26.52 54.22 72.56
C ASP H 809 26.66 55.30 71.48
N PHE H 810 25.54 55.75 70.94
CA PHE H 810 25.54 56.70 69.83
C PHE H 810 25.73 58.15 70.27
N ASP H 811 26.66 58.84 69.63
CA ASP H 811 26.87 60.26 69.89
C ASP H 811 25.80 61.07 69.17
N GLU H 812 25.46 62.23 69.72
CA GLU H 812 24.37 63.02 69.16
C GLU H 812 24.77 64.45 68.84
N TYR H 813 24.35 64.92 67.66
CA TYR H 813 24.58 66.29 67.22
C TYR H 813 23.26 66.91 66.78
N ILE H 814 22.61 67.63 67.68
CA ILE H 814 21.32 68.26 67.37
C ILE H 814 21.51 69.49 66.49
N MET H 815 21.15 69.35 65.22
CA MET H 815 21.29 70.45 64.26
C MET H 815 19.93 71.03 63.89
N ALA H 816 19.91 72.31 63.56
CA ALA H 816 18.67 72.98 63.17
C ALA H 816 18.76 73.47 61.73
N ILE H 817 17.92 72.92 60.86
CA ILE H 817 17.94 73.26 59.45
C ILE H 817 17.52 74.70 59.19
N GLU H 818 18.49 75.57 58.93
CA GLU H 818 18.21 76.97 58.61
C GLU H 818 17.48 77.08 57.27
N GLN H 819 17.82 76.19 56.34
CA GLN H 819 17.18 76.17 55.04
C GLN H 819 17.49 74.88 54.30
N THR H 820 16.53 74.38 53.53
CA THR H 820 16.70 73.16 52.77
C THR H 820 17.12 73.44 51.33
N ILE H 821 18.44 73.45 51.10
CA ILE H 821 18.97 73.68 49.77
C ILE H 821 18.47 72.63 48.79
N LYS H 822 18.57 71.37 49.20
CA LYS H 822 18.05 70.25 48.40
C LYS H 822 17.14 69.37 49.25
N SER H 823 15.84 69.37 48.95
CA SER H 823 14.88 68.56 49.67
C SER H 823 15.14 67.07 49.41
N GLY H 824 15.72 66.40 50.39
CA GLY H 824 16.03 64.98 50.27
C GLY H 824 14.81 64.10 50.43
N SER H 825 15.03 62.85 50.80
CA SER H 825 13.94 61.89 50.99
C SER H 825 13.27 62.10 52.34
N ASP H 826 13.84 62.98 53.16
CA ASP H 826 13.29 63.28 54.47
C ASP H 826 12.45 64.56 54.41
N GLU H 827 11.14 64.39 54.53
CA GLU H 827 10.22 65.53 54.51
C GLU H 827 10.38 66.37 55.78
N VAL H 828 11.32 67.31 55.74
CA VAL H 828 11.58 68.18 56.89
C VAL H 828 11.49 69.65 56.51
N GLN H 829 10.66 70.39 57.24
CA GLN H 829 10.51 71.83 57.01
C GLN H 829 11.51 72.62 57.84
N VAL H 830 11.90 73.78 57.34
CA VAL H 830 12.84 74.64 58.03
C VAL H 830 12.35 74.96 59.44
N GLY H 831 13.23 74.81 60.43
CA GLY H 831 12.88 75.07 61.81
C GLY H 831 12.92 73.80 62.65
N GLN H 832 12.72 72.66 61.99
CA GLN H 832 12.75 71.38 62.68
C GLN H 832 14.19 70.96 62.98
N GLN H 833 14.34 70.06 63.96
CA GLN H 833 15.66 69.62 64.37
C GLN H 833 15.91 68.16 64.04
N ARG H 834 17.08 67.88 63.46
CA ARG H 834 17.48 66.51 63.15
C ARG H 834 18.68 66.11 64.00
N THR H 835 18.73 64.84 64.40
CA THR H 835 19.80 64.35 65.24
C THR H 835 20.86 63.60 64.44
N PHE H 836 22.07 64.14 64.41
CA PHE H 836 23.18 63.52 63.71
C PHE H 836 24.01 62.65 64.64
N ILE H 837 24.70 61.66 64.07
CA ILE H 837 25.52 60.74 64.85
C ILE H 837 26.88 60.53 64.20
N SER H 838 27.94 60.59 65.02
CA SER H 838 29.30 60.40 64.53
C SER H 838 30.18 59.71 65.57
N PRO H 839 31.08 58.84 65.11
CA PRO H 839 32.00 58.11 65.99
C PRO H 839 32.84 59.05 66.84
N ILE H 840 33.41 58.51 67.93
CA ILE H 840 34.20 59.32 68.85
C ILE H 840 35.53 59.74 68.22
N LYS H 841 36.07 58.87 67.37
CA LYS H 841 37.35 59.13 66.73
C LYS H 841 37.32 60.41 65.91
N CYS H 842 36.15 60.77 65.40
CA CYS H 842 36.01 61.93 64.53
C CYS H 842 35.63 63.19 65.28
N ARG H 843 35.36 63.04 66.58
CA ARG H 843 34.96 64.18 67.41
C ARG H 843 36.05 65.25 67.45
N GLU H 844 37.31 64.83 67.35
CA GLU H 844 38.43 65.75 67.39
C GLU H 844 38.60 66.47 66.06
N ALA H 845 38.24 65.79 64.98
CA ALA H 845 38.38 66.36 63.64
C ALA H 845 37.21 67.28 63.29
N LEU H 846 36.04 66.99 63.86
CA LEU H 846 34.84 67.78 63.61
C LEU H 846 34.89 69.11 64.36
N LYS H 847 35.41 69.08 65.59
CA LYS H 847 35.48 70.25 66.45
C LYS H 847 34.30 71.21 66.27
N LEU H 848 33.09 70.65 66.26
CA LEU H 848 31.87 71.43 66.08
C LEU H 848 31.50 72.19 67.36
N GLU H 849 31.34 73.50 67.24
CA GLU H 849 30.95 74.33 68.36
C GLU H 849 29.49 74.76 68.24
N GLU H 850 28.80 74.82 69.39
CA GLU H 850 27.39 75.18 69.40
C GLU H 850 27.15 76.60 68.89
N LYS H 851 25.90 76.88 68.54
CA LYS H 851 25.51 78.20 68.05
C LYS H 851 26.28 78.62 66.79
N LYS H 852 26.75 77.63 66.04
CA LYS H 852 27.45 77.89 64.79
C LYS H 852 26.73 77.24 63.61
N HIS H 853 26.86 77.85 62.43
CA HIS H 853 26.21 77.34 61.23
C HIS H 853 27.15 76.44 60.43
N TYR H 854 26.57 75.44 59.78
CA TYR H 854 27.35 74.50 58.98
C TYR H 854 26.62 74.10 57.71
N LEU H 855 27.38 73.96 56.62
CA LEU H 855 26.83 73.43 55.37
C LEU H 855 27.22 71.96 55.24
N MET H 856 26.23 71.08 55.29
CA MET H 856 26.48 69.65 55.25
C MET H 856 25.52 68.89 54.35
N TRP H 857 26.05 67.93 53.61
CA TRP H 857 25.24 67.05 52.77
C TRP H 857 25.77 65.62 52.85
N GLY H 858 24.86 64.65 52.89
CA GLY H 858 25.23 63.26 52.98
C GLY H 858 24.51 62.37 52.00
N LEU H 859 24.74 61.06 52.11
CA LEU H 859 24.12 60.10 51.21
C LEU H 859 22.76 59.64 51.75
N SER H 860 21.96 59.03 50.89
CA SER H 860 20.65 58.52 51.28
C SER H 860 20.79 57.23 52.08
N SER H 861 22.01 56.70 52.13
CA SER H 861 22.28 55.48 52.88
C SER H 861 22.88 55.81 54.25
N ASP H 862 22.74 57.06 54.67
CA ASP H 862 23.26 57.51 55.95
C ASP H 862 22.15 57.79 56.96
N PHE H 863 20.97 57.24 56.69
CA PHE H 863 19.84 57.38 57.60
C PHE H 863 19.88 56.30 58.68
N TRP H 864 19.28 56.59 59.83
CA TRP H 864 19.32 55.67 60.96
C TRP H 864 18.07 55.78 61.82
N GLY H 865 17.20 54.78 61.72
CA GLY H 865 15.98 54.76 62.51
C GLY H 865 14.73 54.76 61.65
N GLU H 866 13.58 54.52 62.29
CA GLU H 866 12.30 54.50 61.59
C GLU H 866 11.62 55.85 61.66
N LYS H 867 11.04 56.28 60.55
CA LYS H 867 10.34 57.56 60.47
C LYS H 867 9.16 57.60 61.44
N PRO H 868 8.79 58.80 61.90
CA PRO H 868 9.45 60.07 61.59
C PRO H 868 10.69 60.29 62.45
N ASN H 869 11.11 59.27 63.18
CA ASN H 869 12.26 59.37 64.06
C ASN H 869 13.58 59.04 63.36
N LEU H 870 13.90 59.82 62.34
CA LEU H 870 15.13 59.62 61.58
C LEU H 870 16.33 60.28 62.25
N SER H 871 17.51 59.72 62.02
CA SER H 871 18.75 60.27 62.57
C SER H 871 19.87 60.17 61.56
N TYR H 872 20.31 61.32 61.06
CA TYR H 872 21.37 61.37 60.06
C TYR H 872 22.70 60.87 60.63
N ILE H 873 23.50 60.23 59.79
CA ILE H 873 24.79 59.71 60.21
C ILE H 873 25.93 60.41 59.47
N ILE H 874 26.91 60.88 60.23
CA ILE H 874 28.07 61.54 59.65
C ILE H 874 29.12 60.51 59.24
N GLY H 875 28.92 59.89 58.09
CA GLY H 875 29.82 58.87 57.60
C GLY H 875 31.00 59.44 56.84
N LYS H 876 31.82 58.57 56.27
CA LYS H 876 33.01 58.99 55.54
C LYS H 876 32.63 59.68 54.23
N ASP H 877 31.34 59.69 53.93
CA ASP H 877 30.85 60.32 52.71
C ASP H 877 29.90 61.48 53.02
N THR H 878 30.07 62.08 54.19
CA THR H 878 29.24 63.21 54.59
C THR H 878 30.02 64.51 54.61
N TRP H 879 29.59 65.46 53.81
CA TRP H 879 30.27 66.75 53.71
C TRP H 879 29.96 67.62 54.93
N VAL H 880 30.98 68.27 55.47
CA VAL H 880 30.82 69.16 56.61
C VAL H 880 31.72 70.39 56.45
N GLU H 881 31.09 71.57 56.45
CA GLU H 881 31.83 72.82 56.27
C GLU H 881 31.32 73.91 57.21
N HIS H 882 32.24 74.64 57.81
CA HIS H 882 31.88 75.75 58.70
C HIS H 882 31.34 76.92 57.89
N TRP H 883 30.17 77.41 58.28
CA TRP H 883 29.54 78.53 57.59
C TRP H 883 29.72 79.82 58.40
N PRO H 884 30.61 80.69 57.94
CA PRO H 884 30.86 81.98 58.61
C PRO H 884 29.57 82.78 58.78
N GLU H 885 29.30 83.23 60.00
CA GLU H 885 28.08 83.97 60.29
C GLU H 885 28.04 85.30 59.54
N GLU H 886 26.89 85.97 59.59
CA GLU H 886 26.68 87.21 58.86
C GLU H 886 27.80 88.22 59.07
N ASP H 887 27.92 88.72 60.30
CA ASP H 887 28.91 89.76 60.62
C ASP H 887 30.35 89.28 60.46
N GLU H 888 30.53 87.97 60.34
CA GLU H 888 31.87 87.40 60.18
C GLU H 888 32.27 87.36 58.71
N CYS H 889 31.29 87.45 57.82
CA CYS H 889 31.55 87.44 56.39
C CYS H 889 31.98 88.82 55.89
N GLN H 890 32.59 89.60 56.79
CA GLN H 890 33.04 90.94 56.45
C GLN H 890 34.56 91.04 56.61
N ASP H 891 35.17 89.98 57.14
CA ASP H 891 36.60 89.93 57.32
C ASP H 891 37.29 89.64 55.98
N GLU H 892 38.49 90.18 55.81
CA GLU H 892 39.24 90.01 54.57
C GLU H 892 39.82 88.59 54.47
N GLU H 893 39.19 87.65 55.15
CA GLU H 893 39.64 86.26 55.15
C GLU H 893 38.48 85.32 54.83
N ASN H 894 37.27 85.78 55.10
CA ASN H 894 36.08 84.96 54.88
C ASN H 894 35.27 85.41 53.66
N GLN H 895 35.59 86.60 53.15
CA GLN H 895 34.89 87.14 51.99
C GLN H 895 34.98 86.20 50.80
N LYS H 896 36.12 85.52 50.66
CA LYS H 896 36.34 84.60 49.55
C LYS H 896 35.51 83.34 49.71
N GLN H 897 35.19 83.00 50.96
CA GLN H 897 34.43 81.79 51.26
C GLN H 897 32.93 82.04 51.21
N CYS H 898 32.49 83.13 51.83
CA CYS H 898 31.07 83.47 51.87
C CYS H 898 30.50 83.70 50.48
N GLN H 899 31.30 84.30 49.60
CA GLN H 899 30.86 84.56 48.24
C GLN H 899 30.58 83.26 47.48
N ASP H 900 31.42 82.25 47.73
CA ASP H 900 31.23 80.95 47.09
C ASP H 900 29.96 80.28 47.61
N LEU H 901 29.83 80.21 48.92
CA LEU H 901 28.66 79.60 49.54
C LEU H 901 27.38 80.31 49.13
N GLY H 902 27.43 81.64 49.09
CA GLY H 902 26.28 82.44 48.71
C GLY H 902 25.77 82.10 47.33
N ALA H 903 26.66 82.15 46.35
CA ALA H 903 26.32 81.81 44.97
C ALA H 903 25.90 80.35 44.87
N PHE H 904 26.52 79.51 45.69
CA PHE H 904 26.20 78.08 45.71
C PHE H 904 24.74 77.86 46.05
N THR H 905 24.29 78.48 47.15
CA THR H 905 22.92 78.33 47.61
C THR H 905 21.92 78.76 46.54
N GLU H 906 22.12 79.95 45.99
CA GLU H 906 21.23 80.49 44.97
C GLU H 906 21.16 79.59 43.74
N SER H 907 22.32 79.13 43.29
CA SER H 907 22.40 78.27 42.12
C SER H 907 21.71 76.93 42.35
N MET H 908 21.70 76.48 43.59
CA MET H 908 21.12 75.18 43.94
C MET H 908 19.62 75.28 44.21
N VAL H 909 19.16 76.48 44.53
CA VAL H 909 17.75 76.68 44.86
C VAL H 909 16.95 77.13 43.63
N VAL H 910 17.50 78.08 42.88
CA VAL H 910 16.83 78.62 41.71
C VAL H 910 16.82 77.64 40.54
N PHE H 911 18.01 77.16 40.16
CA PHE H 911 18.14 76.27 39.02
C PHE H 911 18.16 74.81 39.43
N GLY H 912 18.71 74.53 40.60
CA GLY H 912 18.84 73.16 41.08
C GLY H 912 19.93 72.41 40.32
N CYS H 913 20.26 71.22 40.78
CA CYS H 913 21.29 70.40 40.14
C CYS H 913 21.01 70.23 38.65
N PRO H 914 22.00 70.61 37.81
CA PRO H 914 21.90 70.44 36.36
C PRO H 914 21.99 68.96 35.98
N ASN H 915 21.43 68.61 34.82
CA ASN H 915 21.42 67.22 34.38
C ASN H 915 20.56 66.33 35.28
N GLY I 10 94.29 -67.48 6.58
CA GLY I 10 94.96 -66.52 7.42
C GLY I 10 94.04 -65.40 7.87
N SER I 11 94.37 -64.77 8.99
CA SER I 11 93.57 -63.68 9.53
C SER I 11 93.58 -62.47 8.59
N CYS I 12 92.40 -61.96 8.28
CA CYS I 12 92.26 -60.81 7.40
C CYS I 12 92.90 -59.56 8.01
N SER I 13 93.50 -58.74 7.17
CA SER I 13 94.16 -57.52 7.64
C SER I 13 93.13 -56.48 8.08
N LEU I 14 93.39 -55.85 9.22
CA LEU I 14 92.47 -54.86 9.78
C LEU I 14 92.76 -53.46 9.25
N GLU I 15 93.16 -53.38 7.99
CA GLU I 15 93.45 -52.10 7.36
C GLU I 15 92.21 -51.49 6.73
N GLY I 16 91.82 -50.32 7.23
CA GLY I 16 90.64 -49.63 6.72
C GLY I 16 89.39 -50.49 6.76
N VAL I 17 89.08 -51.00 7.94
CA VAL I 17 87.91 -51.87 8.10
C VAL I 17 87.04 -51.41 9.26
N GLU I 18 87.43 -50.32 9.91
CA GLU I 18 86.67 -49.78 11.03
C GLU I 18 85.47 -48.96 10.53
N ILE I 19 84.88 -48.18 11.43
CA ILE I 19 83.71 -47.40 11.09
C ILE I 19 83.82 -45.97 11.63
N LYS I 20 83.36 -45.00 10.83
CA LYS I 20 83.43 -43.60 11.22
C LYS I 20 82.47 -43.29 12.37
N GLY I 21 82.99 -42.60 13.38
CA GLY I 21 82.19 -42.23 14.53
C GLY I 21 81.70 -43.44 15.30
N GLY I 22 82.55 -44.45 15.42
CA GLY I 22 82.20 -45.67 16.12
C GLY I 22 83.40 -46.57 16.36
N SER I 23 83.13 -47.86 16.51
CA SER I 23 84.20 -48.83 16.76
C SER I 23 83.79 -50.22 16.27
N PHE I 24 84.59 -51.22 16.63
CA PHE I 24 84.27 -52.61 16.29
C PHE I 24 85.07 -53.57 17.16
N ARG I 25 84.70 -54.85 17.13
CA ARG I 25 85.34 -55.85 17.96
C ARG I 25 85.51 -57.17 17.23
N LEU I 26 86.60 -57.87 17.51
CA LEU I 26 86.92 -59.13 16.84
C LEU I 26 86.29 -60.32 17.57
N LEU I 27 85.58 -61.16 16.83
CA LEU I 27 84.95 -62.33 17.39
C LEU I 27 85.39 -63.59 16.65
N GLN I 28 85.07 -64.75 17.22
CA GLN I 28 85.44 -66.03 16.62
C GLN I 28 86.94 -66.11 16.32
N GLU I 29 87.74 -65.54 17.21
CA GLU I 29 89.20 -65.58 17.08
C GLU I 29 89.69 -64.85 15.82
N GLY I 30 89.07 -63.71 15.52
CA GLY I 30 89.49 -62.89 14.40
C GLY I 30 88.98 -63.38 13.06
N GLN I 31 87.96 -64.22 13.07
CA GLN I 31 87.36 -64.73 11.85
C GLN I 31 86.16 -63.88 11.44
N ALA I 32 85.80 -62.92 12.29
CA ALA I 32 84.68 -62.03 12.03
C ALA I 32 84.70 -60.85 12.99
N LEU I 33 84.22 -59.70 12.53
CA LEU I 33 84.18 -58.50 13.35
C LEU I 33 82.77 -57.94 13.49
N GLU I 34 82.51 -57.25 14.59
CA GLU I 34 81.20 -56.67 14.84
C GLU I 34 81.32 -55.19 15.18
N TYR I 35 80.74 -54.35 14.33
CA TYR I 35 80.77 -52.90 14.55
C TYR I 35 79.98 -52.52 15.80
N VAL I 36 80.56 -51.66 16.62
CA VAL I 36 79.91 -51.21 17.85
C VAL I 36 79.70 -49.70 17.84
N CYS I 37 78.50 -49.29 17.47
CA CYS I 37 78.16 -47.87 17.44
C CYS I 37 77.45 -47.45 18.72
N PRO I 38 77.82 -46.27 19.24
CA PRO I 38 77.24 -45.72 20.48
C PRO I 38 75.71 -45.64 20.40
N SER I 39 75.05 -45.76 21.54
CA SER I 39 73.59 -45.71 21.59
C SER I 39 73.06 -44.52 20.80
N GLY I 40 72.04 -44.76 20.00
CA GLY I 40 71.45 -43.73 19.16
C GLY I 40 71.91 -43.86 17.72
N PHE I 41 72.85 -44.74 17.48
CA PHE I 41 73.37 -44.98 16.13
C PHE I 41 73.47 -46.46 15.82
N TYR I 42 73.55 -46.80 14.55
CA TYR I 42 73.65 -48.19 14.11
C TYR I 42 74.73 -48.36 13.06
N PRO I 43 75.42 -49.51 13.08
CA PRO I 43 76.45 -49.81 12.09
C PRO I 43 75.89 -49.78 10.68
N TYR I 44 76.61 -49.13 9.77
CA TYR I 44 76.17 -49.02 8.37
C TYR I 44 77.31 -49.40 7.43
N PRO I 45 77.00 -50.22 6.41
CA PRO I 45 75.66 -50.75 6.15
C PRO I 45 75.33 -51.95 7.03
N VAL I 46 76.19 -52.96 7.00
CA VAL I 46 75.94 -54.21 7.72
C VAL I 46 76.36 -54.13 9.19
N GLN I 47 75.84 -55.07 9.98
CA GLN I 47 76.17 -55.14 11.41
C GLN I 47 77.54 -55.74 11.63
N THR I 48 77.79 -56.91 11.04
CA THR I 48 79.06 -57.60 11.18
C THR I 48 79.65 -57.97 9.83
N ARG I 49 80.90 -58.42 9.84
CA ARG I 49 81.58 -58.81 8.62
C ARG I 49 82.33 -60.13 8.80
N THR I 50 82.38 -60.92 7.73
CA THR I 50 83.07 -62.20 7.77
C THR I 50 84.47 -62.09 7.18
N CYS I 51 85.38 -62.95 7.63
CA CYS I 51 86.75 -62.93 7.14
C CYS I 51 86.95 -63.95 6.02
N ARG I 52 86.80 -63.49 4.78
CA ARG I 52 86.99 -64.35 3.61
C ARG I 52 88.39 -64.95 3.61
N SER I 53 88.53 -66.10 2.96
CA SER I 53 89.83 -66.77 2.87
C SER I 53 90.68 -66.18 1.76
N THR I 54 90.32 -64.99 1.29
CA THR I 54 91.05 -64.31 0.23
C THR I 54 92.03 -63.29 0.80
N GLY I 55 91.94 -63.07 2.11
CA GLY I 55 92.81 -62.12 2.79
C GLY I 55 92.10 -60.83 3.13
N SER I 56 90.95 -60.61 2.50
CA SER I 56 90.16 -59.40 2.74
C SER I 56 88.80 -59.73 3.35
N TRP I 57 88.25 -58.79 4.11
CA TRP I 57 86.95 -58.97 4.72
C TRP I 57 85.83 -58.92 3.67
N SER I 58 84.65 -59.37 4.06
CA SER I 58 83.50 -59.38 3.15
C SER I 58 83.13 -57.95 2.75
N THR I 59 82.87 -57.75 1.46
CA THR I 59 82.53 -56.44 0.94
C THR I 59 81.30 -55.86 1.63
N LEU I 60 81.23 -54.54 1.70
CA LEU I 60 80.12 -53.86 2.37
C LEU I 60 78.88 -53.80 1.47
N LYS I 61 78.00 -54.77 1.64
CA LYS I 61 76.77 -54.82 0.85
C LYS I 61 75.57 -54.32 1.66
N THR I 62 74.84 -53.37 1.09
CA THR I 62 73.64 -52.84 1.74
C THR I 62 72.46 -53.79 1.57
N GLN I 63 71.26 -53.23 1.55
CA GLN I 63 70.05 -54.03 1.33
C GLN I 63 69.76 -54.14 -0.16
N ASP I 64 70.08 -53.08 -0.90
CA ASP I 64 69.89 -53.08 -2.35
C ASP I 64 71.10 -53.68 -3.05
N GLN I 65 71.85 -54.49 -2.33
CA GLN I 65 73.04 -55.14 -2.88
C GLN I 65 74.01 -54.11 -3.46
N LYS I 66 74.20 -53.02 -2.74
CA LYS I 66 75.07 -51.93 -3.20
C LYS I 66 76.40 -51.95 -2.45
N THR I 67 77.47 -51.60 -3.17
CA THR I 67 78.81 -51.59 -2.59
C THR I 67 79.12 -50.27 -1.89
N VAL I 68 79.55 -50.34 -0.65
CA VAL I 68 79.91 -49.16 0.12
C VAL I 68 81.39 -49.16 0.47
N ARG I 69 82.03 -48.01 0.30
CA ARG I 69 83.46 -47.88 0.56
C ARG I 69 83.75 -47.74 2.05
N LYS I 70 83.27 -46.65 2.64
CA LYS I 70 83.52 -46.37 4.06
C LYS I 70 82.28 -46.62 4.90
N ALA I 71 82.46 -47.32 6.01
CA ALA I 71 81.37 -47.58 6.94
C ALA I 71 81.14 -46.38 7.87
N GLU I 72 79.88 -46.05 8.12
CA GLU I 72 79.54 -44.91 8.95
C GLU I 72 78.48 -45.25 9.98
N CYS I 73 78.43 -44.46 11.05
CA CYS I 73 77.42 -44.65 12.09
C CYS I 73 76.30 -43.62 11.95
N ARG I 74 75.21 -44.04 11.32
CA ARG I 74 74.06 -43.15 11.13
C ARG I 74 73.08 -43.27 12.29
N ALA I 75 72.31 -42.21 12.51
CA ALA I 75 71.33 -42.20 13.59
C ALA I 75 70.14 -43.11 13.25
N ILE I 76 69.40 -43.51 14.28
CA ILE I 76 68.25 -44.38 14.08
C ILE I 76 67.05 -43.61 13.54
N HIS I 77 66.76 -43.80 12.26
CA HIS I 77 65.62 -43.13 11.62
C HIS I 77 64.48 -44.11 11.36
N CYS I 78 63.27 -43.59 11.29
CA CYS I 78 62.10 -44.40 10.97
C CYS I 78 61.67 -44.18 9.52
N PRO I 79 61.06 -45.19 8.90
CA PRO I 79 60.60 -45.11 7.51
C PRO I 79 59.73 -43.88 7.27
N ARG I 80 59.93 -43.24 6.12
CA ARG I 80 59.15 -42.06 5.77
C ARG I 80 57.93 -42.43 4.95
N PRO I 81 56.75 -41.97 5.37
CA PRO I 81 55.50 -42.21 4.64
C PRO I 81 55.50 -41.50 3.29
N HIS I 82 56.17 -42.09 2.30
CA HIS I 82 56.27 -41.47 0.98
C HIS I 82 55.04 -41.76 0.12
N ASP I 83 53.95 -42.15 0.77
CA ASP I 83 52.70 -42.44 0.07
C ASP I 83 51.53 -42.53 1.05
N PHE I 84 50.59 -41.59 0.92
CA PHE I 84 49.40 -41.59 1.76
C PHE I 84 48.22 -40.97 1.01
N GLU I 85 47.10 -41.68 1.00
CA GLU I 85 45.93 -41.24 0.24
C GLU I 85 44.73 -40.97 1.13
N ASN I 86 43.78 -40.19 0.62
CA ASN I 86 42.54 -39.89 1.33
C ASN I 86 42.76 -39.22 2.68
N GLY I 87 43.87 -38.50 2.82
CA GLY I 87 44.18 -37.82 4.06
C GLY I 87 45.46 -37.01 4.00
N GLU I 88 45.99 -36.66 5.17
CA GLU I 88 47.21 -35.86 5.25
C GLU I 88 47.94 -36.13 6.56
N TYR I 89 49.26 -36.28 6.47
CA TYR I 89 50.07 -36.53 7.66
C TYR I 89 51.04 -35.38 7.89
N TRP I 90 51.36 -35.10 9.14
CA TRP I 90 52.25 -34.00 9.50
C TRP I 90 52.88 -34.21 10.87
N PRO I 91 54.09 -33.64 11.06
CA PRO I 91 54.83 -32.86 10.07
C PRO I 91 55.56 -33.76 9.07
N ARG I 92 56.09 -33.17 8.01
CA ARG I 92 56.88 -33.92 7.04
C ARG I 92 58.35 -33.51 7.09
N SER I 93 59.23 -34.50 7.19
CA SER I 93 60.66 -34.24 7.28
C SER I 93 61.46 -35.24 6.45
N PRO I 94 62.63 -34.82 5.96
CA PRO I 94 63.53 -35.68 5.17
C PRO I 94 63.95 -36.92 5.94
N TYR I 95 63.70 -36.93 7.24
CA TYR I 95 64.01 -38.08 8.09
C TYR I 95 63.46 -37.86 9.50
N TYR I 96 63.03 -38.95 10.14
CA TYR I 96 62.45 -38.86 11.47
C TYR I 96 63.35 -39.50 12.53
N ASN I 97 63.85 -38.68 13.45
CA ASN I 97 64.68 -39.17 14.55
C ASN I 97 63.86 -39.97 15.55
N VAL I 98 64.47 -40.28 16.69
CA VAL I 98 63.80 -41.03 17.73
C VAL I 98 62.80 -40.15 18.47
N SER I 99 61.74 -40.77 19.00
CA SER I 99 60.71 -40.06 19.76
C SER I 99 60.06 -38.91 18.99
N ASP I 100 60.10 -39.00 17.66
CA ASP I 100 59.43 -38.01 16.82
C ASP I 100 57.99 -38.43 16.55
N GLU I 101 57.06 -37.51 16.71
CA GLU I 101 55.64 -37.83 16.56
C GLU I 101 55.05 -37.28 15.26
N ILE I 102 54.16 -38.05 14.66
CA ILE I 102 53.44 -37.62 13.47
C ILE I 102 51.97 -38.00 13.58
N SER I 103 51.10 -37.13 13.08
CA SER I 103 49.65 -37.36 13.16
C SER I 103 49.03 -37.53 11.79
N PHE I 104 47.92 -38.27 11.74
CA PHE I 104 47.21 -38.51 10.49
C PHE I 104 45.78 -37.99 10.58
N HIS I 105 45.26 -37.49 9.47
CA HIS I 105 43.91 -36.95 9.42
C HIS I 105 43.30 -37.10 8.04
N CYS I 106 42.18 -37.80 7.96
CA CYS I 106 41.51 -38.05 6.69
C CYS I 106 40.72 -36.83 6.20
N TYR I 107 40.37 -36.83 4.92
CA TYR I 107 39.59 -35.75 4.36
C TYR I 107 38.12 -35.86 4.76
N ASP I 108 37.29 -34.95 4.26
CA ASP I 108 35.87 -34.95 4.56
C ASP I 108 35.17 -36.10 3.84
N GLY I 109 34.46 -36.92 4.60
CA GLY I 109 33.74 -38.06 4.05
C GLY I 109 34.54 -39.34 4.18
N TYR I 110 35.63 -39.29 4.93
CA TYR I 110 36.48 -40.45 5.15
C TYR I 110 36.62 -40.78 6.63
N THR I 111 36.61 -42.06 6.95
CA THR I 111 36.76 -42.52 8.32
C THR I 111 38.20 -42.93 8.60
N LEU I 112 38.72 -42.54 9.75
CA LEU I 112 40.09 -42.85 10.12
C LEU I 112 40.15 -44.02 11.10
N ARG I 113 40.71 -45.14 10.65
CA ARG I 113 40.87 -46.31 11.53
C ARG I 113 42.34 -46.49 11.89
N GLY I 114 42.59 -46.97 13.11
CA GLY I 114 43.95 -47.18 13.58
C GLY I 114 44.42 -46.08 14.50
N SER I 115 45.74 -45.93 14.62
CA SER I 115 46.32 -44.91 15.49
C SER I 115 46.53 -43.60 14.74
N ALA I 116 45.90 -42.54 15.23
CA ALA I 116 46.04 -41.21 14.63
C ALA I 116 47.42 -40.62 14.91
N ASN I 117 47.89 -40.81 16.14
CA ASN I 117 49.21 -40.33 16.53
C ASN I 117 50.21 -41.46 16.70
N ARG I 118 51.32 -41.38 15.97
CA ARG I 118 52.34 -42.42 16.03
C ARG I 118 53.72 -41.81 16.33
N THR I 119 54.46 -42.47 17.21
CA THR I 119 55.78 -41.98 17.61
C THR I 119 56.88 -42.95 17.22
N CYS I 120 57.99 -42.40 16.71
CA CYS I 120 59.14 -43.21 16.34
C CYS I 120 59.82 -43.77 17.58
N GLN I 121 59.89 -45.10 17.66
CA GLN I 121 60.49 -45.77 18.80
C GLN I 121 61.98 -46.01 18.60
N VAL I 122 62.62 -46.62 19.59
CA VAL I 122 64.05 -46.91 19.53
C VAL I 122 64.33 -48.06 18.58
N ASN I 123 63.34 -48.92 18.38
CA ASN I 123 63.48 -50.06 17.48
C ASN I 123 63.29 -49.68 16.02
N GLY I 124 63.47 -48.40 15.71
CA GLY I 124 63.36 -47.91 14.35
C GLY I 124 62.00 -48.13 13.73
N ARG I 125 60.98 -48.26 14.58
CA ARG I 125 59.61 -48.47 14.09
C ARG I 125 58.64 -47.45 14.68
N TRP I 126 57.47 -47.36 14.09
CA TRP I 126 56.44 -46.44 14.57
C TRP I 126 55.48 -47.15 15.53
N SER I 127 55.10 -46.44 16.60
CA SER I 127 54.18 -47.00 17.57
C SER I 127 52.76 -47.06 17.01
N GLY I 128 51.89 -47.80 17.69
CA GLY I 128 50.51 -47.93 17.27
C GLY I 128 50.35 -48.71 15.98
N GLN I 129 49.14 -48.69 15.43
CA GLN I 129 48.85 -49.41 14.20
C GLN I 129 48.96 -48.50 12.99
N THR I 130 48.73 -49.07 11.80
CA THR I 130 48.82 -48.31 10.56
C THR I 130 47.60 -47.41 10.36
N ALA I 131 47.85 -46.16 9.97
CA ALA I 131 46.78 -45.22 9.73
C ALA I 131 46.17 -45.40 8.33
N ILE I 132 44.87 -45.61 8.29
CA ILE I 132 44.17 -45.81 7.02
C ILE I 132 42.93 -44.94 6.91
N CYS I 133 42.77 -44.27 5.79
CA CYS I 133 41.61 -43.41 5.55
C CYS I 133 40.68 -44.04 4.51
N ASP I 134 39.64 -44.73 4.99
CA ASP I 134 38.71 -45.42 4.12
C ASP I 134 37.35 -44.74 4.09
N ASN I 135 36.70 -44.76 2.94
CA ASN I 135 35.37 -44.19 2.79
C ASN I 135 34.29 -45.26 2.91
N GLY I 136 34.69 -46.52 2.78
CA GLY I 136 33.77 -47.64 2.88
C GLY I 136 32.85 -47.73 1.67
N ALA I 137 33.44 -47.76 0.49
CA ALA I 137 32.67 -47.84 -0.75
C ALA I 137 33.03 -49.09 -1.56
N GLY I 138 34.05 -49.81 -1.11
CA GLY I 138 34.49 -51.01 -1.79
C GLY I 138 34.03 -52.27 -1.09
N TYR I 139 34.00 -53.38 -1.83
CA TYR I 139 33.60 -54.66 -1.28
C TYR I 139 34.45 -55.02 -0.07
N CYS I 140 35.74 -54.71 -0.15
CA CYS I 140 36.67 -54.92 0.96
C CYS I 140 37.19 -53.58 1.47
N SER I 141 37.47 -53.52 2.77
CA SER I 141 37.99 -52.31 3.39
C SER I 141 39.34 -51.91 2.78
N ASN I 142 39.62 -50.62 2.77
CA ASN I 142 40.87 -50.11 2.22
C ASN I 142 42.09 -50.71 2.92
N PRO I 143 42.90 -51.47 2.18
CA PRO I 143 44.11 -52.11 2.71
C PRO I 143 45.06 -51.10 3.35
N GLY I 144 44.95 -49.84 2.94
CA GLY I 144 45.78 -48.78 3.48
C GLY I 144 47.20 -48.84 2.99
N ILE I 145 48.00 -47.85 3.37
CA ILE I 145 49.40 -47.80 2.95
C ILE I 145 50.33 -47.69 4.15
N PRO I 146 50.85 -48.84 4.61
CA PRO I 146 51.78 -48.88 5.75
C PRO I 146 52.93 -47.89 5.59
N ILE I 147 53.35 -47.28 6.69
CA ILE I 147 54.42 -46.30 6.66
C ILE I 147 55.69 -46.87 6.03
N GLY I 148 56.11 -46.28 4.93
CA GLY I 148 57.32 -46.71 4.25
C GLY I 148 57.03 -47.46 2.96
N THR I 149 55.80 -47.92 2.80
CA THR I 149 55.40 -48.68 1.62
C THR I 149 54.73 -47.78 0.58
N ARG I 150 54.37 -48.39 -0.55
CA ARG I 150 53.69 -47.66 -1.62
C ARG I 150 52.68 -48.57 -2.32
N LYS I 151 51.41 -48.33 -2.05
CA LYS I 151 50.34 -49.16 -2.62
C LYS I 151 50.00 -48.74 -4.04
N VAL I 152 49.80 -49.74 -4.91
CA VAL I 152 49.41 -49.49 -6.28
C VAL I 152 48.08 -50.17 -6.58
N GLY I 153 47.00 -49.39 -6.54
CA GLY I 153 45.67 -49.91 -6.78
C GLY I 153 44.63 -49.25 -5.89
N SER I 154 43.77 -48.44 -6.50
CA SER I 154 42.73 -47.73 -5.77
C SER I 154 41.44 -48.53 -5.71
N GLN I 155 41.27 -49.44 -6.65
CA GLN I 155 40.06 -50.26 -6.71
C GLN I 155 40.07 -51.35 -5.65
N TYR I 156 39.03 -51.39 -4.83
CA TYR I 156 38.92 -52.38 -3.76
C TYR I 156 37.73 -53.29 -3.97
N ARG I 157 37.38 -53.54 -5.23
CA ARG I 157 36.27 -54.43 -5.54
C ARG I 157 36.61 -55.87 -5.20
N LEU I 158 35.77 -56.78 -5.65
CA LEU I 158 36.01 -58.21 -5.47
C LEU I 158 36.98 -58.71 -6.55
N GLU I 159 37.87 -59.61 -6.16
CA GLU I 159 38.85 -60.20 -7.07
C GLU I 159 39.96 -59.21 -7.45
N ASP I 160 39.78 -57.94 -7.08
CA ASP I 160 40.79 -56.92 -7.35
C ASP I 160 42.03 -57.15 -6.48
N SER I 161 43.14 -56.55 -6.87
CA SER I 161 44.39 -56.74 -6.16
C SER I 161 45.17 -55.44 -6.00
N VAL I 162 46.12 -55.43 -5.06
CA VAL I 162 46.97 -54.27 -4.82
C VAL I 162 48.41 -54.71 -4.58
N THR I 163 49.36 -53.93 -5.08
CA THR I 163 50.77 -54.24 -4.93
C THR I 163 51.48 -53.22 -4.05
N TYR I 164 52.50 -53.67 -3.33
CA TYR I 164 53.26 -52.79 -2.43
C TYR I 164 54.74 -52.77 -2.80
N HIS I 165 55.38 -51.63 -2.53
CA HIS I 165 56.80 -51.47 -2.80
C HIS I 165 57.46 -50.60 -1.74
N CYS I 166 58.53 -51.11 -1.13
CA CYS I 166 59.25 -50.37 -0.11
C CYS I 166 60.29 -49.44 -0.73
N SER I 167 60.80 -48.52 0.09
CA SER I 167 61.81 -47.56 -0.37
C SER I 167 63.13 -48.27 -0.64
N ARG I 168 64.07 -47.53 -1.22
CA ARG I 168 65.38 -48.08 -1.55
C ARG I 168 66.20 -48.34 -0.28
N GLY I 169 66.60 -49.60 -0.11
CA GLY I 169 67.40 -49.99 1.04
C GLY I 169 66.59 -50.67 2.12
N LEU I 170 65.32 -50.91 1.83
CA LEU I 170 64.43 -51.56 2.78
C LEU I 170 63.92 -52.90 2.26
N THR I 171 63.77 -53.87 3.16
CA THR I 171 63.27 -55.19 2.80
C THR I 171 61.79 -55.32 3.11
N LEU I 172 61.00 -55.63 2.09
CA LEU I 172 59.56 -55.78 2.25
C LEU I 172 59.21 -57.06 3.01
N ARG I 173 58.52 -56.90 4.13
CA ARG I 173 58.06 -58.04 4.92
C ARG I 173 56.57 -58.26 4.75
N GLY I 174 56.19 -59.52 4.55
CA GLY I 174 54.80 -59.86 4.35
C GLY I 174 54.48 -60.12 2.89
N SER I 175 53.30 -59.67 2.46
CA SER I 175 52.87 -59.86 1.09
C SER I 175 53.09 -58.61 0.25
N GLN I 176 53.53 -58.80 -1.00
CA GLN I 176 53.70 -57.68 -1.92
C GLN I 176 52.45 -57.52 -2.78
N ARG I 177 51.61 -58.55 -2.76
CA ARG I 177 50.35 -58.53 -3.49
C ARG I 177 49.22 -59.13 -2.67
N ARG I 178 48.13 -58.38 -2.55
CA ARG I 178 46.97 -58.86 -1.81
C ARG I 178 45.70 -58.76 -2.66
N THR I 179 44.95 -59.85 -2.73
CA THR I 179 43.74 -59.90 -3.54
C THR I 179 42.49 -59.93 -2.67
N CYS I 180 41.53 -59.06 -3.00
CA CYS I 180 40.27 -59.00 -2.27
C CYS I 180 39.44 -60.26 -2.49
N GLN I 181 39.52 -61.18 -1.54
CA GLN I 181 38.80 -62.45 -1.66
C GLN I 181 37.34 -62.30 -1.28
N GLU I 182 36.52 -63.26 -1.71
CA GLU I 182 35.10 -63.27 -1.40
C GLU I 182 34.87 -63.38 0.09
N GLY I 183 34.06 -62.47 0.63
CA GLY I 183 33.76 -62.48 2.06
C GLY I 183 34.35 -61.28 2.78
N GLY I 184 34.76 -60.28 2.02
CA GLY I 184 35.33 -59.06 2.58
C GLY I 184 36.60 -59.32 3.37
N SER I 185 37.66 -59.70 2.66
CA SER I 185 38.95 -59.98 3.30
C SER I 185 40.06 -60.09 2.26
N TRP I 186 41.16 -59.38 2.51
CA TRP I 186 42.30 -59.40 1.60
C TRP I 186 43.23 -60.57 1.89
N SER I 187 43.70 -61.21 0.83
CA SER I 187 44.62 -62.34 0.97
C SER I 187 45.97 -61.89 1.50
N GLY I 188 46.77 -62.85 1.96
CA GLY I 188 48.08 -62.55 2.49
C GLY I 188 48.02 -61.72 3.75
N THR I 189 49.13 -61.07 4.09
CA THR I 189 49.21 -60.25 5.29
C THR I 189 49.60 -58.81 4.96
N GLU I 190 49.41 -57.92 5.92
CA GLU I 190 49.75 -56.51 5.73
C GLU I 190 51.25 -56.31 5.62
N PRO I 191 51.69 -55.63 4.56
CA PRO I 191 53.12 -55.36 4.31
C PRO I 191 53.73 -54.52 5.42
N SER I 192 55.06 -54.43 5.42
CA SER I 192 55.78 -53.64 6.43
C SER I 192 57.25 -53.51 6.07
N CYS I 193 57.65 -52.32 5.63
CA CYS I 193 59.03 -52.06 5.24
C CYS I 193 59.98 -52.15 6.42
N GLN I 194 60.91 -53.10 6.33
CA GLN I 194 61.91 -53.29 7.37
C GLN I 194 63.27 -52.79 6.89
N ASP I 195 64.15 -52.45 7.83
CA ASP I 195 65.49 -51.97 7.47
C ASP I 195 66.54 -53.01 7.84
N SER I 196 67.56 -52.59 8.56
CA SER I 196 68.65 -53.48 8.95
C SER I 196 69.07 -53.25 10.40
N PHE I 197 68.09 -52.98 11.26
CA PHE I 197 68.37 -52.73 12.67
C PHE I 197 67.08 -52.60 13.47
N MET I 198 65.94 -52.82 12.81
CA MET I 198 64.64 -52.68 13.45
C MET I 198 64.37 -53.78 14.47
N TYR I 199 64.81 -54.99 14.15
CA TYR I 199 64.59 -56.16 15.01
C TYR I 199 63.18 -56.24 15.59
N ASP I 200 63.03 -57.05 16.63
CA ASP I 200 61.74 -57.21 17.29
C ASP I 200 61.94 -57.48 18.78
N THR I 201 61.32 -56.66 19.61
CA THR I 201 61.44 -56.82 21.06
C THR I 201 60.91 -58.18 21.48
N PRO I 202 61.49 -58.78 22.53
CA PRO I 202 61.08 -60.09 23.04
C PRO I 202 59.56 -60.18 23.19
N GLN I 203 58.92 -59.06 23.56
CA GLN I 203 57.49 -59.04 23.73
C GLN I 203 56.76 -59.06 22.39
N GLU I 204 57.21 -58.22 21.46
CA GLU I 204 56.61 -58.15 20.13
C GLU I 204 56.60 -59.52 19.45
N VAL I 205 57.66 -60.30 19.67
CA VAL I 205 57.77 -61.62 19.08
C VAL I 205 56.81 -62.61 19.74
N ALA I 206 56.90 -62.71 21.06
CA ALA I 206 56.06 -63.63 21.82
C ALA I 206 54.58 -63.32 21.68
N GLU I 207 54.26 -62.03 21.56
CA GLU I 207 52.87 -61.60 21.48
C GLU I 207 52.28 -61.90 20.11
N ALA I 208 53.08 -61.69 19.07
CA ALA I 208 52.63 -61.92 17.69
C ALA I 208 52.73 -63.39 17.30
N PHE I 209 53.56 -64.14 18.03
CA PHE I 209 53.75 -65.55 17.76
C PHE I 209 52.59 -66.38 18.31
N LEU I 210 52.23 -66.12 19.56
CA LEU I 210 51.12 -66.83 20.20
C LEU I 210 49.78 -66.46 19.57
N SER I 211 49.59 -65.18 19.31
CA SER I 211 48.34 -64.70 18.73
C SER I 211 48.10 -65.30 17.35
N SER I 212 49.16 -65.88 16.78
CA SER I 212 49.07 -66.50 15.46
C SER I 212 49.13 -68.02 15.56
N LEU I 213 49.67 -68.51 16.67
CA LEU I 213 49.81 -69.95 16.89
C LEU I 213 48.62 -70.52 17.64
N THR I 214 48.31 -69.94 18.79
CA THR I 214 47.21 -70.40 19.62
C THR I 214 45.91 -70.49 18.84
N GLU I 215 45.67 -69.51 17.97
CA GLU I 215 44.46 -69.50 17.15
C GLU I 215 44.46 -70.67 16.19
N THR I 216 45.65 -71.05 15.72
CA THR I 216 45.80 -72.18 14.83
C THR I 216 45.76 -73.48 15.62
N ILE I 217 45.65 -73.36 16.94
CA ILE I 217 45.56 -74.52 17.82
C ILE I 217 44.12 -74.71 18.30
N GLU I 218 43.43 -73.59 18.53
CA GLU I 218 42.05 -73.63 18.99
C GLU I 218 41.17 -74.38 18.00
N GLY I 219 41.36 -74.11 16.72
CA GLY I 219 40.61 -74.77 15.67
C GLY I 219 40.94 -76.24 15.56
N VAL I 220 42.15 -76.60 15.96
CA VAL I 220 42.61 -77.99 15.90
C VAL I 220 41.76 -78.90 16.77
N ASP I 221 41.27 -78.38 17.89
CA ASP I 221 40.47 -79.17 18.82
C ASP I 221 39.07 -79.42 18.29
N ALA I 222 38.97 -80.28 17.28
CA ALA I 222 37.68 -80.63 16.70
C ALA I 222 37.79 -81.81 15.73
N GLU I 223 37.73 -83.04 16.23
CA GLU I 223 37.60 -83.35 17.67
C GLU I 223 36.44 -82.64 18.36
N PRO I 240 44.12 -90.70 21.72
CA PRO I 240 45.28 -89.84 21.90
C PRO I 240 45.76 -89.27 20.56
N SER I 241 46.93 -88.63 20.58
CA SER I 241 47.52 -88.07 19.37
C SER I 241 46.63 -87.01 18.72
N GLY I 242 46.87 -85.75 19.08
CA GLY I 242 46.15 -84.65 18.49
C GLY I 242 46.45 -84.55 17.00
N SER I 243 45.45 -84.14 16.22
CA SER I 243 45.61 -84.04 14.78
C SER I 243 46.40 -82.80 14.38
N MET I 244 47.64 -82.71 14.85
CA MET I 244 48.51 -81.59 14.53
C MET I 244 49.98 -81.98 14.61
N ASN I 245 50.75 -81.60 13.59
CA ASN I 245 52.17 -81.92 13.54
C ASN I 245 53.05 -80.68 13.66
N ILE I 246 54.10 -80.79 14.47
CA ILE I 246 55.04 -79.69 14.66
C ILE I 246 56.44 -80.09 14.20
N TYR I 247 56.89 -79.49 13.10
CA TYR I 247 58.19 -79.82 12.53
C TYR I 247 59.26 -78.81 12.94
N LEU I 248 60.16 -79.24 13.81
CA LEU I 248 61.23 -78.37 14.30
C LEU I 248 62.50 -78.55 13.47
N VAL I 249 62.72 -77.63 12.53
CA VAL I 249 63.91 -77.68 11.68
C VAL I 249 64.96 -76.68 12.13
N LEU I 250 66.02 -77.19 12.76
CA LEU I 250 67.09 -76.33 13.26
C LEU I 250 68.29 -76.30 12.31
N ASP I 251 68.82 -75.10 12.08
CA ASP I 251 69.95 -74.92 11.18
C ASP I 251 71.28 -75.02 11.95
N GLY I 252 72.13 -75.94 11.53
CA GLY I 252 73.41 -76.14 12.17
C GLY I 252 74.60 -75.84 11.27
N SER I 253 74.39 -74.92 10.33
CA SER I 253 75.46 -74.53 9.41
C SER I 253 76.59 -73.82 10.15
N GLY I 254 77.73 -73.67 9.49
CA GLY I 254 78.88 -73.03 10.10
C GLY I 254 78.81 -71.51 10.02
N SER I 255 77.69 -71.00 9.53
CA SER I 255 77.50 -69.56 9.39
C SER I 255 76.71 -68.99 10.56
N ILE I 256 76.39 -69.84 11.53
CA ILE I 256 75.60 -69.42 12.69
C ILE I 256 76.46 -69.33 13.95
N GLY I 257 77.23 -70.37 14.22
CA GLY I 257 78.08 -70.40 15.40
C GLY I 257 77.44 -71.15 16.55
N ALA I 258 78.26 -71.83 17.35
CA ALA I 258 77.77 -72.60 18.48
C ALA I 258 77.05 -71.71 19.49
N SER I 259 77.38 -70.42 19.48
CA SER I 259 76.75 -69.47 20.39
C SER I 259 75.27 -69.32 20.08
N ASP I 260 74.96 -68.90 18.87
CA ASP I 260 73.58 -68.68 18.46
C ASP I 260 72.84 -69.98 18.16
N PHE I 261 73.57 -71.09 18.19
CA PHE I 261 72.97 -72.39 17.92
C PHE I 261 72.45 -73.04 19.19
N THR I 262 73.33 -73.22 20.18
CA THR I 262 72.96 -73.83 21.44
C THR I 262 71.82 -73.06 22.12
N GLY I 263 71.76 -71.76 21.84
CA GLY I 263 70.71 -70.92 22.38
C GLY I 263 69.38 -71.19 21.71
N ALA I 264 69.44 -71.56 20.42
CA ALA I 264 68.24 -71.87 19.66
C ALA I 264 67.63 -73.19 20.13
N LYS I 265 68.49 -74.09 20.61
CA LYS I 265 68.04 -75.38 21.12
C LYS I 265 67.19 -75.18 22.38
N LYS I 266 67.77 -74.50 23.36
CA LYS I 266 67.06 -74.19 24.61
C LYS I 266 65.78 -73.43 24.29
N CYS I 267 65.83 -72.62 23.25
CA CYS I 267 64.68 -71.84 22.81
C CYS I 267 63.53 -72.75 22.39
N LEU I 268 63.86 -73.87 21.77
CA LEU I 268 62.86 -74.83 21.34
C LEU I 268 62.39 -75.71 22.50
N VAL I 269 63.30 -76.01 23.41
CA VAL I 269 62.98 -76.83 24.58
C VAL I 269 61.80 -76.24 25.33
N ASN I 270 61.85 -74.94 25.57
CA ASN I 270 60.78 -74.24 26.29
C ASN I 270 59.49 -74.21 25.47
N LEU I 271 59.63 -74.24 24.15
CA LEU I 271 58.48 -74.21 23.25
C LEU I 271 57.64 -75.47 23.39
N ILE I 272 58.32 -76.62 23.43
CA ILE I 272 57.63 -77.91 23.57
C ILE I 272 56.87 -77.97 24.89
N GLU I 273 57.54 -77.56 25.97
CA GLU I 273 56.93 -77.56 27.29
C GLU I 273 55.78 -76.55 27.34
N LYS I 274 55.92 -75.47 26.58
CA LYS I 274 54.89 -74.45 26.50
C LYS I 274 53.61 -75.01 25.87
N VAL I 275 53.77 -75.75 24.77
CA VAL I 275 52.65 -76.38 24.11
C VAL I 275 52.04 -77.46 25.00
N ALA I 276 52.89 -78.08 25.82
CA ALA I 276 52.46 -79.14 26.72
C ALA I 276 51.54 -78.60 27.82
N SER I 277 51.74 -77.35 28.20
CA SER I 277 50.94 -76.75 29.26
C SER I 277 49.49 -76.56 28.80
N TYR I 278 49.29 -76.61 27.49
CA TYR I 278 47.94 -76.49 26.93
C TYR I 278 47.21 -77.83 26.95
N GLY I 279 47.86 -78.84 27.53
CA GLY I 279 47.27 -80.16 27.62
C GLY I 279 47.10 -80.82 26.26
N VAL I 280 47.90 -80.37 25.30
CA VAL I 280 47.85 -80.93 23.95
C VAL I 280 49.13 -81.69 23.63
N LYS I 281 49.00 -82.87 23.04
CA LYS I 281 50.15 -83.69 22.71
C LYS I 281 50.22 -83.96 21.21
N PRO I 282 50.75 -83.00 20.45
CA PRO I 282 50.91 -83.11 18.99
C PRO I 282 51.99 -84.10 18.60
N ARG I 283 52.29 -84.16 17.31
CA ARG I 283 53.36 -85.03 16.80
C ARG I 283 54.55 -84.19 16.36
N TYR I 284 55.66 -84.30 17.09
CA TYR I 284 56.85 -83.51 16.80
C TYR I 284 57.77 -84.17 15.78
N GLY I 285 58.66 -83.37 15.20
CA GLY I 285 59.62 -83.87 14.23
C GLY I 285 60.88 -83.01 14.22
N LEU I 286 61.89 -83.44 14.98
CA LEU I 286 63.13 -82.69 15.10
C LEU I 286 64.09 -83.02 13.98
N VAL I 287 64.55 -81.99 13.26
CA VAL I 287 65.46 -82.18 12.14
C VAL I 287 66.50 -81.05 12.06
N THR I 288 67.76 -81.41 12.26
CA THR I 288 68.85 -80.45 12.12
C THR I 288 69.59 -80.69 10.80
N TYR I 289 69.77 -79.62 10.02
CA TYR I 289 70.36 -79.76 8.70
C TYR I 289 71.61 -78.89 8.52
N ALA I 290 72.45 -79.30 7.57
CA ALA I 290 73.64 -78.54 7.21
C ALA I 290 73.89 -78.70 5.72
N THR I 291 74.82 -79.58 5.37
CA THR I 291 75.02 -79.94 3.97
C THR I 291 74.00 -81.00 3.60
N TYR I 292 73.58 -81.77 4.61
CA TYR I 292 72.56 -82.79 4.42
C TYR I 292 71.66 -82.85 5.66
N PRO I 293 70.37 -83.11 5.45
CA PRO I 293 69.39 -83.20 6.55
C PRO I 293 69.74 -84.33 7.52
N LYS I 294 69.34 -84.17 8.77
CA LYS I 294 69.55 -85.20 9.79
C LYS I 294 68.32 -85.33 10.68
N ILE I 295 67.52 -86.36 10.42
CA ILE I 295 66.28 -86.57 11.15
C ILE I 295 66.50 -87.27 12.48
N TRP I 296 66.13 -86.60 13.57
CA TRP I 296 66.25 -87.17 14.91
C TRP I 296 64.92 -87.75 15.37
N VAL I 297 63.84 -87.05 15.04
CA VAL I 297 62.50 -87.48 15.41
C VAL I 297 61.56 -87.41 14.20
N LYS I 298 60.86 -88.50 13.94
CA LYS I 298 59.92 -88.57 12.83
C LYS I 298 58.48 -88.64 13.33
N VAL I 299 57.57 -87.95 12.64
CA VAL I 299 56.18 -87.89 13.05
C VAL I 299 55.49 -89.26 12.97
N SER I 300 56.09 -90.19 12.24
CA SER I 300 55.52 -91.52 12.08
C SER I 300 55.89 -92.42 13.26
N GLU I 301 56.83 -91.97 14.08
CA GLU I 301 57.27 -92.74 15.24
C GLU I 301 56.19 -92.72 16.33
N ALA I 302 56.24 -93.72 17.21
CA ALA I 302 55.27 -93.82 18.30
C ALA I 302 55.71 -92.96 19.49
N ASP I 303 56.86 -92.32 19.37
CA ASP I 303 57.38 -91.47 20.44
C ASP I 303 57.36 -90.00 20.04
N SER I 304 56.76 -89.72 18.88
CA SER I 304 56.67 -88.36 18.39
C SER I 304 55.70 -87.52 19.22
N SER I 305 54.76 -88.19 19.86
CA SER I 305 53.77 -87.51 20.70
C SER I 305 54.31 -87.27 22.10
N ASN I 306 55.35 -88.01 22.48
CA ASN I 306 55.95 -87.87 23.79
C ASN I 306 56.85 -86.62 23.86
N ALA I 307 56.33 -85.57 24.49
CA ALA I 307 57.05 -84.31 24.59
C ALA I 307 58.41 -84.48 25.28
N ASP I 308 58.45 -85.35 26.28
CA ASP I 308 59.68 -85.58 27.04
C ASP I 308 60.79 -86.09 26.15
N TRP I 309 60.52 -87.17 25.42
CA TRP I 309 61.53 -87.79 24.55
C TRP I 309 62.06 -86.81 23.51
N VAL I 310 61.15 -86.06 22.89
CA VAL I 310 61.53 -85.08 21.88
C VAL I 310 62.47 -84.04 22.46
N THR I 311 62.27 -83.71 23.74
CA THR I 311 63.10 -82.72 24.42
C THR I 311 64.51 -83.26 24.66
N LYS I 312 64.60 -84.53 25.07
CA LYS I 312 65.89 -85.14 25.32
C LYS I 312 66.69 -85.31 24.03
N GLN I 313 65.98 -85.61 22.95
CA GLN I 313 66.61 -85.71 21.64
C GLN I 313 67.13 -84.34 21.20
N LEU I 314 66.48 -83.30 21.68
CA LEU I 314 66.86 -81.93 21.37
C LEU I 314 68.07 -81.51 22.21
N ASN I 315 68.37 -82.30 23.22
CA ASN I 315 69.49 -82.04 24.10
C ASN I 315 70.75 -82.79 23.68
N GLU I 316 70.56 -84.00 23.16
CA GLU I 316 71.68 -84.84 22.74
C GLU I 316 72.40 -84.24 21.53
N ILE I 317 71.67 -83.52 20.70
CA ILE I 317 72.25 -82.89 19.52
C ILE I 317 73.28 -81.84 19.91
N ASN I 318 74.27 -81.64 19.05
CA ASN I 318 75.33 -80.67 19.31
C ASN I 318 75.74 -79.94 18.03
N TYR I 319 76.28 -78.75 18.18
CA TYR I 319 76.72 -77.96 17.03
C TYR I 319 77.91 -78.62 16.34
N GLU I 320 78.56 -79.54 17.05
CA GLU I 320 79.72 -80.24 16.51
C GLU I 320 79.29 -81.36 15.57
N ASP I 321 77.99 -81.63 15.53
CA ASP I 321 77.45 -82.68 14.68
C ASP I 321 77.64 -82.35 13.20
N HIS I 322 77.59 -81.06 12.88
CA HIS I 322 77.73 -80.61 11.49
C HIS I 322 78.94 -79.70 11.33
N LYS I 323 80.11 -80.16 11.78
CA LYS I 323 81.34 -79.39 11.67
C LYS I 323 82.15 -79.84 10.45
N LEU I 324 82.21 -81.15 10.24
CA LEU I 324 82.94 -81.71 9.11
C LEU I 324 82.36 -81.20 7.79
N LYS I 325 81.04 -81.25 7.68
CA LYS I 325 80.35 -80.77 6.49
C LYS I 325 79.42 -79.61 6.85
N SER I 326 80.00 -78.45 7.13
CA SER I 326 79.23 -77.28 7.51
C SER I 326 78.65 -76.58 6.28
N GLY I 327 77.63 -77.18 5.69
CA GLY I 327 76.98 -76.60 4.53
C GLY I 327 75.66 -75.97 4.89
N THR I 328 75.00 -75.36 3.91
CA THR I 328 73.70 -74.75 4.13
C THR I 328 72.75 -75.07 2.99
N ASN I 329 72.05 -76.19 3.12
CA ASN I 329 71.12 -76.63 2.10
C ASN I 329 69.70 -76.72 2.66
N THR I 330 69.05 -75.56 2.78
CA THR I 330 67.71 -75.49 3.34
C THR I 330 66.70 -76.29 2.53
N LYS I 331 66.98 -76.44 1.23
CA LYS I 331 66.09 -77.16 0.33
C LYS I 331 65.88 -78.60 0.80
N LYS I 332 66.97 -79.34 0.95
CA LYS I 332 66.90 -80.73 1.40
C LYS I 332 66.25 -80.83 2.77
N ALA I 333 66.45 -79.81 3.60
CA ALA I 333 65.87 -79.79 4.93
C ALA I 333 64.35 -79.86 4.88
N LEU I 334 63.75 -79.00 4.05
CA LEU I 334 62.30 -78.98 3.89
C LEU I 334 61.81 -80.25 3.21
N GLN I 335 62.63 -80.79 2.31
CA GLN I 335 62.29 -82.03 1.63
C GLN I 335 62.20 -83.17 2.63
N ALA I 336 63.05 -83.13 3.65
CA ALA I 336 63.02 -84.13 4.71
C ALA I 336 61.69 -84.05 5.46
N VAL I 337 61.17 -82.84 5.60
CA VAL I 337 59.87 -82.62 6.23
C VAL I 337 58.77 -83.12 5.31
N TYR I 338 58.99 -83.00 4.01
CA TYR I 338 58.02 -83.44 3.01
C TYR I 338 57.79 -84.94 3.10
N SER I 339 58.87 -85.70 3.29
CA SER I 339 58.79 -87.15 3.37
C SER I 339 58.10 -87.61 4.64
N MET I 340 58.06 -86.73 5.64
CA MET I 340 57.42 -87.04 6.91
C MET I 340 55.90 -86.87 6.83
N MET I 341 55.47 -85.99 5.93
CA MET I 341 54.05 -85.72 5.76
C MET I 341 53.51 -86.32 4.47
N SER I 342 54.37 -87.03 3.75
CA SER I 342 53.99 -87.66 2.49
C SER I 342 53.31 -89.01 2.74
N TRP I 343 53.01 -89.72 1.65
CA TRP I 343 52.34 -91.02 1.76
C TRP I 343 52.60 -91.90 0.53
N PRO I 344 52.61 -93.22 0.73
CA PRO I 344 52.85 -94.22 -0.33
C PRO I 344 51.86 -94.06 -1.48
N ASP I 345 50.58 -94.30 -1.19
CA ASP I 345 49.50 -94.12 -2.16
C ASP I 345 49.34 -95.28 -3.14
N ASP I 346 48.64 -96.34 -2.74
CA ASP I 346 48.10 -96.54 -1.40
C ASP I 346 47.41 -95.35 -0.75
N VAL I 347 47.67 -95.18 0.55
CA VAL I 347 47.23 -94.01 1.31
C VAL I 347 47.64 -92.74 0.55
N PRO I 348 46.69 -91.81 0.32
CA PRO I 348 45.39 -91.49 0.92
C PRO I 348 45.12 -92.04 2.31
N PRO I 349 45.50 -91.27 3.34
CA PRO I 349 45.34 -91.61 4.76
C PRO I 349 43.95 -91.24 5.27
N GLU I 350 43.51 -91.90 6.34
CA GLU I 350 42.25 -91.55 6.97
C GLU I 350 42.45 -90.39 7.94
N GLY I 351 42.12 -89.19 7.49
CA GLY I 351 42.27 -88.01 8.32
C GLY I 351 43.44 -87.12 7.91
N TRP I 352 43.83 -87.21 6.65
CA TRP I 352 44.91 -86.38 6.13
C TRP I 352 44.42 -84.95 5.93
N ASN I 353 43.12 -84.82 5.61
CA ASN I 353 42.52 -83.51 5.42
C ASN I 353 41.95 -82.89 6.70
N ARG I 354 42.45 -83.36 7.80
CA ARG I 354 42.02 -82.85 9.09
C ARG I 354 43.20 -82.49 9.98
N THR I 355 44.40 -82.71 9.46
CA THR I 355 45.62 -82.47 10.23
C THR I 355 46.25 -81.13 9.90
N ARG I 356 46.54 -80.35 10.95
CA ARG I 356 47.25 -79.09 10.78
C ARG I 356 48.75 -79.30 10.89
N HIS I 357 49.52 -78.58 10.08
CA HIS I 357 50.97 -78.71 10.08
C HIS I 357 51.64 -77.39 10.44
N VAL I 358 52.52 -77.43 11.43
CA VAL I 358 53.23 -76.23 11.89
C VAL I 358 54.74 -76.42 11.79
N ILE I 359 55.33 -75.83 10.76
CA ILE I 359 56.78 -75.94 10.55
C ILE I 359 57.52 -74.75 11.15
N ILE I 360 58.38 -75.03 12.12
CA ILE I 360 59.17 -73.99 12.77
C ILE I 360 60.65 -74.23 12.53
N LEU I 361 61.32 -73.26 11.91
CA LEU I 361 62.73 -73.40 11.58
C LEU I 361 63.55 -72.16 11.90
N MET I 362 64.69 -72.35 12.55
CA MET I 362 65.65 -71.27 12.78
C MET I 362 66.70 -71.30 11.70
N THR I 363 66.98 -70.14 11.11
CA THR I 363 67.96 -70.04 10.04
C THR I 363 68.33 -68.59 9.75
N ASP I 364 69.58 -68.38 9.32
CA ASP I 364 70.04 -67.04 8.96
C ASP I 364 69.55 -66.66 7.57
N GLY I 365 68.97 -67.63 6.87
CA GLY I 365 68.43 -67.39 5.54
C GLY I 365 69.49 -67.32 4.46
N LEU I 366 70.75 -67.54 4.85
CA LEU I 366 71.86 -67.49 3.91
C LEU I 366 72.17 -68.86 3.32
N HIS I 367 71.23 -69.40 2.54
CA HIS I 367 71.44 -70.68 1.87
C HIS I 367 72.30 -70.51 0.63
N ASN I 368 73.04 -71.55 0.27
CA ASN I 368 73.94 -71.50 -0.87
C ASN I 368 73.97 -72.81 -1.65
N MET I 369 73.40 -73.86 -1.07
CA MET I 369 73.36 -75.17 -1.71
C MET I 369 71.92 -75.66 -1.84
N GLY I 370 71.52 -76.04 -3.05
CA GLY I 370 70.19 -76.55 -3.29
C GLY I 370 69.35 -75.59 -4.12
N GLY I 371 69.59 -74.30 -3.95
CA GLY I 371 68.86 -73.29 -4.70
C GLY I 371 67.81 -72.57 -3.86
N ASP I 372 66.63 -72.37 -4.44
CA ASP I 372 65.55 -71.68 -3.74
C ASP I 372 64.67 -72.67 -3.00
N PRO I 373 64.74 -72.65 -1.66
CA PRO I 373 63.96 -73.56 -0.79
C PRO I 373 62.46 -73.36 -0.94
N ILE I 374 62.05 -72.23 -1.51
CA ILE I 374 60.64 -71.93 -1.71
C ILE I 374 59.95 -73.03 -2.52
N THR I 375 60.66 -73.55 -3.52
CA THR I 375 60.10 -74.58 -4.40
C THR I 375 59.54 -75.75 -3.60
N VAL I 376 60.19 -76.09 -2.49
CA VAL I 376 59.74 -77.19 -1.66
C VAL I 376 58.43 -76.86 -0.94
N ILE I 377 58.33 -75.62 -0.46
CA ILE I 377 57.12 -75.16 0.21
C ILE I 377 55.92 -75.34 -0.70
N ASP I 378 56.07 -74.99 -1.97
CA ASP I 378 55.00 -75.13 -2.95
C ASP I 378 54.59 -76.58 -3.11
N GLU I 379 55.56 -77.49 -3.12
CA GLU I 379 55.30 -78.92 -3.22
C GLU I 379 54.50 -79.40 -2.03
N ILE I 380 54.77 -78.81 -0.86
CA ILE I 380 54.04 -79.16 0.35
C ILE I 380 52.59 -78.71 0.26
N ARG I 381 52.38 -77.52 -0.30
CA ARG I 381 51.03 -76.99 -0.48
C ARG I 381 50.20 -77.88 -1.40
N ASP I 382 50.84 -78.37 -2.47
CA ASP I 382 50.15 -79.24 -3.42
C ASP I 382 49.85 -80.61 -2.81
N LEU I 383 50.71 -81.04 -1.89
CA LEU I 383 50.54 -82.33 -1.23
C LEU I 383 49.39 -82.28 -0.22
N LEU I 384 49.22 -81.11 0.41
CA LEU I 384 48.16 -80.92 1.38
C LEU I 384 46.91 -80.31 0.74
N TYR I 385 46.98 -80.12 -0.58
CA TYR I 385 45.86 -79.54 -1.33
C TYR I 385 45.44 -78.20 -0.74
N ILE I 386 46.37 -77.25 -0.72
CA ILE I 386 46.11 -75.93 -0.18
C ILE I 386 46.18 -74.86 -1.26
N GLY I 387 45.23 -73.94 -1.25
CA GLY I 387 45.18 -72.87 -2.23
C GLY I 387 44.83 -73.39 -3.61
N LYS I 388 44.35 -74.63 -3.67
CA LYS I 388 43.99 -75.25 -4.93
C LYS I 388 42.47 -75.36 -5.08
N ASP I 389 41.76 -74.56 -4.28
CA ASP I 389 40.29 -74.55 -4.33
C ASP I 389 39.76 -73.16 -3.98
N ARG I 390 39.03 -72.57 -4.93
CA ARG I 390 38.50 -71.22 -4.76
C ARG I 390 37.51 -71.14 -3.59
N LYS I 391 36.85 -72.25 -3.30
CA LYS I 391 35.85 -72.30 -2.24
C LYS I 391 36.44 -72.81 -0.94
N ASN I 392 37.49 -73.62 -1.04
CA ASN I 392 38.14 -74.18 0.13
C ASN I 392 39.66 -74.00 0.12
N PRO I 393 40.13 -72.82 0.54
CA PRO I 393 41.56 -72.48 0.57
C PRO I 393 42.38 -73.46 1.39
N ARG I 394 41.87 -73.85 2.55
CA ARG I 394 42.58 -74.75 3.45
C ARG I 394 43.90 -74.16 3.92
N GLU I 395 43.94 -72.83 4.03
CA GLU I 395 45.14 -72.15 4.48
C GLU I 395 45.38 -72.35 5.97
N ASP I 396 44.34 -72.79 6.67
CA ASP I 396 44.42 -73.00 8.11
C ASP I 396 45.11 -74.32 8.44
N TYR I 397 45.50 -75.06 7.42
CA TYR I 397 46.13 -76.36 7.60
C TYR I 397 47.65 -76.32 7.39
N LEU I 398 48.22 -75.13 7.48
CA LEU I 398 49.66 -74.98 7.29
C LEU I 398 50.19 -73.65 7.79
N ASP I 399 51.11 -73.71 8.76
CA ASP I 399 51.76 -72.53 9.28
C ASP I 399 53.29 -72.68 9.21
N VAL I 400 53.96 -71.65 8.73
CA VAL I 400 55.41 -71.66 8.61
C VAL I 400 56.05 -70.50 9.37
N TYR I 401 56.60 -70.78 10.54
CA TYR I 401 57.26 -69.76 11.35
C TYR I 401 58.77 -69.80 11.14
N VAL I 402 59.35 -68.62 10.90
CA VAL I 402 60.79 -68.52 10.68
C VAL I 402 61.43 -67.58 11.70
N PHE I 403 62.60 -67.97 12.20
CA PHE I 403 63.31 -67.16 13.18
C PHE I 403 64.78 -66.97 12.78
N GLY I 404 65.22 -65.72 12.76
CA GLY I 404 66.59 -65.40 12.42
C GLY I 404 67.52 -65.59 13.61
N VAL I 405 68.55 -66.42 13.42
CA VAL I 405 69.48 -66.72 14.51
C VAL I 405 70.91 -66.30 14.18
N GLY I 406 71.33 -66.55 12.95
CA GLY I 406 72.68 -66.23 12.52
C GLY I 406 72.98 -64.74 12.61
N PRO I 407 74.26 -64.38 12.75
CA PRO I 407 74.69 -62.99 12.81
C PRO I 407 74.16 -62.19 11.63
N LEU I 408 74.42 -62.68 10.41
CA LEU I 408 73.90 -62.04 9.21
C LEU I 408 72.66 -62.79 8.74
N VAL I 409 71.49 -62.17 8.94
CA VAL I 409 70.24 -62.80 8.54
C VAL I 409 69.56 -62.05 7.40
N ASN I 410 69.28 -62.76 6.32
CA ASN I 410 68.63 -62.17 5.16
C ASN I 410 67.11 -62.16 5.31
N GLN I 411 66.57 -61.02 5.71
CA GLN I 411 65.13 -60.89 5.95
C GLN I 411 64.32 -61.18 4.69
N VAL I 412 64.94 -60.99 3.53
CA VAL I 412 64.27 -61.24 2.26
C VAL I 412 63.87 -62.69 2.14
N ASN I 413 64.81 -63.59 2.43
CA ASN I 413 64.59 -65.03 2.29
C ASN I 413 63.70 -65.60 3.40
N ILE I 414 64.00 -65.25 4.64
CA ILE I 414 63.25 -65.76 5.78
C ILE I 414 61.77 -65.36 5.72
N ASN I 415 61.48 -64.34 4.91
CA ASN I 415 60.11 -63.89 4.72
C ASN I 415 59.39 -64.69 3.64
N ALA I 416 60.13 -65.04 2.59
CA ALA I 416 59.57 -65.78 1.47
C ALA I 416 59.09 -67.17 1.88
N LEU I 417 59.70 -67.71 2.94
CA LEU I 417 59.32 -69.04 3.43
C LEU I 417 58.17 -68.94 4.43
N ALA I 418 58.26 -67.98 5.34
CA ALA I 418 57.23 -67.79 6.35
C ALA I 418 55.87 -67.54 5.70
N SER I 419 54.82 -67.99 6.36
CA SER I 419 53.45 -67.83 5.84
C SER I 419 52.97 -66.40 5.99
N LYS I 420 51.98 -66.03 5.17
CA LYS I 420 51.42 -64.69 5.22
C LYS I 420 49.92 -64.73 5.52
N LYS I 421 49.56 -64.63 6.80
CA LYS I 421 48.16 -64.63 7.19
C LYS I 421 47.74 -63.27 7.74
N ASP I 422 46.47 -62.92 7.51
CA ASP I 422 45.95 -61.63 7.93
C ASP I 422 46.06 -61.43 9.44
N ASN I 423 46.61 -60.27 9.83
CA ASN I 423 46.75 -59.92 11.24
C ASN I 423 47.57 -60.95 12.02
N GLU I 424 48.48 -61.62 11.33
CA GLU I 424 49.36 -62.60 11.97
C GLU I 424 50.79 -62.44 11.48
N GLN I 425 51.74 -62.60 12.39
CA GLN I 425 53.15 -62.46 12.06
C GLN I 425 53.86 -63.82 12.10
N HIS I 426 54.63 -64.12 11.07
CA HIS I 426 55.36 -65.38 11.00
C HIS I 426 56.86 -65.16 10.87
N VAL I 427 57.24 -63.93 10.54
CA VAL I 427 58.65 -63.56 10.42
C VAL I 427 59.13 -62.89 11.71
N PHE I 428 60.22 -63.41 12.28
CA PHE I 428 60.74 -62.88 13.53
C PHE I 428 62.25 -62.69 13.50
N LYS I 429 62.71 -61.57 14.06
CA LYS I 429 64.13 -61.28 14.17
C LYS I 429 64.41 -60.50 15.45
N VAL I 430 64.71 -61.22 16.53
CA VAL I 430 64.99 -60.60 17.82
C VAL I 430 66.34 -59.88 17.79
N LYS I 431 66.60 -59.09 18.83
CA LYS I 431 67.85 -58.37 18.96
C LYS I 431 69.03 -59.35 19.03
N ASP I 432 69.05 -60.15 20.10
CA ASP I 432 70.09 -61.15 20.27
C ASP I 432 69.49 -62.48 20.73
N MET I 433 70.34 -63.49 20.91
CA MET I 433 69.88 -64.82 21.31
C MET I 433 69.23 -64.79 22.69
N GLU I 434 69.77 -63.98 23.59
CA GLU I 434 69.24 -63.86 24.95
C GLU I 434 67.77 -63.45 24.92
N ASN I 435 67.44 -62.53 24.01
CA ASN I 435 66.06 -62.06 23.87
C ASN I 435 65.15 -63.12 23.27
N LEU I 436 65.70 -63.91 22.35
CA LEU I 436 64.95 -64.98 21.70
C LEU I 436 64.49 -66.00 22.74
N GLU I 437 65.32 -66.22 23.75
CA GLU I 437 64.99 -67.12 24.84
C GLU I 437 63.86 -66.55 25.69
N ASP I 438 63.99 -65.27 26.05
CA ASP I 438 62.98 -64.60 26.86
C ASP I 438 61.61 -64.66 26.22
N VAL I 439 61.58 -64.76 24.89
CA VAL I 439 60.34 -64.87 24.14
C VAL I 439 59.57 -66.12 24.56
N PHE I 440 60.31 -67.20 24.83
CA PHE I 440 59.70 -68.47 25.18
C PHE I 440 59.61 -68.68 26.70
N TYR I 441 60.31 -67.83 27.46
CA TYR I 441 60.21 -67.87 28.91
C TYR I 441 58.89 -67.24 29.35
N GLN I 442 58.52 -66.15 28.71
CA GLN I 442 57.29 -65.44 29.03
C GLN I 442 56.07 -66.29 28.72
N MET I 443 56.23 -67.22 27.78
CA MET I 443 55.14 -68.09 27.37
C MET I 443 54.78 -69.11 28.45
N ILE I 444 55.78 -69.84 28.93
CA ILE I 444 55.57 -70.87 29.93
C ILE I 444 54.78 -70.36 31.13
N ASP I 445 55.05 -69.13 31.53
CA ASP I 445 54.39 -68.53 32.68
C ASP I 445 52.98 -68.04 32.33
N GLU I 446 52.87 -67.34 31.21
CA GLU I 446 51.59 -66.79 30.77
C GLU I 446 50.64 -67.88 30.30
N SER I 447 49.36 -67.70 30.59
CA SER I 447 48.33 -68.65 30.15
C SER I 447 47.15 -67.91 29.52
N GLN I 448 47.32 -67.51 28.27
CA GLN I 448 46.29 -66.76 27.55
C GLN I 448 44.96 -67.50 27.56
N SER I 449 43.86 -66.74 27.59
CA SER I 449 42.53 -67.32 27.62
C SER I 449 42.21 -68.06 26.33
N LEU I 450 41.93 -69.36 26.45
CA LEU I 450 41.58 -70.18 25.30
C LEU I 450 40.10 -70.49 25.27
N SER I 451 39.33 -69.64 24.59
CA SER I 451 37.89 -69.83 24.48
C SER I 451 37.49 -70.07 23.03
N LEU I 452 36.45 -70.87 22.83
CA LEU I 452 35.97 -71.19 21.49
C LEU I 452 34.58 -70.62 21.23
N CYS I 453 34.49 -69.30 21.23
CA CYS I 453 33.23 -68.62 20.95
C CYS I 453 33.07 -68.40 19.44
N GLY I 454 31.85 -68.52 18.95
CA GLY I 454 31.55 -68.35 17.54
C GLY I 454 32.39 -69.27 16.68
N MET I 455 32.58 -70.51 17.14
CA MET I 455 33.37 -71.49 16.41
C MET I 455 32.47 -72.52 15.73
N VAL I 456 32.94 -73.04 14.59
CA VAL I 456 32.17 -74.02 13.84
C VAL I 456 32.92 -75.35 13.72
N TRP I 457 32.21 -76.44 14.02
CA TRP I 457 32.78 -77.77 13.89
C TRP I 457 32.48 -78.35 12.51
N GLU I 458 33.12 -79.46 12.19
CA GLU I 458 32.94 -80.11 10.89
C GLU I 458 31.46 -80.29 10.56
N HIS I 459 31.03 -79.88 9.36
CA HIS I 459 31.89 -79.28 8.33
C HIS I 459 33.08 -80.16 7.93
N ASP I 464 25.78 -84.88 10.31
CA ASP I 464 25.18 -84.44 9.05
C ASP I 464 25.55 -83.00 8.74
N TYR I 465 24.57 -82.11 8.84
CA TYR I 465 24.79 -80.69 8.55
C TYR I 465 24.15 -79.80 9.61
N HIS I 466 24.99 -79.24 10.48
CA HIS I 466 24.53 -78.35 11.52
C HIS I 466 25.64 -77.37 11.90
N LYS I 467 25.80 -76.33 11.09
CA LYS I 467 26.89 -75.37 11.25
C LYS I 467 26.49 -74.15 12.08
N GLN I 468 25.49 -74.32 12.94
CA GLN I 468 25.04 -73.24 13.81
C GLN I 468 24.80 -73.73 15.23
N PRO I 469 25.87 -74.05 15.96
CA PRO I 469 25.79 -74.54 17.34
C PRO I 469 25.15 -73.51 18.28
N TRP I 470 25.50 -72.24 18.09
CA TRP I 470 24.97 -71.18 18.93
C TRP I 470 23.45 -71.06 18.79
N GLN I 471 22.95 -71.40 17.60
CA GLN I 471 21.53 -71.25 17.30
C GLN I 471 20.65 -71.95 18.33
N ALA I 472 19.57 -71.27 18.74
CA ALA I 472 18.65 -71.83 19.71
C ALA I 472 17.20 -71.58 19.28
N LYS I 473 16.32 -72.53 19.57
CA LYS I 473 14.91 -72.40 19.21
C LYS I 473 14.04 -72.31 20.45
N ILE I 474 13.35 -71.19 20.61
CA ILE I 474 12.52 -70.95 21.78
C ILE I 474 11.03 -71.08 21.47
N SER I 475 10.29 -71.70 22.38
CA SER I 475 8.85 -71.85 22.23
C SER I 475 8.12 -71.58 23.55
N VAL I 476 7.07 -70.78 23.48
CA VAL I 476 6.29 -70.43 24.66
C VAL I 476 4.83 -70.83 24.50
N ILE I 477 4.39 -71.78 25.31
CA ILE I 477 3.02 -72.26 25.25
C ILE I 477 2.06 -71.34 26.00
N ARG I 478 0.96 -71.00 25.36
CA ARG I 478 -0.05 -70.12 25.95
C ARG I 478 -1.45 -70.72 25.79
N PRO I 479 -2.41 -70.24 26.59
CA PRO I 479 -3.79 -70.73 26.50
C PRO I 479 -4.31 -70.75 25.06
N SER I 480 -5.26 -71.63 24.79
CA SER I 480 -5.82 -71.82 23.45
C SER I 480 -4.81 -72.41 22.47
N LYS I 481 -3.70 -71.71 22.29
CA LYS I 481 -2.63 -72.18 21.40
C LYS I 481 -1.32 -71.46 21.72
N GLY I 482 -1.21 -70.22 21.25
CA GLY I 482 -0.04 -69.41 21.51
C GLY I 482 1.21 -69.88 20.78
N HIS I 483 1.89 -70.86 21.36
CA HIS I 483 3.12 -71.41 20.80
C HIS I 483 4.05 -70.33 20.23
N GLU I 484 4.26 -69.27 21.01
CA GLU I 484 5.14 -68.18 20.61
C GLU I 484 6.47 -68.75 20.11
N SER I 485 6.76 -68.50 18.83
CA SER I 485 7.95 -69.07 18.20
C SER I 485 9.07 -68.05 18.01
N CYS I 486 10.07 -68.12 18.87
CA CYS I 486 11.22 -67.23 18.78
C CYS I 486 12.53 -68.03 18.75
N MET I 487 13.65 -67.32 18.68
CA MET I 487 14.96 -67.96 18.65
C MET I 487 15.96 -67.19 19.52
N GLY I 488 16.98 -67.90 19.99
CA GLY I 488 18.01 -67.29 20.82
C GLY I 488 19.41 -67.66 20.38
N ALA I 489 20.37 -67.50 21.29
CA ALA I 489 21.77 -67.80 20.98
C ALA I 489 22.55 -68.12 22.26
N VAL I 490 23.13 -69.31 22.30
CA VAL I 490 23.93 -69.73 23.44
C VAL I 490 25.16 -68.83 23.60
N VAL I 491 25.25 -68.16 24.74
CA VAL I 491 26.36 -67.26 25.00
C VAL I 491 27.23 -67.75 26.15
N SER I 492 26.73 -68.75 26.87
CA SER I 492 27.47 -69.32 28.00
C SER I 492 26.97 -70.73 28.33
N GLU I 493 27.39 -71.24 29.47
CA GLU I 493 27.00 -72.59 29.90
C GLU I 493 25.64 -72.60 30.57
N TYR I 494 25.02 -71.43 30.67
CA TYR I 494 23.72 -71.30 31.32
C TYR I 494 22.80 -70.31 30.61
N PHE I 495 23.35 -69.16 30.23
CA PHE I 495 22.55 -68.09 29.64
C PHE I 495 22.42 -68.21 28.12
N VAL I 496 21.28 -67.79 27.61
CA VAL I 496 21.02 -67.80 26.17
C VAL I 496 20.36 -66.49 25.74
N LEU I 497 21.14 -65.62 25.11
CA LEU I 497 20.65 -64.31 24.67
C LEU I 497 19.53 -64.44 23.66
N THR I 498 18.51 -63.60 23.81
CA THR I 498 17.36 -63.62 22.90
C THR I 498 16.54 -62.33 23.04
N ALA I 499 15.48 -62.22 22.25
CA ALA I 499 14.61 -61.06 22.31
C ALA I 499 13.87 -61.00 23.64
N ALA I 500 13.18 -59.89 23.89
CA ALA I 500 12.45 -59.71 25.14
C ALA I 500 10.95 -59.69 24.91
N HIS I 501 10.53 -59.34 23.70
CA HIS I 501 9.10 -59.27 23.37
C HIS I 501 8.51 -60.65 23.16
N CYS I 502 9.38 -61.66 23.08
CA CYS I 502 8.93 -63.03 22.92
C CYS I 502 8.35 -63.57 24.23
N PHE I 503 8.53 -62.82 25.30
CA PHE I 503 8.04 -63.23 26.62
C PHE I 503 7.26 -62.10 27.27
N THR I 504 6.53 -62.44 28.34
CA THR I 504 5.77 -61.44 29.09
C THR I 504 5.80 -61.77 30.58
N VAL I 505 5.43 -60.79 31.40
CA VAL I 505 5.43 -60.96 32.84
C VAL I 505 4.50 -62.09 33.28
N ASP I 506 3.46 -62.33 32.48
CA ASP I 506 2.47 -63.36 32.78
C ASP I 506 3.04 -64.76 32.56
N ASP I 507 3.83 -64.92 31.50
CA ASP I 507 4.41 -66.22 31.17
C ASP I 507 5.33 -66.72 32.28
N LYS I 508 5.04 -67.92 32.78
CA LYS I 508 5.85 -68.52 33.84
C LYS I 508 7.03 -69.28 33.23
N GLU I 509 7.75 -70.03 34.08
CA GLU I 509 8.91 -70.77 33.63
C GLU I 509 8.53 -72.16 33.12
N HIS I 510 7.39 -72.66 33.58
CA HIS I 510 6.91 -73.99 33.18
C HIS I 510 6.26 -73.96 31.80
N SER I 511 5.99 -72.74 31.32
CA SER I 511 5.35 -72.57 30.02
C SER I 511 6.35 -72.13 28.95
N ILE I 512 7.63 -72.08 29.33
CA ILE I 512 8.69 -71.69 28.42
C ILE I 512 9.72 -72.80 28.24
N LYS I 513 9.84 -73.29 27.01
CA LYS I 513 10.78 -74.36 26.70
C LYS I 513 11.81 -73.92 25.66
N VAL I 514 13.07 -74.29 25.89
CA VAL I 514 14.14 -73.93 24.98
C VAL I 514 14.90 -75.17 24.50
N SER I 515 15.07 -75.28 23.19
CA SER I 515 15.75 -76.42 22.60
C SER I 515 16.99 -75.98 21.81
N VAL I 516 18.11 -76.62 22.07
CA VAL I 516 19.36 -76.31 21.38
C VAL I 516 20.03 -77.57 20.87
N GLY I 517 20.91 -77.40 19.87
CA GLY I 517 21.64 -78.52 19.30
C GLY I 517 20.75 -79.48 18.53
N GLY I 518 19.51 -79.08 18.29
CA GLY I 518 18.57 -79.90 17.55
C GLY I 518 18.03 -81.06 18.37
N GLU I 519 18.24 -81.00 19.69
CA GLU I 519 17.76 -82.04 20.58
C GLU I 519 16.24 -82.10 20.60
N LYS I 520 15.69 -83.31 20.66
CA LYS I 520 14.25 -83.51 20.65
C LYS I 520 13.61 -83.04 21.95
N ARG I 521 14.33 -83.19 23.05
CA ARG I 521 13.81 -82.80 24.37
C ARG I 521 13.83 -81.29 24.55
N ASP I 522 13.18 -80.82 25.61
CA ASP I 522 13.15 -79.40 25.92
C ASP I 522 13.83 -79.13 27.27
N LEU I 523 14.71 -78.14 27.29
CA LEU I 523 15.44 -77.79 28.50
C LEU I 523 14.61 -76.91 29.42
N GLU I 524 14.64 -77.23 30.71
CA GLU I 524 13.91 -76.45 31.71
C GLU I 524 14.70 -75.21 32.11
N ILE I 525 14.04 -74.06 32.04
CA ILE I 525 14.69 -72.79 32.37
C ILE I 525 14.58 -72.50 33.87
N GLU I 526 15.35 -71.50 34.32
CA GLU I 526 15.33 -71.10 35.73
C GLU I 526 14.65 -69.75 35.90
N VAL I 527 15.11 -68.77 35.13
CA VAL I 527 14.56 -67.42 35.21
C VAL I 527 14.94 -66.59 33.98
N VAL I 528 13.98 -65.84 33.45
CA VAL I 528 14.22 -64.99 32.29
C VAL I 528 14.48 -63.55 32.73
N LEU I 529 15.70 -63.09 32.50
CA LEU I 529 16.09 -61.73 32.90
C LEU I 529 15.85 -60.73 31.78
N PHE I 530 14.88 -59.82 32.00
CA PHE I 530 14.59 -58.78 31.04
C PHE I 530 15.44 -57.54 31.31
N HIS I 531 15.60 -56.70 30.29
CA HIS I 531 16.38 -55.48 30.42
C HIS I 531 15.65 -54.47 31.30
N PRO I 532 16.38 -53.86 32.25
CA PRO I 532 15.81 -52.89 33.20
C PRO I 532 15.10 -51.72 32.52
N ASN I 533 15.44 -51.47 31.26
CA ASN I 533 14.86 -50.35 30.52
C ASN I 533 13.86 -50.79 29.46
N TYR I 534 13.44 -52.05 29.53
CA TYR I 534 12.49 -52.58 28.56
C TYR I 534 11.06 -52.24 28.93
N ASN I 535 10.38 -51.51 28.06
CA ASN I 535 8.99 -51.15 28.26
C ASN I 535 8.25 -50.99 26.94
N ILE I 536 7.68 -52.09 26.45
CA ILE I 536 7.00 -52.10 25.16
C ILE I 536 5.73 -51.26 25.18
N ASN I 537 5.17 -51.06 26.38
CA ASN I 537 3.95 -50.28 26.52
C ASN I 537 4.19 -48.92 27.16
N GLY I 538 5.33 -48.32 26.85
CA GLY I 538 5.68 -47.02 27.41
C GLY I 538 5.65 -45.92 26.36
N LYS I 539 4.78 -46.08 25.36
CA LYS I 539 4.65 -45.09 24.30
C LYS I 539 3.22 -44.97 23.80
N LYS I 540 2.29 -45.63 24.48
CA LYS I 540 0.89 -45.58 24.09
C LYS I 540 0.34 -44.16 24.22
N GLU I 541 0.94 -43.38 25.09
CA GLU I 541 0.52 -41.99 25.29
C GLU I 541 0.73 -41.16 24.03
N ALA I 542 1.86 -41.39 23.37
CA ALA I 542 2.18 -40.68 22.14
C ALA I 542 1.54 -41.33 20.93
N GLY I 543 0.74 -42.37 21.17
CA GLY I 543 0.06 -43.07 20.10
C GLY I 543 0.94 -44.13 19.45
N ILE I 544 1.92 -44.62 20.21
CA ILE I 544 2.84 -45.63 19.69
C ILE I 544 2.64 -46.97 20.40
N PRO I 545 1.88 -47.87 19.76
CA PRO I 545 1.55 -49.19 20.33
C PRO I 545 2.79 -50.02 20.65
N GLU I 546 3.75 -50.06 19.74
CA GLU I 546 4.93 -50.88 19.92
C GLU I 546 6.18 -50.03 20.19
N PHE I 547 7.05 -50.52 21.06
CA PHE I 547 8.28 -49.81 21.40
C PHE I 547 9.36 -50.82 21.80
N TYR I 548 10.12 -51.29 20.81
CA TYR I 548 11.09 -52.36 21.04
C TYR I 548 12.46 -51.83 21.47
N ASP I 549 12.47 -50.75 22.24
CA ASP I 549 13.73 -50.21 22.75
C ASP I 549 14.31 -51.12 23.81
N TYR I 550 15.60 -51.39 23.73
CA TYR I 550 16.26 -52.32 24.64
C TYR I 550 15.54 -53.67 24.65
N ASP I 551 15.32 -54.21 23.45
CA ASP I 551 14.60 -55.47 23.30
C ASP I 551 15.53 -56.67 23.45
N VAL I 552 16.06 -56.87 24.65
CA VAL I 552 16.96 -57.98 24.92
C VAL I 552 16.61 -58.69 26.22
N ALA I 553 16.99 -59.96 26.32
CA ALA I 553 16.72 -60.75 27.51
C ALA I 553 17.55 -62.02 27.53
N LEU I 554 18.00 -62.41 28.73
CA LEU I 554 18.80 -63.62 28.90
C LEU I 554 17.96 -64.75 29.50
N ILE I 555 18.34 -65.98 29.22
CA ILE I 555 17.63 -67.14 29.75
C ILE I 555 18.59 -68.09 30.45
N LYS I 556 18.66 -68.00 31.78
CA LYS I 556 19.53 -68.87 32.57
C LYS I 556 18.90 -70.25 32.74
N LEU I 557 19.51 -71.26 32.14
CA LEU I 557 19.00 -72.62 32.20
C LEU I 557 19.20 -73.22 33.59
N LYS I 558 18.48 -74.31 33.86
CA LYS I 558 18.56 -74.98 35.15
C LYS I 558 19.73 -75.96 35.18
N ASN I 559 20.12 -76.44 34.00
CA ASN I 559 21.22 -77.39 33.89
C ASN I 559 22.40 -76.84 33.09
N LYS I 560 23.59 -77.33 33.40
CA LYS I 560 24.80 -76.90 32.70
C LYS I 560 24.90 -77.60 31.34
N LEU I 561 25.25 -76.83 30.32
CA LEU I 561 25.34 -77.35 28.97
C LEU I 561 26.72 -77.93 28.65
N LYS I 562 26.74 -79.18 28.23
CA LYS I 562 27.99 -79.82 27.80
C LYS I 562 28.24 -79.54 26.33
N TYR I 563 29.23 -78.70 26.05
CA TYR I 563 29.53 -78.31 24.67
C TYR I 563 29.95 -79.49 23.81
N GLY I 564 29.39 -79.55 22.60
CA GLY I 564 29.72 -80.60 21.66
C GLY I 564 29.86 -80.05 20.25
N GLN I 565 29.68 -80.93 19.27
CA GLN I 565 29.76 -80.53 17.87
C GLN I 565 28.44 -79.94 17.38
N THR I 566 27.48 -79.82 18.30
CA THR I 566 26.17 -79.27 17.98
C THR I 566 25.82 -78.10 18.89
N ILE I 567 26.53 -77.99 20.01
CA ILE I 567 26.30 -76.92 20.97
C ILE I 567 27.59 -76.17 21.27
N ARG I 568 27.58 -74.86 21.06
CA ARG I 568 28.77 -74.03 21.28
C ARG I 568 28.41 -72.55 21.33
N PRO I 569 29.00 -71.82 22.29
CA PRO I 569 28.72 -70.39 22.51
C PRO I 569 29.07 -69.54 21.30
N ILE I 570 28.74 -68.25 21.38
CA ILE I 570 29.07 -67.31 20.32
C ILE I 570 29.71 -66.06 20.92
N CYS I 571 30.71 -65.51 20.24
CA CYS I 571 31.45 -64.35 20.74
C CYS I 571 30.55 -63.15 20.98
N LEU I 572 30.71 -62.53 22.14
CA LEU I 572 29.99 -61.31 22.47
C LEU I 572 30.95 -60.13 22.48
N PRO I 573 30.46 -58.94 22.05
CA PRO I 573 31.29 -57.74 21.97
C PRO I 573 31.99 -57.42 23.28
N CYS I 574 33.19 -56.85 23.18
CA CYS I 574 33.97 -56.44 24.35
C CYS I 574 34.27 -57.60 25.29
N THR I 575 34.94 -58.62 24.77
CA THR I 575 35.38 -59.75 25.57
C THR I 575 36.78 -60.19 25.18
N GLU I 576 37.53 -60.71 26.14
CA GLU I 576 38.89 -61.16 25.90
C GLU I 576 38.92 -62.27 24.85
N GLY I 577 37.81 -62.96 24.71
CA GLY I 577 37.69 -64.03 23.72
C GLY I 577 37.50 -63.49 22.32
N THR I 578 36.75 -62.40 22.20
CA THR I 578 36.51 -61.77 20.91
C THR I 578 37.75 -61.03 20.42
N THR I 579 38.52 -60.48 21.36
CA THR I 579 39.74 -59.77 21.03
C THR I 579 40.69 -60.68 20.25
N ARG I 580 40.79 -61.93 20.67
CA ARG I 580 41.64 -62.89 19.99
C ARG I 580 41.02 -63.32 18.67
N ALA I 581 39.70 -63.36 18.61
CA ALA I 581 38.99 -63.72 17.40
C ALA I 581 39.28 -62.71 16.29
N LEU I 582 39.36 -61.45 16.66
CA LEU I 582 39.68 -60.38 15.71
C LEU I 582 41.18 -60.25 15.55
N ARG I 583 41.92 -61.07 16.29
CA ARG I 583 43.38 -61.10 16.22
C ARG I 583 43.99 -59.75 16.61
N LEU I 584 43.28 -59.02 17.45
CA LEU I 584 43.75 -57.71 17.91
C LEU I 584 44.56 -57.84 19.21
N PRO I 585 45.48 -56.90 19.43
CA PRO I 585 46.32 -56.90 20.64
C PRO I 585 45.47 -56.91 21.90
N PRO I 586 45.99 -57.52 22.99
CA PRO I 586 45.28 -57.59 24.27
C PRO I 586 44.95 -56.21 24.81
N THR I 587 45.69 -55.20 24.37
CA THR I 587 45.47 -53.83 24.83
C THR I 587 44.37 -53.14 24.04
N THR I 588 43.48 -53.93 23.43
CA THR I 588 42.37 -53.39 22.66
C THR I 588 41.22 -52.99 23.56
N THR I 589 40.81 -51.74 23.47
CA THR I 589 39.71 -51.22 24.26
C THR I 589 38.37 -51.57 23.63
N CYS I 590 37.29 -51.47 24.41
CA CYS I 590 35.95 -51.78 23.93
C CYS I 590 35.59 -50.91 22.72
N GLN I 591 36.03 -49.66 22.75
CA GLN I 591 35.72 -48.72 21.67
C GLN I 591 36.36 -49.17 20.35
N GLN I 592 37.53 -49.78 20.44
CA GLN I 592 38.26 -50.22 19.25
C GLN I 592 37.52 -51.36 18.54
N GLN I 593 36.93 -52.25 19.33
CA GLN I 593 36.19 -53.39 18.76
C GLN I 593 34.95 -52.93 18.01
N LYS I 594 34.28 -51.91 18.53
CA LYS I 594 33.08 -51.37 17.90
C LYS I 594 33.41 -50.74 16.56
N GLU I 595 34.63 -50.22 16.44
CA GLU I 595 35.09 -49.63 15.18
C GLU I 595 35.49 -50.70 14.18
N GLU I 596 35.82 -51.88 14.69
CA GLU I 596 36.23 -52.99 13.85
C GLU I 596 35.04 -53.81 13.37
N LEU I 597 34.12 -54.11 14.28
CA LEU I 597 32.95 -54.91 13.96
C LEU I 597 31.86 -54.07 13.31
N LEU I 598 31.69 -52.84 13.76
CA LEU I 598 30.66 -51.96 13.24
C LEU I 598 31.21 -50.63 12.76
N PRO I 599 31.92 -50.64 11.61
CA PRO I 599 32.46 -49.42 11.02
C PRO I 599 31.36 -48.50 10.49
N ALA I 600 31.73 -47.31 10.04
CA ALA I 600 30.76 -46.37 9.49
C ALA I 600 30.56 -46.62 7.99
N GLN I 601 30.16 -47.84 7.65
CA GLN I 601 29.96 -48.22 6.26
C GLN I 601 28.85 -49.26 6.14
N ASP I 602 28.74 -49.87 4.96
CA ASP I 602 27.76 -50.91 4.73
C ASP I 602 28.29 -52.27 5.19
N ILE I 603 28.13 -52.55 6.47
CA ILE I 603 28.64 -53.78 7.07
C ILE I 603 27.99 -55.01 6.44
N LYS I 604 28.78 -56.08 6.30
CA LYS I 604 28.27 -57.33 5.75
C LYS I 604 28.06 -58.36 6.85
N ALA I 605 26.81 -58.59 7.21
CA ALA I 605 26.47 -59.52 8.27
C ALA I 605 25.52 -60.62 7.78
N LEU I 606 24.93 -61.35 8.71
CA LEU I 606 24.02 -62.43 8.37
C LEU I 606 23.26 -62.93 9.60
N PHE I 607 22.14 -63.62 9.36
CA PHE I 607 21.35 -64.18 10.44
C PHE I 607 20.84 -65.58 10.07
N VAL I 608 20.39 -66.33 11.08
CA VAL I 608 19.92 -67.69 10.85
C VAL I 608 18.41 -67.74 10.69
N SER I 609 17.95 -68.32 9.59
CA SER I 609 16.53 -68.47 9.32
C SER I 609 16.16 -69.95 9.22
N GLU I 610 14.91 -70.27 9.51
CA GLU I 610 14.43 -71.65 9.46
C GLU I 610 13.45 -71.86 8.31
N GLU I 611 13.87 -72.65 7.32
CA GLU I 611 13.03 -72.94 6.17
C GLU I 611 12.79 -74.45 6.03
N GLU I 612 11.53 -74.85 6.13
CA GLU I 612 11.15 -76.26 6.01
C GLU I 612 11.87 -77.12 7.03
N LYS I 613 11.82 -76.71 8.30
CA LYS I 613 12.46 -77.44 9.39
C LYS I 613 13.95 -77.62 9.15
N LYS I 614 14.55 -76.68 8.40
CA LYS I 614 15.98 -76.74 8.11
C LYS I 614 16.61 -75.35 8.23
N LEU I 615 17.66 -75.25 9.04
CA LEU I 615 18.35 -73.98 9.26
C LEU I 615 19.13 -73.55 8.03
N THR I 616 19.08 -72.25 7.73
CA THR I 616 19.80 -71.70 6.59
C THR I 616 20.27 -70.28 6.88
N ARG I 617 21.42 -69.92 6.31
CA ARG I 617 22.00 -68.61 6.52
C ARG I 617 21.47 -67.58 5.53
N LYS I 618 21.32 -66.34 5.99
CA LYS I 618 20.84 -65.26 5.14
C LYS I 618 21.76 -64.05 5.22
N GLU I 619 22.62 -63.89 4.20
CA GLU I 619 23.56 -62.78 4.17
C GLU I 619 22.86 -61.45 3.92
N VAL I 620 23.10 -60.49 4.81
CA VAL I 620 22.50 -59.16 4.68
C VAL I 620 23.54 -58.08 4.88
N TYR I 621 23.09 -56.83 4.86
CA TYR I 621 23.98 -55.68 5.05
C TYR I 621 23.44 -54.73 6.11
N ILE I 622 24.29 -54.35 7.06
CA ILE I 622 23.92 -53.40 8.10
C ILE I 622 24.14 -51.97 7.61
N LYS I 623 23.05 -51.21 7.53
CA LYS I 623 23.13 -49.83 7.07
C LYS I 623 23.67 -48.93 8.16
N ASN I 624 25.00 -48.89 8.28
CA ASN I 624 25.65 -48.05 9.28
C ASN I 624 26.44 -46.91 8.65
N GLY I 625 26.42 -46.85 7.33
CA GLY I 625 27.11 -45.80 6.60
C GLY I 625 26.22 -44.59 6.39
N ASP I 626 26.31 -44.01 5.19
CA ASP I 626 25.50 -42.84 4.85
C ASP I 626 24.07 -43.25 4.47
N LYS I 627 23.86 -44.56 4.30
CA LYS I 627 22.55 -45.08 3.96
C LYS I 627 21.77 -45.43 5.23
N LYS I 628 22.27 -44.97 6.37
CA LYS I 628 21.65 -45.26 7.66
C LYS I 628 20.30 -44.56 7.79
N GLY I 629 20.28 -43.26 7.49
CA GLY I 629 19.06 -42.47 7.59
C GLY I 629 17.97 -42.99 6.67
N SER I 630 18.36 -43.42 5.48
CA SER I 630 17.41 -43.93 4.50
C SER I 630 16.71 -45.19 5.01
N CYS I 631 17.45 -46.01 5.75
CA CYS I 631 16.93 -47.27 6.24
C CYS I 631 16.07 -47.08 7.48
N GLU I 632 16.36 -46.04 8.25
CA GLU I 632 15.63 -45.77 9.48
C GLU I 632 14.28 -45.10 9.24
N ARG I 633 14.27 -44.09 8.37
CA ARG I 633 13.05 -43.34 8.07
C ARG I 633 11.97 -44.22 7.46
N ASP I 634 12.36 -45.41 7.01
CA ASP I 634 11.41 -46.34 6.42
C ASP I 634 10.61 -47.08 7.49
N ALA I 635 10.83 -46.70 8.75
CA ALA I 635 10.11 -47.30 9.86
C ALA I 635 8.72 -46.68 9.99
N GLN I 636 8.42 -45.72 9.12
CA GLN I 636 7.13 -45.05 9.13
C GLN I 636 6.06 -45.91 8.49
N TYR I 637 6.47 -46.79 7.59
CA TYR I 637 5.53 -47.68 6.91
C TYR I 637 5.10 -48.84 7.80
N ALA I 638 5.79 -48.98 8.94
CA ALA I 638 5.48 -50.05 9.88
C ALA I 638 4.10 -49.86 10.51
N PRO I 639 3.41 -50.97 10.79
CA PRO I 639 2.07 -50.94 11.39
C PRO I 639 2.05 -50.19 12.71
N GLY I 640 1.27 -49.12 12.78
CA GLY I 640 1.15 -48.33 14.00
C GLY I 640 2.02 -47.09 13.98
N TYR I 641 3.12 -47.15 13.23
CA TYR I 641 4.04 -46.03 13.13
C TYR I 641 3.67 -45.11 11.98
N ASP I 642 2.46 -45.28 11.45
CA ASP I 642 2.01 -44.50 10.30
C ASP I 642 1.62 -43.07 10.67
N LYS I 643 1.54 -42.80 11.97
CA LYS I 643 1.15 -41.47 12.44
C LYS I 643 2.13 -40.94 13.48
N VAL I 644 3.39 -41.34 13.37
CA VAL I 644 4.42 -40.88 14.30
C VAL I 644 4.98 -39.52 13.87
N LYS I 645 5.03 -38.59 14.81
CA LYS I 645 5.53 -37.25 14.53
C LYS I 645 7.01 -37.29 14.17
N ASP I 646 7.84 -37.72 15.11
CA ASP I 646 9.28 -37.81 14.88
C ASP I 646 9.71 -39.28 14.80
N ILE I 647 10.20 -39.69 13.65
CA ILE I 647 10.59 -41.08 13.41
C ILE I 647 11.81 -41.48 14.24
N SER I 648 12.55 -40.48 14.73
CA SER I 648 13.77 -40.75 15.49
C SER I 648 13.47 -41.15 16.93
N GLU I 649 12.19 -41.14 17.30
CA GLU I 649 11.79 -41.49 18.65
C GLU I 649 11.48 -42.98 18.77
N VAL I 650 11.06 -43.58 17.65
CA VAL I 650 10.75 -45.01 17.63
C VAL I 650 11.98 -45.83 17.26
N VAL I 651 13.01 -45.15 16.75
CA VAL I 651 14.25 -45.82 16.38
C VAL I 651 15.42 -45.28 17.20
N THR I 652 15.55 -45.79 18.43
CA THR I 652 16.61 -45.36 19.33
C THR I 652 17.98 -45.79 18.81
N PRO I 653 19.04 -45.12 19.29
CA PRO I 653 20.41 -45.47 18.90
C PRO I 653 20.75 -46.93 19.21
N ARG I 654 19.88 -47.60 19.96
CA ARG I 654 20.09 -49.01 20.29
C ARG I 654 19.55 -49.91 19.18
N PHE I 655 19.51 -49.40 17.95
CA PHE I 655 19.00 -50.16 16.82
C PHE I 655 19.99 -50.22 15.66
N LEU I 656 20.10 -51.40 15.04
CA LEU I 656 20.92 -51.57 13.85
C LEU I 656 20.00 -51.93 12.68
N CYS I 657 19.95 -51.05 11.68
CA CYS I 657 19.03 -51.23 10.56
C CYS I 657 19.63 -52.07 9.45
N THR I 658 18.87 -53.05 8.98
CA THR I 658 19.32 -53.92 7.89
C THR I 658 18.20 -54.09 6.85
N GLY I 659 18.46 -54.93 5.86
CA GLY I 659 17.48 -55.20 4.81
C GLY I 659 17.29 -54.04 3.87
N GLY I 660 16.72 -54.32 2.69
CA GLY I 660 16.48 -53.29 1.70
C GLY I 660 16.82 -53.76 0.29
N VAL I 661 17.10 -52.80 -0.58
CA VAL I 661 17.44 -53.10 -1.97
C VAL I 661 18.84 -52.60 -2.32
N SER I 662 19.35 -51.67 -1.52
CA SER I 662 20.69 -51.12 -1.73
C SER I 662 21.58 -51.41 -0.53
N PRO I 663 22.83 -51.80 -0.78
CA PRO I 663 23.40 -51.97 -2.12
C PRO I 663 22.87 -53.22 -2.82
N TYR I 664 22.39 -54.18 -2.03
CA TYR I 664 21.87 -55.42 -2.58
C TYR I 664 20.51 -55.77 -1.97
N ALA I 665 19.84 -56.75 -2.57
CA ALA I 665 18.54 -57.19 -2.07
C ALA I 665 18.73 -58.15 -0.90
N ASP I 666 18.69 -57.62 0.32
CA ASP I 666 18.90 -58.42 1.52
C ASP I 666 17.64 -59.15 1.94
N PRO I 667 17.78 -60.44 2.29
CA PRO I 667 16.66 -61.25 2.77
C PRO I 667 16.10 -60.69 4.07
N ASN I 668 14.77 -60.76 4.22
CA ASN I 668 14.13 -60.23 5.42
C ASN I 668 13.93 -61.28 6.51
N THR I 669 13.75 -60.81 7.74
CA THR I 669 13.55 -61.72 8.88
C THR I 669 12.07 -62.04 9.06
N CYS I 670 11.80 -63.27 9.47
CA CYS I 670 10.43 -63.72 9.68
C CYS I 670 10.02 -63.59 11.15
N ARG I 671 8.83 -64.09 11.48
CA ARG I 671 8.34 -64.05 12.85
C ARG I 671 9.06 -65.08 13.71
N GLY I 672 9.31 -66.25 13.14
CA GLY I 672 10.00 -67.32 13.85
C GLY I 672 11.47 -67.04 14.01
N ASP I 673 12.00 -66.15 13.18
CA ASP I 673 13.40 -65.78 13.22
C ASP I 673 13.66 -64.71 14.29
N SER I 674 12.57 -64.16 14.83
CA SER I 674 12.66 -63.11 15.84
C SER I 674 13.53 -63.55 17.01
N GLY I 675 14.39 -62.64 17.49
CA GLY I 675 15.30 -62.93 18.56
C GLY I 675 16.58 -63.57 18.05
N GLY I 676 16.64 -63.76 16.74
CA GLY I 676 17.81 -64.37 16.10
C GLY I 676 19.04 -63.52 16.22
N PRO I 677 20.22 -64.17 16.24
CA PRO I 677 21.53 -63.49 16.36
C PRO I 677 21.94 -62.79 15.07
N LEU I 678 22.38 -61.54 15.18
CA LEU I 678 22.94 -60.82 14.04
C LEU I 678 24.45 -60.99 14.04
N ILE I 679 24.94 -61.92 13.23
CA ILE I 679 26.34 -62.30 13.25
C ILE I 679 27.16 -61.66 12.14
N VAL I 680 28.42 -61.35 12.44
CA VAL I 680 29.36 -60.82 11.45
C VAL I 680 30.51 -61.79 11.25
N HIS I 681 30.49 -62.50 10.13
CA HIS I 681 31.49 -63.51 9.84
C HIS I 681 32.81 -62.88 9.38
N LYS I 682 33.79 -62.85 10.27
CA LYS I 682 35.11 -62.32 9.95
C LYS I 682 36.21 -63.21 10.53
N ARG I 683 37.30 -63.36 9.77
CA ARG I 683 38.44 -64.15 10.22
C ARG I 683 38.04 -65.59 10.53
N SER I 684 37.06 -66.10 9.77
CA SER I 684 36.56 -67.45 9.97
C SER I 684 35.93 -67.61 11.36
N ARG I 685 35.44 -66.51 11.91
CA ARG I 685 34.81 -66.52 13.23
C ARG I 685 33.43 -65.88 13.16
N PHE I 686 32.59 -66.20 14.14
CA PHE I 686 31.23 -65.67 14.17
C PHE I 686 31.01 -64.78 15.40
N ILE I 687 30.81 -63.49 15.14
CA ILE I 687 30.63 -62.52 16.22
C ILE I 687 29.21 -61.95 16.21
N GLN I 688 28.50 -62.11 17.32
CA GLN I 688 27.16 -61.55 17.44
C GLN I 688 27.23 -60.08 17.86
N VAL I 689 26.57 -59.23 17.08
CA VAL I 689 26.59 -57.79 17.35
C VAL I 689 25.19 -57.22 17.53
N GLY I 690 24.18 -57.99 17.16
CA GLY I 690 22.80 -57.53 17.27
C GLY I 690 21.81 -58.64 17.54
N VAL I 691 20.58 -58.25 17.86
CA VAL I 691 19.51 -59.20 18.12
C VAL I 691 18.25 -58.81 17.37
N ILE I 692 17.75 -59.71 16.53
CA ILE I 692 16.56 -59.44 15.73
C ILE I 692 15.39 -58.98 16.61
N SER I 693 14.94 -57.75 16.39
CA SER I 693 13.89 -57.17 17.19
C SER I 693 12.55 -57.16 16.46
N TRP I 694 12.43 -56.28 15.47
CA TRP I 694 11.19 -56.14 14.71
C TRP I 694 11.44 -55.78 13.26
N GLY I 695 10.47 -56.06 12.40
CA GLY I 695 10.56 -55.74 10.99
C GLY I 695 9.46 -54.82 10.54
N VAL I 696 9.69 -54.12 9.44
CA VAL I 696 8.71 -53.17 8.91
C VAL I 696 7.54 -53.88 8.24
N VAL I 697 7.85 -54.76 7.29
CA VAL I 697 6.83 -55.48 6.55
C VAL I 697 6.96 -57.00 6.74
N ASP I 698 5.91 -57.62 7.28
CA ASP I 698 5.90 -59.06 7.47
C ASP I 698 5.84 -59.78 6.13
N VAL I 699 6.91 -60.50 5.81
CA VAL I 699 7.00 -61.19 4.52
C VAL I 699 6.88 -62.70 4.68
N CYS I 700 6.54 -63.14 5.89
CA CYS I 700 6.38 -64.57 6.16
C CYS I 700 5.04 -64.84 6.83
N LYS I 701 4.25 -65.73 6.24
CA LYS I 701 2.92 -66.05 6.76
C LYS I 701 2.68 -67.56 6.80
N ASN I 702 3.74 -68.31 7.12
CA ASN I 702 3.64 -69.76 7.23
C ASN I 702 3.17 -70.44 5.95
N GLN I 703 3.25 -69.72 4.83
CA GLN I 703 2.87 -70.27 3.54
C GLN I 703 4.05 -70.22 2.58
N LYS I 704 4.30 -69.05 2.00
CA LYS I 704 5.43 -68.86 1.11
C LYS I 704 6.08 -67.50 1.39
N ARG I 705 7.23 -67.27 0.78
CA ARG I 705 7.92 -65.98 0.93
C ARG I 705 7.25 -64.93 0.05
N GLN I 706 7.17 -63.71 0.56
CA GLN I 706 6.48 -62.63 -0.13
C GLN I 706 6.85 -62.55 -1.61
N LYS I 707 8.16 -62.57 -1.89
CA LYS I 707 8.67 -62.47 -3.25
C LYS I 707 8.47 -61.07 -3.83
N GLN I 708 7.35 -60.44 -3.47
CA GLN I 708 7.06 -59.09 -3.93
C GLN I 708 7.24 -58.10 -2.79
N VAL I 709 8.40 -58.18 -2.13
CA VAL I 709 8.69 -57.31 -0.99
C VAL I 709 8.86 -55.86 -1.41
N PRO I 710 8.32 -54.93 -0.61
CA PRO I 710 8.44 -53.48 -0.85
C PRO I 710 9.88 -53.03 -0.76
N ALA I 711 10.18 -51.85 -1.28
CA ALA I 711 11.53 -51.29 -1.22
C ALA I 711 11.80 -50.65 0.12
N HIS I 712 10.81 -50.70 1.01
CA HIS I 712 10.94 -50.10 2.34
C HIS I 712 10.84 -51.15 3.44
N ALA I 713 10.86 -52.42 3.04
CA ALA I 713 10.79 -53.52 4.00
C ALA I 713 12.13 -53.67 4.74
N ARG I 714 12.29 -52.90 5.81
CA ARG I 714 13.54 -52.90 6.56
C ARG I 714 13.45 -53.80 7.80
N ASP I 715 14.61 -54.17 8.34
CA ASP I 715 14.66 -54.98 9.55
C ASP I 715 15.54 -54.31 10.59
N PHE I 716 15.05 -54.21 11.82
CA PHE I 716 15.78 -53.56 12.90
C PHE I 716 16.26 -54.55 13.94
N HIS I 717 17.42 -54.26 14.53
CA HIS I 717 18.01 -55.14 15.54
C HIS I 717 18.46 -54.33 16.75
N ILE I 718 19.01 -55.02 17.75
CA ILE I 718 19.48 -54.36 18.96
C ILE I 718 21.00 -54.43 19.09
N ASN I 719 21.65 -53.27 18.97
CA ASN I 719 23.10 -53.21 19.09
C ASN I 719 23.57 -53.61 20.49
N LEU I 720 24.36 -54.68 20.54
CA LEU I 720 24.87 -55.19 21.82
C LEU I 720 25.83 -54.21 22.48
N PHE I 721 26.48 -53.38 21.68
CA PHE I 721 27.41 -52.39 22.20
C PHE I 721 26.70 -51.33 23.04
N GLN I 722 25.38 -51.32 22.97
CA GLN I 722 24.58 -50.35 23.71
C GLN I 722 24.04 -50.95 25.00
N VAL I 723 23.95 -52.28 25.04
CA VAL I 723 23.45 -52.98 26.22
C VAL I 723 24.57 -53.73 26.94
N LEU I 724 25.79 -53.26 26.78
CA LEU I 724 26.96 -53.89 27.40
C LEU I 724 26.90 -53.90 28.93
N PRO I 725 26.61 -52.73 29.54
CA PRO I 725 26.55 -52.66 31.01
C PRO I 725 25.62 -53.73 31.61
N TRP I 726 24.55 -54.06 30.90
CA TRP I 726 23.60 -55.05 31.37
C TRP I 726 24.12 -56.47 31.18
N LEU I 727 24.80 -56.70 30.06
CA LEU I 727 25.36 -58.01 29.76
C LEU I 727 26.54 -58.33 30.67
N LYS I 728 27.40 -57.34 30.91
CA LYS I 728 28.58 -57.51 31.73
C LYS I 728 28.24 -57.85 33.17
N GLU I 729 27.10 -57.34 33.64
CA GLU I 729 26.67 -57.55 35.01
C GLU I 729 26.00 -58.92 35.19
N LYS I 730 25.15 -59.29 34.26
CA LYS I 730 24.42 -60.55 34.34
C LYS I 730 25.30 -61.75 33.99
N LEU I 731 26.40 -61.48 33.28
CA LEU I 731 27.29 -62.54 32.85
C LEU I 731 28.66 -62.42 33.51
N GLN I 732 28.68 -61.90 34.74
CA GLN I 732 29.93 -61.71 35.47
C GLN I 732 30.52 -63.04 35.94
N ASP I 733 29.65 -64.03 36.13
CA ASP I 733 30.08 -65.34 36.58
C ASP I 733 29.98 -66.39 35.47
N GLU I 734 30.52 -66.04 34.30
CA GLU I 734 30.51 -66.96 33.16
C GLU I 734 31.89 -67.06 32.53
N ASP I 735 32.86 -66.38 33.13
CA ASP I 735 34.23 -66.40 32.66
C ASP I 735 34.33 -66.00 31.19
N LEU I 736 33.59 -64.95 30.82
CA LEU I 736 33.62 -64.43 29.46
C LEU I 736 34.64 -63.32 29.32
N GLY I 737 35.14 -62.83 30.45
CA GLY I 737 36.15 -61.80 30.46
C GLY I 737 35.76 -60.54 29.71
N PHE I 738 34.79 -59.81 30.25
CA PHE I 738 34.37 -58.55 29.64
C PHE I 738 35.36 -57.44 29.94
N LEU I 739 35.57 -56.56 28.96
CA LEU I 739 36.49 -55.44 29.12
C LEU I 739 35.89 -54.37 30.02
N ALA I 740 36.76 -53.63 30.71
CA ALA I 740 36.31 -52.56 31.61
C ALA I 740 35.62 -51.45 30.84
N ALA I 741 36.42 -50.51 30.32
CA ALA I 741 35.89 -49.38 29.55
C ALA I 741 34.82 -48.62 30.34
N GLY J 10 22.52 78.59 13.47
CA GLY J 10 23.67 78.66 14.35
C GLY J 10 24.83 77.82 13.84
N SER J 11 25.81 77.58 14.71
CA SER J 11 26.97 76.80 14.36
C SER J 11 26.74 75.31 14.59
N CYS J 12 26.90 74.51 13.54
CA CYS J 12 26.70 73.06 13.63
C CYS J 12 27.75 72.41 14.51
N SER J 13 27.33 71.45 15.32
CA SER J 13 28.25 70.73 16.20
C SER J 13 29.14 69.78 15.41
N LEU J 14 30.22 69.32 16.05
CA LEU J 14 31.16 68.41 15.41
C LEU J 14 30.80 66.95 15.68
N GLU J 15 30.03 66.35 14.78
CA GLU J 15 29.68 64.93 14.87
C GLU J 15 29.69 64.30 13.48
N GLY J 16 30.21 63.07 13.40
CA GLY J 16 30.39 62.42 12.11
C GLY J 16 31.59 63.03 11.41
N VAL J 17 31.98 64.21 11.90
CA VAL J 17 33.17 64.93 11.47
C VAL J 17 33.87 64.44 10.20
N GLU J 18 35.16 64.12 10.33
CA GLU J 18 36.02 63.79 9.20
C GLU J 18 35.56 62.61 8.37
N ILE J 19 36.28 62.37 7.28
CA ILE J 19 36.08 61.21 6.42
C ILE J 19 37.22 60.22 6.66
N LYS J 20 36.86 58.96 6.93
CA LYS J 20 37.86 57.91 7.15
C LYS J 20 38.76 57.74 5.94
N GLY J 21 40.03 58.08 6.09
CA GLY J 21 40.99 57.97 5.01
C GLY J 21 40.97 59.19 4.10
N GLY J 22 40.47 60.30 4.62
CA GLY J 22 40.39 61.53 3.85
C GLY J 22 40.20 62.75 4.74
N SER J 23 40.32 63.93 4.15
CA SER J 23 40.14 65.17 4.88
C SER J 23 39.10 66.06 4.20
N PHE J 24 38.46 66.93 4.98
CA PHE J 24 37.46 67.84 4.45
C PHE J 24 37.85 69.29 4.73
N ARG J 25 37.37 70.19 3.89
CA ARG J 25 37.61 71.62 4.09
C ARG J 25 36.30 72.32 4.42
N LEU J 26 36.32 73.13 5.47
CA LEU J 26 35.13 73.86 5.89
C LEU J 26 34.91 75.11 5.05
N LEU J 27 33.74 75.20 4.41
CA LEU J 27 33.38 76.40 3.68
C LEU J 27 32.95 77.46 4.68
N GLN J 28 33.85 78.41 4.96
CA GLN J 28 33.69 79.33 6.08
C GLN J 28 32.37 80.09 6.13
N GLU J 29 31.37 79.44 6.71
CA GLU J 29 30.13 80.10 7.12
C GLU J 29 29.66 79.64 8.51
N GLY J 30 29.91 78.40 8.92
CA GLY J 30 30.45 77.33 8.12
C GLY J 30 29.37 76.27 8.04
N GLN J 31 28.26 76.65 7.42
CA GLN J 31 27.07 75.80 7.33
C GLN J 31 27.31 74.59 6.43
N ALA J 32 28.02 74.80 5.33
CA ALA J 32 28.30 73.73 4.39
C ALA J 32 29.79 73.41 4.33
N LEU J 33 30.14 72.13 4.34
CA LEU J 33 31.52 71.71 4.17
C LEU J 33 31.67 70.77 2.98
N GLU J 34 32.91 70.39 2.68
CA GLU J 34 33.19 69.52 1.55
C GLU J 34 34.27 68.49 1.86
N TYR J 35 33.90 67.22 1.79
CA TYR J 35 34.89 66.15 1.94
C TYR J 35 35.79 66.13 0.72
N VAL J 36 37.05 65.76 0.92
CA VAL J 36 38.02 65.76 -0.16
C VAL J 36 38.83 64.47 -0.22
N CYS J 37 38.29 63.46 -0.90
CA CYS J 37 39.05 62.25 -1.18
C CYS J 37 40.02 62.54 -2.32
N PRO J 38 41.33 62.43 -2.04
CA PRO J 38 42.43 62.83 -2.92
C PRO J 38 42.37 62.24 -4.33
N SER J 39 43.35 61.41 -4.67
CA SER J 39 43.52 60.93 -6.03
C SER J 39 42.86 59.57 -6.27
N GLY J 40 41.79 59.57 -7.06
CA GLY J 40 41.15 58.33 -7.47
C GLY J 40 40.08 57.83 -6.53
N PHE J 41 39.51 58.73 -5.74
CA PHE J 41 38.46 58.37 -4.78
C PHE J 41 37.44 59.49 -4.65
N TYR J 42 36.19 59.12 -4.41
CA TYR J 42 35.13 60.12 -4.26
C TYR J 42 34.54 60.12 -2.85
N PRO J 43 34.31 61.31 -2.29
CA PRO J 43 33.66 61.49 -0.98
C PRO J 43 32.28 60.83 -0.98
N TYR J 44 32.18 59.70 -0.28
CA TYR J 44 30.95 58.92 -0.23
C TYR J 44 30.21 59.14 1.07
N PRO J 45 28.88 59.22 1.01
CA PRO J 45 28.09 59.20 -0.23
C PRO J 45 27.78 60.60 -0.73
N VAL J 46 28.35 61.61 -0.09
CA VAL J 46 28.05 62.99 -0.44
C VAL J 46 29.30 63.86 -0.54
N GLN J 47 29.29 64.77 -1.51
CA GLN J 47 30.39 65.69 -1.72
C GLN J 47 30.27 66.87 -0.77
N THR J 48 29.10 67.01 -0.15
CA THR J 48 28.81 68.18 0.67
C THR J 48 27.89 67.86 1.85
N ARG J 49 27.94 68.70 2.88
CA ARG J 49 27.04 68.59 4.02
C ARG J 49 26.66 69.98 4.54
N THR J 50 25.44 70.41 4.25
CA THR J 50 24.94 71.70 4.71
C THR J 50 24.61 71.65 6.20
N CYS J 51 24.25 72.80 6.76
CA CYS J 51 23.93 72.90 8.18
C CYS J 51 22.51 73.41 8.40
N ARG J 52 21.64 72.54 8.93
CA ARG J 52 20.27 72.92 9.24
C ARG J 52 20.26 73.75 10.52
N SER J 53 19.21 74.57 10.68
CA SER J 53 19.08 75.39 11.89
C SER J 53 18.52 74.57 13.04
N THR J 54 19.08 73.37 13.23
CA THR J 54 18.62 72.47 14.28
C THR J 54 19.79 72.00 15.14
N GLY J 55 20.93 72.66 14.99
CA GLY J 55 22.14 72.27 15.71
C GLY J 55 22.90 71.20 14.95
N SER J 56 22.15 70.28 14.33
CA SER J 56 22.73 69.26 13.48
C SER J 56 22.84 69.77 12.06
N TRP J 57 23.28 68.91 11.15
CA TRP J 57 23.47 69.29 9.75
C TRP J 57 22.90 68.25 8.78
N SER J 58 22.76 68.63 7.51
CA SER J 58 22.18 67.77 6.48
C SER J 58 22.40 66.28 6.78
N THR J 59 21.30 65.56 6.97
CA THR J 59 21.35 64.14 7.32
C THR J 59 22.26 63.36 6.38
N LEU J 60 22.88 62.31 6.91
CA LEU J 60 23.81 61.49 6.14
C LEU J 60 23.12 60.25 5.57
N LYS J 61 22.75 60.33 4.29
CA LYS J 61 22.05 59.24 3.63
C LYS J 61 22.53 59.04 2.19
N THR J 62 22.40 57.82 1.69
CA THR J 62 22.81 57.48 0.33
C THR J 62 21.76 57.90 -0.69
N GLN J 63 22.00 57.53 -1.94
CA GLN J 63 20.98 57.69 -2.98
C GLN J 63 20.04 56.51 -2.87
N ASP J 64 20.42 55.55 -2.03
CA ASP J 64 19.56 54.43 -1.70
C ASP J 64 18.66 54.83 -0.53
N GLN J 65 18.91 56.02 0.01
CA GLN J 65 18.20 56.50 1.19
C GLN J 65 18.37 55.56 2.37
N LYS J 66 19.31 54.63 2.23
CA LYS J 66 19.64 53.70 3.29
C LYS J 66 20.51 54.42 4.31
N THR J 67 19.93 55.44 4.95
CA THR J 67 20.63 56.31 5.91
C THR J 67 22.06 55.86 6.20
N VAL J 68 23.02 56.60 5.64
CA VAL J 68 24.43 56.24 5.72
C VAL J 68 25.12 56.69 7.00
N ARG J 69 26.12 55.92 7.42
CA ARG J 69 26.92 56.26 8.59
C ARG J 69 28.03 57.26 8.28
N LYS J 70 29.18 57.10 8.94
CA LYS J 70 30.29 58.04 8.81
C LYS J 70 30.80 58.15 7.37
N ALA J 71 31.28 59.33 7.01
CA ALA J 71 31.78 59.59 5.67
C ALA J 71 32.74 58.49 5.21
N GLU J 72 32.52 57.99 4.00
CA GLU J 72 33.37 56.94 3.44
C GLU J 72 34.11 57.42 2.20
N CYS J 73 35.28 56.83 1.95
CA CYS J 73 36.09 57.21 0.80
C CYS J 73 36.37 56.02 -0.10
N ARG J 74 35.39 55.67 -0.93
CA ARG J 74 35.52 54.54 -1.84
C ARG J 74 36.54 54.78 -2.94
N ALA J 75 36.52 53.95 -3.97
CA ALA J 75 37.45 54.07 -5.09
C ALA J 75 36.77 54.75 -6.28
N ILE J 76 37.47 54.79 -7.41
CA ILE J 76 36.94 55.43 -8.61
C ILE J 76 36.41 54.43 -9.63
N HIS J 77 35.37 54.81 -10.36
CA HIS J 77 34.79 53.96 -11.39
C HIS J 77 34.38 54.78 -12.61
N CYS J 78 35.00 54.48 -13.75
CA CYS J 78 34.72 55.19 -14.99
C CYS J 78 33.36 54.81 -15.56
N PRO J 79 32.75 55.71 -16.35
CA PRO J 79 31.45 55.46 -16.96
C PRO J 79 31.41 54.15 -17.74
N ARG J 80 30.31 53.41 -17.62
CA ARG J 80 30.16 52.15 -18.33
C ARG J 80 29.45 52.34 -19.66
N PRO J 81 30.06 51.83 -20.74
CA PRO J 81 29.47 51.91 -22.09
C PRO J 81 28.19 51.08 -22.18
N HIS J 82 27.09 51.63 -21.70
CA HIS J 82 25.82 50.91 -21.69
C HIS J 82 25.11 51.02 -23.03
N ASP J 83 25.85 51.38 -24.07
CA ASP J 83 25.29 51.50 -25.41
C ASP J 83 26.40 51.59 -26.46
N PHE J 84 26.46 50.59 -27.33
CA PHE J 84 27.45 50.56 -28.40
C PHE J 84 26.91 49.78 -29.60
N GLU J 85 26.98 50.39 -30.78
CA GLU J 85 26.42 49.79 -31.99
C GLU J 85 27.48 49.51 -33.05
N ASN J 86 27.15 48.61 -33.97
CA ASN J 86 28.03 48.29 -35.09
C ASN J 86 29.39 47.77 -34.65
N GLY J 87 29.45 47.16 -33.47
CA GLY J 87 30.69 46.63 -32.96
C GLY J 87 30.55 45.91 -31.63
N GLU J 88 31.66 45.71 -30.94
CA GLU J 88 31.66 45.04 -29.66
C GLU J 88 32.84 45.48 -28.81
N TYR J 89 32.58 45.72 -27.52
CA TYR J 89 33.62 46.14 -26.59
C TYR J 89 33.82 45.09 -25.50
N TRP J 90 35.05 44.97 -25.02
CA TRP J 90 35.37 43.98 -23.99
C TRP J 90 36.63 44.36 -23.22
N PRO J 91 36.74 43.90 -21.96
CA PRO J 91 35.71 43.10 -21.28
C PRO J 91 34.57 43.95 -20.75
N ARG J 92 33.49 43.32 -20.30
CA ARG J 92 32.37 44.03 -19.70
C ARG J 92 32.27 43.75 -18.21
N SER J 93 32.17 44.80 -17.42
CA SER J 93 32.10 44.67 -15.96
C SER J 93 31.09 45.64 -15.36
N PRO J 94 30.50 45.28 -14.22
CA PRO J 94 29.54 46.12 -13.50
C PRO J 94 30.15 47.47 -13.11
N TYR J 95 31.47 47.57 -13.20
CA TYR J 95 32.17 48.82 -12.89
C TYR J 95 33.65 48.69 -13.25
N TYR J 96 34.25 49.79 -13.69
CA TYR J 96 35.65 49.78 -14.11
C TYR J 96 36.53 50.59 -13.15
N ASN J 97 37.43 49.90 -12.47
CA ASN J 97 38.37 50.55 -11.57
C ASN J 97 39.40 51.38 -12.33
N VAL J 98 40.42 51.84 -11.62
CA VAL J 98 41.48 52.63 -12.23
C VAL J 98 42.41 51.76 -13.06
N SER J 99 43.02 52.34 -14.09
CA SER J 99 43.96 51.63 -14.96
C SER J 99 43.37 50.37 -15.58
N ASP J 100 42.04 50.33 -15.71
CA ASP J 100 41.38 49.21 -16.39
C ASP J 100 41.25 49.50 -17.89
N GLU J 101 41.60 48.51 -18.69
CA GLU J 101 41.61 48.70 -20.15
C GLU J 101 40.45 47.99 -20.83
N ILE J 102 39.90 48.63 -21.85
CA ILE J 102 38.84 48.04 -22.66
C ILE J 102 39.11 48.30 -24.14
N SER J 103 38.79 47.33 -24.99
CA SER J 103 39.04 47.46 -26.43
C SER J 103 37.74 47.45 -27.22
N PHE J 104 37.77 48.09 -28.38
CA PHE J 104 36.61 48.16 -29.26
C PHE J 104 36.92 47.53 -30.62
N HIS J 105 35.93 46.89 -31.22
CA HIS J 105 36.11 46.25 -32.51
C HIS J 105 34.79 46.21 -33.29
N CYS J 106 34.81 46.81 -34.48
CA CYS J 106 33.61 46.90 -35.31
C CYS J 106 33.33 45.59 -36.04
N TYR J 107 32.11 45.43 -36.53
CA TYR J 107 31.73 44.24 -37.28
C TYR J 107 32.32 44.28 -38.70
N ASP J 108 32.00 43.25 -39.48
CA ASP J 108 32.47 43.18 -40.86
C ASP J 108 31.76 44.20 -41.73
N GLY J 109 32.53 45.02 -42.43
CA GLY J 109 31.97 46.04 -43.29
C GLY J 109 31.90 47.39 -42.61
N TYR J 110 32.50 47.49 -41.44
CA TYR J 110 32.52 48.74 -40.67
C TYR J 110 33.94 49.21 -40.39
N THR J 111 34.15 50.52 -40.49
CA THR J 111 35.46 51.11 -40.21
C THR J 111 35.51 51.66 -38.79
N LEU J 112 36.61 51.42 -38.11
CA LEU J 112 36.78 51.88 -36.73
C LEU J 112 37.65 53.14 -36.67
N ARG J 113 37.05 54.25 -36.27
CA ARG J 113 37.78 55.50 -36.11
C ARG J 113 37.94 55.83 -34.63
N GLY J 114 39.08 56.44 -34.28
CA GLY J 114 39.36 56.81 -32.90
C GLY J 114 40.29 55.83 -32.22
N SER J 115 40.25 55.79 -30.90
CA SER J 115 41.11 54.91 -30.13
C SER J 115 40.46 53.56 -29.90
N ALA J 116 41.12 52.50 -30.34
CA ALA J 116 40.61 51.14 -30.17
C ALA J 116 40.77 50.68 -28.72
N ASN J 117 41.91 51.03 -28.12
CA ASN J 117 42.18 50.68 -26.74
C ASN J 117 42.13 51.91 -25.83
N ARG J 118 41.27 51.85 -24.81
CA ARG J 118 41.12 52.96 -23.89
C ARG J 118 41.27 52.51 -22.44
N THR J 119 42.00 53.29 -21.65
CA THR J 119 42.28 52.94 -20.26
C THR J 119 41.67 53.94 -19.30
N CYS J 120 41.08 53.44 -18.22
CA CYS J 120 40.49 54.30 -17.19
C CYS J 120 41.59 55.03 -16.43
N GLN J 121 41.54 56.36 -16.46
CA GLN J 121 42.55 57.18 -15.79
C GLN J 121 42.14 57.51 -14.37
N VAL J 122 42.99 58.26 -13.68
CA VAL J 122 42.72 58.66 -12.30
C VAL J 122 41.65 59.74 -12.23
N ASN J 123 41.51 60.49 -13.32
CA ASN J 123 40.51 61.56 -13.38
C ASN J 123 39.12 61.03 -13.69
N GLY J 124 38.90 59.74 -13.44
CA GLY J 124 37.61 59.11 -13.66
C GLY J 124 37.16 59.16 -15.11
N ARG J 125 38.11 59.29 -16.02
CA ARG J 125 37.79 59.36 -17.45
C ARG J 125 38.58 58.33 -18.25
N TRP J 126 38.14 58.07 -19.47
CA TRP J 126 38.82 57.13 -20.36
C TRP J 126 39.82 57.84 -21.25
N SER J 127 40.98 57.22 -21.45
CA SER J 127 42.03 57.79 -22.29
C SER J 127 41.64 57.69 -23.76
N GLY J 128 42.36 58.43 -24.61
CA GLY J 128 42.10 58.41 -26.04
C GLY J 128 40.78 59.04 -26.41
N GLN J 129 40.40 58.88 -27.67
CA GLN J 129 39.15 59.46 -28.17
C GLN J 129 38.02 58.44 -28.13
N THR J 130 36.82 58.88 -28.54
CA THR J 130 35.65 58.01 -28.53
C THR J 130 35.68 57.01 -29.68
N ALA J 131 35.36 55.76 -29.37
CA ALA J 131 35.35 54.71 -30.38
C ALA J 131 34.03 54.71 -31.15
N ILE J 132 34.11 54.81 -32.47
CA ILE J 132 32.94 54.85 -33.32
C ILE J 132 33.07 53.87 -34.49
N CYS J 133 32.02 53.08 -34.72
CA CYS J 133 32.02 52.12 -35.82
C CYS J 133 31.06 52.56 -36.92
N ASP J 134 31.60 53.21 -37.94
CA ASP J 134 30.79 53.75 -39.03
C ASP J 134 31.00 52.96 -40.32
N ASN J 135 29.94 52.83 -41.11
CA ASN J 135 30.01 52.15 -42.39
C ASN J 135 30.17 53.14 -43.54
N GLY J 136 29.90 54.41 -43.26
CA GLY J 136 30.01 55.46 -44.26
C GLY J 136 28.94 55.37 -45.31
N ALA J 137 27.67 55.33 -44.88
CA ALA J 137 26.55 55.22 -45.79
C ALA J 137 25.60 56.41 -45.65
N GLY J 138 25.86 57.25 -44.66
CA GLY J 138 25.02 58.41 -44.42
C GLY J 138 25.67 59.69 -44.89
N TYR J 139 24.86 60.72 -45.10
CA TYR J 139 25.34 62.02 -45.55
C TYR J 139 26.40 62.55 -44.59
N CYS J 140 26.17 62.34 -43.30
CA CYS J 140 27.14 62.72 -42.28
C CYS J 140 27.69 61.49 -41.57
N SER J 141 28.94 61.57 -41.14
CA SER J 141 29.59 60.46 -40.45
C SER J 141 28.84 60.11 -39.16
N ASN J 142 28.92 58.85 -38.77
CA ASN J 142 28.27 58.39 -37.54
C ASN J 142 28.76 59.15 -36.32
N PRO J 143 27.85 59.90 -35.66
CA PRO J 143 28.17 60.68 -34.46
C PRO J 143 28.77 59.81 -33.36
N GLY J 144 28.48 58.51 -33.40
CA GLY J 144 29.02 57.58 -32.42
C GLY J 144 28.33 57.71 -31.08
N ILE J 145 28.69 56.82 -30.15
CA ILE J 145 28.11 56.82 -28.82
C ILE J 145 29.19 56.91 -27.74
N PRO J 146 29.47 58.13 -27.26
CA PRO J 146 30.48 58.36 -26.22
C PRO J 146 30.26 57.46 -25.02
N ILE J 147 31.35 56.98 -24.42
CA ILE J 147 31.27 56.09 -23.28
C ILE J 147 30.43 56.70 -22.16
N GLY J 148 29.33 56.03 -21.81
CA GLY J 148 28.47 56.48 -20.74
C GLY J 148 27.18 57.08 -21.24
N THR J 149 27.15 57.44 -22.53
CA THR J 149 25.96 58.04 -23.12
C THR J 149 25.08 57.01 -23.80
N ARG J 150 23.97 57.47 -24.37
CA ARG J 150 23.05 56.60 -25.10
C ARG J 150 22.41 57.35 -26.26
N LYS J 151 22.86 57.04 -27.48
CA LYS J 151 22.36 57.72 -28.67
C LYS J 151 21.03 57.16 -29.13
N VAL J 152 20.13 58.04 -29.53
CA VAL J 152 18.83 57.64 -30.06
C VAL J 152 18.65 58.19 -31.47
N GLY J 153 18.88 57.34 -32.46
CA GLY J 153 18.78 57.74 -33.86
C GLY J 153 19.84 57.08 -34.71
N SER J 154 19.41 56.15 -35.56
CA SER J 154 20.34 55.43 -36.43
C SER J 154 20.48 56.12 -37.78
N GLN J 155 19.49 56.93 -38.15
CA GLN J 155 19.51 57.65 -39.41
C GLN J 155 20.49 58.83 -39.37
N TYR J 156 21.42 58.85 -40.31
CA TYR J 156 22.40 59.93 -40.38
C TYR J 156 22.26 60.71 -41.68
N ARG J 157 21.03 60.79 -42.19
CA ARG J 157 20.77 61.54 -43.42
C ARG J 157 20.90 63.03 -43.16
N LEU J 158 20.52 63.84 -44.14
CA LEU J 158 20.56 65.29 -43.99
C LEU J 158 19.34 65.77 -43.21
N GLU J 159 19.56 66.78 -42.36
CA GLU J 159 18.50 67.36 -41.54
C GLU J 159 18.06 66.44 -40.41
N ASP J 160 18.56 65.20 -40.42
CA ASP J 160 18.25 64.24 -39.36
C ASP J 160 18.93 64.65 -38.06
N SER J 161 18.45 64.11 -36.95
CA SER J 161 18.98 64.46 -35.64
C SER J 161 19.15 63.25 -34.74
N VAL J 162 19.96 63.40 -33.70
CA VAL J 162 20.18 62.34 -32.72
C VAL J 162 20.20 62.92 -31.31
N THR J 163 19.65 62.16 -30.36
CA THR J 163 19.60 62.59 -28.97
C THR J 163 20.48 61.72 -28.07
N TYR J 164 21.01 62.30 -27.01
CA TYR J 164 21.87 61.58 -26.09
C TYR J 164 21.33 61.63 -24.66
N HIS J 165 21.61 60.59 -23.89
CA HIS J 165 21.17 60.51 -22.50
C HIS J 165 22.21 59.81 -21.63
N CYS J 166 22.63 60.46 -20.56
CA CYS J 166 23.62 59.88 -19.65
C CYS J 166 22.95 58.97 -18.62
N SER J 167 23.77 58.16 -17.95
CA SER J 167 23.28 57.26 -16.92
C SER J 167 22.78 58.03 -15.70
N ARG J 168 22.15 57.32 -14.78
CA ARG J 168 21.62 57.94 -13.57
C ARG J 168 22.74 58.40 -12.63
N GLY J 169 22.75 59.69 -12.32
CA GLY J 169 23.76 60.24 -11.43
C GLY J 169 24.88 60.95 -12.17
N LEU J 170 24.73 61.07 -13.49
CA LEU J 170 25.73 61.74 -14.31
C LEU J 170 25.16 62.98 -14.99
N THR J 171 26.00 64.00 -15.13
CA THR J 171 25.59 65.24 -15.77
C THR J 171 26.07 65.28 -17.22
N LEU J 172 25.14 65.42 -18.14
CA LEU J 172 25.47 65.48 -19.56
C LEU J 172 26.15 66.79 -19.92
N ARG J 173 27.35 66.68 -20.48
CA ARG J 173 28.10 67.85 -20.92
C ARG J 173 28.09 67.95 -22.44
N GLY J 174 27.85 69.15 -22.96
CA GLY J 174 27.80 69.36 -24.39
C GLY J 174 26.38 69.46 -24.91
N SER J 175 26.14 68.87 -26.08
CA SER J 175 24.81 68.90 -26.68
C SER J 175 24.06 67.60 -26.45
N GLN J 176 22.77 67.70 -26.19
CA GLN J 176 21.92 66.53 -26.02
C GLN J 176 21.23 66.19 -27.34
N ARG J 177 21.29 67.13 -28.27
CA ARG J 177 20.71 66.94 -29.60
C ARG J 177 21.62 67.53 -30.67
N ARG J 178 21.94 66.72 -31.68
CA ARG J 178 22.78 67.18 -32.78
C ARG J 178 22.10 66.90 -34.12
N THR J 179 22.03 67.92 -34.97
CA THR J 179 21.37 67.80 -36.26
C THR J 179 22.39 67.81 -37.40
N CYS J 180 22.27 66.84 -38.31
CA CYS J 180 23.15 66.75 -39.46
C CYS J 180 22.94 67.90 -40.42
N GLN J 181 23.77 68.93 -40.32
CA GLN J 181 23.65 70.12 -41.14
C GLN J 181 24.22 69.90 -42.54
N GLU J 182 23.81 70.74 -43.49
CA GLU J 182 24.29 70.66 -44.85
C GLU J 182 25.79 70.89 -44.91
N GLY J 183 26.51 69.99 -45.56
CA GLY J 183 27.96 70.11 -45.69
C GLY J 183 28.69 69.03 -44.92
N GLY J 184 27.97 68.00 -44.52
CA GLY J 184 28.57 66.89 -43.78
C GLY J 184 29.16 67.31 -42.45
N SER J 185 28.30 67.70 -41.52
CA SER J 185 28.74 68.13 -40.20
C SER J 185 27.57 68.23 -39.23
N TRP J 186 27.74 67.63 -38.05
CA TRP J 186 26.70 67.66 -37.02
C TRP J 186 26.77 68.93 -36.18
N SER J 187 25.61 69.50 -35.89
CA SER J 187 25.53 70.71 -35.08
C SER J 187 25.91 70.41 -33.64
N GLY J 188 26.19 71.47 -32.87
CA GLY J 188 26.56 71.32 -31.49
C GLY J 188 27.91 70.62 -31.32
N THR J 189 28.14 70.08 -30.14
CA THR J 189 29.40 69.39 -29.84
C THR J 189 29.13 67.96 -29.37
N GLU J 190 30.18 67.15 -29.35
CA GLU J 190 30.07 65.76 -28.92
C GLU J 190 29.79 65.67 -27.43
N PRO J 191 28.74 64.93 -27.05
CA PRO J 191 28.34 64.74 -25.65
C PRO J 191 29.43 64.07 -24.83
N SER J 192 29.28 64.09 -23.52
CA SER J 192 30.25 63.46 -22.62
C SER J 192 29.72 63.41 -21.20
N CYS J 193 29.34 62.21 -20.75
CA CYS J 193 28.80 62.03 -19.41
C CYS J 193 29.84 62.32 -18.33
N GLN J 194 29.55 63.32 -17.50
CA GLN J 194 30.43 63.69 -16.41
C GLN J 194 29.84 63.26 -15.08
N ASP J 195 30.68 63.07 -14.07
CA ASP J 195 30.20 62.68 -12.75
C ASP J 195 30.33 63.83 -11.76
N SER J 196 30.96 63.56 -10.62
CA SER J 196 31.14 64.58 -9.60
C SER J 196 32.54 64.52 -8.98
N PHE J 197 33.54 64.25 -9.82
CA PHE J 197 34.91 64.14 -9.35
C PHE J 197 35.87 63.99 -10.52
N MET J 198 35.34 64.06 -11.74
CA MET J 198 36.15 63.86 -12.93
C MET J 198 37.10 65.03 -13.18
N TYR J 199 36.63 66.24 -12.90
CA TYR J 199 37.41 67.46 -13.11
C TYR J 199 38.15 67.48 -14.45
N ASP J 200 39.14 68.37 -14.56
CA ASP J 200 39.94 68.50 -15.77
C ASP J 200 41.36 68.93 -15.41
N THR J 201 42.33 68.13 -15.82
CA THR J 201 43.73 68.45 -15.57
C THR J 201 44.09 69.80 -16.18
N PRO J 202 45.03 70.52 -15.52
CA PRO J 202 45.46 71.83 -15.99
C PRO J 202 45.80 71.83 -17.48
N GLN J 203 46.34 70.72 -17.97
CA GLN J 203 46.69 70.59 -19.37
C GLN J 203 45.45 70.42 -20.24
N GLU J 204 44.55 69.54 -19.84
CA GLU J 204 43.31 69.29 -20.58
C GLU J 204 42.53 70.59 -20.79
N VAL J 205 42.54 71.46 -19.79
CA VAL J 205 41.83 72.73 -19.87
C VAL J 205 42.53 73.69 -20.83
N ALA J 206 43.82 73.92 -20.59
CA ALA J 206 44.59 74.85 -21.41
C ALA J 206 44.66 74.40 -22.87
N GLU J 207 44.70 73.09 -23.08
CA GLU J 207 44.82 72.54 -24.42
C GLU J 207 43.52 72.66 -25.19
N ALA J 208 42.40 72.44 -24.51
CA ALA J 208 41.08 72.50 -25.14
C ALA J 208 40.56 73.93 -25.22
N PHE J 209 41.11 74.80 -24.38
CA PHE J 209 40.70 76.20 -24.35
C PHE J 209 41.32 76.97 -25.51
N LEU J 210 42.63 76.80 -25.69
CA LEU J 210 43.34 77.48 -26.77
C LEU J 210 42.91 76.95 -28.14
N SER J 211 42.80 75.64 -28.25
CA SER J 211 42.41 75.00 -29.51
C SER J 211 41.02 75.46 -29.95
N SER J 212 40.28 76.06 -29.03
CA SER J 212 38.93 76.54 -29.33
C SER J 212 38.90 78.06 -29.40
N LEU J 213 39.89 78.70 -28.78
CA LEU J 213 39.97 80.16 -28.74
C LEU J 213 40.81 80.70 -29.89
N THR J 214 42.03 80.21 -30.00
CA THR J 214 42.96 80.66 -31.04
C THR J 214 42.34 80.58 -32.42
N GLU J 215 41.60 79.50 -32.67
CA GLU J 215 40.93 79.32 -33.96
C GLU J 215 39.89 80.40 -34.17
N THR J 216 39.24 80.81 -33.08
CA THR J 216 38.24 81.87 -33.14
C THR J 216 38.92 83.24 -33.20
N ILE J 217 40.25 83.23 -33.14
CA ILE J 217 41.03 84.45 -33.24
C ILE J 217 41.67 84.57 -34.62
N GLU J 218 42.10 83.43 -35.17
CA GLU J 218 42.71 83.40 -36.49
C GLU J 218 41.78 83.99 -37.55
N GLY J 219 40.51 83.61 -37.48
CA GLY J 219 39.51 84.10 -38.42
C GLY J 219 39.22 85.58 -38.23
N VAL J 220 39.44 86.06 -37.01
CA VAL J 220 39.20 87.47 -36.70
C VAL J 220 40.06 88.38 -37.56
N ASP J 221 41.21 87.87 -37.99
CA ASP J 221 42.12 88.64 -38.82
C ASP J 221 41.60 88.75 -40.26
N ALA J 222 40.56 89.56 -40.44
CA ALA J 222 39.97 89.77 -41.76
C ALA J 222 39.00 90.96 -41.78
N GLU J 223 39.52 92.19 -41.82
CA GLU J 223 40.95 92.51 -41.77
C GLU J 223 41.81 91.73 -42.77
N PRO J 240 42.85 100.09 -31.07
CA PRO J 240 42.04 99.87 -32.28
C PRO J 240 42.92 99.61 -33.49
N SER J 241 42.58 98.56 -34.26
CA SER J 241 41.45 97.71 -33.95
C SER J 241 41.81 96.24 -34.17
N GLY J 242 41.13 95.35 -33.44
CA GLY J 242 40.11 95.75 -32.49
C GLY J 242 38.72 95.42 -32.98
N SER J 243 38.58 94.33 -33.72
CA SER J 243 37.29 93.89 -34.24
C SER J 243 36.80 92.66 -33.49
N MET J 244 37.08 92.62 -32.19
CA MET J 244 36.63 91.52 -31.34
C MET J 244 36.43 91.99 -29.91
N ASN J 245 35.33 91.56 -29.30
CA ASN J 245 35.01 91.94 -27.93
C ASN J 245 35.19 90.78 -26.95
N ILE J 246 35.83 91.05 -25.82
CA ILE J 246 36.02 90.05 -24.78
C ILE J 246 35.36 90.51 -23.48
N TYR J 247 34.27 89.84 -23.12
CA TYR J 247 33.51 90.21 -21.92
C TYR J 247 33.88 89.32 -20.75
N LEU J 248 34.56 89.91 -19.76
CA LEU J 248 34.99 89.17 -18.58
C LEU J 248 34.01 89.36 -17.42
N VAL J 249 33.13 88.39 -17.24
CA VAL J 249 32.13 88.45 -16.17
C VAL J 249 32.54 87.59 -14.97
N LEU J 250 32.98 88.25 -13.90
CA LEU J 250 33.43 87.53 -12.71
C LEU J 250 32.36 87.50 -11.64
N ASP J 251 32.18 86.34 -11.02
CA ASP J 251 31.17 86.18 -9.97
C ASP J 251 31.79 86.41 -8.60
N GLY J 252 31.16 87.27 -7.81
CA GLY J 252 31.67 87.61 -6.49
C GLY J 252 30.67 87.35 -5.39
N SER J 253 29.82 86.34 -5.58
CA SER J 253 28.82 85.98 -4.60
C SER J 253 29.48 85.39 -3.36
N GLY J 254 28.72 85.36 -2.26
CA GLY J 254 29.23 84.82 -1.00
C GLY J 254 29.32 83.30 -1.01
N SER J 255 29.02 82.71 -2.16
CA SER J 255 29.06 81.26 -2.30
C SER J 255 30.37 80.80 -2.95
N ILE J 256 31.30 81.73 -3.12
CA ILE J 256 32.58 81.43 -3.75
C ILE J 256 33.72 81.51 -2.76
N GLY J 257 33.76 82.61 -2.00
CA GLY J 257 34.82 82.84 -1.04
C GLY J 257 35.98 83.61 -1.64
N ALA J 258 36.59 84.47 -0.84
CA ALA J 258 37.70 85.29 -1.31
C ALA J 258 38.87 84.43 -1.80
N SER J 259 38.95 83.20 -1.30
CA SER J 259 40.00 82.28 -1.70
C SER J 259 39.91 81.95 -3.19
N ASP J 260 38.78 81.38 -3.59
CA ASP J 260 38.57 80.99 -4.98
C ASP J 260 38.23 82.19 -5.87
N PHE J 261 38.11 83.36 -5.26
CA PHE J 261 37.79 84.57 -6.00
C PHE J 261 39.05 85.31 -6.44
N THR J 262 39.88 85.67 -5.47
CA THR J 262 41.12 86.39 -5.76
C THR J 262 42.00 85.59 -6.72
N GLY J 263 41.86 84.27 -6.69
CA GLY J 263 42.59 83.41 -7.59
C GLY J 263 42.05 83.50 -9.01
N ALA J 264 40.75 83.75 -9.11
CA ALA J 264 40.10 83.89 -10.42
C ALA J 264 40.51 85.19 -11.09
N LYS J 265 40.80 86.20 -10.28
CA LYS J 265 41.25 87.49 -10.80
C LYS J 265 42.61 87.34 -11.47
N LYS J 266 43.58 86.83 -10.72
CA LYS J 266 44.91 86.58 -11.26
C LYS J 266 44.83 85.70 -12.50
N CYS J 267 43.85 84.79 -12.49
CA CYS J 267 43.65 83.87 -13.61
C CYS J 267 43.29 84.64 -14.87
N LEU J 268 42.52 85.71 -14.72
CA LEU J 268 42.11 86.53 -15.85
C LEU J 268 43.23 87.47 -16.28
N VAL J 269 43.99 87.97 -15.31
CA VAL J 269 45.09 88.87 -15.59
C VAL J 269 46.05 88.27 -16.61
N ASN J 270 46.37 87.00 -16.42
CA ASN J 270 47.27 86.29 -17.33
C ASN J 270 46.65 86.05 -18.70
N LEU J 271 45.33 85.93 -18.72
CA LEU J 271 44.60 85.72 -19.97
C LEU J 271 44.74 86.93 -20.89
N ILE J 272 44.57 88.12 -20.34
CA ILE J 272 44.68 89.35 -21.11
C ILE J 272 46.08 89.50 -21.70
N GLU J 273 47.09 89.27 -20.87
CA GLU J 273 48.48 89.34 -21.32
C GLU J 273 48.76 88.26 -22.35
N LYS J 274 48.10 87.11 -22.19
CA LYS J 274 48.24 86.01 -23.13
C LYS J 274 47.71 86.39 -24.51
N VAL J 275 46.55 87.05 -24.53
CA VAL J 275 45.96 87.51 -25.78
C VAL J 275 46.80 88.65 -26.36
N ALA J 276 47.47 89.38 -25.49
CA ALA J 276 48.32 90.49 -25.91
C ALA J 276 49.56 90.00 -26.64
N SER J 277 50.01 88.80 -26.30
CA SER J 277 51.20 88.23 -26.93
C SER J 277 50.93 87.88 -28.39
N TYR J 278 49.65 87.80 -28.75
CA TYR J 278 49.27 87.53 -30.13
C TYR J 278 49.23 88.80 -30.96
N GLY J 279 49.71 89.90 -30.38
CA GLY J 279 49.73 91.18 -31.07
C GLY J 279 48.35 91.67 -31.44
N VAL J 280 47.34 91.20 -30.71
CA VAL J 280 45.96 91.61 -30.96
C VAL J 280 45.42 92.44 -29.81
N LYS J 281 44.75 93.54 -30.13
CA LYS J 281 44.20 94.43 -29.12
C LYS J 281 42.68 94.53 -29.24
N PRO J 282 41.96 93.55 -28.67
CA PRO J 282 40.49 93.51 -28.68
C PRO J 282 39.89 94.52 -27.73
N ARG J 283 38.55 94.53 -27.63
CA ARG J 283 37.85 95.40 -26.70
C ARG J 283 37.34 94.60 -25.51
N TYR J 284 37.86 94.92 -24.33
CA TYR J 284 37.50 94.19 -23.12
C TYR J 284 36.30 94.82 -22.40
N GLY J 285 35.72 94.06 -21.48
CA GLY J 285 34.59 94.53 -20.70
C GLY J 285 34.49 93.81 -19.36
N LEU J 286 35.15 94.37 -18.34
CA LEU J 286 35.17 93.76 -17.03
C LEU J 286 33.89 94.04 -16.24
N VAL J 287 33.24 92.98 -15.78
CA VAL J 287 31.99 93.10 -15.03
C VAL J 287 31.89 92.07 -13.91
N THR J 288 31.96 92.54 -12.67
CA THR J 288 31.79 91.66 -11.52
C THR J 288 30.39 91.82 -10.95
N TYR J 289 29.70 90.70 -10.75
CA TYR J 289 28.31 90.74 -10.29
C TYR J 289 28.08 89.98 -8.99
N ALA J 290 26.98 90.32 -8.32
CA ALA J 290 26.57 89.63 -7.10
C ALA J 290 25.05 89.65 -7.02
N THR J 291 24.51 90.58 -6.25
CA THR J 291 23.07 90.81 -6.21
C THR J 291 22.72 91.76 -7.36
N TYR J 292 23.69 92.58 -7.74
CA TYR J 292 23.54 93.50 -8.85
C TYR J 292 24.86 93.59 -9.62
N PRO J 293 24.78 93.78 -10.95
CA PRO J 293 25.98 93.88 -11.79
C PRO J 293 26.80 95.12 -11.46
N LYS J 294 28.11 95.03 -11.63
CA LYS J 294 28.99 96.18 -11.40
C LYS J 294 29.99 96.32 -12.54
N ILE J 295 29.70 97.23 -13.47
CA ILE J 295 30.55 97.43 -14.64
C ILE J 295 31.78 98.26 -14.31
N TRP J 296 32.96 97.68 -14.53
CA TRP J 296 34.22 98.38 -14.31
C TRP J 296 34.77 98.92 -15.62
N VAL J 297 34.67 98.11 -16.67
CA VAL J 297 35.16 98.50 -17.98
C VAL J 297 34.10 98.22 -19.05
N LYS J 298 33.80 99.22 -19.86
CA LYS J 298 32.82 99.07 -20.93
C LYS J 298 33.49 99.07 -22.30
N VAL J 299 32.99 98.24 -23.21
CA VAL J 299 33.57 98.11 -24.53
C VAL J 299 33.47 99.40 -25.34
N SER J 300 32.57 100.29 -24.92
CA SER J 300 32.38 101.56 -25.62
C SER J 300 33.40 102.60 -25.19
N GLU J 301 34.15 102.29 -24.13
CA GLU J 301 35.18 103.19 -23.64
C GLU J 301 36.38 103.22 -24.58
N ALA J 302 37.12 104.33 -24.57
CA ALA J 302 38.29 104.46 -25.41
C ALA J 302 39.50 103.79 -24.78
N ASP J 303 39.30 103.20 -23.61
CA ASP J 303 40.38 102.54 -22.87
C ASP J 303 40.13 101.05 -22.78
N SER J 304 39.08 100.57 -23.42
CA SER J 304 38.75 99.15 -23.43
C SER J 304 39.78 98.36 -24.22
N SER J 305 40.44 99.02 -25.17
CA SER J 305 41.43 98.38 -26.01
C SER J 305 42.78 98.29 -25.31
N ASN J 306 43.00 99.15 -24.33
CA ASN J 306 44.25 99.17 -23.57
C ASN J 306 44.31 98.00 -22.58
N ALA J 307 45.12 96.99 -22.92
CA ALA J 307 45.23 95.79 -22.10
C ALA J 307 45.70 96.12 -20.68
N ASP J 308 46.59 97.09 -20.57
CA ASP J 308 47.15 97.48 -19.27
C ASP J 308 46.07 97.96 -18.31
N TRP J 309 45.29 98.95 -18.74
CA TRP J 309 44.27 99.53 -17.89
C TRP J 309 43.25 98.50 -17.44
N VAL J 310 42.82 97.64 -18.36
CA VAL J 310 41.86 96.59 -18.03
C VAL J 310 42.43 95.67 -16.94
N THR J 311 43.74 95.46 -16.98
CA THR J 311 44.41 94.63 -16.00
C THR J 311 44.42 95.29 -14.63
N LYS J 312 44.66 96.60 -14.60
CA LYS J 312 44.70 97.34 -13.35
C LYS J 312 43.32 97.47 -12.72
N GLN J 313 42.30 97.61 -13.56
CA GLN J 313 40.92 97.63 -13.09
C GLN J 313 40.55 96.27 -12.52
N LEU J 314 41.26 95.24 -12.98
CA LEU J 314 41.03 93.88 -12.51
C LEU J 314 41.78 93.64 -11.20
N ASN J 315 42.63 94.58 -10.84
CA ASN J 315 43.40 94.49 -9.60
C ASN J 315 42.76 95.29 -8.47
N GLU J 316 42.15 96.42 -8.82
CA GLU J 316 41.52 97.30 -7.83
C GLU J 316 40.29 96.64 -7.20
N ILE J 317 39.63 95.76 -7.95
CA ILE J 317 38.46 95.07 -7.46
C ILE J 317 38.82 94.15 -6.30
N ASN J 318 37.87 93.93 -5.40
CA ASN J 318 38.10 93.07 -4.25
C ASN J 318 36.85 92.26 -3.90
N TYR J 319 37.04 91.13 -3.24
CA TYR J 319 35.93 90.27 -2.86
C TYR J 319 35.04 90.95 -1.82
N GLU J 320 35.56 92.00 -1.20
CA GLU J 320 34.82 92.74 -0.18
C GLU J 320 33.84 93.73 -0.82
N ASP J 321 33.94 93.88 -2.14
CA ASP J 321 33.07 94.80 -2.87
C ASP J 321 31.62 94.35 -2.84
N HIS J 322 31.41 93.05 -2.75
CA HIS J 322 30.06 92.48 -2.72
C HIS J 322 29.83 91.65 -1.47
N LYS J 323 30.14 92.23 -0.31
CA LYS J 323 29.95 91.55 0.96
C LYS J 323 28.60 91.92 1.59
N LEU J 324 28.27 93.21 1.51
CA LEU J 324 27.01 93.69 2.05
C LEU J 324 25.82 93.00 1.38
N LYS J 325 25.90 92.87 0.06
CA LYS J 325 24.85 92.20 -0.70
C LYS J 325 25.44 91.03 -1.49
N SER J 326 25.67 89.92 -0.78
CA SER J 326 26.27 88.74 -1.40
C SER J 326 25.23 87.84 -2.04
N GLY J 327 24.63 88.33 -3.12
CA GLY J 327 23.63 87.57 -3.85
C GLY J 327 24.23 86.92 -5.09
N THR J 328 23.41 86.18 -5.83
CA THR J 328 23.85 85.50 -7.04
C THR J 328 22.81 85.64 -8.15
N ASN J 329 22.88 86.74 -8.90
CA ASN J 329 21.96 86.99 -9.98
C ASN J 329 22.68 87.01 -11.33
N THR J 330 22.96 85.83 -11.87
CA THR J 330 23.69 85.72 -13.13
C THR J 330 22.91 86.34 -14.28
N LYS J 331 21.59 86.39 -14.14
CA LYS J 331 20.73 86.95 -15.18
C LYS J 331 21.11 88.40 -15.48
N LYS J 332 21.05 89.25 -14.46
CA LYS J 332 21.41 90.66 -14.62
C LYS J 332 22.83 90.82 -15.14
N ALA J 333 23.72 89.94 -14.70
CA ALA J 333 25.12 89.99 -15.13
C ALA J 333 25.22 89.93 -16.65
N LEU J 334 24.52 88.97 -17.24
CA LEU J 334 24.54 88.81 -18.69
C LEU J 334 23.81 89.97 -19.37
N GLN J 335 22.76 90.48 -18.73
CA GLN J 335 22.04 91.62 -19.24
C GLN J 335 22.95 92.85 -19.31
N ALA J 336 23.88 92.93 -18.37
CA ALA J 336 24.86 94.01 -18.36
C ALA J 336 25.75 93.92 -19.59
N VAL J 337 26.06 92.69 -19.99
CA VAL J 337 26.86 92.46 -21.19
C VAL J 337 26.02 92.77 -22.43
N TYR J 338 24.71 92.53 -22.33
CA TYR J 338 23.80 92.79 -23.43
C TYR J 338 23.79 94.28 -23.80
N SER J 339 23.80 95.13 -22.78
CA SER J 339 23.76 96.57 -22.99
C SER J 339 25.09 97.10 -23.55
N MET J 340 26.14 96.28 -23.45
CA MET J 340 27.44 96.66 -23.96
C MET J 340 27.57 96.35 -25.44
N MET J 341 26.88 95.30 -25.87
CA MET J 341 26.93 94.87 -27.27
C MET J 341 25.66 95.27 -28.03
N SER J 342 24.78 96.00 -27.36
CA SER J 342 23.53 96.42 -27.97
C SER J 342 23.67 97.77 -28.67
N TRP J 343 22.60 98.20 -29.32
CA TRP J 343 22.60 99.48 -30.04
C TRP J 343 21.27 100.21 -29.85
N PRO J 344 21.31 101.55 -29.94
CA PRO J 344 20.13 102.40 -29.73
C PRO J 344 19.09 102.27 -30.85
N ASP J 345 17.85 101.95 -30.46
CA ASP J 345 16.72 101.96 -31.38
C ASP J 345 16.83 100.95 -32.52
N ASP J 346 17.28 99.74 -32.20
CA ASP J 346 17.37 98.67 -33.19
C ASP J 346 17.96 99.14 -34.51
N VAL J 347 19.26 99.38 -34.52
CA VAL J 347 19.95 99.84 -35.73
C VAL J 347 21.33 99.21 -35.85
N PRO J 348 21.61 98.58 -37.01
CA PRO J 348 22.93 98.05 -37.33
C PRO J 348 23.88 99.17 -37.75
N PRO J 349 24.71 99.66 -36.83
CA PRO J 349 25.59 100.80 -37.10
C PRO J 349 26.47 100.56 -38.32
N GLU J 350 27.64 99.95 -38.10
CA GLU J 350 28.55 99.64 -39.19
C GLU J 350 29.65 98.70 -38.71
N GLY J 351 29.65 97.49 -39.26
CA GLY J 351 30.62 96.47 -38.86
C GLY J 351 30.10 95.65 -37.70
N TRP J 352 28.79 95.70 -37.49
CA TRP J 352 28.17 94.95 -36.40
C TRP J 352 28.25 93.45 -36.67
N ASN J 353 28.04 93.07 -37.93
CA ASN J 353 28.08 91.67 -38.33
C ASN J 353 29.48 91.22 -38.75
N ARG J 354 30.49 91.90 -38.24
CA ARG J 354 31.87 91.56 -38.55
C ARG J 354 32.69 91.41 -37.28
N THR J 355 32.04 91.57 -36.13
CA THR J 355 32.71 91.52 -34.85
C THR J 355 32.45 90.22 -34.10
N ARG J 356 33.51 89.53 -33.71
CA ARG J 356 33.38 88.32 -32.91
C ARG J 356 33.25 88.66 -31.43
N HIS J 357 32.33 87.98 -30.76
CA HIS J 357 32.11 88.22 -29.33
C HIS J 357 32.53 87.01 -28.50
N VAL J 358 33.28 87.27 -27.44
CA VAL J 358 33.77 86.21 -26.56
C VAL J 358 33.45 86.51 -25.10
N ILE J 359 32.52 85.76 -24.53
CA ILE J 359 32.11 85.96 -23.14
C ILE J 359 32.73 84.90 -22.23
N ILE J 360 33.60 85.34 -21.32
CA ILE J 360 34.24 84.45 -20.37
C ILE J 360 33.80 84.79 -18.94
N LEU J 361 33.14 83.84 -18.28
CA LEU J 361 32.63 84.08 -16.93
C LEU J 361 32.95 82.96 -15.95
N MET J 362 33.39 83.35 -14.76
CA MET J 362 33.61 82.41 -13.67
C MET J 362 32.37 82.37 -12.77
N THR J 363 31.88 81.18 -12.49
CA THR J 363 30.69 81.02 -11.65
C THR J 363 30.47 79.56 -11.24
N ASP J 364 29.99 79.37 -10.02
CA ASP J 364 29.69 78.03 -9.52
C ASP J 364 28.38 77.52 -10.12
N GLY J 365 27.66 78.40 -10.81
CA GLY J 365 26.42 78.04 -11.47
C GLY J 365 25.22 77.98 -10.53
N LEU J 366 25.48 78.13 -9.23
CA LEU J 366 24.40 78.07 -8.24
C LEU J 366 23.66 79.40 -8.13
N HIS J 367 22.99 79.79 -9.22
CA HIS J 367 22.20 81.02 -9.21
C HIS J 367 20.88 80.80 -8.49
N ASN J 368 20.38 81.85 -7.85
CA ASN J 368 19.14 81.77 -7.08
C ASN J 368 18.24 82.99 -7.24
N MET J 369 18.78 84.04 -7.85
CA MET J 369 18.03 85.27 -8.06
C MET J 369 18.03 85.66 -9.55
N GLY J 370 16.84 85.93 -10.07
CA GLY J 370 16.70 86.34 -11.46
C GLY J 370 16.03 85.28 -12.32
N GLY J 371 16.33 84.02 -12.06
CA GLY J 371 15.75 82.92 -12.81
C GLY J 371 16.76 82.19 -13.66
N ASP J 372 16.36 81.82 -14.87
CA ASP J 372 17.23 81.09 -15.78
C ASP J 372 18.05 82.05 -16.65
N PRO J 373 19.37 82.09 -16.42
CA PRO J 373 20.28 82.98 -17.14
C PRO J 373 20.31 82.69 -18.65
N ILE J 374 19.89 81.48 -19.03
CA ILE J 374 19.89 81.08 -20.43
C ILE J 374 19.07 82.06 -21.28
N THR J 375 17.95 82.51 -20.74
CA THR J 375 17.05 83.41 -21.47
C THR J 375 17.79 84.62 -22.02
N VAL J 376 18.82 85.07 -21.32
CA VAL J 376 19.60 86.22 -21.74
C VAL J 376 20.48 85.88 -22.93
N ILE J 377 21.10 84.71 -22.88
CA ILE J 377 21.95 84.25 -23.97
C ILE J 377 21.17 84.22 -25.28
N ASP J 378 19.93 83.76 -25.21
CA ASP J 378 19.06 83.72 -26.39
C ASP J 378 18.84 85.11 -26.96
N GLU J 379 18.69 86.10 -26.08
CA GLU J 379 18.52 87.48 -26.48
C GLU J 379 19.76 87.99 -27.20
N ILE J 380 20.92 87.57 -26.72
CA ILE J 380 22.19 87.97 -27.33
C ILE J 380 22.28 87.43 -28.75
N ARG J 381 21.90 86.18 -28.94
CA ARG J 381 21.93 85.55 -30.26
C ARG J 381 21.01 86.29 -31.23
N ASP J 382 19.83 86.66 -30.77
CA ASP J 382 18.88 87.39 -31.60
C ASP J 382 19.43 88.78 -31.94
N LEU J 383 20.22 89.33 -31.03
CA LEU J 383 20.80 90.65 -31.21
C LEU J 383 21.93 90.61 -32.25
N LEU J 384 22.66 89.49 -32.28
CA LEU J 384 23.77 89.33 -33.21
C LEU J 384 23.35 88.58 -34.46
N TYR J 385 22.05 88.26 -34.54
CA TYR J 385 21.50 87.53 -35.67
C TYR J 385 22.25 86.21 -35.87
N ILE J 386 22.20 85.35 -34.86
CA ILE J 386 22.88 84.06 -34.91
C ILE J 386 21.88 82.91 -34.84
N GLY J 387 22.08 81.92 -35.70
CA GLY J 387 21.19 80.78 -35.76
C GLY J 387 19.82 81.15 -36.28
N LYS J 388 19.74 82.30 -36.94
CA LYS J 388 18.49 82.79 -37.50
C LYS J 388 18.52 82.77 -39.02
N ASP J 389 19.47 82.01 -39.58
CA ASP J 389 19.59 81.88 -41.03
C ASP J 389 20.11 80.50 -41.40
N ARG J 390 19.31 79.77 -42.17
CA ARG J 390 19.68 78.41 -42.59
C ARG J 390 20.97 78.39 -43.41
N LYS J 391 21.19 79.46 -44.17
CA LYS J 391 22.37 79.53 -45.03
C LYS J 391 23.55 80.19 -44.33
N ASN J 392 23.26 81.07 -43.38
CA ASN J 392 24.31 81.78 -42.65
C ASN J 392 24.11 81.72 -41.14
N PRO J 393 24.59 80.63 -40.51
CA PRO J 393 24.47 80.41 -39.07
C PRO J 393 25.09 81.52 -38.25
N ARG J 394 26.32 81.93 -38.60
CA ARG J 394 27.04 82.96 -37.87
C ARG J 394 27.38 82.54 -36.45
N GLU J 395 27.60 81.25 -36.25
CA GLU J 395 27.95 80.72 -34.93
C GLU J 395 29.38 81.09 -34.54
N ASP J 396 30.17 81.49 -35.53
CA ASP J 396 31.56 81.84 -35.30
C ASP J 396 31.70 83.26 -34.72
N TYR J 397 30.56 83.92 -34.52
CA TYR J 397 30.57 85.29 -34.02
C TYR J 397 30.15 85.36 -32.55
N LEU J 398 30.30 84.25 -31.83
CA LEU J 398 29.93 84.21 -30.42
C LEU J 398 30.48 82.96 -29.71
N ASP J 399 31.31 83.18 -28.70
CA ASP J 399 31.84 82.10 -27.88
C ASP J 399 31.58 82.38 -26.40
N VAL J 400 31.04 81.39 -25.71
CA VAL J 400 30.76 81.53 -24.28
C VAL J 400 31.50 80.47 -23.47
N TYR J 401 32.64 80.86 -22.89
CA TYR J 401 33.42 79.96 -22.06
C TYR J 401 33.01 80.08 -20.60
N VAL J 402 32.80 78.93 -19.95
CA VAL J 402 32.35 78.93 -18.56
C VAL J 402 33.28 78.15 -17.65
N PHE J 403 33.93 78.87 -16.73
CA PHE J 403 34.80 78.24 -15.75
C PHE J 403 34.12 78.19 -14.39
N GLY J 404 33.88 76.99 -13.89
CA GLY J 404 33.24 76.82 -12.60
C GLY J 404 34.19 76.41 -11.50
N VAL J 405 34.60 77.36 -10.68
CA VAL J 405 35.51 77.06 -9.58
C VAL J 405 34.95 77.53 -8.24
N GLY J 406 34.73 76.57 -7.34
CA GLY J 406 34.16 76.83 -6.04
C GLY J 406 33.13 75.77 -5.69
N PRO J 407 33.58 74.53 -5.46
CA PRO J 407 32.71 73.39 -5.14
C PRO J 407 31.74 73.84 -4.06
N LEU J 408 30.45 74.03 -4.31
CA LEU J 408 29.62 73.34 -5.30
C LEU J 408 29.45 74.01 -6.66
N VAL J 409 29.82 73.29 -7.72
CA VAL J 409 29.57 73.74 -9.08
C VAL J 409 28.55 72.87 -9.80
N ASN J 410 27.46 73.49 -10.26
CA ASN J 410 26.41 72.76 -10.97
C ASN J 410 26.73 72.63 -12.46
N GLN J 411 27.34 71.51 -12.84
CA GLN J 411 27.75 71.29 -14.22
C GLN J 411 26.58 71.38 -15.18
N VAL J 412 25.37 71.12 -14.67
CA VAL J 412 24.16 71.20 -15.48
C VAL J 412 23.95 72.62 -16.00
N ASN J 413 24.14 73.60 -15.12
CA ASN J 413 23.92 74.99 -15.47
C ASN J 413 25.09 75.61 -16.24
N ILE J 414 26.31 75.38 -15.75
CA ILE J 414 27.49 75.95 -16.39
C ILE J 414 27.63 75.46 -17.82
N ASN J 415 26.98 74.34 -18.12
CA ASN J 415 27.02 73.76 -19.47
C ASN J 415 25.95 74.39 -20.37
N ALA J 416 24.81 74.68 -19.78
CA ALA J 416 23.69 75.26 -20.53
C ALA J 416 24.03 76.63 -21.09
N LEU J 417 24.96 77.32 -20.42
CA LEU J 417 25.37 78.66 -20.86
C LEU J 417 26.51 78.58 -21.86
N ALA J 418 27.49 77.73 -21.57
CA ALA J 418 28.65 77.57 -22.45
C ALA J 418 28.21 77.12 -23.84
N SER J 419 28.93 77.59 -24.86
CA SER J 419 28.61 77.26 -26.24
C SER J 419 28.87 75.78 -26.53
N LYS J 420 28.33 75.30 -27.65
CA LYS J 420 28.53 73.94 -28.08
C LYS J 420 29.00 73.87 -29.53
N LYS J 421 30.32 73.82 -29.72
CA LYS J 421 30.90 73.74 -31.05
C LYS J 421 31.62 72.41 -31.27
N ASP J 422 31.55 71.90 -32.49
CA ASP J 422 32.14 70.60 -32.82
C ASP J 422 33.63 70.57 -32.52
N ASN J 423 34.06 69.52 -31.82
CA ASN J 423 35.48 69.32 -31.49
C ASN J 423 36.07 70.48 -30.70
N GLU J 424 35.21 71.18 -29.95
CA GLU J 424 35.65 72.28 -29.10
C GLU J 424 35.01 72.19 -27.72
N GLN J 425 35.77 72.57 -26.69
CA GLN J 425 35.28 72.54 -25.32
C GLN J 425 35.13 73.95 -24.76
N HIS J 426 34.01 74.20 -24.11
CA HIS J 426 33.74 75.52 -23.53
C HIS J 426 33.44 75.43 -22.04
N VAL J 427 33.10 74.23 -21.58
CA VAL J 427 32.89 73.99 -20.16
C VAL J 427 34.16 73.43 -19.53
N PHE J 428 34.64 74.09 -18.49
CA PHE J 428 35.89 73.67 -17.84
C PHE J 428 35.73 73.52 -16.33
N LYS J 429 35.65 72.28 -15.88
CA LYS J 429 35.54 71.97 -14.45
C LYS J 429 36.92 71.66 -13.88
N VAL J 430 37.54 72.64 -13.25
CA VAL J 430 38.89 72.49 -12.73
C VAL J 430 38.90 71.89 -11.33
N LYS J 431 39.98 71.18 -11.01
CA LYS J 431 40.14 70.55 -9.70
C LYS J 431 40.14 71.59 -8.58
N ASP J 432 41.20 72.38 -8.51
CA ASP J 432 41.31 73.44 -7.52
C ASP J 432 41.82 74.75 -8.14
N MET J 433 41.69 75.83 -7.41
CA MET J 433 42.09 77.15 -7.91
C MET J 433 43.53 77.18 -8.43
N GLU J 434 44.43 76.53 -7.70
CA GLU J 434 45.84 76.49 -8.08
C GLU J 434 46.00 75.92 -9.49
N ASN J 435 45.24 74.88 -9.80
CA ASN J 435 45.29 74.27 -11.13
C ASN J 435 44.72 75.18 -12.21
N LEU J 436 43.62 75.85 -11.89
CA LEU J 436 43.00 76.79 -12.82
C LEU J 436 44.01 77.86 -13.24
N GLU J 437 44.83 78.28 -12.29
CA GLU J 437 45.87 79.26 -12.57
C GLU J 437 46.91 78.67 -13.53
N ASP J 438 47.41 77.49 -13.22
CA ASP J 438 48.40 76.81 -14.04
C ASP J 438 47.94 76.72 -15.49
N VAL J 439 46.63 76.74 -15.69
CA VAL J 439 46.05 76.68 -17.03
C VAL J 439 46.47 77.88 -17.88
N PHE J 440 46.48 79.06 -17.26
CA PHE J 440 46.77 80.29 -17.97
C PHE J 440 48.26 80.67 -17.91
N TYR J 441 49.02 79.96 -17.08
CA TYR J 441 50.47 80.16 -17.02
C TYR J 441 51.15 79.46 -18.18
N GLN J 442 50.71 78.23 -18.46
CA GLN J 442 51.26 77.46 -19.57
C GLN J 442 51.01 78.17 -20.89
N MET J 443 50.01 79.04 -20.91
CA MET J 443 49.66 79.78 -22.11
C MET J 443 50.68 80.89 -22.39
N ILE J 444 51.00 81.66 -21.35
CA ILE J 444 51.93 82.78 -21.50
C ILE J 444 53.28 82.34 -22.05
N ASP J 445 53.71 81.14 -21.67
CA ASP J 445 55.00 80.62 -22.10
C ASP J 445 54.93 79.95 -23.47
N GLU J 446 53.92 79.10 -23.66
CA GLU J 446 53.74 78.40 -24.92
C GLU J 446 53.29 79.35 -26.02
N SER J 447 53.78 79.11 -27.25
CA SER J 447 53.41 79.93 -28.39
C SER J 447 52.95 79.06 -29.55
N GLN J 448 51.70 78.62 -29.49
CA GLN J 448 51.15 77.74 -30.53
C GLN J 448 51.27 78.37 -31.91
N SER J 449 51.59 77.55 -32.90
CA SER J 449 51.75 78.02 -34.27
C SER J 449 50.44 78.58 -34.81
N LEU J 450 50.48 79.85 -35.21
CA LEU J 450 49.31 80.50 -35.79
C LEU J 450 49.46 80.68 -37.30
N SER J 451 49.05 79.68 -38.06
CA SER J 451 49.10 79.74 -39.51
C SER J 451 47.70 79.79 -40.11
N LEU J 452 47.57 80.53 -41.20
CA LEU J 452 46.28 80.66 -41.87
C LEU J 452 46.26 79.92 -43.20
N CYS J 453 46.47 78.62 -43.14
CA CYS J 453 46.42 77.78 -44.33
C CYS J 453 44.99 77.39 -44.66
N GLY J 454 44.63 77.46 -45.94
CA GLY J 454 43.28 77.14 -46.37
C GLY J 454 42.24 78.04 -45.75
N MET J 455 42.58 79.32 -45.59
CA MET J 455 41.67 80.30 -45.00
C MET J 455 41.14 81.23 -46.08
N VAL J 456 40.40 82.25 -45.66
CA VAL J 456 39.90 83.26 -46.60
C VAL J 456 40.37 84.64 -46.18
N TRP J 457 39.42 85.56 -46.03
CA TRP J 457 39.71 86.94 -45.62
C TRP J 457 38.47 87.81 -45.77
N GLU J 458 38.68 89.12 -45.80
CA GLU J 458 37.58 90.07 -45.99
C GLU J 458 37.24 90.20 -47.47
N GLY J 462 33.14 89.98 -52.89
CA GLY J 462 33.19 88.61 -53.38
C GLY J 462 33.89 88.49 -54.71
N THR J 463 35.13 88.96 -54.77
CA THR J 463 35.92 88.90 -56.00
C THR J 463 36.68 87.59 -56.09
N ASP J 464 37.06 87.20 -57.30
CA ASP J 464 37.81 85.97 -57.51
C ASP J 464 39.13 85.98 -56.77
N TYR J 465 39.71 84.79 -56.59
CA TYR J 465 40.98 84.63 -55.88
C TYR J 465 40.87 84.99 -54.40
N HIS J 466 39.72 85.52 -54.01
CA HIS J 466 39.46 85.79 -52.60
C HIS J 466 38.86 84.55 -51.96
N LYS J 467 38.06 83.81 -52.73
CA LYS J 467 37.49 82.56 -52.28
C LYS J 467 38.51 81.43 -52.42
N GLN J 468 39.46 81.63 -53.34
CA GLN J 468 40.52 80.66 -53.56
C GLN J 468 41.88 81.35 -53.72
N PRO J 469 42.42 81.87 -52.61
CA PRO J 469 43.72 82.56 -52.61
C PRO J 469 44.85 81.62 -53.05
N TRP J 470 44.80 80.38 -52.58
CA TRP J 470 45.82 79.38 -52.89
C TRP J 470 45.88 79.09 -54.38
N GLN J 471 44.75 79.25 -55.07
CA GLN J 471 44.66 78.92 -56.48
C GLN J 471 45.74 79.61 -57.31
N ALA J 472 46.50 78.82 -58.05
CA ALA J 472 47.56 79.34 -58.90
C ALA J 472 47.33 78.95 -60.37
N LYS J 473 47.69 79.85 -61.27
CA LYS J 473 47.53 79.59 -62.70
C LYS J 473 48.88 79.55 -63.40
N ILE J 474 49.21 78.40 -63.98
CA ILE J 474 50.51 78.22 -64.63
C ILE J 474 50.36 78.21 -66.15
N SER J 475 51.35 78.79 -66.84
CA SER J 475 51.35 78.83 -68.29
C SER J 475 52.74 78.56 -68.85
N VAL J 476 52.82 77.70 -69.86
CA VAL J 476 54.09 77.35 -70.47
C VAL J 476 54.07 77.65 -71.97
N ILE J 477 55.02 78.46 -72.42
CA ILE J 477 55.12 78.82 -73.84
C ILE J 477 56.08 77.89 -74.59
N ARG J 478 55.64 77.42 -75.76
CA ARG J 478 56.45 76.51 -76.56
C ARG J 478 56.51 76.96 -78.01
N PRO J 479 57.66 76.70 -78.67
CA PRO J 479 57.91 77.11 -80.06
C PRO J 479 56.88 76.58 -81.04
N SER J 480 55.83 77.37 -81.28
CA SER J 480 54.80 77.03 -82.27
C SER J 480 53.99 75.79 -81.90
N LYS J 481 54.43 75.07 -80.86
CA LYS J 481 53.73 73.87 -80.42
C LYS J 481 52.44 74.23 -79.68
N GLY J 482 52.38 75.46 -79.19
CA GLY J 482 51.21 75.93 -78.47
C GLY J 482 51.56 76.45 -77.09
N HIS J 483 50.60 76.40 -76.18
CA HIS J 483 50.81 76.86 -74.81
C HIS J 483 50.16 75.93 -73.80
N GLU J 484 50.95 75.41 -72.88
CA GLU J 484 50.45 74.50 -71.85
C GLU J 484 49.72 75.26 -70.76
N SER J 485 48.45 74.94 -70.56
CA SER J 485 47.63 75.61 -69.55
C SER J 485 47.33 74.70 -68.38
N CYS J 486 48.03 74.91 -67.26
CA CYS J 486 47.83 74.13 -66.06
C CYS J 486 47.56 75.03 -64.86
N MET J 487 47.37 74.42 -63.69
CA MET J 487 47.13 75.16 -62.47
C MET J 487 47.87 74.55 -61.28
N GLY J 488 48.16 75.37 -60.28
CA GLY J 488 48.86 74.92 -59.10
C GLY J 488 48.21 75.38 -57.82
N ALA J 489 48.96 75.36 -56.72
CA ALA J 489 48.45 75.77 -55.42
C ALA J 489 49.57 76.24 -54.51
N VAL J 490 49.45 77.48 -54.03
CA VAL J 490 50.45 78.04 -53.13
C VAL J 490 50.48 77.27 -51.82
N VAL J 491 51.63 76.71 -51.50
CA VAL J 491 51.79 75.92 -50.27
C VAL J 491 52.77 76.57 -49.31
N SER J 492 53.49 77.57 -49.80
CA SER J 492 54.46 78.28 -48.98
C SER J 492 54.78 79.66 -49.56
N GLU J 493 55.82 80.29 -49.03
CA GLU J 493 56.21 81.62 -49.48
C GLU J 493 57.07 81.56 -50.74
N TYR J 494 57.33 80.34 -51.23
CA TYR J 494 58.16 80.16 -52.40
C TYR J 494 57.65 79.04 -53.32
N PHE J 495 57.28 77.92 -52.71
CA PHE J 495 56.87 76.75 -53.48
C PHE J 495 55.39 76.74 -53.83
N VAL J 496 55.07 76.18 -54.99
CA VAL J 496 53.69 76.07 -55.45
C VAL J 496 53.44 74.67 -56.02
N LEU J 497 52.74 73.84 -55.26
CA LEU J 497 52.46 72.46 -55.68
C LEU J 497 51.61 72.42 -56.94
N THR J 498 51.94 71.51 -57.84
CA THR J 498 51.21 71.36 -59.10
C THR J 498 51.55 70.03 -59.76
N ALA J 499 50.92 69.76 -60.90
CA ALA J 499 51.18 68.54 -61.65
C ALA J 499 52.61 68.51 -62.18
N ALA J 500 53.01 67.37 -62.71
CA ALA J 500 54.37 67.21 -63.24
C ALA J 500 54.37 67.04 -64.76
N HIS J 501 53.24 66.57 -65.31
CA HIS J 501 53.14 66.35 -66.74
C HIS J 501 52.95 67.66 -67.49
N CYS J 502 52.67 68.73 -66.75
CA CYS J 502 52.50 70.05 -67.34
C CYS J 502 53.83 70.63 -67.79
N PHE J 503 54.92 69.97 -67.39
CA PHE J 503 56.26 70.42 -67.73
C PHE J 503 57.09 69.28 -68.30
N THR J 504 58.23 69.64 -68.91
CA THR J 504 59.14 68.64 -69.45
C THR J 504 60.58 69.07 -69.24
N VAL J 505 61.50 68.12 -69.40
CA VAL J 505 62.92 68.39 -69.22
C VAL J 505 63.41 69.46 -70.19
N ASP J 506 62.77 69.54 -71.34
CA ASP J 506 63.15 70.51 -72.36
C ASP J 506 62.76 71.94 -71.98
N ASP J 507 61.60 72.09 -71.37
CA ASP J 507 61.12 73.41 -70.96
C ASP J 507 62.05 74.07 -69.95
N LYS J 508 62.51 75.27 -70.28
CA LYS J 508 63.40 76.02 -69.40
C LYS J 508 62.59 76.82 -68.39
N GLU J 509 63.28 77.69 -67.64
CA GLU J 509 62.62 78.51 -66.63
C GLU J 509 62.10 79.82 -67.20
N HIS J 510 62.69 80.25 -68.31
CA HIS J 510 62.28 81.49 -68.97
C HIS J 510 61.01 81.30 -69.80
N SER J 511 60.65 80.04 -70.01
CA SER J 511 59.47 79.72 -70.81
C SER J 511 58.29 79.30 -69.93
N ILE J 512 58.48 79.39 -68.61
CA ILE J 512 57.44 79.01 -67.66
C ILE J 512 57.06 80.20 -66.78
N LYS J 513 55.80 80.62 -66.87
CA LYS J 513 55.29 81.74 -66.09
C LYS J 513 54.15 81.32 -65.18
N VAL J 514 54.18 81.80 -63.95
CA VAL J 514 53.14 81.48 -62.97
C VAL J 514 52.48 82.73 -62.42
N SER J 515 51.15 82.77 -62.44
CA SER J 515 50.41 83.93 -61.96
C SER J 515 49.47 83.54 -60.81
N VAL J 516 49.53 84.29 -59.72
CA VAL J 516 48.69 84.04 -58.56
C VAL J 516 48.00 85.32 -58.09
N GLY J 517 46.92 85.16 -57.35
CA GLY J 517 46.18 86.28 -56.81
C GLY J 517 45.49 87.11 -57.88
N GLY J 518 45.46 86.58 -59.10
CA GLY J 518 44.82 87.25 -60.22
C GLY J 518 45.64 88.42 -60.75
N GLU J 519 46.91 88.48 -60.36
CA GLU J 519 47.80 89.53 -60.81
C GLU J 519 48.03 89.46 -62.31
N LYS J 520 48.10 90.62 -62.96
CA LYS J 520 48.28 90.69 -64.40
C LYS J 520 49.69 90.26 -64.80
N ARG J 521 50.66 90.56 -63.95
CA ARG J 521 52.06 90.22 -64.24
C ARG J 521 52.33 88.73 -64.04
N ASP J 522 53.49 88.29 -64.50
CA ASP J 522 53.90 86.89 -64.35
C ASP J 522 55.14 86.79 -63.47
N LEU J 523 55.08 85.87 -62.50
CA LEU J 523 56.20 85.69 -61.58
C LEU J 523 57.29 84.80 -62.18
N GLU J 524 58.53 85.21 -62.01
CA GLU J 524 59.67 84.44 -62.51
C GLU J 524 60.02 83.30 -61.56
N ILE J 525 60.12 82.10 -62.10
CA ILE J 525 60.43 80.93 -61.29
C ILE J 525 61.94 80.73 -61.17
N GLU J 526 62.34 79.84 -60.27
CA GLU J 526 63.74 79.54 -60.04
C GLU J 526 64.09 78.15 -60.54
N VAL J 527 63.32 77.16 -60.11
CA VAL J 527 63.56 75.78 -60.51
C VAL J 527 62.35 74.90 -60.23
N VAL J 528 62.00 74.04 -61.18
CA VAL J 528 60.88 73.13 -61.02
C VAL J 528 61.36 71.76 -60.56
N LEU J 529 60.97 71.37 -59.34
CA LEU J 529 61.38 70.10 -58.78
C LEU J 529 60.38 68.99 -59.08
N PHE J 530 60.79 68.03 -59.90
CA PHE J 530 59.94 66.89 -60.23
C PHE J 530 60.16 65.76 -59.23
N HIS J 531 59.18 64.86 -59.13
CA HIS J 531 59.28 63.74 -58.22
C HIS J 531 60.30 62.73 -58.73
N PRO J 532 61.16 62.25 -57.82
CA PRO J 532 62.24 61.31 -58.15
C PRO J 532 61.74 60.04 -58.82
N ASN J 533 60.46 59.73 -58.65
CA ASN J 533 59.88 58.51 -59.21
C ASN J 533 58.96 58.78 -60.39
N TYR J 534 59.01 60.00 -60.92
CA TYR J 534 58.16 60.38 -62.05
C TYR J 534 58.76 59.94 -63.37
N ASN J 535 58.03 59.09 -64.10
CA ASN J 535 58.46 58.62 -65.40
C ASN J 535 57.27 58.31 -66.30
N ILE J 536 56.80 59.33 -67.02
CA ILE J 536 55.63 59.19 -67.88
C ILE J 536 55.88 58.23 -69.04
N ASN J 537 57.14 58.07 -69.41
CA ASN J 537 57.52 57.20 -70.53
C ASN J 537 58.19 55.92 -70.07
N GLY J 538 57.76 55.40 -68.92
CA GLY J 538 58.33 54.18 -68.37
C GLY J 538 57.37 53.01 -68.45
N LYS J 539 56.50 53.02 -69.45
CA LYS J 539 55.53 51.95 -69.63
C LYS J 539 55.24 51.67 -71.10
N LYS J 540 56.02 52.29 -71.99
CA LYS J 540 55.84 52.08 -73.42
C LYS J 540 56.13 50.64 -73.81
N GLU J 541 56.95 49.96 -73.02
CA GLU J 541 57.29 48.58 -73.27
C GLU J 541 56.06 47.67 -73.15
N ALA J 542 55.22 47.96 -72.16
CA ALA J 542 54.01 47.19 -71.93
C ALA J 542 52.87 47.68 -72.81
N GLY J 543 53.17 48.67 -73.65
CA GLY J 543 52.16 49.24 -74.54
C GLY J 543 51.33 50.31 -73.86
N ILE J 544 51.91 50.94 -72.85
CA ILE J 544 51.21 51.98 -72.11
C ILE J 544 51.86 53.35 -72.34
N PRO J 545 51.29 54.14 -73.26
CA PRO J 545 51.81 55.46 -73.64
C PRO J 545 51.91 56.41 -72.46
N GLU J 546 50.86 56.48 -71.64
CA GLU J 546 50.82 57.41 -70.52
C GLU J 546 50.95 56.70 -69.18
N PHE J 547 51.67 57.32 -68.25
CA PHE J 547 51.87 56.75 -66.92
C PHE J 547 52.05 57.88 -65.90
N TYR J 548 50.94 58.33 -65.33
CA TYR J 548 50.95 59.48 -64.43
C TYR J 548 51.20 59.12 -62.97
N ASP J 549 52.03 58.10 -62.75
CA ASP J 549 52.38 57.71 -61.39
C ASP J 549 53.30 58.75 -60.77
N TYR J 550 53.02 59.13 -59.52
CA TYR J 550 53.77 60.17 -58.85
C TYR J 550 53.80 61.44 -59.69
N ASP J 551 52.62 61.89 -60.11
CA ASP J 551 52.50 63.06 -60.97
C ASP J 551 52.44 64.35 -60.15
N VAL J 552 53.54 64.67 -59.48
CA VAL J 552 53.61 65.87 -58.66
C VAL J 552 54.91 66.63 -58.89
N ALA J 553 54.88 67.93 -58.63
CA ALA J 553 56.06 68.78 -58.82
C ALA J 553 55.88 70.13 -58.12
N LEU J 554 56.97 70.63 -57.53
CA LEU J 554 56.94 71.92 -56.85
C LEU J 554 57.59 73.01 -57.70
N ILE J 555 57.18 74.25 -57.48
CA ILE J 555 57.75 75.37 -58.21
C ILE J 555 58.24 76.46 -57.26
N LYS J 556 59.54 76.47 -57.00
CA LYS J 556 60.15 77.46 -56.13
C LYS J 556 60.32 78.78 -56.86
N LEU J 557 59.58 79.80 -56.42
CA LEU J 557 59.65 81.11 -57.05
C LEU J 557 60.95 81.83 -56.73
N LYS J 558 61.26 82.86 -57.50
CA LYS J 558 62.47 83.63 -57.31
C LYS J 558 62.28 84.72 -56.25
N ASN J 559 61.04 85.14 -56.07
CA ASN J 559 60.71 86.19 -55.10
C ASN J 559 59.79 85.68 -54.00
N LYS J 560 59.89 86.29 -52.83
CA LYS J 560 59.05 85.92 -51.69
C LYS J 560 57.65 86.52 -51.84
N LEU J 561 56.63 85.70 -51.57
CA LEU J 561 55.25 86.14 -51.72
C LEU J 561 54.72 86.81 -50.45
N LYS J 562 54.22 88.03 -50.61
CA LYS J 562 53.58 88.74 -49.51
C LYS J 562 52.10 88.38 -49.44
N TYR J 563 51.73 87.60 -48.42
CA TYR J 563 50.36 87.15 -48.28
C TYR J 563 49.37 88.29 -48.10
N GLY J 564 48.26 88.21 -48.81
CA GLY J 564 47.21 89.22 -48.71
C GLY J 564 45.83 88.60 -48.73
N GLN J 565 44.84 89.38 -49.12
CA GLN J 565 43.46 88.88 -49.20
C GLN J 565 43.21 88.15 -50.52
N THR J 566 44.27 88.02 -51.32
CA THR J 566 44.17 87.34 -52.60
C THR J 566 45.19 86.21 -52.71
N ILE J 567 46.20 86.24 -51.84
CA ILE J 567 47.24 85.23 -51.84
C ILE J 567 47.40 84.62 -50.45
N ARG J 568 47.27 83.29 -50.37
CA ARG J 568 47.36 82.60 -49.08
C ARG J 568 47.56 81.10 -49.29
N PRO J 569 48.46 80.49 -48.50
CA PRO J 569 48.80 79.06 -48.61
C PRO J 569 47.61 78.15 -48.34
N ILE J 570 47.80 76.86 -48.54
CA ILE J 570 46.77 75.87 -48.27
C ILE J 570 47.36 74.72 -47.43
N CYS J 571 46.57 74.23 -46.49
CA CYS J 571 47.02 73.19 -45.57
C CYS J 571 47.45 71.92 -46.31
N LEU J 572 48.62 71.39 -45.93
CA LEU J 572 49.10 70.14 -46.47
C LEU J 572 49.05 69.05 -45.42
N PRO J 573 48.75 67.81 -45.84
CA PRO J 573 48.62 66.67 -44.93
C PRO J 573 49.84 66.51 -44.01
N CYS J 574 49.61 66.03 -42.80
CA CYS J 574 50.68 65.78 -41.84
C CYS J 574 51.49 67.03 -41.53
N THR J 575 50.81 68.07 -41.02
CA THR J 575 51.49 69.29 -40.60
C THR J 575 50.87 69.81 -39.30
N GLU J 576 51.68 70.46 -38.47
CA GLU J 576 51.21 71.02 -37.21
C GLU J 576 50.11 72.05 -37.44
N GLY J 577 50.09 72.63 -38.63
CA GLY J 577 49.07 73.60 -38.98
C GLY J 577 47.74 72.96 -39.31
N THR J 578 47.80 71.80 -39.96
CA THR J 578 46.60 71.06 -40.31
C THR J 578 45.98 70.40 -39.08
N THR J 579 46.82 69.98 -38.15
CA THR J 579 46.35 69.36 -36.92
C THR J 579 45.39 70.29 -36.18
N ARG J 580 45.72 71.58 -36.15
CA ARG J 580 44.87 72.57 -35.49
C ARG J 580 43.62 72.84 -36.32
N ALA J 581 43.76 72.76 -37.64
CA ALA J 581 42.64 72.97 -38.54
C ALA J 581 41.56 71.91 -38.32
N LEU J 582 41.99 70.68 -38.07
CA LEU J 582 41.08 69.58 -37.79
C LEU J 582 40.71 69.57 -36.31
N ARG J 583 41.28 70.50 -35.56
CA ARG J 583 40.99 70.64 -34.14
C ARG J 583 41.36 69.39 -33.35
N LEU J 584 42.35 68.66 -33.86
CA LEU J 584 42.81 67.44 -33.19
C LEU J 584 43.97 67.73 -32.24
N PRO J 585 44.11 66.90 -31.20
CA PRO J 585 45.20 67.06 -30.21
C PRO J 585 46.56 67.09 -30.87
N PRO J 586 47.53 67.80 -30.27
CA PRO J 586 48.88 67.91 -30.80
C PRO J 586 49.55 66.54 -30.92
N THR J 587 49.07 65.58 -30.16
CA THR J 587 49.63 64.23 -30.17
C THR J 587 49.05 63.39 -31.30
N THR J 588 48.53 64.06 -32.33
CA THR J 588 47.97 63.37 -33.48
C THR J 588 49.04 62.93 -34.46
N THR J 589 49.09 61.64 -34.75
CA THR J 589 50.07 61.09 -35.68
C THR J 589 49.62 61.28 -37.13
N CYS J 590 50.56 61.14 -38.06
CA CYS J 590 50.25 61.29 -39.47
C CYS J 590 49.16 60.32 -39.92
N GLN J 591 49.19 59.11 -39.36
CA GLN J 591 48.22 58.08 -39.72
C GLN J 591 46.81 58.48 -39.32
N GLN J 592 46.68 59.19 -38.21
CA GLN J 592 45.38 59.61 -37.72
C GLN J 592 44.72 60.63 -38.65
N GLN J 593 45.52 61.53 -39.20
CA GLN J 593 44.99 62.55 -40.11
C GLN J 593 44.46 61.92 -41.40
N LYS J 594 45.15 60.89 -41.88
CA LYS J 594 44.73 60.22 -43.10
C LYS J 594 43.39 59.51 -42.90
N GLU J 595 43.13 59.10 -41.66
CA GLU J 595 41.86 58.46 -41.32
C GLU J 595 40.75 59.50 -41.17
N GLU J 596 41.14 60.72 -40.89
CA GLU J 596 40.19 61.82 -40.71
C GLU J 596 39.83 62.48 -42.04
N LEU J 597 40.85 62.76 -42.84
CA LEU J 597 40.66 63.43 -44.12
C LEU J 597 40.21 62.46 -45.21
N LEU J 598 40.75 61.25 -45.18
CA LEU J 598 40.44 60.25 -46.20
C LEU J 598 39.96 58.94 -45.59
N PRO J 599 38.73 58.93 -45.06
CA PRO J 599 38.13 57.72 -44.48
C PRO J 599 37.83 56.68 -45.55
N ALA J 600 37.39 55.50 -45.13
CA ALA J 600 37.05 54.44 -46.07
C ALA J 600 35.60 54.55 -46.51
N GLN J 601 35.25 55.71 -47.06
CA GLN J 601 33.87 55.97 -47.49
C GLN J 601 33.85 56.90 -48.71
N ASP J 602 32.66 57.41 -49.02
CA ASP J 602 32.51 58.34 -50.14
C ASP J 602 32.81 59.76 -49.68
N ILE J 603 34.09 60.13 -49.69
CA ILE J 603 34.53 61.44 -49.23
C ILE J 603 33.93 62.57 -50.06
N LYS J 604 33.61 63.68 -49.41
CA LYS J 604 33.07 64.83 -50.10
C LYS J 604 34.13 65.92 -50.25
N ALA J 605 34.65 66.05 -51.47
CA ALA J 605 35.71 67.03 -51.75
C ALA J 605 35.27 68.01 -52.85
N LEU J 606 36.25 68.75 -53.37
CA LEU J 606 35.98 69.72 -54.43
C LEU J 606 37.27 70.24 -55.06
N PHE J 607 37.15 70.81 -56.25
CA PHE J 607 38.31 71.38 -56.94
C PHE J 607 37.94 72.69 -57.62
N VAL J 608 38.94 73.47 -58.00
CA VAL J 608 38.71 74.77 -58.62
C VAL J 608 38.77 74.68 -60.15
N SER J 609 37.72 75.14 -60.80
CA SER J 609 37.64 75.14 -62.27
C SER J 609 37.51 76.57 -62.78
N GLU J 610 37.97 76.79 -64.01
CA GLU J 610 37.90 78.12 -64.62
C GLU J 610 36.89 78.17 -65.76
N GLU J 611 35.81 78.91 -65.57
CA GLU J 611 34.77 79.06 -66.58
C GLU J 611 34.59 80.52 -66.99
N GLU J 612 34.84 80.80 -68.26
CA GLU J 612 34.70 82.16 -68.78
C GLU J 612 35.55 83.16 -68.01
N LYS J 613 36.84 82.84 -67.84
CA LYS J 613 37.77 83.70 -67.13
C LYS J 613 37.30 83.99 -65.71
N LYS J 614 36.55 83.06 -65.13
CA LYS J 614 36.05 83.21 -63.77
C LYS J 614 36.17 81.91 -63.00
N LEU J 615 36.82 81.96 -61.84
CA LEU J 615 37.00 80.77 -61.01
C LEU J 615 35.69 80.32 -60.37
N THR J 616 35.49 79.00 -60.33
CA THR J 616 34.29 78.44 -59.73
C THR J 616 34.58 77.10 -59.07
N ARG J 617 33.87 76.80 -58.00
CA ARG J 617 34.08 75.55 -57.26
C ARG J 617 33.24 74.41 -57.83
N LYS J 618 33.78 73.20 -57.79
CA LYS J 618 33.07 72.03 -58.28
C LYS J 618 33.10 70.91 -57.24
N GLU J 619 31.99 70.76 -56.52
CA GLU J 619 31.89 69.74 -55.49
C GLU J 619 31.82 68.34 -56.10
N VAL J 620 32.70 67.46 -55.64
CA VAL J 620 32.74 66.09 -56.13
C VAL J 620 32.85 65.11 -54.96
N TYR J 621 32.96 63.82 -55.29
CA TYR J 621 33.10 62.79 -54.27
C TYR J 621 34.28 61.86 -54.56
N ILE J 622 35.10 61.63 -53.55
CA ILE J 622 36.24 60.73 -53.68
C ILE J 622 35.82 59.29 -53.40
N LYS J 623 35.94 58.43 -54.40
CA LYS J 623 35.56 57.03 -54.27
C LYS J 623 36.61 56.26 -53.49
N ASN J 624 36.54 56.34 -52.17
CA ASN J 624 37.49 55.65 -51.31
C ASN J 624 36.81 54.54 -50.49
N GLY J 625 35.51 54.38 -50.70
CA GLY J 625 34.76 53.34 -50.02
C GLY J 625 34.74 52.05 -50.81
N ASP J 626 33.59 51.39 -50.83
CA ASP J 626 33.43 50.14 -51.56
C ASP J 626 33.22 50.39 -53.05
N LYS J 627 33.04 51.66 -53.41
CA LYS J 627 32.86 52.05 -54.80
C LYS J 627 34.20 52.42 -55.42
N LYS J 628 35.28 52.09 -54.73
CA LYS J 628 36.63 52.40 -55.20
C LYS J 628 36.99 51.60 -56.45
N GLY J 629 36.77 50.29 -56.38
CA GLY J 629 37.09 49.41 -57.49
C GLY J 629 36.31 49.76 -58.74
N SER J 630 35.05 50.14 -58.56
CA SER J 630 34.19 50.49 -59.68
C SER J 630 34.72 51.71 -60.43
N CYS J 631 35.30 52.64 -59.67
CA CYS J 631 35.79 53.89 -60.24
C CYS J 631 37.16 53.71 -60.90
N GLU J 632 37.93 52.76 -60.41
CA GLU J 632 39.28 52.51 -60.93
C GLU J 632 39.26 51.72 -62.23
N ARG J 633 38.47 50.64 -62.26
CA ARG J 633 38.39 49.77 -63.43
C ARG J 633 37.89 50.51 -64.67
N ASP J 634 37.31 51.70 -64.46
CA ASP J 634 36.81 52.50 -65.56
C ASP J 634 37.94 53.24 -66.27
N ALA J 635 39.18 52.96 -65.85
CA ALA J 635 40.35 53.57 -66.47
C ALA J 635 40.71 52.84 -67.77
N GLN J 636 39.95 51.81 -68.08
CA GLN J 636 40.18 51.03 -69.29
C GLN J 636 39.66 51.75 -70.53
N TYR J 637 38.66 52.60 -70.32
CA TYR J 637 38.06 53.35 -71.42
C TYR J 637 38.94 54.53 -71.82
N ALA J 638 39.96 54.81 -71.02
CA ALA J 638 40.88 55.91 -71.29
C ALA J 638 41.70 55.64 -72.55
N PRO J 639 42.02 56.70 -73.30
CA PRO J 639 42.80 56.60 -74.54
C PRO J 639 44.16 55.95 -74.31
N GLY J 640 44.41 54.83 -74.95
CA GLY J 640 45.67 54.12 -74.82
C GLY J 640 45.59 52.96 -73.86
N TYR J 641 44.70 53.06 -72.89
CA TYR J 641 44.53 52.02 -71.87
C TYR J 641 43.50 50.99 -72.31
N ASP J 642 43.15 51.02 -73.59
CA ASP J 642 42.12 50.12 -74.13
C ASP J 642 42.63 48.69 -74.31
N LYS J 643 43.94 48.51 -74.19
CA LYS J 643 44.53 47.20 -74.38
C LYS J 643 45.46 46.82 -73.22
N VAL J 644 45.15 47.32 -72.03
CA VAL J 644 45.94 47.03 -70.84
C VAL J 644 45.51 45.70 -70.22
N LYS J 645 46.49 44.84 -69.95
CA LYS J 645 46.22 43.53 -69.36
C LYS J 645 45.64 43.67 -67.96
N ASP J 646 46.42 44.24 -67.05
CA ASP J 646 45.98 44.44 -65.68
C ASP J 646 45.76 45.92 -65.39
N ILE J 647 44.52 46.29 -65.11
CA ILE J 647 44.15 47.69 -64.90
C ILE J 647 44.78 48.25 -63.62
N SER J 648 45.21 47.37 -62.73
CA SER J 648 45.77 47.79 -61.45
C SER J 648 47.21 48.26 -61.58
N GLU J 649 47.76 48.17 -62.79
CA GLU J 649 49.13 48.59 -63.04
C GLU J 649 49.21 50.05 -63.46
N VAL J 650 48.13 50.53 -64.09
CA VAL J 650 48.07 51.92 -64.53
C VAL J 650 47.47 52.81 -63.46
N VAL J 651 46.87 52.20 -62.45
CA VAL J 651 46.27 52.93 -61.34
C VAL J 651 46.95 52.56 -60.03
N THR J 652 48.11 53.16 -59.78
CA THR J 652 48.88 52.89 -58.57
C THR J 652 48.14 53.40 -57.33
N PRO J 653 48.50 52.87 -56.15
CA PRO J 653 47.91 53.30 -54.88
C PRO J 653 48.06 54.81 -54.65
N ARG J 654 48.89 55.45 -55.46
CA ARG J 654 49.09 56.90 -55.36
C ARG J 654 48.03 57.67 -56.13
N PHE J 655 46.85 57.07 -56.29
CA PHE J 655 45.77 57.70 -57.02
C PHE J 655 44.47 57.76 -56.21
N LEU J 656 43.79 58.89 -56.29
CA LEU J 656 42.47 59.05 -55.68
C LEU J 656 41.43 59.25 -56.77
N CYS J 657 40.50 58.30 -56.89
CA CYS J 657 39.53 58.32 -57.98
C CYS J 657 38.28 59.12 -57.61
N THR J 658 37.87 60.00 -58.51
CA THR J 658 36.67 60.82 -58.32
C THR J 658 35.80 60.82 -59.57
N GLY J 659 34.74 61.61 -59.54
CA GLY J 659 33.83 61.72 -60.67
C GLY J 659 32.99 60.48 -60.87
N GLY J 660 31.90 60.61 -61.62
CA GLY J 660 31.02 59.50 -61.90
C GLY J 660 29.55 59.89 -61.81
N VAL J 661 28.70 58.91 -61.54
CA VAL J 661 27.26 59.15 -61.43
C VAL J 661 26.75 58.74 -60.06
N SER J 662 27.52 57.91 -59.35
CA SER J 662 27.15 57.47 -58.02
C SER J 662 28.19 57.91 -57.00
N PRO J 663 27.73 58.40 -55.83
CA PRO J 663 26.32 58.52 -55.47
C PRO J 663 25.64 59.66 -56.22
N TYR J 664 26.42 60.63 -56.68
CA TYR J 664 25.89 61.79 -57.39
C TYR J 664 26.66 62.07 -58.67
N ALA J 665 26.12 62.94 -59.51
CA ALA J 665 26.77 63.31 -60.76
C ALA J 665 27.84 64.36 -60.50
N ASP J 666 29.08 63.90 -60.32
CA ASP J 666 30.19 64.79 -60.03
C ASP J 666 30.75 65.45 -61.29
N PRO J 667 30.99 66.76 -61.23
CA PRO J 667 31.58 67.51 -62.34
C PRO J 667 32.98 67.00 -62.67
N ASN J 668 33.33 66.96 -63.95
CA ASN J 668 34.62 66.46 -64.38
C ASN J 668 35.66 67.57 -64.53
N THR J 669 36.93 67.19 -64.48
CA THR J 669 38.03 68.14 -64.61
C THR J 669 38.41 68.35 -66.07
N CYS J 670 38.79 69.58 -66.42
CA CYS J 670 39.17 69.90 -67.78
C CYS J 670 40.68 69.85 -67.96
N ARG J 671 41.14 70.27 -69.13
CA ARG J 671 42.57 70.29 -69.42
C ARG J 671 43.26 71.44 -68.69
N GLY J 672 42.59 72.58 -68.64
CA GLY J 672 43.13 73.76 -67.97
C GLY J 672 43.10 73.61 -66.46
N ASP J 673 42.25 72.71 -65.98
CA ASP J 673 42.11 72.47 -64.54
C ASP J 673 43.19 71.50 -64.04
N SER J 674 43.92 70.91 -64.98
CA SER J 674 44.96 69.95 -64.65
C SER J 674 45.97 70.54 -63.67
N GLY J 675 46.36 69.74 -62.68
CA GLY J 675 47.28 70.19 -61.65
C GLY J 675 46.55 70.91 -60.54
N GLY J 676 45.23 71.00 -60.66
CA GLY J 676 44.41 71.66 -59.67
C GLY J 676 44.38 70.93 -58.35
N PRO J 677 44.18 71.67 -57.24
CA PRO J 677 44.16 71.13 -55.89
C PRO J 677 42.87 70.38 -55.59
N LEU J 678 42.99 69.19 -55.00
CA LEU J 678 41.82 68.44 -54.55
C LEU J 678 41.59 68.73 -53.07
N ILE J 679 40.67 69.65 -52.80
CA ILE J 679 40.48 70.16 -51.45
C ILE J 679 39.30 69.50 -50.73
N VAL J 680 39.43 69.34 -49.42
CA VAL J 680 38.36 68.81 -48.58
C VAL J 680 37.93 69.86 -47.57
N HIS J 681 36.78 70.49 -47.82
CA HIS J 681 36.28 71.55 -46.96
C HIS J 681 35.67 71.02 -45.67
N LYS J 682 36.42 71.13 -44.58
CA LYS J 682 35.93 70.69 -43.26
C LYS J 682 36.30 71.71 -42.19
N ARG J 683 35.38 71.90 -41.24
CA ARG J 683 35.61 72.82 -40.13
C ARG J 683 35.89 74.24 -40.62
N SER J 684 35.26 74.61 -41.74
CA SER J 684 35.46 75.93 -42.34
C SER J 684 36.91 76.13 -42.77
N ARG J 685 37.59 75.03 -43.08
CA ARG J 685 38.98 75.08 -43.51
C ARG J 685 39.15 74.32 -44.83
N PHE J 686 40.21 74.63 -45.56
CA PHE J 686 40.48 73.99 -46.84
C PHE J 686 41.77 73.18 -46.80
N ILE J 687 41.63 71.85 -46.90
CA ILE J 687 42.78 70.96 -46.83
C ILE J 687 43.01 70.27 -48.17
N GLN J 688 44.19 70.43 -48.74
CA GLN J 688 44.54 69.77 -50.00
C GLN J 688 45.02 68.35 -49.73
N VAL J 689 44.40 67.39 -50.40
CA VAL J 689 44.73 65.98 -50.19
C VAL J 689 45.16 65.30 -51.49
N GLY J 690 44.91 65.96 -52.62
CA GLY J 690 45.24 65.39 -53.91
C GLY J 690 45.59 66.43 -54.97
N VAL J 691 46.11 65.94 -56.10
CA VAL J 691 46.46 66.81 -57.22
C VAL J 691 45.90 66.25 -58.52
N ILE J 692 45.09 67.04 -59.22
CA ILE J 692 44.50 66.61 -60.47
C ILE J 692 45.56 66.13 -61.45
N SER J 693 45.48 64.85 -61.81
CA SER J 693 46.48 64.25 -62.69
C SER J 693 45.95 64.07 -64.11
N TRP J 694 45.03 63.11 -64.28
CA TRP J 694 44.48 62.82 -65.60
C TRP J 694 43.02 62.36 -65.51
N GLY J 695 42.30 62.50 -66.62
CA GLY J 695 40.91 62.09 -66.68
C GLY J 695 40.68 61.04 -67.75
N VAL J 696 39.60 60.29 -67.60
CA VAL J 696 39.27 59.22 -68.54
C VAL J 696 38.72 59.77 -69.86
N VAL J 697 37.69 60.62 -69.76
CA VAL J 697 37.07 61.20 -70.94
C VAL J 697 37.15 62.71 -70.94
N ASP J 698 37.79 63.28 -71.96
CA ASP J 698 37.90 64.72 -72.08
C ASP J 698 36.54 65.33 -72.40
N VAL J 699 36.03 66.13 -71.47
CA VAL J 699 34.70 66.72 -71.62
C VAL J 699 34.79 68.23 -71.86
N CYS J 700 36.00 68.72 -72.08
CA CYS J 700 36.22 70.15 -72.33
C CYS J 700 37.06 70.36 -73.59
N LYS J 701 36.53 71.12 -74.53
CA LYS J 701 37.23 71.36 -75.79
C LYS J 701 37.22 72.84 -76.17
N ASN J 702 37.34 73.70 -75.16
CA ASN J 702 37.37 75.14 -75.38
C ASN J 702 36.13 75.68 -76.09
N GLN J 703 35.07 74.90 -76.09
CA GLN J 703 33.81 75.31 -76.70
C GLN J 703 32.69 75.31 -75.66
N LYS J 704 32.16 74.12 -75.38
CA LYS J 704 31.12 73.95 -74.38
C LYS J 704 31.39 72.70 -73.57
N ARG J 705 30.64 72.52 -72.49
CA ARG J 705 30.75 71.32 -71.68
C ARG J 705 30.04 70.15 -72.35
N GLN J 706 30.62 68.96 -72.24
CA GLN J 706 30.10 67.78 -72.91
C GLN J 706 28.60 67.62 -72.74
N LYS J 707 28.13 67.74 -71.49
CA LYS J 707 26.71 67.59 -71.17
C LYS J 707 26.25 66.13 -71.32
N GLN J 708 26.80 65.44 -72.31
CA GLN J 708 26.48 64.04 -72.53
C GLN J 708 27.63 63.15 -72.09
N VAL J 709 28.11 63.37 -70.87
CA VAL J 709 29.24 62.63 -70.33
C VAL J 709 28.89 61.16 -70.09
N PRO J 710 29.82 60.25 -70.43
CA PRO J 710 29.65 58.82 -70.20
C PRO J 710 29.56 58.49 -68.72
N ALA J 711 29.06 57.31 -68.39
CA ALA J 711 28.96 56.89 -66.99
C ALA J 711 30.29 56.36 -66.47
N HIS J 712 31.30 56.38 -67.33
CA HIS J 712 32.63 55.90 -66.96
C HIS J 712 33.68 57.01 -67.01
N ALA J 713 33.21 58.25 -67.17
CA ALA J 713 34.10 59.40 -67.21
C ALA J 713 34.62 59.73 -65.81
N ARG J 714 35.70 59.05 -65.41
CA ARG J 714 36.27 59.21 -64.08
C ARG J 714 37.45 60.18 -64.09
N ASP J 715 37.79 60.69 -62.91
CA ASP J 715 38.94 61.58 -62.76
C ASP J 715 39.88 61.07 -61.68
N PHE J 716 41.16 61.01 -62.00
CA PHE J 716 42.16 60.50 -61.06
C PHE J 716 43.06 61.62 -60.54
N HIS J 717 43.50 61.47 -59.29
CA HIS J 717 44.36 62.47 -58.66
C HIS J 717 45.53 61.80 -57.97
N ILE J 718 46.40 62.59 -57.35
CA ILE J 718 47.57 62.07 -56.66
C ILE J 718 47.48 62.28 -55.15
N ASN J 719 47.32 61.19 -54.41
CA ASN J 719 47.24 61.25 -52.96
C ASN J 719 48.52 61.78 -52.33
N LEU J 720 48.42 62.92 -51.65
CA LEU J 720 49.56 63.56 -51.03
C LEU J 720 50.15 62.72 -49.89
N PHE J 721 49.30 61.90 -49.29
CA PHE J 721 49.73 61.02 -48.20
C PHE J 721 50.73 59.97 -48.67
N GLN J 722 50.86 59.84 -49.99
CA GLN J 722 51.76 58.87 -50.59
C GLN J 722 53.08 59.51 -50.99
N VAL J 723 53.05 60.83 -51.21
CA VAL J 723 54.25 61.56 -51.60
C VAL J 723 54.74 62.46 -50.47
N LEU J 724 54.45 62.08 -49.24
CA LEU J 724 54.85 62.86 -48.07
C LEU J 724 56.37 62.97 -47.92
N PRO J 725 57.09 61.84 -48.01
CA PRO J 725 58.55 61.86 -47.86
C PRO J 725 59.21 62.87 -48.79
N TRP J 726 58.64 63.06 -49.97
CA TRP J 726 59.20 64.00 -50.95
C TRP J 726 58.85 65.45 -50.59
N LEU J 727 57.63 65.65 -50.10
CA LEU J 727 57.17 66.98 -49.72
C LEU J 727 57.88 67.47 -48.46
N LYS J 728 58.04 66.58 -47.49
CA LYS J 728 58.67 66.93 -46.21
C LYS J 728 60.13 67.33 -46.39
N GLU J 729 60.78 66.74 -47.40
CA GLU J 729 62.19 67.01 -47.65
C GLU J 729 62.39 68.33 -48.41
N LYS J 730 61.57 68.55 -49.43
CA LYS J 730 61.69 69.75 -50.26
C LYS J 730 61.14 70.99 -49.55
N LEU J 731 60.30 70.77 -48.54
CA LEU J 731 59.68 71.87 -47.82
C LEU J 731 60.15 71.91 -46.36
N GLN J 732 61.38 71.49 -46.12
CA GLN J 732 61.94 71.46 -44.78
C GLN J 732 62.23 72.87 -44.26
N ASP J 733 62.48 73.80 -45.19
CA ASP J 733 62.79 75.17 -44.82
C ASP J 733 61.64 76.11 -45.19
N GLU J 734 60.44 75.75 -44.78
CA GLU J 734 59.26 76.57 -45.04
C GLU J 734 58.43 76.75 -43.77
N ASP J 735 58.93 76.20 -42.67
CA ASP J 735 58.26 76.31 -41.38
C ASP J 735 56.82 75.81 -41.45
N LEU J 736 56.63 74.67 -42.13
CA LEU J 736 55.30 74.06 -42.25
C LEU J 736 55.07 73.03 -41.14
N GLY J 737 56.15 72.67 -40.46
CA GLY J 737 56.08 71.74 -39.35
C GLY J 737 55.47 70.40 -39.71
N PHE J 738 56.18 69.64 -40.53
CA PHE J 738 55.72 68.30 -40.91
C PHE J 738 55.94 67.31 -39.77
N LEU J 739 54.99 66.39 -39.62
CA LEU J 739 55.09 65.37 -38.58
C LEU J 739 56.12 64.31 -38.94
N ALA J 740 56.71 63.69 -37.93
CA ALA J 740 57.72 62.66 -38.14
C ALA J 740 57.13 61.44 -38.81
N ALA J 741 56.55 60.54 -38.02
CA ALA J 741 55.95 59.31 -38.53
C ALA J 741 56.93 58.52 -39.39
N GLY K 10 -96.06 33.22 27.25
CA GLY K 10 -97.36 33.72 26.88
C GLY K 10 -97.96 32.98 25.70
N SER K 11 -99.00 33.55 25.11
CA SER K 11 -99.66 32.94 23.97
C SER K 11 -99.00 33.36 22.65
N CYS K 12 -98.56 32.37 21.88
CA CYS K 12 -97.92 32.63 20.60
C CYS K 12 -98.91 33.23 19.59
N SER K 13 -98.44 34.21 18.83
CA SER K 13 -99.27 34.85 17.82
C SER K 13 -99.51 33.93 16.62
N LEU K 14 -100.50 34.27 15.81
CA LEU K 14 -100.83 33.46 14.62
C LEU K 14 -100.10 33.95 13.38
N GLU K 15 -98.94 33.35 13.11
CA GLU K 15 -98.17 33.66 11.90
C GLU K 15 -97.54 32.40 11.34
N GLY K 16 -97.55 32.26 10.02
CA GLY K 16 -97.11 31.04 9.37
C GLY K 16 -98.20 29.99 9.54
N VAL K 17 -99.11 30.26 10.46
CA VAL K 17 -100.28 29.45 10.76
C VAL K 17 -100.32 28.06 10.13
N GLU K 18 -101.41 27.76 9.42
CA GLU K 18 -101.64 26.40 8.94
C GLU K 18 -100.71 25.94 7.81
N ILE K 19 -100.94 24.71 7.37
CA ILE K 19 -100.11 24.09 6.34
C ILE K 19 -100.85 24.07 5.01
N LYS K 20 -100.17 24.54 3.96
CA LYS K 20 -100.76 24.56 2.63
C LYS K 20 -101.14 23.15 2.17
N GLY K 21 -102.44 22.91 2.04
CA GLY K 21 -102.94 21.61 1.62
C GLY K 21 -103.06 20.64 2.79
N GLY K 22 -103.16 21.18 4.00
CA GLY K 22 -103.29 20.37 5.20
C GLY K 22 -103.79 21.16 6.38
N SER K 23 -104.10 20.45 7.46
CA SER K 23 -104.60 21.10 8.68
C SER K 23 -103.77 20.67 9.89
N PHE K 24 -103.74 21.54 10.91
CA PHE K 24 -103.00 21.24 12.12
C PHE K 24 -103.92 21.27 13.34
N ARG K 25 -103.55 20.55 14.39
CA ARG K 25 -104.31 20.57 15.63
C ARG K 25 -103.49 21.21 16.74
N LEU K 26 -104.08 22.17 17.44
CA LEU K 26 -103.41 22.84 18.53
C LEU K 26 -103.22 21.88 19.69
N LEU K 27 -101.96 21.55 19.97
CA LEU K 27 -101.62 20.53 20.95
C LEU K 27 -101.38 21.11 22.35
N GLN K 28 -102.46 21.24 23.13
CA GLN K 28 -102.39 21.56 24.55
C GLN K 28 -101.57 22.79 24.93
N GLU K 29 -102.19 23.68 25.72
CA GLU K 29 -101.48 24.75 26.41
C GLU K 29 -101.28 25.97 25.52
N GLY K 30 -101.33 25.72 24.22
CA GLY K 30 -101.10 26.72 23.21
C GLY K 30 -99.69 26.67 22.67
N GLN K 31 -98.76 26.18 23.49
CA GLN K 31 -97.33 26.30 23.18
C GLN K 31 -96.88 25.46 21.98
N ALA K 32 -97.25 24.19 21.96
CA ALA K 32 -96.84 23.31 20.87
C ALA K 32 -98.04 22.85 20.05
N LEU K 33 -97.90 22.86 18.73
CA LEU K 33 -98.94 22.35 17.85
C LEU K 33 -98.39 21.25 16.93
N GLU K 34 -99.29 20.65 16.15
CA GLU K 34 -98.89 19.56 15.27
C GLU K 34 -99.60 19.64 13.92
N TYR K 35 -98.82 19.77 12.85
CA TYR K 35 -99.37 19.72 11.50
C TYR K 35 -99.81 18.31 11.18
N VAL K 36 -100.86 18.17 10.39
CA VAL K 36 -101.41 16.85 10.08
C VAL K 36 -101.66 16.68 8.58
N CYS K 37 -100.63 16.29 7.84
CA CYS K 37 -100.81 15.90 6.45
C CYS K 37 -101.43 14.51 6.40
N PRO K 38 -102.64 14.41 5.84
CA PRO K 38 -103.49 13.21 5.85
C PRO K 38 -102.82 11.94 5.36
N SER K 39 -103.33 11.40 4.24
CA SER K 39 -102.90 10.09 3.76
C SER K 39 -101.79 10.16 2.72
N GLY K 40 -100.59 9.73 3.11
CA GLY K 40 -99.49 9.63 2.17
C GLY K 40 -98.65 10.89 2.06
N PHE K 41 -98.67 11.71 3.11
CA PHE K 41 -97.89 12.95 3.11
C PHE K 41 -97.41 13.28 4.52
N TYR K 42 -96.24 13.90 4.61
CA TYR K 42 -95.70 14.27 5.91
C TYR K 42 -95.58 15.78 6.09
N PRO K 43 -95.95 16.27 7.28
CA PRO K 43 -95.83 17.70 7.63
C PRO K 43 -94.37 18.16 7.51
N TYR K 44 -94.10 18.95 6.48
CA TYR K 44 -92.74 19.40 6.19
C TYR K 44 -92.54 20.85 6.62
N PRO K 45 -91.36 21.16 7.17
CA PRO K 45 -90.29 20.20 7.43
C PRO K 45 -90.33 19.69 8.87
N VAL K 46 -91.38 20.06 9.60
CA VAL K 46 -91.48 19.69 11.01
C VAL K 46 -92.86 19.17 11.38
N GLN K 47 -92.89 18.16 12.25
CA GLN K 47 -94.12 17.56 12.73
C GLN K 47 -94.71 18.40 13.86
N THR K 48 -93.90 19.34 14.37
CA THR K 48 -94.27 20.10 15.55
C THR K 48 -93.70 21.52 15.55
N ARG K 49 -94.34 22.40 16.30
CA ARG K 49 -93.83 23.76 16.50
C ARG K 49 -94.12 24.25 17.91
N THR K 50 -93.09 24.29 18.76
CA THR K 50 -93.23 24.75 20.13
C THR K 50 -93.37 26.27 20.18
N CYS K 51 -93.61 26.80 21.37
CA CYS K 51 -93.77 28.24 21.54
C CYS K 51 -92.75 28.82 22.52
N ARG K 52 -91.84 29.63 21.99
CA ARG K 52 -90.86 30.30 22.83
C ARG K 52 -91.50 31.46 23.58
N SER K 53 -90.89 31.84 24.70
CA SER K 53 -91.40 32.96 25.50
C SER K 53 -90.98 34.29 24.90
N THR K 54 -91.13 34.41 23.58
CA THR K 54 -90.72 35.63 22.87
C THR K 54 -91.85 36.15 22.01
N GLY K 55 -93.06 35.63 22.23
CA GLY K 55 -94.20 36.00 21.42
C GLY K 55 -94.29 35.14 20.17
N SER K 56 -93.12 34.84 19.59
CA SER K 56 -93.05 33.96 18.43
C SER K 56 -92.90 32.51 18.89
N TRP K 57 -92.74 31.60 17.94
CA TRP K 57 -92.60 30.18 18.27
C TRP K 57 -91.44 29.53 17.52
N SER K 58 -91.09 28.32 17.96
CA SER K 58 -89.97 27.58 17.39
C SER K 58 -89.73 27.91 15.91
N THR K 59 -88.56 28.47 15.63
CA THR K 59 -88.22 28.90 14.26
C THR K 59 -88.49 27.80 13.24
N LEU K 60 -88.83 28.23 12.02
CA LEU K 60 -89.15 27.31 10.95
C LEU K 60 -87.95 27.06 10.05
N LYS K 61 -87.26 25.94 10.28
CA LYS K 61 -86.06 25.60 9.53
C LYS K 61 -86.00 24.12 9.19
N THR K 62 -85.32 23.78 8.11
CA THR K 62 -85.16 22.40 7.67
C THR K 62 -84.07 21.69 8.47
N GLN K 63 -83.78 20.46 8.07
CA GLN K 63 -82.62 19.74 8.59
C GLN K 63 -81.40 20.21 7.81
N ASP K 64 -81.67 20.99 6.77
CA ASP K 64 -80.62 21.65 6.01
C ASP K 64 -80.30 22.97 6.69
N GLN K 65 -81.11 23.32 7.70
CA GLN K 65 -80.98 24.60 8.38
C GLN K 65 -81.13 25.76 7.39
N LYS K 66 -81.59 25.42 6.19
CA LYS K 66 -81.87 26.42 5.17
C LYS K 66 -83.18 27.10 5.53
N THR K 67 -83.17 27.79 6.68
CA THR K 67 -84.37 28.39 7.26
C THR K 67 -85.57 28.29 6.34
N VAL K 68 -86.44 27.33 6.61
CA VAL K 68 -87.68 27.21 5.87
C VAL K 68 -88.53 28.41 6.22
N ARG K 69 -88.07 29.59 5.78
CA ARG K 69 -88.77 30.83 6.04
C ARG K 69 -90.21 30.73 5.55
N LYS K 70 -90.47 29.68 4.79
CA LYS K 70 -91.83 29.36 4.36
C LYS K 70 -92.04 27.85 4.40
N ALA K 71 -92.72 27.38 5.45
CA ALA K 71 -92.97 25.96 5.64
C ALA K 71 -93.58 25.31 4.41
N GLU K 72 -93.41 23.99 4.28
CA GLU K 72 -93.90 23.27 3.11
C GLU K 72 -94.64 21.98 3.51
N CYS K 73 -94.63 21.00 2.62
CA CYS K 73 -95.24 19.69 2.89
C CYS K 73 -95.00 18.74 1.73
N ARG K 74 -93.86 18.05 1.76
CA ARG K 74 -93.53 17.09 0.71
C ARG K 74 -94.46 15.90 0.73
N ALA K 75 -94.24 14.95 -0.18
CA ALA K 75 -95.06 13.75 -0.23
C ALA K 75 -94.31 12.56 0.35
N ILE K 76 -95.06 11.52 0.73
CA ILE K 76 -94.46 10.34 1.36
C ILE K 76 -93.57 9.55 0.41
N HIS K 77 -92.35 9.30 0.85
CA HIS K 77 -91.42 8.44 0.13
C HIS K 77 -90.97 7.29 1.02
N CYS K 78 -90.61 6.17 0.40
CA CYS K 78 -90.17 5.00 1.14
C CYS K 78 -88.65 4.93 1.21
N PRO K 79 -88.12 4.31 2.28
CA PRO K 79 -86.67 4.17 2.46
C PRO K 79 -85.99 3.57 1.23
N ARG K 80 -84.81 4.09 0.90
CA ARG K 80 -84.06 3.60 -0.25
C ARG K 80 -83.06 2.54 0.17
N PRO K 81 -83.10 1.37 -0.50
CA PRO K 81 -82.16 0.27 -0.22
C PRO K 81 -80.74 0.67 -0.61
N HIS K 82 -80.06 1.43 0.26
CA HIS K 82 -78.72 1.90 -0.03
C HIS K 82 -77.67 0.85 0.32
N ASP K 83 -78.10 -0.41 0.43
CA ASP K 83 -77.20 -1.51 0.74
C ASP K 83 -77.87 -2.86 0.48
N PHE K 84 -77.34 -3.60 -0.48
CA PHE K 84 -77.87 -4.93 -0.81
C PHE K 84 -76.75 -5.82 -1.37
N GLU K 85 -76.61 -7.00 -0.80
CA GLU K 85 -75.53 -7.90 -1.18
C GLU K 85 -76.05 -9.21 -1.77
N ASN K 86 -75.18 -9.90 -2.50
CA ASN K 86 -75.50 -11.19 -3.08
C ASN K 86 -76.71 -11.16 -4.01
N GLY K 87 -76.96 -10.01 -4.62
CA GLY K 87 -78.08 -9.86 -5.53
C GLY K 87 -78.17 -8.48 -6.17
N GLU K 88 -79.33 -8.17 -6.72
CA GLU K 88 -79.55 -6.89 -7.38
C GLU K 88 -81.02 -6.50 -7.34
N TYR K 89 -81.28 -5.23 -7.04
CA TYR K 89 -82.65 -4.72 -6.98
C TYR K 89 -82.86 -3.65 -8.04
N TRP K 90 -84.08 -3.57 -8.56
CA TRP K 90 -84.40 -2.61 -9.61
C TRP K 90 -85.90 -2.31 -9.66
N PRO K 91 -86.27 -1.11 -10.13
CA PRO K 91 -85.34 -0.06 -10.58
C PRO K 91 -84.75 0.71 -9.40
N ARG K 92 -83.74 1.53 -9.67
CA ARG K 92 -83.14 2.38 -8.65
C ARG K 92 -83.46 3.85 -8.90
N SER K 93 -83.95 4.53 -7.87
CA SER K 93 -84.31 5.95 -8.00
C SER K 93 -83.90 6.73 -6.76
N PRO K 94 -83.65 8.04 -6.93
CA PRO K 94 -83.27 8.93 -5.82
C PRO K 94 -84.35 8.98 -4.75
N TYR K 95 -85.54 8.47 -5.06
CA TYR K 95 -86.64 8.42 -4.11
C TYR K 95 -87.80 7.62 -4.70
N TYR K 96 -88.53 6.92 -3.84
CA TYR K 96 -89.64 6.09 -4.28
C TYR K 96 -90.99 6.64 -3.80
N ASN K 97 -91.82 7.06 -4.75
CA ASN K 97 -93.15 7.56 -4.45
C ASN K 97 -94.07 6.44 -3.98
N VAL K 98 -95.36 6.74 -3.86
CA VAL K 98 -96.35 5.76 -3.44
C VAL K 98 -96.64 4.77 -4.57
N SER K 99 -97.02 3.56 -4.20
CA SER K 99 -97.36 2.51 -5.17
C SER K 99 -96.25 2.22 -6.17
N ASP K 100 -95.02 2.51 -5.78
CA ASP K 100 -93.86 2.19 -6.62
C ASP K 100 -93.34 0.80 -6.29
N GLU K 101 -93.10 0.01 -7.33
CA GLU K 101 -92.68 -1.38 -7.16
C GLU K 101 -91.20 -1.59 -7.45
N ILE K 102 -90.57 -2.45 -6.66
CA ILE K 102 -89.18 -2.83 -6.88
C ILE K 102 -89.02 -4.33 -6.69
N SER K 103 -88.16 -4.94 -7.50
CA SER K 103 -87.95 -6.39 -7.45
C SER K 103 -86.52 -6.73 -7.05
N PHE K 104 -86.36 -7.90 -6.43
CA PHE K 104 -85.05 -8.37 -6.00
C PHE K 104 -84.70 -9.69 -6.67
N HIS K 105 -83.42 -9.89 -6.96
CA HIS K 105 -82.96 -11.11 -7.61
C HIS K 105 -81.52 -11.43 -7.22
N CYS K 106 -81.32 -12.61 -6.64
CA CYS K 106 -80.01 -13.03 -6.18
C CYS K 106 -79.13 -13.51 -7.33
N TYR K 107 -77.82 -13.57 -7.08
CA TYR K 107 -76.88 -14.05 -8.08
C TYR K 107 -76.95 -15.56 -8.23
N ASP K 108 -76.10 -16.12 -9.07
CA ASP K 108 -76.05 -17.56 -9.29
C ASP K 108 -75.41 -18.27 -8.10
N GLY K 109 -76.14 -19.24 -7.55
CA GLY K 109 -75.67 -19.98 -6.40
C GLY K 109 -76.23 -19.45 -5.09
N TYR K 110 -77.19 -18.53 -5.20
CA TYR K 110 -77.83 -17.95 -4.03
C TYR K 110 -79.34 -18.16 -4.04
N THR K 111 -79.89 -18.43 -2.87
CA THR K 111 -81.33 -18.64 -2.72
C THR K 111 -82.00 -17.37 -2.23
N LEU K 112 -83.15 -17.05 -2.82
CA LEU K 112 -83.89 -15.85 -2.45
C LEU K 112 -85.07 -16.17 -1.53
N ARG K 113 -84.99 -15.72 -0.29
CA ARG K 113 -86.09 -15.91 0.66
C ARG K 113 -86.82 -14.60 0.91
N GLY K 114 -88.13 -14.69 1.13
CA GLY K 114 -88.94 -13.51 1.37
C GLY K 114 -89.71 -13.07 0.14
N SER K 115 -90.09 -11.79 0.12
CA SER K 115 -90.85 -11.25 -1.00
C SER K 115 -89.93 -10.69 -2.09
N ALA K 116 -90.05 -11.23 -3.29
CA ALA K 116 -89.25 -10.76 -4.42
C ALA K 116 -89.73 -9.41 -4.91
N ASN K 117 -91.05 -9.24 -4.97
CA ASN K 117 -91.64 -7.97 -5.39
C ASN K 117 -92.26 -7.22 -4.22
N ARG K 118 -91.81 -5.99 -4.01
CA ARG K 118 -92.31 -5.17 -2.91
C ARG K 118 -92.79 -3.81 -3.42
N THR K 119 -93.94 -3.37 -2.91
CA THR K 119 -94.54 -2.11 -3.34
C THR K 119 -94.61 -1.10 -2.20
N CYS K 120 -94.27 0.15 -2.50
CA CYS K 120 -94.34 1.22 -1.52
C CYS K 120 -95.80 1.53 -1.17
N GLN K 121 -96.15 1.38 0.10
CA GLN K 121 -97.51 1.63 0.54
C GLN K 121 -97.72 3.07 0.98
N VAL K 122 -98.93 3.38 1.42
CA VAL K 122 -99.26 4.73 1.86
C VAL K 122 -98.65 5.03 3.22
N ASN K 123 -98.39 3.98 3.99
CA ASN K 123 -97.80 4.13 5.32
C ASN K 123 -96.29 4.32 5.27
N GLY K 124 -95.79 4.74 4.11
CA GLY K 124 -94.37 5.00 3.93
C GLY K 124 -93.50 3.78 4.15
N ARG K 125 -94.09 2.60 3.98
CA ARG K 125 -93.36 1.36 4.15
C ARG K 125 -93.49 0.45 2.93
N TRP K 126 -92.63 -0.55 2.84
CA TRP K 126 -92.67 -1.50 1.74
C TRP K 126 -93.49 -2.74 2.10
N SER K 127 -94.27 -3.22 1.14
CA SER K 127 -95.09 -4.41 1.35
C SER K 127 -94.24 -5.66 1.39
N GLY K 128 -94.83 -6.76 1.88
CA GLY K 128 -94.13 -8.03 1.94
C GLY K 128 -93.02 -8.04 2.98
N GLN K 129 -92.21 -9.09 2.95
CA GLN K 129 -91.10 -9.23 3.90
C GLN K 129 -89.80 -8.73 3.30
N THR K 130 -88.73 -8.79 4.09
CA THR K 130 -87.42 -8.32 3.66
C THR K 130 -86.77 -9.33 2.71
N ALA K 131 -86.21 -8.81 1.61
CA ALA K 131 -85.54 -9.66 0.63
C ALA K 131 -84.12 -9.97 1.06
N ILE K 132 -83.79 -11.26 1.13
CA ILE K 132 -82.47 -11.70 1.55
C ILE K 132 -81.90 -12.75 0.59
N CYS K 133 -80.66 -12.56 0.17
CA CYS K 133 -80.00 -13.50 -0.71
C CYS K 133 -78.92 -14.29 0.02
N ASP K 134 -79.26 -15.49 0.47
CA ASP K 134 -78.34 -16.32 1.24
C ASP K 134 -77.87 -17.53 0.45
N ASN K 135 -76.62 -17.91 0.66
CA ASN K 135 -76.06 -19.09 0.01
C ASN K 135 -76.12 -20.32 0.90
N GLY K 136 -76.35 -20.09 2.19
CA GLY K 136 -76.44 -21.17 3.16
C GLY K 136 -75.11 -21.82 3.43
N ALA K 137 -74.12 -21.01 3.79
CA ALA K 137 -72.77 -21.52 4.05
C ALA K 137 -72.33 -21.20 5.48
N GLY K 138 -73.14 -20.42 6.19
CA GLY K 138 -72.82 -20.04 7.55
C GLY K 138 -73.63 -20.82 8.57
N TYR K 139 -73.13 -20.85 9.81
CA TYR K 139 -73.83 -21.55 10.89
C TYR K 139 -75.25 -21.03 11.04
N CYS K 140 -75.41 -19.72 10.89
CA CYS K 140 -76.73 -19.10 10.94
C CYS K 140 -77.07 -18.49 9.59
N SER K 141 -78.36 -18.48 9.26
CA SER K 141 -78.82 -17.92 8.00
C SER K 141 -78.47 -16.44 7.90
N ASN K 142 -78.30 -15.96 6.66
CA ASN K 142 -77.98 -14.56 6.43
C ASN K 142 -79.05 -13.62 6.98
N PRO K 143 -78.67 -12.80 7.98
CA PRO K 143 -79.58 -11.84 8.61
C PRO K 143 -80.22 -10.90 7.58
N GLY K 144 -79.56 -10.73 6.45
CA GLY K 144 -80.07 -9.88 5.39
C GLY K 144 -79.93 -8.40 5.71
N ILE K 145 -80.30 -7.56 4.75
CA ILE K 145 -80.21 -6.11 4.92
C ILE K 145 -81.56 -5.46 4.65
N PRO K 146 -82.34 -5.21 5.71
CA PRO K 146 -83.64 -4.55 5.60
C PRO K 146 -83.57 -3.26 4.81
N ILE K 147 -84.60 -3.00 4.00
CA ILE K 147 -84.63 -1.80 3.17
C ILE K 147 -84.44 -0.54 3.99
N GLY K 148 -83.37 0.19 3.70
CA GLY K 148 -83.08 1.43 4.40
C GLY K 148 -81.93 1.31 5.39
N THR K 149 -81.60 0.07 5.74
CA THR K 149 -80.53 -0.17 6.71
C THR K 149 -79.21 -0.46 6.01
N ARG K 150 -78.17 -0.68 6.81
CA ARG K 150 -76.84 -0.99 6.28
C ARG K 150 -76.12 -1.97 7.21
N LYS K 151 -76.02 -3.23 6.78
CA LYS K 151 -75.40 -4.26 7.60
C LYS K 151 -73.88 -4.24 7.49
N VAL K 152 -73.20 -4.40 8.62
CA VAL K 152 -71.75 -4.46 8.65
C VAL K 152 -71.28 -5.78 9.24
N GLY K 153 -70.91 -6.71 8.36
CA GLY K 153 -70.48 -8.03 8.79
C GLY K 153 -70.95 -9.11 7.83
N SER K 154 -70.02 -9.70 7.10
CA SER K 154 -70.35 -10.74 6.13
C SER K 154 -70.25 -12.13 6.76
N GLN K 155 -69.48 -12.24 7.84
CA GLN K 155 -69.30 -13.51 8.53
C GLN K 155 -70.55 -13.89 9.34
N TYR K 156 -71.08 -15.08 9.07
CA TYR K 156 -72.26 -15.56 9.78
C TYR K 156 -71.94 -16.81 10.58
N ARG K 157 -70.71 -16.92 11.05
CA ARG K 157 -70.29 -18.06 11.85
C ARG K 157 -70.95 -18.00 13.23
N LEU K 158 -70.52 -18.88 14.12
CA LEU K 158 -71.04 -18.90 15.48
C LEU K 158 -70.36 -17.82 16.33
N GLU K 159 -71.13 -17.19 17.20
CA GLU K 159 -70.63 -16.13 18.08
C GLU K 159 -70.32 -14.84 17.33
N ASP K 160 -70.39 -14.89 16.00
CA ASP K 160 -70.18 -13.70 15.18
C ASP K 160 -71.34 -12.72 15.34
N SER K 161 -71.10 -11.47 14.96
CA SER K 161 -72.12 -10.44 15.11
C SER K 161 -72.19 -9.52 13.89
N VAL K 162 -73.31 -8.81 13.77
CA VAL K 162 -73.50 -7.86 12.68
C VAL K 162 -74.15 -6.58 13.21
N THR K 163 -73.75 -5.44 12.66
CA THR K 163 -74.29 -4.15 13.08
C THR K 163 -75.10 -3.50 11.97
N TYR K 164 -76.11 -2.72 12.35
CA TYR K 164 -76.96 -2.04 11.38
C TYR K 164 -76.96 -0.53 11.59
N HIS K 165 -77.15 0.21 10.50
CA HIS K 165 -77.19 1.67 10.55
C HIS K 165 -78.19 2.23 9.55
N CYS K 166 -79.11 3.06 10.02
CA CYS K 166 -80.11 3.65 9.15
C CYS K 166 -79.59 4.93 8.49
N SER K 167 -80.29 5.39 7.46
CA SER K 167 -79.91 6.60 6.75
C SER K 167 -80.10 7.83 7.63
N ARG K 168 -79.63 8.98 7.14
CA ARG K 168 -79.74 10.22 7.89
C ARG K 168 -81.19 10.70 7.95
N GLY K 169 -81.69 10.87 9.16
CA GLY K 169 -83.06 11.35 9.37
C GLY K 169 -84.02 10.23 9.71
N LEU K 170 -83.49 9.02 9.86
CA LEU K 170 -84.31 7.86 10.19
C LEU K 170 -83.96 7.28 11.56
N THR K 171 -84.98 6.80 12.27
CA THR K 171 -84.78 6.19 13.58
C THR K 171 -84.75 4.68 13.48
N LEU K 172 -83.65 4.07 13.93
CA LEU K 172 -83.49 2.63 13.89
C LEU K 172 -84.39 1.94 14.91
N ARG K 173 -85.26 1.06 14.43
CA ARG K 173 -86.13 0.28 15.30
C ARG K 173 -85.65 -1.15 15.41
N GLY K 174 -85.63 -1.69 16.62
CA GLY K 174 -85.18 -3.05 16.85
C GLY K 174 -83.77 -3.10 17.40
N SER K 175 -82.99 -4.07 16.93
CA SER K 175 -81.62 -4.23 17.39
C SER K 175 -80.63 -3.65 16.39
N GLN K 176 -79.58 -3.00 16.90
CA GLN K 176 -78.52 -2.46 16.05
C GLN K 176 -77.38 -3.46 15.96
N ARG K 177 -77.39 -4.44 16.85
CA ARG K 177 -76.39 -5.50 16.87
C ARG K 177 -77.03 -6.86 17.15
N ARG K 178 -76.74 -7.83 16.28
CA ARG K 178 -77.27 -9.18 16.46
C ARG K 178 -76.15 -10.20 16.42
N THR K 179 -76.11 -11.08 17.42
CA THR K 179 -75.07 -12.08 17.52
C THR K 179 -75.60 -13.48 17.21
N CYS K 180 -74.90 -14.21 16.36
CA CYS K 180 -75.29 -15.56 15.99
C CYS K 180 -75.13 -16.51 17.18
N GLN K 181 -76.23 -16.78 17.87
CA GLN K 181 -76.22 -17.64 19.05
C GLN K 181 -76.20 -19.12 18.67
N GLU K 182 -75.77 -19.96 19.61
CA GLU K 182 -75.72 -21.40 19.39
C GLU K 182 -77.12 -21.95 19.15
N GLY K 183 -77.29 -22.69 18.06
CA GLY K 183 -78.57 -23.27 17.71
C GLY K 183 -79.16 -22.67 16.46
N GLY K 184 -78.33 -21.97 15.69
CA GLY K 184 -78.75 -21.36 14.45
C GLY K 184 -79.85 -20.33 14.65
N SER K 185 -79.51 -19.22 15.30
CA SER K 185 -80.47 -18.14 15.55
C SER K 185 -79.77 -16.87 16.01
N TRP K 186 -80.13 -15.75 15.38
CA TRP K 186 -79.53 -14.47 15.72
C TRP K 186 -80.26 -13.82 16.90
N SER K 187 -79.48 -13.24 17.81
CA SER K 187 -80.06 -12.56 18.97
C SER K 187 -80.78 -11.29 18.55
N GLY K 188 -81.60 -10.75 19.46
CA GLY K 188 -82.34 -9.54 19.18
C GLY K 188 -83.38 -9.74 18.09
N THR K 189 -83.83 -8.64 17.49
CA THR K 189 -84.83 -8.69 16.44
C THR K 189 -84.32 -8.03 15.17
N GLU K 190 -85.03 -8.26 14.06
CA GLU K 190 -84.64 -7.69 12.77
C GLU K 190 -84.85 -6.17 12.77
N PRO K 191 -83.81 -5.42 12.40
CA PRO K 191 -83.85 -3.96 12.33
C PRO K 191 -84.90 -3.46 11.34
N SER K 192 -85.20 -2.17 11.38
CA SER K 192 -86.16 -1.56 10.48
C SER K 192 -86.13 -0.04 10.59
N CYS K 193 -85.58 0.61 9.57
CA CYS K 193 -85.49 2.07 9.55
C CYS K 193 -86.85 2.74 9.48
N GLN K 194 -87.18 3.50 10.51
CA GLN K 194 -88.44 4.22 10.57
C GLN K 194 -88.20 5.71 10.35
N ASP K 195 -89.24 6.42 9.89
CA ASP K 195 -89.12 7.85 9.64
C ASP K 195 -89.91 8.63 10.69
N SER K 196 -90.77 9.54 10.23
CA SER K 196 -91.57 10.36 11.13
C SER K 196 -93.01 10.51 10.62
N PHE K 197 -93.55 9.43 10.06
CA PHE K 197 -94.89 9.44 9.52
C PHE K 197 -95.33 8.05 9.08
N MET K 198 -94.48 7.06 9.32
CA MET K 198 -94.75 5.69 8.89
C MET K 198 -95.86 5.05 9.71
N TYR K 199 -95.90 5.34 11.00
CA TYR K 199 -96.90 4.79 11.90
C TYR K 199 -97.13 3.29 11.71
N ASP K 200 -98.25 2.80 12.24
CA ASP K 200 -98.61 1.39 12.13
C ASP K 200 -100.13 1.25 12.06
N THR K 201 -100.63 0.62 11.00
CA THR K 201 -102.06 0.38 10.86
C THR K 201 -102.58 -0.43 12.04
N PRO K 202 -103.85 -0.17 12.41
CA PRO K 202 -104.48 -0.87 13.53
C PRO K 202 -104.31 -2.37 13.43
N GLN K 203 -104.31 -2.89 12.21
CA GLN K 203 -104.11 -4.32 11.99
C GLN K 203 -102.66 -4.74 12.24
N GLU K 204 -101.73 -3.99 11.67
CA GLU K 204 -100.31 -4.28 11.85
C GLU K 204 -99.93 -4.36 13.33
N VAL K 205 -100.52 -3.49 14.13
CA VAL K 205 -100.25 -3.48 15.56
C VAL K 205 -100.86 -4.69 16.26
N ALA K 206 -102.15 -4.90 16.07
CA ALA K 206 -102.86 -5.99 16.71
C ALA K 206 -102.31 -7.35 16.28
N GLU K 207 -101.87 -7.44 15.03
CA GLU K 207 -101.36 -8.69 14.48
C GLU K 207 -99.98 -9.02 15.03
N ALA K 208 -99.14 -8.00 15.14
CA ALA K 208 -97.77 -8.20 15.63
C ALA K 208 -97.72 -8.24 17.15
N PHE K 209 -98.75 -7.71 17.79
CA PHE K 209 -98.82 -7.69 19.25
C PHE K 209 -99.22 -9.05 19.80
N LEU K 210 -100.27 -9.62 19.23
CA LEU K 210 -100.77 -10.92 19.67
C LEU K 210 -99.78 -12.04 19.31
N SER K 211 -99.24 -11.97 18.09
CA SER K 211 -98.29 -12.98 17.63
C SER K 211 -97.05 -13.01 18.51
N SER K 212 -96.86 -11.96 19.30
CA SER K 212 -95.71 -11.87 20.19
C SER K 212 -96.12 -12.06 21.65
N LEU K 213 -97.40 -11.84 21.93
CA LEU K 213 -97.91 -11.98 23.29
C LEU K 213 -98.46 -13.38 23.54
N THR K 214 -99.37 -13.82 22.69
CA THR K 214 -100.00 -15.14 22.83
C THR K 214 -98.96 -16.24 22.96
N GLU K 215 -97.90 -16.14 22.18
CA GLU K 215 -96.82 -17.14 22.23
C GLU K 215 -96.14 -17.12 23.59
N THR K 216 -96.04 -15.92 24.17
CA THR K 216 -95.45 -15.76 25.50
C THR K 216 -96.46 -16.16 26.57
N ILE K 217 -97.66 -16.53 26.14
CA ILE K 217 -98.70 -16.98 27.05
C ILE K 217 -98.86 -18.50 26.98
N GLU K 218 -98.70 -19.04 25.78
CA GLU K 218 -98.82 -20.48 25.56
C GLU K 218 -97.82 -21.24 26.43
N GLY K 219 -96.59 -20.74 26.47
CA GLY K 219 -95.54 -21.35 27.27
C GLY K 219 -95.81 -21.23 28.76
N VAL K 220 -96.53 -20.18 29.14
CA VAL K 220 -96.87 -19.94 30.53
C VAL K 220 -97.74 -21.06 31.09
N ASP K 221 -98.64 -21.56 30.25
CA ASP K 221 -99.55 -22.63 30.66
C ASP K 221 -98.80 -23.93 30.93
N ALA K 222 -97.94 -23.90 31.93
CA ALA K 222 -97.18 -25.08 32.33
C ALA K 222 -96.58 -24.90 33.72
N GLU K 223 -97.39 -25.00 34.78
CA GLU K 223 -98.84 -25.25 34.71
C GLU K 223 -99.25 -26.41 33.79
N PRO K 240 -105.92 -17.02 41.51
CA PRO K 240 -104.70 -17.84 41.58
C PRO K 240 -104.95 -19.25 41.09
N SER K 241 -104.09 -19.74 40.19
CA SER K 241 -102.96 -18.97 39.71
C SER K 241 -102.81 -19.14 38.19
N GLY K 242 -102.20 -18.16 37.54
CA GLY K 242 -101.67 -16.98 38.21
C GLY K 242 -100.15 -17.01 38.29
N SER K 243 -99.52 -17.52 37.25
CA SER K 243 -98.06 -17.60 37.19
C SER K 243 -97.48 -16.62 36.18
N MET K 244 -98.10 -15.46 36.07
CA MET K 244 -97.65 -14.42 35.16
C MET K 244 -98.07 -13.04 35.64
N ASN K 245 -97.14 -12.09 35.58
CA ASN K 245 -97.42 -10.73 36.02
C ASN K 245 -97.52 -9.74 34.86
N ILE K 246 -98.55 -8.90 34.90
CA ILE K 246 -98.75 -7.88 33.87
C ILE K 246 -98.71 -6.49 34.47
N TYR K 247 -97.64 -5.75 34.21
CA TYR K 247 -97.46 -4.42 34.78
C TYR K 247 -97.90 -3.34 33.80
N LEU K 248 -99.00 -2.66 34.12
CA LEU K 248 -99.54 -1.61 33.26
C LEU K 248 -99.09 -0.23 33.74
N VAL K 249 -98.06 0.31 33.09
CA VAL K 249 -97.53 1.62 33.44
C VAL K 249 -98.01 2.69 32.48
N LEU K 250 -98.95 3.52 32.94
CA LEU K 250 -99.51 4.57 32.11
C LEU K 250 -98.87 5.93 32.40
N ASP K 251 -98.52 6.66 31.35
CA ASP K 251 -97.90 7.98 31.49
C ASP K 251 -98.95 9.08 31.51
N GLY K 252 -98.95 9.88 32.58
CA GLY K 252 -99.91 10.94 32.73
C GLY K 252 -99.28 12.32 32.73
N SER K 253 -98.17 12.45 32.02
CA SER K 253 -97.45 13.71 31.94
C SER K 253 -98.27 14.76 31.20
N GLY K 254 -97.93 16.03 31.39
CA GLY K 254 -98.61 17.12 30.74
C GLY K 254 -98.20 17.27 29.29
N SER K 255 -97.41 16.32 28.80
CA SER K 255 -96.94 16.34 27.42
C SER K 255 -97.74 15.36 26.56
N ILE K 256 -98.83 14.84 27.13
CA ILE K 256 -99.66 13.88 26.42
C ILE K 256 -101.05 14.44 26.13
N GLY K 257 -101.66 15.02 27.15
CA GLY K 257 -102.99 15.59 27.02
C GLY K 257 -104.07 14.60 27.42
N ALA K 258 -105.16 15.11 27.98
CA ALA K 258 -106.27 14.27 28.42
C ALA K 258 -106.89 13.52 27.24
N SER K 259 -106.72 14.06 26.04
CA SER K 259 -107.26 13.44 24.84
C SER K 259 -106.62 12.08 24.57
N ASP K 260 -105.30 12.08 24.44
CA ASP K 260 -104.56 10.86 24.16
C ASP K 260 -104.34 10.01 25.42
N PHE K 261 -104.78 10.53 26.57
CA PHE K 261 -104.62 9.82 27.83
C PHE K 261 -105.84 8.96 28.14
N THR K 262 -107.01 9.59 28.20
CA THR K 262 -108.25 8.88 28.49
C THR K 262 -108.50 7.77 27.49
N GLY K 263 -107.98 7.95 26.27
CA GLY K 263 -108.09 6.93 25.24
C GLY K 263 -107.17 5.76 25.53
N ALA K 264 -106.04 6.03 26.15
CA ALA K 264 -105.09 4.98 26.51
C ALA K 264 -105.64 4.11 27.63
N LYS K 265 -106.47 4.70 28.49
CA LYS K 265 -107.09 3.96 29.58
C LYS K 265 -108.06 2.92 29.02
N LYS K 266 -109.01 3.37 28.21
CA LYS K 266 -109.96 2.48 27.57
C LYS K 266 -109.23 1.41 26.78
N CYS K 267 -108.09 1.80 26.21
CA CYS K 267 -107.27 0.88 25.42
C CYS K 267 -106.77 -0.28 26.28
N LEU K 268 -106.45 0.02 27.54
CA LEU K 268 -105.98 -1.01 28.47
C LEU K 268 -107.12 -1.84 29.03
N VAL K 269 -108.27 -1.19 29.25
CA VAL K 269 -109.45 -1.87 29.77
C VAL K 269 -109.79 -3.09 28.91
N ASN K 270 -109.77 -2.89 27.59
CA ASN K 270 -110.07 -3.96 26.65
C ASN K 270 -109.01 -5.05 26.64
N LEU K 271 -107.77 -4.66 26.95
CA LEU K 271 -106.66 -5.61 26.99
C LEU K 271 -106.85 -6.63 28.10
N ILE K 272 -107.24 -6.15 29.28
CA ILE K 272 -107.47 -7.02 30.43
C ILE K 272 -108.58 -8.02 30.14
N GLU K 273 -109.69 -7.53 29.60
CA GLU K 273 -110.81 -8.39 29.24
C GLU K 273 -110.41 -9.36 28.13
N LYS K 274 -109.52 -8.91 27.25
CA LYS K 274 -109.01 -9.75 26.17
C LYS K 274 -108.21 -10.92 26.73
N VAL K 275 -107.37 -10.63 27.71
CA VAL K 275 -106.58 -11.67 28.37
C VAL K 275 -107.49 -12.59 29.17
N ALA K 276 -108.60 -12.03 29.65
CA ALA K 276 -109.56 -12.79 30.45
C ALA K 276 -110.30 -13.81 29.60
N SER K 277 -110.44 -13.53 28.31
CA SER K 277 -111.13 -14.44 27.40
C SER K 277 -110.33 -15.71 27.17
N TYR K 278 -109.04 -15.66 27.50
CA TYR K 278 -108.17 -16.82 27.39
C TYR K 278 -108.26 -17.70 28.63
N GLY K 279 -109.20 -17.39 29.50
CA GLY K 279 -109.39 -18.16 30.72
C GLY K 279 -108.19 -18.13 31.64
N VAL K 280 -107.36 -17.10 31.49
CA VAL K 280 -106.17 -16.95 32.31
C VAL K 280 -106.31 -15.76 33.26
N LYS K 281 -105.92 -15.96 34.51
CA LYS K 281 -106.02 -14.90 35.52
C LYS K 281 -104.65 -14.55 36.10
N PRO K 282 -103.89 -13.72 35.39
CA PRO K 282 -102.56 -13.28 35.80
C PRO K 282 -102.61 -12.28 36.94
N ARG K 283 -101.46 -11.77 37.35
CA ARG K 283 -101.38 -10.75 38.38
C ARG K 283 -101.07 -9.40 37.78
N TYR K 284 -102.01 -8.46 37.89
CA TYR K 284 -101.84 -7.14 37.29
C TYR K 284 -101.18 -6.14 38.26
N GLY K 285 -100.72 -5.03 37.70
CA GLY K 285 -100.09 -3.99 38.50
C GLY K 285 -100.21 -2.64 37.83
N LEU K 286 -101.29 -1.91 38.14
CA LEU K 286 -101.55 -0.61 37.53
C LEU K 286 -100.74 0.48 38.18
N VAL K 287 -99.98 1.22 37.37
CA VAL K 287 -99.13 2.30 37.87
C VAL K 287 -99.08 3.48 36.91
N THR K 288 -99.68 4.60 37.32
CA THR K 288 -99.63 5.83 36.53
C THR K 288 -98.60 6.78 37.11
N TYR K 289 -97.70 7.28 36.25
CA TYR K 289 -96.61 8.13 36.73
C TYR K 289 -96.59 9.50 36.06
N ALA K 290 -95.93 10.45 36.71
CA ALA K 290 -95.73 11.78 36.17
C ALA K 290 -94.40 12.32 36.66
N THR K 291 -94.44 13.13 37.70
CA THR K 291 -93.23 13.58 38.36
C THR K 291 -92.83 12.53 39.39
N TYR K 292 -93.83 11.80 39.87
CA TYR K 292 -93.61 10.71 40.81
C TYR K 292 -94.59 9.57 40.49
N PRO K 293 -94.15 8.32 40.72
CA PRO K 293 -94.99 7.15 40.45
C PRO K 293 -96.20 7.11 41.37
N LYS K 294 -97.31 6.54 40.88
CA LYS K 294 -98.51 6.40 41.69
C LYS K 294 -99.10 5.00 41.52
N ILE K 295 -98.81 4.13 42.49
CA ILE K 295 -99.26 2.75 42.43
C ILE K 295 -100.73 2.60 42.83
N TRP K 296 -101.54 2.09 41.91
CA TRP K 296 -102.95 1.85 42.19
C TRP K 296 -103.21 0.39 42.53
N VAL K 297 -102.53 -0.51 41.82
CA VAL K 297 -102.66 -1.93 42.05
C VAL K 297 -101.29 -2.60 42.13
N LYS K 298 -101.07 -3.36 43.19
CA LYS K 298 -99.81 -4.07 43.38
C LYS K 298 -99.98 -5.56 43.18
N VAL K 299 -98.98 -6.19 42.57
CA VAL K 299 -99.04 -7.63 42.28
C VAL K 299 -99.08 -8.47 43.55
N SER K 300 -98.68 -7.87 44.66
CA SER K 300 -98.66 -8.58 45.94
C SER K 300 -100.04 -8.59 46.60
N GLU K 301 -100.95 -7.79 46.06
CA GLU K 301 -102.31 -7.71 46.58
C GLU K 301 -103.11 -8.97 46.24
N ALA K 302 -104.10 -9.28 47.06
CA ALA K 302 -104.94 -10.45 46.85
C ALA K 302 -106.02 -10.16 45.81
N ASP K 303 -106.02 -8.94 45.30
CA ASP K 303 -107.02 -8.52 44.32
C ASP K 303 -106.38 -8.22 42.97
N SER K 304 -105.08 -8.48 42.87
CA SER K 304 -104.36 -8.25 41.62
C SER K 304 -104.79 -9.25 40.55
N SER K 305 -105.29 -10.40 41.00
CA SER K 305 -105.72 -11.46 40.09
C SER K 305 -107.13 -11.19 39.57
N ASN K 306 -107.90 -10.40 40.31
CA ASN K 306 -109.26 -10.07 39.91
C ASN K 306 -109.28 -9.06 38.78
N ALA K 307 -109.58 -9.53 37.57
CA ALA K 307 -109.59 -8.67 36.39
C ALA K 307 -110.56 -7.51 36.52
N ASP K 308 -111.70 -7.76 37.17
CA ASP K 308 -112.73 -6.74 37.34
C ASP K 308 -112.21 -5.53 38.12
N TRP K 309 -111.67 -5.79 39.31
CA TRP K 309 -111.20 -4.73 40.18
C TRP K 309 -110.11 -3.88 39.51
N VAL K 310 -109.18 -4.55 38.84
CA VAL K 310 -108.11 -3.86 38.14
C VAL K 310 -108.68 -2.93 37.07
N THR K 311 -109.78 -3.35 36.45
CA THR K 311 -110.45 -2.55 35.44
C THR K 311 -111.09 -1.30 36.05
N LYS K 312 -111.71 -1.47 37.21
CA LYS K 312 -112.37 -0.37 37.89
C LYS K 312 -111.36 0.64 38.43
N GLN K 313 -110.21 0.15 38.89
CA GLN K 313 -109.13 1.02 39.34
C GLN K 313 -108.57 1.78 38.15
N LEU K 314 -108.75 1.23 36.96
CA LEU K 314 -108.29 1.86 35.74
C LEU K 314 -109.30 2.89 35.26
N ASN K 315 -110.47 2.89 35.88
CA ASN K 315 -111.53 3.84 35.53
C ASN K 315 -111.56 5.04 36.47
N GLU K 316 -111.24 4.79 37.75
CA GLU K 316 -111.25 5.85 38.76
C GLU K 316 -110.15 6.88 38.51
N ILE K 317 -109.05 6.44 37.90
CA ILE K 317 -107.94 7.33 37.60
C ILE K 317 -108.36 8.40 36.59
N ASN K 318 -107.71 9.57 36.67
CA ASN K 318 -108.02 10.66 35.76
C ASN K 318 -106.76 11.43 35.38
N TYR K 319 -106.81 12.10 34.24
CA TYR K 319 -105.67 12.89 33.76
C TYR K 319 -105.40 14.08 34.67
N GLU K 320 -106.39 14.42 35.50
CA GLU K 320 -106.27 15.55 36.42
C GLU K 320 -105.49 15.15 37.67
N ASP K 321 -105.21 13.86 37.81
CA ASP K 321 -104.48 13.35 38.96
C ASP K 321 -103.04 13.87 38.99
N HIS K 322 -102.49 14.12 37.81
CA HIS K 322 -101.12 14.62 37.70
C HIS K 322 -101.07 15.95 36.96
N LYS K 323 -101.89 16.90 37.41
CA LYS K 323 -101.91 18.22 36.80
C LYS K 323 -101.02 19.19 37.57
N LEU K 324 -101.07 19.11 38.90
CA LEU K 324 -100.25 19.97 39.76
C LEU K 324 -98.77 19.76 39.48
N LYS K 325 -98.36 18.51 39.37
CA LYS K 325 -96.98 18.17 39.08
C LYS K 325 -96.88 17.37 37.78
N SER K 326 -97.03 18.07 36.66
CA SER K 326 -97.00 17.43 35.35
C SER K 326 -95.57 17.25 34.84
N GLY K 327 -94.83 16.36 35.50
CA GLY K 327 -93.48 16.05 35.08
C GLY K 327 -93.41 14.74 34.35
N THR K 328 -92.21 14.36 33.91
CA THR K 328 -92.01 13.09 33.21
C THR K 328 -90.78 12.36 33.73
N ASN K 329 -90.99 11.45 34.66
CA ASN K 329 -89.90 10.66 35.22
C ASN K 329 -90.13 9.17 35.02
N THR K 330 -89.87 8.69 33.81
CA THR K 330 -90.08 7.29 33.48
C THR K 330 -89.20 6.37 34.32
N LYS K 331 -88.07 6.91 34.77
CA LYS K 331 -87.13 6.14 35.58
C LYS K 331 -87.80 5.63 36.85
N LYS K 332 -88.32 6.53 37.66
CA LYS K 332 -89.01 6.16 38.90
C LYS K 332 -90.17 5.21 38.61
N ALA K 333 -90.85 5.43 37.50
CA ALA K 333 -91.99 4.60 37.12
C ALA K 333 -91.58 3.13 37.05
N LEU K 334 -90.48 2.85 36.35
CA LEU K 334 -89.99 1.49 36.22
C LEU K 334 -89.47 0.97 37.55
N GLN K 335 -88.89 1.86 38.35
CA GLN K 335 -88.40 1.50 39.68
C GLN K 335 -89.57 1.04 40.56
N ALA K 336 -90.73 1.64 40.34
CA ALA K 336 -91.94 1.26 41.06
C ALA K 336 -92.32 -0.17 40.72
N VAL K 337 -92.11 -0.54 39.46
CA VAL K 337 -92.38 -1.90 39.00
C VAL K 337 -91.34 -2.85 39.58
N TYR K 338 -90.12 -2.34 39.75
CA TYR K 338 -89.02 -3.13 40.29
C TYR K 338 -89.33 -3.60 41.70
N SER K 339 -89.92 -2.71 42.51
CA SER K 339 -90.24 -3.03 43.89
C SER K 339 -91.41 -4.01 43.98
N MET K 340 -92.14 -4.17 42.89
CA MET K 340 -93.29 -5.07 42.85
C MET K 340 -92.86 -6.50 42.54
N MET K 341 -91.81 -6.66 41.74
CA MET K 341 -91.31 -7.97 41.37
C MET K 341 -90.08 -8.37 42.17
N SER K 342 -89.62 -7.45 43.00
CA SER K 342 -88.44 -7.70 43.82
C SER K 342 -88.78 -8.52 45.07
N TRP K 343 -87.76 -9.05 45.72
CA TRP K 343 -87.94 -9.80 46.96
C TRP K 343 -87.06 -9.24 48.07
N PRO K 344 -87.50 -9.38 49.33
CA PRO K 344 -86.81 -8.82 50.49
C PRO K 344 -85.48 -9.50 50.80
N ASP K 345 -84.39 -8.74 50.72
CA ASP K 345 -83.08 -9.22 51.14
C ASP K 345 -82.59 -10.45 50.36
N ASP K 346 -82.71 -10.39 49.05
CA ASP K 346 -82.24 -11.48 48.18
C ASP K 346 -82.68 -12.86 48.67
N VAL K 347 -83.99 -13.07 48.74
CA VAL K 347 -84.53 -14.39 49.08
C VAL K 347 -85.54 -14.82 48.03
N PRO K 348 -85.05 -15.15 46.83
CA PRO K 348 -85.90 -15.53 45.69
C PRO K 348 -86.97 -16.54 46.10
N PRO K 349 -88.21 -16.07 46.28
CA PRO K 349 -89.33 -16.91 46.73
C PRO K 349 -89.53 -18.11 45.83
N GLU K 350 -90.11 -19.17 46.40
CA GLU K 350 -90.36 -20.40 45.65
C GLU K 350 -91.27 -20.15 44.44
N GLY K 351 -90.69 -20.16 43.25
CA GLY K 351 -91.45 -19.97 42.04
C GLY K 351 -91.10 -18.70 41.30
N TRP K 352 -89.91 -18.17 41.58
CA TRP K 352 -89.44 -16.95 40.93
C TRP K 352 -88.88 -17.26 39.55
N ASN K 353 -88.44 -18.51 39.37
CA ASN K 353 -87.85 -18.93 38.11
C ASN K 353 -88.86 -19.51 37.14
N ARG K 354 -90.15 -19.35 37.47
CA ARG K 354 -91.21 -19.91 36.66
C ARG K 354 -92.25 -18.86 36.27
N THR K 355 -92.04 -17.63 36.72
CA THR K 355 -92.99 -16.55 36.47
C THR K 355 -92.57 -15.64 35.32
N ARG K 356 -93.43 -15.52 34.33
CA ARG K 356 -93.21 -14.60 33.22
C ARG K 356 -93.66 -13.19 33.58
N HIS K 357 -92.86 -12.20 33.18
CA HIS K 357 -93.19 -10.81 33.46
C HIS K 357 -93.47 -10.04 32.18
N VAL K 358 -94.62 -9.38 32.13
CA VAL K 358 -95.01 -8.61 30.95
C VAL K 358 -95.28 -7.15 31.31
N ILE K 359 -94.37 -6.27 30.92
CA ILE K 359 -94.50 -4.85 31.19
C ILE K 359 -95.06 -4.11 29.99
N ILE K 360 -96.21 -3.47 30.16
CA ILE K 360 -96.84 -2.70 29.09
C ILE K 360 -97.01 -1.26 29.54
N LEU K 361 -96.35 -0.34 28.85
CA LEU K 361 -96.41 1.07 29.23
C LEU K 361 -96.68 2.01 28.07
N MET K 362 -97.57 2.97 28.29
CA MET K 362 -97.82 4.01 27.31
C MET K 362 -97.00 5.25 27.66
N THR K 363 -96.28 5.79 26.67
CA THR K 363 -95.44 6.96 26.89
C THR K 363 -94.95 7.56 25.59
N ASP K 364 -94.85 8.88 25.54
CA ASP K 364 -94.34 9.57 24.37
C ASP K 364 -92.83 9.46 24.29
N GLY K 365 -92.22 8.94 25.36
CA GLY K 365 -90.79 8.74 25.40
C GLY K 365 -90.00 9.99 25.72
N LEU K 366 -90.69 11.13 25.77
CA LEU K 366 -90.04 12.41 26.05
C LEU K 366 -89.79 12.61 27.54
N HIS K 367 -88.95 11.77 28.13
CA HIS K 367 -88.59 11.90 29.53
C HIS K 367 -87.58 13.02 29.74
N ASN K 368 -87.65 13.68 30.90
CA ASN K 368 -86.77 14.80 31.19
C ASN K 368 -86.28 14.81 32.64
N MET K 369 -86.89 13.96 33.47
CA MET K 369 -86.50 13.87 34.87
C MET K 369 -86.14 12.43 35.25
N GLY K 370 -84.98 12.27 35.88
CA GLY K 370 -84.53 10.97 36.31
C GLY K 370 -83.32 10.46 35.54
N GLY K 371 -83.31 10.74 34.24
CA GLY K 371 -82.22 10.31 33.39
C GLY K 371 -82.62 9.27 32.38
N ASP K 372 -81.76 8.27 32.17
CA ASP K 372 -82.04 7.21 31.21
C ASP K 372 -82.78 6.06 31.87
N PRO K 373 -84.05 5.85 31.49
CA PRO K 373 -84.90 4.80 32.05
C PRO K 373 -84.35 3.40 31.79
N ILE K 374 -83.50 3.28 30.77
CA ILE K 374 -82.92 1.98 30.40
C ILE K 374 -82.20 1.34 31.58
N THR K 375 -81.51 2.17 32.36
CA THR K 375 -80.75 1.67 33.50
C THR K 375 -81.58 0.80 34.42
N VAL K 376 -82.88 1.11 34.52
CA VAL K 376 -83.78 0.35 35.38
C VAL K 376 -84.08 -1.01 34.78
N ILE K 377 -84.31 -1.05 33.47
CA ILE K 377 -84.58 -2.31 32.77
C ILE K 377 -83.45 -3.30 33.00
N ASP K 378 -82.21 -2.81 32.96
CA ASP K 378 -81.04 -3.65 33.20
C ASP K 378 -81.08 -4.25 34.60
N GLU K 379 -81.52 -3.47 35.57
CA GLU K 379 -81.63 -3.92 36.94
C GLU K 379 -82.68 -5.04 37.04
N ILE K 380 -83.76 -4.90 36.29
CA ILE K 380 -84.81 -5.90 36.27
C ILE K 380 -84.27 -7.23 35.74
N ARG K 381 -83.50 -7.16 34.67
CA ARG K 381 -82.91 -8.36 34.07
C ARG K 381 -82.00 -9.07 35.06
N ASP K 382 -81.19 -8.30 35.77
CA ASP K 382 -80.29 -8.86 36.78
C ASP K 382 -81.09 -9.48 37.92
N LEU K 383 -82.25 -8.91 38.20
CA LEU K 383 -83.11 -9.41 39.26
C LEU K 383 -83.76 -10.73 38.87
N LEU K 384 -84.08 -10.87 37.59
CA LEU K 384 -84.74 -12.07 37.09
C LEU K 384 -83.72 -13.06 36.52
N TYR K 385 -82.44 -12.71 36.63
CA TYR K 385 -81.36 -13.54 36.10
C TYR K 385 -81.57 -13.84 34.63
N ILE K 386 -81.60 -12.78 33.82
CA ILE K 386 -81.81 -12.92 32.38
C ILE K 386 -80.59 -12.44 31.60
N GLY K 387 -80.20 -13.22 30.59
CA GLY K 387 -79.03 -12.88 29.79
C GLY K 387 -77.74 -12.99 30.59
N LYS K 388 -77.81 -13.70 31.71
CA LYS K 388 -76.64 -13.89 32.56
C LYS K 388 -76.17 -15.34 32.54
N ASP K 389 -76.62 -16.08 31.53
CA ASP K 389 -76.23 -17.48 31.37
C ASP K 389 -76.17 -17.86 29.90
N ARG K 390 -74.99 -18.27 29.46
CA ARG K 390 -74.77 -18.65 28.07
C ARG K 390 -75.65 -19.82 27.65
N LYS K 391 -75.93 -20.71 28.59
CA LYS K 391 -76.73 -21.90 28.31
C LYS K 391 -78.21 -21.67 28.56
N ASN K 392 -78.53 -20.77 29.48
CA ASN K 392 -79.91 -20.47 29.82
C ASN K 392 -80.21 -18.96 29.81
N PRO K 393 -80.51 -18.42 28.62
CA PRO K 393 -80.80 -16.99 28.44
C PRO K 393 -81.97 -16.51 29.30
N ARG K 394 -83.07 -17.26 29.30
CA ARG K 394 -84.26 -16.90 30.06
C ARG K 394 -84.90 -15.61 29.55
N GLU K 395 -84.79 -15.38 28.25
CA GLU K 395 -85.37 -14.19 27.63
C GLU K 395 -86.88 -14.29 27.53
N ASP K 396 -87.39 -15.51 27.67
CA ASP K 396 -88.83 -15.76 27.56
C ASP K 396 -89.56 -15.39 28.86
N TYR K 397 -88.80 -14.92 29.85
CA TYR K 397 -89.37 -14.57 31.15
C TYR K 397 -89.49 -13.06 31.33
N LEU K 398 -89.53 -12.31 30.22
CA LEU K 398 -89.65 -10.87 30.29
C LEU K 398 -90.00 -10.25 28.93
N ASP K 399 -91.13 -9.57 28.88
CA ASP K 399 -91.55 -8.84 27.68
C ASP K 399 -91.89 -7.40 28.00
N VAL K 400 -91.34 -6.47 27.24
CA VAL K 400 -91.58 -5.05 27.45
C VAL K 400 -92.20 -4.41 26.22
N TYR K 401 -93.52 -4.26 26.23
CA TYR K 401 -94.22 -3.63 25.12
C TYR K 401 -94.37 -2.13 25.36
N VAL K 402 -94.04 -1.34 24.33
CA VAL K 402 -94.07 0.11 24.46
C VAL K 402 -94.98 0.76 23.42
N PHE K 403 -96.07 1.36 23.87
CA PHE K 403 -96.98 2.08 23.00
C PHE K 403 -96.81 3.59 23.18
N GLY K 404 -96.40 4.26 22.10
CA GLY K 404 -96.20 5.70 22.15
C GLY K 404 -97.27 6.47 21.42
N VAL K 405 -98.19 7.06 22.17
CA VAL K 405 -99.28 7.84 21.60
C VAL K 405 -99.37 9.22 22.24
N GLY K 406 -99.20 10.25 21.41
CA GLY K 406 -99.18 11.61 21.89
C GLY K 406 -98.14 12.40 21.13
N PRO K 407 -98.38 12.62 19.82
CA PRO K 407 -97.46 13.18 18.83
C PRO K 407 -96.47 14.22 19.32
N LEU K 408 -95.50 13.70 20.04
CA LEU K 408 -94.10 14.03 19.93
C LEU K 408 -93.49 12.81 20.57
N VAL K 409 -93.53 11.69 19.84
CA VAL K 409 -93.05 10.43 20.35
C VAL K 409 -91.65 10.14 19.83
N ASN K 410 -90.71 10.00 20.75
CA ASN K 410 -89.33 9.71 20.39
C ASN K 410 -89.13 8.22 20.18
N GLN K 411 -89.22 7.78 18.94
CA GLN K 411 -89.09 6.38 18.59
C GLN K 411 -87.74 5.82 19.05
N VAL K 412 -86.76 6.70 19.20
CA VAL K 412 -85.43 6.30 19.65
C VAL K 412 -85.49 5.74 21.06
N ASN K 413 -86.23 6.41 21.94
CA ASN K 413 -86.34 6.01 23.33
C ASN K 413 -87.32 4.87 23.56
N ILE K 414 -88.50 4.98 22.95
CA ILE K 414 -89.53 3.96 23.12
C ILE K 414 -89.05 2.60 22.61
N ASN K 415 -88.05 2.62 21.76
CA ASN K 415 -87.48 1.39 21.22
C ASN K 415 -86.41 0.81 22.14
N ALA K 416 -85.65 1.70 22.77
CA ALA K 416 -84.58 1.28 23.67
C ALA K 416 -85.11 0.52 24.88
N LEU K 417 -86.37 0.80 25.25
CA LEU K 417 -86.99 0.13 26.38
C LEU K 417 -87.67 -1.16 25.95
N ALA K 418 -88.39 -1.12 24.84
CA ALA K 418 -89.08 -2.29 24.34
C ALA K 418 -88.12 -3.43 24.05
N SER K 419 -88.57 -4.67 24.28
CA SER K 419 -87.74 -5.85 24.07
C SER K 419 -87.44 -6.07 22.59
N LYS K 420 -86.45 -6.90 22.32
CA LYS K 420 -86.08 -7.23 20.95
C LYS K 420 -86.02 -8.74 20.75
N LYS K 421 -87.12 -9.33 20.30
CA LYS K 421 -87.19 -10.76 20.05
C LYS K 421 -87.37 -11.06 18.56
N ASP K 422 -86.76 -12.15 18.10
CA ASP K 422 -86.80 -12.52 16.69
C ASP K 422 -88.23 -12.70 16.19
N ASN K 423 -88.52 -12.06 15.06
CA ASN K 423 -89.84 -12.17 14.43
C ASN K 423 -90.97 -11.71 15.34
N GLU K 424 -90.66 -10.81 16.26
CA GLU K 424 -91.66 -10.25 17.16
C GLU K 424 -91.51 -8.74 17.26
N GLN K 425 -92.64 -8.05 17.39
CA GLN K 425 -92.63 -6.59 17.50
C GLN K 425 -93.09 -6.15 18.88
N HIS K 426 -92.37 -5.20 19.47
CA HIS K 426 -92.70 -4.70 20.80
C HIS K 426 -92.91 -3.18 20.80
N VAL K 427 -92.38 -2.53 19.77
CA VAL K 427 -92.58 -1.09 19.60
C VAL K 427 -93.76 -0.85 18.66
N PHE K 428 -94.73 -0.07 19.13
CA PHE K 428 -95.93 0.19 18.34
C PHE K 428 -96.24 1.68 18.23
N LYS K 429 -95.95 2.26 17.07
CA LYS K 429 -96.22 3.66 16.81
C LYS K 429 -97.54 3.81 16.06
N VAL K 430 -98.59 4.11 16.80
CA VAL K 430 -99.94 4.21 16.23
C VAL K 430 -100.21 5.59 15.65
N LYS K 431 -101.08 5.63 14.64
CA LYS K 431 -101.45 6.89 14.00
C LYS K 431 -102.13 7.85 14.97
N ASP K 432 -103.34 7.51 15.40
CA ASP K 432 -104.08 8.31 16.37
C ASP K 432 -104.71 7.43 17.43
N MET K 433 -105.17 8.07 18.52
CA MET K 433 -105.75 7.34 19.65
C MET K 433 -106.88 6.41 19.22
N GLU K 434 -107.72 6.87 18.31
CA GLU K 434 -108.86 6.08 17.85
C GLU K 434 -108.39 4.74 17.27
N ASN K 435 -107.30 4.78 16.52
CA ASN K 435 -106.74 3.57 15.92
C ASN K 435 -106.14 2.65 16.98
N LEU K 436 -105.45 3.23 17.96
CA LEU K 436 -104.88 2.45 19.05
C LEU K 436 -105.96 1.64 19.75
N GLU K 437 -107.13 2.23 19.89
CA GLU K 437 -108.26 1.55 20.50
C GLU K 437 -108.71 0.39 19.63
N ASP K 438 -108.91 0.65 18.34
CA ASP K 438 -109.33 -0.38 17.39
C ASP K 438 -108.42 -1.61 17.45
N VAL K 439 -107.18 -1.39 17.89
CA VAL K 439 -106.21 -2.47 18.01
C VAL K 439 -106.67 -3.51 19.03
N PHE K 440 -107.23 -3.04 20.14
CA PHE K 440 -107.64 -3.93 21.23
C PHE K 440 -109.09 -4.37 21.12
N TYR K 441 -109.84 -3.74 20.21
CA TYR K 441 -111.22 -4.15 19.95
C TYR K 441 -111.24 -5.40 19.08
N GLN K 442 -110.40 -5.41 18.05
CA GLN K 442 -110.31 -6.55 17.14
C GLN K 442 -109.87 -7.79 17.90
N MET K 443 -109.21 -7.59 19.04
CA MET K 443 -108.74 -8.69 19.88
C MET K 443 -109.89 -9.37 20.61
N ILE K 444 -110.74 -8.57 21.24
CA ILE K 444 -111.87 -9.10 22.01
C ILE K 444 -112.76 -10.00 21.17
N ASP K 445 -112.91 -9.66 19.90
CA ASP K 445 -113.78 -10.42 19.00
C ASP K 445 -113.07 -11.63 18.39
N GLU K 446 -111.86 -11.41 17.90
CA GLU K 446 -111.08 -12.48 17.30
C GLU K 446 -110.60 -13.48 18.35
N SER K 447 -110.57 -14.75 17.98
CA SER K 447 -110.12 -15.80 18.88
C SER K 447 -109.07 -16.67 18.20
N GLN K 448 -107.84 -16.18 18.17
CA GLN K 448 -106.74 -16.92 17.53
C GLN K 448 -106.59 -18.33 18.09
N SER K 449 -106.31 -19.27 17.21
CA SER K 449 -106.14 -20.67 17.61
C SER K 449 -104.97 -20.83 18.57
N LEU K 450 -105.25 -21.35 19.76
CA LEU K 450 -104.20 -21.59 20.75
C LEU K 450 -103.91 -23.08 20.89
N SER K 451 -102.99 -23.57 20.06
CA SER K 451 -102.59 -24.98 20.12
C SER K 451 -101.16 -25.11 20.61
N LEU K 452 -100.89 -26.18 21.36
CA LEU K 452 -99.56 -26.42 21.89
C LEU K 452 -98.88 -27.60 21.20
N CYS K 453 -98.71 -27.49 19.90
CA CYS K 453 -98.03 -28.53 19.12
C CYS K 453 -96.53 -28.35 19.20
N GLY K 454 -95.82 -29.47 19.38
CA GLY K 454 -94.37 -29.44 19.49
C GLY K 454 -93.89 -28.59 20.64
N MET K 455 -94.61 -28.65 21.76
CA MET K 455 -94.27 -27.87 22.94
C MET K 455 -93.51 -28.71 23.97
N VAL K 456 -92.62 -28.05 24.70
CA VAL K 456 -91.82 -28.70 25.73
C VAL K 456 -91.45 -27.72 26.84
N TRP K 457 -91.80 -28.06 28.07
CA TRP K 457 -91.49 -27.22 29.22
C TRP K 457 -90.35 -27.81 30.05
N GLU K 458 -89.36 -26.98 30.35
CA GLU K 458 -88.19 -27.43 31.10
C GLU K 458 -88.59 -27.97 32.47
N GLY K 462 -86.96 -33.53 35.16
CA GLY K 462 -86.31 -33.94 33.92
C GLY K 462 -86.50 -35.41 33.63
N THR K 463 -87.75 -35.84 33.60
CA THR K 463 -88.07 -37.24 33.32
C THR K 463 -88.33 -37.45 31.83
N ASP K 464 -88.17 -38.68 31.37
CA ASP K 464 -88.39 -39.01 29.96
C ASP K 464 -89.82 -38.69 29.53
N TYR K 465 -90.02 -38.56 28.22
CA TYR K 465 -91.33 -38.25 27.66
C TYR K 465 -91.81 -36.85 28.02
N HIS K 466 -91.07 -36.18 28.89
CA HIS K 466 -91.34 -34.79 29.22
C HIS K 466 -90.59 -33.88 28.25
N LYS K 467 -89.49 -34.39 27.72
CA LYS K 467 -88.70 -33.67 26.72
C LYS K 467 -89.21 -34.00 25.33
N GLN K 468 -89.85 -35.15 25.20
CA GLN K 468 -90.44 -35.57 23.93
C GLN K 468 -91.79 -36.24 24.14
N PRO K 469 -92.81 -35.43 24.46
CA PRO K 469 -94.17 -35.93 24.70
C PRO K 469 -94.75 -36.62 23.47
N TRP K 470 -94.52 -36.04 22.30
CA TRP K 470 -95.03 -36.58 21.05
C TRP K 470 -94.53 -37.99 20.79
N GLN K 471 -93.32 -38.28 21.27
CA GLN K 471 -92.68 -39.56 21.02
C GLN K 471 -93.61 -40.74 21.35
N ALA K 472 -93.69 -41.68 20.42
CA ALA K 472 -94.53 -42.86 20.61
C ALA K 472 -93.73 -44.13 20.35
N LYS K 473 -94.04 -45.19 21.09
CA LYS K 473 -93.35 -46.46 20.95
C LYS K 473 -94.30 -47.55 20.46
N ILE K 474 -94.04 -48.08 19.28
CA ILE K 474 -94.91 -49.09 18.68
C ILE K 474 -94.28 -50.48 18.73
N SER K 475 -95.11 -51.49 18.98
CA SER K 475 -94.65 -52.86 19.03
C SER K 475 -95.63 -53.79 18.31
N VAL K 476 -95.10 -54.76 17.58
CA VAL K 476 -95.92 -55.71 16.84
C VAL K 476 -95.53 -57.15 17.14
N ILE K 477 -96.48 -57.91 17.68
CA ILE K 477 -96.24 -59.31 17.99
C ILE K 477 -96.56 -60.21 16.80
N ARG K 478 -95.65 -61.13 16.50
CA ARG K 478 -95.83 -62.04 15.37
C ARG K 478 -95.53 -63.48 15.77
N PRO K 479 -96.25 -64.43 15.16
CA PRO K 479 -96.14 -65.87 15.47
C PRO K 479 -94.72 -66.41 15.34
N SER K 480 -93.97 -66.37 16.43
CA SER K 480 -92.62 -66.94 16.47
C SER K 480 -91.63 -66.21 15.56
N LYS K 481 -92.12 -65.28 14.77
CA LYS K 481 -91.28 -64.52 13.84
C LYS K 481 -90.45 -63.48 14.59
N GLY K 482 -90.96 -63.06 15.75
CA GLY K 482 -90.28 -62.06 16.56
C GLY K 482 -91.19 -60.91 16.92
N HIS K 483 -90.62 -59.72 17.11
CA HIS K 483 -91.40 -58.54 17.44
C HIS K 483 -90.87 -57.30 16.72
N GLU K 484 -91.75 -56.64 15.99
CA GLU K 484 -91.39 -55.44 15.24
C GLU K 484 -91.33 -54.22 16.17
N SER K 485 -90.14 -53.66 16.32
CA SER K 485 -89.95 -52.51 17.20
C SER K 485 -89.79 -51.22 16.40
N CYS K 486 -90.85 -50.42 16.38
CA CYS K 486 -90.83 -49.14 15.67
C CYS K 486 -91.27 -48.00 16.60
N MET K 487 -91.29 -46.78 16.06
CA MET K 487 -91.71 -45.62 16.83
C MET K 487 -92.59 -44.69 16.00
N GLY K 488 -93.42 -43.91 16.67
CA GLY K 488 -94.30 -42.97 16.00
C GLY K 488 -94.28 -41.60 16.62
N ALA K 489 -95.32 -40.81 16.35
CA ALA K 489 -95.40 -39.45 16.87
C ALA K 489 -96.86 -38.99 16.96
N VAL K 490 -97.29 -38.62 18.16
CA VAL K 490 -98.64 -38.13 18.37
C VAL K 490 -98.87 -36.83 17.62
N VAL K 491 -99.84 -36.84 16.71
CA VAL K 491 -100.14 -35.66 15.89
C VAL K 491 -101.53 -35.13 16.19
N SER K 492 -102.33 -35.91 16.91
CA SER K 492 -103.68 -35.50 17.28
C SER K 492 -104.17 -36.28 18.50
N GLU K 493 -105.48 -36.18 18.76
CA GLU K 493 -106.08 -36.85 19.91
C GLU K 493 -106.42 -38.30 19.59
N TYR K 494 -106.12 -38.73 18.38
CA TYR K 494 -106.41 -40.10 17.96
C TYR K 494 -105.32 -40.69 17.07
N PHE K 495 -104.84 -39.90 16.11
CA PHE K 495 -103.87 -40.39 15.13
C PHE K 495 -102.43 -40.25 15.61
N VAL K 496 -101.58 -41.19 15.19
CA VAL K 496 -100.17 -41.16 15.52
C VAL K 496 -99.34 -41.51 14.29
N LEU K 497 -98.71 -40.49 13.70
CA LEU K 497 -97.92 -40.67 12.49
C LEU K 497 -96.73 -41.59 12.73
N THR K 498 -96.46 -42.48 11.78
CA THR K 498 -95.35 -43.41 11.89
C THR K 498 -95.02 -44.02 10.52
N ALA K 499 -94.01 -44.88 10.48
CA ALA K 499 -93.62 -45.55 9.26
C ALA K 499 -94.71 -46.52 8.78
N ALA K 500 -94.56 -47.04 7.58
CA ALA K 500 -95.54 -47.95 7.01
C ALA K 500 -94.99 -49.38 6.88
N HIS K 501 -93.66 -49.49 6.79
CA HIS K 501 -93.02 -50.79 6.64
C HIS K 501 -92.99 -51.55 7.97
N CYS K 502 -93.31 -50.85 9.05
CA CYS K 502 -93.35 -51.47 10.37
C CYS K 502 -94.58 -52.37 10.51
N PHE K 503 -95.49 -52.28 9.53
CA PHE K 503 -96.71 -53.07 9.55
C PHE K 503 -96.92 -53.78 8.22
N THR K 504 -97.84 -54.74 8.20
CA THR K 504 -98.17 -55.46 6.97
C THR K 504 -99.67 -55.76 6.93
N VAL K 505 -100.16 -56.12 5.74
CA VAL K 505 -101.56 -56.42 5.55
C VAL K 505 -102.01 -57.59 6.42
N ASP K 506 -101.07 -58.48 6.73
CA ASP K 506 -101.37 -59.66 7.54
C ASP K 506 -101.58 -59.30 9.00
N ASP K 507 -100.79 -58.37 9.51
CA ASP K 507 -100.88 -57.94 10.91
C ASP K 507 -102.24 -57.35 11.22
N LYS K 508 -102.91 -57.91 12.23
CA LYS K 508 -104.23 -57.42 12.64
C LYS K 508 -104.08 -56.28 13.65
N GLU K 509 -105.20 -55.88 14.24
CA GLU K 509 -105.19 -54.79 15.21
C GLU K 509 -104.93 -55.28 16.63
N HIS K 510 -105.22 -56.56 16.87
CA HIS K 510 -105.02 -57.15 18.19
C HIS K 510 -103.56 -57.51 18.41
N SER K 511 -102.77 -57.49 17.34
CA SER K 511 -101.35 -57.83 17.42
C SER K 511 -100.47 -56.60 17.38
N ILE K 512 -101.11 -55.43 17.37
CA ILE K 512 -100.39 -54.16 17.34
C ILE K 512 -100.68 -53.32 18.57
N LYS K 513 -99.64 -53.03 19.35
CA LYS K 513 -99.79 -52.24 20.56
C LYS K 513 -98.94 -50.98 20.51
N VAL K 514 -99.51 -49.86 20.94
CA VAL K 514 -98.81 -48.59 20.95
C VAL K 514 -98.79 -47.97 22.34
N SER K 515 -97.60 -47.57 22.79
CA SER K 515 -97.44 -46.97 24.10
C SER K 515 -96.87 -45.57 24.02
N VAL K 516 -97.52 -44.62 24.70
CA VAL K 516 -97.06 -43.24 24.70
C VAL K 516 -96.99 -42.69 26.12
N GLY K 517 -96.22 -41.62 26.30
CA GLY K 517 -96.07 -40.99 27.60
C GLY K 517 -95.35 -41.86 28.61
N GLY K 518 -94.76 -42.95 28.14
CA GLY K 518 -94.02 -43.85 28.98
C GLY K 518 -94.93 -44.72 29.85
N GLU K 519 -96.21 -44.75 29.50
CA GLU K 519 -97.18 -45.56 30.24
C GLU K 519 -96.87 -47.04 30.11
N LYS K 520 -97.07 -47.78 31.21
CA LYS K 520 -96.77 -49.20 31.24
C LYS K 520 -97.77 -50.00 30.39
N ARG K 521 -99.02 -49.53 30.35
CA ARG K 521 -100.06 -50.22 29.61
C ARG K 521 -99.92 -49.99 28.11
N ASP K 522 -100.68 -50.75 27.33
CA ASP K 522 -100.66 -50.61 25.87
C ASP K 522 -102.02 -50.17 25.36
N LEU K 523 -102.04 -49.15 24.50
CA LEU K 523 -103.28 -48.62 23.95
C LEU K 523 -103.78 -49.47 22.79
N GLU K 524 -105.08 -49.74 22.78
CA GLU K 524 -105.70 -50.51 21.71
C GLU K 524 -106.00 -49.62 20.51
N ILE K 525 -105.53 -50.05 19.34
CA ILE K 525 -105.72 -49.29 18.11
C ILE K 525 -107.06 -49.62 17.45
N GLU K 526 -107.45 -48.82 16.46
CA GLU K 526 -108.69 -49.03 15.74
C GLU K 526 -108.42 -49.49 14.31
N VAL K 527 -107.58 -48.75 13.60
CA VAL K 527 -107.24 -49.07 12.23
C VAL K 527 -105.98 -48.34 11.77
N VAL K 528 -105.10 -49.05 11.08
CA VAL K 528 -103.87 -48.46 10.57
C VAL K 528 -104.03 -48.06 9.10
N LEU K 529 -103.98 -46.75 8.85
CA LEU K 529 -104.16 -46.23 7.49
C LEU K 529 -102.83 -46.10 6.76
N PHE K 530 -102.64 -46.92 5.73
CA PHE K 530 -101.44 -46.85 4.91
C PHE K 530 -101.61 -45.88 3.76
N HIS K 531 -100.50 -45.40 3.21
CA HIS K 531 -100.55 -44.47 2.10
C HIS K 531 -101.00 -45.18 0.83
N PRO K 532 -101.93 -44.56 0.08
CA PRO K 532 -102.50 -45.13 -1.14
C PRO K 532 -101.43 -45.49 -2.18
N ASN K 533 -100.26 -44.89 -2.08
CA ASN K 533 -99.19 -45.13 -3.04
C ASN K 533 -98.05 -45.97 -2.48
N TYR K 534 -98.29 -46.58 -1.32
CA TYR K 534 -97.27 -47.41 -0.68
C TYR K 534 -97.24 -48.82 -1.26
N ASN K 535 -96.09 -49.19 -1.83
CA ASN K 535 -95.90 -50.53 -2.39
C ASN K 535 -94.44 -50.96 -2.30
N ILE K 536 -94.09 -51.59 -1.18
CA ILE K 536 -92.71 -52.01 -0.93
C ILE K 536 -92.27 -53.09 -1.89
N ASN K 537 -93.23 -53.84 -2.44
CA ASN K 537 -92.93 -54.93 -3.36
C ASN K 537 -93.29 -54.60 -4.80
N GLY K 538 -93.14 -53.33 -5.18
CA GLY K 538 -93.47 -52.88 -6.52
C GLY K 538 -92.23 -52.55 -7.33
N LYS K 539 -91.12 -53.22 -7.03
CA LYS K 539 -89.87 -52.98 -7.73
C LYS K 539 -89.04 -54.26 -7.89
N LYS K 540 -89.63 -55.39 -7.53
CA LYS K 540 -88.94 -56.66 -7.65
C LYS K 540 -88.63 -57.00 -9.11
N GLU K 541 -89.43 -56.44 -10.01
CA GLU K 541 -89.24 -56.67 -11.44
C GLU K 541 -87.90 -56.08 -11.91
N ALA K 542 -87.56 -54.90 -11.40
CA ALA K 542 -86.32 -54.24 -11.76
C ALA K 542 -85.16 -54.74 -10.90
N GLY K 543 -85.44 -55.72 -10.05
CA GLY K 543 -84.42 -56.29 -9.19
C GLY K 543 -84.22 -55.48 -7.91
N ILE K 544 -85.26 -54.77 -7.51
CA ILE K 544 -85.20 -53.94 -6.31
C ILE K 544 -86.12 -54.49 -5.22
N PRO K 545 -85.54 -55.24 -4.27
CA PRO K 545 -86.27 -55.88 -3.18
C PRO K 545 -87.04 -54.89 -2.32
N GLU K 546 -86.40 -53.79 -1.94
CA GLU K 546 -87.01 -52.81 -1.06
C GLU K 546 -87.36 -51.52 -1.80
N PHE K 547 -88.49 -50.93 -1.45
CA PHE K 547 -88.94 -49.68 -2.06
C PHE K 547 -89.77 -48.87 -1.09
N TYR K 548 -89.11 -48.02 -0.31
CA TYR K 548 -89.76 -47.29 0.77
C TYR K 548 -90.37 -45.96 0.32
N ASP K 549 -90.87 -45.92 -0.90
CA ASP K 549 -91.51 -44.71 -1.42
C ASP K 549 -92.86 -44.52 -0.72
N TYR K 550 -93.12 -43.28 -0.30
CA TYR K 550 -94.34 -42.98 0.45
C TYR K 550 -94.47 -43.90 1.66
N ASP K 551 -93.42 -43.96 2.46
CA ASP K 551 -93.37 -44.83 3.63
C ASP K 551 -93.97 -44.15 4.85
N VAL K 552 -95.27 -43.90 4.81
CA VAL K 552 -95.97 -43.26 5.91
C VAL K 552 -97.29 -43.96 6.24
N ALA K 553 -97.73 -43.83 7.48
CA ALA K 553 -98.98 -44.45 7.91
C ALA K 553 -99.46 -43.85 9.24
N LEU K 554 -100.78 -43.70 9.37
CA LEU K 554 -101.37 -43.17 10.59
C LEU K 554 -102.00 -44.27 11.41
N ILE K 555 -102.09 -44.04 12.72
CA ILE K 555 -102.68 -45.02 13.63
C ILE K 555 -103.77 -44.38 14.49
N LYS K 556 -105.01 -44.54 14.08
CA LYS K 556 -106.14 -43.99 14.83
C LYS K 556 -106.46 -44.86 16.04
N LEU K 557 -106.24 -44.31 17.23
CA LEU K 557 -106.49 -45.04 18.47
C LEU K 557 -107.98 -45.22 18.73
N LYS K 558 -108.30 -46.13 19.63
CA LYS K 558 -109.69 -46.40 19.98
C LYS K 558 -110.19 -45.44 21.04
N ASN K 559 -109.27 -44.92 21.85
CA ASN K 559 -109.61 -44.00 22.91
C ASN K 559 -109.00 -42.62 22.71
N LYS K 560 -109.66 -41.59 23.23
CA LYS K 560 -109.17 -40.22 23.14
C LYS K 560 -108.05 -39.98 24.14
N LEU K 561 -106.99 -39.32 23.69
CA LEU K 561 -105.83 -39.06 24.54
C LEU K 561 -105.97 -37.76 25.32
N LYS K 562 -105.85 -37.85 26.64
CA LYS K 562 -105.85 -36.67 27.50
C LYS K 562 -104.44 -36.10 27.60
N TYR K 563 -104.22 -34.95 26.97
CA TYR K 563 -102.89 -34.33 26.96
C TYR K 563 -102.42 -33.96 28.36
N GLY K 564 -101.15 -34.27 28.65
CA GLY K 564 -100.56 -33.94 29.93
C GLY K 564 -99.14 -33.45 29.76
N GLN K 565 -98.35 -33.57 30.83
CA GLN K 565 -96.95 -33.17 30.80
C GLN K 565 -96.06 -34.27 30.20
N THR K 566 -96.71 -35.34 29.75
CA THR K 566 -95.98 -36.47 29.16
C THR K 566 -96.53 -36.78 27.76
N ILE K 567 -97.73 -36.29 27.47
CA ILE K 567 -98.36 -36.52 26.18
C ILE K 567 -98.77 -35.21 25.53
N ARG K 568 -98.29 -34.97 24.32
CA ARG K 568 -98.59 -33.73 23.60
C ARG K 568 -98.24 -33.85 22.12
N PRO K 569 -99.12 -33.35 21.25
CA PRO K 569 -98.96 -33.44 19.79
C PRO K 569 -97.71 -32.73 19.29
N ILE K 570 -97.43 -32.86 18.00
CA ILE K 570 -96.31 -32.18 17.38
C ILE K 570 -96.76 -31.47 16.11
N CYS K 571 -96.21 -30.28 15.87
CA CYS K 571 -96.61 -29.47 14.72
C CYS K 571 -96.36 -30.18 13.38
N LEU K 572 -97.37 -30.15 12.52
CA LEU K 572 -97.26 -30.72 11.18
C LEU K 572 -97.22 -29.60 10.14
N PRO K 573 -96.46 -29.80 9.07
CA PRO K 573 -96.30 -28.79 8.00
C PRO K 573 -97.64 -28.30 7.47
N CYS K 574 -97.70 -27.04 7.07
CA CYS K 574 -98.90 -26.45 6.49
C CYS K 574 -100.11 -26.52 7.41
N THR K 575 -99.98 -25.93 8.60
CA THR K 575 -101.09 -25.85 9.54
C THR K 575 -101.12 -24.48 10.21
N GLU K 576 -102.32 -24.02 10.56
CA GLU K 576 -102.48 -22.73 11.22
C GLU K 576 -101.73 -22.68 12.54
N GLY K 577 -101.49 -23.85 13.12
CA GLY K 577 -100.76 -23.95 14.37
C GLY K 577 -99.27 -23.78 14.17
N THR K 578 -98.76 -24.29 13.06
CA THR K 578 -97.34 -24.19 12.74
C THR K 578 -96.98 -22.77 12.30
N THR K 579 -97.93 -22.12 11.62
CA THR K 579 -97.72 -20.75 11.16
C THR K 579 -97.39 -19.82 12.33
N ARG K 580 -98.09 -20.02 13.45
CA ARG K 580 -97.84 -19.22 14.64
C ARG K 580 -96.53 -19.63 15.31
N ALA K 581 -96.19 -20.91 15.22
CA ALA K 581 -94.94 -21.42 15.78
C ALA K 581 -93.74 -20.78 15.11
N LEU K 582 -93.85 -20.56 13.80
CA LEU K 582 -92.79 -19.91 13.05
C LEU K 582 -92.95 -18.40 13.13
N ARG K 583 -93.99 -17.96 13.81
CA ARG K 583 -94.25 -16.53 14.02
C ARG K 583 -94.47 -15.80 12.70
N LEU K 584 -94.96 -16.52 11.70
CA LEU K 584 -95.24 -15.94 10.39
C LEU K 584 -96.66 -15.43 10.29
N PRO K 585 -96.89 -14.42 9.44
CA PRO K 585 -98.23 -13.84 9.24
C PRO K 585 -99.24 -14.91 8.84
N PRO K 586 -100.51 -14.71 9.22
CA PRO K 586 -101.59 -15.65 8.89
C PRO K 586 -101.74 -15.87 7.39
N THR K 587 -101.25 -14.90 6.61
CA THR K 587 -101.35 -14.97 5.15
C THR K 587 -100.20 -15.77 4.56
N THR K 588 -99.60 -16.64 5.37
CA THR K 588 -98.50 -17.48 4.92
C THR K 588 -99.02 -18.72 4.18
N THR K 589 -98.58 -18.88 2.94
CA THR K 589 -98.98 -20.03 2.13
C THR K 589 -98.15 -21.26 2.46
N CYS K 590 -98.64 -22.43 2.06
CA CYS K 590 -97.95 -23.68 2.31
C CYS K 590 -96.53 -23.67 1.74
N GLN K 591 -96.39 -23.04 0.57
CA GLN K 591 -95.09 -22.97 -0.10
C GLN K 591 -94.07 -22.19 0.72
N GLN K 592 -94.54 -21.16 1.42
CA GLN K 592 -93.67 -20.32 2.22
C GLN K 592 -93.08 -21.07 3.41
N GLN K 593 -93.87 -21.93 4.02
CA GLN K 593 -93.42 -22.72 5.16
C GLN K 593 -92.33 -23.71 4.76
N LYS K 594 -92.47 -24.30 3.58
CA LYS K 594 -91.49 -25.25 3.08
C LYS K 594 -90.14 -24.56 2.84
N GLU K 595 -90.19 -23.27 2.50
CA GLU K 595 -88.98 -22.49 2.28
C GLU K 595 -88.34 -22.09 3.61
N GLU K 596 -89.16 -22.06 4.66
CA GLU K 596 -88.69 -21.68 5.98
C GLU K 596 -88.13 -22.88 6.74
N LEU K 597 -88.87 -23.99 6.71
CA LEU K 597 -88.47 -25.19 7.42
C LEU K 597 -87.42 -25.99 6.66
N LEU K 598 -87.56 -26.03 5.33
CA LEU K 598 -86.64 -26.80 4.50
C LEU K 598 -86.01 -25.95 3.40
N PRO K 599 -85.08 -25.06 3.77
CA PRO K 599 -84.38 -24.21 2.80
C PRO K 599 -83.44 -25.04 1.93
N ALA K 600 -82.83 -24.39 0.93
CA ALA K 600 -81.89 -25.07 0.05
C ALA K 600 -80.47 -25.03 0.62
N GLN K 601 -80.33 -25.55 1.83
CA GLN K 601 -79.03 -25.54 2.52
C GLN K 601 -78.90 -26.76 3.43
N ASP K 602 -77.88 -26.72 4.29
CA ASP K 602 -77.67 -27.81 5.25
C ASP K 602 -78.50 -27.60 6.49
N ILE K 603 -79.76 -28.05 6.43
CA ILE K 603 -80.69 -27.87 7.54
C ILE K 603 -80.22 -28.57 8.81
N LYS K 604 -80.49 -27.96 9.95
CA LYS K 604 -80.13 -28.54 11.23
C LYS K 604 -81.35 -29.13 11.94
N ALA K 605 -81.46 -30.45 11.92
CA ALA K 605 -82.60 -31.13 12.53
C ALA K 605 -82.14 -32.12 13.59
N LEU K 606 -83.06 -33.00 14.00
CA LEU K 606 -82.75 -34.00 15.02
C LEU K 606 -83.86 -35.05 15.11
N PHE K 607 -83.54 -36.19 15.72
CA PHE K 607 -84.51 -37.26 15.91
C PHE K 607 -84.35 -37.90 17.28
N VAL K 608 -85.35 -38.65 17.71
CA VAL K 608 -85.33 -39.28 19.03
C VAL K 608 -84.86 -40.73 18.95
N SER K 609 -83.82 -41.05 19.73
CA SER K 609 -83.28 -42.40 19.78
C SER K 609 -83.41 -42.98 21.18
N GLU K 610 -83.49 -44.30 21.27
CA GLU K 610 -83.63 -44.97 22.55
C GLU K 610 -82.36 -45.74 22.93
N GLU K 611 -81.68 -45.27 23.98
CA GLU K 611 -80.47 -45.92 24.46
C GLU K 611 -80.60 -46.36 25.90
N GLU K 612 -80.50 -47.67 26.12
CA GLU K 612 -80.60 -48.24 27.46
C GLU K 612 -81.92 -47.87 28.13
N LYS K 613 -83.03 -48.09 27.42
CA LYS K 613 -84.36 -47.80 27.94
C LYS K 613 -84.50 -46.34 28.34
N LYS K 614 -83.74 -45.48 27.69
CA LYS K 614 -83.79 -44.04 27.96
C LYS K 614 -83.75 -43.23 26.66
N LEU K 615 -84.73 -42.34 26.49
CA LEU K 615 -84.82 -41.53 25.29
C LEU K 615 -83.73 -40.46 25.27
N THR K 616 -83.16 -40.24 24.09
CA THR K 616 -82.11 -39.24 23.91
C THR K 616 -82.19 -38.60 22.53
N ARG K 617 -81.82 -37.33 22.45
CA ARG K 617 -81.88 -36.59 21.19
C ARG K 617 -80.60 -36.75 20.39
N LYS K 618 -80.73 -36.78 19.07
CA LYS K 618 -79.58 -36.91 18.18
C LYS K 618 -79.62 -35.83 17.10
N GLU K 619 -78.81 -34.79 17.29
CA GLU K 619 -78.75 -33.68 16.33
C GLU K 619 -78.07 -34.11 15.04
N VAL K 620 -78.76 -33.89 13.92
CA VAL K 620 -78.22 -34.23 12.61
C VAL K 620 -78.40 -33.09 11.63
N TYR K 621 -78.01 -33.31 10.37
CA TYR K 621 -78.15 -32.30 9.33
C TYR K 621 -78.84 -32.87 8.09
N ILE K 622 -79.83 -32.15 7.60
CA ILE K 622 -80.55 -32.56 6.39
C ILE K 622 -79.83 -32.03 5.16
N LYS K 623 -79.34 -32.95 4.31
CA LYS K 623 -78.62 -32.57 3.10
C LYS K 623 -79.59 -32.10 2.02
N ASN K 624 -79.99 -30.84 2.10
CA ASN K 624 -80.92 -30.27 1.13
C ASN K 624 -80.25 -29.18 0.29
N GLY K 625 -78.97 -28.95 0.54
CA GLY K 625 -78.20 -27.97 -0.21
C GLY K 625 -77.55 -28.59 -1.43
N ASP K 626 -76.30 -28.19 -1.70
CA ASP K 626 -75.56 -28.72 -2.83
C ASP K 626 -74.95 -30.08 -2.50
N LYS K 627 -75.03 -30.47 -1.23
CA LYS K 627 -74.54 -31.76 -0.78
C LYS K 627 -75.63 -32.82 -0.84
N LYS K 628 -76.74 -32.47 -1.50
CA LYS K 628 -77.88 -33.37 -1.61
C LYS K 628 -77.56 -34.59 -2.47
N GLY K 629 -77.00 -34.34 -3.65
CA GLY K 629 -76.65 -35.41 -4.56
C GLY K 629 -75.63 -36.38 -3.96
N SER K 630 -74.68 -35.83 -3.21
CA SER K 630 -73.64 -36.65 -2.60
C SER K 630 -74.24 -37.63 -1.58
N CYS K 631 -75.28 -37.19 -0.90
CA CYS K 631 -75.91 -37.99 0.14
C CYS K 631 -76.86 -39.04 -0.44
N GLU K 632 -77.43 -38.73 -1.60
CA GLU K 632 -78.38 -39.63 -2.25
C GLU K 632 -77.70 -40.78 -2.98
N ARG K 633 -76.66 -40.47 -3.74
CA ARG K 633 -75.94 -41.46 -4.53
C ARG K 633 -75.30 -42.53 -3.66
N ASP K 634 -75.22 -42.26 -2.35
CA ASP K 634 -74.64 -43.22 -1.41
C ASP K 634 -75.64 -44.31 -1.05
N ALA K 635 -76.80 -44.29 -1.70
CA ALA K 635 -77.83 -45.30 -1.49
C ALA K 635 -77.51 -46.57 -2.27
N GLN K 636 -76.40 -46.53 -3.01
CA GLN K 636 -75.98 -47.68 -3.81
C GLN K 636 -75.32 -48.74 -2.94
N TYR K 637 -74.75 -48.31 -1.82
CA TYR K 637 -74.07 -49.23 -0.91
C TYR K 637 -75.08 -50.00 -0.06
N ALA K 638 -76.34 -49.58 -0.12
CA ALA K 638 -77.40 -50.22 0.64
C ALA K 638 -77.65 -51.64 0.15
N PRO K 639 -78.00 -52.55 1.07
CA PRO K 639 -78.27 -53.96 0.75
C PRO K 639 -79.36 -54.11 -0.30
N GLY K 640 -79.02 -54.71 -1.44
CA GLY K 640 -79.98 -54.92 -2.51
C GLY K 640 -79.89 -53.88 -3.60
N TYR K 641 -79.44 -52.69 -3.23
CA TYR K 641 -79.32 -51.59 -4.18
C TYR K 641 -77.94 -51.58 -4.83
N ASP K 642 -77.21 -52.67 -4.68
CA ASP K 642 -75.84 -52.78 -5.19
C ASP K 642 -75.80 -53.00 -6.70
N LYS K 643 -76.96 -53.27 -7.29
CA LYS K 643 -77.04 -53.52 -8.73
C LYS K 643 -78.13 -52.69 -9.40
N VAL K 644 -78.40 -51.51 -8.84
CA VAL K 644 -79.41 -50.62 -9.39
C VAL K 644 -78.84 -49.77 -10.52
N LYS K 645 -79.54 -49.76 -11.65
CA LYS K 645 -79.10 -48.99 -12.82
C LYS K 645 -79.09 -47.50 -12.52
N ASP K 646 -80.26 -46.94 -12.25
CA ASP K 646 -80.39 -45.52 -11.93
C ASP K 646 -80.73 -45.32 -10.47
N ILE K 647 -79.82 -44.69 -9.73
CA ILE K 647 -79.98 -44.49 -8.29
C ILE K 647 -81.14 -43.54 -7.97
N SER K 648 -81.55 -42.76 -8.96
CA SER K 648 -82.60 -41.77 -8.76
C SER K 648 -83.99 -42.40 -8.76
N GLU K 649 -84.05 -43.71 -9.01
CA GLU K 649 -85.33 -44.41 -9.03
C GLU K 649 -85.68 -44.97 -7.66
N VAL K 650 -84.67 -45.25 -6.86
CA VAL K 650 -84.88 -45.79 -5.52
C VAL K 650 -84.97 -44.67 -4.49
N VAL K 651 -84.57 -43.46 -4.89
CA VAL K 651 -84.63 -42.30 -4.02
C VAL K 651 -85.56 -41.24 -4.62
N THR K 652 -86.87 -41.42 -4.40
CA THR K 652 -87.87 -40.51 -4.92
C THR K 652 -87.78 -39.15 -4.23
N PRO K 653 -88.33 -38.10 -4.87
CA PRO K 653 -88.35 -36.76 -4.29
C PRO K 653 -89.01 -36.72 -2.92
N ARG K 654 -89.68 -37.80 -2.54
CA ARG K 654 -90.34 -37.90 -1.25
C ARG K 654 -89.36 -38.36 -0.16
N PHE K 655 -88.07 -38.07 -0.36
CA PHE K 655 -87.05 -38.48 0.59
C PHE K 655 -86.17 -37.31 1.04
N LEU K 656 -85.86 -37.27 2.32
CA LEU K 656 -84.95 -36.28 2.88
C LEU K 656 -83.71 -37.00 3.41
N CYS K 657 -82.56 -36.74 2.79
CA CYS K 657 -81.33 -37.44 3.14
C CYS K 657 -80.58 -36.77 4.28
N THR K 658 -80.18 -37.58 5.26
CA THR K 658 -79.42 -37.08 6.42
C THR K 658 -78.23 -37.99 6.71
N GLY K 659 -77.52 -37.68 7.79
CA GLY K 659 -76.37 -38.47 8.20
C GLY K 659 -75.18 -38.28 7.29
N GLY K 660 -74.00 -38.66 7.77
CA GLY K 660 -72.78 -38.54 7.01
C GLY K 660 -71.62 -38.02 7.83
N VAL K 661 -70.64 -37.42 7.15
CA VAL K 661 -69.47 -36.87 7.81
C VAL K 661 -69.33 -35.37 7.58
N SER K 662 -70.01 -34.88 6.53
CA SER K 662 -69.99 -33.46 6.21
C SER K 662 -71.39 -32.88 6.30
N PRO K 663 -71.52 -31.67 6.87
CA PRO K 663 -70.41 -30.89 7.43
C PRO K 663 -69.89 -31.49 8.74
N TYR K 664 -70.74 -32.25 9.42
CA TYR K 664 -70.36 -32.86 10.69
C TYR K 664 -70.72 -34.33 10.73
N ALA K 665 -70.22 -35.03 11.75
CA ALA K 665 -70.49 -36.45 11.92
C ALA K 665 -71.86 -36.66 12.58
N ASP K 666 -72.88 -36.82 11.76
CA ASP K 666 -74.25 -36.98 12.25
C ASP K 666 -74.52 -38.41 12.72
N PRO K 667 -75.16 -38.55 13.89
CA PRO K 667 -75.55 -39.85 14.43
C PRO K 667 -76.54 -40.56 13.52
N ASN K 668 -76.40 -41.87 13.39
CA ASN K 668 -77.28 -42.64 12.51
C ASN K 668 -78.49 -43.22 13.24
N THR K 669 -79.53 -43.55 12.47
CA THR K 669 -80.75 -44.11 13.04
C THR K 669 -80.66 -45.62 13.14
N CYS K 670 -81.27 -46.17 14.20
CA CYS K 670 -81.25 -47.61 14.42
C CYS K 670 -82.53 -48.26 13.90
N ARG K 671 -82.69 -49.55 14.16
CA ARG K 671 -83.86 -50.29 13.73
C ARG K 671 -85.07 -49.93 14.59
N GLY K 672 -84.83 -49.77 15.90
CA GLY K 672 -85.88 -49.41 16.82
C GLY K 672 -86.31 -47.96 16.67
N ASP K 673 -85.44 -47.16 16.08
CA ASP K 673 -85.73 -45.74 15.87
C ASP K 673 -86.56 -45.53 14.61
N SER K 674 -86.72 -46.60 13.83
CA SER K 674 -87.48 -46.53 12.59
C SER K 674 -88.88 -45.97 12.81
N GLY K 675 -89.32 -45.09 11.93
CA GLY K 675 -90.62 -44.46 12.05
C GLY K 675 -90.55 -43.23 12.93
N GLY K 676 -89.36 -42.94 13.45
CA GLY K 676 -89.14 -41.80 14.31
C GLY K 676 -89.35 -40.48 13.60
N PRO K 677 -89.76 -39.44 14.35
CA PRO K 677 -90.02 -38.10 13.82
C PRO K 677 -88.74 -37.34 13.50
N LEU K 678 -88.69 -36.72 12.33
CA LEU K 678 -87.57 -35.86 11.97
C LEU K 678 -87.94 -34.42 12.30
N ILE K 679 -87.48 -33.94 13.46
CA ILE K 679 -87.91 -32.64 13.98
C ILE K 679 -86.89 -31.54 13.71
N VAL K 680 -87.39 -30.33 13.50
CA VAL K 680 -86.55 -29.15 13.32
C VAL K 680 -86.82 -28.16 14.44
N HIS K 681 -85.89 -28.07 15.39
CA HIS K 681 -86.06 -27.20 16.55
C HIS K 681 -85.77 -25.74 16.21
N LYS K 682 -86.84 -24.96 16.07
CA LYS K 682 -86.71 -23.53 15.79
C LYS K 682 -87.69 -22.72 16.63
N ARG K 683 -87.26 -21.55 17.08
CA ARG K 683 -88.10 -20.66 17.87
C ARG K 683 -88.61 -21.35 19.13
N SER K 684 -87.79 -22.22 19.70
CA SER K 684 -88.16 -22.98 20.89
C SER K 684 -89.38 -23.86 20.64
N ARG K 685 -89.55 -24.27 19.38
CA ARG K 685 -90.66 -25.13 19.00
C ARG K 685 -90.15 -26.35 18.25
N PHE K 686 -90.95 -27.41 18.23
CA PHE K 686 -90.57 -28.65 17.54
C PHE K 686 -91.49 -28.95 16.37
N ILE K 687 -90.95 -28.89 15.16
CA ILE K 687 -91.72 -29.12 13.95
C ILE K 687 -91.27 -30.38 13.25
N GLN K 688 -92.20 -31.31 13.05
CA GLN K 688 -91.90 -32.54 12.32
C GLN K 688 -91.99 -32.31 10.82
N VAL K 689 -90.93 -32.67 10.11
CA VAL K 689 -90.87 -32.46 8.66
C VAL K 689 -90.63 -33.76 7.91
N GLY K 690 -90.22 -34.80 8.64
CA GLY K 690 -89.91 -36.07 8.01
C GLY K 690 -90.18 -37.26 8.90
N VAL K 691 -90.13 -38.46 8.30
CA VAL K 691 -90.34 -39.70 9.03
C VAL K 691 -89.25 -40.71 8.69
N ILE K 692 -88.53 -41.18 9.71
CA ILE K 692 -87.45 -42.14 9.51
C ILE K 692 -87.93 -43.36 8.72
N SER K 693 -87.35 -43.55 7.54
CA SER K 693 -87.76 -44.65 6.67
C SER K 693 -86.77 -45.80 6.68
N TRP K 694 -85.61 -45.58 6.07
CA TRP K 694 -84.58 -46.62 5.97
C TRP K 694 -83.17 -46.03 6.00
N GLY K 695 -82.20 -46.86 6.38
CA GLY K 695 -80.82 -46.44 6.44
C GLY K 695 -79.94 -47.28 5.53
N VAL K 696 -78.80 -46.72 5.14
CA VAL K 696 -77.87 -47.41 4.25
C VAL K 696 -77.12 -48.53 4.97
N VAL K 697 -76.49 -48.19 6.08
CA VAL K 697 -75.71 -49.15 6.84
C VAL K 697 -76.23 -49.31 8.27
N ASP K 698 -76.65 -50.53 8.61
CA ASP K 698 -77.14 -50.82 9.95
C ASP K 698 -76.00 -50.73 10.96
N VAL K 699 -76.09 -49.76 11.86
CA VAL K 699 -75.03 -49.53 12.85
C VAL K 699 -75.48 -49.93 14.26
N CYS K 700 -76.64 -50.55 14.35
CA CYS K 700 -77.17 -51.00 15.63
C CYS K 700 -77.57 -52.46 15.58
N LYS K 701 -77.02 -53.26 16.49
CA LYS K 701 -77.30 -54.69 16.52
C LYS K 701 -77.60 -55.18 17.94
N ASN K 702 -78.31 -54.34 18.70
CA ASN K 702 -78.70 -54.68 20.07
C ASN K 702 -77.52 -55.01 20.98
N GLN K 703 -76.33 -54.60 20.56
CA GLN K 703 -75.13 -54.81 21.36
C GLN K 703 -74.47 -53.47 21.68
N LYS K 704 -73.73 -52.94 20.73
CA LYS K 704 -73.08 -51.64 20.88
C LYS K 704 -73.21 -50.86 19.58
N ARG K 705 -72.83 -49.57 19.63
CA ARG K 705 -72.85 -48.74 18.44
C ARG K 705 -71.64 -49.04 17.58
N GLN K 706 -71.85 -49.01 16.26
CA GLN K 706 -70.80 -49.38 15.31
C GLN K 706 -69.47 -48.72 15.63
N LYS K 707 -69.49 -47.41 15.87
CA LYS K 707 -68.29 -46.65 16.16
C LYS K 707 -67.39 -46.50 14.93
N GLN K 708 -67.35 -47.54 14.11
CA GLN K 708 -66.55 -47.52 12.88
C GLN K 708 -67.46 -47.40 11.67
N VAL K 709 -68.37 -46.42 11.71
CA VAL K 709 -69.33 -46.21 10.65
C VAL K 709 -68.66 -45.73 9.36
N PRO K 710 -69.11 -46.27 8.22
CA PRO K 710 -68.59 -45.87 6.90
C PRO K 710 -68.92 -44.41 6.60
N ALA K 711 -68.23 -43.83 5.62
CA ALA K 711 -68.46 -42.46 5.23
C ALA K 711 -69.67 -42.34 4.30
N HIS K 712 -70.30 -43.47 4.03
CA HIS K 712 -71.46 -43.50 3.14
C HIS K 712 -72.72 -43.98 3.88
N ALA K 713 -72.61 -44.09 5.20
CA ALA K 713 -73.74 -44.51 6.01
C ALA K 713 -74.77 -43.40 6.13
N ARG K 714 -75.67 -43.32 5.16
CA ARG K 714 -76.66 -42.24 5.12
C ARG K 714 -78.01 -42.72 5.66
N ASP K 715 -78.86 -41.77 6.02
CA ASP K 715 -80.19 -42.07 6.51
C ASP K 715 -81.24 -41.30 5.70
N PHE K 716 -82.28 -42.01 5.25
CA PHE K 716 -83.32 -41.40 4.44
C PHE K 716 -84.64 -41.30 5.21
N HIS K 717 -85.40 -40.25 4.91
CA HIS K 717 -86.67 -40.01 5.57
C HIS K 717 -87.76 -39.68 4.56
N ILE K 718 -88.97 -39.42 5.04
CA ILE K 718 -90.08 -39.10 4.16
C ILE K 718 -90.57 -37.67 4.37
N ASN K 719 -90.34 -36.83 3.36
CA ASN K 719 -90.77 -35.44 3.42
C ASN K 719 -92.29 -35.31 3.53
N LEU K 720 -92.75 -34.73 4.63
CA LEU K 720 -94.19 -34.57 4.87
C LEU K 720 -94.82 -33.61 3.87
N PHE K 721 -94.03 -32.68 3.35
CA PHE K 721 -94.52 -31.72 2.36
C PHE K 721 -94.92 -32.40 1.06
N GLN K 722 -94.57 -33.67 0.92
CA GLN K 722 -94.89 -34.42 -0.28
C GLN K 722 -96.13 -35.28 -0.07
N VAL K 723 -96.43 -35.59 1.18
CA VAL K 723 -97.58 -36.42 1.51
C VAL K 723 -98.68 -35.60 2.19
N LEU K 724 -98.70 -34.30 1.91
CA LEU K 724 -99.69 -33.40 2.49
C LEU K 724 -101.12 -33.75 2.12
N PRO K 725 -101.39 -33.96 0.82
CA PRO K 725 -102.76 -34.29 0.39
C PRO K 725 -103.35 -35.46 1.16
N TRP K 726 -102.51 -36.43 1.53
CA TRP K 726 -102.97 -37.60 2.26
C TRP K 726 -103.21 -37.28 3.73
N LEU K 727 -102.34 -36.45 4.31
CA LEU K 727 -102.45 -36.06 5.71
C LEU K 727 -103.65 -35.15 5.94
N LYS K 728 -103.85 -34.20 5.01
CA LYS K 728 -104.93 -33.23 5.12
C LYS K 728 -106.30 -33.90 5.05
N GLU K 729 -106.38 -35.00 4.32
CA GLU K 729 -107.64 -35.72 4.14
C GLU K 729 -107.96 -36.62 5.33
N LYS K 730 -106.95 -37.34 5.83
CA LYS K 730 -107.14 -38.26 6.94
C LYS K 730 -107.26 -37.54 8.27
N LEU K 731 -106.78 -36.29 8.31
CA LEU K 731 -106.80 -35.50 9.54
C LEU K 731 -107.71 -34.28 9.41
N GLN K 732 -108.76 -34.42 8.62
CA GLN K 732 -109.70 -33.32 8.40
C GLN K 732 -110.56 -33.06 9.63
N ASP K 733 -110.75 -34.10 10.44
CA ASP K 733 -111.56 -33.98 11.65
C ASP K 733 -110.70 -34.04 12.91
N GLU K 734 -109.64 -33.24 12.93
CA GLU K 734 -108.75 -33.18 14.08
C GLU K 734 -108.48 -31.73 14.50
N ASP K 735 -109.13 -30.80 13.81
CA ASP K 735 -108.99 -29.37 14.10
C ASP K 735 -107.53 -28.94 14.07
N LEU K 736 -106.79 -29.41 13.07
CA LEU K 736 -105.39 -29.05 12.92
C LEU K 736 -105.23 -27.85 11.98
N GLY K 737 -106.31 -27.51 11.29
CA GLY K 737 -106.33 -26.35 10.41
C GLY K 737 -105.28 -26.38 9.33
N PHE K 738 -105.41 -27.31 8.39
CA PHE K 738 -104.47 -27.41 7.28
C PHE K 738 -104.74 -26.32 6.24
N LEU K 739 -103.67 -25.78 5.67
CA LEU K 739 -103.79 -24.75 4.66
C LEU K 739 -104.28 -25.32 3.33
N ALA K 740 -104.96 -24.49 2.55
CA ALA K 740 -105.48 -24.92 1.25
C ALA K 740 -104.36 -25.26 0.29
N ALA K 741 -103.84 -24.24 -0.40
CA ALA K 741 -102.76 -24.43 -1.36
C ALA K 741 -103.11 -25.48 -2.41
N GLY L 10 35.09 75.01 31.51
CA GLY L 10 36.12 74.76 30.52
C GLY L 10 36.24 73.28 30.18
N SER L 11 36.75 73.00 29.00
CA SER L 11 36.91 71.62 28.54
C SER L 11 37.94 70.88 29.41
N CYS L 12 37.55 69.70 29.88
CA CYS L 12 38.42 68.88 30.72
C CYS L 12 39.66 68.42 29.94
N SER L 13 40.79 68.36 30.64
CA SER L 13 42.04 67.93 30.02
C SER L 13 42.02 66.44 29.70
N LEU L 14 42.48 66.10 28.50
CA LEU L 14 42.49 64.71 28.05
C LEU L 14 43.77 64.00 28.46
N GLU L 15 44.28 64.34 29.64
CA GLU L 15 45.50 63.71 30.15
C GLU L 15 45.19 62.45 30.93
N GLY L 16 45.70 61.31 30.45
CA GLY L 16 45.47 60.04 31.11
C GLY L 16 44.00 59.74 31.32
N VAL L 17 43.23 59.77 30.23
CA VAL L 17 41.80 59.51 30.29
C VAL L 17 41.37 58.46 29.27
N GLU L 18 42.34 57.94 28.51
CA GLU L 18 42.04 56.94 27.50
C GLU L 18 41.90 55.55 28.15
N ILE L 19 41.93 54.52 27.32
CA ILE L 19 41.75 53.16 27.80
C ILE L 19 42.76 52.20 27.18
N LYS L 20 43.26 51.28 27.99
CA LYS L 20 44.27 50.32 27.53
C LYS L 20 43.68 49.33 26.54
N GLY L 21 44.37 49.13 25.43
CA GLY L 21 43.93 48.21 24.40
C GLY L 21 42.61 48.63 23.78
N GLY L 22 42.45 49.93 23.57
CA GLY L 22 41.24 50.47 22.98
C GLY L 22 41.36 51.93 22.61
N SER L 23 40.23 52.62 22.57
CA SER L 23 40.22 54.03 22.20
C SER L 23 39.01 54.74 22.82
N PHE L 24 38.78 55.98 22.38
CA PHE L 24 37.62 56.74 22.84
C PHE L 24 37.34 57.91 21.91
N ARG L 25 36.16 58.52 22.05
CA ARG L 25 35.75 59.60 21.18
C ARG L 25 35.02 60.70 21.94
N LEU L 26 35.23 61.94 21.52
CA LEU L 26 34.62 63.09 22.19
C LEU L 26 33.23 63.41 21.62
N LEU L 27 32.26 63.54 22.52
CA LEU L 27 30.90 63.85 22.12
C LEU L 27 30.40 65.10 22.84
N GLN L 28 29.27 65.63 22.38
CA GLN L 28 28.68 66.83 22.98
C GLN L 28 29.69 67.97 23.03
N GLU L 29 30.50 68.10 22.00
CA GLU L 29 31.49 69.16 21.89
C GLU L 29 32.53 69.12 23.01
N GLY L 30 32.97 67.92 23.37
CA GLY L 30 34.02 67.75 24.36
C GLY L 30 33.53 67.82 25.79
N GLN L 31 32.22 67.68 25.98
CA GLN L 31 31.63 67.70 27.31
C GLN L 31 31.47 66.29 27.86
N ALA L 32 31.79 65.30 27.04
CA ALA L 32 31.71 63.90 27.43
C ALA L 32 32.43 63.01 26.43
N LEU L 33 33.00 61.92 26.91
CA LEU L 33 33.73 60.99 26.04
C LEU L 33 33.15 59.58 26.11
N GLU L 34 33.32 58.83 25.02
CA GLU L 34 32.82 57.46 24.95
C GLU L 34 33.92 56.49 24.54
N TYR L 35 34.25 55.56 25.43
CA TYR L 35 35.28 54.56 25.14
C TYR L 35 34.83 53.63 24.02
N VAL L 36 35.73 53.38 23.07
CA VAL L 36 35.44 52.51 21.94
C VAL L 36 36.38 51.32 21.91
N CYS L 37 35.92 50.19 22.45
CA CYS L 37 36.72 48.97 22.47
C CYS L 37 36.35 48.06 21.29
N PRO L 38 37.38 47.46 20.65
CA PRO L 38 37.20 46.57 19.50
C PRO L 38 36.24 45.42 19.82
N SER L 39 35.54 44.95 18.81
CA SER L 39 34.58 43.86 18.98
C SER L 39 35.19 42.71 19.79
N GLY L 40 34.44 42.22 20.76
CA GLY L 40 34.91 41.16 21.63
C GLY L 40 35.35 41.68 22.99
N PHE L 41 35.36 43.00 23.12
CA PHE L 41 35.75 43.65 24.37
C PHE L 41 34.78 44.78 24.73
N TYR L 42 34.79 45.16 26.00
CA TYR L 42 33.92 46.23 26.47
C TYR L 42 34.68 47.22 27.34
N PRO L 43 34.32 48.50 27.26
CA PRO L 43 34.94 49.54 28.10
C PRO L 43 34.79 49.24 29.58
N TYR L 44 35.87 49.38 30.33
CA TYR L 44 35.86 49.10 31.76
C TYR L 44 36.49 50.26 32.53
N PRO L 45 35.85 50.68 33.64
CA PRO L 45 34.60 50.11 34.14
C PRO L 45 33.38 50.63 33.37
N VAL L 46 33.23 51.95 33.32
CA VAL L 46 32.07 52.58 32.71
C VAL L 46 32.18 52.70 31.19
N GLN L 47 31.04 52.91 30.53
CA GLN L 47 31.01 53.07 29.09
C GLN L 47 31.47 54.46 28.67
N THR L 48 30.88 55.48 29.27
CA THR L 48 31.22 56.87 28.95
C THR L 48 31.56 57.66 30.20
N ARG L 49 32.08 58.87 30.02
CA ARG L 49 32.44 59.73 31.14
C ARG L 49 31.97 61.16 30.89
N THR L 50 31.59 61.84 31.97
CA THR L 50 31.13 63.22 31.89
C THR L 50 32.24 64.19 32.25
N CYS L 51 32.17 65.39 31.70
CA CYS L 51 33.17 66.42 31.96
C CYS L 51 32.74 67.34 33.08
N ARG L 52 33.15 67.02 34.30
CA ARG L 52 32.84 67.85 35.46
C ARG L 52 33.35 69.28 35.27
N SER L 53 32.73 70.23 35.95
CA SER L 53 33.13 71.63 35.86
C SER L 53 34.31 71.93 36.78
N THR L 54 34.97 70.88 37.24
CA THR L 54 36.12 71.03 38.14
C THR L 54 37.42 70.97 37.37
N GLY L 55 37.34 70.65 36.09
CA GLY L 55 38.51 70.56 35.24
C GLY L 55 38.92 69.12 34.94
N SER L 56 38.38 68.19 35.74
CA SER L 56 38.69 66.78 35.57
C SER L 56 37.45 65.99 35.21
N TRP L 57 37.64 64.87 34.51
CA TRP L 57 36.53 64.01 34.12
C TRP L 57 35.97 63.27 35.33
N SER L 58 34.78 62.70 35.16
CA SER L 58 34.13 61.96 36.24
C SER L 58 34.96 60.74 36.63
N THR L 59 35.11 60.52 37.94
CA THR L 59 35.91 59.41 38.45
C THR L 59 35.39 58.07 37.93
N LEU L 60 36.29 57.10 37.80
CA LEU L 60 35.93 55.78 37.30
C LEU L 60 35.27 54.93 38.37
N LYS L 61 33.94 54.94 38.39
CA LYS L 61 33.19 54.16 39.37
C LYS L 61 32.61 52.89 38.74
N THR L 62 32.88 51.75 39.38
CA THR L 62 32.36 50.48 38.91
C THR L 62 30.90 50.30 39.31
N GLN L 63 30.49 49.05 39.49
CA GLN L 63 29.13 48.75 39.94
C GLN L 63 29.06 48.74 41.45
N ASP L 64 30.16 48.31 42.09
CA ASP L 64 30.25 48.28 43.54
C ASP L 64 30.74 49.62 44.07
N GLN L 65 30.56 50.67 43.28
CA GLN L 65 30.97 52.01 43.65
C GLN L 65 32.45 52.04 44.02
N LYS L 66 33.27 51.37 43.23
CA LYS L 66 34.70 51.28 43.48
C LYS L 66 35.48 52.18 42.54
N THR L 67 36.56 52.77 43.06
CA THR L 67 37.40 53.67 42.27
C THR L 67 38.46 52.92 41.48
N VAL L 68 38.51 53.19 40.17
CA VAL L 68 39.49 52.56 39.30
C VAL L 68 40.44 53.59 38.72
N ARG L 69 41.73 53.25 38.67
CA ARG L 69 42.76 54.17 38.16
C ARG L 69 42.81 54.15 36.64
N LYS L 70 43.27 53.04 36.08
CA LYS L 70 43.42 52.92 34.63
C LYS L 70 42.28 52.10 34.02
N ALA L 71 41.65 52.65 32.99
CA ALA L 71 40.58 51.96 32.29
C ALA L 71 41.17 50.91 31.34
N GLU L 72 40.53 49.75 31.28
CA GLU L 72 41.01 48.66 30.44
C GLU L 72 39.88 48.03 29.62
N CYS L 73 40.26 47.34 28.54
CA CYS L 73 39.30 46.64 27.71
C CYS L 73 39.31 45.14 27.99
N ARG L 74 38.33 44.68 28.77
CA ARG L 74 38.23 43.26 29.10
C ARG L 74 37.27 42.56 28.15
N ALA L 75 37.52 41.26 27.92
CA ALA L 75 36.70 40.48 27.00
C ALA L 75 35.27 40.31 27.53
N ILE L 76 34.36 39.96 26.64
CA ILE L 76 32.96 39.76 27.01
C ILE L 76 32.78 38.39 27.65
N HIS L 77 32.62 38.37 28.97
CA HIS L 77 32.44 37.13 29.71
C HIS L 77 31.00 36.97 30.20
N CYS L 78 30.64 35.74 30.56
CA CYS L 78 29.33 35.47 31.12
C CYS L 78 29.46 35.13 32.60
N PRO L 79 28.41 35.43 33.39
CA PRO L 79 28.39 35.17 34.83
C PRO L 79 28.74 33.73 35.15
N ARG L 80 29.53 33.52 36.19
CA ARG L 80 29.93 32.18 36.60
C ARG L 80 28.99 31.63 37.66
N PRO L 81 28.45 30.43 37.42
CA PRO L 81 27.57 29.75 38.38
C PRO L 81 28.31 29.38 39.66
N HIS L 82 28.49 30.35 40.54
CA HIS L 82 29.22 30.12 41.78
C HIS L 82 28.34 29.50 42.86
N ASP L 83 27.22 28.92 42.44
CA ASP L 83 26.29 28.28 43.37
C ASP L 83 25.28 27.42 42.62
N PHE L 84 25.34 26.11 42.87
CA PHE L 84 24.42 25.17 42.24
C PHE L 84 24.20 23.96 43.14
N GLU L 85 22.95 23.63 43.40
CA GLU L 85 22.61 22.55 44.32
C GLU L 85 21.86 21.41 43.64
N ASN L 86 21.87 20.24 44.27
CA ASN L 86 21.14 19.08 43.78
C ASN L 86 21.53 18.67 42.36
N GLY L 87 22.78 18.98 41.99
CA GLY L 87 23.27 18.63 40.67
C GLY L 87 24.73 18.98 40.46
N GLU L 88 25.14 19.03 39.19
CA GLU L 88 26.52 19.35 38.84
C GLU L 88 26.59 19.95 37.44
N TYR L 89 27.38 21.01 37.30
CA TYR L 89 27.55 21.68 36.00
C TYR L 89 28.99 21.57 35.54
N TRP L 90 29.19 21.49 34.23
CA TRP L 90 30.53 21.36 33.66
C TRP L 90 30.57 21.83 32.22
N PRO L 91 31.75 22.29 31.77
CA PRO L 91 32.97 22.39 32.56
C PRO L 91 32.98 23.62 33.46
N ARG L 92 33.94 23.68 34.38
CA ARG L 92 34.09 24.85 35.24
C ARG L 92 35.36 25.63 34.91
N SER L 93 35.22 26.93 34.72
CA SER L 93 36.35 27.78 34.37
C SER L 93 36.29 29.12 35.10
N PRO L 94 37.48 29.72 35.35
CA PRO L 94 37.58 31.02 36.01
C PRO L 94 36.83 32.11 35.26
N TYR L 95 36.44 31.82 34.03
CA TYR L 95 35.67 32.76 33.21
C TYR L 95 35.21 32.09 31.91
N TYR L 96 34.04 32.47 31.43
CA TYR L 96 33.50 31.88 30.21
C TYR L 96 33.45 32.88 29.05
N ASN L 97 34.23 32.60 28.02
CA ASN L 97 34.24 33.44 26.83
C ASN L 97 32.95 33.30 26.03
N VAL L 98 32.94 33.88 24.83
CA VAL L 98 31.76 33.81 23.97
C VAL L 98 31.62 32.42 23.37
N SER L 99 30.37 32.04 23.07
CA SER L 99 30.07 30.74 22.47
C SER L 99 30.60 29.56 23.26
N ASP L 100 30.78 29.75 24.56
CA ASP L 100 31.19 28.66 25.44
C ASP L 100 29.97 27.94 25.99
N GLU L 101 29.99 26.61 25.94
CA GLU L 101 28.84 25.81 26.36
C GLU L 101 29.07 25.13 27.70
N ILE L 102 28.00 25.07 28.50
CA ILE L 102 28.03 24.35 29.78
C ILE L 102 26.76 23.54 29.96
N SER L 103 26.89 22.36 30.55
CA SER L 103 25.75 21.47 30.73
C SER L 103 25.44 21.25 32.21
N PHE L 104 24.16 20.97 32.49
CA PHE L 104 23.72 20.72 33.86
C PHE L 104 23.13 19.33 33.99
N HIS L 105 23.33 18.71 35.15
CA HIS L 105 22.82 17.36 35.39
C HIS L 105 22.54 17.14 36.88
N CYS L 106 21.29 16.81 37.20
CA CYS L 106 20.87 16.61 38.58
C CYS L 106 21.31 15.25 39.11
N TYR L 107 21.30 15.11 40.43
CA TYR L 107 21.66 13.84 41.07
C TYR L 107 20.52 12.82 40.93
N ASP L 108 20.72 11.65 41.51
CA ASP L 108 19.70 10.60 41.47
C ASP L 108 18.52 10.94 42.37
N GLY L 109 17.33 10.92 41.80
CA GLY L 109 16.13 11.25 42.56
C GLY L 109 15.70 12.69 42.36
N TYR L 110 16.35 13.38 41.43
CA TYR L 110 16.04 14.77 41.13
C TYR L 110 15.65 14.96 39.68
N THR L 111 14.65 15.82 39.45
CA THR L 111 14.20 16.12 38.10
C THR L 111 14.82 17.42 37.60
N LEU L 112 15.26 17.42 36.35
CA LEU L 112 15.87 18.61 35.76
C LEU L 112 14.89 19.35 34.86
N ARG L 113 14.54 20.57 35.27
CA ARG L 113 13.66 21.42 34.46
C ARG L 113 14.45 22.57 33.85
N GLY L 114 14.07 22.97 32.64
CA GLY L 114 14.74 24.05 31.95
C GLY L 114 15.70 23.56 30.89
N SER L 115 16.67 24.40 30.54
CA SER L 115 17.65 24.04 29.53
C SER L 115 18.87 23.36 30.13
N ALA L 116 19.14 22.15 29.69
CA ALA L 116 20.29 21.39 30.19
C ALA L 116 21.59 21.95 29.62
N ASN L 117 21.56 22.32 28.34
CA ASN L 117 22.73 22.89 27.69
C ASN L 117 22.55 24.39 27.41
N ARG L 118 23.47 25.19 27.93
CA ARG L 118 23.40 26.64 27.75
C ARG L 118 24.70 27.19 27.18
N THR L 119 24.58 28.11 26.23
CA THR L 119 25.75 28.68 25.57
C THR L 119 25.85 30.18 25.81
N CYS L 120 27.06 30.64 26.09
CA CYS L 120 27.31 32.06 26.30
C CYS L 120 27.15 32.83 25.00
N GLN L 121 26.23 33.78 24.99
CA GLN L 121 25.95 34.58 23.80
C GLN L 121 26.82 35.83 23.75
N VAL L 122 26.63 36.63 22.71
CA VAL L 122 27.38 37.86 22.53
C VAL L 122 26.90 38.95 23.49
N ASN L 123 25.64 38.84 23.92
CA ASN L 123 25.06 39.81 24.85
C ASN L 123 25.46 39.54 26.29
N GLY L 124 26.55 38.81 26.47
CA GLY L 124 27.06 38.51 27.80
C GLY L 124 26.10 37.74 28.67
N ARG L 125 25.19 37.00 28.03
CA ARG L 125 24.19 36.21 28.76
C ARG L 125 24.19 34.76 28.29
N TRP L 126 23.57 33.89 29.07
CA TRP L 126 23.46 32.48 28.72
C TRP L 126 22.15 32.20 28.00
N SER L 127 22.23 31.34 26.98
CA SER L 127 21.05 30.97 26.21
C SER L 127 20.15 30.03 27.02
N GLY L 128 18.91 29.86 26.55
CA GLY L 128 17.97 28.99 27.22
C GLY L 128 17.51 29.52 28.56
N GLN L 129 16.82 28.68 29.31
CA GLN L 129 16.30 29.07 30.62
C GLN L 129 17.24 28.62 31.74
N THR L 130 16.87 28.95 32.97
CA THR L 130 17.69 28.61 34.13
C THR L 130 17.55 27.13 34.49
N ALA L 131 18.68 26.48 34.74
CA ALA L 131 18.70 25.08 35.11
C ALA L 131 18.40 24.89 36.59
N ILE L 132 17.38 24.09 36.89
CA ILE L 132 16.97 23.85 38.27
C ILE L 132 16.80 22.35 38.53
N CYS L 133 17.37 21.88 39.64
CA CYS L 133 17.26 20.48 40.01
C CYS L 133 16.36 20.31 41.24
N ASP L 134 15.09 20.00 40.99
CA ASP L 134 14.11 19.87 42.07
C ASP L 134 13.69 18.42 42.29
N ASN L 135 13.44 18.07 43.55
CA ASN L 135 12.98 16.73 43.88
C ASN L 135 11.47 16.67 44.03
N GLY L 136 10.84 17.83 44.16
CA GLY L 136 9.40 17.93 44.30
C GLY L 136 8.92 17.43 45.65
N ALA L 137 9.48 17.99 46.72
CA ALA L 137 9.12 17.60 48.08
C ALA L 137 8.60 18.78 48.88
N GLY L 138 8.68 19.97 48.30
CA GLY L 138 8.22 21.18 48.98
C GLY L 138 6.89 21.65 48.45
N TYR L 139 6.19 22.46 49.25
CA TYR L 139 4.88 23.00 48.85
C TYR L 139 5.01 23.74 47.53
N CYS L 140 6.10 24.48 47.37
CA CYS L 140 6.38 25.19 46.13
C CYS L 140 7.61 24.61 45.45
N SER L 141 7.63 24.66 44.12
CA SER L 141 8.76 24.15 43.35
C SER L 141 10.04 24.89 43.69
N ASN L 142 11.17 24.21 43.56
CA ASN L 142 12.47 24.82 43.84
C ASN L 142 12.73 26.05 42.98
N PRO L 143 12.85 27.22 43.61
CA PRO L 143 13.10 28.49 42.92
C PRO L 143 14.36 28.42 42.05
N GLY L 144 15.27 27.51 42.39
CA GLY L 144 16.49 27.34 41.64
C GLY L 144 17.49 28.46 41.89
N ILE L 145 18.68 28.33 41.31
CA ILE L 145 19.72 29.33 41.46
C ILE L 145 20.22 29.82 40.12
N PRO L 146 19.68 30.95 39.65
CA PRO L 146 20.06 31.56 38.37
C PRO L 146 21.57 31.72 38.26
N ILE L 147 22.11 31.51 37.06
CA ILE L 147 23.54 31.61 36.84
C ILE L 147 24.08 32.97 37.27
N GLY L 148 24.98 32.96 38.23
CA GLY L 148 25.59 34.19 38.72
C GLY L 148 25.07 34.61 40.08
N THR L 149 23.94 34.04 40.48
CA THR L 149 23.33 34.38 41.77
C THR L 149 23.70 33.38 42.85
N ARG L 150 23.20 33.61 44.06
CA ARG L 150 23.45 32.73 45.19
C ARG L 150 22.24 32.68 46.11
N LYS L 151 21.51 31.57 46.05
CA LYS L 151 20.30 31.42 46.86
C LYS L 151 20.60 31.01 48.29
N VAL L 152 19.90 31.62 49.24
CA VAL L 152 20.05 31.29 50.65
C VAL L 152 18.72 30.81 51.22
N GLY L 153 18.55 29.50 51.32
CA GLY L 153 17.33 28.93 51.83
C GLY L 153 16.96 27.64 51.09
N SER L 154 17.06 26.52 51.79
CA SER L 154 16.77 25.22 51.20
C SER L 154 15.31 24.82 51.43
N GLN L 155 14.70 25.40 52.46
CA GLN L 155 13.31 25.11 52.78
C GLN L 155 12.36 25.77 51.79
N TYR L 156 11.48 24.97 51.18
CA TYR L 156 10.52 25.48 50.21
C TYR L 156 9.10 25.26 50.69
N ARG L 157 8.91 25.26 52.01
CA ARG L 157 7.59 25.09 52.60
C ARG L 157 6.72 26.31 52.33
N LEU L 158 5.56 26.37 52.96
CA LEU L 158 4.66 27.51 52.81
C LEU L 158 5.12 28.65 53.71
N GLU L 159 4.99 29.88 53.21
CA GLU L 159 5.37 31.08 53.96
C GLU L 159 6.89 31.23 54.08
N ASP L 160 7.63 30.20 53.67
CA ASP L 160 9.08 30.26 53.68
C ASP L 160 9.60 31.24 52.63
N SER L 161 10.84 31.67 52.78
CA SER L 161 11.42 32.64 51.86
C SER L 161 12.85 32.29 51.49
N VAL L 162 13.34 32.89 50.40
CA VAL L 162 14.71 32.69 49.94
C VAL L 162 15.32 34.01 49.48
N THR L 163 16.60 34.20 49.75
CA THR L 163 17.29 35.43 49.37
C THR L 163 18.36 35.16 48.31
N TYR L 164 18.60 36.15 47.46
CA TYR L 164 19.59 36.01 46.39
C TYR L 164 20.66 37.10 46.48
N HIS L 165 21.87 36.76 46.04
CA HIS L 165 22.98 37.70 46.04
C HIS L 165 23.88 37.48 44.82
N CYS L 166 24.11 38.55 44.07
CA CYS L 166 24.96 38.48 42.89
C CYS L 166 26.44 38.63 43.25
N SER L 167 27.31 38.30 42.30
CA SER L 167 28.75 38.41 42.51
C SER L 167 29.17 39.87 42.59
N ARG L 168 30.43 40.10 42.94
CA ARG L 168 30.96 41.46 43.06
C ARG L 168 31.10 42.12 41.70
N GLY L 169 30.43 43.26 41.53
CA GLY L 169 30.50 43.99 40.28
C GLY L 169 29.27 43.79 39.41
N LEU L 170 28.29 43.05 39.94
CA LEU L 170 27.07 42.78 39.20
C LEU L 170 25.85 43.39 39.90
N THR L 171 24.90 43.85 39.09
CA THR L 171 23.67 44.44 39.62
C THR L 171 22.53 43.42 39.59
N LEU L 172 21.95 43.16 40.75
CA LEU L 172 20.86 42.21 40.87
C LEU L 172 19.57 42.77 40.26
N ARG L 173 19.04 42.06 39.27
CA ARG L 173 17.78 42.44 38.65
C ARG L 173 16.65 41.53 39.10
N GLY L 174 15.50 42.13 39.43
CA GLY L 174 14.35 41.38 39.90
C GLY L 174 14.20 41.45 41.40
N SER L 175 13.82 40.33 42.00
CA SER L 175 13.61 40.27 43.45
C SER L 175 14.81 39.64 44.15
N GLN L 176 15.17 40.20 45.30
CA GLN L 176 16.25 39.64 46.10
C GLN L 176 15.68 38.70 47.17
N ARG L 177 14.38 38.78 47.36
CA ARG L 177 13.67 37.93 48.31
C ARG L 177 12.34 37.45 47.74
N ARG L 178 12.13 36.14 47.77
CA ARG L 178 10.88 35.57 47.27
C ARG L 178 10.26 34.66 48.34
N THR L 179 8.97 34.87 48.60
CA THR L 179 8.27 34.11 49.62
C THR L 179 7.26 33.14 48.99
N CYS L 180 7.30 31.89 49.42
CA CYS L 180 6.38 30.88 48.92
C CYS L 180 4.95 31.16 49.36
N GLN L 181 4.17 31.77 48.48
CA GLN L 181 2.79 32.14 48.80
C GLN L 181 1.85 30.94 48.68
N GLU L 182 0.70 31.05 49.32
CA GLU L 182 -0.31 29.99 49.27
C GLU L 182 -0.81 29.78 47.84
N GLY L 183 -0.77 28.53 47.39
CA GLY L 183 -1.22 28.20 46.05
C GLY L 183 -0.07 27.73 45.16
N GLY L 184 1.05 27.40 45.78
CA GLY L 184 2.21 26.93 45.04
C GLY L 184 2.75 27.96 44.06
N SER L 185 3.29 29.05 44.59
CA SER L 185 3.84 30.11 43.76
C SER L 185 4.69 31.07 44.59
N TRP L 186 5.90 31.36 44.11
CA TRP L 186 6.80 32.28 44.79
C TRP L 186 6.52 33.73 44.42
N SER L 187 6.56 34.61 45.41
CA SER L 187 6.31 36.03 45.19
C SER L 187 7.46 36.64 44.40
N GLY L 188 7.22 37.85 43.86
CA GLY L 188 8.24 38.54 43.09
C GLY L 188 8.59 37.82 41.81
N THR L 189 9.75 38.15 41.24
CA THR L 189 10.19 37.53 40.00
C THR L 189 11.54 36.85 40.16
N GLU L 190 11.90 36.03 39.19
CA GLU L 190 13.18 35.31 39.23
C GLU L 190 14.35 36.28 39.05
N PRO L 191 15.32 36.22 39.97
CA PRO L 191 16.51 37.09 39.95
C PRO L 191 17.34 36.86 38.69
N SER L 192 18.30 37.76 38.45
CA SER L 192 19.18 37.64 37.29
C SER L 192 20.32 38.65 37.37
N CYS L 193 21.52 38.15 37.66
CA CYS L 193 22.69 39.00 37.78
C CYS L 193 23.06 39.66 36.47
N GLN L 194 23.02 40.99 36.44
CA GLN L 194 23.37 41.76 35.26
C GLN L 194 24.72 42.45 35.46
N ASP L 195 25.40 42.75 34.36
CA ASP L 195 26.69 43.43 34.43
C ASP L 195 26.58 44.87 33.96
N SER L 196 27.45 45.26 33.03
CA SER L 196 27.46 46.62 32.52
C SER L 196 27.66 46.64 31.00
N PHE L 197 27.07 45.68 30.32
CA PHE L 197 27.20 45.58 28.86
C PHE L 197 26.30 44.49 28.30
N MET L 198 25.49 43.88 29.16
CA MET L 198 24.62 42.78 28.75
C MET L 198 23.47 43.25 27.87
N TYR L 199 22.93 44.42 28.19
CA TYR L 199 21.81 45.00 27.45
C TYR L 199 20.71 43.98 27.14
N ASP L 200 19.83 44.34 26.21
CA ASP L 200 18.75 43.47 25.79
C ASP L 200 18.44 43.67 24.31
N THR L 201 18.47 42.58 23.55
CA THR L 201 18.21 42.66 22.11
C THR L 201 16.80 43.17 21.89
N PRO L 202 16.57 43.92 20.79
CA PRO L 202 15.27 44.48 20.44
C PRO L 202 14.15 43.43 20.56
N GLN L 203 14.47 42.18 20.25
CA GLN L 203 13.51 41.10 20.33
C GLN L 203 13.23 40.71 21.79
N GLU L 204 14.29 40.54 22.57
CA GLU L 204 14.16 40.18 23.98
C GLU L 204 13.27 41.16 24.73
N VAL L 205 13.39 42.44 24.37
CA VAL L 205 12.61 43.47 25.02
C VAL L 205 11.14 43.39 24.60
N ALA L 206 10.90 43.42 23.30
CA ALA L 206 9.55 43.39 22.75
C ALA L 206 8.81 42.12 23.15
N GLU L 207 9.54 41.01 23.23
CA GLU L 207 8.94 39.72 23.53
C GLU L 207 8.57 39.61 25.00
N ALA L 208 9.42 40.14 25.87
CA ALA L 208 9.18 40.09 27.31
C ALA L 208 8.24 41.21 27.76
N PHE L 209 8.14 42.26 26.95
CA PHE L 209 7.29 43.39 27.28
C PHE L 209 5.82 43.07 26.99
N LEU L 210 5.56 42.51 25.82
CA LEU L 210 4.20 42.16 25.43
C LEU L 210 3.67 40.99 26.26
N SER L 211 4.52 39.99 26.47
CA SER L 211 4.13 38.81 27.24
C SER L 211 3.77 39.18 28.67
N SER L 212 4.16 40.38 29.08
CA SER L 212 3.86 40.86 30.43
C SER L 212 2.78 41.94 30.41
N LEU L 213 2.60 42.57 29.26
CA LEU L 213 1.62 43.64 29.12
C LEU L 213 0.28 43.10 28.63
N THR L 214 0.31 42.37 27.52
CA THR L 214 -0.91 41.82 26.92
C THR L 214 -1.71 41.01 27.93
N GLU L 215 -1.01 40.24 28.76
CA GLU L 215 -1.67 39.42 29.78
C GLU L 215 -2.36 40.32 30.80
N THR L 216 -1.75 41.48 31.06
CA THR L 216 -2.34 42.46 31.99
C THR L 216 -3.44 43.25 31.30
N ILE L 217 -3.64 42.96 30.01
CA ILE L 217 -4.69 43.62 29.25
C ILE L 217 -5.87 42.67 29.03
N GLU L 218 -5.57 41.39 28.85
CA GLU L 218 -6.59 40.37 28.65
C GLU L 218 -7.56 40.33 29.83
N GLY L 219 -7.00 40.41 31.05
CA GLY L 219 -7.81 40.40 32.25
C GLY L 219 -8.64 41.66 32.40
N VAL L 220 -8.15 42.75 31.80
CA VAL L 220 -8.85 44.03 31.86
C VAL L 220 -10.22 43.92 31.19
N ASP L 221 -10.33 43.06 30.18
CA ASP L 221 -11.57 42.87 29.46
C ASP L 221 -12.53 41.95 30.22
N ALA L 222 -13.17 42.48 31.26
CA ALA L 222 -14.12 41.72 32.03
C ALA L 222 -15.00 42.61 32.91
N GLU L 223 -16.06 43.22 32.35
CA GLU L 223 -16.41 43.12 30.93
C GLU L 223 -16.51 41.69 30.39
N PRO L 240 -14.43 56.20 26.16
CA PRO L 240 -14.95 55.51 27.35
C PRO L 240 -15.81 54.31 26.96
N SER L 241 -15.55 53.15 27.55
CA SER L 241 -14.46 53.00 28.52
C SER L 241 -13.69 51.71 28.24
N GLY L 242 -12.41 51.69 28.66
CA GLY L 242 -11.79 52.80 29.34
C GLY L 242 -11.58 52.52 30.81
N SER L 243 -11.29 51.27 31.14
CA SER L 243 -11.09 50.86 32.53
C SER L 243 -9.63 50.54 32.80
N MET L 244 -8.73 51.20 32.07
CA MET L 244 -7.31 51.02 32.24
C MET L 244 -6.57 52.31 31.95
N ASN L 245 -5.63 52.67 32.81
CA ASN L 245 -4.87 53.92 32.65
C ASN L 245 -3.41 53.68 32.29
N ILE L 246 -2.92 54.46 31.33
CA ILE L 246 -1.53 54.37 30.91
C ILE L 246 -0.80 55.69 31.15
N TYR L 247 0.12 55.68 32.11
CA TYR L 247 0.85 56.88 32.48
C TYR L 247 2.23 56.93 31.82
N LEU L 248 2.38 57.81 30.85
CA LEU L 248 3.65 57.94 30.13
C LEU L 248 4.53 59.03 30.74
N VAL L 249 5.48 58.63 31.56
CA VAL L 249 6.40 59.57 32.20
C VAL L 249 7.75 59.61 31.49
N LEU L 250 8.00 60.68 30.74
CA LEU L 250 9.25 60.82 30.01
C LEU L 250 10.24 61.73 30.74
N ASP L 251 11.50 61.31 30.78
CA ASP L 251 12.54 62.09 31.44
C ASP L 251 13.24 63.03 30.47
N GLY L 252 13.24 64.32 30.79
CA GLY L 252 13.85 65.32 29.93
C GLY L 252 15.02 66.04 30.57
N SER L 253 15.66 65.38 31.52
CA SER L 253 16.81 65.96 32.20
C SER L 253 17.96 66.22 31.24
N GLY L 254 18.92 67.04 31.67
CA GLY L 254 20.06 67.37 30.84
C GLY L 254 21.12 66.29 30.84
N SER L 255 20.78 65.15 31.43
CA SER L 255 21.72 64.03 31.54
C SER L 255 21.40 62.95 30.52
N ILE L 256 20.45 63.22 29.64
CA ILE L 256 20.04 62.25 28.62
C ILE L 256 20.47 62.67 27.22
N GLY L 257 20.21 63.94 26.89
CA GLY L 257 20.58 64.46 25.58
C GLY L 257 19.41 64.42 24.60
N ALA L 258 19.33 65.42 23.74
CA ALA L 258 18.25 65.51 22.76
C ALA L 258 18.24 64.27 21.86
N SER L 259 19.39 63.65 21.70
CA SER L 259 19.51 62.46 20.87
C SER L 259 18.67 61.31 21.42
N ASP L 260 18.96 60.90 22.65
CA ASP L 260 18.26 59.78 23.27
C ASP L 260 16.88 60.18 23.79
N PHE L 261 16.56 61.47 23.68
CA PHE L 261 15.26 61.96 24.14
C PHE L 261 14.22 61.92 23.02
N THR L 262 14.53 62.60 21.92
CA THR L 262 13.62 62.65 20.77
C THR L 262 13.31 61.24 20.26
N GLY L 263 14.25 60.32 20.45
CA GLY L 263 14.06 58.94 20.05
C GLY L 263 13.09 58.23 20.97
N ALA L 264 13.08 58.63 22.23
CA ALA L 264 12.17 58.03 23.21
C ALA L 264 10.73 58.48 22.95
N LYS L 265 10.58 59.67 22.38
CA LYS L 265 9.26 60.19 22.03
C LYS L 265 8.63 59.33 20.93
N LYS L 266 9.34 59.22 19.82
CA LYS L 266 8.88 58.39 18.71
C LYS L 266 8.63 56.96 19.18
N CYS L 267 9.42 56.53 20.15
CA CYS L 267 9.28 55.19 20.72
C CYS L 267 7.93 55.03 21.39
N LEU L 268 7.44 56.10 22.03
CA LEU L 268 6.14 56.08 22.69
C LEU L 268 5.01 56.24 21.69
N VAL L 269 5.25 57.03 20.65
CA VAL L 269 4.25 57.26 19.61
C VAL L 269 3.76 55.95 19.04
N ASN L 270 4.69 55.07 18.70
CA ASN L 270 4.34 53.76 18.15
C ASN L 270 3.64 52.87 19.17
N LEU L 271 3.94 53.10 20.44
CA LEU L 271 3.33 52.32 21.52
C LEU L 271 1.83 52.58 21.61
N ILE L 272 1.45 53.86 21.54
CA ILE L 272 0.04 54.23 21.59
C ILE L 272 -0.73 53.63 20.43
N GLU L 273 -0.17 53.74 19.24
CA GLU L 273 -0.80 53.18 18.03
C GLU L 273 -0.85 51.66 18.13
N LYS L 274 0.15 51.08 18.78
CA LYS L 274 0.21 49.63 18.98
C LYS L 274 -0.95 49.16 19.85
N VAL L 275 -1.20 49.87 20.94
CA VAL L 275 -2.29 49.54 21.83
C VAL L 275 -3.63 49.78 21.13
N ALA L 276 -3.64 50.75 20.22
CA ALA L 276 -4.84 51.10 19.48
C ALA L 276 -5.26 49.98 18.52
N SER L 277 -4.28 49.23 18.02
CA SER L 277 -4.56 48.15 17.10
C SER L 277 -5.32 47.02 17.79
N TYR L 278 -5.28 47.00 19.11
CA TYR L 278 -6.00 46.00 19.89
C TYR L 278 -7.46 46.40 20.07
N GLY L 279 -7.86 47.51 19.45
CA GLY L 279 -9.22 47.99 19.55
C GLY L 279 -9.58 48.44 20.96
N VAL L 280 -8.57 48.78 21.74
CA VAL L 280 -8.78 49.24 23.10
C VAL L 280 -8.41 50.72 23.25
N LYS L 281 -9.26 51.48 23.93
CA LYS L 281 -9.03 52.90 24.12
C LYS L 281 -8.93 53.26 25.59
N PRO L 282 -7.75 53.05 26.19
CA PRO L 282 -7.48 53.35 27.61
C PRO L 282 -7.40 54.85 27.86
N ARG L 283 -7.03 55.23 29.08
CA ARG L 283 -6.86 56.63 29.44
C ARG L 283 -5.37 56.94 29.61
N TYR L 284 -4.84 57.77 28.72
CA TYR L 284 -3.41 58.09 28.74
C TYR L 284 -3.10 59.30 29.62
N GLY L 285 -1.83 59.43 30.00
CA GLY L 285 -1.37 60.54 30.81
C GLY L 285 0.08 60.85 30.54
N LEU L 286 0.32 61.81 29.65
CA LEU L 286 1.69 62.19 29.27
C LEU L 286 2.28 63.21 30.23
N VAL L 287 3.44 62.89 30.78
CA VAL L 287 4.11 63.77 31.74
C VAL L 287 5.62 63.75 31.56
N THR L 288 6.19 64.88 31.17
CA THR L 288 7.64 65.01 31.06
C THR L 288 8.17 65.82 32.25
N TYR L 289 9.19 65.28 32.92
CA TYR L 289 9.71 65.92 34.13
C TYR L 289 11.19 66.23 34.02
N ALA L 290 11.63 67.20 34.84
CA ALA L 290 13.03 67.56 34.94
C ALA L 290 13.33 67.98 36.37
N THR L 291 13.39 69.28 36.61
CA THR L 291 13.50 69.79 37.97
C THR L 291 12.10 69.81 38.58
N TYR L 292 11.09 69.94 37.71
CA TYR L 292 9.71 69.94 38.13
C TYR L 292 8.86 69.22 37.08
N PRO L 293 7.83 68.49 37.53
CA PRO L 293 6.94 67.76 36.62
C PRO L 293 6.19 68.71 35.67
N LYS L 294 5.84 68.19 34.50
CA LYS L 294 5.06 68.98 33.53
C LYS L 294 3.99 68.11 32.88
N ILE L 295 2.75 68.27 33.34
CA ILE L 295 1.64 67.46 32.86
C ILE L 295 1.07 68.00 31.55
N TRP L 296 1.13 67.18 30.50
CA TRP L 296 0.57 67.55 29.21
C TRP L 296 -0.82 66.94 29.03
N VAL L 297 -0.98 65.71 29.49
CA VAL L 297 -2.25 65.01 29.39
C VAL L 297 -2.63 64.38 30.72
N LYS L 298 -3.86 64.65 31.17
CA LYS L 298 -4.35 64.11 32.43
C LYS L 298 -5.45 63.09 32.19
N VAL L 299 -5.45 62.02 32.99
CA VAL L 299 -6.41 60.94 32.82
C VAL L 299 -7.84 61.39 33.10
N SER L 300 -7.99 62.52 33.78
CA SER L 300 -9.31 63.04 34.12
C SER L 300 -9.92 63.83 32.97
N GLU L 301 -9.09 64.14 31.96
CA GLU L 301 -9.54 64.88 30.79
C GLU L 301 -10.43 64.00 29.91
N ALA L 302 -11.26 64.65 29.09
CA ALA L 302 -12.16 63.93 28.20
C ALA L 302 -11.45 63.55 26.90
N ASP L 303 -10.20 63.95 26.77
CA ASP L 303 -9.41 63.66 25.58
C ASP L 303 -8.30 62.66 25.89
N SER L 304 -8.30 62.13 27.10
CA SER L 304 -7.30 61.17 27.52
C SER L 304 -7.48 59.83 26.81
N SER L 305 -8.71 59.56 26.39
CA SER L 305 -9.02 58.31 25.70
C SER L 305 -8.72 58.41 24.21
N ASN L 306 -8.61 59.64 23.72
CA ASN L 306 -8.32 59.87 22.31
C ASN L 306 -6.83 59.65 22.00
N ALA L 307 -6.53 58.50 21.41
CA ALA L 307 -5.15 58.14 21.10
C ALA L 307 -4.47 59.18 20.20
N ASP L 308 -5.23 59.73 19.26
CA ASP L 308 -4.70 60.71 18.32
C ASP L 308 -4.17 61.94 19.04
N TRP L 309 -5.01 62.55 19.87
CA TRP L 309 -4.64 63.77 20.57
C TRP L 309 -3.41 63.56 21.45
N VAL L 310 -3.38 62.45 22.18
CA VAL L 310 -2.24 62.14 23.04
C VAL L 310 -0.95 62.03 22.23
N THR L 311 -1.07 61.56 21.00
CA THR L 311 0.08 61.42 20.12
C THR L 311 0.60 62.78 19.67
N LYS L 312 -0.31 63.69 19.34
CA LYS L 312 0.06 65.03 18.91
C LYS L 312 0.69 65.83 20.05
N GLN L 313 0.19 65.60 21.26
CA GLN L 313 0.76 66.24 22.44
C GLN L 313 2.17 65.70 22.70
N LEU L 314 2.40 64.47 22.26
CA LEU L 314 3.70 63.83 22.42
C LEU L 314 4.67 64.35 21.35
N ASN L 315 4.13 65.03 20.35
CA ASN L 315 4.94 65.58 19.28
C ASN L 315 5.31 67.04 19.52
N GLU L 316 4.40 67.78 20.14
CA GLU L 316 4.61 69.19 20.41
C GLU L 316 5.72 69.41 21.44
N ILE L 317 5.89 68.44 22.34
CA ILE L 317 6.93 68.53 23.36
C ILE L 317 8.32 68.51 22.73
N ASN L 318 9.27 69.17 23.39
CA ASN L 318 10.63 69.23 22.88
C ASN L 318 11.65 69.15 24.02
N TYR L 319 12.85 68.69 23.71
CA TYR L 319 13.91 68.56 24.71
C TYR L 319 14.34 69.93 25.23
N GLU L 320 14.01 70.97 24.48
CA GLU L 320 14.37 72.34 24.86
C GLU L 320 13.42 72.88 25.93
N ASP L 321 12.35 72.13 26.21
CA ASP L 321 11.38 72.54 27.20
C ASP L 321 11.99 72.56 28.60
N HIS L 322 12.94 71.67 28.83
CA HIS L 322 13.59 71.58 30.14
C HIS L 322 15.09 71.83 30.03
N LYS L 323 15.45 72.96 29.42
CA LYS L 323 16.86 73.32 29.28
C LYS L 323 17.29 74.31 30.35
N LEU L 324 16.41 75.28 30.64
CA LEU L 324 16.68 76.27 31.66
C LEU L 324 16.88 75.62 33.03
N LYS L 325 15.98 74.70 33.38
CA LYS L 325 16.07 73.97 34.62
C LYS L 325 16.21 72.47 34.36
N SER L 326 17.40 72.05 33.95
CA SER L 326 17.65 70.66 33.62
C SER L 326 17.94 69.83 34.87
N GLY L 327 16.93 69.66 35.70
CA GLY L 327 17.08 68.87 36.92
C GLY L 327 16.63 67.44 36.72
N THR L 328 16.78 66.62 37.76
CA THR L 328 16.35 65.23 37.71
C THR L 328 15.64 64.84 38.99
N ASN L 329 14.36 65.19 39.08
CA ASN L 329 13.55 64.88 40.25
C ASN L 329 12.46 63.87 39.93
N THR L 330 12.83 62.59 39.90
CA THR L 330 11.90 61.53 39.57
C THR L 330 10.77 61.42 40.61
N LYS L 331 11.08 61.83 41.84
CA LYS L 331 10.10 61.76 42.92
C LYS L 331 8.84 62.55 42.59
N LYS L 332 9.00 63.84 42.32
CA LYS L 332 7.88 64.70 41.98
C LYS L 332 7.14 64.19 40.75
N ALA L 333 7.88 63.57 39.83
CA ALA L 333 7.29 63.02 38.62
C ALA L 333 6.24 61.97 38.95
N LEU L 334 6.60 61.01 39.79
CA LEU L 334 5.67 59.97 40.20
C LEU L 334 4.53 60.54 41.03
N GLN L 335 4.84 61.57 41.82
CA GLN L 335 3.83 62.24 42.64
C GLN L 335 2.77 62.87 41.74
N ALA L 336 3.20 63.38 40.59
CA ALA L 336 2.28 63.95 39.61
C ALA L 336 1.32 62.88 39.12
N VAL L 337 1.82 61.66 38.99
CA VAL L 337 1.00 60.52 38.57
C VAL L 337 0.06 60.14 39.70
N TYR L 338 0.51 60.32 40.93
CA TYR L 338 -0.29 60.01 42.11
C TYR L 338 -1.55 60.87 42.17
N SER L 339 -1.40 62.15 41.85
CA SER L 339 -2.51 63.09 41.90
C SER L 339 -3.53 62.79 40.79
N MET L 340 -3.09 62.07 39.76
CA MET L 340 -3.95 61.73 38.64
C MET L 340 -4.84 60.53 38.96
N MET L 341 -4.38 59.70 39.90
CA MET L 341 -5.11 58.50 40.27
C MET L 341 -5.69 58.58 41.68
N SER L 342 -5.64 59.78 42.26
CA SER L 342 -6.15 59.99 43.62
C SER L 342 -7.58 60.52 43.60
N TRP L 343 -8.19 60.61 44.77
CA TRP L 343 -9.54 61.13 44.91
C TRP L 343 -9.68 62.06 46.11
N PRO L 344 -10.49 63.13 45.94
CA PRO L 344 -10.67 64.19 46.95
C PRO L 344 -11.22 63.69 48.28
N ASP L 345 -10.55 64.09 49.36
CA ASP L 345 -11.00 63.81 50.73
C ASP L 345 -11.73 62.49 50.93
N ASP L 346 -11.01 61.38 50.83
CA ASP L 346 -11.54 60.06 51.16
C ASP L 346 -12.87 59.75 50.46
N VAL L 347 -13.09 60.35 49.30
CA VAL L 347 -14.30 60.08 48.53
C VAL L 347 -14.04 59.01 47.48
N PRO L 348 -14.48 57.78 47.78
CA PRO L 348 -14.23 56.61 46.91
C PRO L 348 -14.99 56.68 45.59
N PRO L 349 -14.25 56.81 44.47
CA PRO L 349 -14.85 56.81 43.14
C PRO L 349 -15.43 55.43 42.81
N GLU L 350 -16.60 55.39 42.19
CA GLU L 350 -17.21 54.13 41.81
C GLU L 350 -16.47 53.46 40.66
N GLY L 351 -15.73 52.40 40.99
CA GLY L 351 -14.97 51.67 39.98
C GLY L 351 -13.48 51.90 40.12
N TRP L 352 -13.04 52.20 41.34
CA TRP L 352 -11.63 52.43 41.60
C TRP L 352 -10.86 51.12 41.71
N ASN L 353 -11.52 50.11 42.27
CA ASN L 353 -10.90 48.80 42.44
C ASN L 353 -11.18 47.86 41.27
N ARG L 354 -11.35 48.45 40.09
CA ARG L 354 -11.60 47.68 38.87
C ARG L 354 -10.73 48.21 37.73
N THR L 355 -9.98 49.27 38.01
CA THR L 355 -9.14 49.91 36.99
C THR L 355 -7.67 49.52 37.14
N ARG L 356 -7.10 48.96 36.08
CA ARG L 356 -5.68 48.63 36.07
C ARG L 356 -4.84 49.87 35.77
N HIS L 357 -3.67 49.95 36.39
CA HIS L 357 -2.78 51.10 36.20
C HIS L 357 -1.42 50.67 35.68
N VAL L 358 -1.05 51.18 34.51
CA VAL L 358 0.22 50.83 33.89
C VAL L 358 1.09 52.06 33.69
N ILE L 359 2.14 52.20 34.51
CA ILE L 359 3.05 53.33 34.40
C ILE L 359 4.29 52.96 33.59
N ILE L 360 4.54 53.73 32.54
CA ILE L 360 5.70 53.53 31.69
C ILE L 360 6.57 54.78 31.68
N LEU L 361 7.82 54.65 32.12
CA LEU L 361 8.71 55.79 32.20
C LEU L 361 10.11 55.49 31.67
N MET L 362 10.63 56.41 30.84
CA MET L 362 12.00 56.33 30.37
C MET L 362 12.88 57.21 31.26
N THR L 363 14.00 56.66 31.72
CA THR L 363 14.90 57.39 32.59
C THR L 363 16.25 56.69 32.72
N ASP L 364 17.31 57.47 32.90
CA ASP L 364 18.64 56.93 33.09
C ASP L 364 18.81 56.41 34.53
N GLY L 365 17.85 56.74 35.38
CA GLY L 365 17.87 56.30 36.76
C GLY L 365 18.82 57.11 37.63
N LEU L 366 19.44 58.13 37.03
CA LEU L 366 20.38 58.97 37.76
C LEU L 366 19.69 60.19 38.38
N HIS L 367 18.80 59.94 39.34
CA HIS L 367 18.13 61.03 40.04
C HIS L 367 19.03 61.64 41.10
N ASN L 368 18.83 62.92 41.38
CA ASN L 368 19.65 63.64 42.35
C ASN L 368 18.85 64.62 43.20
N MET L 369 17.62 64.89 42.78
CA MET L 369 16.75 65.81 43.51
C MET L 369 15.45 65.12 43.91
N GLY L 370 15.12 65.21 45.19
CA GLY L 370 13.89 64.61 45.70
C GLY L 370 14.16 63.42 46.61
N GLY L 371 15.22 62.67 46.31
CA GLY L 371 15.59 61.53 47.11
C GLY L 371 15.27 60.21 46.42
N ASP L 372 14.72 59.27 47.18
CA ASP L 372 14.38 57.95 46.66
C ASP L 372 12.95 57.93 46.14
N PRO L 373 12.79 57.86 44.80
CA PRO L 373 11.48 57.85 44.15
C PRO L 373 10.63 56.64 44.56
N ILE L 374 11.28 55.62 45.11
CA ILE L 374 10.58 54.41 45.53
C ILE L 374 9.46 54.73 46.52
N THR L 375 9.72 55.70 47.40
CA THR L 375 8.75 56.08 48.43
C THR L 375 7.39 56.42 47.83
N VAL L 376 7.39 57.01 46.63
CA VAL L 376 6.15 57.38 45.97
C VAL L 376 5.40 56.14 45.48
N ILE L 377 6.14 55.17 44.94
CA ILE L 377 5.55 53.93 44.47
C ILE L 377 4.76 53.26 45.58
N ASP L 378 5.34 53.24 46.78
CA ASP L 378 4.68 52.65 47.94
C ASP L 378 3.37 53.36 48.26
N GLU L 379 3.39 54.68 48.15
CA GLU L 379 2.19 55.49 48.39
C GLU L 379 1.10 55.14 47.38
N ILE L 380 1.52 54.83 46.16
CA ILE L 380 0.58 54.44 45.11
C ILE L 380 -0.06 53.09 45.42
N ARG L 381 0.75 52.18 45.95
CA ARG L 381 0.26 50.85 46.32
C ARG L 381 -0.78 50.94 47.43
N ASP L 382 -0.54 51.82 48.40
CA ASP L 382 -1.45 52.01 49.51
C ASP L 382 -2.76 52.68 49.05
N LEU L 383 -2.64 53.52 48.03
CA LEU L 383 -3.80 54.22 47.48
C LEU L 383 -4.69 53.27 46.69
N LEU L 384 -4.07 52.29 46.04
CA LEU L 384 -4.81 51.32 45.25
C LEU L 384 -5.09 50.06 46.07
N TYR L 385 -4.69 50.08 47.33
CA TYR L 385 -4.89 48.95 48.23
C TYR L 385 -4.30 47.67 47.65
N ILE L 386 -3.00 47.69 47.40
CA ILE L 386 -2.32 46.53 46.83
C ILE L 386 -1.31 45.95 47.82
N GLY L 387 -1.28 44.62 47.92
CA GLY L 387 -0.37 43.95 48.82
C GLY L 387 -0.76 44.17 50.27
N LYS L 388 -1.97 44.67 50.49
CA LYS L 388 -2.45 44.95 51.83
C LYS L 388 -3.51 43.94 52.24
N ASP L 389 -3.55 42.81 51.54
CA ASP L 389 -4.51 41.75 51.84
C ASP L 389 -3.92 40.38 51.51
N ARG L 390 -3.83 39.53 52.53
CA ARG L 390 -3.24 38.20 52.38
C ARG L 390 -4.03 37.33 51.41
N LYS L 391 -5.33 37.60 51.30
CA LYS L 391 -6.21 36.82 50.44
C LYS L 391 -6.40 37.48 49.08
N ASN L 392 -6.25 38.81 49.05
CA ASN L 392 -6.43 39.56 47.81
C ASN L 392 -5.28 40.53 47.56
N PRO L 393 -4.18 40.02 46.98
CA PRO L 393 -2.99 40.82 46.69
C PRO L 393 -3.28 42.01 45.79
N ARG L 394 -4.10 41.82 44.76
CA ARG L 394 -4.43 42.87 43.81
C ARG L 394 -3.18 43.38 43.08
N GLU L 395 -2.22 42.48 42.88
CA GLU L 395 -0.98 42.84 42.19
C GLU L 395 -1.22 43.03 40.70
N ASP L 396 -2.36 42.53 40.21
CA ASP L 396 -2.69 42.60 38.80
C ASP L 396 -3.25 43.98 38.43
N TYR L 397 -3.35 44.86 39.42
CA TYR L 397 -3.91 46.19 39.20
C TYR L 397 -2.83 47.27 39.14
N LEU L 398 -1.58 46.86 38.88
CA LEU L 398 -0.48 47.82 38.81
C LEU L 398 0.76 47.24 38.14
N ASP L 399 1.16 47.86 37.03
CA ASP L 399 2.37 47.47 36.32
C ASP L 399 3.29 48.67 36.13
N VAL L 400 4.58 48.49 36.43
CA VAL L 400 5.56 49.57 36.29
C VAL L 400 6.70 49.15 35.36
N TYR L 401 6.67 49.66 34.14
CA TYR L 401 7.71 49.37 33.17
C TYR L 401 8.74 50.49 33.11
N VAL L 402 10.01 50.13 33.17
CA VAL L 402 11.09 51.11 33.13
C VAL L 402 12.02 50.83 31.95
N PHE L 403 12.45 51.91 31.28
CA PHE L 403 13.35 51.78 30.14
C PHE L 403 14.53 52.74 30.26
N GLY L 404 15.74 52.20 30.13
CA GLY L 404 16.95 53.01 30.20
C GLY L 404 17.24 53.70 28.89
N VAL L 405 17.36 55.03 28.93
CA VAL L 405 17.58 55.81 27.73
C VAL L 405 18.90 56.59 27.77
N GLY L 406 19.20 57.18 28.93
CA GLY L 406 20.41 57.96 29.09
C GLY L 406 21.66 57.15 28.87
N PRO L 407 22.76 57.82 28.48
CA PRO L 407 24.06 57.17 28.25
C PRO L 407 24.48 56.34 29.46
N LEU L 408 24.50 56.96 30.63
CA LEU L 408 24.81 56.25 31.87
C LEU L 408 23.52 55.91 32.60
N VAL L 409 23.14 54.64 32.56
CA VAL L 409 21.91 54.19 33.21
C VAL L 409 22.20 53.28 34.41
N ASN L 410 21.66 53.66 35.56
CA ASN L 410 21.85 52.88 36.79
C ASN L 410 20.81 51.77 36.90
N GLN L 411 21.21 50.56 36.53
CA GLN L 411 20.31 49.41 36.54
C GLN L 411 19.76 49.13 37.94
N VAL L 412 20.51 49.55 38.96
CA VAL L 412 20.09 49.34 40.33
C VAL L 412 18.78 50.07 40.62
N ASN L 413 18.71 51.34 40.22
CA ASN L 413 17.55 52.17 40.49
C ASN L 413 16.35 51.83 39.59
N ILE L 414 16.61 51.70 38.29
CA ILE L 414 15.54 51.41 37.33
C ILE L 414 14.86 50.08 37.64
N ASN L 415 15.53 49.24 38.41
CA ASN L 415 14.97 47.95 38.81
C ASN L 415 14.10 48.08 40.05
N ALA L 416 14.51 48.95 40.97
CA ALA L 416 13.79 49.14 42.21
C ALA L 416 12.39 49.72 41.98
N LEU L 417 12.23 50.43 40.88
CA LEU L 417 10.94 51.03 40.53
C LEU L 417 10.06 50.05 39.76
N ALA L 418 10.66 49.38 38.78
CA ALA L 418 9.94 48.42 37.95
C ALA L 418 9.33 47.32 38.82
N SER L 419 8.18 46.80 38.38
CA SER L 419 7.48 45.76 39.13
C SER L 419 8.17 44.41 38.98
N LYS L 420 7.91 43.51 39.92
CA LYS L 420 8.48 42.18 39.89
C LYS L 420 7.40 41.10 39.87
N LYS L 421 7.03 40.67 38.68
CA LYS L 421 6.02 39.63 38.53
C LYS L 421 6.63 38.34 37.98
N ASP L 422 6.08 37.20 38.40
CA ASP L 422 6.60 35.90 38.01
C ASP L 422 6.56 35.72 36.50
N ASN L 423 7.70 35.29 35.93
CA ASN L 423 7.81 35.03 34.51
C ASN L 423 7.48 36.25 33.66
N GLU L 424 7.73 37.43 34.22
CA GLU L 424 7.51 38.68 33.49
C GLU L 424 8.68 39.65 33.72
N GLN L 425 9.04 40.38 32.66
CA GLN L 425 10.14 41.32 32.74
C GLN L 425 9.62 42.76 32.64
N HIS L 426 10.09 43.61 33.56
CA HIS L 426 9.68 45.01 33.57
C HIS L 426 10.87 45.95 33.41
N VAL L 427 12.06 45.41 33.59
CA VAL L 427 13.29 46.18 33.44
C VAL L 427 13.88 45.97 32.05
N PHE L 428 14.14 47.06 31.34
CA PHE L 428 14.66 46.97 29.98
C PHE L 428 15.83 47.92 29.75
N LYS L 429 16.84 47.43 29.04
CA LYS L 429 17.99 48.24 28.66
C LYS L 429 18.53 47.80 27.31
N VAL L 430 18.04 48.43 26.24
CA VAL L 430 18.47 48.09 24.90
C VAL L 430 19.89 48.56 24.63
N LYS L 431 20.45 48.13 23.51
CA LYS L 431 21.80 48.54 23.12
C LYS L 431 21.86 50.05 22.91
N ASP L 432 21.13 50.52 21.90
CA ASP L 432 21.06 51.95 21.61
C ASP L 432 19.62 52.38 21.35
N MET L 433 19.44 53.68 21.09
CA MET L 433 18.10 54.22 20.84
C MET L 433 17.45 53.61 19.61
N GLU L 434 18.26 53.36 18.59
CA GLU L 434 17.75 52.79 17.34
C GLU L 434 17.07 51.45 17.59
N ASN L 435 17.67 50.65 18.48
CA ASN L 435 17.12 49.34 18.83
C ASN L 435 15.84 49.47 19.65
N LEU L 436 15.79 50.48 20.51
CA LEU L 436 14.62 50.73 21.34
C LEU L 436 13.40 51.02 20.47
N GLU L 437 13.63 51.68 19.35
CA GLU L 437 12.57 51.97 18.39
C GLU L 437 12.10 50.68 17.72
N ASP L 438 13.05 49.87 17.26
CA ASP L 438 12.74 48.61 16.60
C ASP L 438 11.87 47.72 17.48
N VAL L 439 11.99 47.89 18.80
CA VAL L 439 11.21 47.13 19.74
C VAL L 439 9.71 47.40 19.55
N PHE L 440 9.39 48.64 19.22
CA PHE L 440 8.00 49.05 19.05
C PHE L 440 7.53 49.00 17.61
N TYR L 441 8.48 48.86 16.68
CA TYR L 441 8.15 48.68 15.28
C TYR L 441 7.65 47.27 15.03
N GLN L 442 8.31 46.30 15.66
CA GLN L 442 7.95 44.90 15.51
C GLN L 442 6.56 44.64 16.09
N MET L 443 6.15 45.47 17.04
CA MET L 443 4.85 45.30 17.70
C MET L 443 3.70 45.66 16.76
N ILE L 444 3.77 46.84 16.15
CA ILE L 444 2.71 47.32 15.28
C ILE L 444 2.35 46.31 14.20
N ASP L 445 3.36 45.61 13.69
CA ASP L 445 3.16 44.61 12.64
C ASP L 445 2.63 43.30 13.20
N GLU L 446 3.25 42.83 14.28
CA GLU L 446 2.86 41.56 14.89
C GLU L 446 1.51 41.67 15.60
N SER L 447 0.73 40.59 15.53
CA SER L 447 -0.57 40.55 16.20
C SER L 447 -0.72 39.25 16.98
N GLN L 448 -0.09 39.19 18.15
CA GLN L 448 -0.14 37.99 18.98
C GLN L 448 -1.57 37.54 19.26
N SER L 449 -1.75 36.23 19.37
CA SER L 449 -3.08 35.65 19.61
C SER L 449 -3.61 36.05 20.98
N LEU L 450 -4.75 36.73 20.99
CA LEU L 450 -5.39 37.14 22.24
C LEU L 450 -6.61 36.28 22.54
N SER L 451 -6.38 35.20 23.29
CA SER L 451 -7.47 34.32 23.67
C SER L 451 -7.67 34.31 25.18
N LEU L 452 -8.92 34.13 25.61
CA LEU L 452 -9.25 34.11 27.03
C LEU L 452 -9.72 32.74 27.49
N CYS L 453 -8.83 31.76 27.44
CA CYS L 453 -9.13 30.41 27.90
C CYS L 453 -8.84 30.28 29.38
N GLY L 454 -9.67 29.51 30.09
CA GLY L 454 -9.50 29.32 31.51
C GLY L 454 -9.46 30.63 32.27
N MET L 455 -10.32 31.56 31.87
CA MET L 455 -10.38 32.87 32.51
C MET L 455 -11.63 33.01 33.37
N VAL L 456 -11.55 33.87 34.39
CA VAL L 456 -12.70 34.15 35.24
C VAL L 456 -13.04 35.64 35.17
N TRP L 457 -14.18 35.94 34.54
CA TRP L 457 -14.59 37.33 34.34
C TRP L 457 -15.67 37.76 35.31
N GLU L 458 -15.55 38.98 35.83
CA GLU L 458 -16.53 39.56 36.75
C GLU L 458 -17.01 38.55 37.78
N ASP L 464 -22.83 31.49 41.06
CA ASP L 464 -22.26 30.29 40.45
C ASP L 464 -22.01 30.49 38.97
N TYR L 465 -21.18 29.62 38.39
CA TYR L 465 -20.83 29.69 36.97
C TYR L 465 -20.04 30.95 36.62
N HIS L 466 -19.94 31.87 37.58
CA HIS L 466 -19.11 33.05 37.41
C HIS L 466 -17.68 32.72 37.85
N LYS L 467 -17.56 31.69 38.68
CA LYS L 467 -16.25 31.23 39.14
C LYS L 467 -15.79 30.05 38.30
N GLN L 468 -16.75 29.37 37.68
CA GLN L 468 -16.46 28.25 36.79
C GLN L 468 -17.30 28.33 35.52
N PRO L 469 -16.99 29.28 34.64
CA PRO L 469 -17.73 29.48 33.39
C PRO L 469 -17.67 28.25 32.48
N TRP L 470 -16.55 27.55 32.52
CA TRP L 470 -16.35 26.35 31.70
C TRP L 470 -17.26 25.21 32.14
N GLN L 471 -17.59 25.19 33.42
CA GLN L 471 -18.38 24.10 33.99
C GLN L 471 -19.66 23.83 33.21
N ALA L 472 -19.85 22.58 32.83
CA ALA L 472 -21.04 22.18 32.09
C ALA L 472 -21.74 21.00 32.76
N LYS L 473 -23.06 20.98 32.70
CA LYS L 473 -23.84 19.91 33.31
C LYS L 473 -24.57 19.09 32.24
N ILE L 474 -24.28 17.80 32.17
CA ILE L 474 -24.87 16.93 31.17
C ILE L 474 -25.93 16.01 31.77
N SER L 475 -27.02 15.82 31.04
CA SER L 475 -28.10 14.94 31.48
C SER L 475 -28.63 14.10 30.33
N VAL L 476 -28.78 12.80 30.55
CA VAL L 476 -29.27 11.90 29.53
C VAL L 476 -30.49 11.12 30.01
N ILE L 477 -31.60 11.27 29.31
CA ILE L 477 -32.83 10.59 29.67
C ILE L 477 -32.89 9.19 29.07
N ARG L 478 -33.38 8.23 29.85
CA ARG L 478 -33.48 6.85 29.40
C ARG L 478 -34.85 6.26 29.73
N PRO L 479 -35.33 5.33 28.89
CA PRO L 479 -36.65 4.70 29.04
C PRO L 479 -36.80 3.97 30.37
N SER L 480 -37.25 4.70 31.40
CA SER L 480 -37.50 4.12 32.71
C SER L 480 -36.24 3.59 33.40
N LYS L 481 -35.13 3.57 32.66
CA LYS L 481 -33.86 3.10 33.20
C LYS L 481 -33.28 4.12 34.17
N GLY L 482 -33.68 5.38 34.01
CA GLY L 482 -33.20 6.45 34.86
C GLY L 482 -32.66 7.61 34.06
N HIS L 483 -31.78 8.39 34.67
CA HIS L 483 -31.16 9.53 34.00
C HIS L 483 -29.68 9.65 34.36
N GLU L 484 -28.83 9.67 33.32
CA GLU L 484 -27.40 9.77 33.51
C GLU L 484 -27.00 11.20 33.84
N SER L 485 -26.39 11.39 35.01
CA SER L 485 -25.96 12.71 35.44
C SER L 485 -24.44 12.85 35.38
N CYS L 486 -23.95 13.54 34.35
CA CYS L 486 -22.52 13.77 34.18
C CYS L 486 -22.22 15.25 34.02
N MET L 487 -20.94 15.57 33.83
CA MET L 487 -20.53 16.96 33.65
C MET L 487 -19.44 17.07 32.58
N GLY L 488 -19.35 18.25 31.96
CA GLY L 488 -18.36 18.48 30.93
C GLY L 488 -17.62 19.79 31.12
N ALA L 489 -17.01 20.29 30.05
CA ALA L 489 -16.25 21.52 30.10
C ALA L 489 -16.17 22.19 28.73
N VAL L 490 -16.64 23.43 28.65
CA VAL L 490 -16.60 24.18 27.40
C VAL L 490 -15.16 24.42 26.97
N VAL L 491 -14.81 23.93 25.79
CA VAL L 491 -13.44 24.07 25.28
C VAL L 491 -13.42 24.93 24.01
N SER L 492 -14.60 25.20 23.46
CA SER L 492 -14.70 26.01 22.26
C SER L 492 -16.11 26.59 22.10
N GLU L 493 -16.39 27.14 20.93
CA GLU L 493 -17.69 27.74 20.66
C GLU L 493 -18.73 26.71 20.26
N TYR L 494 -18.31 25.44 20.21
CA TYR L 494 -19.21 24.36 19.81
C TYR L 494 -18.99 23.08 20.62
N PHE L 495 -17.73 22.72 20.81
CA PHE L 495 -17.39 21.46 21.47
C PHE L 495 -17.31 21.60 22.99
N VAL L 496 -17.69 20.53 23.69
CA VAL L 496 -17.62 20.48 25.15
C VAL L 496 -17.04 19.15 25.61
N LEU L 497 -15.79 19.17 26.04
CA LEU L 497 -15.10 17.96 26.47
C LEU L 497 -15.76 17.34 27.70
N THR L 498 -15.86 16.02 27.69
CA THR L 498 -16.50 15.29 28.79
C THR L 498 -16.13 13.81 28.73
N ALA L 499 -16.63 13.04 29.70
CA ALA L 499 -16.39 11.61 29.73
C ALA L 499 -17.07 10.91 28.56
N ALA L 500 -16.77 9.63 28.38
CA ALA L 500 -17.34 8.86 27.27
C ALA L 500 -18.29 7.78 27.78
N HIS L 501 -18.12 7.36 29.02
CA HIS L 501 -18.96 6.31 29.59
C HIS L 501 -20.32 6.86 29.98
N CYS L 502 -20.46 8.19 29.97
CA CYS L 502 -21.73 8.83 30.29
C CYS L 502 -22.72 8.66 29.15
N PHE L 503 -22.23 8.17 28.02
CA PHE L 503 -23.08 7.98 26.85
C PHE L 503 -22.90 6.57 26.27
N THR L 504 -23.81 6.18 25.39
CA THR L 504 -23.74 4.88 24.73
C THR L 504 -24.20 4.97 23.28
N VAL L 505 -23.88 3.97 22.49
CA VAL L 505 -24.25 3.94 21.07
C VAL L 505 -25.76 4.01 20.90
N ASP L 506 -26.48 3.50 21.88
CA ASP L 506 -27.94 3.47 21.82
C ASP L 506 -28.55 4.86 22.02
N ASP L 507 -27.96 5.65 22.92
CA ASP L 507 -28.45 6.98 23.21
C ASP L 507 -28.39 7.89 21.99
N LYS L 508 -29.53 8.46 21.61
CA LYS L 508 -29.60 9.36 20.47
C LYS L 508 -29.25 10.80 20.88
N GLU L 509 -29.45 11.74 19.97
CA GLU L 509 -29.14 13.13 20.23
C GLU L 509 -30.31 13.86 20.88
N HIS L 510 -31.52 13.35 20.66
CA HIS L 510 -32.72 13.96 21.23
C HIS L 510 -32.90 13.59 22.70
N SER L 511 -32.13 12.60 23.15
CA SER L 511 -32.21 12.16 24.54
C SER L 511 -31.04 12.67 25.37
N ILE L 512 -30.22 13.52 24.76
CA ILE L 512 -29.07 14.09 25.44
C ILE L 512 -29.16 15.61 25.50
N LYS L 513 -29.23 16.16 26.71
CA LYS L 513 -29.31 17.61 26.90
C LYS L 513 -28.13 18.13 27.69
N VAL L 514 -27.59 19.27 27.27
CA VAL L 514 -26.46 19.88 27.94
C VAL L 514 -26.76 21.32 28.34
N SER L 515 -26.51 21.64 29.60
CA SER L 515 -26.77 22.98 30.12
C SER L 515 -25.50 23.64 30.65
N VAL L 516 -25.26 24.87 30.21
CA VAL L 516 -24.07 25.61 30.65
C VAL L 516 -24.46 27.02 31.11
N GLY L 517 -23.58 27.62 31.90
CA GLY L 517 -23.81 28.98 32.39
C GLY L 517 -24.96 29.08 33.36
N GLY L 518 -25.46 27.92 33.80
CA GLY L 518 -26.56 27.88 34.75
C GLY L 518 -27.89 28.21 34.12
N GLU L 519 -27.94 28.20 32.79
CA GLU L 519 -29.16 28.49 32.06
C GLU L 519 -30.22 27.43 32.33
N LYS L 520 -31.48 27.87 32.43
CA LYS L 520 -32.58 26.97 32.72
C LYS L 520 -32.89 26.05 31.54
N ARG L 521 -32.70 26.58 30.33
CA ARG L 521 -32.99 25.81 29.12
C ARG L 521 -31.91 24.77 28.84
N ASP L 522 -32.19 23.88 27.90
CA ASP L 522 -31.23 22.84 27.51
C ASP L 522 -30.81 23.02 26.06
N LEU L 523 -29.50 22.97 25.82
CA LEU L 523 -28.97 23.14 24.48
C LEU L 523 -29.04 21.86 23.66
N GLU L 524 -29.48 21.97 22.41
CA GLU L 524 -29.57 20.81 21.53
C GLU L 524 -28.21 20.49 20.91
N ILE L 525 -27.79 19.24 21.04
CA ILE L 525 -26.51 18.80 20.52
C ILE L 525 -26.62 18.38 19.06
N GLU L 526 -25.48 18.20 18.41
CA GLU L 526 -25.43 17.78 17.01
C GLU L 526 -24.93 16.34 16.89
N VAL L 527 -23.79 16.07 17.50
CA VAL L 527 -23.19 14.74 17.45
C VAL L 527 -22.14 14.56 18.54
N VAL L 528 -22.15 13.40 19.19
CA VAL L 528 -21.18 13.10 20.23
C VAL L 528 -20.04 12.25 19.67
N LEU L 529 -18.84 12.83 19.65
CA LEU L 529 -17.68 12.14 19.11
C LEU L 529 -16.92 11.37 20.19
N PHE L 530 -16.95 10.04 20.09
CA PHE L 530 -16.23 9.19 21.03
C PHE L 530 -14.80 8.93 20.54
N HIS L 531 -13.92 8.56 21.45
CA HIS L 531 -12.53 8.27 21.11
C HIS L 531 -12.44 6.97 20.33
N PRO L 532 -11.67 6.97 19.23
CA PRO L 532 -11.51 5.82 18.35
C PRO L 532 -11.01 4.58 19.08
N ASN L 533 -10.40 4.77 20.24
CA ASN L 533 -9.86 3.65 21.01
C ASN L 533 -10.67 3.33 22.26
N TYR L 534 -11.88 3.88 22.34
CA TYR L 534 -12.74 3.65 23.50
C TYR L 534 -13.52 2.35 23.38
N ASN L 535 -13.29 1.44 24.32
CA ASN L 535 -14.00 0.17 24.35
C ASN L 535 -14.16 -0.33 25.78
N ILE L 536 -15.25 0.07 26.42
CA ILE L 536 -15.50 -0.30 27.81
C ILE L 536 -15.74 -1.79 27.98
N ASN L 537 -16.17 -2.45 26.91
CA ASN L 537 -16.46 -3.88 26.94
C ASN L 537 -15.41 -4.70 26.20
N GLY L 538 -14.17 -4.26 26.25
CA GLY L 538 -13.09 -4.96 25.56
C GLY L 538 -12.14 -5.65 26.52
N LYS L 539 -12.67 -6.05 27.68
CA LYS L 539 -11.85 -6.73 28.69
C LYS L 539 -12.64 -7.80 29.44
N LYS L 540 -13.85 -8.07 28.97
CA LYS L 540 -14.69 -9.08 29.61
C LYS L 540 -14.05 -10.47 29.51
N GLU L 541 -13.24 -10.66 28.49
CA GLU L 541 -12.55 -11.94 28.28
C GLU L 541 -11.60 -12.23 29.44
N ALA L 542 -10.90 -11.20 29.90
CA ALA L 542 -9.95 -11.34 31.00
C ALA L 542 -10.65 -11.24 32.35
N GLY L 543 -11.98 -11.13 32.31
CA GLY L 543 -12.77 -11.02 33.53
C GLY L 543 -12.82 -9.61 34.06
N ILE L 544 -12.65 -8.64 33.17
CA ILE L 544 -12.68 -7.23 33.56
C ILE L 544 -13.90 -6.53 32.99
N PRO L 545 -14.95 -6.39 33.81
CA PRO L 545 -16.22 -5.77 33.39
C PRO L 545 -16.05 -4.34 32.89
N GLU L 546 -15.29 -3.53 33.62
CA GLU L 546 -15.12 -2.13 33.26
C GLU L 546 -13.71 -1.85 32.73
N PHE L 547 -13.63 -0.97 31.73
CA PHE L 547 -12.35 -0.60 31.13
C PHE L 547 -12.42 0.83 30.60
N TYR L 548 -12.08 1.80 31.45
CA TYR L 548 -12.23 3.20 31.12
C TYR L 548 -11.01 3.79 30.41
N ASP L 549 -10.35 2.98 29.59
CA ASP L 549 -9.20 3.46 28.83
C ASP L 549 -9.67 4.40 27.73
N TYR L 550 -8.97 5.53 27.60
CA TYR L 550 -9.36 6.56 26.63
C TYR L 550 -10.82 6.97 26.84
N ASP L 551 -11.15 7.31 28.07
CA ASP L 551 -12.52 7.67 28.43
C ASP L 551 -12.79 9.15 28.19
N VAL L 552 -12.78 9.55 26.92
CA VAL L 552 -13.02 10.94 26.56
C VAL L 552 -14.00 11.05 25.38
N ALA L 553 -14.67 12.18 25.28
CA ALA L 553 -15.63 12.42 24.21
C ALA L 553 -15.99 13.90 24.11
N LEU L 554 -16.18 14.37 22.88
CA LEU L 554 -16.55 15.76 22.64
C LEU L 554 -18.02 15.87 22.25
N ILE L 555 -18.61 17.02 22.54
CA ILE L 555 -20.02 17.26 22.22
C ILE L 555 -20.18 18.55 21.41
N LYS L 556 -20.29 18.40 20.09
CA LYS L 556 -20.47 19.55 19.21
C LYS L 556 -21.91 20.03 19.24
N LEU L 557 -22.13 21.23 19.78
CA LEU L 557 -23.47 21.79 19.89
C LEU L 557 -24.01 22.22 18.52
N LYS L 558 -25.32 22.43 18.45
CA LYS L 558 -25.96 22.83 17.21
C LYS L 558 -25.90 24.34 17.03
N ASN L 559 -25.79 25.06 18.14
CA ASN L 559 -25.73 26.52 18.09
C ASN L 559 -24.40 27.06 18.64
N LYS L 560 -24.00 28.22 18.13
CA LYS L 560 -22.77 28.86 18.57
C LYS L 560 -22.96 29.54 19.93
N LEU L 561 -22.00 29.35 20.82
CA LEU L 561 -22.10 29.92 22.17
C LEU L 561 -21.54 31.33 22.25
N LYS L 562 -22.36 32.25 22.73
CA LYS L 562 -21.91 33.63 22.96
C LYS L 562 -21.29 33.76 24.35
N TYR L 563 -19.97 33.91 24.39
CA TYR L 563 -19.26 33.99 25.66
C TYR L 563 -19.69 35.17 26.50
N GLY L 564 -19.90 34.93 27.79
CA GLY L 564 -20.28 35.99 28.71
C GLY L 564 -19.56 35.84 30.04
N GLN L 565 -20.14 36.41 31.09
CA GLN L 565 -19.55 36.33 32.42
C GLN L 565 -19.94 35.02 33.10
N THR L 566 -20.65 34.17 32.37
CA THR L 566 -21.08 32.87 32.90
C THR L 566 -20.61 31.73 32.00
N ILE L 567 -20.26 32.06 30.77
CA ILE L 567 -19.79 31.06 29.81
C ILE L 567 -18.44 31.45 29.23
N ARG L 568 -17.47 30.56 29.36
CA ARG L 568 -16.12 30.82 28.88
C ARG L 568 -15.29 29.53 28.80
N PRO L 569 -14.53 29.36 27.71
CA PRO L 569 -13.72 28.16 27.47
C PRO L 569 -12.66 27.94 28.54
N ILE L 570 -11.97 26.80 28.46
CA ILE L 570 -10.88 26.49 29.37
C ILE L 570 -9.65 26.03 28.59
N CYS L 571 -8.48 26.45 29.04
CA CYS L 571 -7.23 26.14 28.35
C CYS L 571 -6.99 24.64 28.21
N LEU L 572 -6.63 24.22 27.01
CA LEU L 572 -6.29 22.83 26.75
C LEU L 572 -4.79 22.70 26.50
N PRO L 573 -4.19 21.58 26.94
CA PRO L 573 -2.76 21.34 26.80
C PRO L 573 -2.27 21.50 25.36
N CYS L 574 -1.04 21.98 25.20
CA CYS L 574 -0.43 22.15 23.89
C CYS L 574 -1.23 23.08 22.98
N THR L 575 -1.41 24.32 23.42
CA THR L 575 -2.08 25.33 22.62
C THR L 575 -1.38 26.67 22.77
N GLU L 576 -1.43 27.49 21.72
CA GLU L 576 -0.80 28.81 21.73
C GLU L 576 -1.39 29.69 22.83
N GLY L 577 -2.63 29.38 23.22
CA GLY L 577 -3.31 30.12 24.26
C GLY L 577 -2.81 29.75 25.64
N THR L 578 -2.50 28.47 25.83
CA THR L 578 -1.99 27.99 27.10
C THR L 578 -0.55 28.42 27.31
N THR L 579 0.21 28.50 26.22
CA THR L 579 1.60 28.92 26.28
C THR L 579 1.72 30.30 26.93
N ARG L 580 0.80 31.19 26.56
CA ARG L 580 0.78 32.53 27.12
C ARG L 580 0.29 32.51 28.57
N ALA L 581 -0.62 31.59 28.87
CA ALA L 581 -1.15 31.43 30.22
C ALA L 581 -0.04 31.05 31.19
N LEU L 582 0.87 30.20 30.74
CA LEU L 582 2.01 29.79 31.55
C LEU L 582 3.15 30.80 31.43
N ARG L 583 2.92 31.82 30.60
CA ARG L 583 3.89 32.90 30.41
C ARG L 583 5.20 32.38 29.83
N LEU L 584 5.12 31.27 29.10
CA LEU L 584 6.30 30.67 28.48
C LEU L 584 6.53 31.22 27.08
N PRO L 585 7.79 31.22 26.62
CA PRO L 585 8.15 31.70 25.29
C PRO L 585 7.36 30.99 24.20
N PRO L 586 7.09 31.68 23.08
CA PRO L 586 6.34 31.10 21.96
C PRO L 586 7.02 29.85 21.40
N THR L 587 8.33 29.72 21.64
CA THR L 587 9.09 28.58 21.16
C THR L 587 8.99 27.39 22.10
N THR L 588 7.93 27.36 22.89
CA THR L 588 7.70 26.26 23.83
C THR L 588 7.07 25.06 23.13
N THR L 589 7.72 23.91 23.22
CA THR L 589 7.20 22.69 22.61
C THR L 589 6.16 22.03 23.51
N CYS L 590 5.38 21.12 22.93
CA CYS L 590 4.35 20.41 23.67
C CYS L 590 4.93 19.66 24.87
N GLN L 591 6.13 19.12 24.70
CA GLN L 591 6.79 18.35 25.76
C GLN L 591 7.11 19.24 26.95
N GLN L 592 7.45 20.50 26.68
CA GLN L 592 7.80 21.44 27.74
C GLN L 592 6.61 21.76 28.65
N GLN L 593 5.44 21.88 28.04
CA GLN L 593 4.23 22.19 28.80
C GLN L 593 3.85 21.04 29.74
N LYS L 594 4.05 19.81 29.28
CA LYS L 594 3.74 18.63 30.08
C LYS L 594 4.65 18.57 31.31
N GLU L 595 5.85 19.11 31.17
CA GLU L 595 6.81 19.13 32.28
C GLU L 595 6.46 20.25 33.25
N GLU L 596 5.75 21.26 32.75
CA GLU L 596 5.35 22.41 33.57
C GLU L 596 4.05 22.14 34.31
N LEU L 597 3.06 21.61 33.59
CA LEU L 597 1.75 21.34 34.17
C LEU L 597 1.73 20.05 34.98
N LEU L 598 2.45 19.04 34.48
CA LEU L 598 2.46 17.74 35.14
C LEU L 598 3.89 17.26 35.44
N PRO L 599 4.54 17.89 36.43
CA PRO L 599 5.89 17.49 36.84
C PRO L 599 5.90 16.12 37.51
N ALA L 600 7.08 15.61 37.82
CA ALA L 600 7.22 14.32 38.48
C ALA L 600 7.14 14.47 40.00
N GLN L 601 6.05 15.07 40.47
CA GLN L 601 5.88 15.33 41.90
C GLN L 601 4.41 15.25 42.28
N ASP L 602 4.10 15.71 43.50
CA ASP L 602 2.72 15.74 43.97
C ASP L 602 2.02 17.01 43.50
N ILE L 603 1.49 16.96 42.28
CA ILE L 603 0.83 18.12 41.67
C ILE L 603 -0.37 18.57 42.48
N LYS L 604 -0.59 19.88 42.54
CA LYS L 604 -1.74 20.43 43.24
C LYS L 604 -2.82 20.88 42.25
N ALA L 605 -3.88 20.09 42.16
CA ALA L 605 -4.96 20.40 41.22
C ALA L 605 -6.30 20.52 41.94
N LEU L 606 -7.39 20.52 41.18
CA LEU L 606 -8.73 20.63 41.74
C LEU L 606 -9.80 20.30 40.71
N PHE L 607 -11.01 20.01 41.19
CA PHE L 607 -12.13 19.72 40.31
C PHE L 607 -13.41 20.35 40.85
N VAL L 608 -14.42 20.45 40.00
CA VAL L 608 -15.69 21.07 40.38
C VAL L 608 -16.72 20.04 40.81
N SER L 609 -17.26 20.22 42.01
CA SER L 609 -18.28 19.32 42.55
C SER L 609 -19.57 20.08 42.81
N GLU L 610 -20.69 19.37 42.76
CA GLU L 610 -21.99 19.98 42.98
C GLU L 610 -22.61 19.53 44.31
N GLU L 611 -22.74 20.47 45.24
CA GLU L 611 -23.33 20.18 46.55
C GLU L 611 -24.55 21.05 46.80
N GLU L 612 -25.70 20.41 46.97
CA GLU L 612 -26.95 21.12 47.24
C GLU L 612 -27.26 22.14 46.15
N LYS L 613 -27.21 21.69 44.90
CA LYS L 613 -27.49 22.56 43.76
C LYS L 613 -26.58 23.78 43.74
N LYS L 614 -25.38 23.64 44.29
CA LYS L 614 -24.41 24.72 44.31
C LYS L 614 -23.01 24.22 43.99
N LEU L 615 -22.37 24.82 43.00
CA LEU L 615 -21.03 24.42 42.59
C LEU L 615 -19.98 24.81 43.62
N THR L 616 -19.03 23.91 43.85
CA THR L 616 -17.96 24.14 44.82
C THR L 616 -16.65 23.49 44.35
N ARG L 617 -15.54 24.12 44.69
CA ARG L 617 -14.23 23.61 44.29
C ARG L 617 -13.68 22.62 45.30
N LYS L 618 -12.96 21.61 44.81
CA LYS L 618 -12.36 20.60 45.67
C LYS L 618 -10.88 20.42 45.35
N GLU L 619 -10.02 21.02 46.17
CA GLU L 619 -8.58 20.94 45.97
C GLU L 619 -8.05 19.55 46.27
N VAL L 620 -7.34 18.96 45.30
CA VAL L 620 -6.76 17.63 45.46
C VAL L 620 -5.31 17.62 45.01
N TYR L 621 -4.70 16.44 45.04
CA TYR L 621 -3.32 16.27 44.62
C TYR L 621 -3.16 15.13 43.62
N ILE L 622 -2.48 15.40 42.52
CA ILE L 622 -2.22 14.38 41.51
C ILE L 622 -0.96 13.59 41.86
N LYS L 623 -1.12 12.30 42.10
CA LYS L 623 0.00 11.44 42.47
C LYS L 623 0.85 11.11 41.24
N ASN L 624 1.73 12.02 40.87
CA ASN L 624 2.61 11.82 39.72
C ASN L 624 4.07 11.68 40.12
N GLY L 625 4.32 11.73 41.43
CA GLY L 625 5.66 11.57 41.95
C GLY L 625 5.98 10.12 42.26
N ASP L 626 6.66 9.89 43.38
CA ASP L 626 7.01 8.53 43.78
C ASP L 626 5.83 7.84 44.46
N LYS L 627 4.78 8.60 44.73
CA LYS L 627 3.57 8.05 45.33
C LYS L 627 2.59 7.62 44.25
N LYS L 628 3.06 7.55 43.02
CA LYS L 628 2.22 7.17 41.88
C LYS L 628 1.80 5.71 41.96
N GLY L 629 2.77 4.83 42.19
CA GLY L 629 2.50 3.41 42.28
C GLY L 629 1.55 3.06 43.41
N SER L 630 1.70 3.75 44.53
CA SER L 630 0.86 3.52 45.70
C SER L 630 -0.59 3.82 45.40
N CYS L 631 -0.81 4.85 44.58
CA CYS L 631 -2.16 5.30 44.26
C CYS L 631 -2.82 4.43 43.19
N GLU L 632 -1.99 3.84 42.32
CA GLU L 632 -2.50 3.02 41.23
C GLU L 632 -2.88 1.62 41.70
N ARG L 633 -2.00 0.99 42.47
CA ARG L 633 -2.23 -0.37 42.94
C ARG L 633 -3.48 -0.48 43.81
N ASP L 634 -4.01 0.66 44.24
CA ASP L 634 -5.22 0.68 45.05
C ASP L 634 -6.46 0.51 44.19
N ALA L 635 -6.26 0.29 42.90
CA ALA L 635 -7.36 0.07 41.98
C ALA L 635 -7.87 -1.37 42.06
N GLN L 636 -7.22 -2.15 42.92
CA GLN L 636 -7.60 -3.54 43.11
C GLN L 636 -8.84 -3.66 43.99
N TYR L 637 -9.06 -2.67 44.85
CA TYR L 637 -10.21 -2.67 45.75
C TYR L 637 -11.48 -2.26 45.01
N ALA L 638 -11.32 -1.79 43.78
CA ALA L 638 -12.46 -1.36 42.97
C ALA L 638 -13.35 -2.54 42.60
N PRO L 639 -14.66 -2.31 42.51
CA PRO L 639 -15.64 -3.35 42.17
C PRO L 639 -15.33 -4.00 40.83
N GLY L 640 -15.09 -5.31 40.84
CA GLY L 640 -14.81 -6.05 39.63
C GLY L 640 -13.32 -6.28 39.41
N TYR L 641 -12.51 -5.38 39.94
CA TYR L 641 -11.06 -5.48 39.81
C TYR L 641 -10.44 -6.27 40.96
N ASP L 642 -11.30 -6.97 41.70
CA ASP L 642 -10.84 -7.72 42.87
C ASP L 642 -10.13 -9.02 42.50
N LYS L 643 -10.21 -9.39 41.22
CA LYS L 643 -9.58 -10.62 40.75
C LYS L 643 -8.72 -10.38 39.51
N VAL L 644 -8.15 -9.20 39.41
CA VAL L 644 -7.28 -8.85 38.29
C VAL L 644 -5.85 -9.34 38.53
N LYS L 645 -5.31 -10.05 37.55
CA LYS L 645 -3.95 -10.58 37.65
C LYS L 645 -2.93 -9.45 37.75
N ASP L 646 -2.84 -8.65 36.69
CA ASP L 646 -1.91 -7.52 36.65
C ASP L 646 -2.67 -6.21 36.73
N ILE L 647 -2.44 -5.46 37.80
CA ILE L 647 -3.14 -4.20 38.04
C ILE L 647 -2.75 -3.13 37.02
N SER L 648 -1.62 -3.32 36.35
CA SER L 648 -1.12 -2.34 35.40
C SER L 648 -1.86 -2.41 34.06
N GLU L 649 -2.76 -3.38 33.93
CA GLU L 649 -3.52 -3.55 32.70
C GLU L 649 -4.83 -2.76 32.73
N VAL L 650 -5.35 -2.53 33.93
CA VAL L 650 -6.58 -1.78 34.09
C VAL L 650 -6.29 -0.30 34.29
N VAL L 651 -5.03 0.02 34.55
CA VAL L 651 -4.61 1.41 34.73
C VAL L 651 -3.58 1.80 33.67
N THR L 652 -4.06 2.13 32.48
CA THR L 652 -3.19 2.51 31.37
C THR L 652 -2.50 3.84 31.65
N PRO L 653 -1.39 4.10 30.96
CA PRO L 653 -0.65 5.37 31.10
C PRO L 653 -1.54 6.59 30.83
N ARG L 654 -2.73 6.36 30.28
CA ARG L 654 -3.66 7.44 30.01
C ARG L 654 -4.50 7.77 31.25
N PHE L 655 -3.94 7.52 32.43
CA PHE L 655 -4.64 7.78 33.67
C PHE L 655 -3.83 8.64 34.64
N LEU L 656 -4.50 9.59 35.28
CA LEU L 656 -3.88 10.40 36.32
C LEU L 656 -4.55 10.12 37.66
N CYS L 657 -3.80 9.55 38.59
CA CYS L 657 -4.36 9.12 39.86
C CYS L 657 -4.36 10.24 40.90
N THR L 658 -5.50 10.42 41.57
CA THR L 658 -5.65 11.43 42.60
C THR L 658 -6.34 10.86 43.83
N GLY L 659 -6.60 11.71 44.81
CA GLY L 659 -7.28 11.29 46.03
C GLY L 659 -6.41 10.44 46.93
N GLY L 660 -6.79 10.34 48.20
CA GLY L 660 -6.05 9.55 49.16
C GLY L 660 -5.91 10.25 50.50
N VAL L 661 -4.89 9.87 51.25
CA VAL L 661 -4.65 10.46 52.57
C VAL L 661 -3.29 11.15 52.62
N SER L 662 -2.41 10.80 51.69
CA SER L 662 -1.09 11.40 51.61
C SER L 662 -0.90 12.13 50.29
N PRO L 663 -0.28 13.33 50.33
CA PRO L 663 0.19 13.98 51.55
C PRO L 663 -0.95 14.52 52.40
N TYR L 664 -2.10 14.75 51.78
CA TYR L 664 -3.26 15.28 52.48
C TYR L 664 -4.53 14.50 52.15
N ALA L 665 -5.58 14.74 52.92
CA ALA L 665 -6.86 14.08 52.69
C ALA L 665 -7.63 14.76 51.56
N ASP L 666 -7.46 14.25 50.35
CA ASP L 666 -8.09 14.84 49.18
C ASP L 666 -9.55 14.39 49.04
N PRO L 667 -10.45 15.35 48.76
CA PRO L 667 -11.86 15.07 48.54
C PRO L 667 -12.06 14.15 47.33
N ASN L 668 -13.01 13.23 47.42
CA ASN L 668 -13.26 12.28 46.34
C ASN L 668 -14.34 12.77 45.37
N THR L 669 -14.34 12.21 44.16
CA THR L 669 -15.31 12.57 43.15
C THR L 669 -16.57 11.72 43.25
N CYS L 670 -17.71 12.33 42.97
CA CYS L 670 -18.99 11.63 43.04
C CYS L 670 -19.42 11.11 41.67
N ARG L 671 -20.62 10.57 41.60
CA ARG L 671 -21.17 10.05 40.34
C ARG L 671 -21.58 11.20 39.42
N GLY L 672 -22.15 12.24 40.01
CA GLY L 672 -22.59 13.39 39.25
C GLY L 672 -21.42 14.25 38.79
N ASP L 673 -20.29 14.09 39.47
CA ASP L 673 -19.08 14.85 39.14
C ASP L 673 -18.32 14.19 38.00
N SER L 674 -18.74 12.99 37.62
CA SER L 674 -18.10 12.24 36.55
C SER L 674 -18.02 13.06 35.26
N GLY L 675 -16.88 12.99 34.59
CA GLY L 675 -16.65 13.75 33.38
C GLY L 675 -16.17 15.16 33.69
N GLY L 676 -16.04 15.46 34.98
CA GLY L 676 -15.60 16.77 35.41
C GLY L 676 -14.16 17.07 35.01
N PRO L 677 -13.84 18.35 34.83
CA PRO L 677 -12.51 18.81 34.43
C PRO L 677 -11.51 18.76 35.58
N LEU L 678 -10.32 18.21 35.32
CA LEU L 678 -9.24 18.22 36.29
C LEU L 678 -8.34 19.41 36.03
N ILE L 679 -8.56 20.49 36.79
CA ILE L 679 -7.89 21.76 36.52
C ILE L 679 -6.70 22.02 37.43
N VAL L 680 -5.69 22.68 36.89
CA VAL L 680 -4.51 23.07 37.64
C VAL L 680 -4.40 24.59 37.69
N HIS L 681 -4.74 25.17 38.84
CA HIS L 681 -4.74 26.61 39.00
C HIS L 681 -3.33 27.18 39.17
N LYS L 682 -2.80 27.77 38.11
CA LYS L 682 -1.48 28.39 38.15
C LYS L 682 -1.47 29.73 37.44
N ARG L 683 -0.74 30.69 37.99
CA ARG L 683 -0.62 32.01 37.39
C ARG L 683 -1.98 32.68 37.24
N SER L 684 -2.88 32.41 38.18
CA SER L 684 -4.23 32.96 38.16
C SER L 684 -4.99 32.49 36.93
N ARG L 685 -4.63 31.32 36.41
CA ARG L 685 -5.27 30.76 35.24
C ARG L 685 -5.73 29.33 35.52
N PHE L 686 -6.69 28.85 34.74
CA PHE L 686 -7.21 27.50 34.92
C PHE L 686 -6.92 26.61 33.71
N ILE L 687 -6.09 25.60 33.91
CA ILE L 687 -5.69 24.71 32.84
C ILE L 687 -6.22 23.30 33.07
N GLN L 688 -7.01 22.79 32.13
CA GLN L 688 -7.52 21.43 32.22
C GLN L 688 -6.48 20.43 31.71
N VAL L 689 -6.17 19.45 32.55
CA VAL L 689 -5.15 18.45 32.21
C VAL L 689 -5.71 17.03 32.25
N GLY L 690 -6.90 16.87 32.84
CA GLY L 690 -7.50 15.55 32.95
C GLY L 690 -9.02 15.57 32.95
N VAL L 691 -9.62 14.39 32.82
CA VAL L 691 -11.06 14.25 32.83
C VAL L 691 -11.49 13.13 33.78
N ILE L 692 -12.33 13.48 34.75
CA ILE L 692 -12.80 12.51 35.73
C ILE L 692 -13.40 11.28 35.05
N SER L 693 -12.77 10.13 35.28
CA SER L 693 -13.20 8.89 34.66
C SER L 693 -13.97 7.99 35.63
N TRP L 694 -13.25 7.39 36.57
CA TRP L 694 -13.86 6.48 37.52
C TRP L 694 -13.17 6.55 38.89
N GLY L 695 -13.89 6.12 39.92
CA GLY L 695 -13.36 6.11 41.27
C GLY L 695 -13.36 4.71 41.86
N VAL L 696 -12.50 4.51 42.86
CA VAL L 696 -12.38 3.20 43.51
C VAL L 696 -13.56 2.92 44.42
N VAL L 697 -13.83 3.83 45.34
CA VAL L 697 -14.92 3.66 46.30
C VAL L 697 -15.95 4.78 46.17
N ASP L 698 -17.20 4.40 45.88
CA ASP L 698 -18.28 5.37 45.77
C ASP L 698 -18.61 5.95 47.14
N VAL L 699 -18.36 7.24 47.30
CA VAL L 699 -18.58 7.91 48.59
C VAL L 699 -19.78 8.85 48.55
N CYS L 700 -20.54 8.79 47.46
CA CYS L 700 -21.72 9.63 47.30
C CYS L 700 -22.93 8.80 46.90
N LYS L 701 -24.00 8.88 47.68
CA LYS L 701 -25.21 8.11 47.43
C LYS L 701 -26.47 8.98 47.52
N ASN L 702 -26.35 10.21 47.05
CA ASN L 702 -27.48 11.14 47.05
C ASN L 702 -28.08 11.38 48.43
N GLN L 703 -27.31 11.06 49.46
CA GLN L 703 -27.74 11.28 50.84
C GLN L 703 -26.76 12.19 51.55
N LYS L 704 -25.66 11.61 52.01
CA LYS L 704 -24.60 12.37 52.68
C LYS L 704 -23.24 11.89 52.20
N ARG L 705 -22.19 12.61 52.57
CA ARG L 705 -20.84 12.20 52.22
C ARG L 705 -20.37 11.09 53.14
N GLN L 706 -19.62 10.14 52.59
CA GLN L 706 -19.18 8.96 53.34
C GLN L 706 -18.63 9.32 54.71
N LYS L 707 -17.73 10.29 54.74
CA LYS L 707 -17.08 10.72 55.98
C LYS L 707 -16.10 9.67 56.51
N GLN L 708 -16.46 8.40 56.33
CA GLN L 708 -15.60 7.30 56.75
C GLN L 708 -14.95 6.63 55.54
N VAL L 709 -14.35 7.47 54.69
CA VAL L 709 -13.73 6.97 53.47
C VAL L 709 -12.48 6.13 53.77
N PRO L 710 -12.31 5.02 53.02
CA PRO L 710 -11.15 4.15 53.15
C PRO L 710 -9.86 4.86 52.76
N ALA L 711 -8.72 4.30 53.15
CA ALA L 711 -7.44 4.89 52.82
C ALA L 711 -7.00 4.52 51.41
N HIS L 712 -7.85 3.75 50.72
CA HIS L 712 -7.56 3.31 49.36
C HIS L 712 -8.57 3.86 48.37
N ALA L 713 -9.40 4.79 48.82
CA ALA L 713 -10.40 5.41 47.96
C ALA L 713 -9.76 6.40 47.01
N ARG L 714 -9.27 5.89 45.88
CA ARG L 714 -8.56 6.72 44.90
C ARG L 714 -9.47 7.15 43.76
N ASP L 715 -9.07 8.18 43.04
CA ASP L 715 -9.81 8.67 41.89
C ASP L 715 -8.91 8.74 40.66
N PHE L 716 -9.37 8.19 39.55
CA PHE L 716 -8.59 8.17 38.32
C PHE L 716 -9.17 9.10 37.26
N HIS L 717 -8.29 9.68 36.45
CA HIS L 717 -8.70 10.61 35.40
C HIS L 717 -8.02 10.27 34.09
N ILE L 718 -8.31 11.05 33.04
CA ILE L 718 -7.72 10.81 31.74
C ILE L 718 -6.77 11.94 31.32
N ASN L 719 -5.49 11.63 31.26
CA ASN L 719 -4.48 12.61 30.87
C ASN L 719 -4.69 13.10 29.43
N LEU L 720 -4.94 14.39 29.29
CA LEU L 720 -5.19 14.99 27.98
C LEU L 720 -3.95 14.94 27.09
N PHE L 721 -2.77 14.91 27.71
CA PHE L 721 -1.52 14.86 26.97
C PHE L 721 -1.37 13.54 26.22
N GLN L 722 -2.24 12.58 26.54
CA GLN L 722 -2.20 11.27 25.89
C GLN L 722 -3.22 11.18 24.75
N VAL L 723 -4.24 12.02 24.82
CA VAL L 723 -5.29 12.03 23.79
C VAL L 723 -5.20 13.29 22.92
N LEU L 724 -4.00 13.85 22.83
CA LEU L 724 -3.79 15.07 22.04
C LEU L 724 -4.10 14.88 20.56
N PRO L 725 -3.56 13.81 19.94
CA PRO L 725 -3.79 13.58 18.51
C PRO L 725 -5.27 13.59 18.15
N TRP L 726 -6.11 13.11 19.07
CA TRP L 726 -7.55 13.07 18.83
C TRP L 726 -8.19 14.44 19.00
N LEU L 727 -7.71 15.20 19.99
CA LEU L 727 -8.24 16.53 20.25
C LEU L 727 -7.82 17.52 19.16
N LYS L 728 -6.58 17.43 18.72
CA LYS L 728 -6.05 18.33 17.71
C LYS L 728 -6.77 18.18 16.38
N GLU L 729 -7.24 16.96 16.10
CA GLU L 729 -7.91 16.66 14.85
C GLU L 729 -9.38 17.12 14.86
N LYS L 730 -10.07 16.83 15.96
CA LYS L 730 -11.47 17.17 16.09
C LYS L 730 -11.69 18.66 16.35
N LEU L 731 -10.64 19.33 16.82
CA LEU L 731 -10.74 20.75 17.13
C LEU L 731 -9.84 21.58 16.22
N GLN L 732 -9.66 21.13 14.99
CA GLN L 732 -8.81 21.83 14.03
C GLN L 732 -9.46 23.12 13.53
N ASP L 733 -10.79 23.16 13.57
CA ASP L 733 -11.52 24.34 13.12
C ASP L 733 -12.16 25.08 14.30
N GLU L 734 -11.36 25.35 15.32
CA GLU L 734 -11.83 26.08 16.50
C GLU L 734 -10.87 27.20 16.86
N ASP L 735 -9.83 27.38 16.05
CA ASP L 735 -8.84 28.43 16.27
C ASP L 735 -8.24 28.34 17.67
N LEU L 736 -7.91 27.13 18.10
CA LEU L 736 -7.31 26.93 19.41
C LEU L 736 -5.78 26.91 19.29
N GLY L 737 -5.29 26.82 18.07
CA GLY L 737 -3.86 26.84 17.81
C GLY L 737 -3.08 25.76 18.54
N PHE L 738 -3.30 24.51 18.15
CA PHE L 738 -2.57 23.40 18.74
C PHE L 738 -1.15 23.32 18.20
N LEU L 739 -0.22 22.96 19.07
CA LEU L 739 1.19 22.84 18.68
C LEU L 739 1.41 21.58 17.85
N ALA L 740 2.41 21.62 16.98
CA ALA L 740 2.74 20.49 16.12
C ALA L 740 3.21 19.30 16.94
N ALA L 741 4.50 19.27 17.25
CA ALA L 741 5.09 18.19 18.03
C ALA L 741 4.81 16.83 17.41
#